data_2LGS
#
_entry.id   2LGS
#
_cell.length_a   235.500
_cell.length_b   134.500
_cell.length_c   200.100
_cell.angle_alpha   90.00
_cell.angle_beta   102.80
_cell.angle_gamma   90.00
#
_symmetry.space_group_name_H-M   'C 1 2 1'
#
loop_
_entity.id
_entity.type
_entity.pdbx_description
1 polymer 'GLUTAMINE SYNTHETASE'
2 non-polymer 'MANGANESE (II) ION'
3 non-polymer 'GLUTAMIC ACID'
#
_entity_poly.entity_id   1
_entity_poly.type   'polypeptide(L)'
_entity_poly.pdbx_seq_one_letter_code
;SAEHVLTMLNEHEVKFVDLRFTDTKGKEQHVTIPAHQVNAEFFEEGKMFDGSSIGGWKGINESDMVLMPDASTAVIDPFF
ADSTLIIRCDILEPGTLQGYDRDPRSIAKRAEDYLRATGIADTVLFGPEPEFFLFDDIRFGASISGSHVAIDDIEGAWNS
STKYEGGNKGHRPGVKGGYFPVPPVDSAQDIRSEMCLVMEQMGLVVEAHHHEVATAGQNEVATRFNTMTKKADEIQIYKY
VVHNVAHRFGKTATFMPKPMFGDNGSGMHCHMSLAKNGTNLFSGDKYAGLSEQALYYIGGVIKHAKAINALANPTTNSYK
RLVPGYEAPVMLAYSARNRSASIRIPVVASPKARRIEVRFPDPAANPYLCFAALLMAGLDGIKNKIHPGEPMDKNLYDLP
PEEAKEIPQVAGSLEEALNALDLDREFLKAGGVFTDEAIDAYIALRREEDDRVRMTPHPVEFELYYSV
;
_entity_poly.pdbx_strand_id   A,B,C,D,E,F,G,H,I,J,K,L
#
loop_
_chem_comp.id
_chem_comp.type
_chem_comp.name
_chem_comp.formula
MN non-polymer 'MANGANESE (II) ION' 'Mn 2'
#
# COMPACT_ATOMS: atom_id res chain seq x y z
N SER A 1 56.33 -7.37 30.98
CA SER A 1 57.35 -6.31 31.01
C SER A 1 57.32 -5.44 29.75
N ALA A 2 57.86 -4.20 29.74
CA ALA A 2 57.94 -3.39 28.51
C ALA A 2 58.55 -4.15 27.33
N GLU A 3 59.69 -4.76 27.64
CA GLU A 3 60.46 -5.63 26.75
C GLU A 3 59.62 -6.63 25.94
N HIS A 4 58.74 -7.31 26.68
CA HIS A 4 57.79 -8.27 26.13
C HIS A 4 56.75 -7.64 25.20
N VAL A 5 56.16 -6.52 25.61
CA VAL A 5 55.17 -5.83 24.79
C VAL A 5 55.81 -5.45 23.45
N LEU A 6 57.00 -4.86 23.57
CA LEU A 6 57.79 -4.45 22.42
C LEU A 6 58.14 -5.56 21.45
N THR A 7 58.29 -6.82 21.90
CA THR A 7 58.46 -7.92 20.95
C THR A 7 57.13 -8.24 20.29
N MET A 8 56.03 -8.37 21.05
CA MET A 8 54.69 -8.64 20.49
C MET A 8 54.29 -7.75 19.35
N LEU A 9 54.66 -6.48 19.50
CA LEU A 9 54.48 -5.48 18.47
C LEU A 9 55.07 -5.92 17.13
N ASN A 10 56.31 -6.44 17.10
CA ASN A 10 56.90 -6.98 15.87
C ASN A 10 56.40 -8.38 15.52
N GLU A 11 56.26 -9.19 16.55
CA GLU A 11 55.81 -10.58 16.54
C GLU A 11 54.39 -10.77 16.01
N HIS A 12 53.66 -9.66 15.99
CA HIS A 12 52.29 -9.64 15.50
C HIS A 12 51.97 -8.55 14.48
N GLU A 13 52.96 -7.77 14.04
CA GLU A 13 52.75 -6.64 13.12
C GLU A 13 51.58 -5.73 13.51
N VAL A 14 51.63 -5.48 14.81
CA VAL A 14 50.66 -4.66 15.48
C VAL A 14 50.65 -3.25 14.90
N LYS A 15 49.57 -2.77 14.30
CA LYS A 15 49.49 -1.42 13.75
C LYS A 15 49.08 -0.36 14.78
N PHE A 16 48.35 -0.78 15.80
CA PHE A 16 47.84 0.10 16.85
C PHE A 16 47.84 -0.49 18.24
N VAL A 17 47.92 0.37 19.24
CA VAL A 17 47.86 -0.03 20.63
C VAL A 17 46.67 0.69 21.27
N ASP A 18 45.78 -0.10 21.85
CA ASP A 18 44.58 0.42 22.46
C ASP A 18 44.69 0.58 23.98
N LEU A 19 44.81 1.82 24.44
CA LEU A 19 44.88 2.07 25.87
C LEU A 19 43.52 2.03 26.51
N ARG A 20 43.31 1.09 27.42
CA ARG A 20 42.03 0.97 28.07
C ARG A 20 42.00 1.19 29.58
N PHE A 21 40.94 1.77 30.10
CA PHE A 21 40.75 1.93 31.53
C PHE A 21 39.27 1.86 31.94
N THR A 22 38.92 1.67 33.20
CA THR A 22 37.53 1.58 33.63
C THR A 22 37.13 2.82 34.40
N ASP A 23 35.95 3.40 34.18
CA ASP A 23 35.54 4.57 34.94
C ASP A 23 34.80 4.20 36.23
N THR A 24 34.27 5.18 36.97
CA THR A 24 33.61 4.90 38.25
C THR A 24 32.38 4.04 38.08
N LYS A 25 31.59 4.31 37.06
CA LYS A 25 30.43 3.48 36.77
C LYS A 25 30.75 2.06 36.36
N GLY A 26 31.98 1.79 35.88
CA GLY A 26 32.35 0.44 35.45
C GLY A 26 32.57 0.23 33.96
N LYS A 27 32.25 1.24 33.14
CA LYS A 27 32.42 1.13 31.71
C LYS A 27 33.85 1.35 31.29
N GLU A 28 34.33 0.37 30.55
CA GLU A 28 35.62 0.39 29.92
C GLU A 28 35.72 1.44 28.82
N GLN A 29 36.61 2.35 29.09
CA GLN A 29 37.01 3.43 28.21
C GLN A 29 38.25 3.03 27.41
N HIS A 30 38.49 3.71 26.30
CA HIS A 30 39.69 3.44 25.52
C HIS A 30 40.11 4.59 24.60
N VAL A 31 41.42 4.71 24.37
CA VAL A 31 41.99 5.65 23.42
C VAL A 31 43.09 4.91 22.62
N THR A 32 43.31 5.22 21.34
CA THR A 32 44.21 4.42 20.49
C THR A 32 45.43 5.18 20.02
N ILE A 33 46.57 4.58 20.20
CA ILE A 33 47.87 5.10 19.82
C ILE A 33 48.38 4.28 18.62
N PRO A 34 49.07 4.81 17.62
CA PRO A 34 49.77 4.04 16.61
C PRO A 34 50.89 3.22 17.25
N ALA A 35 51.15 1.97 16.87
CA ALA A 35 52.21 1.15 17.49
C ALA A 35 53.56 1.86 17.59
N HIS A 36 53.85 2.63 16.54
CA HIS A 36 55.04 3.46 16.52
C HIS A 36 55.17 4.56 17.58
N GLN A 37 54.34 4.62 18.61
CA GLN A 37 54.46 5.58 19.72
C GLN A 37 54.77 4.83 21.01
N VAL A 38 54.78 3.50 20.92
CA VAL A 38 55.19 2.66 22.02
C VAL A 38 56.71 2.50 21.95
N ASN A 39 57.35 3.10 22.95
CA ASN A 39 58.79 3.05 23.17
C ASN A 39 59.09 3.40 24.62
N ALA A 40 60.25 3.05 25.20
CA ALA A 40 60.63 3.37 26.59
C ALA A 40 59.82 4.42 27.37
N GLU A 41 59.89 5.68 26.91
CA GLU A 41 59.12 6.83 27.40
C GLU A 41 57.66 6.52 27.82
N PHE A 42 56.97 5.79 26.93
CA PHE A 42 55.61 5.32 27.12
C PHE A 42 55.46 4.51 28.41
N PHE A 43 56.04 3.32 28.53
CA PHE A 43 55.94 2.53 29.76
C PHE A 43 56.56 3.15 31.00
N GLU A 44 57.32 4.24 30.76
CA GLU A 44 58.02 4.95 31.81
C GLU A 44 57.14 6.04 32.44
N GLU A 45 56.86 7.06 31.62
CA GLU A 45 56.07 8.21 32.03
C GLU A 45 54.62 8.33 31.53
N GLY A 46 54.03 7.19 31.15
CA GLY A 46 52.68 7.12 30.61
C GLY A 46 52.28 8.07 29.47
N LYS A 47 50.96 8.25 29.29
CA LYS A 47 50.41 9.20 28.32
C LYS A 47 49.34 10.09 28.95
N MET A 48 49.39 11.39 28.71
CA MET A 48 48.45 12.35 29.30
C MET A 48 47.10 12.36 28.61
N PHE A 49 46.01 12.46 29.35
CA PHE A 49 44.72 12.63 28.70
C PHE A 49 43.84 13.59 29.49
N ASP A 50 42.81 14.15 28.88
CA ASP A 50 41.90 14.94 29.68
C ASP A 50 40.88 14.07 30.43
N GLY A 51 41.29 13.82 31.67
CA GLY A 51 40.45 13.08 32.61
C GLY A 51 39.16 13.80 32.97
N SER A 52 39.16 15.13 32.82
CA SER A 52 38.00 15.99 33.13
C SER A 52 36.63 15.59 32.57
N SER A 53 36.54 15.15 31.33
CA SER A 53 35.24 14.73 30.80
C SER A 53 34.86 13.27 31.09
N ILE A 54 35.61 12.53 31.89
CA ILE A 54 35.19 11.22 32.36
C ILE A 54 34.26 11.47 33.57
N GLY A 55 33.07 10.88 33.50
CA GLY A 55 32.07 11.03 34.54
C GLY A 55 32.49 10.68 35.96
N GLY A 56 32.47 11.69 36.82
CA GLY A 56 32.83 11.53 38.23
C GLY A 56 34.30 11.78 38.56
N TRP A 57 35.07 12.31 37.60
CA TRP A 57 36.50 12.57 37.81
C TRP A 57 36.98 14.02 37.81
N ASP A 64 43.69 17.43 33.25
CA ASP A 64 44.68 16.46 32.80
C ASP A 64 45.24 15.46 33.80
N MET A 65 45.30 14.23 33.33
CA MET A 65 45.72 13.05 34.10
C MET A 65 46.63 12.13 33.29
N VAL A 66 47.29 11.16 33.94
CA VAL A 66 48.12 10.25 33.15
C VAL A 66 47.73 8.78 33.15
N LEU A 67 47.62 8.27 31.92
CA LEU A 67 47.40 6.86 31.65
C LEU A 67 48.71 6.10 31.75
N MET A 68 48.83 5.25 32.76
CA MET A 68 50.04 4.47 32.94
C MET A 68 49.89 3.03 32.49
N PRO A 69 50.46 2.64 31.35
CA PRO A 69 50.28 1.31 30.78
C PRO A 69 50.75 0.18 31.66
N ASP A 70 49.94 -0.81 32.06
CA ASP A 70 50.42 -1.97 32.79
C ASP A 70 50.81 -3.08 31.80
N ALA A 71 52.09 -3.17 31.46
CA ALA A 71 52.57 -4.10 30.45
C ALA A 71 52.31 -5.59 30.67
N SER A 72 51.84 -5.95 31.86
CA SER A 72 51.48 -7.35 32.14
C SER A 72 50.18 -7.73 31.44
N THR A 73 49.34 -6.71 31.25
CA THR A 73 48.03 -6.88 30.64
C THR A 73 47.95 -6.95 29.11
N ALA A 74 49.03 -6.96 28.35
CA ALA A 74 48.95 -6.90 26.89
C ALA A 74 48.28 -8.09 26.21
N VAL A 75 47.18 -7.80 25.51
CA VAL A 75 46.44 -8.80 24.77
C VAL A 75 46.14 -8.34 23.34
N ILE A 76 46.16 -9.21 22.35
CA ILE A 76 45.79 -8.79 21.00
C ILE A 76 44.25 -8.75 20.88
N ASP A 77 43.67 -7.69 20.32
CA ASP A 77 42.22 -7.53 20.19
C ASP A 77 41.60 -8.44 19.15
N PRO A 78 40.71 -9.40 19.45
CA PRO A 78 40.25 -10.41 18.50
C PRO A 78 39.27 -9.87 17.46
N PHE A 79 38.89 -8.59 17.60
CA PHE A 79 37.88 -8.00 16.75
C PHE A 79 38.26 -6.83 15.84
N PHE A 80 39.10 -5.88 16.23
CA PHE A 80 39.41 -4.74 15.35
C PHE A 80 40.02 -5.22 14.02
N ALA A 81 39.71 -4.55 12.90
CA ALA A 81 40.24 -4.99 11.60
C ALA A 81 41.76 -4.91 11.41
N ASP A 82 42.38 -3.89 12.01
CA ASP A 82 43.82 -3.70 11.94
C ASP A 82 44.47 -4.26 13.19
N SER A 83 45.63 -4.90 13.09
CA SER A 83 46.26 -5.50 14.27
C SER A 83 46.50 -4.58 15.46
N THR A 84 45.74 -4.86 16.51
CA THR A 84 45.79 -4.02 17.71
C THR A 84 46.11 -4.73 19.02
N LEU A 85 47.00 -4.14 19.78
CA LEU A 85 47.39 -4.72 21.05
C LEU A 85 46.74 -3.88 22.14
N ILE A 86 45.86 -4.47 22.91
CA ILE A 86 45.22 -3.82 24.06
C ILE A 86 46.18 -3.78 25.24
N ILE A 87 46.31 -2.62 25.89
CA ILE A 87 47.09 -2.52 27.13
C ILE A 87 46.21 -1.82 28.17
N ARG A 88 45.91 -2.52 29.27
CA ARG A 88 45.15 -1.90 30.36
C ARG A 88 45.98 -0.83 31.05
N CYS A 89 45.39 0.24 31.52
CA CYS A 89 46.14 1.31 32.15
C CYS A 89 45.67 1.67 33.56
N ASP A 90 46.51 2.31 34.35
CA ASP A 90 46.04 2.89 35.59
C ASP A 90 46.05 4.38 35.46
N ILE A 91 45.09 5.02 36.10
CA ILE A 91 45.02 6.47 36.08
C ILE A 91 45.85 7.01 37.21
N LEU A 92 46.93 7.70 36.89
CA LEU A 92 47.75 8.30 37.91
C LEU A 92 47.63 9.81 37.94
N GLU A 93 47.86 10.25 39.16
CA GLU A 93 47.89 11.68 39.47
C GLU A 93 49.17 12.26 38.84
N PRO A 94 49.13 13.26 37.97
CA PRO A 94 50.21 13.59 37.03
C PRO A 94 51.48 14.19 37.64
N GLY A 95 52.67 13.85 37.09
CA GLY A 95 53.96 14.31 37.63
C GLY A 95 54.33 13.57 38.92
N THR A 96 53.53 13.84 39.95
CA THR A 96 53.56 13.19 41.26
C THR A 96 53.37 11.67 41.26
N LEU A 97 52.71 11.19 40.18
CA LEU A 97 52.53 9.78 39.80
C LEU A 97 52.09 8.69 40.78
N GLN A 98 51.03 9.00 41.53
CA GLN A 98 50.57 8.07 42.57
C GLN A 98 49.31 7.27 42.29
N GLY A 99 48.39 7.78 41.47
CA GLY A 99 47.22 6.98 41.18
C GLY A 99 45.96 7.56 41.78
N TYR A 100 45.11 8.07 40.89
CA TYR A 100 43.85 8.73 41.21
C TYR A 100 43.04 8.04 42.32
N ASP A 101 42.69 8.62 43.47
CA ASP A 101 42.00 7.84 44.53
C ASP A 101 40.51 7.53 44.35
N ARG A 102 40.17 7.81 43.11
CA ARG A 102 38.87 7.70 42.46
C ARG A 102 38.94 6.75 41.24
N ASP A 103 40.14 6.31 40.86
CA ASP A 103 40.36 5.32 39.81
C ASP A 103 40.06 3.94 40.38
N PRO A 104 39.03 3.23 39.92
CA PRO A 104 38.64 1.95 40.45
C PRO A 104 39.73 0.88 40.40
N ARG A 105 40.62 0.84 39.41
CA ARG A 105 41.66 -0.19 39.42
C ARG A 105 42.64 0.08 40.54
N SER A 106 43.09 1.33 40.70
CA SER A 106 43.92 1.70 41.85
C SER A 106 43.29 1.30 43.17
N ILE A 107 42.03 1.68 43.42
CA ILE A 107 41.31 1.21 44.62
C ILE A 107 41.36 -0.32 44.76
N ALA A 108 41.21 -1.13 43.71
CA ALA A 108 41.30 -2.58 43.84
C ALA A 108 42.68 -3.00 44.29
N LYS A 109 43.72 -2.44 43.65
CA LYS A 109 45.10 -2.75 44.01
C LYS A 109 45.42 -2.38 45.45
N ARG A 110 44.92 -1.24 45.91
CA ARG A 110 45.04 -0.84 47.31
C ARG A 110 44.38 -1.83 48.25
N ALA A 111 43.17 -2.28 47.99
CA ALA A 111 42.53 -3.29 48.81
C ALA A 111 43.35 -4.58 48.88
N GLU A 112 44.03 -4.98 47.81
CA GLU A 112 44.89 -6.16 47.85
C GLU A 112 46.12 -5.93 48.73
N ASP A 113 46.81 -4.79 48.57
CA ASP A 113 47.94 -4.46 49.45
C ASP A 113 47.54 -4.31 50.91
N TYR A 114 46.43 -3.64 51.24
CA TYR A 114 45.93 -3.58 52.60
C TYR A 114 45.73 -4.98 53.18
N LEU A 115 45.25 -5.96 52.42
CA LEU A 115 45.11 -7.33 52.89
C LEU A 115 46.47 -7.89 53.32
N ARG A 116 47.49 -7.63 52.49
CA ARG A 116 48.86 -8.02 52.79
C ARG A 116 49.41 -7.34 54.04
N ALA A 117 49.23 -6.02 54.15
CA ALA A 117 49.65 -5.24 55.32
C ALA A 117 48.97 -5.67 56.62
N THR A 118 47.75 -6.21 56.57
CA THR A 118 47.13 -6.74 57.78
C THR A 118 47.65 -8.12 58.12
N GLY A 119 48.34 -8.79 57.21
CA GLY A 119 48.86 -10.13 57.42
C GLY A 119 47.81 -11.23 57.60
N ILE A 120 46.52 -10.92 57.43
CA ILE A 120 45.45 -11.92 57.59
C ILE A 120 45.57 -12.99 56.50
N ALA A 121 46.01 -12.60 55.31
CA ALA A 121 46.32 -13.54 54.21
C ALA A 121 47.19 -12.87 53.15
N ASP A 122 47.79 -13.65 52.23
CA ASP A 122 48.59 -13.05 51.15
C ASP A 122 47.75 -12.72 49.92
N THR A 123 46.79 -13.58 49.63
CA THR A 123 45.93 -13.37 48.47
C THR A 123 44.42 -13.55 48.62
N VAL A 124 43.67 -12.71 47.91
CA VAL A 124 42.21 -12.85 47.81
C VAL A 124 41.83 -13.50 46.50
N LEU A 125 41.06 -14.55 46.56
CA LEU A 125 40.57 -15.18 45.34
C LEU A 125 39.06 -14.97 45.10
N PHE A 126 38.79 -14.35 43.96
CA PHE A 126 37.46 -14.08 43.46
C PHE A 126 37.05 -14.89 42.23
N GLY A 127 35.82 -15.34 42.29
CA GLY A 127 35.21 -16.11 41.20
C GLY A 127 33.79 -15.64 40.92
N PRO A 128 33.62 -14.59 40.12
CA PRO A 128 32.34 -14.01 39.75
C PRO A 128 31.56 -14.91 38.79
N GLU A 129 30.25 -15.07 38.90
CA GLU A 129 29.49 -15.87 37.94
C GLU A 129 28.54 -14.95 37.15
N PRO A 130 28.99 -14.08 36.23
CA PRO A 130 28.16 -13.10 35.54
C PRO A 130 27.18 -13.71 34.56
N GLU A 131 25.92 -13.30 34.61
CA GLU A 131 24.98 -13.75 33.59
C GLU A 131 24.60 -12.62 32.65
N PHE A 132 24.19 -12.98 31.46
CA PHE A 132 23.81 -11.97 30.49
C PHE A 132 22.62 -12.36 29.66
N PHE A 133 22.04 -11.39 29.00
CA PHE A 133 20.96 -11.65 28.06
C PHE A 133 21.42 -11.37 26.64
N LEU A 134 20.96 -12.18 25.71
CA LEU A 134 21.32 -12.04 24.30
C LEU A 134 20.06 -11.82 23.45
N PHE A 135 19.69 -10.57 23.21
CA PHE A 135 18.49 -10.22 22.45
C PHE A 135 18.73 -9.93 20.96
N ASP A 136 17.71 -9.82 20.09
CA ASP A 136 17.86 -9.43 18.67
C ASP A 136 17.56 -7.96 18.45
N ASP A 137 16.61 -7.44 19.24
CA ASP A 137 16.15 -6.08 19.10
C ASP A 137 15.78 -5.48 20.43
N ILE A 138 16.31 -4.32 20.71
CA ILE A 138 15.95 -3.61 21.94
C ILE A 138 15.68 -2.15 21.57
N ARG A 139 14.45 -1.72 21.76
CA ARG A 139 14.07 -0.34 21.53
C ARG A 139 13.51 0.26 22.80
N PHE A 140 13.89 1.48 23.07
CA PHE A 140 13.34 2.18 24.21
C PHE A 140 13.42 3.69 24.06
N GLY A 141 12.76 4.44 24.92
CA GLY A 141 12.83 5.88 24.88
C GLY A 141 11.86 6.53 25.85
N ALA A 142 12.18 7.73 26.24
CA ALA A 142 11.39 8.53 27.15
C ALA A 142 11.39 9.95 26.59
N SER A 143 10.23 10.59 26.60
CA SER A 143 9.98 11.93 26.07
C SER A 143 8.87 12.56 26.90
N ILE A 144 8.57 13.87 26.81
CA ILE A 144 7.46 14.45 27.56
C ILE A 144 6.13 13.72 27.35
N SER A 145 5.80 13.29 26.12
CA SER A 145 4.53 12.66 25.80
C SER A 145 4.47 11.17 26.12
N GLY A 146 5.50 10.62 26.73
CA GLY A 146 5.48 9.20 27.08
C GLY A 146 6.85 8.50 27.16
N SER A 147 6.78 7.17 27.32
CA SER A 147 8.00 6.38 27.40
C SER A 147 7.76 4.92 27.09
N HIS A 148 8.79 4.18 26.67
CA HIS A 148 8.63 2.78 26.31
C HIS A 148 9.92 2.00 26.27
N VAL A 149 9.78 0.69 26.41
CA VAL A 149 10.86 -0.25 26.13
C VAL A 149 10.19 -1.49 25.52
N ALA A 150 10.88 -2.01 24.53
CA ALA A 150 10.43 -3.15 23.74
C ALA A 150 11.61 -4.09 23.52
N ILE A 151 11.51 -5.28 24.08
CA ILE A 151 12.54 -6.31 24.03
C ILE A 151 12.12 -7.36 23.02
N ASP A 152 13.05 -7.75 22.17
CA ASP A 152 12.75 -8.86 21.30
C ASP A 152 13.92 -9.76 20.95
N ASP A 153 13.56 -11.02 21.01
CA ASP A 153 14.45 -12.11 20.68
C ASP A 153 13.70 -13.33 20.16
N ILE A 154 14.34 -14.02 19.23
CA ILE A 154 13.80 -15.22 18.61
C ILE A 154 13.38 -16.29 19.61
N GLU A 155 14.08 -16.34 20.73
CA GLU A 155 13.78 -17.28 21.81
C GLU A 155 12.69 -16.80 22.79
N GLY A 156 12.10 -15.64 22.55
CA GLY A 156 11.18 -15.07 23.51
C GLY A 156 9.93 -15.91 23.48
N ALA A 157 9.49 -16.49 24.57
CA ALA A 157 8.28 -17.29 24.58
C ALA A 157 7.10 -16.60 23.92
N TRP A 158 7.08 -15.27 24.03
CA TRP A 158 6.06 -14.50 23.37
C TRP A 158 6.07 -14.61 21.85
N ASN A 159 7.13 -15.03 21.16
CA ASN A 159 7.09 -15.16 19.71
C ASN A 159 6.45 -16.41 19.14
N SER A 160 5.86 -17.24 20.03
CA SER A 160 5.15 -18.45 19.58
C SER A 160 4.01 -18.17 18.58
N SER A 161 3.45 -16.97 18.69
CA SER A 161 2.38 -16.50 17.81
C SER A 161 2.80 -15.72 16.58
N THR A 162 4.07 -15.35 16.54
CA THR A 162 4.66 -14.49 15.51
C THR A 162 4.79 -15.03 14.11
N LYS A 163 4.38 -14.26 13.11
CA LYS A 163 4.63 -14.63 11.73
C LYS A 163 6.05 -14.22 11.35
N TYR A 164 6.82 -15.19 10.85
CA TYR A 164 8.20 -14.91 10.50
C TYR A 164 8.65 -14.94 9.04
N GLU A 165 7.90 -15.35 8.03
CA GLU A 165 8.34 -15.38 6.60
C GLU A 165 9.41 -16.41 6.22
N GLY A 166 10.28 -16.79 7.16
CA GLY A 166 10.95 -18.07 6.99
C GLY A 166 10.01 -19.25 7.36
N GLY A 167 9.11 -18.93 8.28
CA GLY A 167 8.22 -19.90 8.90
C GLY A 167 8.43 -19.78 10.41
N ASN A 168 7.61 -20.25 11.35
CA ASN A 168 7.93 -19.94 12.75
C ASN A 168 8.79 -21.01 13.41
N LYS A 169 8.73 -22.29 13.08
CA LYS A 169 9.59 -23.32 13.71
C LYS A 169 9.44 -23.62 15.22
N GLY A 170 8.85 -22.74 16.02
CA GLY A 170 8.32 -23.06 17.37
C GLY A 170 9.15 -23.71 18.48
N HIS A 171 10.40 -24.08 18.33
CA HIS A 171 11.14 -24.59 19.47
C HIS A 171 11.74 -23.37 20.16
N ARG A 172 11.37 -23.12 21.41
CA ARG A 172 11.76 -21.88 22.07
C ARG A 172 11.72 -22.09 23.60
N PRO A 173 12.59 -21.55 24.46
CA PRO A 173 12.44 -21.72 25.90
C PRO A 173 11.22 -21.01 26.44
N GLY A 174 10.31 -21.71 27.14
CA GLY A 174 9.17 -21.04 27.79
C GLY A 174 9.56 -20.04 28.89
N VAL A 175 8.73 -19.29 29.67
CA VAL A 175 9.34 -18.27 30.55
C VAL A 175 10.31 -18.80 31.58
N LYS A 176 10.14 -19.78 32.47
CA LYS A 176 11.32 -20.18 33.29
C LYS A 176 12.04 -21.46 32.81
N GLY A 177 11.91 -21.68 31.50
CA GLY A 177 12.35 -22.93 30.88
C GLY A 177 13.60 -22.89 30.02
N GLY A 178 14.42 -21.84 30.16
CA GLY A 178 15.67 -21.77 29.42
C GLY A 178 16.76 -22.66 29.99
N TYR A 179 16.53 -23.16 31.22
CA TYR A 179 17.46 -24.05 31.87
C TYR A 179 17.47 -25.52 31.46
N PHE A 180 18.41 -25.49 30.53
CA PHE A 180 19.12 -26.55 29.83
C PHE A 180 18.71 -27.33 28.60
N PRO A 181 17.58 -27.15 27.91
CA PRO A 181 17.16 -28.03 26.82
C PRO A 181 18.15 -28.00 25.67
N VAL A 182 18.35 -29.12 24.99
CA VAL A 182 19.28 -29.14 23.85
C VAL A 182 18.78 -28.31 22.67
N PRO A 183 19.61 -27.89 21.73
CA PRO A 183 19.19 -27.39 20.43
C PRO A 183 18.11 -28.24 19.73
N PRO A 184 17.20 -27.71 18.93
CA PRO A 184 17.04 -26.29 18.66
C PRO A 184 16.39 -25.38 19.69
N VAL A 185 15.93 -25.82 20.87
CA VAL A 185 15.32 -24.91 21.88
C VAL A 185 16.36 -23.90 22.36
N ASP A 186 17.59 -24.35 22.56
CA ASP A 186 18.66 -23.44 22.91
C ASP A 186 19.29 -22.97 21.61
N SER A 187 18.96 -21.76 21.21
CA SER A 187 19.55 -21.19 19.99
C SER A 187 21.01 -20.78 20.08
N ALA A 188 21.58 -20.61 21.28
CA ALA A 188 22.91 -20.05 21.40
C ALA A 188 24.15 -20.93 21.59
N GLN A 189 24.10 -22.24 21.30
CA GLN A 189 25.27 -23.11 21.48
C GLN A 189 26.53 -22.63 20.77
N ASP A 190 26.45 -22.33 19.47
CA ASP A 190 27.58 -21.76 18.76
C ASP A 190 27.97 -20.37 19.24
N ILE A 191 27.06 -19.48 19.64
CA ILE A 191 27.45 -18.15 20.10
C ILE A 191 28.17 -18.29 21.43
N ARG A 192 27.69 -19.09 22.39
CA ARG A 192 28.44 -19.28 23.63
C ARG A 192 29.79 -19.98 23.43
N SER A 193 29.89 -21.06 22.63
CA SER A 193 31.21 -21.69 22.40
C SER A 193 32.23 -20.75 21.80
N GLU A 194 31.79 -19.91 20.87
CA GLU A 194 32.63 -18.87 20.27
C GLU A 194 33.09 -17.85 21.27
N MET A 195 32.18 -17.45 22.18
CA MET A 195 32.52 -16.57 23.28
C MET A 195 33.59 -17.21 24.16
N CYS A 196 33.46 -18.52 24.39
CA CYS A 196 34.46 -19.23 25.17
C CYS A 196 35.82 -19.23 24.50
N LEU A 197 35.87 -19.57 23.20
CA LEU A 197 37.13 -19.55 22.48
C LEU A 197 37.74 -18.15 22.43
N VAL A 198 37.01 -17.08 22.14
CA VAL A 198 37.63 -15.75 22.14
C VAL A 198 38.06 -15.35 23.56
N MET A 199 37.35 -15.72 24.63
CA MET A 199 37.79 -15.37 25.98
C MET A 199 39.14 -15.98 26.33
N GLU A 200 39.30 -17.26 25.96
CA GLU A 200 40.56 -17.92 26.20
C GLU A 200 41.71 -17.31 25.40
N GLN A 201 41.44 -16.92 24.16
CA GLN A 201 42.40 -16.22 23.32
C GLN A 201 42.84 -14.88 23.94
N MET A 202 42.02 -14.36 24.85
CA MET A 202 42.32 -13.13 25.58
C MET A 202 42.81 -13.37 27.00
N GLY A 203 43.05 -14.65 27.30
CA GLY A 203 43.66 -15.04 28.55
C GLY A 203 42.76 -15.51 29.67
N LEU A 204 41.51 -15.82 29.40
CA LEU A 204 40.64 -16.28 30.46
C LEU A 204 40.54 -17.78 30.44
N VAL A 205 40.16 -18.45 31.53
CA VAL A 205 39.99 -19.88 31.41
C VAL A 205 38.54 -20.26 31.61
N VAL A 206 37.91 -20.69 30.55
CA VAL A 206 36.53 -21.12 30.64
C VAL A 206 36.42 -22.47 31.34
N GLU A 207 35.42 -22.59 32.19
CA GLU A 207 35.10 -23.83 32.89
C GLU A 207 33.86 -24.53 32.37
N ALA A 208 32.87 -23.73 32.01
CA ALA A 208 31.62 -24.23 31.44
C ALA A 208 30.79 -23.15 30.77
N HIS A 209 29.92 -23.46 29.83
CA HIS A 209 28.99 -22.44 29.32
C HIS A 209 27.64 -23.11 29.15
N HIS A 210 26.60 -22.41 29.51
CA HIS A 210 25.26 -22.95 29.35
C HIS A 210 24.20 -21.88 29.28
N HIS A 211 23.03 -22.26 28.78
CA HIS A 211 21.87 -21.38 28.78
C HIS A 211 21.35 -21.21 30.20
N GLU A 212 20.86 -20.04 30.57
CA GLU A 212 20.30 -19.85 31.90
C GLU A 212 18.78 -19.99 31.97
N VAL A 213 18.13 -19.72 33.09
CA VAL A 213 16.73 -19.99 33.30
C VAL A 213 15.72 -19.25 32.43
N ALA A 214 16.00 -18.00 32.14
CA ALA A 214 15.07 -17.21 31.38
C ALA A 214 14.85 -17.50 29.90
N THR A 215 13.61 -17.33 29.45
CA THR A 215 13.26 -17.29 28.02
C THR A 215 13.98 -16.11 27.38
N ALA A 216 13.92 -15.85 26.07
CA ALA A 216 14.56 -14.67 25.48
C ALA A 216 16.06 -14.43 25.70
N GLY A 217 16.78 -15.54 25.68
CA GLY A 217 18.25 -15.50 25.62
C GLY A 217 19.08 -15.31 26.89
N GLN A 218 18.76 -15.85 28.06
CA GLN A 218 19.67 -15.71 29.19
C GLN A 218 20.80 -16.72 29.07
N ASN A 219 22.05 -16.31 29.24
CA ASN A 219 23.21 -17.19 29.09
C ASN A 219 24.29 -16.99 30.13
N GLU A 220 25.18 -17.99 30.24
CA GLU A 220 26.28 -17.93 31.21
C GLU A 220 27.52 -18.64 30.72
N VAL A 221 28.61 -17.89 30.72
CA VAL A 221 29.91 -18.49 30.46
C VAL A 221 30.64 -18.45 31.80
N ALA A 222 30.86 -19.61 32.41
CA ALA A 222 31.55 -19.75 33.68
C ALA A 222 33.06 -19.72 33.48
N THR A 223 33.75 -18.95 34.30
CA THR A 223 35.16 -18.71 34.07
C THR A 223 36.06 -18.89 35.31
N ARG A 224 37.24 -19.56 35.23
CA ARG A 224 38.15 -19.81 36.36
C ARG A 224 38.64 -18.55 37.06
N PHE A 225 38.60 -18.73 38.37
CA PHE A 225 38.93 -17.70 39.35
C PHE A 225 40.26 -17.01 39.18
N ASN A 226 40.40 -15.99 39.99
CA ASN A 226 41.65 -15.27 40.05
C ASN A 226 41.80 -14.42 41.29
N THR A 227 42.94 -13.76 41.37
CA THR A 227 43.14 -12.83 42.46
C THR A 227 42.27 -11.62 42.15
N MET A 228 41.75 -10.95 43.17
CA MET A 228 40.87 -9.80 42.98
C MET A 228 41.14 -8.81 41.84
N THR A 229 42.13 -7.92 41.81
CA THR A 229 42.29 -7.02 40.67
C THR A 229 42.47 -7.72 39.34
N LYS A 230 43.07 -8.90 39.27
CA LYS A 230 43.22 -9.56 37.97
C LYS A 230 41.87 -10.05 37.48
N LYS A 231 41.05 -10.57 38.41
CA LYS A 231 39.71 -11.03 38.08
C LYS A 231 38.80 -9.89 37.68
N ALA A 232 38.89 -8.76 38.38
CA ALA A 232 38.15 -7.58 38.01
C ALA A 232 38.48 -7.15 36.57
N ASP A 233 39.74 -7.17 36.13
CA ASP A 233 40.06 -6.96 34.72
C ASP A 233 39.49 -8.08 33.84
N GLU A 234 39.54 -9.34 34.27
CA GLU A 234 38.94 -10.42 33.50
C GLU A 234 37.43 -10.24 33.32
N ILE A 235 36.72 -9.61 34.26
CA ILE A 235 35.32 -9.28 34.07
C ILE A 235 35.21 -8.22 32.99
N GLN A 236 36.05 -7.19 32.96
CA GLN A 236 36.04 -6.22 31.86
C GLN A 236 36.33 -6.88 30.51
N ILE A 237 37.22 -7.85 30.36
CA ILE A 237 37.39 -8.56 29.09
C ILE A 237 36.19 -9.47 28.81
N TYR A 238 35.65 -10.16 29.81
CA TYR A 238 34.47 -11.02 29.72
C TYR A 238 33.33 -10.26 29.06
N LYS A 239 32.99 -9.14 29.70
CA LYS A 239 31.97 -8.25 29.15
C LYS A 239 32.27 -7.78 27.74
N TYR A 240 33.51 -7.44 27.39
CA TYR A 240 33.88 -6.97 26.05
C TYR A 240 33.68 -8.05 25.00
N VAL A 241 34.11 -9.26 25.29
CA VAL A 241 33.92 -10.38 24.37
C VAL A 241 32.43 -10.68 24.23
N VAL A 242 31.64 -10.78 25.31
CA VAL A 242 30.20 -11.02 25.19
C VAL A 242 29.52 -9.94 24.35
N HIS A 243 29.79 -8.66 24.61
CA HIS A 243 29.23 -7.59 23.79
C HIS A 243 29.64 -7.68 22.32
N ASN A 244 30.90 -7.91 21.97
CA ASN A 244 31.29 -7.98 20.58
C ASN A 244 31.05 -9.28 19.82
N VAL A 245 31.12 -10.47 20.41
CA VAL A 245 30.79 -11.70 19.70
C VAL A 245 29.29 -11.69 19.42
N ALA A 246 28.46 -11.29 20.39
CA ALA A 246 27.03 -11.15 20.18
C ALA A 246 26.74 -10.26 18.97
N HIS A 247 27.46 -9.14 18.97
CA HIS A 247 27.36 -8.21 17.86
C HIS A 247 27.71 -8.82 16.51
N ARG A 248 28.80 -9.62 16.42
CA ARG A 248 29.18 -10.29 15.18
C ARG A 248 28.10 -11.27 14.72
N PHE A 249 27.42 -11.87 15.68
CA PHE A 249 26.31 -12.77 15.43
C PHE A 249 24.96 -12.12 15.15
N GLY A 250 24.89 -10.79 15.15
CA GLY A 250 23.64 -10.07 14.88
C GLY A 250 22.76 -9.91 16.11
N LYS A 251 23.28 -10.30 17.24
CA LYS A 251 22.59 -10.14 18.49
C LYS A 251 23.09 -8.90 19.23
N THR A 252 22.38 -8.59 20.31
CA THR A 252 22.78 -7.52 21.21
C THR A 252 22.78 -8.10 22.64
N ALA A 253 23.89 -7.98 23.34
CA ALA A 253 23.94 -8.52 24.69
C ALA A 253 23.82 -7.44 25.72
N THR A 254 23.24 -7.81 26.85
CA THR A 254 23.14 -6.88 27.97
C THR A 254 23.40 -7.48 29.32
N PHE A 255 24.17 -6.73 30.11
CA PHE A 255 24.39 -7.16 31.48
C PHE A 255 23.45 -6.50 32.49
N MET A 256 22.35 -5.86 32.10
CA MET A 256 21.52 -5.19 33.11
C MET A 256 20.75 -6.22 33.92
N PRO A 257 20.61 -6.00 35.22
CA PRO A 257 20.20 -7.00 36.20
C PRO A 257 18.83 -7.63 35.95
N LYS A 258 17.89 -6.76 35.56
CA LYS A 258 16.49 -7.14 35.39
C LYS A 258 15.81 -6.53 34.16
N PRO A 259 15.99 -7.03 32.93
CA PRO A 259 15.41 -6.44 31.74
C PRO A 259 13.95 -6.82 31.56
N MET A 260 13.52 -7.96 32.06
CA MET A 260 12.13 -8.42 31.92
C MET A 260 11.46 -8.72 33.24
N PHE A 261 10.29 -8.18 33.48
CA PHE A 261 9.51 -8.58 34.64
C PHE A 261 8.88 -9.97 34.43
N GLY A 262 8.86 -10.84 35.40
CA GLY A 262 8.16 -12.12 35.20
C GLY A 262 9.01 -13.30 34.79
N ASP A 263 10.30 -13.03 34.74
CA ASP A 263 11.27 -14.06 34.49
C ASP A 263 12.60 -13.71 35.13
N ASN A 264 13.54 -14.64 35.14
CA ASN A 264 14.83 -14.44 35.74
C ASN A 264 15.62 -13.16 35.41
N GLY A 265 16.38 -12.77 36.42
CA GLY A 265 17.29 -11.65 36.29
C GLY A 265 18.72 -12.18 36.18
N SER A 266 19.59 -11.32 35.71
CA SER A 266 20.98 -11.66 35.60
C SER A 266 21.73 -11.20 36.85
N GLY A 267 22.18 -12.17 37.63
CA GLY A 267 23.04 -11.88 38.76
C GLY A 267 24.50 -12.24 38.54
N MET A 268 25.42 -11.67 39.30
CA MET A 268 26.84 -12.00 39.22
C MET A 268 27.28 -12.44 40.61
N HIS A 269 27.17 -13.73 40.92
CA HIS A 269 27.55 -14.19 42.25
C HIS A 269 29.04 -14.22 42.44
N CYS A 270 29.52 -13.66 43.53
CA CYS A 270 30.93 -13.74 43.82
C CYS A 270 31.37 -14.86 44.76
N HIS A 271 32.07 -15.85 44.24
CA HIS A 271 32.75 -16.81 45.10
C HIS A 271 34.02 -16.19 45.65
N MET A 272 34.18 -16.21 46.95
CA MET A 272 35.38 -15.69 47.57
C MET A 272 36.10 -16.66 48.48
N SER A 273 37.41 -16.45 48.48
CA SER A 273 38.28 -17.20 49.39
C SER A 273 39.57 -16.48 49.73
N LEU A 274 40.08 -16.74 50.92
CA LEU A 274 41.34 -16.16 51.34
C LEU A 274 42.48 -17.16 51.51
N ALA A 275 43.69 -16.75 51.15
CA ALA A 275 44.83 -17.63 51.32
C ALA A 275 46.14 -17.03 51.84
N LYS A 276 46.70 -17.70 52.85
CA LYS A 276 47.99 -17.32 53.43
C LYS A 276 48.95 -18.44 53.08
N ASN A 277 50.21 -18.15 52.77
CA ASN A 277 51.23 -19.12 52.35
C ASN A 277 50.78 -20.45 51.72
N GLY A 278 50.06 -20.29 50.60
CA GLY A 278 49.54 -21.42 49.82
C GLY A 278 48.42 -22.25 50.47
N THR A 279 47.82 -21.75 51.55
CA THR A 279 46.76 -22.46 52.24
C THR A 279 45.47 -21.66 52.42
N ASN A 280 44.40 -22.41 52.22
CA ASN A 280 43.07 -21.82 52.29
C ASN A 280 42.51 -21.55 53.69
N LEU A 281 42.68 -20.32 54.14
CA LEU A 281 42.13 -19.86 55.41
C LEU A 281 40.64 -20.08 55.62
N PHE A 282 39.86 -20.26 54.56
CA PHE A 282 38.44 -20.49 54.72
C PHE A 282 38.14 -21.93 55.05
N SER A 283 39.03 -22.85 54.73
CA SER A 283 38.84 -24.23 55.15
C SER A 283 39.13 -24.42 56.63
N GLY A 284 38.52 -25.43 57.23
CA GLY A 284 38.70 -25.71 58.63
C GLY A 284 37.63 -26.65 59.17
N ASP A 285 37.44 -26.53 60.47
CA ASP A 285 36.39 -27.24 61.19
C ASP A 285 35.03 -26.50 61.08
N LYS A 286 34.34 -26.07 62.16
CA LYS A 286 33.10 -25.28 62.11
C LYS A 286 31.98 -25.61 61.09
N TYR A 287 30.96 -24.77 60.83
CA TYR A 287 29.93 -25.09 59.84
C TYR A 287 30.42 -25.47 58.43
N ALA A 288 30.05 -26.65 57.98
CA ALA A 288 30.39 -27.14 56.64
C ALA A 288 31.83 -26.98 56.10
N GLY A 289 32.81 -27.34 56.92
CA GLY A 289 34.21 -27.26 56.53
C GLY A 289 34.83 -25.88 56.67
N LEU A 290 34.07 -24.93 57.20
CA LEU A 290 34.58 -23.59 57.32
C LEU A 290 35.45 -23.27 58.53
N SER A 291 36.42 -22.40 58.39
CA SER A 291 37.14 -21.91 59.57
C SER A 291 36.39 -20.83 60.36
N GLU A 292 36.83 -20.56 61.58
CA GLU A 292 36.27 -19.45 62.37
C GLU A 292 36.57 -18.10 61.68
N GLN A 293 37.70 -18.10 60.97
CA GLN A 293 38.23 -16.99 60.15
C GLN A 293 37.22 -16.61 59.06
N ALA A 294 36.75 -17.65 58.37
CA ALA A 294 35.74 -17.56 57.33
C ALA A 294 34.39 -17.06 57.88
N LEU A 295 33.95 -17.59 59.02
CA LEU A 295 32.73 -17.12 59.66
C LEU A 295 32.76 -15.64 59.97
N TYR A 296 33.87 -15.09 60.44
CA TYR A 296 33.97 -13.63 60.63
C TYR A 296 33.94 -12.84 59.32
N TYR A 297 34.48 -13.42 58.23
CA TYR A 297 34.38 -12.82 56.90
C TYR A 297 32.90 -12.68 56.52
N ILE A 298 32.11 -13.77 56.63
CA ILE A 298 30.66 -13.72 56.44
C ILE A 298 30.01 -12.65 57.34
N GLY A 299 30.34 -12.65 58.63
CA GLY A 299 29.82 -11.64 59.57
C GLY A 299 30.12 -10.20 59.13
N GLY A 300 31.29 -9.93 58.55
CA GLY A 300 31.60 -8.60 58.04
C GLY A 300 30.78 -8.24 56.80
N VAL A 301 30.63 -9.20 55.86
CA VAL A 301 29.78 -9.01 54.67
C VAL A 301 28.35 -8.71 55.12
N ILE A 302 27.74 -9.56 55.97
CA ILE A 302 26.39 -9.30 56.49
C ILE A 302 26.31 -7.97 57.27
N LYS A 303 27.26 -7.65 58.14
CA LYS A 303 27.30 -6.37 58.86
C LYS A 303 27.27 -5.16 57.92
N HIS A 304 27.94 -5.26 56.76
CA HIS A 304 28.00 -4.14 55.85
C HIS A 304 27.23 -4.30 54.54
N ALA A 305 26.40 -5.34 54.43
CA ALA A 305 25.63 -5.64 53.22
C ALA A 305 24.97 -4.45 52.54
N LYS A 306 24.16 -3.64 53.21
CA LYS A 306 23.54 -2.49 52.55
C LYS A 306 24.53 -1.46 51.99
N ALA A 307 25.72 -1.28 52.55
CA ALA A 307 26.70 -0.36 51.98
C ALA A 307 27.37 -1.02 50.77
N ILE A 308 27.61 -2.33 50.87
CA ILE A 308 28.11 -3.11 49.75
C ILE A 308 27.11 -3.03 48.59
N ASN A 309 25.79 -3.08 48.83
CA ASN A 309 24.77 -3.00 47.79
C ASN A 309 24.91 -1.77 46.90
N ALA A 310 25.31 -0.62 47.45
CA ALA A 310 25.55 0.59 46.65
C ALA A 310 26.64 0.43 45.58
N LEU A 311 27.51 -0.58 45.75
CA LEU A 311 28.59 -0.87 44.81
C LEU A 311 28.37 -2.18 44.04
N ALA A 312 27.81 -3.20 44.68
CA ALA A 312 27.52 -4.50 44.09
C ALA A 312 26.18 -4.61 43.34
N ASN A 313 25.29 -3.66 43.60
CA ASN A 313 23.98 -3.52 42.98
C ASN A 313 23.70 -2.04 42.68
N PRO A 314 24.47 -1.38 41.82
CA PRO A 314 24.54 0.07 41.72
C PRO A 314 23.50 0.73 40.83
N THR A 315 22.54 -0.03 40.32
CA THR A 315 21.57 0.52 39.38
C THR A 315 20.19 0.50 39.96
N THR A 316 19.27 1.43 39.66
CA THR A 316 17.89 1.31 40.17
C THR A 316 17.28 -0.02 39.74
N ASN A 317 17.60 -0.49 38.53
CA ASN A 317 17.14 -1.78 38.04
C ASN A 317 17.61 -2.98 38.86
N SER A 318 18.73 -2.85 39.56
CA SER A 318 19.24 -3.94 40.39
C SER A 318 18.24 -4.46 41.41
N TYR A 319 17.49 -3.50 41.93
CA TYR A 319 16.54 -3.82 42.97
C TYR A 319 15.23 -4.40 42.43
N LYS A 320 14.99 -4.35 41.12
CA LYS A 320 13.89 -5.11 40.53
C LYS A 320 14.22 -6.61 40.59
N ARG A 321 15.50 -6.97 40.65
CA ARG A 321 15.94 -8.36 40.81
C ARG A 321 15.91 -8.75 42.28
N LEU A 322 16.45 -7.87 43.13
CA LEU A 322 16.44 -8.11 44.56
C LEU A 322 15.12 -7.83 45.29
N VAL A 323 14.10 -8.58 44.89
CA VAL A 323 12.80 -8.47 45.53
C VAL A 323 12.51 -9.80 46.23
N PRO A 324 11.83 -9.81 47.38
CA PRO A 324 11.34 -11.01 48.08
C PRO A 324 11.03 -12.32 47.36
N PRO A 329 17.62 -13.56 46.24
CA PRO A 329 18.52 -13.76 47.37
C PRO A 329 18.58 -12.54 48.29
N VAL A 330 17.47 -12.20 48.91
CA VAL A 330 17.41 -11.02 49.78
C VAL A 330 17.84 -11.19 51.24
N MET A 331 17.73 -12.42 51.76
CA MET A 331 18.10 -12.75 53.13
C MET A 331 19.58 -12.77 53.50
N LEU A 332 20.06 -11.84 54.30
CA LEU A 332 21.43 -11.86 54.81
C LEU A 332 21.63 -12.98 55.84
N ALA A 333 21.94 -14.13 55.29
CA ALA A 333 22.14 -15.34 56.06
C ALA A 333 23.07 -16.30 55.33
N TYR A 334 23.92 -17.01 56.04
CA TYR A 334 24.69 -18.06 55.40
C TYR A 334 24.07 -19.42 55.56
N SER A 335 24.32 -20.26 54.57
CA SER A 335 23.83 -21.63 54.58
C SER A 335 24.41 -22.55 53.52
N ALA A 336 24.57 -23.83 53.81
CA ALA A 336 24.94 -24.81 52.78
C ALA A 336 23.64 -25.33 52.16
N ARG A 337 22.58 -25.33 52.99
CA ARG A 337 21.23 -25.67 52.56
C ARG A 337 20.33 -24.54 51.97
N ASN A 338 19.91 -23.50 52.69
CA ASN A 338 18.98 -22.48 52.18
C ASN A 338 19.32 -21.63 50.94
N ARG A 339 19.00 -22.00 49.69
CA ARG A 339 19.17 -21.08 48.54
C ARG A 339 17.92 -20.18 48.55
N SER A 340 18.14 -19.15 49.35
CA SER A 340 17.23 -18.08 49.77
C SER A 340 18.08 -17.16 50.67
N ALA A 341 19.06 -17.80 51.28
CA ALA A 341 20.17 -17.15 51.96
C ALA A 341 21.10 -16.57 50.90
N SER A 342 21.45 -15.30 51.06
CA SER A 342 22.34 -14.61 50.13
C SER A 342 23.82 -15.01 50.26
N ILE A 343 24.20 -15.71 51.32
CA ILE A 343 25.54 -16.23 51.46
C ILE A 343 25.44 -17.75 51.40
N ARG A 344 25.81 -18.37 50.30
CA ARG A 344 25.82 -19.83 50.17
C ARG A 344 27.22 -20.39 50.45
N ILE A 345 27.32 -21.41 51.29
CA ILE A 345 28.60 -22.07 51.53
C ILE A 345 28.55 -23.27 50.60
N PRO A 346 29.23 -23.23 49.44
CA PRO A 346 29.15 -24.27 48.41
C PRO A 346 29.65 -25.60 48.95
N VAL A 347 28.91 -26.66 48.67
CA VAL A 347 29.35 -27.98 49.10
C VAL A 347 30.45 -28.40 48.15
N VAL A 348 31.68 -28.04 48.56
CA VAL A 348 32.82 -28.39 47.74
C VAL A 348 33.07 -29.89 47.79
N ALA A 349 32.94 -30.53 48.98
CA ALA A 349 33.19 -31.97 49.26
C ALA A 349 34.65 -32.44 49.12
N SER A 350 35.17 -31.91 48.01
CA SER A 350 36.54 -31.83 47.56
C SER A 350 37.41 -31.10 48.63
N PRO A 351 38.68 -30.71 48.45
CA PRO A 351 39.58 -30.56 49.60
C PRO A 351 39.58 -29.32 50.52
N LYS A 352 39.85 -28.24 49.81
CA LYS A 352 40.28 -26.94 50.34
C LYS A 352 40.13 -25.85 49.25
N ALA A 353 39.41 -26.28 48.23
CA ALA A 353 38.58 -25.37 47.45
C ALA A 353 37.39 -24.84 48.31
N ARG A 354 37.41 -24.91 49.65
CA ARG A 354 36.44 -24.32 50.57
C ARG A 354 36.33 -22.81 50.35
N ARG A 355 35.13 -22.32 50.22
CA ARG A 355 34.92 -20.91 49.92
C ARG A 355 33.54 -20.40 50.32
N ILE A 356 33.33 -19.09 50.38
CA ILE A 356 31.95 -18.62 50.51
C ILE A 356 31.43 -18.08 49.17
N GLU A 357 30.13 -18.15 48.94
CA GLU A 357 29.56 -17.55 47.75
C GLU A 357 28.54 -16.47 48.09
N VAL A 358 28.79 -15.21 47.78
CA VAL A 358 27.78 -14.18 48.02
C VAL A 358 26.90 -14.06 46.76
N ARG A 359 25.64 -14.50 46.85
CA ARG A 359 24.72 -14.54 45.73
C ARG A 359 24.09 -13.23 45.26
N PHE A 360 24.10 -12.18 46.06
CA PHE A 360 23.40 -10.96 45.67
C PHE A 360 23.97 -9.95 44.69
N PRO A 361 25.25 -9.80 44.33
CA PRO A 361 25.69 -8.76 43.37
C PRO A 361 25.20 -9.01 41.94
N ASP A 362 25.26 -8.06 41.04
CA ASP A 362 24.85 -8.29 39.66
C ASP A 362 25.77 -7.73 38.57
N PRO A 363 25.78 -8.18 37.31
CA PRO A 363 26.71 -7.71 36.28
C PRO A 363 26.82 -6.20 36.15
N ALA A 364 25.86 -5.40 36.63
CA ALA A 364 25.97 -3.95 36.51
C ALA A 364 27.05 -3.33 37.41
N ALA A 365 27.48 -4.10 38.40
CA ALA A 365 28.48 -3.63 39.36
C ALA A 365 29.87 -3.36 38.80
N ASN A 366 30.53 -2.29 39.23
CA ASN A 366 31.90 -2.02 38.81
C ASN A 366 32.80 -3.11 39.42
N PRO A 367 33.37 -4.06 38.70
CA PRO A 367 33.96 -5.25 39.32
C PRO A 367 35.06 -4.87 40.30
N TYR A 368 35.82 -3.79 40.03
CA TYR A 368 36.85 -3.33 40.96
C TYR A 368 36.23 -2.87 42.27
N LEU A 369 35.39 -1.83 42.24
CA LEU A 369 34.75 -1.36 43.47
C LEU A 369 33.89 -2.42 44.18
N CYS A 370 33.17 -3.27 43.44
CA CYS A 370 32.35 -4.33 44.01
C CYS A 370 33.20 -5.34 44.77
N PHE A 371 34.28 -5.81 44.14
CA PHE A 371 35.17 -6.75 44.82
C PHE A 371 35.95 -6.13 45.98
N ALA A 372 36.53 -4.93 45.79
CA ALA A 372 37.17 -4.18 46.87
C ALA A 372 36.23 -4.04 48.07
N ALA A 373 35.00 -3.57 47.92
CA ALA A 373 34.03 -3.52 49.01
C ALA A 373 33.71 -4.89 49.63
N LEU A 374 33.48 -5.97 48.89
CA LEU A 374 33.29 -7.28 49.53
C LEU A 374 34.50 -7.66 50.39
N LEU A 375 35.73 -7.44 49.89
CA LEU A 375 36.96 -7.77 50.63
C LEU A 375 37.06 -6.91 51.88
N MET A 376 37.07 -5.57 51.80
CA MET A 376 37.08 -4.71 52.96
C MET A 376 36.01 -5.02 54.02
N ALA A 377 34.78 -5.39 53.63
CA ALA A 377 33.75 -5.81 54.58
C ALA A 377 34.13 -7.10 55.28
N GLY A 378 34.58 -8.08 54.49
CA GLY A 378 34.99 -9.37 55.01
C GLY A 378 36.18 -9.29 55.96
N LEU A 379 37.14 -8.42 55.68
CA LEU A 379 38.27 -8.21 56.59
C LEU A 379 37.76 -7.57 57.88
N ASP A 380 37.02 -6.46 57.85
CA ASP A 380 36.43 -5.90 59.07
C ASP A 380 35.69 -6.93 59.94
N GLY A 381 35.12 -7.98 59.36
CA GLY A 381 34.53 -9.07 60.15
C GLY A 381 35.59 -9.82 60.94
N ILE A 382 36.61 -10.34 60.23
CA ILE A 382 37.78 -11.00 60.82
C ILE A 382 38.42 -10.13 61.92
N LYS A 383 38.81 -8.95 61.47
CA LYS A 383 39.41 -7.92 62.30
C LYS A 383 38.68 -7.53 63.59
N ASN A 384 37.37 -7.76 63.65
CA ASN A 384 36.59 -7.51 64.85
C ASN A 384 35.78 -8.72 65.33
N LYS A 385 36.19 -9.97 64.99
CA LYS A 385 35.49 -11.20 65.41
C LYS A 385 33.95 -11.15 65.24
N ILE A 386 33.47 -10.38 64.25
CA ILE A 386 32.04 -10.21 64.00
C ILE A 386 31.43 -11.55 63.61
N HIS A 387 30.97 -12.24 64.64
CA HIS A 387 30.47 -13.58 64.46
C HIS A 387 29.12 -13.62 63.77
N PRO A 388 29.03 -14.28 62.62
CA PRO A 388 27.85 -14.30 61.76
C PRO A 388 26.58 -14.75 62.47
N GLY A 389 26.52 -15.96 63.02
CA GLY A 389 25.35 -16.37 63.79
C GLY A 389 25.10 -17.85 63.61
N GLU A 390 23.96 -18.19 63.03
CA GLU A 390 23.59 -19.57 62.76
C GLU A 390 22.95 -19.72 61.38
N PRO A 391 23.21 -20.80 60.66
CA PRO A 391 22.67 -21.05 59.33
C PRO A 391 21.18 -21.28 59.19
N MET A 392 20.50 -20.42 58.44
CA MET A 392 19.13 -20.69 58.05
C MET A 392 19.16 -21.90 57.10
N ASP A 393 18.49 -23.02 57.34
CA ASP A 393 18.55 -24.13 56.39
C ASP A 393 17.22 -24.62 55.81
N ILE A 407 15.37 -11.63 60.72
CA ILE A 407 16.40 -11.98 59.74
C ILE A 407 16.66 -10.87 58.70
N PRO A 408 17.84 -10.20 58.73
CA PRO A 408 18.10 -8.98 57.97
C PRO A 408 18.22 -9.13 56.46
N GLN A 409 17.92 -8.06 55.71
CA GLN A 409 17.94 -8.14 54.25
C GLN A 409 18.80 -7.09 53.57
N VAL A 410 19.14 -7.37 52.31
CA VAL A 410 19.86 -6.42 51.47
C VAL A 410 19.12 -5.09 51.31
N ALA A 411 19.77 -4.00 50.92
CA ALA A 411 19.06 -2.75 50.68
C ALA A 411 17.89 -2.93 49.72
N GLY A 412 16.73 -2.44 50.05
CA GLY A 412 15.56 -2.60 49.17
C GLY A 412 15.46 -1.61 48.02
N SER A 413 16.43 -0.71 47.89
CA SER A 413 16.46 0.25 46.80
C SER A 413 17.80 0.94 46.68
N LEU A 414 18.13 1.51 45.51
CA LEU A 414 19.39 2.21 45.36
C LEU A 414 19.52 3.37 46.33
N GLU A 415 18.42 4.08 46.63
CA GLU A 415 18.48 5.20 47.57
C GLU A 415 18.87 4.76 48.97
N GLU A 416 18.31 3.62 49.38
CA GLU A 416 18.66 3.01 50.65
C GLU A 416 20.12 2.61 50.65
N ALA A 417 20.55 1.85 49.65
CA ALA A 417 21.94 1.46 49.48
C ALA A 417 22.91 2.65 49.50
N LEU A 418 22.60 3.74 48.81
CA LEU A 418 23.44 4.92 48.82
C LEU A 418 23.48 5.56 50.20
N ASN A 419 22.37 5.72 50.93
CA ASN A 419 22.40 6.24 52.31
C ASN A 419 23.28 5.40 53.23
N ALA A 420 23.08 4.10 53.09
CA ALA A 420 23.86 3.11 53.80
C ALA A 420 25.36 3.21 53.51
N LEU A 421 25.80 3.33 52.26
CA LEU A 421 27.22 3.52 51.94
C LEU A 421 27.70 4.80 52.59
N ASP A 422 26.96 5.89 52.45
CA ASP A 422 27.28 7.17 53.06
C ASP A 422 27.47 7.12 54.57
N LEU A 423 26.69 6.32 55.29
CA LEU A 423 26.85 6.19 56.73
C LEU A 423 27.83 5.11 57.19
N ASP A 424 27.91 3.99 56.49
CA ASP A 424 28.79 2.88 56.83
C ASP A 424 30.13 2.94 56.08
N ARG A 425 30.51 4.18 55.83
CA ARG A 425 31.70 4.61 55.12
C ARG A 425 33.05 4.15 55.71
N GLU A 426 33.11 3.91 57.01
CA GLU A 426 34.36 3.58 57.69
C GLU A 426 35.17 2.37 57.23
N PHE A 427 34.52 1.21 57.09
CA PHE A 427 35.25 0.01 56.66
C PHE A 427 35.86 0.14 55.28
N LEU A 428 35.26 0.96 54.41
CA LEU A 428 35.86 1.18 53.10
C LEU A 428 37.10 2.06 53.23
N LYS A 429 37.16 3.05 54.12
CA LYS A 429 38.33 3.93 54.26
C LYS A 429 39.59 3.35 54.92
N ALA A 430 39.44 2.16 55.53
CA ALA A 430 40.56 1.44 56.11
C ALA A 430 41.79 1.29 55.21
N GLY A 431 42.91 1.78 55.71
CA GLY A 431 44.16 1.77 54.98
C GLY A 431 44.21 2.62 53.73
N GLY A 432 43.31 3.59 53.55
CA GLY A 432 43.39 4.46 52.38
C GLY A 432 42.77 3.91 51.10
N VAL A 433 42.26 2.67 51.16
CA VAL A 433 41.48 2.05 50.09
C VAL A 433 40.25 2.97 50.03
N PHE A 434 39.85 3.73 49.00
CA PHE A 434 38.66 4.60 49.10
C PHE A 434 38.77 5.82 50.01
N THR A 435 38.90 6.98 49.41
CA THR A 435 38.80 8.21 50.21
C THR A 435 37.35 8.71 50.37
N ASP A 436 37.10 9.65 51.28
CA ASP A 436 35.81 10.34 51.31
C ASP A 436 35.40 11.01 50.02
N GLU A 437 36.31 11.69 49.31
CA GLU A 437 35.97 12.32 48.02
C GLU A 437 35.48 11.26 47.03
N ALA A 438 36.20 10.13 47.02
CA ALA A 438 35.86 8.99 46.19
C ALA A 438 34.47 8.46 46.50
N ILE A 439 34.15 8.18 47.77
CA ILE A 439 32.83 7.74 48.17
C ILE A 439 31.76 8.81 47.89
N ASP A 440 31.97 10.06 48.25
CA ASP A 440 31.04 11.14 47.93
C ASP A 440 30.75 11.34 46.43
N ALA A 441 31.76 11.30 45.56
CA ALA A 441 31.56 11.46 44.12
C ALA A 441 30.78 10.30 43.51
N TYR A 442 31.04 9.10 44.05
CA TYR A 442 30.28 7.91 43.67
C TYR A 442 28.79 8.07 44.00
N ILE A 443 28.44 8.37 45.25
CA ILE A 443 27.04 8.58 45.62
C ILE A 443 26.41 9.68 44.78
N ALA A 444 27.12 10.79 44.52
CA ALA A 444 26.65 11.84 43.62
C ALA A 444 26.25 11.33 42.22
N LEU A 445 27.06 10.48 41.59
CA LEU A 445 26.71 9.89 40.30
C LEU A 445 25.46 9.03 40.42
N ARG A 446 25.46 8.04 41.31
CA ARG A 446 24.31 7.17 41.49
C ARG A 446 23.01 7.89 41.89
N ARG A 447 23.11 9.03 42.56
CA ARG A 447 21.92 9.78 42.91
C ARG A 447 21.22 10.44 41.73
N GLU A 448 22.01 11.01 40.81
CA GLU A 448 21.49 11.60 39.58
C GLU A 448 20.63 10.60 38.79
N GLU A 449 21.11 9.35 38.77
CA GLU A 449 20.44 8.26 38.10
C GLU A 449 19.18 7.88 38.81
N ASP A 450 19.27 7.71 40.13
CA ASP A 450 18.10 7.42 40.93
C ASP A 450 17.01 8.46 40.74
N ASP A 451 17.36 9.75 40.73
CA ASP A 451 16.39 10.82 40.49
C ASP A 451 15.66 10.76 39.17
N ARG A 452 16.36 10.50 38.07
CA ARG A 452 15.72 10.43 36.76
C ARG A 452 14.67 9.32 36.75
N VAL A 453 15.03 8.17 37.32
CA VAL A 453 14.07 7.08 37.46
C VAL A 453 12.90 7.45 38.41
N ARG A 454 13.15 8.20 39.50
CA ARG A 454 12.15 8.58 40.50
C ARG A 454 11.12 9.61 40.00
N MET A 455 11.56 10.56 39.17
CA MET A 455 10.74 11.65 38.64
C MET A 455 10.00 11.37 37.32
N THR A 456 10.37 10.33 36.59
CA THR A 456 9.74 10.01 35.31
C THR A 456 8.56 9.07 35.52
N PRO A 457 7.30 9.39 35.18
CA PRO A 457 6.20 8.46 35.36
C PRO A 457 6.38 7.15 34.63
N HIS A 458 6.03 6.09 35.35
CA HIS A 458 6.18 4.72 34.87
C HIS A 458 4.93 4.26 34.12
N PRO A 459 5.01 3.55 32.99
CA PRO A 459 3.85 2.94 32.35
C PRO A 459 2.88 2.20 33.26
N VAL A 460 3.20 1.29 34.20
CA VAL A 460 2.13 0.66 34.99
C VAL A 460 1.41 1.66 35.89
N GLU A 461 1.95 2.87 36.14
CA GLU A 461 1.18 3.87 36.88
C GLU A 461 -0.04 4.30 36.05
N PHE A 462 0.05 4.39 34.72
CA PHE A 462 -1.13 4.69 33.93
C PHE A 462 -2.12 3.56 34.03
N GLU A 463 -1.62 2.34 34.12
CA GLU A 463 -2.48 1.17 34.28
C GLU A 463 -3.24 1.18 35.61
N LEU A 464 -2.53 1.62 36.64
CA LEU A 464 -3.03 1.70 38.00
C LEU A 464 -3.87 2.93 38.36
N TYR A 465 -3.48 4.08 37.83
CA TYR A 465 -4.05 5.36 38.23
C TYR A 465 -4.68 6.25 37.16
N TYR A 466 -4.73 5.92 35.87
CA TYR A 466 -5.33 6.82 34.89
C TYR A 466 -6.80 7.08 35.17
N SER A 467 -7.59 6.06 35.49
CA SER A 467 -9.00 6.27 35.80
C SER A 467 -9.32 6.69 37.23
N VAL A 468 -8.37 7.30 37.95
CA VAL A 468 -8.58 7.84 39.27
C VAL A 468 -9.51 9.07 39.11
N SER B 1 35.40 -46.50 27.79
CA SER B 1 36.24 -46.24 28.98
C SER B 1 36.76 -44.80 29.01
N ALA B 2 37.19 -44.24 30.16
CA ALA B 2 37.79 -42.90 30.20
C ALA B 2 38.93 -42.72 29.18
N GLU B 3 39.81 -43.73 29.21
CA GLU B 3 40.95 -43.88 28.30
C GLU B 3 40.64 -43.60 26.82
N HIS B 4 39.55 -44.23 26.39
CA HIS B 4 39.01 -44.08 25.04
C HIS B 4 38.49 -42.67 24.73
N VAL B 5 37.73 -42.08 25.65
CA VAL B 5 37.22 -40.73 25.46
C VAL B 5 38.39 -39.76 25.29
N LEU B 6 39.36 -39.91 26.19
CA LEU B 6 40.59 -39.12 26.16
C LEU B 6 41.40 -39.22 24.88
N THR B 7 41.36 -40.34 24.16
CA THR B 7 42.02 -40.39 22.86
C THR B 7 41.16 -39.64 21.84
N MET B 8 39.84 -39.87 21.79
CA MET B 8 38.93 -39.18 20.86
C MET B 8 39.08 -37.67 20.86
N LEU B 9 39.28 -37.15 22.06
CA LEU B 9 39.56 -35.73 22.27
C LEU B 9 40.73 -35.26 21.41
N ASN B 10 41.86 -35.99 21.38
CA ASN B 10 42.98 -35.64 20.50
C ASN B 10 42.76 -36.04 19.04
N GLU B 11 42.19 -37.23 18.89
CA GLU B 11 41.86 -37.89 17.63
C GLU B 11 40.86 -37.13 16.75
N HIS B 12 40.18 -36.20 17.39
CA HIS B 12 39.20 -35.35 16.73
C HIS B 12 39.35 -33.85 16.98
N GLU B 13 40.40 -33.41 17.67
CA GLU B 13 40.60 -32.01 18.05
C GLU B 13 39.35 -31.32 18.61
N VAL B 14 38.77 -32.12 19.49
CA VAL B 14 37.56 -31.76 20.18
C VAL B 14 37.77 -30.50 21.02
N LYS B 15 37.07 -29.38 20.73
CA LYS B 15 37.20 -28.16 21.51
C LYS B 15 36.32 -28.11 22.76
N PHE B 16 35.20 -28.84 22.72
CA PHE B 16 34.23 -28.88 23.81
C PHE B 16 33.61 -30.24 24.05
N VAL B 17 33.17 -30.46 25.28
CA VAL B 17 32.46 -31.68 25.64
C VAL B 17 31.10 -31.29 26.18
N ASP B 18 30.06 -31.86 25.57
CA ASP B 18 28.70 -31.57 25.93
C ASP B 18 28.08 -32.59 26.88
N LEU B 19 27.92 -32.22 28.14
CA LEU B 19 27.30 -33.12 29.10
C LEU B 19 25.80 -33.13 28.97
N ARG B 20 25.23 -34.27 28.63
CA ARG B 20 23.79 -34.36 28.46
C ARG B 20 23.05 -35.29 29.40
N PHE B 21 21.85 -34.94 29.80
CA PHE B 21 21.00 -35.80 30.60
C PHE B 21 19.51 -35.62 30.30
N THR B 22 18.62 -36.51 30.69
CA THR B 22 17.18 -36.37 30.41
C THR B 22 16.42 -36.04 31.66
N ASP B 23 15.46 -35.12 31.64
CA ASP B 23 14.69 -34.81 32.84
C ASP B 23 13.45 -35.71 32.98
N THR B 24 12.59 -35.46 33.97
CA THR B 24 11.42 -36.30 34.20
C THR B 24 10.46 -36.28 33.04
N LYS B 25 10.22 -35.09 32.48
CA LYS B 25 9.38 -34.99 31.31
C LYS B 25 9.92 -35.66 30.06
N GLY B 26 11.23 -35.91 29.99
CA GLY B 26 11.81 -36.55 28.81
C GLY B 26 12.72 -35.68 27.94
N LYS B 27 12.77 -34.38 28.22
CA LYS B 27 13.60 -33.48 27.45
C LYS B 27 15.06 -33.55 27.86
N GLU B 28 15.87 -33.78 26.84
CA GLU B 28 17.31 -33.77 26.95
C GLU B 28 17.86 -32.37 27.24
N GLN B 29 18.48 -32.34 28.39
CA GLN B 29 19.21 -31.21 28.92
C GLN B 29 20.68 -31.30 28.58
N HIS B 30 21.40 -30.18 28.63
CA HIS B 30 22.83 -30.21 28.38
C HIS B 30 23.59 -29.00 28.95
N VAL B 31 24.84 -29.24 29.33
CA VAL B 31 25.75 -28.19 29.77
C VAL B 31 27.11 -28.45 29.11
N THR B 32 27.90 -27.43 28.78
CA THR B 32 29.13 -27.62 27.98
C THR B 32 30.40 -27.24 28.73
N ILE B 33 31.35 -28.15 28.70
CA ILE B 33 32.65 -28.02 29.33
C ILE B 33 33.69 -27.83 28.22
N PRO B 34 34.75 -27.03 28.34
CA PRO B 34 35.88 -27.02 27.41
C PRO B 34 36.59 -28.36 27.45
N ALA B 35 37.06 -28.94 26.33
CA ALA B 35 37.73 -30.25 26.35
C ALA B 35 38.85 -30.37 27.37
N HIS B 36 39.56 -29.26 27.54
CA HIS B 36 40.58 -29.16 28.57
C HIS B 36 40.15 -29.31 30.03
N GLN B 37 38.94 -29.72 30.35
CA GLN B 37 38.49 -29.97 31.72
C GLN B 37 38.18 -31.46 31.89
N VAL B 38 38.29 -32.20 30.78
CA VAL B 38 38.16 -33.63 30.81
C VAL B 38 39.55 -34.22 31.12
N ASN B 39 39.61 -34.80 32.32
CA ASN B 39 40.79 -35.48 32.85
C ASN B 39 40.36 -36.43 33.96
N ALA B 40 41.11 -37.45 34.35
CA ALA B 40 40.79 -38.40 35.44
C ALA B 40 39.67 -38.05 36.43
N GLU B 41 39.89 -36.97 37.21
CA GLU B 41 38.92 -36.35 38.15
C GLU B 41 37.46 -36.34 37.65
N PHE B 42 37.31 -35.90 36.40
CA PHE B 42 36.02 -35.84 35.70
C PHE B 42 35.33 -37.19 35.67
N PHE B 43 35.84 -38.20 34.96
CA PHE B 43 35.21 -39.53 34.93
C PHE B 43 35.15 -40.25 36.27
N GLU B 44 35.87 -39.70 37.25
CA GLU B 44 35.97 -40.26 38.58
C GLU B 44 34.85 -39.75 39.49
N GLU B 45 34.94 -38.46 39.80
CA GLU B 45 34.01 -37.78 40.68
C GLU B 45 32.95 -36.83 40.06
N GLY B 46 32.66 -37.04 38.78
CA GLY B 46 31.73 -36.22 38.00
C GLY B 46 31.86 -34.69 38.06
N LYS B 47 30.79 -33.99 37.69
CA LYS B 47 30.71 -32.53 37.78
C LYS B 47 29.43 -32.07 38.48
N MET B 48 29.54 -31.13 39.41
CA MET B 48 28.39 -30.65 40.18
C MET B 48 27.53 -29.66 39.40
N PHE B 49 26.21 -29.76 39.51
CA PHE B 49 25.37 -28.73 38.92
C PHE B 49 24.19 -28.41 39.83
N ASP B 50 23.54 -27.27 39.63
CA ASP B 50 22.32 -27.05 40.38
C ASP B 50 21.12 -27.75 39.76
N GLY B 51 20.91 -28.93 40.33
CA GLY B 51 19.75 -29.75 39.96
C GLY B 51 18.41 -29.12 40.32
N SER B 52 18.43 -28.22 41.30
CA SER B 52 17.22 -27.51 41.77
C SER B 52 16.29 -26.88 40.74
N SER B 53 16.81 -26.21 39.71
CA SER B 53 15.93 -25.64 38.70
C SER B 53 15.53 -26.58 37.57
N ILE B 54 15.85 -27.87 37.63
CA ILE B 54 15.31 -28.84 36.70
C ILE B 54 13.91 -29.24 37.22
N GLY B 55 12.92 -29.11 36.35
CA GLY B 55 11.54 -29.42 36.69
C GLY B 55 11.27 -30.80 37.28
N GLY B 56 10.80 -30.80 38.52
CA GLY B 56 10.45 -32.03 39.23
C GLY B 56 11.59 -32.63 40.07
N TRP B 57 12.70 -31.90 40.23
CA TRP B 57 13.84 -32.39 40.99
C TRP B 57 14.21 -31.69 42.30
N ASP B 64 22.11 -28.73 44.78
CA ASP B 64 23.24 -29.35 44.07
C ASP B 64 23.31 -30.87 43.98
N MET B 65 23.65 -31.29 42.77
CA MET B 65 23.70 -32.69 42.36
C MET B 65 24.92 -32.99 41.49
N VAL B 66 25.23 -34.27 41.26
CA VAL B 66 26.37 -34.54 40.40
C VAL B 66 26.09 -35.30 39.09
N LEU B 67 26.60 -34.69 38.02
CA LEU B 67 26.60 -35.27 36.68
C LEU B 67 27.74 -36.25 36.53
N MET B 68 27.41 -37.52 36.42
CA MET B 68 28.42 -38.55 36.27
C MET B 68 28.56 -39.05 34.85
N PRO B 69 29.61 -38.67 34.13
CA PRO B 69 29.78 -38.99 32.72
C PRO B 69 29.83 -40.48 32.41
N ASP B 70 28.96 -41.06 31.58
CA ASP B 70 29.10 -42.46 31.18
C ASP B 70 29.96 -42.55 29.91
N ALA B 71 31.25 -42.82 30.07
CA ALA B 71 32.18 -42.83 28.95
C ALA B 71 31.92 -43.78 27.80
N SER B 72 30.96 -44.70 27.97
CA SER B 72 30.58 -45.60 26.89
C SER B 72 29.78 -44.87 25.82
N THR B 73 29.07 -43.82 26.27
CA THR B 73 28.22 -43.02 25.41
C THR B 73 28.87 -41.95 24.54
N ALA B 74 30.19 -41.79 24.48
CA ALA B 74 30.79 -40.69 23.74
C ALA B 74 30.57 -40.68 22.24
N VAL B 75 29.91 -39.62 21.77
CA VAL B 75 29.65 -39.42 20.35
C VAL B 75 30.04 -38.03 19.89
N ILE B 76 30.56 -37.84 18.68
CA ILE B 76 30.85 -36.48 18.22
C ILE B 76 29.55 -35.84 17.71
N ASP B 77 29.26 -34.59 18.07
CA ASP B 77 28.03 -33.90 17.68
C ASP B 77 28.02 -33.48 16.22
N PRO B 78 27.13 -33.96 15.33
CA PRO B 78 27.22 -33.71 13.88
C PRO B 78 26.81 -32.31 13.48
N PHE B 79 26.36 -31.50 14.45
CA PHE B 79 25.83 -30.17 14.17
C PHE B 79 26.55 -28.96 14.74
N PHE B 80 27.08 -28.97 15.98
CA PHE B 80 27.71 -27.76 16.52
C PHE B 80 28.89 -27.29 15.65
N ALA B 81 29.12 -25.99 15.51
CA ALA B 81 30.21 -25.51 14.66
C ALA B 81 31.63 -25.85 15.09
N ASP B 82 31.85 -25.89 16.40
CA ASP B 82 33.15 -26.24 16.98
C ASP B 82 33.16 -27.71 17.38
N SER B 83 34.27 -28.43 17.19
CA SER B 83 34.29 -29.85 17.51
C SER B 83 33.90 -30.24 18.92
N THR B 84 32.74 -30.89 19.02
CA THR B 84 32.19 -31.25 20.31
C THR B 84 31.89 -32.72 20.53
N LEU B 85 32.30 -33.24 21.67
CA LEU B 85 32.06 -34.63 21.99
C LEU B 85 30.95 -34.68 23.01
N ILE B 86 29.83 -35.29 22.67
CA ILE B 86 28.69 -35.49 23.57
C ILE B 86 28.99 -36.64 24.52
N ILE B 87 28.75 -36.46 25.81
CA ILE B 87 28.84 -37.56 26.77
C ILE B 87 27.56 -37.58 27.59
N ARG B 88 26.81 -38.68 27.51
CA ARG B 88 25.59 -38.83 28.33
C ARG B 88 25.96 -38.96 29.80
N CYS B 89 25.18 -38.44 30.70
CA CYS B 89 25.48 -38.52 32.13
C CYS B 89 24.40 -39.15 32.99
N ASP B 90 24.73 -39.62 34.18
CA ASP B 90 23.71 -40.00 35.13
C ASP B 90 23.72 -39.00 36.25
N ILE B 91 22.55 -38.74 36.78
CA ILE B 91 22.43 -37.82 37.90
C ILE B 91 22.62 -38.61 39.19
N LEU B 92 23.69 -38.33 39.91
CA LEU B 92 23.90 -39.01 41.18
C LEU B 92 23.72 -38.08 42.35
N GLU B 93 23.32 -38.77 43.41
CA GLU B 93 23.15 -38.13 44.71
C GLU B 93 24.55 -37.80 45.26
N PRO B 94 24.87 -36.54 45.59
CA PRO B 94 26.26 -36.06 45.72
C PRO B 94 27.07 -36.58 46.90
N GLY B 95 28.38 -36.81 46.72
CA GLY B 95 29.25 -37.38 47.77
C GLY B 95 29.01 -38.87 47.96
N THR B 96 27.81 -39.16 48.46
CA THR B 96 27.25 -40.51 48.62
C THR B 96 27.14 -41.35 47.34
N LEU B 97 27.08 -40.63 46.21
CA LEU B 97 27.16 -41.14 44.83
C LEU B 97 26.36 -42.35 44.33
N GLN B 98 25.07 -42.34 44.62
CA GLN B 98 24.21 -43.47 44.29
C GLN B 98 23.27 -43.30 43.09
N GLY B 99 22.81 -42.09 42.80
CA GLY B 99 21.95 -41.96 41.63
C GLY B 99 20.53 -41.59 42.01
N TYR B 100 20.18 -40.35 41.70
CA TYR B 100 18.89 -39.72 41.99
C TYR B 100 17.69 -40.66 41.76
N ASP B 101 16.82 -41.01 42.71
CA ASP B 101 15.74 -42.00 42.42
C ASP B 101 14.53 -41.53 41.61
N ARG B 102 14.80 -40.35 41.08
CA ARG B 102 13.96 -39.50 40.26
C ARG B 102 14.64 -39.22 38.88
N ASP B 103 15.89 -39.64 38.72
CA ASP B 103 16.62 -39.55 37.46
C ASP B 103 16.15 -40.69 36.55
N PRO B 104 15.49 -40.42 35.43
CA PRO B 104 14.94 -41.45 34.56
C PRO B 104 15.98 -42.43 34.03
N ARG B 105 17.24 -42.06 33.76
CA ARG B 105 18.19 -43.04 33.27
C ARG B 105 18.52 -44.04 34.37
N SER B 106 18.78 -43.55 35.59
CA SER B 106 18.96 -44.45 36.74
C SER B 106 17.79 -45.41 36.90
N ILE B 107 16.55 -44.92 36.94
CA ILE B 107 15.38 -45.80 36.96
C ILE B 107 15.42 -46.85 35.82
N ALA B 108 15.82 -46.53 34.60
CA ALA B 108 15.90 -47.52 33.53
C ALA B 108 16.93 -48.59 33.86
N LYS B 109 18.12 -48.16 34.31
CA LYS B 109 19.18 -49.09 34.68
C LYS B 109 18.76 -50.01 35.82
N ARG B 110 18.06 -49.48 36.81
CA ARG B 110 17.49 -50.29 37.88
C ARG B 110 16.52 -51.33 37.37
N ALA B 111 15.58 -50.98 36.49
CA ALA B 111 14.68 -51.95 35.91
C ALA B 111 15.42 -53.07 35.18
N GLU B 112 16.55 -52.78 34.52
CA GLU B 112 17.33 -53.82 33.88
C GLU B 112 18.00 -54.75 34.90
N ASP B 113 18.64 -54.19 35.94
CA ASP B 113 19.19 -55.02 37.01
C ASP B 113 18.15 -55.84 37.77
N TYR B 114 16.99 -55.28 38.11
CA TYR B 114 15.91 -56.04 38.71
C TYR B 114 15.52 -57.23 37.83
N LEU B 115 15.49 -57.10 36.50
CA LEU B 115 15.21 -58.22 35.60
C LEU B 115 16.23 -59.33 35.81
N ARG B 116 17.51 -58.94 35.91
CA ARG B 116 18.59 -59.88 36.19
C ARG B 116 18.46 -60.57 37.54
N ALA B 117 18.19 -59.78 38.59
CA ALA B 117 17.97 -60.29 39.94
C ALA B 117 16.78 -61.25 40.07
N THR B 118 15.76 -61.11 39.23
CA THR B 118 14.66 -62.08 39.23
C THR B 118 15.02 -63.34 38.47
N GLY B 119 16.10 -63.32 37.68
CA GLY B 119 16.51 -64.46 36.89
C GLY B 119 15.54 -64.90 35.77
N ILE B 120 14.47 -64.13 35.52
CA ILE B 120 13.51 -64.47 34.48
C ILE B 120 14.16 -64.37 33.10
N ALA B 121 15.10 -63.44 32.93
CA ALA B 121 15.92 -63.32 31.73
C ALA B 121 17.16 -62.47 31.98
N ASP B 122 18.14 -62.48 31.07
CA ASP B 122 19.34 -61.64 31.25
C ASP B 122 19.17 -60.27 30.61
N THR B 123 18.49 -60.25 29.47
CA THR B 123 18.27 -58.98 28.76
C THR B 123 16.88 -58.66 28.23
N VAL B 124 16.51 -57.37 28.30
CA VAL B 124 15.27 -56.88 27.68
C VAL B 124 15.58 -56.19 26.37
N LEU B 125 14.92 -56.60 25.31
CA LEU B 125 15.08 -55.93 24.04
C LEU B 125 13.87 -55.10 23.61
N PHE B 126 14.14 -53.82 23.43
CA PHE B 126 13.18 -52.83 22.96
C PHE B 126 13.43 -52.29 21.56
N GLY B 127 12.34 -52.17 20.84
CA GLY B 127 12.35 -51.65 19.48
C GLY B 127 11.20 -50.65 19.26
N PRO B 128 11.39 -49.39 19.64
CA PRO B 128 10.40 -48.33 19.49
C PRO B 128 10.22 -47.89 18.04
N GLU B 129 9.01 -47.62 17.57
CA GLU B 129 8.83 -47.14 16.19
C GLU B 129 8.31 -45.69 16.22
N PRO B 130 9.10 -44.66 16.57
CA PRO B 130 8.66 -43.29 16.74
C PRO B 130 8.29 -42.60 15.45
N GLU B 131 7.14 -41.95 15.40
CA GLU B 131 6.80 -41.17 14.23
C GLU B 131 6.86 -39.68 14.52
N PHE B 132 7.08 -38.89 13.49
CA PHE B 132 7.16 -37.46 13.68
C PHE B 132 6.50 -36.69 12.56
N PHE B 133 6.26 -35.41 12.82
CA PHE B 133 5.77 -34.52 11.78
C PHE B 133 6.82 -33.50 11.42
N LEU B 134 6.89 -33.15 10.16
CA LEU B 134 7.86 -32.19 9.64
C LEU B 134 7.14 -31.00 8.99
N PHE B 135 6.88 -29.94 9.74
CA PHE B 135 6.16 -28.77 9.26
C PHE B 135 7.06 -27.62 8.80
N ASP B 136 6.57 -26.56 8.12
CA ASP B 136 7.35 -25.37 7.74
C ASP B 136 7.11 -24.22 8.70
N ASP B 137 5.90 -24.14 9.22
CA ASP B 137 5.50 -23.05 10.09
C ASP B 137 4.51 -23.52 11.14
N ILE B 138 4.80 -23.20 12.39
CA ILE B 138 3.88 -23.53 13.46
C ILE B 138 3.75 -22.28 14.35
N ARG B 139 2.55 -21.74 14.41
CA ARG B 139 2.27 -20.61 15.27
C ARG B 139 1.16 -20.96 16.22
N PHE B 140 1.32 -20.55 17.46
CA PHE B 140 0.26 -20.74 18.43
C PHE B 140 0.33 -19.76 19.58
N GLY B 141 -0.68 -19.69 20.41
CA GLY B 141 -0.66 -18.81 21.58
C GLY B 141 -2.00 -18.79 22.27
N ALA B 142 -1.95 -18.45 23.54
CA ALA B 142 -3.12 -18.34 24.40
C ALA B 142 -2.91 -17.09 25.25
N SER B 143 -3.97 -16.30 25.39
CA SER B 143 -4.00 -15.03 26.11
C SER B 143 -5.40 -14.85 26.70
N ILE B 144 -5.67 -13.90 27.60
CA ILE B 144 -7.03 -13.68 28.09
C ILE B 144 -8.07 -13.49 26.99
N SER B 145 -7.76 -12.78 25.92
CA SER B 145 -8.70 -12.48 24.85
C SER B 145 -8.85 -13.57 23.80
N GLY B 146 -8.19 -14.72 24.00
CA GLY B 146 -8.32 -15.81 23.05
C GLY B 146 -7.12 -16.78 22.95
N SER B 147 -7.20 -17.65 21.96
CA SER B 147 -6.12 -18.62 21.75
C SER B 147 -6.13 -19.20 20.35
N HIS B 148 -5.00 -19.70 19.87
CA HIS B 148 -4.91 -20.23 18.52
C HIS B 148 -3.72 -21.13 18.28
N VAL B 149 -3.85 -21.96 17.27
CA VAL B 149 -2.73 -22.71 16.71
C VAL B 149 -2.98 -22.79 15.20
N ALA B 150 -1.88 -22.63 14.48
CA ALA B 150 -1.85 -22.59 13.04
C ALA B 150 -0.67 -23.42 12.54
N ILE B 151 -0.98 -24.50 11.85
CA ILE B 151 0.01 -25.45 11.32
C ILE B 151 0.16 -25.21 9.84
N ASP B 152 1.39 -25.17 9.37
CA ASP B 152 1.58 -25.09 7.95
C ASP B 152 2.81 -25.80 7.42
N ASP B 153 2.52 -26.49 6.33
CA ASP B 153 3.51 -27.21 5.57
C ASP B 153 3.14 -27.31 4.09
N ILE B 154 4.17 -27.29 3.27
CA ILE B 154 4.04 -27.37 1.82
C ILE B 154 3.24 -28.59 1.36
N GLU B 155 3.34 -29.67 2.11
CA GLU B 155 2.60 -30.90 1.81
C GLU B 155 1.17 -30.93 2.37
N GLY B 156 0.71 -29.85 2.99
CA GLY B 156 -0.58 -29.88 3.64
C GLY B 156 -1.62 -29.91 2.57
N ALA B 157 -2.51 -30.90 2.54
CA ALA B 157 -3.53 -30.96 1.51
C ALA B 157 -4.30 -29.64 1.36
N TRP B 158 -4.43 -28.93 2.46
CA TRP B 158 -5.05 -27.62 2.42
C TRP B 158 -4.32 -26.61 1.56
N ASN B 159 -3.05 -26.74 1.19
CA ASN B 159 -2.40 -25.77 0.33
C ASN B 159 -2.64 -25.88 -1.17
N SER B 160 -3.53 -26.81 -1.55
CA SER B 160 -3.91 -26.96 -2.97
C SER B 160 -4.45 -25.69 -3.62
N SER B 161 -5.04 -24.84 -2.78
CA SER B 161 -5.59 -23.55 -3.20
C SER B 161 -4.68 -22.34 -3.08
N THR B 162 -3.56 -22.55 -2.40
CA THR B 162 -2.59 -21.50 -2.07
C THR B 162 -1.79 -20.86 -3.17
N LYS B 163 -1.73 -19.53 -3.21
CA LYS B 163 -0.84 -18.86 -4.14
C LYS B 163 0.58 -18.85 -3.57
N TYR B 164 1.54 -19.35 -4.36
CA TYR B 164 2.90 -19.41 -3.87
C TYR B 164 3.98 -18.55 -4.52
N GLU B 165 3.83 -17.79 -5.59
CA GLU B 165 4.88 -16.94 -6.21
C GLU B 165 6.04 -17.67 -6.89
N GLY B 166 6.38 -18.87 -6.45
CA GLY B 166 7.11 -19.76 -7.34
C GLY B 166 6.16 -20.40 -8.38
N GLY B 167 4.92 -20.55 -7.94
CA GLY B 167 3.89 -21.27 -8.67
C GLY B 167 3.36 -22.36 -7.73
N ASN B 168 2.21 -23.03 -7.87
CA ASN B 168 1.83 -23.95 -6.81
C ASN B 168 2.32 -25.37 -7.06
N LYS B 169 2.47 -25.88 -8.26
CA LYS B 169 2.98 -27.26 -8.48
C LYS B 169 2.16 -28.46 -7.99
N GLY B 170 1.21 -28.31 -7.06
CA GLY B 170 0.13 -29.27 -6.79
C GLY B 170 0.36 -30.76 -6.47
N HIS B 171 1.56 -31.32 -6.45
CA HIS B 171 1.70 -32.70 -6.04
C HIS B 171 1.85 -32.67 -4.53
N ARG B 172 0.93 -33.28 -3.80
CA ARG B 172 0.90 -33.14 -2.35
C ARG B 172 0.16 -34.35 -1.73
N PRO B 173 0.50 -34.95 -0.60
CA PRO B 173 -0.29 -36.03 -0.03
C PRO B 173 -1.66 -35.57 0.43
N GLY B 174 -2.75 -36.16 -0.05
CA GLY B 174 -4.09 -35.82 0.47
C GLY B 174 -4.31 -36.15 1.96
N VAL B 175 -5.45 -35.96 2.68
CA VAL B 175 -5.38 -36.19 4.14
C VAL B 175 -4.97 -37.60 4.56
N LYS B 176 -5.50 -38.76 4.18
CA LYS B 176 -4.82 -40.00 4.65
C LYS B 176 -3.91 -40.68 3.62
N GLY B 177 -3.40 -39.84 2.72
CA GLY B 177 -2.67 -40.31 1.55
C GLY B 177 -1.16 -40.10 1.53
N GLY B 178 -0.55 -39.86 2.68
CA GLY B 178 0.90 -39.72 2.75
C GLY B 178 1.63 -41.06 2.69
N TYR B 179 0.87 -42.15 2.84
CA TYR B 179 1.42 -43.48 2.77
C TYR B 179 1.68 -44.08 1.39
N PHE B 180 2.95 -43.72 1.23
CA PHE B 180 3.95 -44.11 0.24
C PHE B 180 4.20 -43.56 -1.15
N PRO B 181 3.52 -42.56 -1.70
CA PRO B 181 3.70 -42.16 -3.10
C PRO B 181 5.12 -41.65 -3.37
N VAL B 182 5.66 -41.92 -4.55
CA VAL B 182 7.01 -41.45 -4.86
C VAL B 182 7.08 -39.92 -4.97
N PRO B 183 8.25 -39.30 -4.85
CA PRO B 183 8.46 -37.91 -5.26
C PRO B 183 7.88 -37.55 -6.64
N PRO B 184 7.42 -36.32 -6.92
CA PRO B 184 7.35 -35.23 -5.96
C PRO B 184 6.25 -35.18 -4.90
N VAL B 185 5.32 -36.13 -4.79
CA VAL B 185 4.26 -36.08 -3.75
C VAL B 185 4.92 -36.19 -2.37
N ASP B 186 5.92 -37.03 -2.24
CA ASP B 186 6.66 -37.12 -1.00
C ASP B 186 7.81 -36.13 -1.09
N SER B 187 7.65 -34.99 -0.44
CA SER B 187 8.72 -33.98 -0.42
C SER B 187 9.95 -34.32 0.41
N ALA B 188 9.88 -35.28 1.33
CA ALA B 188 10.98 -35.49 2.26
C ALA B 188 12.02 -36.60 2.05
N GLN B 189 12.16 -37.16 0.83
CA GLN B 189 13.15 -38.22 0.60
C GLN B 189 14.57 -37.87 1.02
N ASP B 190 15.10 -36.73 0.55
CA ASP B 190 16.41 -36.28 1.01
C ASP B 190 16.47 -35.93 2.48
N ILE B 191 15.44 -35.35 3.11
CA ILE B 191 15.50 -35.02 4.54
C ILE B 191 15.52 -36.32 5.33
N ARG B 192 14.69 -37.31 5.04
CA ARG B 192 14.77 -38.57 5.77
C ARG B 192 16.09 -39.33 5.52
N SER B 193 16.60 -39.44 4.29
CA SER B 193 17.89 -40.12 4.07
C SER B 193 19.04 -39.49 4.84
N GLU B 194 19.06 -38.16 4.88
CA GLU B 194 20.02 -37.40 5.66
C GLU B 194 19.92 -37.66 7.15
N MET B 195 18.67 -37.75 7.64
CA MET B 195 18.41 -38.12 9.03
C MET B 195 18.97 -39.52 9.29
N CYS B 196 18.81 -40.44 8.33
CA CYS B 196 19.34 -41.77 8.48
C CYS B 196 20.86 -41.76 8.56
N LEU B 197 21.53 -41.07 7.65
CA LEU B 197 22.98 -40.98 7.67
C LEU B 197 23.48 -40.32 8.96
N VAL B 198 22.93 -39.21 9.44
CA VAL B 198 23.42 -38.63 10.68
C VAL B 198 23.12 -39.55 11.88
N MET B 199 22.00 -40.30 11.91
CA MET B 199 21.74 -41.20 13.03
C MET B 199 22.79 -42.30 13.13
N GLU B 200 23.17 -42.85 11.98
CA GLU B 200 24.20 -43.87 11.97
C GLU B 200 25.55 -43.33 12.40
N GLN B 201 25.89 -42.11 11.99
CA GLN B 201 27.10 -41.43 12.42
C GLN B 201 27.13 -41.22 13.95
N MET B 202 25.95 -41.27 14.57
CA MET B 202 25.82 -41.16 16.02
C MET B 202 25.60 -42.50 16.71
N GLY B 203 25.73 -43.56 15.93
CA GLY B 203 25.70 -44.91 16.45
C GLY B 203 24.39 -45.68 16.37
N LEU B 204 23.44 -45.23 15.59
CA LEU B 204 22.19 -45.96 15.51
C LEU B 204 22.18 -46.82 14.27
N VAL B 205 21.36 -47.87 14.18
CA VAL B 205 21.32 -48.58 12.92
C VAL B 205 19.97 -48.45 12.26
N VAL B 206 19.93 -47.73 11.17
CA VAL B 206 18.68 -47.55 10.45
C VAL B 206 18.31 -48.83 9.70
N GLU B 207 17.04 -49.17 9.73
CA GLU B 207 16.49 -50.30 9.00
C GLU B 207 15.67 -49.91 7.78
N ALA B 208 14.93 -48.81 7.92
CA ALA B 208 14.11 -48.27 6.84
C ALA B 208 13.65 -46.85 7.10
N HIS B 209 13.34 -46.05 6.10
CA HIS B 209 12.72 -44.76 6.34
C HIS B 209 11.65 -44.56 5.31
N HIS B 210 10.51 -44.03 5.73
CA HIS B 210 9.44 -43.76 4.79
C HIS B 210 8.48 -42.69 5.28
N HIS B 211 7.71 -42.15 4.34
CA HIS B 211 6.64 -41.21 4.68
C HIS B 211 5.52 -41.95 5.39
N GLU B 212 4.85 -41.33 6.37
CA GLU B 212 3.72 -41.97 7.02
C GLU B 212 2.37 -41.57 6.47
N VAL B 213 1.26 -41.98 7.06
CA VAL B 213 -0.08 -41.80 6.50
C VAL B 213 -0.57 -40.39 6.34
N ALA B 214 -0.25 -39.51 7.27
CA ALA B 214 -0.76 -38.17 7.21
C ALA B 214 -0.23 -37.20 6.15
N THR B 215 -1.13 -36.35 5.66
CA THR B 215 -0.77 -35.18 4.86
C THR B 215 0.12 -34.25 5.69
N ALA B 216 0.67 -33.15 5.20
CA ALA B 216 1.46 -32.23 6.04
C ALA B 216 2.66 -32.78 6.81
N GLY B 217 3.36 -33.69 6.14
CA GLY B 217 4.69 -34.14 6.61
C GLY B 217 4.82 -35.22 7.68
N GLN B 218 4.00 -36.28 7.74
CA GLN B 218 4.27 -37.31 8.72
C GLN B 218 5.37 -38.24 8.21
N ASN B 219 6.37 -38.56 9.01
CA ASN B 219 7.50 -39.39 8.60
C ASN B 219 7.96 -40.40 9.64
N GLU B 220 8.74 -41.38 9.19
CA GLU B 220 9.24 -42.42 10.07
C GLU B 220 10.60 -42.94 9.64
N VAL B 221 11.53 -42.88 10.58
CA VAL B 221 12.81 -43.51 10.38
C VAL B 221 12.84 -44.71 11.32
N ALA B 222 12.80 -45.92 10.79
CA ALA B 222 12.81 -47.16 11.54
C ALA B 222 14.24 -47.52 11.94
N THR B 223 14.43 -47.89 13.19
CA THR B 223 15.77 -48.07 13.71
C THR B 223 15.98 -49.39 14.48
N ARG B 224 17.08 -50.16 14.28
CA ARG B 224 17.36 -51.43 14.95
C ARG B 224 17.42 -51.35 16.47
N PHE B 225 16.77 -52.38 16.99
CA PHE B 225 16.57 -52.59 18.42
C PHE B 225 17.79 -52.52 19.30
N ASN B 226 17.49 -52.52 20.57
CA ASN B 226 18.54 -52.58 21.57
C ASN B 226 18.05 -53.00 22.94
N THR B 227 18.99 -53.07 23.86
CA THR B 227 18.61 -53.35 25.23
C THR B 227 17.93 -52.10 25.76
N MET B 228 16.97 -52.25 26.65
CA MET B 228 16.23 -51.11 27.20
C MET B 228 16.97 -49.79 27.48
N THR B 229 17.80 -49.58 28.49
CA THR B 229 18.45 -48.28 28.68
C THR B 229 19.27 -47.81 27.48
N LYS B 230 19.88 -48.68 26.69
CA LYS B 230 20.65 -48.21 25.54
C LYS B 230 19.70 -47.68 24.47
N LYS B 231 18.58 -48.35 24.28
CA LYS B 231 17.57 -47.94 23.33
C LYS B 231 16.89 -46.64 23.74
N ALA B 232 16.60 -46.49 25.03
CA ALA B 232 16.07 -45.25 25.56
C ALA B 232 17.01 -44.08 25.26
N ASP B 233 18.34 -44.23 25.41
CA ASP B 233 19.28 -43.19 24.95
C ASP B 233 19.24 -43.04 23.42
N GLU B 234 19.13 -44.13 22.66
CA GLU B 234 19.01 -44.01 21.21
C GLU B 234 17.76 -43.24 20.79
N ILE B 235 16.66 -43.28 21.55
CA ILE B 235 15.50 -42.46 21.27
C ILE B 235 15.86 -41.00 21.53
N GLN B 236 16.58 -40.65 22.60
CA GLN B 236 17.04 -39.28 22.80
C GLN B 236 17.96 -38.81 21.67
N ILE B 237 18.87 -39.60 21.11
CA ILE B 237 19.64 -39.20 19.93
C ILE B 237 18.75 -39.11 18.70
N TYR B 238 17.83 -40.06 18.49
CA TYR B 238 16.87 -40.09 17.38
C TYR B 238 16.13 -38.76 17.28
N LYS B 239 15.50 -38.41 18.40
CA LYS B 239 14.82 -37.14 18.51
C LYS B 239 15.73 -35.94 18.25
N TYR B 240 16.97 -35.93 18.74
CA TYR B 240 17.89 -34.81 18.53
C TYR B 240 18.27 -34.64 17.07
N VAL B 241 18.56 -35.72 16.38
CA VAL B 241 18.87 -35.68 14.95
C VAL B 241 17.63 -35.23 14.17
N VAL B 242 16.44 -35.79 14.41
CA VAL B 242 15.23 -35.34 13.70
C VAL B 242 14.99 -33.85 13.91
N HIS B 243 15.04 -33.36 15.15
CA HIS B 243 14.88 -31.93 15.41
C HIS B 243 15.94 -31.07 14.72
N ASN B 244 17.23 -31.42 14.74
CA ASN B 244 18.24 -30.59 14.09
C ASN B 244 18.43 -30.75 12.59
N VAL B 245 18.28 -31.91 11.96
CA VAL B 245 18.36 -32.03 10.52
C VAL B 245 17.17 -31.29 9.91
N ALA B 246 15.97 -31.46 10.47
CA ALA B 246 14.80 -30.72 10.02
C ALA B 246 15.06 -29.21 10.02
N HIS B 247 15.66 -28.79 11.13
CA HIS B 247 16.05 -27.40 11.27
C HIS B 247 17.03 -26.92 10.20
N ARG B 248 18.06 -27.72 9.86
CA ARG B 248 19.01 -27.37 8.80
C ARG B 248 18.31 -27.25 7.45
N PHE B 249 17.29 -28.06 7.25
CA PHE B 249 16.46 -28.03 6.05
C PHE B 249 15.38 -26.97 6.00
N GLY B 250 15.26 -26.13 7.04
CA GLY B 250 14.25 -25.07 7.09
C GLY B 250 12.88 -25.53 7.57
N LYS B 251 12.83 -26.78 8.01
CA LYS B 251 11.63 -27.34 8.57
C LYS B 251 11.67 -27.29 10.09
N THR B 252 10.53 -27.62 10.67
CA THR B 252 10.41 -27.77 12.12
C THR B 252 9.77 -29.13 12.39
N ALA B 253 10.41 -29.96 13.19
CA ALA B 253 9.84 -31.27 13.47
C ALA B 253 9.22 -31.32 14.83
N THR B 254 8.18 -32.14 14.93
CA THR B 254 7.53 -32.34 16.22
C THR B 254 7.14 -33.77 16.52
N PHE B 255 7.41 -34.15 17.77
CA PHE B 255 7.00 -35.48 18.20
C PHE B 255 5.66 -35.47 18.95
N MET B 256 4.84 -34.41 18.92
CA MET B 256 3.61 -34.43 19.72
C MET B 256 2.60 -35.37 19.07
N PRO B 257 1.85 -36.12 19.88
CA PRO B 257 1.07 -37.28 19.45
C PRO B 257 0.01 -36.99 18.39
N LYS B 258 -0.68 -35.87 18.59
CA LYS B 258 -1.81 -35.48 17.76
C LYS B 258 -1.87 -33.98 17.39
N PRO B 259 -1.11 -33.47 16.42
CA PRO B 259 -1.08 -32.06 16.09
C PRO B 259 -2.27 -31.64 15.24
N MET B 260 -2.83 -32.54 14.45
CA MET B 260 -3.96 -32.22 13.58
C MET B 260 -5.16 -33.12 13.81
N PHE B 261 -6.34 -32.56 14.00
CA PHE B 261 -7.56 -33.36 14.04
C PHE B 261 -7.95 -33.81 12.62
N GLY B 262 -8.39 -35.04 12.42
CA GLY B 262 -8.86 -35.41 11.08
C GLY B 262 -7.87 -36.13 10.19
N ASP B 263 -6.71 -36.38 10.78
CA ASP B 263 -5.69 -37.16 10.14
C ASP B 263 -4.84 -37.88 11.17
N ASN B 264 -3.98 -38.77 10.72
CA ASN B 264 -3.13 -39.55 11.60
C ASN B 264 -2.33 -38.81 12.69
N GLY B 265 -2.16 -39.56 13.77
CA GLY B 265 -1.33 -39.13 14.88
C GLY B 265 0.00 -39.87 14.84
N SER B 266 0.95 -39.32 15.56
CA SER B 266 2.25 -39.94 15.66
C SER B 266 2.29 -40.82 16.92
N GLY B 267 2.37 -42.12 16.69
CA GLY B 267 2.58 -43.06 17.78
C GLY B 267 4.00 -43.63 17.83
N MET B 268 4.42 -44.15 18.96
CA MET B 268 5.72 -44.79 19.11
C MET B 268 5.47 -46.21 19.61
N HIS B 269 5.29 -47.17 18.71
CA HIS B 269 5.01 -48.53 19.15
C HIS B 269 6.25 -49.21 19.69
N CYS B 270 6.13 -49.83 20.84
CA CYS B 270 7.25 -50.58 21.38
C CYS B 270 7.24 -52.08 21.09
N HIS B 271 8.14 -52.55 20.26
CA HIS B 271 8.39 -53.98 20.15
C HIS B 271 9.22 -54.45 21.34
N MET B 272 8.75 -55.46 22.04
CA MET B 272 9.49 -56.01 23.15
C MET B 272 9.74 -57.50 23.06
N SER B 273 10.88 -57.84 23.64
CA SER B 273 11.26 -59.23 23.80
C SER B 273 12.20 -59.51 24.95
N LEU B 274 12.10 -60.70 25.51
CA LEU B 274 13.00 -61.09 26.59
C LEU B 274 13.96 -62.21 26.24
N ALA B 275 15.17 -62.14 26.76
CA ALA B 275 16.15 -63.20 26.50
C ALA B 275 17.02 -63.67 27.66
N LYS B 276 17.07 -64.98 27.82
CA LYS B 276 17.93 -65.63 28.82
C LYS B 276 18.99 -66.39 28.06
N ASN B 277 20.22 -66.44 28.52
CA ASN B 277 21.36 -67.08 27.85
C ASN B 277 21.32 -67.27 26.33
N GLY B 278 21.21 -66.12 25.65
CA GLY B 278 21.16 -66.06 24.19
C GLY B 278 19.91 -66.64 23.51
N THR B 279 18.84 -66.89 24.27
CA THR B 279 17.61 -67.44 23.73
C THR B 279 16.37 -66.64 24.06
N ASN B 280 15.54 -66.57 23.03
CA ASN B 280 14.31 -65.79 23.11
C ASN B 280 13.16 -66.43 23.86
N LEU B 281 13.05 -66.08 25.13
CA LEU B 281 11.94 -66.52 25.98
C LEU B 281 10.53 -66.27 25.45
N PHE B 282 10.35 -65.34 24.52
CA PHE B 282 9.03 -65.10 23.98
C PHE B 282 8.67 -66.09 22.90
N SER B 283 9.65 -66.74 22.27
CA SER B 283 9.33 -67.80 21.33
C SER B 283 8.91 -69.08 22.03
N GLY B 284 8.14 -69.90 21.35
CA GLY B 284 7.65 -71.14 21.91
C GLY B 284 6.49 -71.72 21.11
N ASP B 285 5.71 -72.51 21.81
CA ASP B 285 4.47 -73.07 21.28
C ASP B 285 3.30 -72.08 21.40
N LYS B 286 2.16 -72.35 22.08
CA LYS B 286 1.06 -71.40 22.30
C LYS B 286 0.57 -70.47 21.15
N TYR B 287 -0.24 -69.42 21.36
CA TYR B 287 -0.68 -68.54 20.27
C TYR B 287 0.43 -67.93 19.41
N ALA B 288 0.37 -68.19 18.11
CA ALA B 288 1.32 -67.65 17.14
C ALA B 288 2.83 -67.67 17.43
N GLY B 289 3.33 -68.83 17.88
CA GLY B 289 4.76 -68.98 18.18
C GLY B 289 5.17 -68.46 19.55
N LEU B 290 4.20 -68.01 20.34
CA LEU B 290 4.55 -67.47 21.63
C LEU B 290 4.72 -68.45 22.78
N SER B 291 5.61 -68.16 23.71
CA SER B 291 5.68 -68.97 24.93
C SER B 291 4.59 -68.62 25.96
N GLU B 292 4.38 -69.49 26.95
CA GLU B 292 3.47 -69.19 28.06
C GLU B 292 4.01 -67.99 28.88
N GLN B 293 5.35 -67.88 28.86
CA GLN B 293 6.14 -66.82 29.49
C GLN B 293 5.76 -65.45 28.92
N ALA B 294 5.71 -65.41 27.59
CA ALA B 294 5.30 -64.26 26.81
C ALA B 294 3.83 -63.88 27.06
N LEU B 295 2.93 -64.85 27.09
CA LEU B 295 1.53 -64.59 27.41
C LEU B 295 1.35 -63.93 28.77
N TYR B 296 2.09 -64.33 29.80
CA TYR B 296 2.01 -63.62 31.09
C TYR B 296 2.58 -62.21 31.02
N TYR B 297 3.59 -61.96 30.17
CA TYR B 297 4.10 -60.60 29.93
C TYR B 297 2.96 -59.74 29.38
N ILE B 298 2.27 -60.20 28.33
CA ILE B 298 1.08 -59.52 27.81
C ILE B 298 0.03 -59.30 28.92
N GLY B 299 -0.29 -60.33 29.69
CA GLY B 299 -1.21 -60.20 30.82
C GLY B 299 -0.81 -59.14 31.84
N GLY B 300 0.47 -58.96 32.12
CA GLY B 300 0.93 -57.91 33.01
C GLY B 300 0.77 -56.51 32.39
N VAL B 301 1.12 -56.36 31.12
CA VAL B 301 0.93 -55.11 30.38
C VAL B 301 -0.56 -54.74 30.39
N ILE B 302 -1.46 -55.64 29.98
CA ILE B 302 -2.90 -55.39 30.03
C ILE B 302 -3.40 -55.11 31.45
N LYS B 303 -2.98 -55.88 32.46
CA LYS B 303 -3.33 -55.64 33.86
C LYS B 303 -2.98 -54.22 34.33
N HIS B 304 -1.85 -53.70 33.87
CA HIS B 304 -1.40 -52.38 34.31
C HIS B 304 -1.46 -51.28 33.27
N ALA B 305 -2.10 -51.53 32.12
CA ALA B 305 -2.19 -50.56 31.03
C ALA B 305 -2.50 -49.14 31.40
N LYS B 306 -3.58 -48.84 32.14
CA LYS B 306 -3.86 -47.46 32.53
C LYS B 306 -2.77 -46.77 33.36
N ALA B 307 -1.99 -47.49 34.18
CA ALA B 307 -0.89 -46.89 34.93
C ALA B 307 0.29 -46.65 33.99
N ILE B 308 0.51 -47.59 33.07
CA ILE B 308 1.52 -47.43 32.02
C ILE B 308 1.17 -46.20 31.17
N ASN B 309 -0.11 -45.95 30.85
CA ASN B 309 -0.51 -44.78 30.05
C ASN B 309 -0.02 -43.46 30.62
N ALA B 310 0.01 -43.29 31.95
CA ALA B 310 0.56 -42.08 32.56
C ALA B 310 2.01 -41.80 32.23
N LEU B 311 2.76 -42.83 31.79
CA LEU B 311 4.16 -42.71 31.41
C LEU B 311 4.39 -42.87 29.90
N ALA B 312 3.63 -43.75 29.24
CA ALA B 312 3.71 -44.01 27.80
C ALA B 312 2.89 -43.06 26.92
N ASN B 313 1.94 -42.37 27.53
CA ASN B 313 1.06 -41.38 26.91
C ASN B 313 0.90 -40.17 27.85
N PRO B 314 1.95 -39.42 28.16
CA PRO B 314 2.00 -38.51 29.30
C PRO B 314 1.47 -37.11 29.04
N THR B 315 0.91 -36.87 27.86
CA THR B 315 0.46 -35.51 27.51
C THR B 315 -1.03 -35.46 27.36
N THR B 316 -1.74 -34.36 27.66
CA THR B 316 -3.18 -34.31 27.41
C THR B 316 -3.48 -34.59 25.93
N ASN B 317 -2.61 -34.12 25.03
CA ASN B 317 -2.72 -34.38 23.59
C ASN B 317 -2.63 -35.85 23.21
N SER B 318 -1.98 -36.68 24.04
CA SER B 318 -1.87 -38.10 23.75
C SER B 318 -3.21 -38.80 23.54
N TYR B 319 -4.15 -38.33 24.35
CA TYR B 319 -5.47 -38.92 24.33
C TYR B 319 -6.35 -38.44 23.18
N LYS B 320 -5.95 -37.38 22.47
CA LYS B 320 -6.60 -37.03 21.21
C LYS B 320 -6.29 -38.08 20.15
N ARG B 321 -5.16 -38.79 20.30
CA ARG B 321 -4.80 -39.91 19.41
C ARG B 321 -5.49 -41.19 19.85
N LEU B 322 -5.45 -41.45 21.14
CA LEU B 322 -6.13 -42.62 21.70
C LEU B 322 -7.64 -42.50 21.88
N VAL B 323 -8.32 -42.31 20.77
CA VAL B 323 -9.77 -42.25 20.77
C VAL B 323 -10.30 -43.43 19.98
N PRO B 324 -11.45 -44.03 20.36
CA PRO B 324 -12.14 -45.08 19.60
C PRO B 324 -12.04 -45.25 18.08
N PRO B 329 -5.63 -47.51 18.60
CA PRO B 329 -5.38 -48.77 19.30
C PRO B 329 -5.80 -48.71 20.77
N VAL B 330 -7.09 -48.55 21.00
CA VAL B 330 -7.60 -48.45 22.38
C VAL B 330 -7.90 -49.74 23.12
N MET B 331 -8.18 -50.82 22.38
CA MET B 331 -8.50 -52.14 22.94
C MET B 331 -7.35 -52.93 23.58
N LEU B 332 -7.35 -53.11 24.89
CA LEU B 332 -6.38 -53.98 25.56
C LEU B 332 -6.65 -55.45 25.26
N ALA B 333 -6.06 -55.86 24.15
CA ALA B 333 -6.19 -57.22 23.65
C ALA B 333 -4.99 -57.58 22.80
N TYR B 334 -4.54 -58.84 22.88
CA TYR B 334 -3.51 -59.27 21.95
C TYR B 334 -4.08 -59.99 20.75
N SER B 335 -3.36 -59.89 19.65
CA SER B 335 -3.74 -60.54 18.41
C SER B 335 -2.69 -60.54 17.31
N ALA B 336 -2.63 -61.57 16.48
CA ALA B 336 -1.78 -61.56 15.30
C ALA B 336 -2.61 -60.97 14.15
N ARG B 337 -3.93 -61.19 14.25
CA ARG B 337 -4.91 -60.60 13.33
C ARG B 337 -5.47 -59.19 13.63
N ASN B 338 -6.23 -58.94 14.71
CA ASN B 338 -6.85 -57.62 14.98
C ASN B 338 -6.01 -56.34 15.12
N ARG B 339 -5.69 -55.55 14.07
CA ARG B 339 -5.03 -54.24 14.27
C ARG B 339 -6.18 -53.27 14.60
N SER B 340 -6.40 -53.30 15.89
CA SER B 340 -7.44 -52.62 16.69
C SER B 340 -7.16 -53.01 18.15
N ALA B 341 -6.54 -54.19 18.26
CA ALA B 341 -5.92 -54.67 19.48
C ALA B 341 -4.63 -53.89 19.69
N SER B 342 -4.45 -53.37 20.90
CA SER B 342 -3.25 -52.60 21.24
C SER B 342 -2.00 -53.45 21.45
N ILE B 343 -2.14 -54.77 21.56
CA ILE B 343 -0.98 -55.66 21.64
C ILE B 343 -0.99 -56.50 20.37
N ARG B 344 -0.11 -56.21 19.42
CA ARG B 344 0.01 -57.00 18.20
C ARG B 344 1.13 -58.03 18.33
N ILE B 345 0.88 -59.28 17.97
CA ILE B 345 1.92 -60.30 17.97
C ILE B 345 2.37 -60.33 16.52
N PRO B 346 3.52 -59.73 16.17
CA PRO B 346 3.97 -59.59 14.79
C PRO B 346 4.21 -60.95 14.18
N VAL B 347 3.74 -61.12 12.94
CA VAL B 347 3.97 -62.38 12.25
C VAL B 347 5.42 -62.35 11.78
N VAL B 348 6.29 -62.85 12.65
CA VAL B 348 7.70 -62.88 12.31
C VAL B 348 7.95 -63.90 11.21
N ALA B 349 7.32 -65.10 11.28
CA ALA B 349 7.46 -66.25 10.35
C ALA B 349 8.85 -66.94 10.37
N SER B 350 9.79 -66.02 10.38
CA SER B 350 11.21 -66.12 10.65
C SER B 350 11.45 -66.76 12.04
N PRO B 351 12.63 -66.84 12.66
CA PRO B 351 12.88 -67.89 13.66
C PRO B 351 12.39 -67.81 15.13
N LYS B 352 12.91 -66.75 15.71
CA LYS B 352 12.99 -66.49 17.15
C LYS B 352 13.33 -65.01 17.41
N ALA B 353 13.18 -64.28 16.31
CA ALA B 353 12.78 -62.89 16.38
C ALA B 353 11.30 -62.76 16.86
N ARG B 354 10.70 -63.77 17.51
CA ARG B 354 9.39 -63.73 18.14
C ARG B 354 9.33 -62.63 19.21
N ARG B 355 8.30 -61.81 19.16
CA ARG B 355 8.20 -60.67 20.05
C ARG B 355 6.78 -60.16 20.24
N ILE B 356 6.51 -59.34 21.24
CA ILE B 356 5.22 -58.67 21.26
C ILE B 356 5.36 -57.21 20.83
N GLU B 357 4.31 -56.63 20.26
CA GLU B 357 4.35 -55.21 19.94
C GLU B 357 3.25 -54.44 20.65
N VAL B 358 3.55 -53.55 21.57
CA VAL B 358 2.52 -52.74 22.20
C VAL B 358 2.33 -51.47 21.37
N ARG B 359 1.19 -51.35 20.68
CA ARG B 359 0.90 -50.23 19.78
C ARG B 359 0.52 -48.91 20.38
N PHE B 360 0.10 -48.83 21.63
CA PHE B 360 -0.39 -47.59 22.18
C PHE B 360 0.54 -46.47 22.67
N PRO B 361 1.83 -46.57 23.00
CA PRO B 361 2.62 -45.43 23.47
C PRO B 361 2.87 -44.38 22.38
N ASP B 362 3.30 -43.16 22.70
CA ASP B 362 3.60 -42.17 21.66
C ASP B 362 4.90 -41.39 21.85
N PRO B 363 5.51 -40.76 20.83
CA PRO B 363 6.80 -40.06 20.96
C PRO B 363 6.90 -39.11 22.15
N ALA B 364 5.79 -38.63 22.73
CA ALA B 364 5.89 -37.70 23.86
C ALA B 364 6.38 -38.35 25.16
N ALA B 365 6.34 -39.69 25.18
CA ALA B 365 6.74 -40.43 26.36
C ALA B 365 8.22 -40.35 26.72
N ASN B 366 8.56 -40.26 28.02
CA ASN B 366 9.95 -40.28 28.43
C ASN B 366 10.50 -41.68 28.17
N PRO B 367 11.38 -41.95 27.22
CA PRO B 367 11.66 -43.32 26.77
C PRO B 367 12.17 -44.17 27.93
N TYR B 368 12.91 -43.59 28.89
CA TYR B 368 13.36 -44.36 30.05
C TYR B 368 12.18 -44.80 30.90
N LEU B 369 11.40 -43.86 31.45
CA LEU B 369 10.24 -44.22 32.26
C LEU B 369 9.19 -45.06 31.51
N CYS B 370 8.95 -44.80 30.23
CA CYS B 370 8.00 -45.56 29.43
C CYS B 370 8.44 -47.00 29.27
N PHE B 371 9.71 -47.22 28.92
CA PHE B 371 10.21 -48.58 28.79
C PHE B 371 10.33 -49.31 30.13
N ALA B 372 10.88 -48.66 31.17
CA ALA B 372 10.90 -49.21 32.52
C ALA B 372 9.50 -49.65 32.95
N ALA B 373 8.47 -48.82 32.87
CA ALA B 373 7.09 -49.23 33.17
C ALA B 373 6.59 -50.39 32.30
N LEU B 374 6.77 -50.44 30.98
CA LEU B 374 6.36 -51.62 30.21
C LEU B 374 7.05 -52.89 30.72
N LEU B 375 8.35 -52.83 31.03
CA LEU B 375 9.10 -53.98 31.54
C LEU B 375 8.57 -54.41 32.90
N MET B 376 8.56 -53.55 33.92
CA MET B 376 7.98 -53.85 35.22
C MET B 376 6.55 -54.43 35.18
N ALA B 377 5.68 -53.93 34.30
CA ALA B 377 4.34 -54.50 34.13
C ALA B 377 4.40 -55.92 33.57
N GLY B 378 5.20 -56.10 32.53
CA GLY B 378 5.37 -57.40 31.90
C GLY B 378 5.98 -58.45 32.82
N LEU B 379 6.93 -58.06 33.68
CA LEU B 379 7.48 -58.99 34.66
C LEU B 379 6.39 -59.34 35.68
N ASP B 380 5.70 -58.40 36.32
CA ASP B 380 4.59 -58.72 37.22
C ASP B 380 3.57 -59.70 36.61
N GLY B 381 3.38 -59.73 35.30
CA GLY B 381 2.55 -60.73 34.65
C GLY B 381 3.14 -62.13 34.79
N ILE B 382 4.40 -62.29 34.33
CA ILE B 382 5.18 -63.53 34.47
C ILE B 382 5.19 -64.01 35.93
N LYS B 383 5.69 -63.12 36.77
CA LYS B 383 5.78 -63.30 38.21
C LYS B 383 4.52 -63.74 38.95
N ASN B 384 3.34 -63.45 38.38
CA ASN B 384 2.08 -63.90 38.97
C ASN B 384 1.20 -64.68 37.99
N LYS B 385 1.77 -65.34 36.95
CA LYS B 385 1.01 -66.13 35.96
C LYS B 385 -0.26 -65.44 35.44
N ILE B 386 -0.27 -64.09 35.39
CA ILE B 386 -1.42 -63.30 34.95
C ILE B 386 -1.71 -63.61 33.48
N HIS B 387 -2.56 -64.60 33.32
CA HIS B 387 -2.85 -65.11 32.01
C HIS B 387 -3.73 -64.17 31.20
N PRO B 388 -3.24 -63.71 30.04
CA PRO B 388 -3.87 -62.69 29.23
C PRO B 388 -5.31 -63.02 28.83
N GLY B 389 -5.57 -64.13 28.12
CA GLY B 389 -6.94 -64.51 27.82
C GLY B 389 -7.02 -65.18 26.47
N GLU B 390 -7.75 -64.57 25.55
CA GLU B 390 -7.87 -65.07 24.19
C GLU B 390 -7.79 -63.95 23.16
N PRO B 391 -7.16 -64.17 22.00
CA PRO B 391 -7.01 -63.18 20.96
C PRO B 391 -8.25 -62.70 20.23
N MET B 392 -8.53 -61.41 20.32
CA MET B 392 -9.55 -60.80 19.46
C MET B 392 -9.03 -60.86 18.03
N ASP B 393 -9.68 -61.48 17.05
CA ASP B 393 -9.14 -61.48 15.69
C ASP B 393 -10.01 -60.89 14.58
N ILE B 407 -14.51 -55.93 26.90
CA ILE B 407 -13.13 -55.80 26.43
C ILE B 407 -12.45 -54.47 26.86
N PRO B 408 -11.46 -54.51 27.77
CA PRO B 408 -10.92 -53.34 28.45
C PRO B 408 -10.10 -52.38 27.59
N GLN B 409 -10.06 -51.10 27.95
CA GLN B 409 -9.35 -50.11 27.15
C GLN B 409 -8.32 -49.29 27.89
N VAL B 410 -7.41 -48.67 27.13
CA VAL B 410 -6.42 -47.75 27.69
C VAL B 410 -7.06 -46.57 28.43
N ALA B 411 -6.35 -45.86 29.30
CA ALA B 411 -6.93 -44.69 29.95
C ALA B 411 -7.50 -43.71 28.94
N GLY B 412 -8.70 -43.24 29.15
CA GLY B 412 -9.30 -42.30 28.19
C GLY B 412 -8.90 -40.83 28.36
N SER B 413 -8.01 -40.54 29.31
CA SER B 413 -7.52 -39.19 29.53
C SER B 413 -6.31 -39.16 30.45
N LEU B 414 -5.50 -38.10 30.39
CA LEU B 414 -4.33 -38.01 31.26
C LEU B 414 -4.73 -38.06 32.73
N GLU B 415 -5.86 -37.46 33.11
CA GLU B 415 -6.31 -37.47 34.51
C GLU B 415 -6.61 -38.88 34.99
N GLU B 416 -7.24 -39.66 34.12
CA GLU B 416 -7.51 -41.06 34.39
C GLU B 416 -6.20 -41.82 34.54
N ALA B 417 -5.31 -41.71 33.55
CA ALA B 417 -4.00 -42.32 33.59
C ALA B 417 -3.20 -41.95 34.85
N LEU B 418 -3.20 -40.69 35.27
CA LEU B 418 -2.51 -40.29 36.48
C LEU B 418 -3.15 -40.90 37.71
N ASN B 419 -4.49 -40.94 37.87
CA ASN B 419 -5.13 -41.62 39.01
C ASN B 419 -4.75 -43.10 39.09
N ALA B 420 -4.81 -43.72 37.91
CA ALA B 420 -4.40 -45.10 37.74
C ALA B 420 -2.95 -45.35 38.13
N LEU B 421 -1.97 -44.54 37.72
CA LEU B 421 -0.58 -44.70 38.15
C LEU B 421 -0.52 -44.57 39.67
N ASP B 422 -1.16 -43.53 40.23
CA ASP B 422 -1.22 -43.32 41.67
C ASP B 422 -1.76 -44.50 42.47
N LEU B 423 -2.74 -45.22 41.94
CA LEU B 423 -3.28 -46.39 42.65
C LEU B 423 -2.58 -47.71 42.33
N ASP B 424 -2.14 -47.91 41.10
CA ASP B 424 -1.47 -49.14 40.67
C ASP B 424 0.06 -49.04 40.74
N ARG B 425 0.46 -48.24 41.73
CA ARG B 425 1.82 -47.90 42.07
C ARG B 425 2.76 -49.07 42.43
N GLU B 426 2.21 -50.17 42.94
CA GLU B 426 3.01 -51.29 43.41
C GLU B 426 3.98 -51.98 42.46
N PHE B 427 3.53 -52.35 41.26
CA PHE B 427 4.42 -53.02 40.33
C PHE B 427 5.61 -52.17 39.89
N LEU B 428 5.46 -50.84 39.91
CA LEU B 428 6.59 -49.99 39.60
C LEU B 428 7.58 -49.98 40.75
N LYS B 429 7.17 -50.04 42.03
CA LYS B 429 8.09 -50.03 43.17
C LYS B 429 8.93 -51.30 43.43
N ALA B 430 8.55 -52.39 42.76
CA ALA B 430 9.30 -53.64 42.84
C ALA B 430 10.82 -53.52 42.64
N GLY B 431 11.55 -53.97 43.64
CA GLY B 431 13.00 -53.91 43.64
C GLY B 431 13.60 -52.51 43.69
N GLY B 432 12.84 -51.48 44.09
CA GLY B 432 13.42 -50.14 44.21
C GLY B 432 13.50 -49.34 42.91
N VAL B 433 13.08 -49.96 41.80
CA VAL B 433 12.92 -49.28 40.51
C VAL B 433 11.83 -48.25 40.83
N PHE B 434 11.93 -46.92 40.76
CA PHE B 434 10.78 -46.04 41.14
C PHE B 434 10.40 -46.00 42.62
N THR B 435 10.75 -44.92 43.28
CA THR B 435 10.24 -44.71 44.64
C THR B 435 8.87 -44.01 44.67
N ASP B 436 8.17 -44.01 45.80
CA ASP B 436 6.98 -43.17 45.97
C ASP B 436 7.21 -41.70 45.70
N GLU B 437 8.31 -41.09 46.17
CA GLU B 437 8.59 -39.67 45.90
C GLU B 437 8.69 -39.43 44.39
N ALA B 438 9.35 -40.36 43.71
CA ALA B 438 9.51 -40.33 42.27
C ALA B 438 8.15 -40.38 41.56
N ILE B 439 7.29 -41.35 41.90
CA ILE B 439 5.95 -41.43 41.33
C ILE B 439 5.09 -40.21 41.71
N ASP B 440 5.05 -39.79 42.96
CA ASP B 440 4.34 -38.58 43.36
C ASP B 440 4.77 -37.28 42.66
N ALA B 441 6.08 -37.04 42.49
CA ALA B 441 6.57 -35.84 41.82
C ALA B 441 6.21 -35.83 40.33
N TYR B 442 6.25 -37.03 39.74
CA TYR B 442 5.81 -37.21 38.35
C TYR B 442 4.34 -36.83 38.18
N ILE B 443 3.43 -37.41 38.96
CA ILE B 443 2.01 -37.06 38.88
C ILE B 443 1.80 -35.56 39.12
N ALA B 444 2.49 -34.97 40.09
CA ALA B 444 2.46 -33.53 40.31
C ALA B 444 2.79 -32.69 39.08
N LEU B 445 3.84 -33.03 38.32
CA LEU B 445 4.16 -32.35 37.07
C LEU B 445 3.04 -32.51 36.06
N ARG B 446 2.67 -33.75 35.73
CA ARG B 446 1.60 -33.99 34.77
C ARG B 446 0.24 -33.38 35.14
N ARG B 447 -0.03 -33.21 36.43
CA ARG B 447 -1.29 -32.59 36.83
C ARG B 447 -1.37 -31.11 36.53
N GLU B 448 -0.27 -30.39 36.74
CA GLU B 448 -0.18 -28.96 36.43
C GLU B 448 -0.52 -28.69 34.96
N GLU B 449 -0.04 -29.61 34.11
CA GLU B 449 -0.26 -29.55 32.67
C GLU B 449 -1.70 -29.84 32.35
N ASP B 450 -2.22 -30.91 32.92
CA ASP B 450 -3.62 -31.26 32.73
C ASP B 450 -4.54 -30.10 33.12
N ASP B 451 -4.29 -29.45 34.25
CA ASP B 451 -5.07 -28.29 34.67
C ASP B 451 -5.10 -27.12 33.71
N ARG B 452 -3.95 -26.72 33.16
CA ARG B 452 -3.89 -25.61 32.22
C ARG B 452 -4.77 -25.90 31.01
N VAL B 453 -4.67 -27.13 30.49
CA VAL B 453 -5.54 -27.55 29.39
C VAL B 453 -7.02 -27.59 29.83
N ARG B 454 -7.35 -28.02 31.06
CA ARG B 454 -8.72 -28.14 31.56
C ARG B 454 -9.44 -26.81 31.80
N MET B 455 -8.70 -25.80 32.28
CA MET B 455 -9.22 -24.47 32.61
C MET B 455 -9.23 -23.42 31.48
N THR B 456 -8.52 -23.67 30.39
CA THR B 456 -8.47 -22.72 29.27
C THR B 456 -9.57 -23.00 28.26
N PRO B 457 -10.52 -22.14 27.94
CA PRO B 457 -11.55 -22.43 26.95
C PRO B 457 -10.97 -22.78 25.59
N HIS B 458 -11.58 -23.79 25.00
CA HIS B 458 -11.17 -24.33 23.71
C HIS B 458 -11.90 -23.63 22.57
N PRO B 459 -11.26 -23.28 21.44
CA PRO B 459 -11.97 -22.77 20.27
C PRO B 459 -13.22 -23.54 19.84
N VAL B 460 -13.33 -24.86 19.69
CA VAL B 460 -14.62 -25.44 19.27
C VAL B 460 -15.72 -25.23 20.30
N GLU B 461 -15.41 -24.86 21.56
CA GLU B 461 -16.48 -24.52 22.50
C GLU B 461 -17.19 -23.24 22.03
N PHE B 462 -16.49 -22.26 21.45
CA PHE B 462 -17.18 -21.10 20.91
C PHE B 462 -18.05 -21.50 19.74
N GLU B 463 -17.59 -22.48 18.98
CA GLU B 463 -18.38 -22.99 17.86
C GLU B 463 -19.68 -23.67 18.31
N LEU B 464 -19.55 -24.40 19.42
CA LEU B 464 -20.63 -25.15 20.03
C LEU B 464 -21.58 -24.37 20.93
N TYR B 465 -21.05 -23.44 21.69
CA TYR B 465 -21.79 -22.76 22.75
C TYR B 465 -21.89 -21.22 22.71
N TYR B 466 -21.32 -20.48 21.75
CA TYR B 466 -21.42 -19.03 21.79
C TYR B 466 -22.85 -18.56 21.67
N SER B 467 -23.66 -19.11 20.78
CA SER B 467 -25.06 -18.71 20.67
C SER B 467 -26.03 -19.38 21.65
N VAL B 468 -25.55 -19.86 22.79
CA VAL B 468 -26.39 -20.41 23.84
C VAL B 468 -27.19 -19.22 24.44
N SER C 1 20.03 -60.43 -11.59
CA SER C 1 20.19 -61.42 -10.52
C SER C 1 20.58 -60.77 -9.18
N ALA C 2 20.38 -61.39 -8.01
CA ALA C 2 20.84 -60.85 -6.73
C ALA C 2 22.31 -60.40 -6.75
N GLU C 3 23.12 -61.34 -7.26
CA GLU C 3 24.56 -61.18 -7.49
C GLU C 3 24.98 -59.85 -8.13
N HIS C 4 24.23 -59.53 -9.20
CA HIS C 4 24.40 -58.28 -9.94
C HIS C 4 24.03 -57.04 -9.15
N VAL C 5 22.90 -57.07 -8.44
CA VAL C 5 22.48 -55.93 -7.61
C VAL C 5 23.56 -55.65 -6.56
N LEU C 6 23.99 -56.72 -5.91
CA LEU C 6 25.04 -56.67 -4.91
C LEU C 6 26.36 -56.10 -5.39
N THR C 7 26.73 -56.25 -6.67
CA THR C 7 27.93 -55.57 -7.18
C THR C 7 27.62 -54.09 -7.36
N MET C 8 26.49 -53.72 -7.99
CA MET C 8 26.10 -52.32 -8.20
C MET C 8 26.16 -51.46 -6.95
N LEU C 9 25.74 -52.08 -5.85
CA LEU C 9 25.83 -51.49 -4.53
C LEU C 9 27.25 -51.00 -4.22
N ASN C 10 28.29 -51.81 -4.47
CA ASN C 10 29.68 -51.37 -4.29
C ASN C 10 30.20 -50.49 -5.44
N GLU C 11 29.82 -50.89 -6.64
CA GLU C 11 30.15 -50.27 -7.92
C GLU C 11 29.65 -48.83 -8.08
N HIS C 12 28.71 -48.49 -7.21
CA HIS C 12 28.12 -47.16 -7.18
C HIS C 12 28.08 -46.49 -5.82
N GLU C 13 28.65 -47.10 -4.77
CA GLU C 13 28.59 -46.59 -3.39
C GLU C 13 27.19 -46.12 -2.95
N VAL C 14 26.30 -47.04 -3.32
CA VAL C 14 24.88 -46.90 -3.06
C VAL C 14 24.63 -46.79 -1.56
N LYS C 15 24.10 -45.69 -1.04
CA LYS C 15 23.79 -45.55 0.38
C LYS C 15 22.43 -46.10 0.78
N PHE C 16 21.50 -46.11 -0.17
CA PHE C 16 20.13 -46.56 0.05
C PHE C 16 19.52 -47.33 -1.11
N VAL C 17 18.56 -48.20 -0.79
CA VAL C 17 17.82 -48.94 -1.80
C VAL C 17 16.34 -48.60 -1.64
N ASP C 18 15.75 -48.15 -2.73
CA ASP C 18 14.37 -47.74 -2.74
C ASP C 18 13.42 -48.81 -3.27
N LEU C 19 12.66 -49.43 -2.37
CA LEU C 19 11.71 -50.44 -2.79
C LEU C 19 10.44 -49.82 -3.34
N ARG C 20 10.15 -50.06 -4.60
CA ARG C 20 8.97 -49.49 -5.22
C ARG C 20 7.92 -50.46 -5.71
N PHE C 21 6.64 -50.10 -5.60
CA PHE C 21 5.57 -50.90 -6.15
C PHE C 21 4.39 -50.03 -6.63
N THR C 22 3.46 -50.54 -7.42
CA THR C 22 2.32 -49.75 -7.91
C THR C 22 1.04 -50.18 -7.23
N ASP C 23 0.17 -49.27 -6.81
CA ASP C 23 -1.08 -49.66 -6.19
C ASP C 23 -2.21 -49.87 -7.22
N THR C 24 -3.44 -50.10 -6.79
CA THR C 24 -4.55 -50.36 -7.71
C THR C 24 -4.85 -49.18 -8.59
N LYS C 25 -4.84 -48.00 -8.01
CA LYS C 25 -5.04 -46.79 -8.79
C LYS C 25 -3.94 -46.49 -9.80
N GLY C 26 -2.74 -47.06 -9.62
CA GLY C 26 -1.64 -46.80 -10.55
C GLY C 26 -0.47 -45.97 -10.03
N LYS C 27 -0.62 -45.42 -8.83
CA LYS C 27 0.45 -44.62 -8.24
C LYS C 27 1.54 -45.47 -7.63
N GLU C 28 2.74 -45.16 -8.08
CA GLU C 28 3.96 -45.75 -7.56
C GLU C 28 4.25 -45.31 -6.13
N GLN C 29 4.24 -46.34 -5.31
CA GLN C 29 4.59 -46.29 -3.91
C GLN C 29 6.04 -46.63 -3.69
N HIS C 30 6.60 -46.25 -2.56
CA HIS C 30 7.98 -46.59 -2.25
C HIS C 30 8.33 -46.54 -0.75
N VAL C 31 9.26 -47.40 -0.35
CA VAL C 31 9.80 -47.42 1.00
C VAL C 31 11.33 -47.58 0.88
N THR C 32 12.15 -47.02 1.77
CA THR C 32 13.60 -46.98 1.59
C THR C 32 14.35 -47.75 2.68
N ILE C 33 15.25 -48.61 2.24
CA ILE C 33 16.09 -49.44 3.07
C ILE C 33 17.53 -48.91 2.98
N PRO C 34 18.36 -48.89 4.01
CA PRO C 34 19.79 -48.61 3.90
C PRO C 34 20.46 -49.71 3.08
N ALA C 35 21.42 -49.42 2.19
CA ALA C 35 22.07 -50.46 1.37
C ALA C 35 22.56 -51.66 2.14
N HIS C 36 23.07 -51.36 3.34
CA HIS C 36 23.48 -52.40 4.27
C HIS C 36 22.41 -53.38 4.78
N GLN C 37 21.21 -53.43 4.23
CA GLN C 37 20.17 -54.41 4.59
C GLN C 37 19.89 -55.31 3.39
N VAL C 38 20.54 -55.00 2.27
CA VAL C 38 20.48 -55.85 1.10
C VAL C 38 21.58 -56.91 1.22
N ASN C 39 21.09 -58.13 1.40
CA ASN C 39 21.90 -59.34 1.48
C ASN C 39 21.04 -60.55 1.17
N ALA C 40 21.57 -61.71 0.79
CA ALA C 40 20.81 -62.95 0.50
C ALA C 40 19.33 -63.05 0.93
N GLU C 41 19.12 -63.04 2.26
CA GLU C 41 17.80 -62.99 2.92
C GLU C 41 16.75 -62.12 2.24
N PHE C 42 17.19 -60.90 1.88
CA PHE C 42 16.38 -59.91 1.18
C PHE C 42 15.84 -60.45 -0.14
N PHE C 43 16.66 -60.73 -1.14
CA PHE C 43 16.19 -61.28 -2.42
C PHE C 43 15.53 -62.65 -2.33
N GLU C 44 15.69 -63.27 -1.16
CA GLU C 44 15.16 -64.60 -0.90
C GLU C 44 13.72 -64.55 -0.37
N GLU C 45 13.62 -64.03 0.85
CA GLU C 45 12.33 -63.92 1.55
C GLU C 45 11.65 -62.53 1.65
N GLY C 46 12.02 -61.63 0.74
CA GLY C 46 11.52 -60.26 0.70
C GLY C 46 11.56 -59.42 1.99
N LYS C 47 10.76 -58.36 2.02
CA LYS C 47 10.58 -57.52 3.22
C LYS C 47 9.10 -57.28 3.53
N MET C 48 8.71 -57.42 4.79
CA MET C 48 7.32 -57.28 5.21
C MET C 48 6.89 -55.83 5.33
N PHE C 49 5.68 -55.49 4.91
CA PHE C 49 5.17 -54.16 5.16
C PHE C 49 3.68 -54.19 5.49
N ASP C 50 3.16 -53.13 6.10
CA ASP C 50 1.73 -53.11 6.28
C ASP C 50 0.99 -52.65 5.02
N GLY C 51 0.59 -53.69 4.31
CA GLY C 51 -0.21 -53.52 3.10
C GLY C 51 -1.59 -52.92 3.36
N SER C 52 -2.08 -53.08 4.60
CA SER C 52 -3.40 -52.56 5.03
C SER C 52 -3.75 -51.12 4.70
N SER C 53 -2.83 -50.17 4.87
CA SER C 53 -3.16 -48.78 4.54
C SER C 53 -2.94 -48.40 3.07
N ILE C 54 -2.63 -49.34 2.18
CA ILE C 54 -2.62 -49.05 0.75
C ILE C 54 -4.09 -49.17 0.27
N GLY C 55 -4.55 -48.12 -0.40
CA GLY C 55 -5.92 -48.06 -0.90
C GLY C 55 -6.38 -49.21 -1.79
N GLY C 56 -7.37 -49.93 -1.29
CA GLY C 56 -7.96 -51.06 -2.02
C GLY C 56 -7.33 -52.42 -1.71
N TRP C 57 -6.47 -52.50 -0.70
CA TRP C 57 -5.79 -53.75 -0.34
C TRP C 57 -6.12 -54.38 1.01
N ASP C 64 -0.46 -57.19 7.13
CA ASP C 64 0.90 -57.45 6.64
C ASP C 64 1.07 -58.32 5.39
N MET C 65 1.95 -57.82 4.54
CA MET C 65 2.25 -58.41 3.23
C MET C 65 3.74 -58.39 2.93
N VAL C 66 4.20 -59.12 1.89
CA VAL C 66 5.62 -59.07 1.58
C VAL C 66 6.02 -58.48 0.22
N LEU C 67 6.94 -57.53 0.32
CA LEU C 67 7.59 -56.92 -0.83
C LEU C 67 8.72 -57.81 -1.33
N MET C 68 8.53 -58.37 -2.52
CA MET C 68 9.54 -59.25 -3.09
C MET C 68 10.36 -58.58 -4.18
N PRO C 69 11.60 -58.20 -3.91
CA PRO C 69 12.42 -57.44 -4.84
C PRO C 69 12.68 -58.14 -6.16
N ASP C 70 12.34 -57.59 -7.34
CA ASP C 70 12.71 -58.19 -8.61
C ASP C 70 14.07 -57.63 -9.06
N ALA C 71 15.14 -58.37 -8.79
CA ALA C 71 16.50 -57.91 -9.08
C ALA C 71 16.85 -57.56 -10.52
N SER C 72 15.95 -57.89 -11.46
CA SER C 72 16.17 -57.53 -12.86
C SER C 72 15.94 -56.04 -13.09
N THR C 73 15.06 -55.49 -12.24
CA THR C 73 14.68 -54.08 -12.31
C THR C 73 15.62 -53.05 -11.69
N ALA C 74 16.80 -53.37 -11.18
CA ALA C 74 17.64 -52.40 -10.49
C ALA C 74 18.15 -51.24 -11.32
N VAL C 75 17.75 -50.03 -10.92
CA VAL C 75 18.18 -48.80 -11.59
C VAL C 75 18.69 -47.77 -10.58
N ILE C 76 19.70 -46.98 -10.89
CA ILE C 76 20.12 -45.94 -9.96
C ILE C 76 19.19 -44.72 -10.11
N ASP C 77 18.70 -44.13 -9.02
CA ASP C 77 17.78 -43.00 -9.05
C ASP C 77 18.44 -41.70 -9.48
N PRO C 78 18.10 -41.04 -10.59
CA PRO C 78 18.85 -39.88 -11.12
C PRO C 78 18.62 -38.59 -10.32
N PHE C 79 17.73 -38.65 -9.33
CA PHE C 79 17.35 -37.47 -8.58
C PHE C 79 17.66 -37.40 -7.09
N PHE C 80 17.53 -38.48 -6.29
CA PHE C 80 17.77 -38.36 -4.85
C PHE C 80 19.21 -37.88 -4.56
N ALA C 81 19.43 -37.08 -3.52
CA ALA C 81 20.77 -36.57 -3.23
C ALA C 81 21.83 -37.60 -2.84
N ASP C 82 21.40 -38.63 -2.11
CA ASP C 82 22.29 -39.70 -1.69
C ASP C 82 22.17 -40.88 -2.65
N SER C 83 23.27 -41.57 -2.98
CA SER C 83 23.20 -42.66 -3.95
C SER C 83 22.20 -43.77 -3.64
N THR C 84 21.17 -43.81 -4.49
CA THR C 84 20.08 -44.77 -4.28
C THR C 84 19.78 -45.71 -5.44
N LEU C 85 19.61 -46.97 -5.13
CA LEU C 85 19.33 -47.95 -6.16
C LEU C 85 17.86 -48.33 -6.02
N ILE C 86 17.06 -48.04 -7.04
CA ILE C 86 15.64 -48.41 -7.08
C ILE C 86 15.50 -49.89 -7.43
N ILE C 87 14.68 -50.61 -6.69
CA ILE C 87 14.36 -51.99 -7.04
C ILE C 87 12.84 -52.14 -7.04
N ARG C 88 12.25 -52.47 -8.20
CA ARG C 88 10.81 -52.71 -8.29
C ARG C 88 10.45 -53.98 -7.51
N CYS C 89 9.30 -54.04 -6.88
CA CYS C 89 8.90 -55.21 -6.12
C CYS C 89 7.57 -55.83 -6.52
N ASP C 90 7.33 -57.08 -6.17
CA ASP C 90 5.99 -57.62 -6.33
C ASP C 90 5.43 -57.83 -4.94
N ILE C 91 4.12 -57.64 -4.82
CA ILE C 91 3.46 -57.86 -3.55
C ILE C 91 3.05 -59.30 -3.46
N LEU C 92 3.64 -60.03 -2.54
CA LEU C 92 3.26 -61.42 -2.36
C LEU C 92 2.51 -61.64 -1.07
N GLU C 93 1.68 -62.68 -1.20
CA GLU C 93 0.89 -63.16 -0.08
C GLU C 93 1.85 -63.84 0.91
N PRO C 94 1.93 -63.45 2.19
CA PRO C 94 3.06 -63.73 3.07
C PRO C 94 3.25 -65.19 3.52
N GLY C 95 4.49 -65.66 3.66
CA GLY C 95 4.77 -67.05 4.02
C GLY C 95 4.54 -68.01 2.84
N THR C 96 3.27 -68.12 2.48
CA THR C 96 2.75 -68.84 1.32
C THR C 96 3.29 -68.39 -0.04
N LEU C 97 3.75 -67.13 -0.06
CA LEU C 97 4.50 -66.48 -1.15
C LEU C 97 4.08 -66.56 -2.63
N GLN C 98 2.80 -66.31 -2.88
CA GLN C 98 2.25 -66.44 -4.22
C GLN C 98 1.97 -65.15 -5.00
N GLY C 99 1.67 -64.05 -4.32
CA GLY C 99 1.45 -62.83 -5.09
C GLY C 99 0.00 -62.38 -5.04
N TYR C 100 -0.20 -61.28 -4.32
CA TYR C 100 -1.50 -60.67 -4.08
C TYR C 100 -2.41 -60.63 -5.32
N ASP C 101 -3.62 -61.21 -5.40
CA ASP C 101 -4.39 -61.22 -6.66
C ASP C 101 -5.09 -59.92 -7.10
N ARG C 102 -4.66 -58.93 -6.34
CA ARG C 102 -5.04 -57.53 -6.35
C ARG C 102 -3.80 -56.62 -6.61
N ASP C 103 -2.60 -57.20 -6.64
CA ASP C 103 -1.37 -56.52 -6.99
C ASP C 103 -1.30 -56.37 -8.51
N PRO C 104 -1.37 -55.17 -9.08
CA PRO C 104 -1.39 -54.97 -10.52
C PRO C 104 -0.19 -55.55 -11.25
N ARG C 105 1.03 -55.57 -10.70
CA ARG C 105 2.14 -56.16 -11.43
C ARG C 105 1.95 -57.66 -11.56
N SER C 106 1.58 -58.34 -10.46
CA SER C 106 1.24 -59.76 -10.54
C SER C 106 0.17 -60.05 -11.58
N ILE C 107 -0.96 -59.34 -11.56
CA ILE C 107 -1.96 -59.46 -12.63
C ILE C 107 -1.34 -59.30 -14.04
N ALA C 108 -0.43 -58.36 -14.28
CA ALA C 108 0.19 -58.23 -15.60
C ALA C 108 0.99 -59.47 -15.96
N LYS C 109 1.81 -59.95 -15.02
CA LYS C 109 2.60 -61.15 -15.23
C LYS C 109 1.75 -62.38 -15.51
N ARG C 110 0.62 -62.52 -14.80
CA ARG C 110 -0.35 -63.57 -15.06
C ARG C 110 -0.92 -63.48 -16.47
N ALA C 111 -1.34 -62.31 -16.93
CA ALA C 111 -1.82 -62.15 -18.30
C ALA C 111 -0.77 -62.58 -19.33
N GLU C 112 0.52 -62.33 -19.08
CA GLU C 112 1.56 -62.77 -20.00
C GLU C 112 1.70 -64.29 -20.00
N ASP C 113 1.74 -64.93 -18.82
CA ASP C 113 1.77 -66.38 -18.76
C ASP C 113 0.52 -67.05 -19.35
N TYR C 114 -0.68 -66.55 -19.08
CA TYR C 114 -1.89 -67.05 -19.73
C TYR C 114 -1.75 -67.00 -21.26
N LEU C 115 -1.16 -65.97 -21.84
CA LEU C 115 -0.94 -65.90 -23.28
C LEU C 115 -0.09 -67.08 -23.75
N ARG C 116 0.97 -67.37 -22.98
CA ARG C 116 1.84 -68.51 -23.25
C ARG C 116 1.11 -69.86 -23.14
N ALA C 117 0.34 -70.04 -22.06
CA ALA C 117 -0.46 -71.23 -21.83
C ALA C 117 -1.52 -71.46 -22.92
N THR C 118 -2.04 -70.42 -23.56
CA THR C 118 -2.97 -70.63 -24.67
C THR C 118 -2.23 -70.96 -25.96
N GLY C 119 -0.93 -70.76 -26.00
CA GLY C 119 -0.13 -71.04 -27.21
C GLY C 119 -0.44 -70.15 -28.42
N ILE C 120 -1.30 -69.13 -28.27
CA ILE C 120 -1.65 -68.24 -29.38
C ILE C 120 -0.41 -67.43 -29.81
N ALA C 121 0.45 -67.08 -28.86
CA ALA C 121 1.74 -66.44 -29.14
C ALA C 121 2.67 -66.55 -27.92
N ASP C 122 3.97 -66.26 -28.10
CA ASP C 122 4.90 -66.30 -26.96
C ASP C 122 5.00 -64.96 -26.24
N THR C 123 4.94 -63.89 -27.02
CA THR C 123 5.02 -62.55 -26.45
C THR C 123 4.04 -61.48 -26.90
N VAL C 124 3.62 -60.62 -25.95
CA VAL C 124 2.81 -59.43 -26.27
C VAL C 124 3.67 -58.19 -26.30
N LEU C 125 3.60 -57.45 -27.37
CA LEU C 125 4.33 -56.20 -27.45
C LEU C 125 3.42 -54.96 -27.39
N PHE C 126 3.68 -54.15 -26.37
CA PHE C 126 3.03 -52.88 -26.12
C PHE C 126 3.88 -51.65 -26.33
N GLY C 127 3.25 -50.67 -26.95
CA GLY C 127 3.88 -49.39 -27.22
C GLY C 127 2.94 -48.23 -26.90
N PRO C 128 2.87 -47.80 -25.65
CA PRO C 128 2.02 -46.71 -25.19
C PRO C 128 2.52 -45.34 -25.64
N GLU C 129 1.69 -44.40 -26.04
CA GLU C 129 2.15 -43.07 -26.43
C GLU C 129 1.62 -42.04 -25.42
N PRO C 130 2.10 -41.95 -24.17
CA PRO C 130 1.57 -41.08 -23.12
C PRO C 130 1.83 -39.62 -23.37
N GLU C 131 0.81 -38.79 -23.23
CA GLU C 131 1.03 -37.35 -23.31
C GLU C 131 0.88 -36.69 -21.95
N PHE C 132 1.53 -35.56 -21.79
CA PHE C 132 1.44 -34.86 -20.52
C PHE C 132 1.36 -33.36 -20.68
N PHE C 133 0.98 -32.69 -19.62
CA PHE C 133 0.99 -31.24 -19.59
C PHE C 133 2.05 -30.74 -18.63
N LEU C 134 2.69 -29.65 -18.98
CA LEU C 134 3.75 -29.06 -18.17
C LEU C 134 3.37 -27.62 -17.79
N PHE C 135 2.74 -27.43 -16.64
CA PHE C 135 2.28 -26.11 -16.18
C PHE C 135 3.25 -25.42 -15.21
N ASP C 136 3.09 -24.12 -14.87
CA ASP C 136 3.90 -23.41 -13.86
C ASP C 136 3.20 -23.33 -12.52
N ASP C 137 1.87 -23.21 -12.57
CA ASP C 137 1.07 -23.04 -11.38
C ASP C 137 -0.28 -23.72 -11.53
N ILE C 138 -0.63 -24.52 -10.55
CA ILE C 138 -1.93 -25.16 -10.54
C ILE C 138 -2.52 -25.01 -9.14
N ARG C 139 -3.62 -24.30 -9.05
CA ARG C 139 -4.32 -24.14 -7.80
C ARG C 139 -5.74 -24.64 -7.93
N PHE C 140 -6.20 -25.33 -6.93
CA PHE C 140 -7.59 -25.77 -6.91
C PHE C 140 -8.11 -26.02 -5.51
N GLY C 141 -9.39 -26.22 -5.35
CA GLY C 141 -9.96 -26.54 -4.05
C GLY C 141 -11.48 -26.54 -4.08
N ALA C 142 -12.04 -27.26 -3.16
CA ALA C 142 -13.48 -27.40 -3.00
C ALA C 142 -13.76 -27.32 -1.49
N SER C 143 -14.79 -26.57 -1.12
CA SER C 143 -15.21 -26.32 0.25
C SER C 143 -16.72 -26.14 0.26
N ILE C 144 -17.43 -26.11 1.40
CA ILE C 144 -18.87 -25.86 1.41
C ILE C 144 -19.28 -24.58 0.65
N SER C 145 -18.52 -23.49 0.78
CA SER C 145 -18.86 -22.21 0.16
C SER C 145 -18.45 -22.06 -1.29
N GLY C 146 -17.91 -23.13 -1.90
CA GLY C 146 -17.53 -23.06 -3.30
C GLY C 146 -16.39 -23.99 -3.74
N SER C 147 -15.94 -23.79 -4.98
CA SER C 147 -14.86 -24.60 -5.51
C SER C 147 -14.20 -23.94 -6.70
N HIS C 148 -12.94 -24.29 -7.00
CA HIS C 148 -12.19 -23.68 -8.08
C HIS C 148 -11.00 -24.47 -8.55
N VAL C 149 -10.60 -24.21 -9.78
CA VAL C 149 -9.32 -24.66 -10.31
C VAL C 149 -8.82 -23.53 -11.22
N ALA C 150 -7.52 -23.31 -11.12
CA ALA C 150 -6.82 -22.26 -11.82
C ALA C 150 -5.50 -22.82 -12.37
N ILE C 151 -5.41 -22.87 -13.68
CA ILE C 151 -4.25 -23.41 -14.39
C ILE C 151 -3.42 -22.26 -14.93
N ASP C 152 -2.12 -22.34 -14.75
CA ASP C 152 -1.28 -21.35 -15.35
C ASP C 152 0.09 -21.82 -15.80
N ASP C 153 0.38 -21.36 -17.00
CA ASP C 153 1.63 -21.59 -17.66
C ASP C 153 2.01 -20.47 -18.62
N ILE C 154 3.31 -20.23 -18.69
CA ILE C 154 3.89 -19.20 -19.55
C ILE C 154 3.45 -19.32 -21.00
N GLU C 155 3.22 -20.54 -21.46
CA GLU C 155 2.77 -20.81 -22.82
C GLU C 155 1.24 -20.71 -23.00
N GLY C 156 0.50 -20.34 -21.98
CA GLY C 156 -0.94 -20.37 -22.07
C GLY C 156 -1.35 -19.26 -22.97
N ALA C 157 -2.07 -19.51 -24.05
CA ALA C 157 -2.50 -18.45 -24.95
C ALA C 157 -3.15 -17.27 -24.23
N TRP C 158 -3.81 -17.58 -23.12
CA TRP C 158 -4.39 -16.55 -22.30
C TRP C 158 -3.39 -15.58 -21.71
N ASN C 159 -2.09 -15.86 -21.59
CA ASN C 159 -1.15 -14.88 -21.05
C ASN C 159 -0.65 -13.79 -21.99
N SER C 160 -1.22 -13.76 -23.20
CA SER C 160 -0.88 -12.71 -24.18
C SER C 160 -1.09 -11.28 -23.66
N SER C 161 -2.05 -11.16 -22.75
CA SER C 161 -2.40 -9.89 -22.11
C SER C 161 -1.70 -9.57 -20.79
N THR C 162 -1.02 -10.58 -20.25
CA THR C 162 -0.37 -10.54 -18.95
C THR C 162 0.83 -9.64 -18.75
N LYS C 163 0.84 -8.84 -17.69
CA LYS C 163 2.04 -8.09 -17.35
C LYS C 163 3.01 -8.99 -16.60
N TYR C 164 4.25 -9.06 -17.10
CA TYR C 164 5.23 -9.93 -16.48
C TYR C 164 6.45 -9.34 -15.77
N GLU C 165 6.78 -8.06 -15.77
CA GLU C 165 7.96 -7.47 -15.09
C GLU C 165 9.34 -7.85 -15.65
N GLY C 166 9.48 -9.01 -16.27
CA GLY C 166 10.58 -9.17 -17.22
C GLY C 166 10.27 -8.47 -18.56
N GLY C 167 8.97 -8.42 -18.85
CA GLY C 167 8.43 -7.96 -20.12
C GLY C 167 7.57 -9.11 -20.67
N ASN C 168 6.66 -9.00 -21.63
CA ASN C 168 5.87 -10.18 -21.95
C ASN C 168 6.47 -11.03 -23.05
N LYS C 169 7.20 -10.54 -24.03
CA LYS C 169 7.80 -11.38 -25.09
C LYS C 169 6.90 -12.15 -26.06
N GLY C 170 5.63 -12.40 -25.75
CA GLY C 170 4.59 -12.79 -26.73
C GLY C 170 4.70 -13.99 -27.67
N HIS C 171 5.77 -14.76 -27.73
CA HIS C 171 5.76 -15.94 -28.57
C HIS C 171 5.18 -17.06 -27.73
N ARG C 172 4.06 -17.63 -28.13
CA ARG C 172 3.33 -18.57 -27.28
C ARG C 172 2.44 -19.47 -28.16
N PRO C 173 2.23 -20.76 -27.95
CA PRO C 173 1.31 -21.54 -28.77
C PRO C 173 -0.14 -21.11 -28.59
N GLY C 174 -0.85 -20.74 -29.66
CA GLY C 174 -2.28 -20.42 -29.54
C GLY C 174 -3.16 -21.61 -29.11
N VAL C 175 -4.51 -21.62 -28.94
CA VAL C 175 -5.12 -22.82 -28.36
C VAL C 175 -4.91 -24.10 -29.14
N LYS C 176 -5.14 -24.36 -30.43
CA LYS C 176 -4.72 -25.67 -30.96
C LYS C 176 -3.39 -25.67 -31.74
N GLY C 177 -2.57 -24.69 -31.38
CA GLY C 177 -1.35 -24.40 -32.11
C GLY C 177 -0.02 -24.80 -31.48
N GLY C 178 -0.04 -25.69 -30.51
CA GLY C 178 1.19 -26.18 -29.91
C GLY C 178 1.94 -27.19 -30.78
N TYR C 179 1.23 -27.69 -31.81
CA TYR C 179 1.81 -28.64 -32.74
C TYR C 179 2.72 -28.10 -33.84
N PHE C 180 3.90 -28.22 -33.24
CA PHE C 180 5.26 -28.10 -33.75
C PHE C 180 6.11 -26.86 -33.93
N PRO C 181 5.74 -25.61 -33.64
CA PRO C 181 6.54 -24.44 -33.98
C PRO C 181 7.89 -24.46 -33.28
N VAL C 182 8.93 -23.96 -33.92
CA VAL C 182 10.25 -23.93 -33.28
C VAL C 182 10.31 -22.96 -32.09
N PRO C 183 11.25 -23.08 -31.17
CA PRO C 183 11.56 -22.04 -30.20
C PRO C 183 11.69 -20.62 -30.80
N PRO C 184 11.36 -19.53 -30.11
CA PRO C 184 10.80 -19.52 -28.77
C PRO C 184 9.34 -19.86 -28.54
N VAL C 185 8.49 -20.18 -29.54
CA VAL C 185 7.07 -20.53 -29.29
C VAL C 185 7.00 -21.82 -28.46
N ASP C 186 7.87 -22.77 -28.75
CA ASP C 186 7.93 -23.98 -27.95
C ASP C 186 8.94 -23.73 -26.85
N SER C 187 8.45 -23.44 -25.64
CA SER C 187 9.34 -23.23 -24.50
C SER C 187 10.05 -24.46 -23.96
N ALA C 188 9.58 -25.68 -24.26
CA ALA C 188 10.12 -26.86 -23.61
C ALA C 188 11.19 -27.75 -24.28
N GLN C 189 11.91 -27.26 -25.30
CA GLN C 189 12.93 -28.09 -25.97
C GLN C 189 13.97 -28.68 -25.02
N ASP C 190 14.61 -27.85 -24.19
CA ASP C 190 15.53 -28.36 -23.18
C ASP C 190 14.88 -29.23 -22.11
N ILE C 191 13.64 -28.97 -21.67
CA ILE C 191 13.01 -29.81 -20.65
C ILE C 191 12.70 -31.17 -21.26
N ARG C 192 12.15 -31.26 -22.47
CA ARG C 192 11.93 -32.56 -23.09
C ARG C 192 13.24 -33.31 -23.40
N SER C 193 14.29 -32.68 -23.96
CA SER C 193 15.54 -33.40 -24.20
C SER C 193 16.17 -33.97 -22.95
N GLU C 194 16.11 -33.20 -21.86
CA GLU C 194 16.56 -33.66 -20.54
C GLU C 194 15.78 -34.84 -20.02
N MET C 195 14.45 -34.80 -20.23
CA MET C 195 13.59 -35.93 -19.90
C MET C 195 14.00 -37.15 -20.71
N CYS C 196 14.36 -36.96 -21.97
CA CYS C 196 14.82 -38.06 -22.80
C CYS C 196 16.12 -38.65 -22.27
N LEU C 197 17.11 -37.81 -21.97
CA LEU C 197 18.37 -38.30 -21.44
C LEU C 197 18.17 -39.00 -20.09
N VAL C 198 17.41 -38.48 -19.13
CA VAL C 198 17.23 -39.20 -17.87
C VAL C 198 16.44 -40.50 -18.10
N MET C 199 15.48 -40.57 -19.02
CA MET C 199 14.76 -41.82 -19.26
C MET C 199 15.68 -42.93 -19.74
N GLU C 200 16.57 -42.57 -20.66
CA GLU C 200 17.53 -43.55 -21.16
C GLU C 200 18.49 -44.00 -20.08
N GLN C 201 18.93 -43.10 -19.21
CA GLN C 201 19.77 -43.42 -18.06
C GLN C 201 19.06 -44.41 -17.10
N MET C 202 17.74 -44.47 -17.19
CA MET C 202 16.93 -45.39 -16.39
C MET C 202 16.47 -46.61 -17.17
N GLY C 203 16.99 -46.73 -18.38
CA GLY C 203 16.78 -47.91 -19.21
C GLY C 203 15.70 -47.86 -20.27
N LEU C 204 15.20 -46.68 -20.61
CA LEU C 204 14.17 -46.62 -21.63
C LEU C 204 14.80 -46.24 -22.96
N VAL C 205 14.15 -46.52 -24.09
CA VAL C 205 14.75 -46.04 -25.34
C VAL C 205 13.87 -45.00 -25.99
N VAL C 206 14.31 -43.77 -25.98
CA VAL C 206 13.55 -42.71 -26.61
C VAL C 206 13.63 -42.82 -28.12
N GLU C 207 12.51 -42.57 -28.79
CA GLU C 207 12.42 -42.54 -30.23
C GLU C 207 12.26 -41.14 -30.81
N ALA C 208 11.50 -40.32 -30.10
CA ALA C 208 11.27 -38.94 -30.47
C ALA C 208 10.68 -38.10 -29.35
N HIS C 209 10.84 -36.80 -29.33
CA HIS C 209 10.12 -35.97 -28.37
C HIS C 209 9.66 -34.73 -29.07
N HIS C 210 8.44 -34.31 -28.79
CA HIS C 210 7.92 -33.09 -29.40
C HIS C 210 6.81 -32.46 -28.60
N HIS C 211 6.55 -31.19 -28.89
CA HIS C 211 5.40 -30.50 -28.30
C HIS C 211 4.11 -31.04 -28.88
N GLU C 212 3.04 -31.13 -28.10
CA GLU C 212 1.77 -31.59 -28.62
C GLU C 212 0.82 -30.47 -29.01
N VAL C 213 -0.42 -30.75 -29.39
CA VAL C 213 -1.34 -29.77 -29.95
C VAL C 213 -1.76 -28.62 -29.06
N ALA C 214 -1.96 -28.88 -27.79
CA ALA C 214 -2.43 -27.84 -26.90
C ALA C 214 -1.52 -26.69 -26.51
N THR C 215 -2.11 -25.51 -26.36
CA THR C 215 -1.44 -24.36 -25.73
C THR C 215 -1.11 -24.71 -24.28
N ALA C 216 -0.44 -23.90 -23.48
CA ALA C 216 -0.18 -24.22 -22.07
C ALA C 216 0.54 -25.54 -21.73
N GLY C 217 1.51 -25.85 -22.58
CA GLY C 217 2.47 -26.93 -22.27
C GLY C 217 2.13 -28.39 -22.56
N GLN C 218 1.43 -28.78 -23.63
CA GLN C 218 1.25 -30.20 -23.86
C GLN C 218 2.49 -30.78 -24.52
N ASN C 219 3.00 -31.91 -24.04
CA ASN C 219 4.23 -32.50 -24.56
C ASN C 219 4.19 -34.01 -24.69
N GLU C 220 5.12 -34.56 -25.46
CA GLU C 220 5.20 -36.00 -25.68
C GLU C 220 6.62 -36.49 -25.88
N VAL C 221 6.99 -37.45 -25.07
CA VAL C 221 8.25 -38.15 -25.27
C VAL C 221 7.87 -39.55 -25.72
N ALA C 222 8.15 -39.87 -26.98
CA ALA C 222 7.85 -41.18 -27.59
C ALA C 222 8.93 -42.18 -27.21
N THR C 223 8.52 -43.36 -26.81
CA THR C 223 9.48 -44.32 -26.26
C THR C 223 9.35 -45.75 -26.86
N ARG C 224 10.44 -46.45 -27.22
CA ARG C 224 10.43 -47.80 -27.81
C ARG C 224 9.76 -48.85 -26.93
N PHE C 225 8.99 -49.62 -27.71
CA PHE C 225 8.13 -50.68 -27.19
C PHE C 225 8.79 -51.72 -26.30
N ASN C 226 7.93 -52.53 -25.74
CA ASN C 226 8.39 -53.64 -24.95
C ASN C 226 7.32 -54.70 -24.75
N THR C 227 7.72 -55.73 -24.02
CA THR C 227 6.75 -56.75 -23.66
C THR C 227 5.85 -56.14 -22.60
N MET C 228 4.59 -56.52 -22.57
CA MET C 228 3.63 -55.96 -21.61
C MET C 228 4.09 -55.64 -20.19
N THR C 229 4.34 -56.53 -19.23
CA THR C 229 4.77 -56.12 -17.89
C THR C 229 6.02 -55.27 -17.88
N LYS C 230 6.98 -55.44 -18.79
CA LYS C 230 8.17 -54.61 -18.76
C LYS C 230 7.83 -53.19 -19.18
N LYS C 231 6.95 -53.06 -20.18
CA LYS C 231 6.50 -51.76 -20.65
C LYS C 231 5.65 -51.05 -19.62
N ALA C 232 4.79 -51.77 -18.93
CA ALA C 232 4.02 -51.21 -17.83
C ALA C 232 4.94 -50.63 -16.75
N ASP C 233 6.04 -51.30 -16.37
CA ASP C 233 7.03 -50.67 -15.49
C ASP C 233 7.71 -49.48 -16.17
N GLU C 234 8.03 -49.55 -17.46
CA GLU C 234 8.60 -48.40 -18.15
C GLU C 234 7.67 -47.19 -18.14
N ILE C 235 6.34 -47.38 -18.13
CA ILE C 235 5.42 -46.26 -17.99
C ILE C 235 5.55 -45.70 -16.57
N GLN C 236 5.66 -46.52 -15.52
CA GLN C 236 5.92 -46.00 -14.18
C GLN C 236 7.24 -45.23 -14.09
N ILE C 237 8.34 -45.62 -14.74
CA ILE C 237 9.56 -44.82 -14.77
C ILE C 237 9.35 -43.56 -15.61
N TYR C 238 8.68 -43.65 -16.77
CA TYR C 238 8.37 -42.53 -17.66
C TYR C 238 7.70 -41.41 -16.88
N LYS C 239 6.59 -41.78 -16.23
CA LYS C 239 5.90 -40.84 -15.37
C LYS C 239 6.76 -40.26 -14.26
N TYR C 240 7.62 -41.05 -13.61
CA TYR C 240 8.49 -40.55 -12.53
C TYR C 240 9.50 -39.53 -13.04
N VAL C 241 10.14 -39.80 -14.16
CA VAL C 241 11.07 -38.87 -14.76
C VAL C 241 10.34 -37.60 -15.19
N VAL C 242 9.20 -37.68 -15.90
CA VAL C 242 8.45 -36.47 -16.28
C VAL C 242 8.08 -35.64 -15.06
N HIS C 243 7.51 -36.25 -14.00
CA HIS C 243 7.19 -35.52 -12.79
C HIS C 243 8.42 -34.89 -12.12
N ASN C 244 9.56 -35.56 -11.98
CA ASN C 244 10.71 -34.96 -11.34
C ASN C 244 11.60 -34.05 -12.18
N VAL C 245 11.81 -34.24 -13.47
CA VAL C 245 12.58 -33.31 -14.29
C VAL C 245 11.78 -32.01 -14.38
N ALA C 246 10.46 -32.09 -14.60
CA ALA C 246 9.62 -30.90 -14.62
C ALA C 246 9.78 -30.09 -13.33
N HIS C 247 9.77 -30.84 -12.23
CA HIS C 247 9.98 -30.24 -10.93
C HIS C 247 11.33 -29.54 -10.79
N ARG C 248 12.43 -30.15 -11.28
CA ARG C 248 13.75 -29.51 -11.25
C ARG C 248 13.77 -28.22 -12.07
N PHE C 249 12.99 -28.21 -13.14
CA PHE C 249 12.84 -27.04 -13.99
C PHE C 249 11.86 -25.98 -13.50
N GLY C 250 11.23 -26.18 -12.33
CA GLY C 250 10.28 -25.21 -11.79
C GLY C 250 8.86 -25.35 -12.35
N LYS C 251 8.67 -26.40 -13.12
CA LYS C 251 7.37 -26.70 -13.67
C LYS C 251 6.69 -27.78 -12.83
N THR C 252 5.41 -27.99 -13.15
CA THR C 252 4.64 -29.08 -12.57
C THR C 252 4.00 -29.86 -13.73
N ALA C 253 4.23 -31.16 -13.77
CA ALA C 253 3.64 -31.95 -14.84
C ALA C 253 2.45 -32.73 -14.38
N THR C 254 1.53 -32.92 -15.31
CA THR C 254 0.35 -33.74 -15.01
C THR C 254 -0.07 -34.68 -16.13
N PHE C 255 -0.39 -35.89 -15.70
CA PHE C 255 -0.92 -36.85 -16.66
C PHE C 255 -2.44 -36.91 -16.70
N MET C 256 -3.20 -35.96 -16.13
CA MET C 256 -4.65 -36.11 -16.12
C MET C 256 -5.20 -35.85 -17.52
N PRO C 257 -6.21 -36.61 -17.94
CA PRO C 257 -6.65 -36.72 -19.33
C PRO C 257 -7.09 -35.42 -19.97
N LYS C 258 -7.83 -34.64 -19.20
CA LYS C 258 -8.47 -33.41 -19.67
C LYS C 258 -8.40 -32.24 -18.68
N PRO C 259 -7.30 -31.49 -18.53
CA PRO C 259 -7.18 -30.42 -17.56
C PRO C 259 -7.84 -29.14 -18.04
N MET C 260 -7.93 -28.91 -19.35
CA MET C 260 -8.51 -27.70 -19.89
C MET C 260 -9.65 -27.98 -20.87
N PHE C 261 -10.79 -27.35 -20.69
CA PHE C 261 -11.85 -27.43 -21.69
C PHE C 261 -11.50 -26.54 -22.90
N GLY C 262 -11.74 -26.98 -24.13
CA GLY C 262 -11.51 -26.08 -25.26
C GLY C 262 -10.18 -26.22 -25.98
N ASP C 263 -9.44 -27.21 -25.51
CA ASP C 263 -8.20 -27.58 -26.14
C ASP C 263 -7.91 -29.06 -25.92
N ASN C 264 -6.90 -29.58 -26.59
CA ASN C 264 -6.53 -30.98 -26.49
C ASN C 264 -6.37 -31.60 -25.10
N GLY C 265 -6.70 -32.89 -25.09
CA GLY C 265 -6.52 -33.70 -23.92
C GLY C 265 -5.30 -34.61 -24.10
N SER C 266 -4.83 -35.12 -23.00
CA SER C 266 -3.71 -36.03 -23.02
C SER C 266 -4.22 -37.47 -23.08
N GLY C 267 -3.99 -38.11 -24.20
CA GLY C 267 -4.28 -39.54 -24.32
C GLY C 267 -3.03 -40.42 -24.32
N MET C 268 -3.17 -41.70 -24.01
CA MET C 268 -2.07 -42.65 -24.04
C MET C 268 -2.46 -43.77 -24.99
N HIS C 269 -2.16 -43.63 -26.27
CA HIS C 269 -2.55 -44.67 -27.22
C HIS C 269 -1.69 -45.91 -27.10
N CYS C 270 -2.31 -47.07 -27.03
CA CYS C 270 -1.55 -48.29 -27.01
C CYS C 270 -1.36 -48.98 -28.35
N HIS C 271 -0.15 -49.00 -28.88
CA HIS C 271 0.18 -49.86 -30.00
C HIS C 271 0.37 -51.29 -29.50
N MET C 272 -0.34 -52.23 -30.09
CA MET C 272 -0.18 -53.62 -29.72
C MET C 272 0.14 -54.54 -30.88
N SER C 273 0.89 -55.56 -30.50
CA SER C 273 1.20 -56.65 -31.42
C SER C 273 1.51 -57.98 -30.74
N LEU C 274 1.21 -59.06 -31.44
CA LEU C 274 1.50 -60.38 -30.91
C LEU C 274 2.56 -61.15 -31.68
N ALA C 275 3.38 -61.91 -30.97
CA ALA C 275 4.40 -62.70 -31.64
C ALA C 275 4.65 -64.13 -31.15
N LYS C 276 4.67 -65.05 -32.10
CA LYS C 276 4.97 -66.46 -31.83
C LYS C 276 6.30 -66.75 -32.50
N ASN C 277 7.18 -67.55 -31.91
CA ASN C 277 8.53 -67.86 -32.41
C ASN C 277 9.21 -66.86 -33.35
N GLY C 278 9.38 -65.65 -32.81
CA GLY C 278 10.04 -64.55 -33.54
C GLY C 278 9.28 -63.96 -34.74
N THR C 279 7.99 -64.28 -34.88
CA THR C 279 7.18 -63.79 -35.99
C THR C 279 5.90 -63.10 -35.57
N ASN C 280 5.65 -62.03 -36.30
CA ASN C 280 4.51 -61.18 -36.04
C ASN C 280 3.15 -61.69 -36.52
N LEU C 281 2.43 -62.36 -35.62
CA LEU C 281 1.08 -62.83 -35.89
C LEU C 281 0.08 -61.81 -36.41
N PHE C 282 0.32 -60.52 -36.19
CA PHE C 282 -0.59 -59.52 -36.69
C PHE C 282 -0.35 -59.22 -38.16
N SER C 283 0.84 -59.50 -38.68
CA SER C 283 1.05 -59.35 -40.12
C SER C 283 0.39 -60.47 -40.90
N GLY C 284 0.08 -60.20 -42.15
CA GLY C 284 -0.56 -61.18 -43.02
C GLY C 284 -1.18 -60.53 -44.26
N ASP C 285 -2.17 -61.24 -44.77
CA ASP C 285 -2.98 -60.75 -45.88
C ASP C 285 -4.11 -59.82 -45.40
N LYS C 286 -5.42 -60.07 -45.62
CA LYS C 286 -6.54 -59.26 -45.10
C LYS C 286 -6.47 -57.72 -45.11
N TYR C 287 -7.33 -56.95 -44.41
CA TYR C 287 -7.22 -55.48 -44.41
C TYR C 287 -5.87 -54.89 -44.01
N ALA C 288 -5.31 -54.09 -44.90
CA ALA C 288 -4.03 -53.41 -44.67
C ALA C 288 -2.85 -54.17 -44.06
N GLY C 289 -2.56 -55.36 -44.59
CA GLY C 289 -1.44 -56.18 -44.12
C GLY C 289 -1.75 -56.99 -42.87
N LEU C 290 -2.99 -56.95 -42.41
CA LEU C 290 -3.32 -57.67 -41.21
C LEU C 290 -3.67 -59.15 -41.34
N SER C 291 -3.35 -59.95 -40.36
CA SER C 291 -3.82 -61.33 -40.36
C SER C 291 -5.28 -61.47 -39.89
N GLU C 292 -5.89 -62.63 -40.13
CA GLU C 292 -7.23 -62.92 -39.60
C GLU C 292 -7.20 -62.99 -38.06
N GLN C 293 -6.03 -63.37 -37.56
CA GLN C 293 -5.67 -63.46 -36.15
C GLN C 293 -5.79 -62.09 -35.46
N ALA C 294 -5.21 -61.10 -36.15
CA ALA C 294 -5.25 -59.71 -35.75
C ALA C 294 -6.67 -59.14 -35.77
N LEU C 295 -7.44 -59.42 -36.82
CA LEU C 295 -8.83 -59.00 -36.89
C LEU C 295 -9.65 -59.52 -35.73
N TYR C 296 -9.48 -60.76 -35.27
CA TYR C 296 -10.19 -61.22 -34.08
C TYR C 296 -9.71 -60.53 -32.79
N TYR C 297 -8.44 -60.13 -32.72
CA TYR C 297 -7.93 -59.32 -31.60
C TYR C 297 -8.71 -58.01 -31.55
N ILE C 298 -8.81 -57.28 -32.67
CA ILE C 298 -9.64 -56.08 -32.77
C ILE C 298 -11.09 -56.37 -32.35
N GLY C 299 -11.70 -57.43 -32.89
CA GLY C 299 -13.05 -57.83 -32.49
C GLY C 299 -13.22 -58.06 -31.00
N GLY C 300 -12.23 -58.62 -30.30
CA GLY C 300 -12.30 -58.78 -28.86
C GLY C 300 -12.20 -57.45 -28.12
N VAL C 301 -11.29 -56.56 -28.55
CA VAL C 301 -11.18 -55.21 -27.98
C VAL C 301 -12.51 -54.48 -28.15
N ILE C 302 -13.06 -54.40 -29.36
CA ILE C 302 -14.37 -53.77 -29.60
C ILE C 302 -15.49 -54.45 -28.80
N LYS C 303 -15.57 -55.77 -28.75
CA LYS C 303 -16.55 -56.51 -27.96
C LYS C 303 -16.51 -56.12 -26.47
N HIS C 304 -15.32 -55.88 -25.94
CA HIS C 304 -15.20 -55.56 -24.53
C HIS C 304 -14.81 -54.13 -24.18
N ALA C 305 -14.81 -53.24 -25.19
CA ALA C 305 -14.41 -51.84 -25.01
C ALA C 305 -14.94 -51.14 -23.77
N LYS C 306 -16.24 -51.11 -23.49
CA LYS C 306 -16.73 -50.45 -22.28
C LYS C 306 -16.19 -51.03 -20.96
N ALA C 307 -15.86 -52.32 -20.88
CA ALA C 307 -15.28 -52.88 -19.66
C ALA C 307 -13.81 -52.48 -19.58
N ILE C 308 -13.13 -52.47 -20.73
CA ILE C 308 -11.76 -51.99 -20.83
C ILE C 308 -11.71 -50.51 -20.39
N ASN C 309 -12.69 -49.67 -20.75
CA ASN C 309 -12.72 -48.26 -20.37
C ASN C 309 -12.62 -48.05 -18.86
N ALA C 310 -13.22 -48.90 -18.04
CA ALA C 310 -13.08 -48.82 -16.59
C ALA C 310 -11.66 -48.93 -16.07
N LEU C 311 -10.76 -49.49 -16.88
CA LEU C 311 -9.35 -49.65 -16.55
C LEU C 311 -8.42 -48.74 -17.37
N ALA C 312 -8.75 -48.53 -18.65
CA ALA C 312 -7.98 -47.68 -19.57
C ALA C 312 -8.32 -46.18 -19.53
N ASN C 313 -9.47 -45.88 -18.96
CA ASN C 313 -10.00 -44.52 -18.77
C ASN C 313 -10.64 -44.42 -17.37
N PRO C 314 -9.90 -44.56 -16.27
CA PRO C 314 -10.43 -44.85 -14.96
C PRO C 314 -10.83 -43.62 -14.13
N THR C 315 -10.78 -42.44 -14.73
CA THR C 315 -11.07 -41.22 -13.96
C THR C 315 -12.31 -40.54 -14.46
N THR C 316 -13.12 -39.85 -13.65
CA THR C 316 -14.28 -39.13 -14.21
C THR C 316 -13.82 -38.13 -15.27
N ASN C 317 -12.65 -37.51 -15.10
CA ASN C 317 -12.06 -36.60 -16.07
C ASN C 317 -11.73 -37.25 -17.43
N SER C 318 -11.52 -38.55 -17.45
CA SER C 318 -11.23 -39.24 -18.70
C SER C 318 -12.28 -39.05 -19.78
N TYR C 319 -13.51 -39.01 -19.29
CA TYR C 319 -14.64 -38.88 -20.19
C TYR C 319 -14.89 -37.45 -20.66
N LYS C 320 -14.25 -36.45 -20.07
CA LYS C 320 -14.24 -35.10 -20.64
C LYS C 320 -13.42 -35.09 -21.92
N ARG C 321 -12.47 -36.02 -22.06
CA ARG C 321 -11.67 -36.20 -23.29
C ARG C 321 -12.44 -37.02 -24.31
N LEU C 322 -13.02 -38.13 -23.83
CA LEU C 322 -13.81 -38.99 -24.70
C LEU C 322 -15.24 -38.51 -24.98
N VAL C 323 -15.32 -37.35 -25.63
CA VAL C 323 -16.60 -36.80 -26.02
C VAL C 323 -16.64 -36.77 -27.55
N PRO C 324 -17.80 -36.98 -28.19
CA PRO C 324 -18.01 -36.83 -29.64
C PRO C 324 -17.19 -35.88 -30.52
N PRO C 329 -11.70 -39.89 -30.04
CA PRO C 329 -11.76 -41.23 -30.60
C PRO C 329 -12.83 -42.10 -29.94
N VAL C 330 -14.09 -41.71 -30.09
CA VAL C 330 -15.18 -42.45 -29.47
C VAL C 330 -15.74 -43.67 -30.21
N MET C 331 -15.59 -43.68 -31.54
CA MET C 331 -16.08 -44.75 -32.41
C MET C 331 -15.33 -46.10 -32.35
N LEU C 332 -15.94 -47.14 -31.82
CA LEU C 332 -15.37 -48.48 -31.86
C LEU C 332 -15.40 -49.07 -33.27
N ALA C 333 -14.35 -48.73 -33.99
CA ALA C 333 -14.17 -49.13 -35.36
C ALA C 333 -12.69 -49.18 -35.73
N TYR C 334 -12.28 -50.14 -36.53
CA TYR C 334 -10.91 -50.11 -37.04
C TYR C 334 -10.82 -49.47 -38.41
N SER C 335 -9.67 -48.89 -38.66
CA SER C 335 -9.39 -48.25 -39.94
C SER C 335 -7.94 -47.83 -40.17
N ALA C 336 -7.45 -47.89 -41.39
CA ALA C 336 -6.15 -47.33 -41.73
C ALA C 336 -6.37 -45.86 -42.11
N ARG C 337 -7.56 -45.59 -42.65
CA ARG C 337 -8.02 -44.23 -42.97
C ARG C 337 -8.72 -43.41 -41.86
N ASN C 338 -9.90 -43.75 -41.33
CA ASN C 338 -10.63 -42.94 -40.36
C ASN C 338 -10.01 -42.56 -38.99
N ARG C 339 -9.27 -41.46 -38.80
CA ARG C 339 -8.83 -41.04 -37.44
C ARG C 339 -10.05 -40.28 -36.86
N SER C 340 -10.86 -41.15 -36.29
CA SER C 340 -12.18 -40.94 -35.67
C SER C 340 -12.60 -42.32 -35.13
N ALA C 341 -12.06 -43.33 -35.83
CA ALA C 341 -12.07 -44.71 -35.39
C ALA C 341 -11.06 -44.85 -34.25
N SER C 342 -11.50 -45.47 -33.16
CA SER C 342 -10.64 -45.69 -31.99
C SER C 342 -9.60 -46.78 -32.17
N ILE C 343 -9.72 -47.61 -33.21
CA ILE C 343 -8.70 -48.61 -33.51
C ILE C 343 -8.06 -48.20 -34.84
N ARG C 344 -6.87 -47.66 -34.83
CA ARG C 344 -6.14 -47.31 -36.04
C ARG C 344 -5.17 -48.42 -36.43
N ILE C 345 -5.18 -48.82 -37.70
CA ILE C 345 -4.21 -49.81 -38.19
C ILE C 345 -3.13 -48.95 -38.82
N PRO C 346 -1.98 -48.73 -38.16
CA PRO C 346 -0.94 -47.83 -38.62
C PRO C 346 -0.37 -48.29 -39.94
N VAL C 347 -0.20 -47.34 -40.86
CA VAL C 347 0.39 -47.69 -42.15
C VAL C 347 1.88 -47.84 -41.90
N VAL C 348 2.26 -49.08 -41.58
CA VAL C 348 3.66 -49.35 -41.33
C VAL C 348 4.45 -49.27 -42.65
N ALA C 349 3.91 -49.81 -43.77
CA ALA C 349 4.53 -49.89 -45.12
C ALA C 349 5.77 -50.81 -45.22
N SER C 350 6.55 -50.61 -44.18
CA SER C 350 7.68 -51.37 -43.68
C SER C 350 7.25 -52.84 -43.40
N PRO C 351 8.00 -53.75 -42.77
CA PRO C 351 7.79 -55.17 -43.02
C PRO C 351 6.68 -56.00 -42.36
N LYS C 352 6.81 -55.96 -41.04
CA LYS C 352 6.19 -56.87 -40.07
C LYS C 352 6.30 -56.28 -38.64
N ALA C 353 6.66 -55.01 -38.68
CA ALA C 353 6.22 -54.07 -37.66
C ALA C 353 4.67 -53.81 -37.77
N ARG C 354 3.88 -54.67 -38.44
CA ARG C 354 2.42 -54.64 -38.49
C ARG C 354 1.83 -54.72 -37.08
N ARG C 355 0.91 -53.82 -36.78
CA ARG C 355 0.35 -53.74 -35.44
C ARG C 355 -1.01 -53.07 -35.39
N ILE C 356 -1.76 -53.20 -34.30
CA ILE C 356 -2.93 -52.35 -34.16
C ILE C 356 -2.67 -51.22 -33.17
N GLU C 357 -3.34 -50.08 -33.33
CA GLU C 357 -3.23 -49.01 -32.36
C GLU C 357 -4.57 -48.67 -31.72
N VAL C 358 -4.76 -48.91 -30.43
CA VAL C 358 -6.01 -48.50 -29.79
C VAL C 358 -5.85 -47.07 -29.26
N ARG C 359 -6.52 -46.11 -29.89
CA ARG C 359 -6.39 -44.69 -29.55
C ARG C 359 -7.07 -44.18 -28.31
N PHE C 360 -8.03 -44.89 -27.74
CA PHE C 360 -8.77 -44.36 -26.61
C PHE C 360 -8.24 -44.36 -25.18
N PRO C 361 -7.26 -45.12 -24.68
CA PRO C 361 -6.83 -45.04 -23.27
C PRO C 361 -6.14 -43.72 -22.92
N ASP C 362 -5.96 -43.38 -21.65
CA ASP C 362 -5.26 -42.15 -21.30
C ASP C 362 -4.24 -42.27 -20.17
N PRO C 363 -3.24 -41.38 -19.99
CA PRO C 363 -2.20 -41.51 -18.96
C PRO C 363 -2.70 -41.82 -17.56
N ALA C 364 -3.98 -41.55 -17.23
CA ALA C 364 -4.47 -41.85 -15.88
C ALA C 364 -4.63 -43.34 -15.58
N ALA C 365 -4.62 -44.15 -16.64
CA ALA C 365 -4.78 -45.58 -16.52
C ALA C 365 -3.65 -46.32 -15.79
N ASN C 366 -3.98 -47.31 -14.95
CA ASN C 366 -2.94 -48.10 -14.31
C ASN C 366 -2.28 -48.96 -15.39
N PRO C 367 -1.03 -48.75 -15.82
CA PRO C 367 -0.52 -49.35 -17.04
C PRO C 367 -0.59 -50.87 -16.98
N TYR C 368 -0.41 -51.48 -15.79
CA TYR C 368 -0.54 -52.93 -15.66
C TYR C 368 -1.96 -53.38 -15.94
N LEU C 369 -2.94 -52.94 -15.15
CA LEU C 369 -4.32 -53.32 -15.40
C LEU C 369 -4.86 -52.93 -16.78
N CYS C 370 -4.48 -51.75 -17.30
CA CYS C 370 -4.91 -51.30 -18.63
C CYS C 370 -4.39 -52.22 -19.71
N PHE C 371 -3.09 -52.54 -19.68
CA PHE C 371 -2.52 -53.45 -20.66
C PHE C 371 -3.03 -54.88 -20.53
N ALA C 372 -3.06 -55.43 -19.30
CA ALA C 372 -3.66 -56.75 -19.04
C ALA C 372 -5.07 -56.82 -19.61
N ALA C 373 -5.99 -55.89 -19.32
CA ALA C 373 -7.32 -55.87 -19.92
C ALA C 373 -7.30 -55.76 -21.45
N LEU C 374 -6.50 -54.91 -22.11
CA LEU C 374 -6.46 -54.93 -23.58
C LEU C 374 -6.04 -56.31 -24.11
N LEU C 375 -5.05 -56.95 -23.49
CA LEU C 375 -4.57 -58.27 -23.91
C LEU C 375 -5.67 -59.31 -23.72
N MET C 376 -6.20 -59.52 -22.51
CA MET C 376 -7.31 -60.44 -22.27
C MET C 376 -8.52 -60.24 -23.21
N ALA C 377 -8.90 -59.00 -23.54
CA ALA C 377 -9.97 -58.75 -24.50
C ALA C 377 -9.60 -59.22 -25.90
N GLY C 378 -8.38 -58.86 -26.32
CA GLY C 378 -7.88 -59.26 -27.62
C GLY C 378 -7.74 -60.76 -27.81
N LEU C 379 -7.32 -61.49 -26.76
CA LEU C 379 -7.27 -62.94 -26.82
C LEU C 379 -8.68 -63.50 -26.92
N ASP C 380 -9.64 -63.14 -26.06
CA ASP C 380 -11.03 -63.58 -26.20
C ASP C 380 -11.59 -63.37 -27.62
N GLY C 381 -11.13 -62.38 -28.37
CA GLY C 381 -11.52 -62.23 -29.77
C GLY C 381 -11.01 -63.38 -30.62
N ILE C 382 -9.68 -63.59 -30.59
CA ILE C 382 -9.01 -64.71 -31.26
C ILE C 382 -9.65 -66.05 -30.90
N LYS C 383 -9.65 -66.29 -29.60
CA LYS C 383 -10.24 -67.47 -28.96
C LYS C 383 -11.68 -67.81 -29.34
N ASN C 384 -12.47 -66.82 -29.76
CA ASN C 384 -13.84 -67.05 -30.22
C ASN C 384 -14.12 -66.51 -31.62
N LYS C 385 -13.11 -66.37 -32.50
CA LYS C 385 -13.26 -65.87 -33.88
C LYS C 385 -14.17 -64.62 -34.00
N ILE C 386 -14.20 -63.77 -32.96
CA ILE C 386 -15.04 -62.57 -32.91
C ILE C 386 -14.60 -61.62 -34.00
N HIS C 387 -15.23 -61.79 -35.15
CA HIS C 387 -14.85 -61.04 -36.32
C HIS C 387 -15.28 -59.59 -36.25
N PRO C 388 -14.31 -58.66 -36.33
CA PRO C 388 -14.54 -57.24 -36.14
C PRO C 388 -15.59 -56.64 -37.05
N GLY C 389 -15.44 -56.71 -38.38
CA GLY C 389 -16.49 -56.23 -39.27
C GLY C 389 -15.89 -55.64 -40.54
N GLU C 390 -16.12 -54.36 -40.74
CA GLU C 390 -15.57 -53.65 -41.88
C GLU C 390 -15.05 -52.26 -41.48
N PRO C 391 -13.95 -51.79 -42.07
CA PRO C 391 -13.36 -50.50 -41.76
C PRO C 391 -14.13 -49.25 -42.14
N MET C 392 -14.47 -48.43 -41.15
CA MET C 392 -14.99 -47.10 -41.43
C MET C 392 -13.85 -46.29 -42.06
N ASP C 393 -13.94 -45.73 -43.25
CA ASP C 393 -12.81 -44.96 -43.78
C ASP C 393 -13.08 -43.49 -44.16
N ILE C 407 -23.08 -47.73 -35.29
CA ILE C 407 -21.65 -47.82 -34.99
C ILE C 407 -21.31 -47.56 -33.50
N PRO C 408 -20.86 -48.59 -32.75
CA PRO C 408 -20.77 -48.55 -31.29
C PRO C 408 -19.67 -47.66 -30.71
N GLN C 409 -19.87 -47.16 -29.49
CA GLN C 409 -18.91 -46.24 -28.88
C GLN C 409 -18.38 -46.64 -27.53
N VAL C 410 -17.25 -46.05 -27.15
CA VAL C 410 -16.68 -46.25 -25.80
C VAL C 410 -17.65 -45.85 -24.69
N ALA C 411 -17.46 -46.30 -23.45
CA ALA C 411 -18.33 -45.86 -22.35
C ALA C 411 -18.39 -44.34 -22.27
N GLY C 412 -19.58 -43.77 -22.17
CA GLY C 412 -19.70 -42.31 -22.10
C GLY C 412 -19.48 -41.69 -20.72
N SER C 413 -19.17 -42.51 -19.72
CA SER C 413 -18.89 -42.03 -18.37
C SER C 413 -18.25 -43.10 -17.50
N LEU C 414 -17.56 -42.71 -16.43
CA LEU C 414 -16.96 -43.70 -15.55
C LEU C 414 -18.00 -44.63 -14.96
N GLU C 415 -19.19 -44.14 -14.64
CA GLU C 415 -20.25 -44.99 -14.06
C GLU C 415 -20.67 -46.09 -15.03
N GLU C 416 -20.79 -45.71 -16.31
CA GLU C 416 -21.10 -46.65 -17.37
C GLU C 416 -19.98 -47.68 -17.48
N ALA C 417 -18.74 -47.21 -17.63
CA ALA C 417 -17.57 -48.08 -17.67
C ALA C 417 -17.49 -49.04 -16.49
N LEU C 418 -17.73 -48.58 -15.27
CA LEU C 418 -17.71 -49.45 -14.11
C LEU C 418 -18.84 -50.48 -14.16
N ASN C 419 -20.09 -50.14 -14.53
CA ASN C 419 -21.16 -51.14 -14.69
C ASN C 419 -20.79 -52.22 -15.71
N ALA C 420 -20.27 -51.72 -16.83
CA ALA C 420 -19.78 -52.57 -17.90
C ALA C 420 -18.67 -53.52 -17.43
N LEU C 421 -17.65 -53.09 -16.69
CA LEU C 421 -16.63 -53.98 -16.16
C LEU C 421 -17.29 -55.01 -15.25
N ASP C 422 -18.15 -54.57 -14.34
CA ASP C 422 -18.90 -55.45 -13.45
C ASP C 422 -19.71 -56.54 -14.15
N LEU C 423 -20.29 -56.25 -15.31
CA LEU C 423 -21.05 -57.26 -16.04
C LEU C 423 -20.23 -58.07 -17.05
N ASP C 424 -19.25 -57.47 -17.70
CA ASP C 424 -18.41 -58.14 -18.68
C ASP C 424 -17.09 -58.67 -18.08
N ARG C 425 -17.24 -59.05 -16.82
CA ARG C 425 -16.22 -59.57 -15.94
C ARG C 425 -15.52 -60.86 -16.39
N GLU C 426 -16.19 -61.69 -17.19
CA GLU C 426 -15.66 -62.98 -17.59
C GLU C 426 -14.32 -63.07 -18.32
N PHE C 427 -14.14 -62.27 -19.37
CA PHE C 427 -12.88 -62.33 -20.11
C PHE C 427 -11.66 -61.92 -19.27
N LEU C 428 -11.87 -61.07 -18.25
CA LEU C 428 -10.77 -60.74 -17.37
C LEU C 428 -10.44 -61.91 -16.46
N LYS C 429 -11.39 -62.72 -15.99
CA LYS C 429 -11.12 -63.87 -15.10
C LYS C 429 -10.46 -65.11 -15.72
N ALA C 430 -10.42 -65.15 -17.05
CA ALA C 430 -9.75 -66.23 -17.78
C ALA C 430 -8.33 -66.55 -17.30
N GLY C 431 -8.14 -67.80 -16.93
CA GLY C 431 -6.87 -68.27 -16.40
C GLY C 431 -6.43 -67.67 -15.07
N GLY C 432 -7.32 -67.08 -14.29
CA GLY C 432 -6.92 -66.57 -12.97
C GLY C 432 -6.28 -65.19 -12.98
N VAL C 433 -6.09 -64.61 -14.18
CA VAL C 433 -5.65 -63.22 -14.35
C VAL C 433 -6.82 -62.44 -13.71
N PHE C 434 -6.76 -61.63 -12.65
CA PHE C 434 -7.96 -60.97 -12.11
C PHE C 434 -9.01 -61.87 -11.44
N THR C 435 -9.05 -61.82 -10.13
CA THR C 435 -10.16 -62.48 -9.43
C THR C 435 -11.42 -61.60 -9.28
N ASP C 436 -12.55 -62.16 -8.92
CA ASP C 436 -13.72 -61.35 -8.54
C ASP C 436 -13.46 -60.35 -7.43
N GLU C 437 -12.74 -60.72 -6.36
CA GLU C 437 -12.42 -59.77 -5.28
C GLU C 437 -11.64 -58.58 -5.83
N ALA C 438 -10.68 -58.88 -6.71
CA ALA C 438 -9.87 -57.88 -7.38
C ALA C 438 -10.73 -56.93 -8.21
N ILE C 439 -11.61 -57.45 -9.08
CA ILE C 439 -12.52 -56.61 -9.86
C ILE C 439 -13.50 -55.86 -8.97
N ASP C 440 -14.14 -56.47 -7.99
CA ASP C 440 -15.02 -55.78 -7.05
C ASP C 440 -14.35 -54.66 -6.24
N ALA C 441 -13.14 -54.85 -5.72
CA ALA C 441 -12.43 -53.82 -4.95
C ALA C 441 -12.05 -52.63 -5.82
N TYR C 442 -11.68 -52.93 -7.07
CA TYR C 442 -11.41 -51.90 -8.06
C TYR C 442 -12.64 -51.02 -8.31
N ILE C 443 -13.79 -51.61 -8.67
CA ILE C 443 -15.01 -50.83 -8.87
C ILE C 443 -15.37 -50.04 -7.62
N ALA C 444 -15.25 -50.62 -6.42
CA ALA C 444 -15.44 -49.90 -5.17
C ALA C 444 -14.60 -48.63 -5.05
N LEU C 445 -13.31 -48.66 -5.37
CA LEU C 445 -12.47 -47.47 -5.36
C LEU C 445 -12.97 -46.45 -6.36
N ARG C 446 -13.08 -46.83 -7.64
CA ARG C 446 -13.55 -45.90 -8.67
C ARG C 446 -14.96 -45.32 -8.42
N ARG C 447 -15.82 -46.04 -7.70
CA ARG C 447 -17.14 -45.51 -7.39
C ARG C 447 -17.13 -44.37 -6.39
N GLU C 448 -16.29 -44.49 -5.36
CA GLU C 448 -16.13 -43.43 -4.35
C GLU C 448 -15.74 -42.09 -5.00
N GLU C 449 -14.87 -42.21 -6.02
CA GLU C 449 -14.40 -41.07 -6.78
C GLU C 449 -15.49 -40.49 -7.63
N ASP C 450 -16.18 -41.37 -8.36
CA ASP C 450 -17.30 -40.94 -9.18
C ASP C 450 -18.34 -40.20 -8.34
N ASP C 451 -18.68 -40.71 -7.16
CA ASP C 451 -19.63 -40.04 -6.26
C ASP C 451 -19.24 -38.64 -5.83
N ARG C 452 -17.99 -38.41 -5.44
CA ARG C 452 -17.55 -37.09 -5.01
C ARG C 452 -17.73 -36.08 -6.15
N VAL C 453 -17.35 -36.49 -7.36
CA VAL C 453 -17.57 -35.64 -8.53
C VAL C 453 -19.09 -35.45 -8.81
N ARG C 454 -19.93 -36.48 -8.62
CA ARG C 454 -21.37 -36.42 -8.89
C ARG C 454 -22.18 -35.54 -7.92
N MET C 455 -21.80 -35.53 -6.64
CA MET C 455 -22.47 -34.79 -5.58
C MET C 455 -21.99 -33.35 -5.33
N THR C 456 -20.84 -32.96 -5.86
CA THR C 456 -20.30 -31.62 -5.67
C THR C 456 -20.78 -30.67 -6.76
N PRO C 457 -21.50 -29.58 -6.53
CA PRO C 457 -21.93 -28.68 -7.60
C PRO C 457 -20.77 -28.12 -8.39
N HIS C 458 -20.98 -28.11 -9.69
CA HIS C 458 -19.99 -27.64 -10.65
C HIS C 458 -20.12 -26.14 -10.91
N PRO C 459 -19.05 -25.35 -11.01
CA PRO C 459 -19.12 -23.95 -11.43
C PRO C 459 -20.00 -23.66 -12.66
N VAL C 460 -19.96 -24.32 -13.83
CA VAL C 460 -20.88 -23.91 -14.90
C VAL C 460 -22.34 -24.12 -14.56
N GLU C 461 -22.68 -24.91 -13.52
CA GLU C 461 -24.08 -25.00 -13.10
C GLU C 461 -24.53 -23.64 -12.55
N PHE C 462 -23.69 -22.89 -11.84
CA PHE C 462 -24.09 -21.57 -11.40
C PHE C 462 -24.29 -20.66 -12.60
N GLU C 463 -23.48 -20.87 -13.63
CA GLU C 463 -23.63 -20.09 -14.86
C GLU C 463 -24.96 -20.36 -15.59
N LEU C 464 -25.34 -21.63 -15.56
CA LEU C 464 -26.54 -22.14 -16.17
C LEU C 464 -27.84 -21.97 -15.40
N TYR C 465 -27.77 -22.15 -14.08
CA TYR C 465 -28.95 -22.24 -13.23
C TYR C 465 -29.08 -21.25 -12.06
N TYR C 466 -28.15 -20.33 -11.78
CA TYR C 466 -28.32 -19.44 -10.64
C TYR C 466 -29.55 -18.56 -10.77
N SER C 467 -29.82 -17.97 -11.93
CA SER C 467 -31.01 -17.16 -12.11
C SER C 467 -32.30 -17.90 -12.43
N VAL C 468 -32.40 -19.18 -12.09
CA VAL C 468 -33.61 -19.97 -12.25
C VAL C 468 -34.64 -19.40 -11.24
N SER D 1 25.71 -35.17 -47.83
CA SER D 1 25.38 -36.60 -47.99
C SER D 1 25.08 -37.29 -46.67
N ALA D 2 24.39 -38.45 -46.63
CA ALA D 2 24.16 -39.19 -45.38
C ALA D 2 25.46 -39.42 -44.58
N GLU D 3 26.44 -39.91 -45.33
CA GLU D 3 27.82 -40.15 -44.87
C GLU D 3 28.42 -39.03 -44.02
N HIS D 4 28.26 -37.82 -44.55
CA HIS D 4 28.70 -36.59 -43.89
C HIS D 4 27.95 -36.29 -42.60
N VAL D 5 26.62 -36.41 -42.61
CA VAL D 5 25.81 -36.16 -41.42
C VAL D 5 26.26 -37.12 -40.30
N LEU D 6 26.39 -38.39 -40.70
CA LEU D 6 26.85 -39.44 -39.79
C LEU D 6 28.21 -39.22 -39.17
N THR D 7 29.13 -38.52 -39.84
CA THR D 7 30.40 -38.18 -39.19
C THR D 7 30.15 -37.04 -38.20
N MET D 8 29.44 -35.96 -38.59
CA MET D 8 29.14 -34.83 -37.70
C MET D 8 28.57 -35.22 -36.36
N LEU D 9 27.71 -36.25 -36.41
CA LEU D 9 27.14 -36.85 -35.22
C LEU D 9 28.23 -37.29 -34.23
N ASN D 10 29.30 -37.97 -34.68
CA ASN D 10 30.42 -38.31 -33.80
C ASN D 10 31.38 -37.15 -33.54
N GLU D 11 31.62 -36.39 -34.59
CA GLU D 11 32.49 -35.22 -34.66
C GLU D 11 32.07 -34.06 -33.75
N HIS D 12 30.81 -34.14 -33.32
CA HIS D 12 30.22 -33.15 -32.44
C HIS D 12 29.52 -33.71 -31.21
N GLU D 13 29.56 -35.03 -30.97
CA GLU D 13 28.84 -35.68 -29.87
C GLU D 13 27.38 -35.23 -29.71
N VAL D 14 26.80 -35.20 -30.91
CA VAL D 14 25.43 -34.81 -31.10
C VAL D 14 24.49 -35.73 -30.33
N LYS D 15 23.74 -35.25 -29.34
CA LYS D 15 22.79 -36.07 -28.59
C LYS D 15 21.42 -36.22 -29.25
N PHE D 16 21.05 -35.21 -30.05
CA PHE D 16 19.76 -35.17 -30.71
C PHE D 16 19.79 -34.59 -32.12
N VAL D 17 18.83 -35.00 -32.94
CA VAL D 17 18.69 -34.48 -34.29
C VAL D 17 17.29 -33.86 -34.40
N ASP D 18 17.26 -32.60 -34.80
CA ASP D 18 16.03 -31.85 -34.90
C ASP D 18 15.49 -31.79 -36.33
N LEU D 19 14.42 -32.55 -36.60
CA LEU D 19 13.82 -32.52 -37.92
C LEU D 19 12.93 -31.31 -38.10
N ARG D 20 13.29 -30.45 -39.03
CA ARG D 20 12.51 -29.24 -39.27
C ARG D 20 11.85 -29.10 -40.63
N PHE D 21 10.66 -28.53 -40.69
CA PHE D 21 9.99 -28.23 -41.94
C PHE D 21 9.15 -26.96 -41.88
N THR D 22 8.71 -26.37 -42.98
CA THR D 22 7.90 -25.15 -42.96
C THR D 22 6.48 -25.44 -43.35
N ASP D 23 5.47 -24.88 -42.68
CA ASP D 23 4.09 -25.12 -43.06
C ASP D 23 3.59 -24.12 -44.10
N THR D 24 2.30 -24.14 -44.46
CA THR D 24 1.78 -23.25 -45.50
C THR D 24 1.87 -21.80 -45.11
N LYS D 25 1.56 -21.49 -43.85
CA LYS D 25 1.70 -20.14 -43.36
C LYS D 25 3.13 -19.63 -43.31
N GLY D 26 4.13 -20.51 -43.29
CA GLY D 26 5.53 -20.07 -43.22
C GLY D 26 6.27 -20.37 -41.92
N LYS D 27 5.57 -20.85 -40.90
CA LYS D 27 6.19 -21.14 -39.63
C LYS D 27 6.90 -22.48 -39.64
N GLU D 28 8.16 -22.40 -39.26
CA GLU D 28 9.02 -23.55 -39.08
C GLU D 28 8.58 -24.41 -37.90
N GLN D 29 8.25 -25.61 -38.30
CA GLN D 29 7.88 -26.71 -37.42
C GLN D 29 9.09 -27.58 -37.12
N HIS D 30 9.03 -28.36 -36.05
CA HIS D 30 10.11 -29.27 -35.74
C HIS D 30 9.72 -30.43 -34.81
N VAL D 31 10.39 -31.57 -35.00
CA VAL D 31 10.24 -32.74 -34.14
C VAL D 31 11.65 -33.29 -33.85
N THR D 32 11.92 -33.87 -32.68
CA THR D 32 13.29 -34.24 -32.30
C THR D 32 13.48 -35.73 -32.11
N ILE D 33 14.50 -36.25 -32.74
CA ILE D 33 14.89 -37.65 -32.71
C ILE D 33 16.18 -37.76 -31.87
N PRO D 34 16.43 -38.78 -31.06
CA PRO D 34 17.74 -39.04 -30.46
C PRO D 34 18.76 -39.35 -31.55
N ALA D 35 20.02 -38.88 -31.48
CA ALA D 35 21.01 -39.13 -32.52
C ALA D 35 21.15 -40.60 -32.92
N HIS D 36 21.01 -41.45 -31.91
CA HIS D 36 20.99 -42.89 -32.14
C HIS D 36 19.85 -43.47 -32.98
N GLN D 37 19.04 -42.69 -33.68
CA GLN D 37 18.00 -43.16 -34.60
C GLN D 37 18.35 -42.76 -36.02
N VAL D 38 19.44 -41.99 -36.16
CA VAL D 38 19.97 -41.64 -37.45
C VAL D 38 20.92 -42.76 -37.89
N ASN D 39 20.47 -43.45 -38.92
CA ASN D 39 21.19 -44.54 -39.59
C ASN D 39 20.63 -44.74 -40.99
N ALA D 40 21.32 -45.36 -41.94
CA ALA D 40 20.83 -45.62 -43.31
C ALA D 40 19.33 -45.47 -43.63
N GLU D 41 18.52 -46.35 -43.01
CA GLU D 41 17.05 -46.33 -43.04
C GLU D 41 16.41 -44.94 -43.02
N PHE D 42 16.91 -44.09 -42.10
CA PHE D 42 16.49 -42.71 -41.92
C PHE D 42 16.65 -41.91 -43.21
N PHE D 43 17.86 -41.65 -43.70
CA PHE D 43 18.06 -40.90 -44.94
C PHE D 43 17.49 -41.56 -46.20
N GLU D 44 17.10 -42.83 -46.05
CA GLU D 44 16.58 -43.65 -47.13
C GLU D 44 15.06 -43.48 -47.26
N GLU D 45 14.36 -44.00 -46.25
CA GLU D 45 12.91 -43.98 -46.19
C GLU D 45 12.20 -42.98 -45.26
N GLY D 46 12.91 -41.91 -44.89
CA GLY D 46 12.44 -40.88 -43.97
C GLY D 46 11.83 -41.32 -42.63
N LYS D 47 11.05 -40.41 -42.02
CA LYS D 47 10.31 -40.70 -40.80
C LYS D 47 8.85 -40.26 -40.91
N MET D 48 7.92 -41.12 -40.48
CA MET D 48 6.49 -40.84 -40.58
C MET D 48 5.99 -39.89 -39.50
N PHE D 49 5.11 -38.96 -39.83
CA PHE D 49 4.49 -38.15 -38.80
C PHE D 49 3.02 -37.89 -39.12
N ASP D 50 2.23 -37.50 -38.13
CA ASP D 50 0.87 -37.12 -38.46
C ASP D 50 0.80 -35.68 -38.99
N GLY D 51 0.82 -35.65 -40.31
CA GLY D 51 0.67 -34.41 -41.04
C GLY D 51 -0.69 -33.74 -40.86
N SER D 52 -1.69 -34.56 -40.51
CA SER D 52 -3.08 -34.10 -40.29
C SER D 52 -3.31 -32.86 -39.42
N SER D 53 -2.61 -32.73 -38.28
CA SER D 53 -2.80 -31.54 -37.46
C SER D 53 -1.94 -30.34 -37.84
N ILE D 54 -1.21 -30.38 -38.95
CA ILE D 54 -0.55 -29.18 -39.46
C ILE D 54 -1.61 -28.39 -40.27
N GLY D 55 -1.75 -27.13 -39.91
CA GLY D 55 -2.72 -26.24 -40.56
C GLY D 55 -2.66 -26.14 -42.08
N GLY D 56 -3.74 -26.59 -42.72
CA GLY D 56 -3.87 -26.54 -44.17
C GLY D 56 -3.40 -27.80 -44.89
N TRP D 57 -3.11 -28.88 -44.16
CA TRP D 57 -2.63 -30.13 -44.75
C TRP D 57 -3.53 -31.37 -44.66
N ASP D 64 -1.28 -39.42 -41.96
CA ASP D 64 0.16 -39.70 -41.99
C ASP D 64 0.93 -39.40 -43.28
N MET D 65 2.09 -38.80 -43.05
CA MET D 65 2.99 -38.31 -44.10
C MET D 65 4.45 -38.61 -43.77
N VAL D 66 5.36 -38.46 -44.74
CA VAL D 66 6.75 -38.72 -44.42
C VAL D 66 7.72 -37.53 -44.53
N LEU D 67 8.46 -37.35 -43.44
CA LEU D 67 9.55 -36.39 -43.35
C LEU D 67 10.80 -36.96 -43.97
N MET D 68 11.22 -36.38 -45.08
CA MET D 68 12.42 -36.86 -45.76
C MET D 68 13.63 -35.96 -45.53
N PRO D 69 14.58 -36.38 -44.70
CA PRO D 69 15.71 -35.53 -44.33
C PRO D 69 16.59 -35.09 -45.49
N ASP D 70 16.81 -33.81 -45.76
CA ASP D 70 17.75 -33.39 -46.79
C ASP D 70 19.15 -33.20 -46.16
N ALA D 71 20.00 -34.22 -46.26
CA ALA D 71 21.30 -34.21 -45.61
C ALA D 71 22.27 -33.10 -45.98
N SER D 72 21.94 -32.31 -47.01
CA SER D 72 22.77 -31.16 -47.38
C SER D 72 22.61 -30.02 -46.38
N THR D 73 21.43 -29.99 -45.77
CA THR D 73 21.06 -28.95 -44.81
C THR D 73 21.55 -29.10 -43.37
N ALA D 74 22.37 -30.07 -43.00
CA ALA D 74 22.74 -30.27 -41.60
C ALA D 74 23.54 -29.16 -40.95
N VAL D 75 22.95 -28.58 -39.91
CA VAL D 75 23.58 -27.51 -39.14
C VAL D 75 23.52 -27.78 -37.65
N ILE D 76 24.53 -27.44 -36.85
CA ILE D 76 24.41 -27.62 -35.41
C ILE D 76 23.61 -26.45 -34.81
N ASP D 77 22.65 -26.71 -33.93
CA ASP D 77 21.80 -25.67 -33.33
C ASP D 77 22.52 -24.81 -32.31
N PRO D 78 22.72 -23.49 -32.46
CA PRO D 78 23.58 -22.69 -31.59
C PRO D 78 22.95 -22.40 -30.23
N PHE D 79 21.71 -22.84 -30.03
CA PHE D 79 20.96 -22.51 -28.82
C PHE D 79 20.53 -23.65 -27.90
N PHE D 80 20.10 -24.83 -28.38
CA PHE D 80 19.64 -25.87 -27.47
C PHE D 80 20.74 -26.30 -26.49
N ALA D 81 20.41 -26.64 -25.24
CA ALA D 81 21.43 -27.01 -24.25
C ALA D 81 22.23 -28.28 -24.54
N ASP D 82 21.56 -29.28 -25.13
CA ASP D 82 22.19 -30.54 -25.48
C ASP D 82 22.58 -30.52 -26.95
N SER D 83 23.73 -31.08 -27.33
CA SER D 83 24.17 -31.02 -28.72
C SER D 83 23.19 -31.56 -29.76
N THR D 84 22.68 -30.62 -30.56
CA THR D 84 21.67 -30.96 -31.55
C THR D 84 21.98 -30.59 -32.99
N LEU D 85 21.75 -31.52 -33.89
CA LEU D 85 22.01 -31.28 -35.29
C LEU D 85 20.68 -31.09 -35.97
N ILE D 86 20.43 -29.92 -36.52
CA ILE D 86 19.22 -29.60 -37.28
C ILE D 86 19.32 -30.20 -38.68
N ILE D 87 18.28 -30.87 -39.14
CA ILE D 87 18.21 -31.34 -40.52
C ILE D 87 16.88 -30.89 -41.12
N ARG D 88 16.93 -30.06 -42.16
CA ARG D 88 15.70 -29.65 -42.85
C ARG D 88 15.07 -30.84 -43.57
N CYS D 89 13.77 -30.92 -43.65
CA CYS D 89 13.11 -32.04 -44.32
C CYS D 89 12.14 -31.65 -45.43
N ASP D 90 11.83 -32.57 -46.33
CA ASP D 90 10.74 -32.33 -47.25
C ASP D 90 9.60 -33.24 -46.88
N ILE D 91 8.38 -32.75 -47.07
CA ILE D 91 7.22 -33.56 -46.79
C ILE D 91 6.86 -34.35 -48.04
N LEU D 92 6.98 -35.66 -47.95
CA LEU D 92 6.63 -36.50 -49.07
C LEU D 92 5.37 -37.29 -48.81
N GLU D 93 4.74 -37.53 -49.97
CA GLU D 93 3.54 -38.34 -50.03
C GLU D 93 3.95 -39.80 -49.76
N PRO D 94 3.40 -40.51 -48.75
CA PRO D 94 4.01 -41.71 -48.17
C PRO D 94 4.02 -42.97 -49.04
N GLY D 95 5.08 -43.79 -48.94
CA GLY D 95 5.21 -44.99 -49.79
C GLY D 95 5.60 -44.64 -51.22
N THR D 96 4.65 -44.01 -51.90
CA THR D 96 4.76 -43.44 -53.24
C THR D 96 5.86 -42.38 -53.41
N LEU D 97 6.22 -41.75 -52.28
CA LEU D 97 7.37 -40.84 -52.10
C LEU D 97 7.69 -39.69 -53.05
N GLN D 98 6.67 -38.92 -53.37
CA GLN D 98 6.82 -37.84 -54.36
C GLN D 98 6.89 -36.41 -53.82
N GLY D 99 6.26 -36.12 -52.69
CA GLY D 99 6.36 -34.75 -52.18
C GLY D 99 5.06 -34.01 -52.26
N TYR D 100 4.48 -33.79 -51.07
CA TYR D 100 3.20 -33.13 -50.86
C TYR D 100 2.97 -31.90 -51.76
N ASP D 101 1.97 -31.78 -52.64
CA ASP D 101 1.89 -30.61 -53.54
C ASP D 101 1.41 -29.27 -52.96
N ARG D 102 1.40 -29.36 -51.63
CA ARG D 102 1.00 -28.38 -50.64
C ARG D 102 2.18 -28.07 -49.67
N ASP D 103 3.28 -28.81 -49.77
CA ASP D 103 4.50 -28.58 -49.01
C ASP D 103 5.27 -27.44 -49.68
N PRO D 104 5.42 -26.29 -49.04
CA PRO D 104 6.08 -25.12 -49.62
C PRO D 104 7.50 -25.38 -50.10
N ARG D 105 8.31 -26.21 -49.45
CA ARG D 105 9.67 -26.43 -49.94
C ARG D 105 9.62 -27.18 -51.27
N SER D 106 8.82 -28.24 -51.35
CA SER D 106 8.61 -28.93 -52.63
C SER D 106 8.17 -27.98 -53.73
N ILE D 107 7.13 -27.17 -53.51
CA ILE D 107 6.75 -26.12 -54.48
C ILE D 107 7.95 -25.24 -54.88
N ALA D 108 8.83 -24.82 -53.98
CA ALA D 108 9.99 -24.01 -54.36
C ALA D 108 10.91 -24.79 -55.28
N LYS D 109 11.21 -26.03 -54.92
CA LYS D 109 12.07 -26.89 -55.73
C LYS D 109 11.49 -27.13 -57.13
N ARG D 110 10.18 -27.33 -57.22
CA ARG D 110 9.48 -27.43 -58.50
C ARG D 110 9.64 -26.17 -59.34
N ALA D 111 9.43 -24.99 -58.77
CA ALA D 111 9.65 -23.75 -59.51
C ALA D 111 11.07 -23.63 -60.05
N GLU D 112 12.08 -24.11 -59.32
CA GLU D 112 13.45 -24.09 -59.82
C GLU D 112 13.64 -25.06 -61.00
N ASP D 113 13.16 -26.30 -60.88
CA ASP D 113 13.21 -27.23 -62.00
C ASP D 113 12.41 -26.78 -63.22
N TYR D 114 11.20 -26.24 -63.06
CA TYR D 114 10.47 -25.66 -64.17
C TYR D 114 11.29 -24.58 -64.89
N LEU D 115 12.05 -23.75 -64.18
CA LEU D 115 12.92 -22.74 -64.79
C LEU D 115 13.94 -23.43 -65.72
N ARG D 116 14.53 -24.53 -65.21
CA ARG D 116 15.46 -25.33 -65.99
C ARG D 116 14.82 -25.96 -67.22
N ALA D 117 13.65 -26.58 -67.05
CA ALA D 117 12.88 -27.17 -68.15
C ALA D 117 12.47 -26.17 -69.23
N THR D 118 12.26 -24.90 -68.89
CA THR D 118 11.97 -23.90 -69.91
C THR D 118 13.23 -23.44 -70.61
N GLY D 119 14.41 -23.75 -70.08
CA GLY D 119 15.68 -23.33 -70.67
C GLY D 119 15.94 -21.82 -70.70
N ILE D 120 15.08 -21.01 -70.07
CA ILE D 120 15.26 -19.56 -70.04
C ILE D 120 16.50 -19.20 -69.24
N ALA D 121 16.80 -19.96 -68.19
CA ALA D 121 18.04 -19.83 -67.43
C ALA D 121 18.31 -21.09 -66.59
N ASP D 122 19.52 -21.25 -66.04
CA ASP D 122 19.81 -22.42 -65.19
C ASP D 122 19.50 -22.15 -63.73
N THR D 123 19.77 -20.92 -63.29
CA THR D 123 19.51 -20.56 -61.90
C THR D 123 18.82 -19.24 -61.60
N VAL D 124 17.97 -19.25 -60.56
CA VAL D 124 17.35 -18.03 -60.03
C VAL D 124 18.06 -17.55 -58.79
N LEU D 125 18.48 -16.32 -58.77
CA LEU D 125 19.10 -15.76 -57.58
C LEU D 125 18.22 -14.73 -56.85
N PHE D 126 17.95 -15.08 -55.59
CA PHE D 126 17.19 -14.24 -54.66
C PHE D 126 18.00 -13.66 -53.52
N GLY D 127 17.69 -12.40 -53.26
CA GLY D 127 18.32 -11.65 -52.19
C GLY D 127 17.29 -10.85 -51.39
N PRO D 128 16.62 -11.46 -50.43
CA PRO D 128 15.61 -10.84 -49.59
C PRO D 128 16.20 -9.86 -48.57
N GLU D 129 15.62 -8.72 -48.30
CA GLU D 129 16.15 -7.80 -47.30
C GLU D 129 15.17 -7.72 -46.11
N PRO D 130 15.00 -8.72 -45.24
CA PRO D 130 14.01 -8.77 -44.18
C PRO D 130 14.28 -7.79 -43.06
N GLU D 131 13.29 -7.03 -42.64
CA GLU D 131 13.46 -6.19 -41.47
C GLU D 131 12.67 -6.70 -40.30
N PHE D 132 13.11 -6.35 -39.10
CA PHE D 132 12.42 -6.81 -37.92
C PHE D 132 12.36 -5.77 -36.83
N PHE D 133 11.48 -5.99 -35.87
CA PHE D 133 11.42 -5.14 -34.69
C PHE D 133 11.89 -5.90 -33.46
N LEU D 134 12.57 -5.22 -32.58
CA LEU D 134 13.11 -5.81 -31.36
C LEU D 134 12.53 -5.08 -30.12
N PHE D 135 11.43 -5.57 -29.58
CA PHE D 135 10.75 -4.94 -28.44
C PHE D 135 11.11 -5.55 -27.08
N ASP D 136 10.77 -4.96 -25.92
CA ASP D 136 10.98 -5.53 -24.58
C ASP D 136 9.72 -6.20 -24.04
N ASP D 137 8.57 -5.62 -24.40
CA ASP D 137 7.29 -6.09 -23.90
C ASP D 137 6.21 -5.92 -24.93
N ILE D 138 5.48 -6.99 -25.18
CA ILE D 138 4.35 -6.92 -26.09
C ILE D 138 3.17 -7.63 -25.42
N ARG D 139 2.12 -6.88 -25.15
CA ARG D 139 0.91 -7.42 -24.60
C ARG D 139 -0.26 -7.12 -25.50
N PHE D 140 -1.11 -8.10 -25.68
CA PHE D 140 -2.31 -7.90 -26.45
C PHE D 140 -3.43 -8.87 -26.10
N GLY D 141 -4.64 -8.65 -26.57
CA GLY D 141 -5.73 -9.57 -26.32
C GLY D 141 -7.04 -9.01 -26.82
N ALA D 142 -7.95 -9.92 -27.09
CA ALA D 142 -9.29 -9.61 -27.57
C ALA D 142 -10.24 -10.55 -26.82
N SER D 143 -11.35 -10.00 -26.35
CA SER D 143 -12.38 -10.68 -25.57
C SER D 143 -13.73 -10.04 -25.89
N ILE D 144 -14.88 -10.60 -25.50
CA ILE D 144 -16.16 -9.93 -25.75
C ILE D 144 -16.22 -8.48 -25.26
N SER D 145 -15.66 -8.18 -24.08
CA SER D 145 -15.73 -6.85 -23.49
C SER D 145 -14.69 -5.87 -24.00
N GLY D 146 -13.90 -6.26 -24.99
CA GLY D 146 -12.89 -5.35 -25.54
C GLY D 146 -11.64 -6.00 -26.15
N SER D 147 -10.68 -5.15 -26.49
CA SER D 147 -9.44 -5.63 -27.09
C SER D 147 -8.32 -4.62 -26.97
N HIS D 148 -7.06 -5.06 -27.00
CA HIS D 148 -5.92 -4.18 -26.84
C HIS D 148 -4.62 -4.74 -27.34
N VAL D 149 -3.70 -3.85 -27.65
CA VAL D 149 -2.30 -4.18 -27.87
C VAL D 149 -1.48 -3.02 -27.30
N ALA D 150 -0.39 -3.43 -26.66
CA ALA D 150 0.52 -2.54 -25.97
C ALA D 150 1.96 -2.94 -26.29
N ILE D 151 2.66 -2.07 -26.97
CA ILE D 151 4.04 -2.29 -27.41
C ILE D 151 4.97 -1.50 -26.51
N ASP D 152 6.04 -2.14 -26.08
CA ASP D 152 7.02 -1.39 -25.33
C ASP D 152 8.46 -1.85 -25.52
N ASP D 153 9.25 -0.81 -25.68
CA ASP D 153 10.68 -0.92 -25.81
C ASP D 153 11.41 0.31 -25.30
N ILE D 154 12.59 0.06 -24.74
CA ILE D 154 13.45 1.09 -24.18
C ILE D 154 13.75 2.22 -25.16
N GLU D 155 13.82 1.87 -26.44
CA GLU D 155 14.06 2.85 -27.51
C GLU D 155 12.81 3.57 -28.00
N GLY D 156 11.66 3.32 -27.41
CA GLY D 156 10.41 3.88 -27.92
C GLY D 156 10.44 5.34 -27.64
N ALA D 157 10.32 6.21 -28.63
CA ALA D 157 10.33 7.65 -28.39
C ALA D 157 9.36 8.06 -27.27
N TRP D 158 8.26 7.32 -27.16
CA TRP D 158 7.32 7.56 -26.09
C TRP D 158 7.89 7.37 -24.70
N ASN D 159 8.99 6.67 -24.45
CA ASN D 159 9.53 6.54 -23.10
C ASN D 159 10.36 7.69 -22.57
N SER D 160 10.43 8.78 -23.35
CA SER D 160 11.15 9.99 -22.91
C SER D 160 10.66 10.57 -21.57
N SER D 161 9.37 10.32 -21.30
CA SER D 161 8.72 10.74 -20.07
C SER D 161 8.70 9.75 -18.92
N THR D 162 9.09 8.53 -19.22
CA THR D 162 9.05 7.39 -18.31
C THR D 162 9.97 7.36 -17.12
N LYS D 163 9.45 7.09 -15.92
CA LYS D 163 10.32 6.88 -14.77
C LYS D 163 10.87 5.45 -14.80
N TYR D 164 12.19 5.34 -14.74
CA TYR D 164 12.80 4.01 -14.80
C TYR D 164 13.52 3.44 -13.57
N GLU D 165 13.77 4.10 -12.46
CA GLU D 165 14.47 3.54 -11.26
C GLU D 165 15.96 3.24 -11.42
N GLY D 166 16.42 2.94 -12.62
CA GLY D 166 17.85 3.13 -12.88
C GLY D 166 18.17 4.63 -13.12
N GLY D 167 17.16 5.31 -13.65
CA GLY D 167 17.26 6.69 -14.11
C GLY D 167 16.81 6.69 -15.57
N ASN D 168 16.45 7.77 -16.27
CA ASN D 168 15.95 7.56 -17.62
C ASN D 168 17.02 7.62 -18.69
N LYS D 169 18.10 8.37 -18.57
CA LYS D 169 19.18 8.40 -19.61
C LYS D 169 18.87 8.93 -21.01
N GLY D 170 17.61 9.02 -21.44
CA GLY D 170 17.17 9.85 -22.58
C GLY D 170 17.75 9.76 -23.99
N HIS D 171 18.76 8.96 -24.31
CA HIS D 171 19.20 8.85 -25.68
C HIS D 171 18.33 7.78 -26.32
N ARG D 172 17.55 8.12 -27.33
CA ARG D 172 16.55 7.20 -27.86
C ARG D 172 16.23 7.59 -29.31
N PRO D 173 15.99 6.74 -30.31
CA PRO D 173 15.60 7.18 -31.64
C PRO D 173 14.22 7.82 -31.65
N GLY D 174 14.08 9.06 -32.13
CA GLY D 174 12.74 9.67 -32.27
C GLY D 174 11.81 8.95 -33.26
N VAL D 175 10.54 9.31 -33.61
CA VAL D 175 9.78 8.37 -34.45
C VAL D 175 10.39 8.07 -35.81
N LYS D 176 10.79 8.94 -36.75
CA LYS D 176 11.47 8.37 -37.94
C LYS D 176 13.01 8.47 -37.93
N GLY D 177 13.54 8.50 -36.71
CA GLY D 177 14.94 8.77 -36.47
C GLY D 177 15.83 7.62 -36.06
N GLY D 178 15.39 6.38 -36.26
CA GLY D 178 16.23 5.23 -35.94
C GLY D 178 17.33 4.99 -36.98
N TYR D 179 17.21 5.66 -38.13
CA TYR D 179 18.20 5.55 -39.17
C TYR D 179 19.49 6.36 -39.03
N PHE D 180 20.26 5.43 -38.45
CA PHE D 180 21.68 5.39 -38.20
C PHE D 180 22.48 5.97 -37.04
N PRO D 181 21.95 6.65 -36.01
CA PRO D 181 22.78 7.31 -35.00
C PRO D 181 23.64 6.33 -34.22
N VAL D 182 24.84 6.71 -33.84
CA VAL D 182 25.69 5.82 -33.07
C VAL D 182 25.15 5.53 -31.66
N PRO D 183 25.56 4.47 -30.99
CA PRO D 183 25.34 4.30 -29.56
C PRO D 183 25.67 5.54 -28.70
N PRO D 184 25.01 5.82 -27.58
CA PRO D 184 23.90 5.07 -27.06
C PRO D 184 22.51 5.20 -27.67
N VAL D 185 22.24 6.03 -28.70
CA VAL D 185 20.89 6.14 -29.29
C VAL D 185 20.48 4.79 -29.91
N ASP D 186 21.42 4.11 -30.54
CA ASP D 186 21.16 2.79 -31.07
C ASP D 186 21.52 1.80 -29.98
N SER D 187 20.52 1.29 -29.29
CA SER D 187 20.75 0.29 -28.24
C SER D 187 21.17 -1.10 -28.73
N ALA D 188 20.96 -1.45 -30.00
CA ALA D 188 21.18 -2.82 -30.44
C ALA D 188 22.47 -3.25 -31.15
N GLN D 189 23.57 -2.48 -31.07
CA GLN D 189 24.81 -2.86 -31.75
C GLN D 189 25.31 -4.26 -31.40
N ASP D 190 25.45 -4.58 -30.12
CA ASP D 190 25.81 -5.93 -29.71
C ASP D 190 24.77 -6.98 -30.06
N ILE D 191 23.46 -6.73 -30.00
CA ILE D 191 22.46 -7.74 -30.34
C ILE D 191 22.54 -8.02 -31.84
N ARG D 192 22.62 -7.00 -32.71
CA ARG D 192 22.77 -7.29 -34.13
C ARG D 192 24.11 -7.96 -34.48
N SER D 193 25.26 -7.55 -33.94
CA SER D 193 26.52 -8.24 -34.24
C SER D 193 26.51 -9.72 -33.85
N GLU D 194 25.91 -10.01 -32.70
CA GLU D 194 25.71 -11.39 -32.24
C GLU D 194 24.82 -12.19 -33.16
N MET D 195 23.75 -11.55 -33.65
CA MET D 195 22.88 -12.17 -34.64
C MET D 195 23.68 -12.49 -35.90
N CYS D 196 24.58 -11.58 -36.30
CA CYS D 196 25.41 -11.82 -37.46
C CYS D 196 26.34 -13.00 -37.25
N LEU D 197 27.04 -13.07 -36.11
CA LEU D 197 27.92 -14.18 -35.83
C LEU D 197 27.15 -15.50 -35.74
N VAL D 198 26.00 -15.60 -35.07
CA VAL D 198 25.28 -16.88 -35.05
C VAL D 198 24.74 -17.22 -36.45
N MET D 199 24.34 -16.27 -37.29
CA MET D 199 23.86 -16.60 -38.64
C MET D 199 24.95 -17.25 -39.48
N GLU D 200 26.15 -16.69 -39.39
CA GLU D 200 27.27 -17.25 -40.12
C GLU D 200 27.64 -18.65 -39.62
N GLN D 201 27.58 -18.87 -38.32
CA GLN D 201 27.79 -20.18 -37.72
C GLN D 201 26.76 -21.22 -38.23
N MET D 202 25.63 -20.73 -38.74
CA MET D 202 24.59 -21.57 -39.31
C MET D 202 24.60 -21.59 -40.83
N GLY D 203 25.63 -20.97 -41.40
CA GLY D 203 25.88 -21.03 -42.82
C GLY D 203 25.42 -19.85 -43.66
N LEU D 204 25.10 -18.73 -43.06
CA LEU D 204 24.66 -17.60 -43.87
C LEU D 204 25.81 -16.62 -44.06
N VAL D 205 25.80 -15.77 -45.06
CA VAL D 205 26.88 -14.79 -45.14
C VAL D 205 26.36 -13.40 -44.93
N VAL D 206 26.70 -12.81 -43.81
CA VAL D 206 26.28 -11.45 -43.52
C VAL D 206 27.07 -10.46 -44.37
N GLU D 207 26.39 -9.45 -44.87
CA GLU D 207 26.98 -8.36 -45.63
C GLU D 207 27.04 -7.05 -44.86
N ALA D 208 25.99 -6.80 -44.07
CA ALA D 208 25.92 -5.61 -43.24
C ALA D 208 24.84 -5.70 -42.18
N HIS D 209 24.91 -4.97 -41.08
CA HIS D 209 23.79 -4.92 -40.15
C HIS D 209 23.66 -3.50 -39.68
N HIS D 210 22.44 -3.03 -39.57
CA HIS D 210 22.22 -1.67 -39.09
C HIS D 210 20.84 -1.47 -38.52
N HIS D 211 20.69 -0.40 -37.73
CA HIS D 211 19.38 0.00 -37.23
C HIS D 211 18.52 0.54 -38.37
N GLU D 212 17.21 0.29 -38.37
CA GLU D 212 16.36 0.84 -39.41
C GLU D 212 15.66 2.13 -39.02
N VAL D 213 14.75 2.67 -39.82
CA VAL D 213 14.16 3.98 -39.62
C VAL D 213 13.32 4.19 -38.37
N ALA D 214 12.57 3.19 -37.99
CA ALA D 214 11.69 3.34 -36.85
C ALA D 214 12.27 3.44 -35.45
N THR D 215 11.62 4.25 -34.61
CA THR D 215 11.86 4.27 -33.17
C THR D 215 11.50 2.90 -32.59
N ALA D 216 11.67 2.58 -31.31
CA ALA D 216 11.26 1.28 -30.76
C ALA D 216 11.79 -0.01 -31.40
N GLY D 217 13.06 0.07 -31.80
CA GLY D 217 13.81 -1.13 -32.19
C GLY D 217 13.70 -1.69 -33.60
N GLN D 218 13.60 -0.91 -34.69
CA GLN D 218 13.60 -1.54 -36.01
C GLN D 218 15.04 -1.86 -36.41
N ASN D 219 15.31 -3.06 -36.90
CA ASN D 219 16.66 -3.48 -37.26
C ASN D 219 16.76 -4.29 -38.54
N GLU D 220 17.96 -4.39 -39.09
CA GLU D 220 18.19 -5.14 -40.32
C GLU D 220 19.56 -5.78 -40.37
N VAL D 221 19.54 -7.08 -40.60
CA VAL D 221 20.78 -7.80 -40.86
C VAL D 221 20.72 -8.18 -42.33
N ALA D 222 21.56 -7.58 -43.16
CA ALA D 222 21.64 -7.83 -44.60
C ALA D 222 22.46 -9.07 -44.87
N THR D 223 21.97 -9.94 -45.73
CA THR D 223 22.58 -11.24 -45.91
C THR D 223 22.82 -11.64 -47.39
N ARG D 224 23.98 -12.18 -47.79
CA ARG D 224 24.30 -12.58 -49.18
C ARG D 224 23.35 -13.60 -49.77
N PHE D 225 23.05 -13.24 -51.02
CA PHE D 225 22.11 -13.94 -51.88
C PHE D 225 22.31 -15.44 -52.02
N ASN D 226 21.33 -16.03 -52.65
CA ASN D 226 21.41 -17.42 -52.98
C ASN D 226 20.42 -17.84 -54.05
N THR D 227 20.47 -19.12 -54.38
CA THR D 227 19.50 -19.66 -55.31
C THR D 227 18.18 -19.73 -54.55
N MET D 228 17.06 -19.54 -55.23
CA MET D 228 15.74 -19.55 -54.60
C MET D 228 15.46 -20.53 -53.45
N THR D 229 15.28 -21.84 -53.59
CA THR D 229 15.01 -22.70 -52.43
C THR D 229 16.08 -22.64 -51.35
N LYS D 230 17.35 -22.43 -51.66
CA LYS D 230 18.37 -22.37 -50.61
C LYS D 230 18.19 -21.09 -49.81
N LYS D 231 17.88 -19.99 -50.50
CA LYS D 231 17.64 -18.71 -49.85
C LYS D 231 16.38 -18.71 -49.01
N ALA D 232 15.33 -19.35 -49.50
CA ALA D 232 14.11 -19.53 -48.72
C ALA D 232 14.40 -20.27 -47.42
N ASP D 233 15.22 -21.32 -47.41
CA ASP D 233 15.65 -21.94 -46.14
C ASP D 233 16.52 -20.97 -45.33
N GLU D 234 17.41 -20.19 -45.96
CA GLU D 234 18.19 -19.20 -45.22
C GLU D 234 17.31 -18.15 -44.55
N ILE D 235 16.14 -17.81 -45.10
CA ILE D 235 15.21 -16.91 -44.43
C ILE D 235 14.65 -17.63 -43.21
N GLN D 236 14.29 -18.92 -43.28
CA GLN D 236 13.86 -19.65 -42.09
C GLN D 236 14.96 -19.72 -41.03
N ILE D 237 16.23 -19.88 -41.33
CA ILE D 237 17.29 -19.79 -40.31
C ILE D 237 17.45 -18.35 -39.81
N TYR D 238 17.41 -17.36 -40.71
CA TYR D 238 17.50 -15.93 -40.37
C TYR D 238 16.51 -15.57 -39.29
N LYS D 239 15.24 -15.88 -39.58
CA LYS D 239 14.18 -15.68 -38.61
C LYS D 239 14.40 -16.42 -37.30
N TYR D 240 14.89 -17.67 -37.33
CA TYR D 240 15.13 -18.45 -36.10
C TYR D 240 16.21 -17.82 -35.23
N VAL D 241 17.32 -17.40 -35.84
CA VAL D 241 18.38 -16.73 -35.11
C VAL D 241 17.88 -15.41 -34.55
N VAL D 242 17.21 -14.55 -35.34
CA VAL D 242 16.68 -13.29 -34.81
C VAL D 242 15.74 -13.53 -33.63
N HIS D 243 14.78 -14.44 -33.74
CA HIS D 243 13.89 -14.76 -32.63
C HIS D 243 14.64 -15.29 -31.40
N ASN D 244 15.59 -16.20 -31.51
CA ASN D 244 16.29 -16.70 -30.33
C ASN D 244 17.43 -15.86 -29.76
N VAL D 245 18.22 -15.13 -30.52
CA VAL D 245 19.25 -14.25 -29.97
C VAL D 245 18.53 -13.12 -29.23
N ALA D 246 17.49 -12.54 -29.82
CA ALA D 246 16.69 -11.52 -29.15
C ALA D 246 16.20 -12.01 -27.78
N HIS D 247 15.71 -13.24 -27.81
CA HIS D 247 15.26 -13.90 -26.59
C HIS D 247 16.35 -14.03 -25.54
N ARG D 248 17.58 -14.44 -25.93
CA ARG D 248 18.70 -14.55 -24.99
C ARG D 248 19.05 -13.18 -24.39
N PHE D 249 18.87 -12.14 -25.17
CA PHE D 249 19.07 -10.77 -24.74
C PHE D 249 17.94 -10.12 -23.95
N GLY D 250 16.85 -10.87 -23.70
CA GLY D 250 15.71 -10.34 -22.95
C GLY D 250 14.73 -9.53 -23.78
N LYS D 251 14.97 -9.54 -25.08
CA LYS D 251 14.08 -8.88 -26.01
C LYS D 251 13.14 -9.88 -26.65
N THR D 252 12.18 -9.33 -27.39
CA THR D 252 11.26 -10.13 -28.19
C THR D 252 11.28 -9.56 -29.62
N ALA D 253 11.54 -10.40 -30.60
CA ALA D 253 11.57 -9.90 -31.97
C ALA D 253 10.34 -10.28 -32.72
N THR D 254 9.96 -9.41 -33.64
CA THR D 254 8.82 -9.70 -34.51
C THR D 254 9.01 -9.32 -35.97
N PHE D 255 8.57 -10.24 -36.82
CA PHE D 255 8.61 -9.95 -38.24
C PHE D 255 7.27 -9.43 -38.78
N MET D 256 6.30 -9.00 -37.97
CA MET D 256 5.02 -8.58 -38.54
C MET D 256 5.19 -7.23 -39.23
N PRO D 257 4.53 -7.03 -40.37
CA PRO D 257 4.80 -5.95 -41.31
C PRO D 257 4.65 -4.55 -40.75
N LYS D 258 3.59 -4.37 -39.97
CA LYS D 258 3.21 -3.07 -39.42
C LYS D 258 2.75 -3.10 -37.95
N PRO D 259 3.63 -3.14 -36.95
CA PRO D 259 3.23 -3.23 -35.55
C PRO D 259 2.82 -1.88 -34.99
N MET D 260 3.34 -0.78 -35.50
CA MET D 260 3.03 0.55 -35.01
C MET D 260 2.50 1.48 -36.09
N PHE D 261 1.37 2.14 -35.86
CA PHE D 261 0.92 3.18 -36.77
C PHE D 261 1.75 4.45 -36.58
N GLY D 262 2.13 5.15 -37.64
CA GLY D 262 2.83 6.42 -37.44
C GLY D 262 4.35 6.39 -37.51
N ASP D 263 4.82 5.19 -37.82
CA ASP D 263 6.24 4.99 -38.06
C ASP D 263 6.45 3.84 -39.02
N ASN D 264 7.67 3.64 -39.48
CA ASN D 264 8.01 2.59 -40.42
C ASN D 264 7.52 1.17 -40.14
N GLY D 265 7.28 0.50 -41.26
CA GLY D 265 6.92 -0.89 -41.25
C GLY D 265 8.13 -1.73 -41.68
N SER D 266 8.05 -3.00 -41.37
CA SER D 266 9.09 -3.93 -41.76
C SER D 266 8.72 -4.58 -43.09
N GLY D 267 9.48 -4.25 -44.12
CA GLY D 267 9.34 -4.91 -45.40
C GLY D 267 10.48 -5.89 -45.71
N MET D 268 10.26 -6.83 -46.61
CA MET D 268 11.29 -7.77 -47.04
C MET D 268 11.44 -7.63 -48.55
N HIS D 269 12.30 -6.74 -49.00
CA HIS D 269 12.44 -6.56 -50.45
C HIS D 269 13.20 -7.68 -51.10
N CYS D 270 12.67 -8.20 -52.18
CA CYS D 270 13.38 -9.23 -52.90
C CYS D 270 14.21 -8.75 -54.10
N HIS D 271 15.52 -8.82 -54.00
CA HIS D 271 16.36 -8.66 -55.17
C HIS D 271 16.36 -9.94 -55.98
N MET D 272 16.06 -9.84 -57.26
CA MET D 272 16.08 -11.00 -58.12
C MET D 272 16.95 -10.84 -59.36
N SER D 273 17.47 -12.00 -59.74
CA SER D 273 18.23 -12.10 -60.98
C SER D 273 18.23 -13.50 -61.59
N LEU D 274 18.34 -13.54 -62.91
CA LEU D 274 18.41 -14.81 -63.60
C LEU D 274 19.74 -15.10 -64.28
N ALA D 275 20.16 -16.36 -64.26
CA ALA D 275 21.41 -16.73 -64.91
C ALA D 275 21.46 -18.01 -65.71
N LYS D 276 21.96 -17.90 -66.94
CA LYS D 276 22.16 -19.05 -67.82
C LYS D 276 23.66 -19.21 -67.98
N ASN D 277 24.19 -20.43 -68.05
CA ASN D 277 25.62 -20.73 -68.13
C ASN D 277 26.64 -19.70 -67.60
N GLY D 278 26.49 -19.41 -66.31
CA GLY D 278 27.35 -18.45 -65.60
C GLY D 278 27.22 -16.97 -65.99
N THR D 279 26.16 -16.61 -66.72
CA THR D 279 25.95 -15.24 -67.16
C THR D 279 24.59 -14.68 -66.79
N ASN D 280 24.67 -13.41 -66.40
CA ASN D 280 23.50 -12.69 -65.95
C ASN D 280 22.55 -12.18 -67.04
N LEU D 281 21.53 -12.97 -67.32
CA LEU D 281 20.47 -12.59 -68.26
C LEU D 281 19.80 -11.25 -68.03
N PHE D 282 19.86 -10.71 -66.81
CA PHE D 282 19.24 -9.42 -66.56
C PHE D 282 20.13 -8.28 -67.00
N SER D 283 21.43 -8.50 -67.14
CA SER D 283 22.28 -7.45 -67.69
C SER D 283 22.12 -7.33 -69.19
N GLY D 284 22.41 -6.17 -69.72
CA GLY D 284 22.29 -5.92 -71.14
C GLY D 284 22.30 -4.43 -71.47
N ASP D 285 21.70 -4.13 -72.61
CA ASP D 285 21.48 -2.76 -73.06
C ASP D 285 20.22 -2.15 -72.42
N LYS D 286 19.18 -1.67 -73.14
CA LYS D 286 17.91 -1.17 -72.58
C LYS D 286 17.92 -0.25 -71.32
N TYR D 287 16.80 0.01 -70.63
CA TYR D 287 16.82 0.87 -69.42
C TYR D 287 17.81 0.46 -68.33
N ALA D 288 18.69 1.39 -67.97
CA ALA D 288 19.67 1.18 -66.91
C ALA D 288 20.47 -0.14 -66.82
N GLY D 289 21.02 -0.57 -67.96
CA GLY D 289 21.81 -1.80 -68.02
C GLY D 289 21.00 -3.08 -68.12
N LEU D 290 19.69 -2.94 -68.23
CA LEU D 290 18.86 -4.12 -68.28
C LEU D 290 18.68 -4.79 -69.64
N SER D 291 18.54 -6.10 -69.67
CA SER D 291 18.18 -6.76 -70.92
C SER D 291 16.68 -6.68 -71.24
N GLU D 292 16.30 -6.99 -72.48
CA GLU D 292 14.89 -7.06 -72.86
C GLU D 292 14.19 -8.23 -72.10
N GLN D 293 15.01 -9.22 -71.78
CA GLN D 293 14.67 -10.43 -71.01
C GLN D 293 14.18 -10.04 -69.61
N ALA D 294 14.97 -9.16 -68.98
CA ALA D 294 14.69 -8.57 -67.68
C ALA D 294 13.43 -7.73 -67.69
N LEU D 295 13.25 -6.88 -68.70
CA LEU D 295 12.04 -6.08 -68.83
C LEU D 295 10.78 -6.93 -68.90
N TYR D 296 10.78 -8.06 -69.60
CA TYR D 296 9.61 -8.96 -69.57
C TYR D 296 9.40 -9.62 -68.20
N TYR D 297 10.47 -9.88 -67.45
CA TYR D 297 10.36 -10.38 -66.07
C TYR D 297 9.60 -9.34 -65.24
N ILE D 298 10.01 -8.06 -65.28
CA ILE D 298 9.27 -6.97 -64.63
C ILE D 298 7.81 -6.95 -65.10
N GLY D 299 7.56 -6.98 -66.41
CA GLY D 299 6.20 -7.03 -66.95
C GLY D 299 5.35 -8.19 -66.40
N GLY D 300 5.94 -9.37 -66.18
CA GLY D 300 5.21 -10.48 -65.58
C GLY D 300 4.89 -10.24 -64.10
N VAL D 301 5.85 -9.71 -63.34
CA VAL D 301 5.63 -9.34 -61.94
C VAL D 301 4.51 -8.32 -61.85
N ILE D 302 4.58 -7.20 -62.59
CA ILE D 302 3.52 -6.20 -62.63
C ILE D 302 2.18 -6.79 -63.10
N LYS D 303 2.15 -7.59 -64.16
CA LYS D 303 0.93 -8.25 -64.63
C LYS D 303 0.25 -9.10 -63.55
N HIS D 304 1.04 -9.75 -62.71
CA HIS D 304 0.48 -10.62 -61.68
C HIS D 304 0.61 -10.13 -60.25
N ALA D 305 1.03 -8.87 -60.05
CA ALA D 305 1.24 -8.29 -58.72
C ALA D 305 0.17 -8.58 -57.69
N LYS D 306 -1.12 -8.30 -57.93
CA LYS D 306 -2.14 -8.60 -56.93
C LYS D 306 -2.26 -10.08 -56.54
N ALA D 307 -1.96 -11.04 -57.42
CA ALA D 307 -1.98 -12.46 -57.05
C ALA D 307 -0.73 -12.79 -56.23
N ILE D 308 0.40 -12.19 -56.61
CA ILE D 308 1.63 -12.30 -55.84
C ILE D 308 1.41 -11.74 -54.43
N ASN D 309 0.67 -10.63 -54.26
CA ASN D 309 0.40 -10.05 -52.93
C ASN D 309 -0.22 -11.03 -51.95
N ALA D 310 -1.10 -11.94 -52.40
CA ALA D 310 -1.66 -12.97 -51.54
C ALA D 310 -0.64 -13.90 -50.91
N LEU D 311 0.56 -13.97 -51.49
CA LEU D 311 1.65 -14.80 -51.01
C LEU D 311 2.82 -13.99 -50.43
N ALA D 312 3.13 -12.83 -51.03
CA ALA D 312 4.20 -11.94 -50.58
C ALA D 312 3.81 -10.94 -49.48
N ASN D 313 2.51 -10.76 -49.30
CA ASN D 313 1.89 -9.90 -48.29
C ASN D 313 0.68 -10.60 -47.68
N PRO D 314 0.83 -11.73 -47.00
CA PRO D 314 -0.25 -12.66 -46.71
C PRO D 314 -1.04 -12.38 -45.43
N THR D 315 -0.77 -11.25 -44.77
CA THR D 315 -1.43 -10.96 -43.50
C THR D 315 -2.33 -9.75 -43.61
N THR D 316 -3.44 -9.63 -42.90
CA THR D 316 -4.24 -8.39 -42.97
C THR D 316 -3.37 -7.18 -42.58
N ASN D 317 -2.46 -7.36 -41.63
CA ASN D 317 -1.51 -6.32 -41.23
C ASN D 317 -0.57 -5.85 -42.33
N SER D 318 -0.32 -6.69 -43.33
CA SER D 318 0.56 -6.31 -44.43
C SER D 318 0.12 -5.06 -45.17
N TYR D 319 -1.19 -4.95 -45.26
CA TYR D 319 -1.78 -3.83 -45.99
C TYR D 319 -1.82 -2.55 -45.17
N LYS D 320 -1.58 -2.60 -43.86
CA LYS D 320 -1.36 -1.38 -43.08
C LYS D 320 -0.04 -0.74 -43.48
N ARG D 321 0.91 -1.53 -44.00
CA ARG D 321 2.19 -1.04 -44.52
C ARG D 321 2.03 -0.54 -45.96
N LEU D 322 1.34 -1.34 -46.77
CA LEU D 322 1.08 -0.97 -48.14
C LEU D 322 -0.06 0.03 -48.36
N VAL D 323 0.12 1.21 -47.80
CA VAL D 323 -0.85 2.28 -47.97
C VAL D 323 -0.17 3.40 -48.74
N PRO D 324 -0.88 4.14 -49.61
CA PRO D 324 -0.40 5.34 -50.31
C PRO D 324 0.69 6.26 -49.75
N PRO D 329 5.49 1.57 -50.96
CA PRO D 329 5.76 1.18 -52.34
C PRO D 329 4.54 0.55 -53.03
N VAL D 330 3.49 1.34 -53.20
CA VAL D 330 2.26 0.83 -53.80
C VAL D 330 2.16 0.83 -55.32
N MET D 331 2.92 1.72 -55.98
CA MET D 331 2.94 1.86 -57.44
C MET D 331 3.62 0.76 -58.24
N LEU D 332 2.87 -0.05 -58.99
CA LEU D 332 3.46 -1.03 -59.90
C LEU D 332 4.12 -0.37 -61.11
N ALA D 333 5.37 -0.02 -60.87
CA ALA D 333 6.19 0.66 -61.86
C ALA D 333 7.66 0.38 -61.62
N TYR D 334 8.45 0.23 -62.67
CA TYR D 334 9.88 0.13 -62.48
C TYR D 334 10.60 1.46 -62.66
N SER D 335 11.70 1.59 -61.95
CA SER D 335 12.52 2.79 -62.04
C SER D 335 13.88 2.69 -61.37
N ALA D 336 14.89 3.38 -61.88
CA ALA D 336 16.18 3.49 -61.22
C ALA D 336 16.10 4.73 -60.31
N ARG D 337 15.29 5.70 -60.75
CA ARG D 337 14.98 6.91 -59.97
C ARG D 337 13.81 6.85 -58.96
N ASN D 338 12.53 6.69 -59.34
CA ASN D 338 11.40 6.74 -58.41
C ASN D 338 11.29 5.77 -57.21
N ARG D 339 11.80 6.03 -56.00
CA ARG D 339 11.53 5.16 -54.83
C ARG D 339 10.16 5.63 -54.30
N SER D 340 9.21 4.98 -54.95
CA SER D 340 7.75 5.13 -54.88
C SER D 340 7.18 4.06 -55.83
N ALA D 341 8.02 3.76 -56.82
CA ALA D 341 7.87 2.62 -57.69
C ALA D 341 8.23 1.36 -56.90
N SER D 342 7.36 0.36 -56.97
CA SER D 342 7.58 -0.90 -56.27
C SER D 342 8.63 -1.81 -56.90
N ILE D 343 9.05 -1.52 -58.14
CA ILE D 343 10.12 -2.27 -58.77
C ILE D 343 11.29 -1.29 -58.93
N ARG D 344 12.32 -1.40 -58.12
CA ARG D 344 13.51 -0.57 -58.24
C ARG D 344 14.60 -1.30 -59.03
N ILE D 345 15.21 -0.63 -60.01
CA ILE D 345 16.33 -1.21 -60.74
C ILE D 345 17.54 -0.62 -60.05
N PRO D 346 18.24 -1.38 -59.18
CA PRO D 346 19.33 -0.86 -58.36
C PRO D 346 20.48 -0.39 -59.23
N VAL D 347 21.02 0.77 -58.90
CA VAL D 347 22.16 1.28 -59.67
C VAL D 347 23.37 0.49 -59.19
N VAL D 348 23.60 -0.62 -59.90
CA VAL D 348 24.73 -1.45 -59.54
C VAL D 348 26.04 -0.75 -59.91
N ALA D 349 26.11 -0.08 -61.09
CA ALA D 349 27.29 0.62 -61.67
C ALA D 349 28.47 -0.30 -62.06
N SER D 350 28.67 -1.19 -61.11
CA SER D 350 29.46 -2.40 -61.10
C SER D 350 29.02 -3.35 -62.25
N PRO D 351 29.42 -4.60 -62.42
CA PRO D 351 29.42 -5.22 -63.75
C PRO D 351 28.15 -5.80 -64.42
N LYS D 352 27.66 -6.77 -63.66
CA LYS D 352 26.69 -7.78 -64.07
C LYS D 352 26.10 -8.49 -62.84
N ALA D 353 26.38 -7.83 -61.73
CA ALA D 353 25.46 -7.83 -60.59
C ALA D 353 24.15 -7.06 -60.94
N ARG D 354 23.80 -6.82 -62.21
CA ARG D 354 22.52 -6.25 -62.65
C ARG D 354 21.35 -7.10 -62.19
N ARG D 355 20.36 -6.45 -61.60
CA ARG D 355 19.24 -7.17 -61.03
C ARG D 355 17.98 -6.32 -60.88
N ILE D 356 16.82 -6.92 -60.66
CA ILE D 356 15.67 -6.09 -60.27
C ILE D 356 15.40 -6.20 -58.78
N GLU D 357 14.83 -5.17 -58.17
CA GLU D 357 14.44 -5.26 -56.77
C GLU D 357 12.94 -5.03 -56.59
N VAL D 358 12.18 -6.03 -56.18
CA VAL D 358 10.76 -5.80 -55.91
C VAL D 358 10.59 -5.38 -54.45
N ARG D 359 10.25 -4.11 -54.21
CA ARG D 359 10.15 -3.54 -52.87
C ARG D 359 8.94 -3.89 -52.03
N PHE D 360 7.85 -4.39 -52.60
CA PHE D 360 6.65 -4.61 -51.83
C PHE D 360 6.45 -5.83 -50.93
N PRO D 361 7.12 -6.98 -50.96
CA PRO D 361 6.83 -8.09 -50.04
C PRO D 361 7.22 -7.79 -48.58
N ASP D 362 6.77 -8.55 -47.60
CA ASP D 362 7.18 -8.31 -46.22
C ASP D 362 7.55 -9.55 -45.41
N PRO D 363 8.31 -9.49 -44.30
CA PRO D 363 8.75 -10.67 -43.55
C PRO D 363 7.66 -11.68 -43.22
N ALA D 364 6.37 -11.31 -43.24
CA ALA D 364 5.31 -12.28 -42.92
C ALA D 364 5.10 -13.34 -44.00
N ALA D 365 5.64 -13.07 -45.19
CA ALA D 365 5.49 -13.97 -46.32
C ALA D 365 6.18 -15.33 -46.19
N ASN D 366 5.54 -16.41 -46.63
CA ASN D 366 6.19 -17.72 -46.62
C ASN D 366 7.32 -17.70 -47.65
N PRO D 367 8.61 -17.70 -47.31
CA PRO D 367 9.66 -17.37 -48.27
C PRO D 367 9.64 -18.31 -49.47
N TYR D 368 9.26 -19.59 -49.28
CA TYR D 368 9.15 -20.52 -50.40
C TYR D 368 8.05 -20.09 -51.35
N LEU D 369 6.80 -20.04 -50.90
CA LEU D 369 5.70 -19.62 -51.77
C LEU D 369 5.86 -18.20 -52.33
N CYS D 370 6.39 -17.25 -51.56
CA CYS D 370 6.62 -15.88 -52.01
C CYS D 370 7.62 -15.83 -53.14
N PHE D 371 8.77 -16.51 -52.97
CA PHE D 371 9.76 -16.55 -54.03
C PHE D 371 9.31 -17.34 -55.26
N ALA D 372 8.74 -18.53 -55.07
CA ALA D 372 8.14 -19.31 -56.17
C ALA D 372 7.16 -18.45 -56.97
N ALA D 373 6.18 -17.78 -56.36
CA ALA D 373 5.29 -16.86 -57.07
C ALA D 373 6.01 -15.71 -57.77
N LEU D 374 6.99 -15.01 -57.20
CA LEU D 374 7.71 -13.98 -57.94
C LEU D 374 8.40 -14.57 -59.18
N LEU D 375 9.01 -15.76 -59.07
CA LEU D 375 9.69 -16.42 -60.20
C LEU D 375 8.67 -16.80 -61.26
N MET D 376 7.65 -17.60 -60.97
CA MET D 376 6.60 -17.94 -61.92
C MET D 376 5.95 -16.72 -62.63
N ALA D 377 5.72 -15.61 -61.93
CA ALA D 377 5.21 -14.39 -62.56
C ALA D 377 6.22 -13.81 -63.55
N GLY D 378 7.47 -13.72 -63.11
CA GLY D 378 8.54 -13.19 -63.93
C GLY D 378 8.81 -14.04 -65.19
N LEU D 379 8.72 -15.36 -65.09
CA LEU D 379 8.86 -16.21 -66.26
C LEU D 379 7.69 -15.98 -67.20
N ASP D 380 6.42 -16.05 -66.76
CA ASP D 380 5.28 -15.72 -67.62
C ASP D 380 5.44 -14.39 -68.37
N GLY D 381 6.15 -13.41 -67.83
CA GLY D 381 6.45 -12.18 -68.55
C GLY D 381 7.36 -12.44 -69.75
N ILE D 382 8.52 -13.06 -69.50
CA ILE D 382 9.49 -13.50 -70.52
C ILE D 382 8.79 -14.34 -71.60
N LYS D 383 8.20 -15.42 -71.12
CA LYS D 383 7.44 -16.36 -71.90
C LYS D 383 6.35 -15.80 -72.83
N ASN D 384 5.82 -14.62 -72.50
CA ASN D 384 4.83 -13.96 -73.35
C ASN D 384 5.22 -12.53 -73.74
N LYS D 385 6.52 -12.17 -73.76
CA LYS D 385 7.00 -10.82 -74.12
C LYS D 385 6.21 -9.66 -73.48
N ILE D 386 5.65 -9.89 -72.28
CA ILE D 386 4.84 -8.91 -71.55
C ILE D 386 5.71 -7.70 -71.22
N HIS D 387 5.69 -6.76 -72.16
CA HIS D 387 6.54 -5.61 -72.05
C HIS D 387 6.08 -4.63 -70.99
N PRO D 388 6.92 -4.35 -69.99
CA PRO D 388 6.58 -3.55 -68.82
C PRO D 388 6.05 -2.15 -69.16
N GLY D 389 6.80 -1.31 -69.85
CA GLY D 389 6.27 -0.02 -70.27
C GLY D 389 7.36 1.03 -70.26
N GLU D 390 7.22 2.03 -69.41
CA GLU D 390 8.20 3.10 -69.27
C GLU D 390 8.42 3.46 -67.80
N PRO D 391 9.64 3.79 -67.38
CA PRO D 391 9.96 4.13 -66.01
C PRO D 391 9.41 5.43 -65.45
N MET D 392 8.60 5.33 -64.40
CA MET D 392 8.22 6.52 -63.64
C MET D 392 9.49 7.05 -62.97
N ASP D 393 9.95 8.28 -63.16
CA ASP D 393 11.16 8.73 -62.47
C ASP D 393 11.03 9.98 -61.59
N ILE D 407 -1.76 4.59 -63.49
CA ILE D 407 -0.64 3.81 -62.96
C ILE D 407 -1.05 2.78 -61.88
N PRO D 408 -0.96 1.47 -62.17
CA PRO D 408 -1.56 0.41 -61.35
C PRO D 408 -0.90 0.15 -60.00
N GLN D 409 -1.67 -0.35 -59.03
CA GLN D 409 -1.14 -0.56 -57.68
C GLN D 409 -1.31 -1.97 -57.14
N VAL D 410 -0.51 -2.28 -56.12
CA VAL D 410 -0.62 -3.55 -55.40
C VAL D 410 -2.02 -3.77 -54.80
N ALA D 411 -2.42 -4.99 -54.47
CA ALA D 411 -3.71 -5.21 -53.82
C ALA D 411 -3.87 -4.32 -52.58
N GLY D 412 -4.98 -3.64 -52.45
CA GLY D 412 -5.19 -2.77 -51.29
C GLY D 412 -5.66 -3.46 -50.02
N SER D 413 -5.83 -4.78 -50.04
CA SER D 413 -6.24 -5.56 -48.89
C SER D 413 -6.04 -7.05 -49.09
N LEU D 414 -5.94 -7.81 -48.00
CA LEU D 414 -5.78 -9.25 -48.14
C LEU D 414 -6.94 -9.88 -48.90
N GLU D 415 -8.17 -9.39 -48.73
CA GLU D 415 -9.32 -9.95 -49.43
C GLU D 415 -9.21 -9.77 -50.94
N GLU D 416 -8.73 -8.58 -51.33
CA GLU D 416 -8.46 -8.29 -52.73
C GLU D 416 -7.37 -9.21 -53.26
N ALA D 417 -6.23 -9.26 -52.58
CA ALA D 417 -5.15 -10.17 -52.93
C ALA D 417 -5.58 -11.62 -53.04
N LEU D 418 -6.39 -12.13 -52.13
CA LEU D 418 -6.88 -13.49 -52.21
C LEU D 418 -7.81 -13.68 -53.41
N ASN D 419 -8.75 -12.77 -53.72
CA ASN D 419 -9.57 -12.89 -54.93
C ASN D 419 -8.73 -12.94 -56.21
N ALA D 420 -7.77 -12.02 -56.23
CA ALA D 420 -6.79 -11.95 -57.30
C ALA D 420 -6.00 -13.24 -57.47
N LEU D 421 -5.46 -13.87 -56.42
CA LEU D 421 -4.77 -15.15 -56.54
C LEU D 421 -5.73 -16.19 -57.10
N ASP D 422 -6.94 -16.27 -56.54
CA ASP D 422 -7.98 -17.17 -57.02
C ASP D 422 -8.32 -17.04 -58.50
N LEU D 423 -8.31 -15.83 -59.05
CA LEU D 423 -8.58 -15.66 -60.47
C LEU D 423 -7.36 -15.72 -61.39
N ASP D 424 -6.21 -15.23 -60.93
CA ASP D 424 -4.98 -15.22 -61.72
C ASP D 424 -4.07 -16.43 -61.41
N ARG D 425 -4.78 -17.51 -61.10
CA ARG D 425 -4.28 -18.82 -60.75
C ARG D 425 -3.39 -19.52 -61.79
N GLU D 426 -3.57 -19.22 -63.07
CA GLU D 426 -2.86 -19.90 -64.14
C GLU D 426 -1.34 -19.90 -64.17
N PHE D 427 -0.72 -18.72 -64.02
CA PHE D 427 0.74 -18.67 -64.05
C PHE D 427 1.41 -19.45 -62.92
N LEU D 428 0.71 -19.60 -61.78
CA LEU D 428 1.25 -20.42 -60.71
C LEU D 428 1.17 -21.90 -61.08
N LYS D 429 0.13 -22.38 -61.77
CA LYS D 429 0.01 -23.81 -62.13
C LYS D 429 0.93 -24.34 -63.23
N ALA D 430 1.60 -23.43 -63.95
CA ALA D 430 2.57 -23.80 -64.96
C ALA D 430 3.63 -24.83 -64.53
N GLY D 431 3.66 -25.93 -65.27
CA GLY D 431 4.56 -27.03 -64.98
C GLY D 431 4.30 -27.78 -63.68
N GLY D 432 3.12 -27.66 -63.09
CA GLY D 432 2.83 -28.43 -61.87
C GLY D 432 3.35 -27.81 -60.56
N VAL D 433 4.05 -26.68 -60.67
CA VAL D 433 4.45 -25.87 -59.52
C VAL D 433 3.10 -25.45 -58.93
N PHE D 434 2.62 -25.74 -57.71
CA PHE D 434 1.27 -25.30 -57.29
C PHE D 434 0.08 -25.95 -57.99
N THR D 435 -0.58 -26.85 -57.27
CA THR D 435 -1.86 -27.37 -57.78
C THR D 435 -3.07 -26.49 -57.40
N ASP D 436 -4.22 -26.69 -58.02
CA ASP D 436 -5.46 -26.06 -57.54
C ASP D 436 -5.79 -26.34 -56.09
N GLU D 437 -5.64 -27.59 -55.60
CA GLU D 437 -5.91 -27.90 -54.19
C GLU D 437 -5.02 -27.07 -53.27
N ALA D 438 -3.74 -26.96 -53.68
CA ALA D 438 -2.76 -26.15 -52.98
C ALA D 438 -3.17 -24.68 -52.92
N ILE D 439 -3.51 -24.06 -54.06
CA ILE D 439 -3.99 -22.69 -54.08
C ILE D 439 -5.30 -22.52 -53.32
N ASP D 440 -6.30 -23.37 -53.51
CA ASP D 440 -7.53 -23.31 -52.74
C ASP D 440 -7.38 -23.45 -51.22
N ALA D 441 -6.54 -24.36 -50.73
CA ALA D 441 -6.33 -24.54 -49.29
C ALA D 441 -5.63 -23.33 -48.67
N TYR D 442 -4.72 -22.75 -49.45
CA TYR D 442 -4.05 -21.51 -49.05
C TYR D 442 -5.05 -20.37 -48.86
N ILE D 443 -5.88 -20.07 -49.88
CA ILE D 443 -6.89 -19.03 -49.74
C ILE D 443 -7.83 -19.32 -48.58
N ALA D 444 -8.26 -20.56 -48.39
CA ALA D 444 -9.04 -20.96 -47.22
C ALA D 444 -8.41 -20.57 -45.88
N LEU D 445 -7.12 -20.82 -45.67
CA LEU D 445 -6.43 -20.40 -44.45
C LEU D 445 -6.45 -18.88 -44.31
N ARG D 446 -5.94 -18.15 -45.32
CA ARG D 446 -5.91 -16.71 -45.26
C ARG D 446 -7.29 -16.04 -45.10
N ARG D 447 -8.35 -16.68 -45.58
CA ARG D 447 -9.69 -16.13 -45.41
C ARG D 447 -10.19 -16.15 -43.98
N GLU D 448 -9.94 -17.25 -43.27
CA GLU D 448 -10.30 -17.40 -41.86
C GLU D 448 -9.71 -16.26 -41.01
N GLU D 449 -8.47 -15.91 -41.36
CA GLU D 449 -7.75 -14.84 -40.70
C GLU D 449 -8.33 -13.50 -41.02
N ASP D 450 -8.57 -13.26 -42.32
CA ASP D 450 -9.19 -12.03 -42.75
C ASP D 450 -10.53 -11.82 -42.06
N ASP D 451 -11.36 -12.84 -41.95
CA ASP D 451 -12.65 -12.75 -41.24
C ASP D 451 -12.57 -12.35 -39.79
N ARG D 452 -11.66 -12.93 -39.01
CA ARG D 452 -11.53 -12.59 -37.60
C ARG D 452 -11.19 -11.11 -37.44
N VAL D 453 -10.27 -10.63 -38.28
CA VAL D 453 -9.96 -9.19 -38.28
C VAL D 453 -11.17 -8.35 -38.75
N ARG D 454 -11.96 -8.80 -39.73
CA ARG D 454 -13.11 -8.07 -40.28
C ARG D 454 -14.32 -7.95 -39.33
N MET D 455 -14.57 -9.00 -38.54
CA MET D 455 -15.69 -9.07 -37.61
C MET D 455 -15.44 -8.55 -36.19
N THR D 456 -14.20 -8.34 -35.79
CA THR D 456 -13.88 -7.85 -34.45
C THR D 456 -13.82 -6.33 -34.41
N PRO D 457 -14.62 -5.58 -33.66
CA PRO D 457 -14.53 -4.13 -33.63
C PRO D 457 -13.15 -3.62 -33.22
N HIS D 458 -12.74 -2.60 -33.95
CA HIS D 458 -11.43 -1.99 -33.77
C HIS D 458 -11.48 -0.86 -32.75
N PRO D 459 -10.53 -0.68 -31.84
CA PRO D 459 -10.46 0.49 -30.97
C PRO D 459 -10.66 1.85 -31.64
N VAL D 460 -10.06 2.28 -32.77
CA VAL D 460 -10.38 3.62 -33.28
C VAL D 460 -11.83 3.76 -33.73
N GLU D 461 -12.58 2.65 -33.94
CA GLU D 461 -14.01 2.78 -34.21
C GLU D 461 -14.72 3.37 -32.99
N PHE D 462 -14.34 3.02 -31.77
CA PHE D 462 -14.94 3.66 -30.60
C PHE D 462 -14.61 5.12 -30.57
N GLU D 463 -13.41 5.46 -31.01
CA GLU D 463 -12.98 6.86 -31.09
C GLU D 463 -13.81 7.67 -32.09
N LEU D 464 -14.11 7.02 -33.20
CA LEU D 464 -14.86 7.58 -34.31
C LEU D 464 -16.37 7.57 -34.18
N TYR D 465 -16.91 6.50 -33.62
CA TYR D 465 -18.36 6.26 -33.62
C TYR D 465 -19.06 6.07 -32.26
N TYR D 466 -18.42 6.10 -31.10
CA TYR D 466 -19.14 5.87 -29.85
C TYR D 466 -20.20 6.94 -29.60
N SER D 467 -19.92 8.21 -29.82
CA SER D 467 -20.91 9.25 -29.64
C SER D 467 -21.87 9.49 -30.80
N VAL D 468 -22.07 8.50 -31.67
CA VAL D 468 -23.03 8.56 -32.76
C VAL D 468 -24.43 8.56 -32.10
N SER E 1 46.61 3.91 -44.64
CA SER E 1 46.47 3.28 -45.97
C SER E 1 45.60 2.02 -45.93
N ALA E 2 45.02 1.54 -47.04
CA ALA E 2 44.26 0.28 -47.06
C ALA E 2 45.04 -0.89 -46.43
N GLU E 3 46.28 -0.99 -46.90
CA GLU E 3 47.29 -1.95 -46.42
C GLU E 3 47.37 -2.10 -44.90
N HIS E 4 47.43 -0.93 -44.26
CA HIS E 4 47.45 -0.81 -42.80
C HIS E 4 46.16 -1.29 -42.12
N VAL E 5 45.01 -0.88 -42.65
CA VAL E 5 43.73 -1.30 -42.09
C VAL E 5 43.64 -2.84 -42.13
N LEU E 6 43.99 -3.37 -43.31
CA LEU E 6 44.01 -4.81 -43.54
C LEU E 6 44.91 -5.60 -42.60
N THR E 7 46.01 -5.02 -42.11
CA THR E 7 46.80 -5.73 -41.10
C THR E 7 46.07 -5.66 -39.76
N MET E 8 45.58 -4.48 -39.33
CA MET E 8 44.85 -4.32 -38.06
C MET E 8 43.74 -5.34 -37.87
N LEU E 9 43.05 -5.61 -38.97
CA LEU E 9 42.02 -6.62 -39.02
C LEU E 9 42.52 -7.97 -38.51
N ASN E 10 43.70 -8.44 -38.95
CA ASN E 10 44.30 -9.67 -38.41
C ASN E 10 44.96 -9.50 -37.04
N GLU E 11 45.64 -8.38 -36.92
CA GLU E 11 46.39 -7.92 -35.74
C GLU E 11 45.54 -7.72 -34.48
N HIS E 12 44.24 -7.63 -34.73
CA HIS E 12 43.26 -7.47 -33.66
C HIS E 12 42.08 -8.43 -33.69
N GLU E 13 42.06 -9.40 -34.61
CA GLU E 13 40.94 -10.33 -34.78
C GLU E 13 39.56 -9.66 -34.81
N VAL E 14 39.61 -8.58 -35.59
CA VAL E 14 38.48 -7.72 -35.80
C VAL E 14 37.32 -8.50 -36.42
N LYS E 15 36.17 -8.64 -35.77
CA LYS E 15 35.02 -9.34 -36.33
C LYS E 15 34.13 -8.48 -37.22
N PHE E 16 34.14 -7.17 -36.95
CA PHE E 16 33.31 -6.21 -37.66
C PHE E 16 33.98 -4.87 -37.92
N VAL E 17 33.54 -4.20 -38.97
CA VAL E 17 34.02 -2.86 -39.29
C VAL E 17 32.82 -1.92 -39.30
N ASP E 18 32.93 -0.86 -38.51
CA ASP E 18 31.86 0.10 -38.36
C ASP E 18 32.05 1.35 -39.22
N LEU E 19 31.27 1.46 -40.29
CA LEU E 19 31.36 2.64 -41.14
C LEU E 19 30.62 3.80 -40.55
N ARG E 20 31.32 4.87 -40.24
CA ARG E 20 30.70 6.04 -39.65
C ARG E 20 30.76 7.33 -40.45
N PHE E 21 29.71 8.13 -40.39
CA PHE E 21 29.70 9.45 -41.02
C PHE E 21 28.88 10.47 -40.23
N THR E 22 28.99 11.77 -40.47
CA THR E 22 28.22 12.77 -39.73
C THR E 22 27.16 13.38 -40.62
N ASP E 23 25.94 13.60 -40.15
CA ASP E 23 24.90 14.22 -40.97
C ASP E 23 24.91 15.75 -40.86
N THR E 24 23.95 16.44 -41.47
CA THR E 24 23.94 17.90 -41.46
C THR E 24 23.78 18.47 -40.08
N LYS E 25 22.90 17.86 -39.28
CA LYS E 25 22.73 18.28 -37.91
C LYS E 25 23.94 18.05 -37.02
N GLY E 26 24.85 17.14 -37.40
CA GLY E 26 26.03 16.87 -36.58
C GLY E 26 26.09 15.50 -35.91
N LYS E 27 25.01 14.73 -35.98
CA LYS E 27 24.97 13.42 -35.36
C LYS E 27 25.66 12.37 -36.22
N GLU E 28 26.58 11.71 -35.55
CA GLU E 28 27.30 10.58 -36.11
C GLU E 28 26.40 9.36 -36.32
N GLN E 29 26.33 9.05 -37.60
CA GLN E 29 25.65 7.89 -38.13
C GLN E 29 26.62 6.72 -38.29
N HIS E 30 26.08 5.51 -38.37
CA HIS E 30 26.93 4.34 -38.60
C HIS E 30 26.20 3.12 -39.17
N VAL E 31 26.92 2.33 -39.95
CA VAL E 31 26.44 1.07 -40.48
C VAL E 31 27.56 0.03 -40.34
N THR E 32 27.28 -1.25 -40.11
CA THR E 32 28.32 -2.24 -39.77
C THR E 32 28.46 -3.33 -40.80
N ILE E 33 29.68 -3.56 -41.22
CA ILE E 33 30.06 -4.57 -42.20
C ILE E 33 30.82 -5.68 -41.45
N PRO E 34 30.70 -6.96 -41.77
CA PRO E 34 31.57 -8.02 -41.25
C PRO E 34 32.99 -7.79 -41.73
N ALA E 35 34.05 -7.99 -40.93
CA ALA E 35 35.44 -7.75 -41.36
C ALA E 35 35.80 -8.40 -42.70
N HIS E 36 35.23 -9.59 -42.89
CA HIS E 36 35.38 -10.29 -44.16
C HIS E 36 34.80 -9.63 -45.42
N GLN E 37 34.39 -8.38 -45.40
CA GLN E 37 33.92 -7.65 -46.58
C GLN E 37 34.89 -6.50 -46.89
N VAL E 38 35.88 -6.33 -46.01
CA VAL E 38 36.94 -5.38 -46.24
C VAL E 38 38.03 -6.08 -47.06
N ASN E 39 38.14 -5.59 -48.28
CA ASN E 39 39.14 -6.03 -49.26
C ASN E 39 39.31 -4.95 -50.32
N ALA E 40 40.40 -4.89 -51.09
CA ALA E 40 40.62 -3.90 -52.16
C ALA E 40 39.45 -3.05 -52.68
N GLU E 41 38.48 -3.75 -53.31
CA GLU E 41 37.19 -3.19 -53.77
C GLU E 41 36.56 -2.13 -52.85
N PHE E 42 36.53 -2.46 -51.55
CA PHE E 42 36.02 -1.59 -50.49
C PHE E 42 36.74 -0.25 -50.47
N PHE E 43 38.02 -0.17 -50.13
CA PHE E 43 38.75 1.10 -50.13
C PHE E 43 38.87 1.80 -51.48
N GLU E 44 38.50 1.05 -52.52
CA GLU E 44 38.58 1.52 -53.90
C GLU E 44 37.31 2.25 -54.31
N GLU E 45 36.24 1.46 -54.42
CA GLU E 45 34.93 1.95 -54.84
C GLU E 45 33.83 2.13 -53.78
N GLY E 46 34.24 2.27 -52.52
CA GLY E 46 33.34 2.40 -51.37
C GLY E 46 32.19 1.40 -51.20
N LYS E 47 31.18 1.78 -50.42
CA LYS E 47 29.96 1.00 -50.24
C LYS E 47 28.71 1.85 -50.42
N MET E 48 27.72 1.36 -51.17
CA MET E 48 26.49 2.11 -51.44
C MET E 48 25.52 2.07 -50.29
N PHE E 49 24.86 3.19 -50.00
CA PHE E 49 23.79 3.17 -49.02
C PHE E 49 22.64 4.06 -49.43
N ASP E 50 21.45 3.87 -48.86
CA ASP E 50 20.40 4.82 -49.14
C ASP E 50 20.52 6.09 -48.30
N GLY E 51 21.16 7.04 -48.95
CA GLY E 51 21.32 8.38 -48.39
C GLY E 51 20.01 9.12 -48.20
N SER E 52 18.99 8.74 -48.98
CA SER E 52 17.65 9.35 -48.93
C SER E 52 16.98 9.55 -47.56
N SER E 53 17.06 8.57 -46.65
CA SER E 53 16.45 8.77 -45.35
C SER E 53 17.34 9.46 -44.30
N ILE E 54 18.52 9.97 -44.68
CA ILE E 54 19.30 10.83 -43.80
C ILE E 54 18.70 12.26 -43.92
N GLY E 55 18.36 12.81 -42.77
CA GLY E 55 17.77 14.16 -42.70
C GLY E 55 18.54 15.28 -43.39
N GLY E 56 17.90 15.85 -44.41
CA GLY E 56 18.47 16.96 -45.17
C GLY E 56 19.28 16.55 -46.40
N TRP E 57 19.23 15.27 -46.79
CA TRP E 57 19.98 14.78 -47.94
C TRP E 57 19.20 14.29 -49.16
N ASP E 64 20.24 6.70 -53.47
CA ASP E 64 21.54 6.04 -53.26
C ASP E 64 22.81 6.87 -53.44
N MET E 65 23.71 6.66 -52.48
CA MET E 65 24.97 7.38 -52.35
C MET E 65 26.12 6.45 -51.96
N VAL E 66 27.37 6.91 -52.07
CA VAL E 66 28.45 6.04 -51.66
C VAL E 66 29.31 6.49 -50.46
N LEU E 67 29.44 5.56 -49.53
CA LEU E 67 30.31 5.68 -48.38
C LEU E 67 31.73 5.34 -48.75
N MET E 68 32.61 6.33 -48.75
CA MET E 68 34.00 6.12 -49.10
C MET E 68 34.91 6.06 -47.88
N PRO E 69 35.38 4.89 -47.48
CA PRO E 69 36.17 4.72 -46.27
C PRO E 69 37.47 5.52 -46.24
N ASP E 70 37.74 6.40 -45.29
CA ASP E 70 39.05 7.06 -45.18
C ASP E 70 39.96 6.22 -44.27
N ALA E 71 40.80 5.39 -44.87
CA ALA E 71 41.65 4.47 -44.12
C ALA E 71 42.64 5.06 -43.12
N SER E 72 42.80 6.39 -43.13
CA SER E 72 43.65 7.05 -42.14
C SER E 72 42.99 7.08 -40.78
N THR E 73 41.66 7.09 -40.80
CA THR E 73 40.84 7.16 -39.60
C THR E 73 40.60 5.87 -38.81
N ALA E 74 41.19 4.71 -39.14
CA ALA E 74 40.86 3.47 -38.46
C ALA E 74 41.20 3.39 -36.99
N VAL E 75 40.17 3.21 -36.17
CA VAL E 75 40.33 3.08 -34.72
C VAL E 75 39.58 1.87 -34.18
N ILE E 76 40.08 1.15 -33.19
CA ILE E 76 39.31 0.05 -32.62
C ILE E 76 38.27 0.62 -31.63
N ASP E 77 37.02 0.18 -31.68
CA ASP E 77 35.95 0.67 -30.81
C ASP E 77 36.07 0.20 -29.37
N PRO E 78 36.26 1.04 -28.35
CA PRO E 78 36.57 0.60 -26.98
C PRO E 78 35.37 0.02 -26.24
N PHE E 79 34.19 0.06 -26.88
CA PHE E 79 32.95 -0.35 -26.24
C PHE E 79 32.19 -1.55 -26.80
N PHE E 80 32.08 -1.75 -28.11
CA PHE E 80 31.28 -2.88 -28.62
C PHE E 80 31.81 -4.23 -28.10
N ALA E 81 30.95 -5.21 -27.82
CA ALA E 81 31.41 -6.50 -27.29
C ALA E 81 32.30 -7.34 -28.20
N ASP E 82 32.02 -7.28 -29.51
CA ASP E 82 32.81 -8.02 -30.50
C ASP E 82 33.84 -7.09 -31.13
N SER E 83 35.04 -7.57 -31.41
CA SER E 83 36.09 -6.69 -31.95
C SER E 83 35.74 -5.93 -33.22
N THR E 84 35.63 -4.62 -33.05
CA THR E 84 35.21 -3.75 -34.15
C THR E 84 36.15 -2.61 -34.50
N LEU E 85 36.41 -2.45 -35.78
CA LEU E 85 37.30 -1.39 -36.23
C LEU E 85 36.43 -0.32 -36.85
N ILE E 86 36.42 0.88 -36.27
CA ILE E 86 35.71 2.04 -36.80
C ILE E 86 36.47 2.64 -37.96
N ILE E 87 35.80 2.93 -39.07
CA ILE E 87 36.41 3.65 -40.17
C ILE E 87 35.50 4.82 -40.54
N ARG E 88 35.99 6.06 -40.41
CA ARG E 88 35.22 7.23 -40.82
C ARG E 88 35.06 7.25 -42.33
N CYS E 89 33.95 7.72 -42.86
CA CYS E 89 33.72 7.75 -44.29
C CYS E 89 33.38 9.12 -44.87
N ASP E 90 33.56 9.32 -46.15
CA ASP E 90 33.02 10.51 -46.78
C ASP E 90 31.89 10.09 -47.67
N ILE E 91 30.90 10.96 -47.77
CA ILE E 91 29.77 10.69 -48.63
C ILE E 91 30.07 11.21 -50.01
N LEU E 92 30.19 10.32 -50.98
CA LEU E 92 30.44 10.75 -52.33
C LEU E 92 29.24 10.53 -53.23
N GLU E 93 29.24 11.42 -54.21
CA GLU E 93 28.24 11.40 -55.27
C GLU E 93 28.54 10.18 -56.16
N PRO E 94 27.62 9.24 -56.37
CA PRO E 94 27.92 7.88 -56.84
C PRO E 94 28.38 7.73 -58.29
N GLY E 95 29.31 6.80 -58.57
CA GLY E 95 29.89 6.63 -59.91
C GLY E 95 30.89 7.73 -60.26
N THR E 96 30.34 8.93 -60.40
CA THR E 96 31.04 10.19 -60.60
C THR E 96 32.06 10.57 -59.50
N LEU E 97 31.82 10.00 -58.31
CA LEU E 97 32.69 10.02 -57.13
C LEU E 97 33.39 11.28 -56.60
N GLN E 98 32.60 12.35 -56.48
CA GLN E 98 33.15 13.65 -56.07
C GLN E 98 32.90 14.10 -54.64
N GLY E 99 31.80 13.69 -54.03
CA GLY E 99 31.60 14.11 -52.65
C GLY E 99 30.45 15.08 -52.49
N TYR E 100 29.38 14.57 -51.88
CA TYR E 100 28.12 15.26 -51.66
C TYR E 100 28.30 16.73 -51.22
N ASP E 101 27.82 17.78 -51.89
CA ASP E 101 28.12 19.16 -51.44
C ASP E 101 27.38 19.73 -50.23
N ARG E 102 26.75 18.72 -49.62
CA ARG E 102 25.89 18.75 -48.45
C ARG E 102 26.45 17.84 -47.33
N ASP E 103 27.50 17.06 -47.64
CA ASP E 103 28.21 16.24 -46.68
C ASP E 103 29.15 17.13 -45.88
N PRO E 104 28.94 17.31 -44.56
CA PRO E 104 29.75 18.20 -43.75
C PRO E 104 31.23 17.88 -43.73
N ARG E 105 31.68 16.63 -43.81
CA ARG E 105 33.12 16.37 -43.82
C ARG E 105 33.73 16.87 -45.11
N SER E 106 33.10 16.58 -46.26
CA SER E 106 33.54 17.15 -47.53
C SER E 106 33.64 18.67 -47.48
N ILE E 107 32.59 19.37 -47.05
CA ILE E 107 32.66 20.83 -46.83
C ILE E 107 33.87 21.22 -45.95
N ALA E 108 34.20 20.52 -44.89
CA ALA E 108 35.37 20.87 -44.08
C ALA E 108 36.65 20.74 -44.88
N LYS E 109 36.80 19.62 -45.60
CA LYS E 109 37.97 19.38 -46.43
C LYS E 109 38.13 20.44 -47.52
N ARG E 110 37.02 20.85 -48.14
CA ARG E 110 37.02 21.95 -49.10
C ARG E 110 37.50 23.25 -48.48
N ALA E 111 37.01 23.64 -47.31
CA ALA E 111 37.48 24.84 -46.65
C ALA E 111 39.00 24.78 -46.38
N GLU E 112 39.56 23.61 -46.07
CA GLU E 112 41.00 23.50 -45.88
C GLU E 112 41.76 23.69 -47.19
N ASP E 113 41.33 23.03 -48.27
CA ASP E 113 41.94 23.25 -49.58
C ASP E 113 41.80 24.67 -50.10
N TYR E 114 40.64 25.32 -49.98
CA TYR E 114 40.48 26.73 -50.31
C TYR E 114 41.50 27.58 -49.56
N LEU E 115 41.81 27.31 -48.30
CA LEU E 115 42.82 28.06 -47.55
C LEU E 115 44.18 27.94 -48.25
N ARG E 116 44.50 26.72 -48.67
CA ARG E 116 45.73 26.46 -49.43
C ARG E 116 45.76 27.18 -50.77
N ALA E 117 44.68 27.10 -51.53
CA ALA E 117 44.55 27.79 -52.82
C ALA E 117 44.65 29.32 -52.71
N THR E 118 44.25 29.91 -51.58
CA THR E 118 44.44 31.36 -51.41
C THR E 118 45.87 31.69 -51.00
N GLY E 119 46.66 30.70 -50.60
CA GLY E 119 48.04 30.92 -50.19
C GLY E 119 48.22 31.76 -48.91
N ILE E 120 47.13 32.12 -48.21
CA ILE E 120 47.22 32.91 -46.99
C ILE E 120 47.92 32.12 -45.88
N ALA E 121 47.72 30.79 -45.87
CA ALA E 121 48.45 29.88 -44.99
C ALA E 121 48.34 28.44 -45.46
N ASP E 122 49.16 27.52 -44.93
CA ASP E 122 49.06 26.10 -45.32
C ASP E 122 48.09 25.32 -44.46
N THR E 123 48.06 25.67 -43.17
CA THR E 123 47.17 24.98 -42.23
C THR E 123 46.36 25.81 -41.25
N VAL E 124 45.13 25.36 -40.99
CA VAL E 124 44.28 25.93 -39.93
C VAL E 124 44.31 25.07 -38.69
N LEU E 125 44.61 25.66 -37.57
CA LEU E 125 44.58 24.94 -36.32
C LEU E 125 43.42 25.34 -35.40
N PHE E 126 42.60 24.34 -35.10
CA PHE E 126 41.46 24.44 -34.21
C PHE E 126 41.61 23.69 -32.89
N GLY E 127 41.16 24.37 -31.85
CA GLY E 127 41.18 23.83 -30.49
C GLY E 127 39.87 24.12 -29.77
N PRO E 128 38.85 23.30 -29.97
CA PRO E 128 37.54 23.42 -29.36
C PRO E 128 37.55 23.09 -27.87
N GLU E 129 36.84 23.79 -27.00
CA GLU E 129 36.81 23.44 -25.57
C GLU E 129 35.38 22.98 -25.20
N PRO E 130 34.87 21.81 -25.61
CA PRO E 130 33.49 21.38 -25.41
C PRO E 130 33.16 21.07 -23.97
N GLU E 131 32.06 21.58 -23.45
CA GLU E 131 31.63 21.19 -22.13
C GLU E 131 30.39 20.33 -22.18
N PHE E 132 30.21 19.52 -21.15
CA PHE E 132 29.05 18.64 -21.12
C PHE E 132 28.45 18.52 -19.74
N PHE E 133 27.24 18.00 -19.70
CA PHE E 133 26.60 17.70 -18.43
C PHE E 133 26.45 16.21 -18.26
N LEU E 134 26.61 15.74 -17.03
CA LEU E 134 26.53 14.33 -16.71
C LEU E 134 25.42 14.08 -15.67
N PHE E 135 24.21 13.80 -16.12
CA PHE E 135 23.05 13.60 -15.25
C PHE E 135 22.75 12.12 -14.92
N ASP E 136 21.88 11.78 -13.95
CA ASP E 136 21.46 10.40 -13.65
C ASP E 136 20.13 10.06 -14.29
N ASP E 137 19.26 11.06 -14.38
CA ASP E 137 17.91 10.88 -14.90
C ASP E 137 17.44 12.10 -15.64
N ILE E 138 16.95 11.89 -16.84
CA ILE E 138 16.38 12.98 -17.61
C ILE E 138 15.06 12.50 -18.20
N ARG E 139 13.98 13.12 -17.79
CA ARG E 139 12.67 12.83 -18.33
C ARG E 139 12.06 14.06 -18.92
N PHE E 140 11.43 13.90 -20.06
CA PHE E 140 10.72 15.01 -20.67
C PHE E 140 9.62 14.55 -21.61
N GLY E 141 8.77 15.46 -22.07
CA GLY E 141 7.73 15.10 -23.01
C GLY E 141 6.78 16.27 -23.24
N ALA E 142 6.14 16.23 -24.38
CA ALA E 142 5.18 17.23 -24.81
C ALA E 142 4.01 16.47 -25.46
N SER E 143 2.79 16.86 -25.14
CA SER E 143 1.55 16.25 -25.59
C SER E 143 0.50 17.35 -25.68
N ILE E 144 -0.69 17.14 -26.28
CA ILE E 144 -1.72 18.17 -26.28
C ILE E 144 -2.08 18.72 -24.89
N SER E 145 -2.15 17.87 -23.86
CA SER E 145 -2.54 18.26 -22.52
C SER E 145 -1.43 18.85 -21.68
N GLY E 146 -0.24 19.04 -22.25
CA GLY E 146 0.87 19.63 -21.50
C GLY E 146 2.29 19.24 -21.94
N SER E 147 3.25 19.66 -21.14
CA SER E 147 4.64 19.34 -21.43
C SER E 147 5.53 19.47 -20.21
N HIS E 148 6.68 18.79 -20.20
CA HIS E 148 7.57 18.81 -19.05
C HIS E 148 8.98 18.36 -19.35
N VAL E 149 9.90 18.79 -18.50
CA VAL E 149 11.25 18.26 -18.45
C VAL E 149 11.66 18.26 -16.97
N ALA E 150 12.33 17.18 -16.62
CA ALA E 150 12.77 16.90 -15.26
C ALA E 150 14.20 16.37 -15.31
N ILE E 151 15.11 17.14 -14.74
CA ILE E 151 16.54 16.83 -14.72
C ILE E 151 16.90 16.33 -13.33
N ASP E 152 17.66 15.26 -13.27
CA ASP E 152 18.15 14.84 -11.99
C ASP E 152 19.52 14.19 -12.00
N ASP E 153 20.25 14.64 -11.00
CA ASP E 153 21.58 14.17 -10.71
C ASP E 153 21.93 14.28 -9.23
N ILE E 154 22.71 13.32 -8.77
CA ILE E 154 23.17 13.24 -7.40
C ILE E 154 23.85 14.51 -6.92
N GLU E 155 24.53 15.20 -7.82
CA GLU E 155 25.21 16.46 -7.53
C GLU E 155 24.30 17.70 -7.60
N GLY E 156 23.02 17.53 -7.86
CA GLY E 156 22.15 18.67 -8.06
C GLY E 156 21.97 19.34 -6.74
N ALA E 157 22.30 20.61 -6.61
CA ALA E 157 22.12 21.31 -5.33
C ALA E 157 20.74 21.11 -4.73
N TRP E 158 19.75 20.96 -5.60
CA TRP E 158 18.41 20.68 -5.16
C TRP E 158 18.25 19.37 -4.41
N ASN E 159 19.14 18.37 -4.50
CA ASN E 159 18.99 17.14 -3.73
C ASN E 159 19.43 17.16 -2.27
N SER E 160 19.80 18.35 -1.78
CA SER E 160 20.17 18.51 -0.36
C SER E 160 19.09 18.09 0.62
N SER E 161 17.84 18.19 0.16
CA SER E 161 16.66 17.80 0.93
C SER E 161 16.16 16.38 0.74
N THR E 162 16.69 15.73 -0.29
CA THR E 162 16.27 14.40 -0.72
C THR E 162 16.52 13.21 0.16
N LYS E 163 15.51 12.37 0.39
CA LYS E 163 15.75 11.11 1.10
C LYS E 163 16.30 10.07 0.12
N TYR E 164 17.44 9.50 0.48
CA TYR E 164 18.07 8.52 -0.41
C TYR E 164 18.15 7.06 -0.01
N GLU E 165 17.81 6.56 1.16
CA GLU E 165 17.89 5.13 1.57
C GLU E 165 19.29 4.53 1.71
N GLY E 166 20.27 5.04 0.98
CA GLY E 166 21.64 4.85 1.45
C GLY E 166 21.98 5.80 2.62
N GLY E 167 21.30 6.95 2.57
CA GLY E 167 21.55 8.07 3.46
C GLY E 167 21.85 9.28 2.57
N ASN E 168 21.81 10.56 2.95
CA ASN E 168 22.02 11.58 1.93
C ASN E 168 23.47 11.99 1.77
N LYS E 169 24.34 11.97 2.76
CA LYS E 169 25.76 12.35 2.59
C LYS E 169 26.12 13.78 2.19
N GLY E 170 25.21 14.60 1.64
CA GLY E 170 25.33 16.06 1.57
C GLY E 170 26.51 16.81 0.96
N HIS E 171 27.58 16.19 0.47
CA HIS E 171 28.62 16.96 -0.19
C HIS E 171 28.20 17.08 -1.65
N ARG E 172 27.98 18.28 -2.13
CA ARG E 172 27.39 18.46 -3.46
C ARG E 172 27.77 19.85 -4.00
N PRO E 173 28.06 20.13 -5.27
CA PRO E 173 28.33 21.47 -5.73
C PRO E 173 27.09 22.35 -5.66
N GLY E 174 27.14 23.50 -4.96
CA GLY E 174 26.00 24.45 -4.97
C GLY E 174 25.68 25.05 -6.35
N VAL E 175 24.71 25.95 -6.64
CA VAL E 175 24.47 26.27 -8.06
C VAL E 175 25.66 26.85 -8.81
N LYS E 176 26.43 27.89 -8.48
CA LYS E 176 27.61 28.16 -9.34
C LYS E 176 28.95 27.67 -8.78
N GLY E 177 28.83 26.63 -7.95
CA GLY E 177 29.95 26.13 -7.17
C GLY E 177 30.59 24.82 -7.58
N GLY E 178 30.36 24.38 -8.81
CA GLY E 178 30.99 23.16 -9.32
C GLY E 178 32.46 23.37 -9.70
N TYR E 179 32.87 24.64 -9.79
CA TYR E 179 34.23 24.97 -10.11
C TYR E 179 35.27 24.89 -8.98
N PHE E 180 35.72 23.65 -9.18
CA PHE E 180 36.85 22.93 -8.63
C PHE E 180 36.98 22.19 -7.32
N PRO E 181 36.01 22.04 -6.42
CA PRO E 181 36.23 21.44 -5.11
C PRO E 181 36.66 19.97 -5.22
N VAL E 182 37.52 19.51 -4.33
CA VAL E 182 37.95 18.11 -4.38
C VAL E 182 36.83 17.13 -4.05
N PRO E 183 36.91 15.86 -4.43
CA PRO E 183 36.04 14.81 -3.89
C PRO E 183 35.88 14.83 -2.36
N PRO E 184 34.77 14.44 -1.75
CA PRO E 184 33.56 14.00 -2.44
C PRO E 184 32.63 15.01 -3.08
N VAL E 185 32.84 16.33 -3.04
CA VAL E 185 31.92 17.30 -3.68
C VAL E 185 31.91 17.08 -5.21
N ASP E 186 33.07 16.79 -5.78
CA ASP E 186 33.14 16.46 -7.18
C ASP E 186 32.98 14.96 -7.30
N SER E 187 31.80 14.51 -7.66
CA SER E 187 31.55 13.07 -7.84
C SER E 187 32.21 12.43 -9.06
N ALA E 188 32.64 13.21 -10.07
CA ALA E 188 33.10 12.62 -11.32
C ALA E 188 34.58 12.41 -11.62
N GLN E 189 35.48 12.43 -10.62
CA GLN E 189 36.91 12.24 -10.89
C GLN E 189 37.25 10.97 -11.67
N ASP E 190 36.78 9.81 -11.22
CA ASP E 190 36.97 8.58 -11.96
C ASP E 190 36.25 8.55 -13.31
N ILE E 191 35.05 9.14 -13.49
CA ILE E 191 34.38 9.12 -14.78
C ILE E 191 35.16 10.00 -15.75
N ARG E 192 35.60 11.20 -15.37
CA ARG E 192 36.42 12.00 -16.28
C ARG E 192 37.79 11.36 -16.59
N SER E 193 38.54 10.82 -15.61
CA SER E 193 39.82 10.17 -15.93
C SER E 193 39.69 9.00 -16.90
N GLU E 194 38.63 8.22 -16.73
CA GLU E 194 38.29 7.13 -17.64
C GLU E 194 37.97 7.62 -19.04
N MET E 195 37.23 8.73 -19.12
CA MET E 195 36.96 9.38 -20.41
C MET E 195 38.27 9.80 -21.06
N CYS E 196 39.20 10.31 -20.26
CA CYS E 196 40.51 10.70 -20.78
C CYS E 196 41.27 9.51 -21.33
N LEU E 197 41.36 8.41 -20.57
CA LEU E 197 42.04 7.23 -21.03
C LEU E 197 41.38 6.65 -22.28
N VAL E 198 40.06 6.51 -22.38
CA VAL E 198 39.47 5.97 -23.60
C VAL E 198 39.66 6.96 -24.78
N MET E 199 39.65 8.28 -24.57
CA MET E 199 39.89 9.21 -25.68
C MET E 199 41.27 9.03 -26.30
N GLU E 200 42.27 8.88 -25.42
CA GLU E 200 43.62 8.66 -25.91
C GLU E 200 43.77 7.35 -26.64
N GLN E 201 43.11 6.30 -26.16
CA GLN E 201 43.07 5.00 -26.83
C GLN E 201 42.44 5.11 -28.24
N MET E 202 41.66 6.16 -28.47
CA MET E 202 41.04 6.43 -29.76
C MET E 202 41.78 7.51 -30.55
N GLY E 203 42.94 7.91 -30.04
CA GLY E 203 43.83 8.81 -30.74
C GLY E 203 43.76 10.29 -30.39
N LEU E 204 43.15 10.65 -29.27
CA LEU E 204 43.10 12.06 -28.93
C LEU E 204 44.16 12.38 -27.90
N VAL E 205 44.58 13.62 -27.73
CA VAL E 205 45.54 13.87 -26.66
C VAL E 205 44.92 14.75 -25.61
N VAL E 206 44.67 14.18 -24.44
CA VAL E 206 44.11 14.96 -23.36
C VAL E 206 45.16 15.88 -22.75
N GLU E 207 44.75 17.09 -22.43
CA GLU E 207 45.59 18.08 -21.76
C GLU E 207 45.22 18.30 -20.30
N ALA E 208 43.92 18.26 -20.02
CA ALA E 208 43.41 18.41 -18.67
C ALA E 208 41.96 17.98 -18.53
N HIS E 209 41.48 17.60 -17.36
CA HIS E 209 40.05 17.36 -17.20
C HIS E 209 39.66 17.93 -15.86
N HIS E 210 38.51 18.57 -15.81
CA HIS E 210 38.03 19.12 -14.55
C HIS E 210 36.53 19.33 -14.53
N HIS E 211 35.99 19.46 -13.33
CA HIS E 211 34.58 19.81 -13.15
C HIS E 211 34.35 21.25 -13.59
N GLU E 212 33.21 21.56 -14.19
CA GLU E 212 32.92 22.94 -14.56
C GLU E 212 32.05 23.69 -13.55
N VAL E 213 31.61 24.90 -13.82
CA VAL E 213 30.94 25.77 -12.85
C VAL E 213 29.61 25.30 -12.31
N ALA E 214 28.81 24.68 -13.15
CA ALA E 214 27.49 24.28 -12.71
C ALA E 214 27.34 23.12 -11.72
N THR E 215 26.34 23.24 -10.85
CA THR E 215 25.87 22.14 -10.01
C THR E 215 25.34 21.03 -10.92
N ALA E 216 24.90 19.85 -10.46
CA ALA E 216 24.33 18.83 -11.33
C ALA E 216 25.15 18.32 -12.52
N GLY E 217 26.45 18.21 -12.27
CA GLY E 217 27.35 17.50 -13.19
C GLY E 217 27.94 18.21 -14.40
N GLN E 218 28.33 19.49 -14.39
CA GLN E 218 28.99 20.04 -15.56
C GLN E 218 30.45 19.63 -15.57
N ASN E 219 30.98 19.16 -16.70
CA ASN E 219 32.35 18.68 -16.79
C ASN E 219 33.07 19.09 -18.07
N GLU E 220 34.40 18.99 -18.05
CA GLU E 220 35.21 19.34 -19.21
C GLU E 220 36.47 18.50 -19.32
N VAL E 221 36.62 17.88 -20.48
CA VAL E 221 37.86 17.20 -20.80
C VAL E 221 38.51 18.04 -21.89
N ALA E 222 39.62 18.70 -21.57
CA ALA E 222 40.37 19.55 -22.48
C ALA E 222 41.28 18.70 -23.36
N THR E 223 41.28 18.96 -24.65
CA THR E 223 41.97 18.09 -25.58
C THR E 223 42.89 18.83 -26.58
N ARG E 224 44.12 18.37 -26.87
CA ARG E 224 45.07 19.01 -27.79
C ARG E 224 44.55 19.16 -29.22
N PHE E 225 44.88 20.36 -29.67
CA PHE E 225 44.47 20.89 -30.97
C PHE E 225 44.78 20.01 -32.18
N ASN E 226 44.23 20.47 -33.28
CA ASN E 226 44.51 19.83 -34.53
C ASN E 226 44.17 20.69 -35.73
N THR E 227 44.42 20.14 -36.90
CA THR E 227 44.02 20.82 -38.11
C THR E 227 42.50 20.70 -38.19
N MET E 228 41.82 21.70 -38.75
CA MET E 228 40.37 21.70 -38.84
C MET E 228 39.62 20.38 -39.12
N THR E 229 39.59 19.76 -40.29
CA THR E 229 38.83 18.51 -40.45
C THR E 229 39.27 17.40 -39.52
N LYS E 230 40.53 17.31 -39.11
CA LYS E 230 40.91 16.22 -38.21
C LYS E 230 40.34 16.49 -36.81
N LYS E 231 40.34 17.75 -36.40
CA LYS E 231 39.77 18.14 -35.12
C LYS E 231 38.27 17.98 -35.08
N ALA E 232 37.60 18.33 -36.17
CA ALA E 232 36.17 18.10 -36.29
C ALA E 232 35.83 16.61 -36.12
N ASP E 233 36.59 15.68 -36.71
CA ASP E 233 36.42 14.25 -36.40
C ASP E 233 36.76 13.95 -34.93
N GLU E 234 37.80 14.55 -34.36
CA GLU E 234 38.10 14.34 -32.95
C GLU E 234 36.96 14.81 -32.03
N ILE E 235 36.18 15.83 -32.42
CA ILE E 235 35.00 16.22 -31.65
C ILE E 235 33.97 15.12 -31.77
N GLN E 236 33.73 14.52 -32.94
CA GLN E 236 32.83 13.36 -33.05
C GLN E 236 33.30 12.18 -32.20
N ILE E 237 34.57 11.84 -32.08
CA ILE E 237 35.02 10.80 -31.16
C ILE E 237 34.87 11.26 -29.71
N TYR E 238 35.21 12.51 -29.38
CA TYR E 238 35.07 13.11 -28.04
C TYR E 238 33.67 12.89 -27.52
N LYS E 239 32.70 13.37 -28.30
CA LYS E 239 31.31 13.17 -27.98
C LYS E 239 30.92 11.70 -27.83
N TYR E 240 31.41 10.79 -28.67
CA TYR E 240 31.08 9.37 -28.59
C TYR E 240 31.60 8.73 -27.30
N VAL E 241 32.83 9.03 -26.93
CA VAL E 241 33.40 8.53 -25.69
C VAL E 241 32.65 9.12 -24.50
N VAL E 242 32.38 10.43 -24.43
CA VAL E 242 31.61 11.01 -23.33
C VAL E 242 30.24 10.36 -23.20
N HIS E 243 29.49 10.22 -24.30
CA HIS E 243 28.20 9.55 -24.26
C HIS E 243 28.30 8.09 -23.80
N ASN E 244 29.23 7.27 -24.28
CA ASN E 244 29.31 5.89 -23.84
C ASN E 244 30.01 5.58 -22.53
N VAL E 245 31.04 6.29 -22.09
CA VAL E 245 31.64 6.06 -20.78
C VAL E 245 30.62 6.47 -19.73
N ALA E 246 29.95 7.62 -19.90
CA ALA E 246 28.89 8.03 -18.98
C ALA E 246 27.84 6.93 -18.82
N HIS E 247 27.47 6.38 -19.97
CA HIS E 247 26.52 5.28 -20.01
C HIS E 247 27.00 4.06 -19.23
N ARG E 248 28.28 3.65 -19.37
CA ARG E 248 28.83 2.52 -18.61
C ARG E 248 28.79 2.79 -17.11
N PHE E 249 28.96 4.04 -16.74
CA PHE E 249 28.88 4.48 -15.36
C PHE E 249 27.49 4.71 -14.80
N GLY E 250 26.43 4.48 -15.60
CA GLY E 250 25.06 4.66 -15.14
C GLY E 250 24.55 6.09 -15.24
N LYS E 251 25.37 6.93 -15.84
CA LYS E 251 25.01 8.31 -16.08
C LYS E 251 24.51 8.49 -17.51
N THR E 252 23.99 9.68 -17.75
CA THR E 252 23.60 10.11 -19.09
C THR E 252 24.26 11.45 -19.37
N ALA E 253 25.00 11.57 -20.46
CA ALA E 253 25.64 12.84 -20.76
C ALA E 253 24.92 13.58 -21.84
N THR E 254 24.99 14.89 -21.74
CA THR E 254 24.41 15.74 -22.79
C THR E 254 25.24 16.95 -23.18
N PHE E 255 25.29 17.15 -24.49
CA PHE E 255 25.98 18.33 -24.98
C PHE E 255 25.04 19.50 -25.26
N MET E 256 23.79 19.53 -24.81
CA MET E 256 22.91 20.63 -25.17
C MET E 256 23.32 21.89 -24.39
N PRO E 257 23.27 23.05 -25.04
CA PRO E 257 23.92 24.29 -24.58
C PRO E 257 23.45 24.79 -23.22
N LYS E 258 22.14 24.70 -23.01
CA LYS E 258 21.50 25.23 -21.81
C LYS E 258 20.40 24.34 -21.20
N PRO E 259 20.70 23.28 -20.45
CA PRO E 259 19.70 22.36 -19.92
C PRO E 259 19.02 22.93 -18.69
N MET E 260 19.68 23.77 -17.91
CA MET E 260 19.10 24.33 -16.70
C MET E 260 19.11 25.85 -16.68
N PHE E 261 17.99 26.49 -16.40
CA PHE E 261 17.97 27.93 -16.18
C PHE E 261 18.56 28.27 -14.81
N GLY E 262 19.37 29.30 -14.67
CA GLY E 262 19.84 29.69 -13.34
C GLY E 262 21.21 29.18 -12.93
N ASP E 263 21.83 28.50 -13.90
CA ASP E 263 23.19 28.05 -13.74
C ASP E 263 23.88 27.98 -15.09
N ASN E 264 25.17 27.75 -15.09
CA ASN E 264 25.95 27.68 -16.31
C ASN E 264 25.46 26.79 -17.45
N GLY E 265 25.80 27.27 -18.63
CA GLY E 265 25.54 26.54 -19.86
C GLY E 265 26.83 25.91 -20.36
N SER E 266 26.68 24.96 -21.24
CA SER E 266 27.82 24.31 -21.85
C SER E 266 28.14 25.00 -23.18
N GLY E 267 29.29 25.66 -23.21
CA GLY E 267 29.79 26.23 -24.44
C GLY E 267 30.98 25.46 -25.02
N MET E 268 31.25 25.61 -26.31
CA MET E 268 32.41 24.99 -26.95
C MET E 268 33.24 26.10 -27.58
N HIS E 269 34.18 26.65 -26.83
CA HIS E 269 34.97 27.75 -27.38
C HIS E 269 35.99 27.26 -28.38
N CYS E 270 36.05 27.91 -29.53
CA CYS E 270 37.07 27.55 -30.50
C CYS E 270 38.33 28.40 -30.47
N HIS E 271 39.46 27.83 -30.06
CA HIS E 271 40.74 28.46 -30.27
C HIS E 271 41.17 28.27 -31.71
N MET E 272 41.50 29.36 -32.39
CA MET E 272 41.98 29.26 -33.75
C MET E 272 43.32 29.94 -33.98
N SER E 273 44.00 29.32 -34.94
CA SER E 273 45.26 29.88 -35.44
C SER E 273 45.61 29.47 -36.85
N LEU E 274 46.32 30.35 -37.54
CA LEU E 274 46.76 30.05 -38.89
C LEU E 274 48.26 29.89 -39.04
N ALA E 275 48.68 28.97 -39.91
CA ALA E 275 50.10 28.78 -40.14
C ALA E 275 50.58 28.56 -41.57
N LYS E 276 51.59 29.32 -41.95
CA LYS E 276 52.23 29.19 -43.27
C LYS E 276 53.63 28.67 -43.01
N ASN E 277 54.19 27.80 -43.84
CA ASN E 277 55.51 27.16 -43.67
C ASN E 277 56.10 27.06 -42.26
N GLY E 278 55.35 26.36 -41.41
CA GLY E 278 55.74 26.13 -40.01
C GLY E 278 55.74 27.36 -39.08
N THR E 279 55.14 28.46 -39.50
CA THR E 279 55.10 29.68 -38.70
C THR E 279 53.71 30.23 -38.48
N ASN E 280 53.54 30.69 -37.25
CA ASN E 280 52.27 31.22 -36.81
C ASN E 280 51.92 32.63 -37.26
N LEU E 281 51.18 32.72 -38.36
CA LEU E 281 50.68 33.99 -38.88
C LEU E 281 49.92 34.87 -37.90
N PHE E 282 49.38 34.31 -36.83
CA PHE E 282 48.66 35.12 -35.87
C PHE E 282 49.60 35.82 -34.90
N SER E 283 50.83 35.33 -34.73
CA SER E 283 51.79 36.05 -33.92
C SER E 283 52.35 37.25 -34.67
N GLY E 284 52.81 38.23 -33.91
CA GLY E 284 53.36 39.44 -34.49
C GLY E 284 53.47 40.57 -33.46
N ASP E 285 53.46 41.77 -34.01
CA ASP E 285 53.43 43.00 -33.22
C ASP E 285 51.98 43.37 -32.79
N LYS E 286 51.39 44.53 -33.12
CA LYS E 286 49.98 44.88 -32.83
C LYS E 286 49.36 44.53 -31.44
N TYR E 287 48.03 44.60 -31.23
CA TYR E 287 47.46 44.24 -29.92
C TYR E 287 47.83 42.86 -29.36
N ALA E 288 48.41 42.86 -28.17
CA ALA E 288 48.78 41.63 -27.47
C ALA E 288 49.49 40.49 -28.22
N GLY E 289 50.53 40.85 -28.99
CA GLY E 289 51.31 39.86 -29.73
C GLY E 289 50.69 39.45 -31.06
N LEU E 290 49.58 40.07 -31.42
CA LEU E 290 48.93 39.70 -32.65
C LEU E 290 49.43 40.32 -33.95
N SER E 291 49.38 39.60 -35.05
CA SER E 291 49.66 40.22 -36.34
C SER E 291 48.50 41.03 -36.91
N GLU E 292 48.76 41.87 -37.91
CA GLU E 292 47.70 42.59 -38.61
C GLU E 292 46.78 41.60 -39.35
N GLN E 293 47.39 40.48 -39.74
CA GLN E 293 46.77 39.31 -40.40
C GLN E 293 45.67 38.72 -39.52
N ALA E 294 46.04 38.52 -38.26
CA ALA E 294 45.15 38.05 -37.20
C ALA E 294 44.00 39.02 -36.92
N LEU E 295 44.29 40.31 -36.83
CA LEU E 295 43.26 41.32 -36.64
C LEU E 295 42.21 41.30 -37.75
N TYR E 296 42.58 41.11 -39.01
CA TYR E 296 41.58 40.96 -40.08
C TYR E 296 40.77 39.66 -39.97
N TYR E 297 41.38 38.58 -39.44
CA TYR E 297 40.64 37.34 -39.16
C TYR E 297 39.54 37.64 -38.15
N ILE E 298 39.87 38.29 -37.02
CA ILE E 298 38.87 38.74 -36.05
C ILE E 298 37.80 39.62 -36.72
N GLY E 299 38.19 40.62 -37.51
CA GLY E 299 37.26 41.45 -38.26
C GLY E 299 36.31 40.67 -39.16
N GLY E 300 36.76 39.59 -39.80
CA GLY E 300 35.88 38.76 -40.61
C GLY E 300 34.90 37.96 -39.76
N VAL E 301 35.36 37.39 -38.63
CA VAL E 301 34.49 36.68 -37.69
C VAL E 301 33.42 37.64 -37.18
N ILE E 302 33.79 38.81 -36.65
CA ILE E 302 32.82 39.83 -36.19
C ILE E 302 31.89 40.28 -37.34
N LYS E 303 32.40 40.57 -38.53
CA LYS E 303 31.58 40.93 -39.69
C LYS E 303 30.50 39.89 -40.01
N HIS E 304 30.83 38.60 -39.85
CA HIS E 304 29.88 37.55 -40.18
C HIS E 304 29.30 36.78 -39.00
N ALA E 305 29.53 37.25 -37.78
CA ALA E 305 29.07 36.58 -36.57
C ALA E 305 27.65 36.03 -36.59
N LYS E 306 26.62 36.83 -36.90
CA LYS E 306 25.25 36.31 -36.94
C LYS E 306 25.03 35.17 -37.96
N ALA E 307 25.75 35.11 -39.08
CA ALA E 307 25.60 34.00 -40.02
C ALA E 307 26.33 32.78 -39.47
N ILE E 308 27.49 33.01 -38.84
CA ILE E 308 28.22 31.96 -38.15
C ILE E 308 27.33 31.36 -37.04
N ASN E 309 26.56 32.17 -36.29
CA ASN E 309 25.67 31.68 -35.24
C ASN E 309 24.71 30.59 -35.70
N ALA E 310 24.18 30.68 -36.93
CA ALA E 310 23.32 29.64 -37.48
C ALA E 310 23.97 28.27 -37.58
N LEU E 311 25.30 28.22 -37.57
CA LEU E 311 26.07 26.99 -37.63
C LEU E 311 26.79 26.65 -36.31
N ALA E 312 27.29 27.66 -35.60
CA ALA E 312 27.99 27.52 -34.33
C ALA E 312 27.09 27.46 -33.08
N ASN E 313 25.85 27.90 -33.25
CA ASN E 313 24.79 27.91 -32.23
C ASN E 313 23.46 27.48 -32.86
N PRO E 314 23.33 26.25 -33.36
CA PRO E 314 22.28 25.86 -34.29
C PRO E 314 20.96 25.41 -33.65
N THR E 315 20.85 25.53 -32.33
CA THR E 315 19.66 25.03 -31.65
C THR E 315 18.87 26.15 -31.03
N THR E 316 17.54 26.10 -30.92
CA THR E 316 16.82 27.19 -30.21
C THR E 316 17.35 27.34 -28.78
N ASN E 317 17.72 26.23 -28.14
CA ASN E 317 18.32 26.24 -26.81
C ASN E 317 19.66 26.98 -26.71
N SER E 318 20.38 27.08 -27.82
CA SER E 318 21.66 27.80 -27.81
C SER E 318 21.57 29.22 -27.32
N TYR E 319 20.45 29.83 -27.71
CA TYR E 319 20.23 31.22 -27.37
C TYR E 319 19.75 31.44 -25.94
N LYS E 320 19.35 30.38 -25.23
CA LYS E 320 19.12 30.48 -23.79
C LYS E 320 20.45 30.69 -23.07
N ARG E 321 21.56 30.25 -23.67
CA ARG E 321 22.92 30.47 -23.15
C ARG E 321 23.42 31.85 -23.54
N LEU E 322 23.24 32.18 -24.81
CA LEU E 322 23.64 33.50 -25.31
C LEU E 322 22.69 34.65 -24.98
N VAL E 323 22.54 34.89 -23.69
CA VAL E 323 21.72 36.01 -23.24
C VAL E 323 22.64 37.00 -22.53
N PRO E 324 22.39 38.32 -22.62
CA PRO E 324 23.09 39.37 -21.87
C PRO E 324 23.75 39.13 -20.51
N PRO E 329 28.75 35.49 -23.36
CA PRO E 329 29.65 36.13 -24.30
C PRO E 329 28.93 36.68 -25.53
N VAL E 330 28.05 37.64 -25.33
CA VAL E 330 27.27 38.20 -26.44
C VAL E 330 27.90 39.32 -27.26
N MET E 331 28.84 40.07 -26.65
CA MET E 331 29.53 41.18 -27.28
C MET E 331 30.56 40.84 -28.37
N LEU E 332 30.29 41.16 -29.63
CA LEU E 332 31.28 41.02 -30.70
C LEU E 332 32.40 42.04 -30.58
N ALA E 333 33.37 41.65 -29.79
CA ALA E 333 34.54 42.47 -29.50
C ALA E 333 35.74 41.59 -29.14
N TYR E 334 36.93 41.99 -29.56
CA TYR E 334 38.10 41.28 -29.09
C TYR E 334 38.76 41.96 -27.90
N SER E 335 39.39 41.15 -27.09
CA SER E 335 40.10 41.64 -25.91
C SER E 335 41.00 40.63 -25.22
N ALA E 336 42.10 41.05 -24.62
CA ALA E 336 42.91 40.19 -23.77
C ALA E 336 42.37 40.31 -22.35
N ARG E 337 41.82 41.50 -22.06
CA ARG E 337 41.13 41.78 -20.80
C ARG E 337 39.63 41.44 -20.69
N ASN E 338 38.69 42.07 -21.41
CA ASN E 338 37.24 41.83 -21.25
C ASN E 338 36.63 40.43 -21.44
N ARG E 339 36.50 39.53 -20.44
CA ARG E 339 35.74 38.27 -20.61
C ARG E 339 34.27 38.66 -20.39
N SER E 340 33.76 39.07 -21.54
CA SER E 340 32.43 39.62 -21.84
C SER E 340 32.43 39.86 -23.37
N ALA E 341 33.65 40.09 -23.85
CA ALA E 341 33.97 40.07 -25.27
C ALA E 341 33.97 38.63 -25.74
N SER E 342 33.28 38.37 -26.85
CA SER E 342 33.19 37.03 -27.42
C SER E 342 34.45 36.58 -28.14
N ILE E 343 35.39 37.48 -28.42
CA ILE E 343 36.67 37.11 -29.00
C ILE E 343 37.73 37.39 -27.94
N ARG E 344 38.26 36.38 -27.29
CA ARG E 344 39.34 36.55 -26.31
C ARG E 344 40.70 36.29 -26.96
N ILE E 345 41.66 37.17 -26.74
CA ILE E 345 43.02 36.95 -27.23
C ILE E 345 43.74 36.38 -26.02
N PRO E 346 43.97 35.05 -25.95
CA PRO E 346 44.53 34.40 -24.78
C PRO E 346 45.93 34.91 -24.50
N VAL E 347 46.21 35.18 -23.23
CA VAL E 347 47.54 35.63 -22.86
C VAL E 347 48.42 34.38 -22.87
N VAL E 348 49.00 34.14 -24.04
CA VAL E 348 49.87 32.99 -24.17
C VAL E 348 51.16 33.21 -23.39
N ALA E 349 51.75 34.42 -23.45
CA ALA E 349 53.03 34.84 -22.82
C ALA E 349 54.29 34.16 -23.38
N SER E 350 54.07 32.86 -23.54
CA SER E 350 54.81 31.85 -24.24
C SER E 350 55.00 32.26 -25.74
N PRO E 351 55.49 31.48 -26.69
CA PRO E 351 56.13 32.06 -27.87
C PRO E 351 55.35 32.63 -29.08
N LYS E 352 54.61 31.69 -29.62
CA LYS E 352 53.99 31.71 -30.94
C LYS E 352 52.91 30.61 -31.05
N ALA E 353 52.61 30.11 -29.86
CA ALA E 353 51.27 29.63 -29.56
C ALA E 353 50.24 30.81 -29.54
N ARG E 354 50.53 31.98 -30.11
CA ARG E 354 49.59 33.09 -30.29
C ARG E 354 48.37 32.66 -31.10
N ARG E 355 47.20 32.98 -30.58
CA ARG E 355 45.96 32.54 -31.21
C ARG E 355 44.75 33.39 -30.86
N ILE E 356 43.64 33.28 -31.58
CA ILE E 356 42.43 33.91 -31.08
C ILE E 356 41.49 32.87 -30.48
N GLU E 357 40.66 33.26 -29.53
CA GLU E 357 39.65 32.34 -28.99
C GLU E 357 38.24 32.88 -29.19
N VAL E 358 37.41 32.26 -30.01
CA VAL E 358 36.02 32.71 -30.14
C VAL E 358 35.17 31.96 -29.10
N ARG E 359 34.71 32.68 -28.07
CA ARG E 359 33.96 32.11 -26.96
C ARG E 359 32.52 31.73 -27.18
N PHE E 360 31.85 32.22 -28.21
CA PHE E 360 30.43 31.95 -28.37
C PHE E 360 29.89 30.64 -28.93
N PRO E 361 30.53 29.74 -29.66
CA PRO E 361 29.90 28.51 -30.16
C PRO E 361 29.55 27.52 -29.04
N ASP E 362 28.71 26.52 -29.28
CA ASP E 362 28.41 25.52 -28.25
C ASP E 362 28.41 24.07 -28.70
N PRO E 363 28.55 23.04 -27.84
CA PRO E 363 28.64 21.64 -28.25
C PRO E 363 27.56 21.19 -29.23
N ALA E 364 26.42 21.87 -29.35
CA ALA E 364 25.38 21.43 -30.28
C ALA E 364 25.75 21.64 -31.76
N ALA E 365 26.77 22.46 -31.99
CA ALA E 365 27.21 22.77 -33.34
C ALA E 365 27.81 21.62 -34.13
N ASN E 366 27.50 21.51 -35.43
CA ASN E 366 28.12 20.48 -36.26
C ASN E 366 29.59 20.82 -36.42
N PRO E 367 30.57 20.14 -35.84
CA PRO E 367 31.94 20.65 -35.73
C PRO E 367 32.52 20.95 -37.12
N TYR E 368 32.15 20.17 -38.15
CA TYR E 368 32.63 20.44 -39.50
C TYR E 368 32.08 21.78 -40.00
N LEU E 369 30.76 21.92 -40.13
CA LEU E 369 30.19 23.19 -40.58
C LEU E 369 30.54 24.40 -39.69
N CYS E 370 30.60 24.22 -38.36
CA CYS E 370 30.95 25.30 -37.44
C CYS E 370 32.37 25.78 -37.67
N PHE E 371 33.32 24.85 -37.77
CA PHE E 371 34.71 25.22 -38.03
C PHE E 371 34.92 25.79 -39.44
N ALA E 372 34.38 25.13 -40.48
CA ALA E 372 34.40 25.66 -41.84
C ALA E 372 33.87 27.09 -41.88
N ALA E 373 32.70 27.41 -41.34
CA ALA E 373 32.22 28.78 -41.26
C ALA E 373 33.13 29.73 -40.48
N LEU E 374 33.69 29.39 -39.31
CA LEU E 374 34.64 30.29 -38.65
C LEU E 374 35.85 30.58 -39.56
N LEU E 375 36.39 29.57 -40.24
CA LEU E 375 37.53 29.73 -41.15
C LEU E 375 37.17 30.62 -42.31
N MET E 376 36.16 30.29 -43.13
CA MET E 376 35.69 31.14 -44.22
C MET E 376 35.41 32.61 -43.81
N ALA E 377 34.83 32.87 -42.64
CA ALA E 377 34.64 34.23 -42.16
C ALA E 377 35.96 34.93 -41.89
N GLY E 378 36.85 34.23 -41.20
CA GLY E 378 38.16 34.76 -40.87
C GLY E 378 39.02 35.05 -42.10
N LEU E 379 38.95 34.21 -43.13
CA LEU E 379 39.66 34.48 -44.37
C LEU E 379 39.05 35.71 -45.05
N ASP E 380 37.74 35.80 -45.27
CA ASP E 380 37.13 37.02 -45.82
C ASP E 380 37.56 38.30 -45.09
N GLY E 381 37.90 38.25 -43.81
CA GLY E 381 38.45 39.40 -43.10
C GLY E 381 39.83 39.78 -43.65
N ILE E 382 40.75 38.81 -43.64
CA ILE E 382 42.10 38.94 -44.22
C ILE E 382 42.04 39.45 -45.66
N LYS E 383 41.33 38.67 -46.46
CA LYS E 383 41.06 38.93 -47.87
C LYS E 383 40.52 40.31 -48.23
N ASN E 384 39.84 40.98 -47.30
CA ASN E 384 39.35 42.34 -47.51
C ASN E 384 39.82 43.33 -46.45
N LYS E 385 40.96 43.11 -45.77
CA LYS E 385 41.50 44.02 -44.74
C LYS E 385 40.45 44.54 -43.72
N ILE E 386 39.41 43.73 -43.46
CA ILE E 386 38.31 44.10 -42.56
C ILE E 386 38.86 44.29 -41.15
N HIS E 387 39.25 45.52 -40.90
CA HIS E 387 39.91 45.84 -39.66
C HIS E 387 38.95 45.84 -38.48
N PRO E 388 39.21 44.99 -37.47
CA PRO E 388 38.33 44.76 -36.34
C PRO E 388 37.96 46.03 -35.57
N GLY E 389 38.92 46.77 -35.01
CA GLY E 389 38.60 48.04 -34.36
C GLY E 389 39.51 48.28 -33.18
N GLU E 390 38.93 48.33 -32.00
CA GLU E 390 39.69 48.51 -30.76
C GLU E 390 39.18 47.62 -29.65
N PRO E 391 40.05 47.08 -28.80
CA PRO E 391 39.66 46.19 -27.71
C PRO E 391 38.86 46.78 -26.56
N MET E 392 37.66 46.25 -26.35
CA MET E 392 36.92 46.57 -25.12
C MET E 392 37.70 45.95 -23.95
N ASP E 393 38.15 46.67 -22.92
CA ASP E 393 38.86 46.02 -21.84
C ASP E 393 38.29 46.19 -20.43
N ILE E 407 28.14 48.81 -29.72
CA ILE E 407 28.91 47.57 -29.70
C ILE E 407 28.08 46.33 -30.10
N PRO E 408 28.35 45.71 -31.26
CA PRO E 408 27.47 44.70 -31.86
C PRO E 408 27.43 43.34 -31.17
N GLN E 409 26.31 42.61 -31.31
CA GLN E 409 26.16 41.34 -30.62
C GLN E 409 25.82 40.16 -31.50
N VAL E 410 26.05 38.96 -30.98
CA VAL E 410 25.67 37.72 -31.66
C VAL E 410 24.17 37.66 -31.96
N ALA E 411 23.70 36.82 -32.88
CA ALA E 411 22.27 36.68 -33.13
C ALA E 411 21.51 36.38 -31.83
N GLY E 412 20.44 37.09 -31.58
CA GLY E 412 19.68 36.87 -30.34
C GLY E 412 18.68 35.70 -30.38
N SER E 413 18.61 34.99 -31.50
CA SER E 413 17.74 33.84 -31.64
C SER E 413 18.07 33.01 -32.87
N LEU E 414 17.67 31.74 -32.90
CA LEU E 414 17.93 30.90 -34.06
C LEU E 414 17.30 31.49 -35.32
N GLU E 415 16.11 32.08 -35.22
CA GLU E 415 15.45 32.67 -36.40
C GLU E 415 16.26 33.82 -36.99
N GLU E 416 16.81 34.64 -36.10
CA GLU E 416 17.70 35.72 -36.50
C GLU E 416 18.94 35.15 -37.18
N ALA E 417 19.63 34.24 -36.50
CA ALA E 417 20.78 33.55 -37.06
C ALA E 417 20.52 32.91 -38.42
N LEU E 418 19.39 32.24 -38.61
CA LEU E 418 19.06 31.65 -39.88
C LEU E 418 18.81 32.72 -40.94
N ASN E 419 18.10 33.82 -40.68
CA ASN E 419 17.94 34.91 -41.66
C ASN E 419 19.29 35.49 -42.09
N ALA E 420 20.11 35.72 -41.07
CA ALA E 420 21.47 36.18 -41.26
C ALA E 420 22.31 35.25 -42.12
N LEU E 421 22.31 33.93 -41.91
CA LEU E 421 23.02 33.00 -42.79
C LEU E 421 22.48 33.11 -44.19
N ASP E 422 21.16 33.10 -44.35
CA ASP E 422 20.50 33.25 -45.65
C ASP E 422 20.90 34.50 -46.41
N LEU E 423 21.12 35.62 -45.73
CA LEU E 423 21.54 36.85 -46.41
C LEU E 423 23.05 37.03 -46.55
N ASP E 424 23.83 36.60 -45.57
CA ASP E 424 25.28 36.72 -45.58
C ASP E 424 25.98 35.46 -46.11
N ARG E 425 25.26 34.84 -47.02
CA ARG E 425 25.60 33.61 -47.72
C ARG E 425 26.90 33.62 -48.54
N GLU E 426 27.33 34.79 -49.02
CA GLU E 426 28.48 34.89 -49.90
C GLU E 426 29.83 34.37 -49.43
N PHE E 427 30.26 34.75 -48.23
CA PHE E 427 31.57 34.29 -47.74
C PHE E 427 31.64 32.78 -47.57
N LEU E 428 30.51 32.12 -47.32
CA LEU E 428 30.51 30.67 -47.25
C LEU E 428 30.68 30.06 -48.64
N LYS E 429 30.11 30.64 -49.70
CA LYS E 429 30.23 30.08 -51.06
C LYS E 429 31.58 30.21 -51.78
N ALA E 430 32.47 31.04 -51.21
CA ALA E 430 33.82 31.20 -51.72
C ALA E 430 34.58 29.89 -51.99
N GLY E 431 35.02 29.75 -53.23
CA GLY E 431 35.72 28.56 -53.68
C GLY E 431 34.91 27.28 -53.67
N GLY E 432 33.57 27.33 -53.65
CA GLY E 432 32.78 26.10 -53.73
C GLY E 432 32.60 25.36 -52.40
N VAL E 433 33.22 25.87 -51.32
CA VAL E 433 33.00 25.39 -49.96
C VAL E 433 31.51 25.70 -49.75
N PHE E 434 30.53 24.83 -49.50
CA PHE E 434 29.12 25.27 -49.35
C PHE E 434 28.43 25.79 -50.60
N THR E 435 27.55 24.97 -51.16
CA THR E 435 26.69 25.49 -52.23
C THR E 435 25.41 26.17 -51.73
N ASP E 436 24.68 26.89 -52.56
CA ASP E 436 23.35 27.36 -52.20
C ASP E 436 22.37 26.28 -51.79
N GLU E 437 22.34 25.12 -52.48
CA GLU E 437 21.44 24.03 -52.08
C GLU E 437 21.76 23.56 -50.66
N ALA E 438 23.07 23.46 -50.38
CA ALA E 438 23.58 23.09 -49.07
C ALA E 438 23.13 24.09 -48.00
N ILE E 439 23.33 25.40 -48.20
CA ILE E 439 22.87 26.41 -47.26
C ILE E 439 21.35 26.43 -47.16
N ASP E 440 20.59 26.41 -48.24
CA ASP E 440 19.14 26.33 -48.19
C ASP E 440 18.56 25.11 -47.46
N ALA E 441 19.11 23.90 -47.66
CA ALA E 441 18.63 22.69 -46.99
C ALA E 441 18.91 22.74 -45.50
N TYR E 442 20.05 23.33 -45.14
CA TYR E 442 20.40 23.55 -43.74
C TYR E 442 19.38 24.47 -43.06
N ILE E 443 19.11 25.65 -43.59
CA ILE E 443 18.12 26.55 -43.02
C ILE E 443 16.75 25.87 -42.94
N ALA E 444 16.35 25.14 -43.97
CA ALA E 444 15.12 24.34 -43.92
C ALA E 444 15.02 23.39 -42.73
N LEU E 445 16.08 22.64 -42.41
CA LEU E 445 16.09 21.78 -41.23
C LEU E 445 15.95 22.60 -39.95
N ARG E 446 16.84 23.57 -39.74
CA ARG E 446 16.77 24.40 -38.54
C ARG E 446 15.46 25.18 -38.36
N ARG E 447 14.77 25.51 -39.46
CA ARG E 447 13.49 26.19 -39.34
C ARG E 447 12.37 25.34 -38.78
N GLU E 448 12.31 24.07 -39.22
CA GLU E 448 11.34 23.11 -38.72
C GLU E 448 11.40 22.98 -37.18
N GLU E 449 12.65 23.01 -36.69
CA GLU E 449 12.94 22.91 -35.28
C GLU E 449 12.51 24.17 -34.56
N ASP E 450 12.91 25.31 -35.11
CA ASP E 450 12.51 26.59 -34.56
C ASP E 450 10.99 26.69 -34.44
N ASP E 451 10.25 26.29 -35.47
CA ASP E 451 8.79 26.30 -35.44
C ASP E 451 8.15 25.47 -34.34
N ARG E 452 8.62 24.24 -34.12
CA ARG E 452 8.06 23.39 -33.08
C ARG E 452 8.21 24.06 -31.71
N VAL E 453 9.39 24.63 -31.46
CA VAL E 453 9.62 25.38 -30.23
C VAL E 453 8.73 26.65 -30.18
N ARG E 454 8.51 27.35 -31.30
CA ARG E 454 7.73 28.60 -31.35
C ARG E 454 6.22 28.42 -31.14
N MET E 455 5.66 27.31 -31.65
CA MET E 455 4.23 27.00 -31.57
C MET E 455 3.76 26.21 -30.35
N THR E 456 4.66 25.62 -29.59
CA THR E 456 4.29 24.83 -28.41
C THR E 456 4.27 25.71 -27.16
N PRO E 457 3.17 25.90 -26.42
CA PRO E 457 3.18 26.73 -25.22
C PRO E 457 4.18 26.26 -24.18
N HIS E 458 4.85 27.24 -23.61
CA HIS E 458 5.89 27.02 -22.62
C HIS E 458 5.32 27.00 -21.21
N PRO E 459 5.73 26.11 -20.30
CA PRO E 459 5.33 26.18 -18.89
C PRO E 459 5.41 27.54 -18.23
N VAL E 460 6.45 28.40 -18.27
CA VAL E 460 6.36 29.68 -17.57
C VAL E 460 5.29 30.61 -18.15
N GLU E 461 4.76 30.35 -19.37
CA GLU E 461 3.64 31.14 -19.86
C GLU E 461 2.40 30.87 -18.98
N PHE E 462 2.18 29.64 -18.50
CA PHE E 462 1.07 29.42 -17.60
C PHE E 462 1.29 30.15 -16.29
N GLU E 463 2.54 30.25 -15.89
CA GLU E 463 2.89 31.00 -14.67
C GLU E 463 2.60 32.50 -14.80
N LEU E 464 2.90 33.00 -16.00
CA LEU E 464 2.73 34.40 -16.35
C LEU E 464 1.33 34.84 -16.76
N TYR E 465 0.63 33.98 -17.49
CA TYR E 465 -0.63 34.34 -18.14
C TYR E 465 -1.88 33.51 -17.82
N TYR E 466 -1.86 32.46 -16.98
CA TYR E 466 -3.08 31.69 -16.75
C TYR E 466 -4.17 32.53 -16.11
N SER E 467 -3.87 33.35 -15.12
CA SER E 467 -4.88 34.20 -14.51
C SER E 467 -5.18 35.52 -15.23
N VAL E 468 -4.91 35.62 -16.52
CA VAL E 468 -5.24 36.77 -17.33
C VAL E 468 -6.79 36.79 -17.44
N SER F 1 62.00 17.86 -5.27
CA SER F 1 62.53 18.49 -6.50
C SER F 1 61.79 18.01 -7.76
N ALA F 2 61.83 18.72 -8.89
CA ALA F 2 61.22 18.25 -10.14
C ALA F 2 61.66 16.82 -10.50
N GLU F 3 62.98 16.64 -10.44
CA GLU F 3 63.68 15.37 -10.65
C GLU F 3 63.05 14.16 -9.96
N HIS F 4 62.75 14.38 -8.67
CA HIS F 4 62.07 13.41 -7.82
C HIS F 4 60.64 13.10 -8.26
N VAL F 5 59.85 14.12 -8.57
CA VAL F 5 58.48 13.92 -9.01
C VAL F 5 58.48 13.06 -10.29
N LEU F 6 59.36 13.46 -11.21
CA LEU F 6 59.55 12.76 -12.47
C LEU F 6 59.94 11.29 -12.34
N THR F 7 60.65 10.89 -11.28
CA THR F 7 60.90 9.46 -11.07
C THR F 7 59.62 8.80 -10.56
N MET F 8 58.93 9.38 -9.55
CA MET F 8 57.69 8.83 -9.01
C MET F 8 56.65 8.48 -10.05
N LEU F 9 56.58 9.35 -11.06
CA LEU F 9 55.74 9.14 -12.22
C LEU F 9 56.00 7.79 -12.87
N ASN F 10 57.26 7.39 -13.10
CA ASN F 10 57.58 6.06 -13.62
C ASN F 10 57.52 4.95 -12.57
N GLU F 11 58.01 5.30 -11.39
CA GLU F 11 58.09 4.46 -10.20
C GLU F 11 56.75 3.98 -9.65
N HIS F 12 55.71 4.68 -10.11
CA HIS F 12 54.34 4.35 -9.74
C HIS F 12 53.36 4.22 -10.89
N GLU F 13 53.82 4.29 -12.15
CA GLU F 13 52.95 4.25 -13.33
C GLU F 13 51.71 5.17 -13.23
N VAL F 14 52.08 6.36 -12.76
CA VAL F 14 51.15 7.43 -12.54
C VAL F 14 50.46 7.82 -13.84
N LYS F 15 49.14 7.67 -13.99
CA LYS F 15 48.42 8.06 -15.19
C LYS F 15 48.02 9.54 -15.24
N PHE F 16 47.85 10.12 -14.06
CA PHE F 16 47.41 11.51 -13.92
C PHE F 16 48.07 12.26 -12.77
N VAL F 17 48.15 13.58 -12.90
CA VAL F 17 48.67 14.43 -11.86
C VAL F 17 47.58 15.43 -11.48
N ASP F 18 47.26 15.46 -10.20
CA ASP F 18 46.21 16.32 -9.70
C ASP F 18 46.72 17.62 -9.08
N LEU F 19 46.55 18.73 -9.78
CA LEU F 19 46.98 20.01 -9.27
C LEU F 19 45.99 20.55 -8.26
N ARG F 20 46.42 20.73 -7.03
CA ARG F 20 45.55 21.22 -5.98
C ARG F 20 45.92 22.55 -5.35
N PHE F 21 44.94 23.37 -5.00
CA PHE F 21 45.17 24.61 -4.28
C PHE F 21 44.03 24.95 -3.32
N THR F 22 44.19 25.86 -2.37
CA THR F 22 43.12 26.22 -1.44
C THR F 22 42.57 27.60 -1.74
N ASP F 23 41.26 27.82 -1.70
CA ASP F 23 40.73 29.15 -1.96
C ASP F 23 40.62 29.98 -0.68
N THR F 24 40.03 31.18 -0.74
CA THR F 24 39.96 32.06 0.43
C THR F 24 39.14 31.46 1.54
N LYS F 25 38.01 30.84 1.18
CA LYS F 25 37.20 30.17 2.18
C LYS F 25 37.85 28.97 2.83
N GLY F 26 38.88 28.38 2.20
CA GLY F 26 39.54 27.20 2.76
C GLY F 26 39.33 25.87 2.05
N LYS F 27 38.43 25.85 1.06
CA LYS F 27 38.17 24.64 0.31
C LYS F 27 39.23 24.37 -0.75
N GLU F 28 39.75 23.17 -0.65
CA GLU F 28 40.69 22.63 -1.61
C GLU F 28 40.05 22.38 -2.97
N GLN F 29 40.61 23.11 -3.90
CA GLN F 29 40.31 23.03 -5.30
C GLN F 29 41.27 22.11 -6.02
N HIS F 30 40.90 21.62 -7.20
CA HIS F 30 41.80 20.79 -7.97
C HIS F 30 41.48 20.72 -9.47
N VAL F 31 42.51 20.56 -10.28
CA VAL F 31 42.39 20.35 -11.72
C VAL F 31 43.36 19.21 -12.12
N THR F 32 43.05 18.38 -13.11
CA THR F 32 43.85 17.18 -13.40
C THR F 32 44.50 17.21 -14.76
N ILE F 33 45.79 16.94 -14.77
CA ILE F 33 46.63 16.89 -15.96
C ILE F 33 46.98 15.42 -16.22
N PRO F 34 47.09 14.92 -17.46
CA PRO F 34 47.65 13.60 -17.75
C PRO F 34 49.12 13.58 -17.37
N ALA F 35 49.68 12.51 -16.79
CA ALA F 35 51.10 12.48 -16.38
C ALA F 35 52.07 12.91 -17.48
N HIS F 36 51.71 12.53 -18.70
CA HIS F 36 52.47 12.96 -19.87
C HIS F 36 52.53 14.46 -20.18
N GLN F 37 52.10 15.36 -19.29
CA GLN F 37 52.23 16.81 -19.46
C GLN F 37 53.17 17.38 -18.41
N VAL F 38 53.61 16.50 -17.50
CA VAL F 38 54.62 16.85 -16.54
C VAL F 38 56.00 16.63 -17.17
N ASN F 39 56.66 17.76 -17.38
CA ASN F 39 58.01 17.85 -17.92
C ASN F 39 58.62 19.19 -17.55
N ALA F 40 59.94 19.39 -17.56
CA ALA F 40 60.61 20.67 -17.24
C ALA F 40 59.77 21.97 -17.20
N GLU F 41 59.25 22.35 -18.38
CA GLU F 41 58.30 23.48 -18.59
C GLU F 41 57.28 23.68 -17.46
N PHE F 42 56.65 22.56 -17.06
CA PHE F 42 55.66 22.50 -16.00
C PHE F 42 56.23 23.04 -14.68
N PHE F 43 57.20 22.39 -14.04
CA PHE F 43 57.79 22.88 -12.79
C PHE F 43 58.51 24.24 -12.90
N GLU F 44 58.70 24.66 -14.14
CA GLU F 44 59.40 25.91 -14.46
C GLU F 44 58.44 27.09 -14.48
N GLU F 45 57.59 27.07 -15.50
CA GLU F 45 56.61 28.12 -15.74
C GLU F 45 55.13 27.87 -15.40
N GLY F 46 54.89 26.91 -14.51
CA GLY F 46 53.56 26.49 -14.09
C GLY F 46 52.51 26.17 -15.17
N LYS F 47 51.23 26.20 -14.78
CA LYS F 47 50.11 26.03 -15.69
C LYS F 47 49.04 27.12 -15.50
N MET F 48 48.55 27.70 -16.58
CA MET F 48 47.58 28.79 -16.51
C MET F 48 46.17 28.29 -16.25
N PHE F 49 45.40 29.00 -15.42
CA PHE F 49 43.99 28.65 -15.27
C PHE F 49 43.14 29.90 -15.12
N ASP F 50 41.84 29.79 -15.35
CA ASP F 50 41.00 30.94 -15.08
C ASP F 50 40.66 31.06 -13.59
N GLY F 51 41.50 31.88 -12.97
CA GLY F 51 41.32 32.22 -11.56
C GLY F 51 40.04 33.00 -11.28
N SER F 52 39.52 33.68 -12.30
CA SER F 52 38.29 34.50 -12.21
C SER F 52 37.06 33.88 -11.56
N SER F 53 36.74 32.61 -11.85
CA SER F 53 35.58 32.01 -11.21
C SER F 53 35.84 31.36 -9.84
N ILE F 54 37.03 31.53 -9.25
CA ILE F 54 37.26 31.13 -7.87
C ILE F 54 36.73 32.28 -6.98
N GLY F 55 35.88 31.92 -6.05
CA GLY F 55 35.27 32.88 -5.13
C GLY F 55 36.22 33.78 -4.35
N GLY F 56 36.11 35.07 -4.63
CA GLY F 56 36.93 36.08 -3.95
C GLY F 56 38.24 36.43 -4.66
N TRP F 57 38.43 35.96 -5.90
CA TRP F 57 39.65 36.22 -6.63
C TRP F 57 39.58 37.07 -7.91
N ASP F 64 42.84 35.21 -15.86
CA ASP F 64 43.90 34.22 -15.87
C ASP F 64 45.08 34.39 -14.90
N MET F 65 45.42 33.26 -14.29
CA MET F 65 46.44 33.16 -13.25
C MET F 65 47.31 31.91 -13.44
N VAL F 66 48.44 31.82 -12.73
CA VAL F 66 49.24 30.62 -12.88
C VAL F 66 49.41 29.73 -11.64
N LEU F 67 49.11 28.45 -11.85
CA LEU F 67 49.34 27.40 -10.88
C LEU F 67 50.78 26.94 -10.91
N MET F 68 51.50 27.24 -9.83
CA MET F 68 52.91 26.86 -9.75
C MET F 68 53.14 25.63 -8.89
N PRO F 69 53.41 24.47 -9.46
CA PRO F 69 53.54 23.23 -8.73
C PRO F 69 54.64 23.22 -7.68
N ASP F 70 54.38 22.97 -6.39
CA ASP F 70 55.46 22.83 -5.41
C ASP F 70 55.87 21.35 -5.32
N ALA F 71 56.93 20.98 -6.03
CA ALA F 71 57.37 19.59 -6.10
C ALA F 71 57.73 18.88 -4.81
N SER F 72 57.83 19.63 -3.71
CA SER F 72 58.08 19.02 -2.40
C SER F 72 56.85 18.29 -1.88
N THR F 73 55.70 18.79 -2.30
CA THR F 73 54.40 18.26 -1.89
C THR F 73 53.88 17.01 -2.59
N ALA F 74 54.59 16.34 -3.48
CA ALA F 74 54.05 15.22 -4.24
C ALA F 74 53.65 14.00 -3.42
N VAL F 75 52.36 13.67 -3.48
CA VAL F 75 51.82 12.50 -2.79
C VAL F 75 50.96 11.66 -3.71
N ILE F 76 50.96 10.33 -3.61
CA ILE F 76 50.06 9.54 -4.44
C ILE F 76 48.65 9.54 -3.80
N ASP F 77 47.60 9.76 -4.58
CA ASP F 77 46.22 9.81 -4.07
C ASP F 77 45.67 8.46 -3.67
N PRO F 78 45.31 8.16 -2.41
CA PRO F 78 44.96 6.80 -1.96
C PRO F 78 43.58 6.35 -2.42
N PHE F 79 42.84 7.25 -3.08
CA PHE F 79 41.46 6.98 -3.47
C PHE F 79 41.11 6.94 -4.96
N PHE F 80 41.65 7.79 -5.82
CA PHE F 80 41.23 7.77 -7.24
C PHE F 80 41.50 6.39 -7.88
N ALA F 81 40.65 5.91 -8.79
CA ALA F 81 40.86 4.59 -9.40
C ALA F 81 42.10 4.42 -10.27
N ASP F 82 42.48 5.49 -10.97
CA ASP F 82 43.66 5.48 -11.83
C ASP F 82 44.84 6.12 -11.08
N SER F 83 46.05 5.60 -11.24
CA SER F 83 47.19 6.14 -10.49
C SER F 83 47.45 7.63 -10.64
N THR F 84 47.20 8.34 -9.54
CA THR F 84 47.33 9.80 -9.55
C THR F 84 48.27 10.40 -8.52
N LEU F 85 49.10 11.32 -8.98
CA LEU F 85 50.04 11.96 -8.08
C LEU F 85 49.53 13.37 -7.81
N ILE F 86 49.21 13.67 -6.57
CA ILE F 86 48.77 15.00 -6.14
C ILE F 86 49.97 15.92 -6.02
N ILE F 87 49.88 17.12 -6.57
CA ILE F 87 50.92 18.14 -6.37
C ILE F 87 50.24 19.43 -5.91
N ARG F 88 50.57 19.89 -4.71
CA ARG F 88 50.03 21.17 -4.22
C ARG F 88 50.60 22.32 -5.04
N CYS F 89 49.85 23.37 -5.28
CA CYS F 89 50.33 24.50 -6.06
C CYS F 89 50.24 25.85 -5.38
N ASP F 90 51.00 26.83 -5.82
CA ASP F 90 50.78 28.19 -5.36
C ASP F 90 50.21 28.98 -6.51
N ILE F 91 49.34 29.92 -6.18
CA ILE F 91 48.77 30.78 -7.20
C ILE F 91 49.67 31.98 -7.39
N LEU F 92 50.27 32.09 -8.57
CA LEU F 92 51.11 33.23 -8.84
C LEU F 92 50.49 34.16 -9.85
N GLU F 93 50.91 35.41 -9.65
CA GLU F 93 50.53 36.50 -10.52
C GLU F 93 51.26 36.30 -11.86
N PRO F 94 50.59 36.21 -13.02
CA PRO F 94 51.14 35.62 -14.24
C PRO F 94 52.24 36.40 -14.96
N GLY F 95 53.22 35.71 -15.55
CA GLY F 95 54.37 36.37 -16.21
C GLY F 95 55.37 36.92 -15.19
N THR F 96 54.89 37.94 -14.48
CA THR F 96 55.57 38.59 -13.35
C THR F 96 55.93 37.67 -12.17
N LEU F 97 55.18 36.56 -12.08
CA LEU F 97 55.39 35.41 -11.18
C LEU F 97 55.70 35.56 -9.70
N GLN F 98 54.90 36.38 -9.03
CA GLN F 98 55.15 36.68 -7.61
C GLN F 98 54.22 36.02 -6.59
N GLY F 99 52.98 35.72 -6.94
CA GLY F 99 52.14 35.06 -5.95
C GLY F 99 51.02 35.94 -5.47
N TYR F 100 49.81 35.58 -5.91
CA TYR F 100 48.56 36.28 -5.61
C TYR F 100 48.45 36.79 -4.17
N ASP F 101 48.29 38.07 -3.81
CA ASP F 101 48.30 38.47 -2.39
C ASP F 101 47.04 38.21 -1.55
N ARG F 102 46.24 37.40 -2.24
CA ARG F 102 44.94 36.88 -1.88
C ARG F 102 44.95 35.33 -1.87
N ASP F 103 46.05 34.70 -2.31
CA ASP F 103 46.25 33.27 -2.25
C ASP F 103 46.66 32.90 -0.82
N PRO F 104 45.85 32.15 -0.08
CA PRO F 104 46.13 31.81 1.31
C PRO F 104 47.45 31.08 1.53
N ARG F 105 47.94 30.23 0.63
CA ARG F 105 49.22 29.57 0.87
C ARG F 105 50.35 30.57 0.80
N SER F 106 50.34 31.44 -0.22
CA SER F 106 51.31 32.54 -0.29
C SER F 106 51.30 33.38 0.98
N ILE F 107 50.15 33.87 1.43
CA ILE F 107 50.06 34.56 2.72
C ILE F 107 50.69 33.74 3.87
N ALA F 108 50.50 32.44 3.98
CA ALA F 108 51.14 31.66 5.03
C ALA F 108 52.65 31.70 4.92
N LYS F 109 53.16 31.48 3.70
CA LYS F 109 54.59 31.52 3.44
C LYS F 109 55.21 32.88 3.79
N ARG F 110 54.51 33.96 3.43
CA ARG F 110 54.92 35.31 3.82
C ARG F 110 54.99 35.48 5.33
N ALA F 111 53.98 35.05 6.08
CA ALA F 111 54.04 35.13 7.54
C ALA F 111 55.25 34.37 8.10
N GLU F 112 55.65 33.25 7.51
CA GLU F 112 56.83 32.53 7.96
C GLU F 112 58.12 33.31 7.68
N ASP F 113 58.27 33.84 6.46
CA ASP F 113 59.43 34.69 6.15
C ASP F 113 59.48 35.97 6.97
N TYR F 114 58.38 36.68 7.19
CA TYR F 114 58.34 37.82 8.09
C TYR F 114 58.84 37.45 9.49
N LEU F 115 58.52 36.26 10.01
CA LEU F 115 59.03 35.81 11.31
C LEU F 115 60.56 35.76 11.28
N ARG F 116 61.11 35.22 10.19
CA ARG F 116 62.55 35.16 9.98
C ARG F 116 63.19 36.54 9.88
N ALA F 117 62.60 37.44 9.08
CA ALA F 117 63.06 38.81 8.93
C ALA F 117 63.03 39.62 10.24
N THR F 118 62.13 39.31 11.17
CA THR F 118 62.15 39.99 12.46
C THR F 118 63.20 39.39 13.38
N GLY F 119 63.75 38.23 13.05
CA GLY F 119 64.75 37.57 13.88
C GLY F 119 64.28 37.10 15.26
N ILE F 120 62.98 37.20 15.55
CA ILE F 120 62.44 36.77 16.85
C ILE F 120 62.57 35.26 17.00
N ALA F 121 62.45 34.52 15.89
CA ALA F 121 62.71 33.08 15.86
C ALA F 121 62.90 32.58 14.42
N ASP F 122 63.41 31.36 14.22
CA ASP F 122 63.57 30.83 12.86
C ASP F 122 62.33 30.09 12.38
N THR F 123 61.68 29.38 13.31
CA THR F 123 60.49 28.61 12.96
C THR F 123 59.28 28.69 13.87
N VAL F 124 58.08 28.67 13.25
CA VAL F 124 56.82 28.57 14.00
C VAL F 124 56.29 27.16 13.96
N LEU F 125 56.00 26.60 15.11
CA LEU F 125 55.41 25.28 15.17
C LEU F 125 53.93 25.27 15.60
N PHE F 126 53.12 24.75 14.68
CA PHE F 126 51.69 24.57 14.88
C PHE F 126 51.23 23.13 15.01
N GLY F 127 50.32 22.95 15.94
CA GLY F 127 49.72 21.66 16.21
C GLY F 127 48.20 21.77 16.40
N PRO F 128 47.44 21.78 15.32
CA PRO F 128 45.98 21.89 15.32
C PRO F 128 45.31 20.61 15.82
N GLU F 129 44.25 20.67 16.62
CA GLU F 129 43.56 19.45 17.06
C GLU F 129 42.14 19.43 16.45
N PRO F 130 41.94 19.19 15.14
CA PRO F 130 40.65 19.27 14.47
C PRO F 130 39.70 18.17 14.86
N GLU F 131 38.46 18.50 15.18
CA GLU F 131 37.46 17.48 15.43
C GLU F 131 36.43 17.43 14.32
N PHE F 132 35.82 16.28 14.14
CA PHE F 132 34.83 16.13 13.10
C PHE F 132 33.66 15.29 13.52
N PHE F 133 32.59 15.38 12.76
CA PHE F 133 31.44 14.51 12.96
C PHE F 133 31.29 13.53 11.81
N LEU F 134 30.87 12.33 12.13
CA LEU F 134 30.71 11.28 11.13
C LEU F 134 29.24 10.79 11.13
N PHE F 135 28.40 11.37 10.28
CA PHE F 135 26.98 11.02 10.21
C PHE F 135 26.62 10.01 9.11
N ASP F 136 25.41 9.42 9.07
CA ASP F 136 24.95 8.53 7.99
C ASP F 136 24.10 9.26 6.97
N ASP F 137 23.33 10.23 7.45
CA ASP F 137 22.40 10.96 6.62
C ASP F 137 22.28 12.40 7.06
N ILE F 138 22.43 13.31 6.12
CA ILE F 138 22.25 14.71 6.42
C ILE F 138 21.38 15.32 5.31
N ARG F 139 20.21 15.79 5.69
CA ARG F 139 19.32 16.46 4.76
C ARG F 139 19.01 17.84 5.24
N PHE F 140 19.00 18.78 4.33
CA PHE F 140 18.63 20.13 4.68
C PHE F 140 18.12 20.93 3.48
N GLY F 141 17.54 22.09 3.71
CA GLY F 141 17.09 22.93 2.62
C GLY F 141 16.31 24.13 3.13
N ALA F 142 16.29 25.15 2.31
CA ALA F 142 15.60 26.40 2.59
C ALA F 142 14.92 26.82 1.28
N SER F 143 13.67 27.26 1.38
CA SER F 143 12.83 27.66 0.26
C SER F 143 11.88 28.76 0.76
N ILE F 144 11.13 29.48 -0.08
CA ILE F 144 10.18 30.47 0.41
C ILE F 144 9.20 29.93 1.46
N SER F 145 8.68 28.71 1.29
CA SER F 145 7.68 28.12 2.17
C SER F 145 8.25 27.48 3.42
N GLY F 146 9.55 27.59 3.65
CA GLY F 146 10.14 27.01 4.85
C GLY F 146 11.61 26.59 4.76
N SER F 147 12.08 25.92 5.81
CA SER F 147 13.45 25.45 5.84
C SER F 147 13.65 24.34 6.85
N HIS F 148 14.69 23.51 6.68
CA HIS F 148 14.93 22.38 7.55
C HIS F 148 16.32 21.82 7.49
N VAL F 149 16.71 21.16 8.56
CA VAL F 149 17.90 20.32 8.59
C VAL F 149 17.56 19.12 9.47
N ALA F 150 18.04 17.97 9.00
CA ALA F 150 17.80 16.68 9.62
C ALA F 150 19.10 15.88 9.62
N ILE F 151 19.60 15.62 10.81
CA ILE F 151 20.85 14.91 11.03
C ILE F 151 20.54 13.49 11.45
N ASP F 152 21.23 12.53 10.87
CA ASP F 152 21.08 11.18 11.35
C ASP F 152 22.31 10.31 11.25
N ASP F 153 22.47 9.61 12.36
CA ASP F 153 23.52 8.65 12.55
C ASP F 153 23.12 7.53 13.51
N ILE F 154 23.64 6.35 13.22
CA ILE F 154 23.40 5.15 14.01
C ILE F 154 23.72 5.33 15.49
N GLU F 155 24.71 6.15 15.78
CA GLU F 155 25.11 6.45 17.15
C GLU F 155 24.30 7.58 17.82
N GLY F 156 23.30 8.11 17.14
CA GLY F 156 22.59 9.26 17.68
C GLY F 156 21.77 8.78 18.83
N ALA F 157 21.94 9.33 20.02
CA ALA F 157 21.17 8.90 21.18
C ALA F 157 19.66 8.84 20.90
N TRP F 158 19.21 9.73 20.02
CA TRP F 158 17.83 9.72 19.60
C TRP F 158 17.40 8.44 18.90
N ASN F 159 18.26 7.59 18.34
CA ASN F 159 17.82 6.36 17.70
C ASN F 159 17.51 5.17 18.61
N SER F 160 17.56 5.41 19.92
CA SER F 160 17.22 4.36 20.90
C SER F 160 15.81 3.78 20.73
N SER F 161 14.92 4.61 20.18
CA SER F 161 13.54 4.24 19.89
C SER F 161 13.24 3.72 18.50
N THR F 162 14.22 3.86 17.63
CA THR F 162 14.12 3.53 16.21
C THR F 162 13.98 2.09 15.80
N LYS F 163 13.02 1.77 14.93
CA LYS F 163 12.94 0.43 14.36
C LYS F 163 13.93 0.32 13.20
N TYR F 164 14.79 -0.70 13.28
CA TYR F 164 15.79 -0.86 12.24
C TYR F 164 15.75 -2.07 11.30
N GLU F 165 14.91 -3.08 11.42
CA GLU F 165 14.84 -4.26 10.50
C GLU F 165 16.03 -5.23 10.53
N GLY F 166 17.22 -4.75 10.88
CA GLY F 166 18.22 -5.69 11.39
C GLY F 166 17.92 -6.06 12.87
N GLY F 167 17.31 -5.10 13.54
CA GLY F 167 17.05 -5.15 14.98
C GLY F 167 17.68 -3.89 15.57
N ASN F 168 17.42 -3.38 16.77
CA ASN F 168 18.04 -2.11 17.12
C ASN F 168 19.38 -2.27 17.82
N LYS F 169 19.68 -3.29 18.60
CA LYS F 169 21.00 -3.45 19.25
C LYS F 169 21.45 -2.42 20.31
N GLY F 170 20.87 -1.22 20.39
CA GLY F 170 20.94 -0.33 21.56
C GLY F 170 22.25 0.14 22.21
N HIS F 171 23.44 -0.27 21.81
CA HIS F 171 24.63 0.31 22.41
C HIS F 171 24.95 1.56 21.62
N ARG F 172 24.93 2.72 22.24
CA ARG F 172 25.04 3.98 21.52
C ARG F 172 25.56 5.07 22.47
N PRO F 173 26.41 6.04 22.13
CA PRO F 173 26.81 7.09 23.05
C PRO F 173 25.64 8.01 23.41
N GLY F 174 25.32 8.17 24.69
CA GLY F 174 24.28 9.15 25.08
C GLY F 174 24.62 10.62 24.75
N VAL F 175 23.86 11.72 25.02
CA VAL F 175 24.32 13.01 24.47
C VAL F 175 25.69 13.46 24.92
N LYS F 176 26.17 13.58 26.16
CA LYS F 176 27.60 13.94 26.30
C LYS F 176 28.54 12.76 26.62
N GLY F 177 28.09 11.59 26.19
CA GLY F 177 28.72 10.33 26.54
C GLY F 177 29.54 9.62 25.48
N GLY F 178 29.93 10.31 24.42
CA GLY F 178 30.77 9.71 23.38
C GLY F 178 32.24 9.59 23.81
N TYR F 179 32.59 10.27 24.91
CA TYR F 179 33.93 10.22 25.44
C TYR F 179 34.32 9.00 26.28
N PHE F 180 34.86 8.23 25.33
CA PHE F 180 35.63 7.00 25.39
C PHE F 180 35.14 5.57 25.51
N PRO F 181 33.88 5.18 25.56
CA PRO F 181 33.47 3.81 25.82
C PRO F 181 33.97 2.85 24.73
N VAL F 182 34.33 1.63 25.09
CA VAL F 182 34.79 0.67 24.09
C VAL F 182 33.68 0.25 23.12
N PRO F 183 33.98 -0.27 21.94
CA PRO F 183 33.01 -0.98 21.11
C PRO F 183 32.14 -2.01 21.86
N PRO F 184 30.89 -2.28 21.50
CA PRO F 184 30.17 -1.63 20.43
C PRO F 184 29.60 -0.23 20.60
N VAL F 185 29.72 0.46 21.75
CA VAL F 185 29.18 1.83 21.91
C VAL F 185 29.90 2.78 20.94
N ASP F 186 31.20 2.62 20.78
CA ASP F 186 31.94 3.40 19.81
C ASP F 186 31.92 2.62 18.51
N SER F 187 31.07 3.04 17.58
CA SER F 187 30.99 2.39 16.28
C SER F 187 32.18 2.65 15.34
N ALA F 188 32.99 3.68 15.58
CA ALA F 188 34.01 4.05 14.60
C ALA F 188 35.47 3.62 14.75
N GLN F 189 35.79 2.60 15.56
CA GLN F 189 37.18 2.17 15.72
C GLN F 189 37.90 1.85 14.41
N ASP F 190 37.32 0.99 13.58
CA ASP F 190 37.89 0.71 12.26
C ASP F 190 37.90 1.92 11.33
N ILE F 191 36.90 2.82 11.33
CA ILE F 191 36.93 3.97 10.44
C ILE F 191 38.03 4.92 10.89
N ARG F 192 38.20 5.22 12.18
CA ARG F 192 39.31 6.05 12.60
C ARG F 192 40.67 5.40 12.36
N SER F 193 40.91 4.12 12.67
CA SER F 193 42.21 3.49 12.39
C SER F 193 42.60 3.54 10.92
N GLU F 194 41.61 3.32 10.04
CA GLU F 194 41.79 3.44 8.60
C GLU F 194 42.16 4.84 8.16
N MET F 195 41.50 5.84 8.78
CA MET F 195 41.84 7.23 8.55
C MET F 195 43.28 7.49 8.97
N CYS F 196 43.71 6.89 10.09
CA CYS F 196 45.08 7.04 10.53
C CYS F 196 46.06 6.45 9.53
N LEU F 197 45.83 5.21 9.07
CA LEU F 197 46.70 4.59 8.10
C LEU F 197 46.73 5.37 6.79
N VAL F 198 45.61 5.83 6.21
CA VAL F 198 45.69 6.60 4.98
C VAL F 198 46.38 7.95 5.22
N MET F 199 46.23 8.61 6.38
CA MET F 199 46.91 9.88 6.62
C MET F 199 48.43 9.72 6.59
N GLU F 200 48.90 8.65 7.23
CA GLU F 200 50.33 8.39 7.24
C GLU F 200 50.86 8.06 5.85
N GLN F 201 50.10 7.32 5.06
CA GLN F 201 50.43 7.03 3.66
C GLN F 201 50.54 8.33 2.82
N MET F 202 49.92 9.40 3.31
CA MET F 202 49.98 10.71 2.67
C MET F 202 50.95 11.67 3.34
N GLY F 203 51.71 11.13 4.29
CA GLY F 203 52.78 11.86 4.94
C GLY F 203 52.50 12.51 6.27
N LEU F 204 51.42 12.16 6.94
CA LEU F 204 51.15 12.77 8.22
C LEU F 204 51.60 11.84 9.34
N VAL F 205 51.84 12.34 10.55
CA VAL F 205 52.15 11.38 11.61
C VAL F 205 51.08 11.36 12.66
N VAL F 206 50.34 10.29 12.72
CA VAL F 206 49.29 10.17 13.72
C VAL F 206 49.90 9.91 15.10
N GLU F 207 49.33 10.56 16.10
CA GLU F 207 49.71 10.38 17.50
C GLU F 207 48.70 9.59 18.31
N ALA F 208 47.42 9.83 18.02
CA ALA F 208 46.33 9.14 18.67
C ALA F 208 45.00 9.30 17.94
N HIS F 209 44.04 8.40 18.09
CA HIS F 209 42.72 8.65 17.54
C HIS F 209 41.71 8.17 18.56
N HIS F 210 40.65 8.93 18.74
CA HIS F 210 39.62 8.53 19.68
C HIS F 210 38.28 9.17 19.38
N HIS F 211 37.23 8.58 19.94
CA HIS F 211 35.89 9.17 19.86
C HIS F 211 35.83 10.43 20.72
N GLU F 212 35.09 11.46 20.31
CA GLU F 212 34.96 12.65 21.12
C GLU F 212 33.70 12.69 21.96
N VAL F 213 33.38 13.77 22.66
CA VAL F 213 32.30 13.83 23.63
C VAL F 213 30.89 13.63 23.11
N ALA F 214 30.60 14.15 21.95
CA ALA F 214 29.25 14.06 21.44
C ALA F 214 28.69 12.71 20.98
N THR F 215 27.40 12.52 21.21
CA THR F 215 26.64 11.41 20.61
C THR F 215 26.64 11.59 19.08
N ALA F 216 26.09 10.71 18.26
CA ALA F 216 26.04 10.92 16.81
C ALA F 216 27.35 11.18 16.05
N GLY F 217 28.38 10.46 16.49
CA GLY F 217 29.63 10.37 15.73
C GLY F 217 30.70 11.46 15.86
N GLN F 218 30.98 12.07 17.01
CA GLN F 218 32.09 13.02 17.05
C GLN F 218 33.40 12.26 17.18
N ASN F 219 34.42 12.60 16.40
CA ASN F 219 35.69 11.89 16.40
C ASN F 219 36.91 12.79 16.28
N GLU F 220 38.07 12.24 16.62
CA GLU F 220 39.32 12.99 16.56
C GLU F 220 40.52 12.13 16.24
N VAL F 221 41.21 12.53 15.19
CA VAL F 221 42.48 11.91 14.87
C VAL F 221 43.54 12.96 15.19
N ALA F 222 44.34 12.73 16.23
CA ALA F 222 45.40 13.63 16.66
C ALA F 222 46.65 13.42 15.82
N THR F 223 47.24 14.50 15.37
CA THR F 223 48.33 14.41 14.41
C THR F 223 49.58 15.25 14.76
N ARG F 224 50.82 14.73 14.64
CA ARG F 224 52.07 15.44 14.98
C ARG F 224 52.27 16.73 14.20
N PHE F 225 52.73 17.67 15.04
CA PHE F 225 52.96 19.05 14.65
C PHE F 225 53.84 19.29 13.44
N ASN F 226 53.86 20.53 13.05
CA ASN F 226 54.73 20.96 11.98
C ASN F 226 54.95 22.45 11.94
N THR F 227 55.75 22.87 10.98
CA THR F 227 55.94 24.29 10.78
C THR F 227 54.64 24.81 10.17
N MET F 228 54.27 26.05 10.47
CA MET F 228 53.03 26.63 9.96
C MET F 228 52.56 26.30 8.53
N THR F 229 53.10 26.78 7.41
CA THR F 229 52.58 26.41 6.10
C THR F 229 52.56 24.91 5.83
N LYS F 230 53.48 24.13 6.36
CA LYS F 230 53.44 22.68 6.09
C LYS F 230 52.26 22.06 6.83
N LYS F 231 52.02 22.52 8.05
CA LYS F 231 50.90 22.04 8.85
C LYS F 231 49.56 22.46 8.26
N ALA F 232 49.47 23.68 7.78
CA ALA F 232 48.28 24.14 7.08
C ALA F 232 47.96 23.24 5.88
N ASP F 233 48.95 22.82 5.08
CA ASP F 233 48.70 21.81 4.04
C ASP F 233 48.32 20.46 4.66
N GLU F 234 48.95 20.04 5.75
CA GLU F 234 48.56 18.79 6.42
C GLU F 234 47.10 18.83 6.91
N ILE F 235 46.56 19.99 7.27
CA ILE F 235 45.15 20.09 7.60
C ILE F 235 44.33 19.89 6.34
N GLN F 236 44.70 20.44 5.18
CA GLN F 236 44.00 20.16 3.93
C GLN F 236 44.06 18.68 3.56
N ILE F 237 45.14 17.93 3.75
CA ILE F 237 45.15 16.48 3.54
C ILE F 237 44.31 15.77 4.61
N TYR F 238 44.41 16.17 5.87
CA TYR F 238 43.63 15.62 7.00
C TYR F 238 42.15 15.61 6.66
N LYS F 239 41.66 16.80 6.33
CA LYS F 239 40.28 16.95 5.91
C LYS F 239 39.93 16.10 4.69
N TYR F 240 40.80 15.98 3.68
CA TYR F 240 40.51 15.18 2.49
C TYR F 240 40.40 13.69 2.81
N VAL F 241 41.30 13.17 3.62
CA VAL F 241 41.23 11.78 4.04
C VAL F 241 39.98 11.55 4.88
N VAL F 242 39.66 12.39 5.89
CA VAL F 242 38.45 12.21 6.68
C VAL F 242 37.20 12.21 5.79
N HIS F 243 37.06 13.19 4.88
CA HIS F 243 35.93 13.20 3.96
C HIS F 243 35.86 11.97 3.07
N ASN F 244 36.95 11.50 2.46
CA ASN F 244 36.87 10.32 1.60
C ASN F 244 36.88 8.94 2.26
N VAL F 245 37.55 8.69 3.37
CA VAL F 245 37.46 7.40 4.04
C VAL F 245 36.06 7.25 4.60
N ALA F 246 35.50 8.31 5.20
CA ALA F 246 34.11 8.28 5.68
C ALA F 246 33.15 7.87 4.56
N HIS F 247 33.40 8.50 3.41
CA HIS F 247 32.63 8.19 2.22
C HIS F 247 32.73 6.73 1.78
N ARG F 248 33.94 6.14 1.80
CA ARG F 248 34.11 4.72 1.47
C ARG F 248 33.37 3.82 2.43
N PHE F 249 33.28 4.25 3.68
CA PHE F 249 32.55 3.56 4.72
C PHE F 249 31.04 3.78 4.75
N GLY F 250 30.50 4.59 3.82
CA GLY F 250 29.06 4.86 3.77
C GLY F 250 28.61 5.98 4.70
N LYS F 251 29.58 6.62 5.31
CA LYS F 251 29.31 7.74 6.19
C LYS F 251 29.54 9.06 5.43
N THR F 252 29.16 10.13 6.10
CA THR F 252 29.42 11.49 5.62
C THR F 252 30.07 12.26 6.77
N ALA F 253 31.23 12.85 6.52
CA ALA F 253 31.89 13.59 7.58
C ALA F 253 31.73 15.06 7.39
N THR F 254 31.70 15.77 8.52
CA THR F 254 31.64 17.23 8.47
C THR F 254 32.51 17.94 9.49
N PHE F 255 33.16 18.98 8.99
CA PHE F 255 33.96 19.80 9.89
C PHE F 255 33.21 21.04 10.40
N MET F 256 31.88 21.17 10.25
CA MET F 256 31.25 22.41 10.68
C MET F 256 31.18 22.46 12.20
N PRO F 257 31.40 23.64 12.78
CA PRO F 257 31.70 23.83 14.20
C PRO F 257 30.64 23.32 15.16
N LYS F 258 29.38 23.58 14.79
CA LYS F 258 28.23 23.28 15.63
C LYS F 258 27.01 22.69 14.88
N PRO F 259 26.97 21.40 14.53
CA PRO F 259 25.87 20.83 13.75
C PRO F 259 24.66 20.53 14.62
N MET F 260 24.84 20.25 15.91
CA MET F 260 23.75 19.92 16.80
C MET F 260 23.68 20.82 18.02
N PHE F 261 22.53 21.40 18.32
CA PHE F 261 22.35 22.12 19.57
C PHE F 261 22.21 21.13 20.74
N GLY F 262 22.82 21.38 21.88
CA GLY F 262 22.58 20.48 23.03
C GLY F 262 23.63 19.40 23.26
N ASP F 263 24.65 19.46 22.42
CA ASP F 263 25.79 18.60 22.57
C ASP F 263 27.03 19.27 22.02
N ASN F 264 28.19 18.67 22.26
CA ASN F 264 29.45 19.22 21.81
C ASN F 264 29.59 19.68 20.36
N GLY F 265 30.43 20.69 20.23
CA GLY F 265 30.82 21.22 18.94
C GLY F 265 32.22 20.76 18.59
N SER F 266 32.53 20.87 17.33
CA SER F 266 33.84 20.51 16.85
C SER F 266 34.73 21.75 16.82
N GLY F 267 35.73 21.77 17.70
CA GLY F 267 36.73 22.80 17.67
C GLY F 267 38.08 22.33 17.12
N MET F 268 38.93 23.25 16.67
CA MET F 268 40.27 22.93 16.20
C MET F 268 41.25 23.75 17.03
N HIS F 269 41.71 23.22 18.15
CA HIS F 269 42.62 24.00 18.99
C HIS F 269 44.02 24.05 18.41
N CYS F 270 44.57 25.23 18.35
CA CYS F 270 45.94 25.36 17.89
C CYS F 270 47.01 25.40 18.97
N HIS F 271 47.82 24.36 19.08
CA HIS F 271 49.03 24.44 19.89
C HIS F 271 50.10 25.19 19.12
N MET F 272 50.67 26.21 19.75
CA MET F 272 51.74 26.97 19.12
C MET F 272 52.99 27.07 19.95
N SER F 273 54.08 27.14 19.18
CA SER F 273 55.39 27.38 19.77
C SER F 273 56.38 28.03 18.83
N LEU F 274 57.30 28.80 19.40
CA LEU F 274 58.34 29.42 18.60
C LEU F 274 59.74 28.91 18.86
N ALA F 275 60.55 28.82 17.81
CA ALA F 275 61.93 28.36 17.98
C ALA F 275 63.03 29.08 17.22
N LYS F 276 64.07 29.46 17.95
CA LYS F 276 65.26 30.09 17.36
C LYS F 276 66.40 29.09 17.53
N ASN F 277 67.30 28.97 16.57
CA ASN F 277 68.42 28.00 16.57
C ASN F 277 68.28 26.72 17.41
N GLY F 278 67.24 25.95 17.05
CA GLY F 278 66.94 24.68 17.71
C GLY F 278 66.45 24.74 19.16
N THR F 279 66.07 25.93 19.64
CA THR F 279 65.61 26.10 21.01
C THR F 279 64.26 26.78 21.13
N ASN F 280 63.51 26.22 22.08
CA ASN F 280 62.16 26.68 22.32
C ASN F 280 62.01 27.97 23.12
N LEU F 281 61.88 29.08 22.38
CA LEU F 281 61.63 30.39 22.98
C LEU F 281 60.46 30.49 23.95
N PHE F 282 59.50 29.58 23.88
CA PHE F 282 58.38 29.63 24.80
C PHE F 282 58.73 29.03 26.15
N SER F 283 59.74 28.18 26.22
CA SER F 283 60.18 27.68 27.52
C SER F 283 60.97 28.75 28.28
N GLY F 284 60.98 28.63 29.58
CA GLY F 284 61.69 29.57 30.43
C GLY F 284 61.25 29.48 31.89
N ASP F 285 61.45 30.60 32.57
CA ASP F 285 60.99 30.78 33.94
C ASP F 285 59.51 31.20 33.99
N LYS F 286 59.09 32.35 34.57
CA LYS F 286 57.70 32.85 34.56
C LYS F 286 56.51 31.89 34.81
N TYR F 287 55.24 32.22 34.54
CA TYR F 287 54.13 31.28 34.76
C TYR F 287 54.25 29.92 34.06
N ALA F 288 54.19 28.86 34.85
CA ALA F 288 54.24 27.49 34.35
C ALA F 288 55.28 27.09 33.27
N GLY F 289 56.53 27.48 33.49
CA GLY F 289 57.61 27.16 32.57
C GLY F 289 57.71 28.07 31.35
N LEU F 290 56.89 29.11 31.33
CA LEU F 290 56.90 29.99 30.18
C LEU F 290 57.93 31.11 30.17
N SER F 291 58.43 31.49 29.02
CA SER F 291 59.28 32.68 28.94
C SER F 291 58.48 33.99 28.93
N GLU F 292 59.15 35.12 29.16
CA GLU F 292 58.51 36.43 29.04
C GLU F 292 58.09 36.70 27.57
N GLN F 293 58.86 36.07 26.68
CA GLN F 293 58.67 36.07 25.22
C GLN F 293 57.31 35.48 24.84
N ALA F 294 57.05 34.32 25.46
CA ALA F 294 55.79 33.60 25.34
C ALA F 294 54.60 34.38 25.90
N LEU F 295 54.77 34.99 27.07
CA LEU F 295 53.72 35.83 27.64
C LEU F 295 53.32 36.98 26.73
N TYR F 296 54.26 37.64 26.05
CA TYR F 296 53.88 38.67 25.06
C TYR F 296 53.18 38.10 23.84
N TYR F 297 53.51 36.86 23.43
CA TYR F 297 52.78 36.16 22.36
C TYR F 297 51.31 36.02 22.77
N ILE F 298 51.04 35.48 23.98
CA ILE F 298 49.69 35.42 24.52
C ILE F 298 49.02 36.81 24.54
N GLY F 299 49.70 37.83 25.05
CA GLY F 299 49.20 39.20 25.04
C GLY F 299 48.81 39.71 23.65
N GLY F 300 49.56 39.36 22.60
CA GLY F 300 49.21 39.75 21.25
C GLY F 300 47.97 39.01 20.74
N VAL F 301 47.87 37.69 21.01
CA VAL F 301 46.69 36.91 20.67
C VAL F 301 45.47 37.49 21.35
N ILE F 302 45.49 37.69 22.68
CA ILE F 302 44.39 38.32 23.41
C ILE F 302 44.09 39.74 22.90
N LYS F 303 45.08 40.59 22.67
CA LYS F 303 44.90 41.93 22.11
C LYS F 303 44.14 41.91 20.77
N HIS F 304 44.41 40.91 19.94
CA HIS F 304 43.77 40.85 18.62
C HIS F 304 42.73 39.76 18.43
N ALA F 305 42.34 39.07 19.51
CA ALA F 305 41.39 37.96 19.46
C ALA F 305 40.18 38.17 18.56
N LYS F 306 39.38 39.23 18.72
CA LYS F 306 38.23 39.43 17.85
C LYS F 306 38.55 39.55 16.35
N ALA F 307 39.71 40.06 15.95
CA ALA F 307 40.09 40.12 14.54
C ALA F 307 40.51 38.73 14.07
N ILE F 308 41.22 38.01 14.94
CA ILE F 308 41.58 36.62 14.69
C ILE F 308 40.30 35.78 14.51
N ASN F 309 39.24 36.01 15.29
CA ASN F 309 37.98 35.27 15.16
C ASN F 309 37.39 35.30 13.76
N ALA F 310 37.50 36.41 13.03
CA ALA F 310 37.04 36.50 11.65
C ALA F 310 37.72 35.50 10.70
N LEU F 311 38.89 34.99 11.09
CA LEU F 311 39.65 34.02 10.31
C LEU F 311 39.67 32.62 10.95
N ALA F 312 39.75 32.55 12.27
CA ALA F 312 39.76 31.29 13.04
C ALA F 312 38.39 30.69 13.35
N ASN F 313 37.35 31.52 13.23
CA ASN F 313 35.94 31.17 13.43
C ASN F 313 35.08 31.84 12.35
N PRO F 314 35.25 31.51 11.07
CA PRO F 314 34.78 32.31 9.95
C PRO F 314 33.33 32.04 9.51
N THR F 315 32.61 31.21 10.24
CA THR F 315 31.26 30.84 9.82
C THR F 315 30.23 31.36 10.79
N THR F 316 29.01 31.72 10.40
CA THR F 316 27.99 32.12 11.40
C THR F 316 27.78 31.00 12.41
N ASN F 317 27.85 29.75 11.98
CA ASN F 317 27.75 28.58 12.87
C ASN F 317 28.85 28.48 13.92
N SER F 318 30.01 29.08 13.66
CA SER F 318 31.10 29.06 14.63
C SER F 318 30.73 29.60 16.00
N TYR F 319 29.90 30.62 15.93
CA TYR F 319 29.49 31.31 17.15
C TYR F 319 28.38 30.58 17.91
N LYS F 320 27.73 29.59 17.31
CA LYS F 320 26.85 28.69 18.06
C LYS F 320 27.68 27.83 19.01
N ARG F 321 28.96 27.59 18.70
CA ARG F 321 29.89 26.87 19.56
C ARG F 321 30.47 27.81 20.61
N LEU F 322 30.89 28.99 20.18
CA LEU F 322 31.43 29.99 21.09
C LEU F 322 30.39 30.78 21.88
N VAL F 323 29.63 30.06 22.70
CA VAL F 323 28.66 30.70 23.56
C VAL F 323 29.08 30.46 25.01
N PRO F 324 28.85 31.40 25.93
CA PRO F 324 29.07 31.26 27.37
C PRO F 324 29.03 29.91 28.10
N PRO F 329 34.92 27.98 25.28
CA PRO F 329 36.13 28.72 25.60
C PRO F 329 36.06 30.18 25.17
N VAL F 330 35.14 30.93 25.77
CA VAL F 330 34.96 32.34 25.40
C VAL F 330 35.85 33.37 26.08
N MET F 331 36.36 33.05 27.28
CA MET F 331 37.23 33.93 28.05
C MET F 331 38.66 34.13 27.55
N LEU F 332 39.00 35.32 27.07
CA LEU F 332 40.38 35.65 26.71
C LEU F 332 41.27 35.79 27.94
N ALA F 333 41.78 34.65 28.34
CA ALA F 333 42.63 34.51 29.50
C ALA F 333 43.55 33.31 29.37
N TYR F 334 44.79 33.42 29.84
CA TYR F 334 45.63 32.24 29.89
C TYR F 334 45.61 31.57 31.25
N SER F 335 45.83 30.27 31.22
CA SER F 335 45.87 29.47 32.44
C SER F 335 46.37 28.04 32.27
N ALA F 336 47.05 27.48 33.26
CA ALA F 336 47.40 26.07 33.26
C ALA F 336 46.24 25.31 33.92
N ARG F 337 45.57 26.02 34.86
CA ARG F 337 44.36 25.53 35.51
C ARG F 337 42.99 25.78 34.82
N ASN F 338 42.48 27.01 34.65
CA ASN F 338 41.14 27.26 34.10
C ASN F 338 40.75 26.78 32.68
N ARG F 339 40.20 25.56 32.46
CA ARG F 339 39.66 25.20 31.12
C ARG F 339 38.25 25.81 31.08
N SER F 340 38.33 27.05 30.66
CA SER F 340 37.27 28.07 30.52
C SER F 340 37.98 29.30 29.93
N ALA F 341 39.28 29.36 30.25
CA ALA F 341 40.23 30.25 29.61
C ALA F 341 40.52 29.71 28.20
N SER F 342 40.43 30.60 27.21
CA SER F 342 40.68 30.24 25.82
C SER F 342 42.15 30.03 25.48
N ILE F 343 43.08 30.43 26.35
CA ILE F 343 44.49 30.17 26.15
C ILE F 343 44.92 29.20 27.27
N ARG F 344 45.11 27.94 26.97
CA ARG F 344 45.59 26.97 27.93
C ARG F 344 47.11 26.79 27.82
N ILE F 345 47.82 26.82 28.93
CA ILE F 345 49.26 26.55 28.94
C ILE F 345 49.34 25.09 29.32
N PRO F 346 49.57 24.16 28.38
CA PRO F 346 49.53 22.74 28.63
C PRO F 346 50.61 22.34 29.62
N VAL F 347 50.25 21.50 30.58
CA VAL F 347 51.23 21.03 31.55
C VAL F 347 52.05 19.97 30.83
N VAL F 348 53.14 20.46 30.21
CA VAL F 348 54.01 19.55 29.50
C VAL F 348 54.76 18.66 30.49
N ALA F 349 55.27 19.23 31.61
CA ALA F 349 56.07 18.57 32.68
C ALA F 349 57.48 18.11 32.23
N SER F 350 57.41 17.53 31.05
CA SER F 350 58.44 17.17 30.10
C SER F 350 59.29 18.42 29.72
N PRO F 351 60.21 18.46 28.76
CA PRO F 351 61.31 19.41 28.82
C PRO F 351 61.17 20.89 28.40
N LYS F 352 60.81 20.98 27.15
CA LYS F 352 60.88 22.16 26.28
C LYS F 352 60.03 21.96 25.02
N ALA F 353 59.23 20.92 25.14
CA ALA F 353 57.93 20.88 24.47
C ALA F 353 56.96 21.94 25.11
N ARG F 354 57.43 22.96 25.84
CA ARG F 354 56.65 24.09 26.34
C ARG F 354 55.97 24.84 25.20
N ARG F 355 54.68 25.08 25.35
CA ARG F 355 53.91 25.71 24.29
C ARG F 355 52.65 26.40 24.77
N ILE F 356 52.01 27.23 23.96
CA ILE F 356 50.67 27.69 24.35
C ILE F 356 49.61 26.97 23.52
N GLU F 357 48.41 26.81 24.06
CA GLU F 357 47.31 26.25 23.30
C GLU F 357 46.14 27.21 23.18
N VAL F 358 45.82 27.72 22.00
CA VAL F 358 44.64 28.57 21.86
C VAL F 358 43.43 27.68 21.54
N ARG F 359 42.50 27.54 22.49
CA ARG F 359 41.35 26.67 22.38
C ARG F 359 40.19 27.11 21.51
N PHE F 360 40.08 28.38 21.15
CA PHE F 360 38.91 28.84 20.42
C PHE F 360 38.75 28.65 18.91
N PRO F 361 39.71 28.40 18.01
CA PRO F 361 39.42 28.23 16.58
C PRO F 361 38.63 26.97 16.25
N ASP F 362 38.05 26.83 15.07
CA ASP F 362 37.34 25.60 14.72
C ASP F 362 37.61 25.05 13.32
N PRO F 363 37.37 23.76 12.99
CA PRO F 363 37.71 23.18 11.68
C PRO F 363 37.24 23.99 10.48
N ALA F 364 36.26 24.90 10.61
CA ALA F 364 35.81 25.67 9.46
C ALA F 364 36.81 26.72 8.97
N ALA F 365 37.79 27.03 9.83
CA ALA F 365 38.80 28.02 9.53
C ALA F 365 39.75 27.67 8.38
N ASN F 366 40.09 28.65 7.53
CA ASN F 366 41.07 28.40 6.48
C ASN F 366 42.43 28.20 7.13
N PRO F 367 43.06 27.02 7.18
CA PRO F 367 44.19 26.76 8.07
C PRO F 367 45.34 27.73 7.78
N TYR F 368 45.53 28.14 6.51
CA TYR F 368 46.58 29.10 6.19
C TYR F 368 46.28 30.45 6.82
N LEU F 369 45.17 31.10 6.47
CA LEU F 369 44.83 32.39 7.06
C LEU F 369 44.66 32.36 8.58
N CYS F 370 44.10 31.28 9.15
CA CYS F 370 43.93 31.13 10.59
C CYS F 370 45.27 31.09 11.31
N PHE F 371 46.19 30.26 10.81
CA PHE F 371 47.52 30.19 11.41
C PHE F 371 48.35 31.45 11.20
N ALA F 372 48.39 32.00 9.97
CA ALA F 372 49.02 33.28 9.70
C ALA F 372 48.53 34.36 10.66
N ALA F 373 47.23 34.58 10.82
CA ALA F 373 46.70 35.52 11.81
C ALA F 373 47.10 35.20 13.25
N LEU F 374 47.06 33.97 13.76
CA LEU F 374 47.54 33.70 15.11
C LEU F 374 49.03 34.09 15.26
N LEU F 375 49.86 33.78 14.26
CA LEU F 375 51.29 34.11 14.30
C LEU F 375 51.48 35.63 14.28
N MET F 376 50.99 36.37 13.28
CA MET F 376 51.06 37.83 13.25
C MET F 376 50.56 38.51 14.54
N ALA F 377 49.49 38.04 15.18
CA ALA F 377 49.03 38.59 16.45
C ALA F 377 50.04 38.34 17.56
N GLY F 378 50.53 37.10 17.64
CA GLY F 378 51.51 36.72 18.64
C GLY F 378 52.83 37.47 18.51
N LEU F 379 53.28 37.73 17.28
CA LEU F 379 54.49 38.53 17.08
C LEU F 379 54.22 39.96 17.52
N ASP F 380 53.17 40.64 17.07
CA ASP F 380 52.84 41.99 17.57
C ASP F 380 52.82 42.08 19.11
N GLY F 381 52.52 41.02 19.83
CA GLY F 381 52.63 41.02 21.28
C GLY F 381 54.08 41.14 21.73
N ILE F 382 54.94 40.22 21.25
CA ILE F 382 56.39 40.23 21.49
C ILE F 382 56.98 41.60 21.13
N LYS F 383 56.77 41.95 19.87
CA LYS F 383 57.19 43.20 19.28
C LYS F 383 56.83 44.49 20.01
N ASN F 384 55.76 44.46 20.82
CA ASN F 384 55.38 45.61 21.64
C ASN F 384 55.24 45.29 23.14
N LYS F 385 55.94 44.26 23.65
CA LYS F 385 55.90 43.87 25.08
C LYS F 385 54.46 43.83 25.68
N ILE F 386 53.45 43.53 24.85
CA ILE F 386 52.04 43.49 25.26
C ILE F 386 51.86 42.41 26.31
N HIS F 387 52.03 42.83 27.54
CA HIS F 387 52.01 41.89 28.65
C HIS F 387 50.61 41.39 28.96
N PRO F 388 50.41 40.07 28.89
CA PRO F 388 49.10 39.44 29.01
C PRO F 388 48.36 39.78 30.30
N GLY F 389 48.91 39.49 31.48
CA GLY F 389 48.27 39.89 32.72
C GLY F 389 48.50 38.87 33.81
N GLU F 390 47.44 38.27 34.29
CA GLU F 390 47.52 37.22 35.30
C GLU F 390 46.57 36.06 35.00
N PRO F 391 46.96 34.83 35.28
CA PRO F 391 46.14 33.65 35.01
C PRO F 391 44.87 33.46 35.82
N MET F 392 43.73 33.42 35.13
CA MET F 392 42.49 33.00 35.78
C MET F 392 42.65 31.51 36.14
N ASP F 393 42.53 31.06 37.38
CA ASP F 393 42.67 29.63 37.65
C ASP F 393 41.50 28.92 38.32
N ILE F 407 36.83 40.76 32.45
CA ILE F 407 37.55 39.72 31.71
C ILE F 407 37.06 39.55 30.25
N PRO F 408 37.87 39.92 29.25
CA PRO F 408 37.43 40.06 27.86
C PRO F 408 37.12 38.75 27.11
N GLN F 409 36.24 38.82 26.11
CA GLN F 409 35.83 37.61 25.41
C GLN F 409 35.99 37.66 23.90
N VAL F 410 36.00 36.47 23.29
CA VAL F 410 36.03 36.35 21.83
C VAL F 410 34.86 37.06 21.15
N ALA F 411 34.92 37.38 19.86
CA ALA F 411 33.78 37.98 19.18
C ALA F 411 32.50 37.14 19.37
N GLY F 412 31.41 37.78 19.73
CA GLY F 412 30.16 37.03 19.95
C GLY F 412 29.36 36.70 18.69
N SER F 413 29.85 37.10 17.53
CA SER F 413 29.20 36.82 16.25
C SER F 413 30.10 37.08 15.07
N LEU F 414 29.82 36.47 13.91
CA LEU F 414 30.64 36.72 12.73
C LEU F 414 30.65 38.19 12.35
N GLU F 415 29.53 38.90 12.50
CA GLU F 415 29.48 40.34 12.16
C GLU F 415 30.42 41.16 13.02
N GLU F 416 30.45 40.82 14.31
CA GLU F 416 31.38 41.44 15.24
C GLU F 416 32.82 41.15 14.83
N ALA F 417 33.14 39.87 14.66
CA ALA F 417 34.46 39.44 14.19
C ALA F 417 34.89 40.13 12.89
N LEU F 418 34.01 40.25 11.91
CA LEU F 418 34.34 40.93 10.67
C LEU F 418 34.58 42.42 10.90
N ASN F 419 33.78 43.15 11.69
CA ASN F 419 34.07 44.55 12.02
C ASN F 419 35.43 44.74 12.68
N ALA F 420 35.66 43.86 13.64
CA ALA F 420 36.93 43.79 14.35
C ALA F 420 38.12 43.55 13.41
N LEU F 421 38.07 42.60 12.46
CA LEU F 421 39.16 42.40 11.51
C LEU F 421 39.33 43.68 10.70
N ASP F 422 38.24 44.25 10.19
CA ASP F 422 38.27 45.50 9.44
C ASP F 422 38.93 46.67 10.17
N LEU F 423 38.76 46.78 11.48
CA LEU F 423 39.39 47.85 12.23
C LEU F 423 40.78 47.52 12.79
N ASP F 424 41.02 46.28 13.19
CA ASP F 424 42.31 45.85 13.74
C ASP F 424 43.22 45.22 12.68
N ARG F 425 43.05 45.76 11.49
CA ARG F 425 43.73 45.39 10.25
C ARG F 425 45.25 45.52 10.24
N GLU F 426 45.81 46.42 11.07
CA GLU F 426 47.23 46.70 11.06
C GLU F 426 48.23 45.57 11.31
N PHE F 427 48.02 44.79 12.38
CA PHE F 427 48.95 43.70 12.66
C PHE F 427 49.01 42.64 11.56
N LEU F 428 47.92 42.46 10.82
CA LEU F 428 47.95 41.54 9.70
C LEU F 428 48.77 42.11 8.54
N LYS F 429 48.76 43.42 8.27
CA LYS F 429 49.53 44.02 7.17
C LYS F 429 51.05 44.12 7.33
N ALA F 430 51.53 43.90 8.57
CA ALA F 430 52.96 43.89 8.86
C ALA F 430 53.80 43.01 7.90
N GLY F 431 54.77 43.67 7.29
CA GLY F 431 55.65 43.02 6.33
C GLY F 431 55.00 42.54 5.05
N GLY F 432 53.81 43.03 4.69
CA GLY F 432 53.20 42.62 3.43
C GLY F 432 52.44 41.29 3.46
N VAL F 433 52.45 40.62 4.62
CA VAL F 433 51.64 39.42 4.86
C VAL F 433 50.21 39.99 4.75
N PHE F 434 49.27 39.64 3.88
CA PHE F 434 47.95 40.30 3.86
C PHE F 434 47.91 41.75 3.42
N THR F 435 47.42 41.97 2.21
CA THR F 435 47.15 43.35 1.79
C THR F 435 45.75 43.85 2.19
N ASP F 436 45.48 45.15 2.11
CA ASP F 436 44.12 45.65 2.26
C ASP F 436 43.11 45.04 1.30
N GLU F 437 43.44 44.85 0.01
CA GLU F 437 42.52 44.22 -0.94
C GLU F 437 42.15 42.81 -0.47
N ALA F 438 43.17 42.09 0.00
CA ALA F 438 43.01 40.76 0.54
C ALA F 438 42.08 40.74 1.75
N ILE F 439 42.30 41.61 2.75
CA ILE F 439 41.41 41.71 3.89
C ILE F 439 40.01 42.19 3.49
N ASP F 440 39.85 43.21 2.68
CA ASP F 440 38.55 43.65 2.18
C ASP F 440 37.76 42.59 1.40
N ALA F 441 38.39 41.82 0.50
CA ALA F 441 37.70 40.79 -0.26
C ALA F 441 37.23 39.64 0.63
N TYR F 442 38.05 39.33 1.63
CA TYR F 442 37.68 38.35 2.64
C TYR F 442 36.42 38.76 3.41
N ILE F 443 36.40 39.96 4.00
CA ILE F 443 35.21 40.45 4.71
C ILE F 443 34.00 40.46 3.77
N ALA F 444 34.15 40.91 2.52
CA ALA F 444 33.08 40.83 1.52
C ALA F 444 32.47 39.44 1.35
N LEU F 445 33.28 38.38 1.24
CA LEU F 445 32.77 37.01 1.17
C LEU F 445 32.01 36.65 2.45
N ARG F 446 32.65 36.75 3.62
CA ARG F 446 32.00 36.42 4.87
C ARG F 446 30.73 37.23 5.16
N ARG F 447 30.62 38.45 4.65
CA ARG F 447 29.41 39.24 4.86
C ARG F 447 28.19 38.72 4.11
N GLU F 448 28.40 38.30 2.86
CA GLU F 448 27.35 37.70 2.04
C GLU F 448 26.68 36.51 2.75
N GLU F 449 27.55 35.73 3.41
CA GLU F 449 27.14 34.55 4.16
C GLU F 449 26.38 34.95 5.40
N ASP F 450 26.93 35.89 6.15
CA ASP F 450 26.27 36.41 7.34
C ASP F 450 24.87 36.93 7.00
N ASP F 451 24.73 37.68 5.92
CA ASP F 451 23.42 38.17 5.48
C ASP F 451 22.37 37.12 5.18
N ARG F 452 22.74 36.06 4.47
CA ARG F 452 21.78 35.00 4.15
C ARG F 452 21.25 34.37 5.43
N VAL F 453 22.15 34.11 6.38
CA VAL F 453 21.73 33.60 7.68
C VAL F 453 20.88 34.64 8.44
N ARG F 454 21.18 35.95 8.36
CA ARG F 454 20.47 37.02 9.08
C ARG F 454 19.04 37.29 8.57
N MET F 455 18.84 37.19 7.25
CA MET F 455 17.56 37.45 6.60
C MET F 455 16.60 36.28 6.46
N THR F 456 17.05 35.05 6.65
CA THR F 456 16.21 33.86 6.52
C THR F 456 15.56 33.50 7.85
N PRO F 457 14.24 33.48 8.04
CA PRO F 457 13.64 33.12 9.32
C PRO F 457 14.05 31.74 9.80
N HIS F 458 14.33 31.69 11.08
CA HIS F 458 14.80 30.47 11.75
C HIS F 458 13.62 29.64 12.27
N PRO F 459 13.59 28.32 12.16
CA PRO F 459 12.57 27.50 12.82
C PRO F 459 12.26 27.81 14.28
N VAL F 460 13.17 27.99 15.26
CA VAL F 460 12.71 28.29 16.62
C VAL F 460 12.00 29.64 16.72
N GLU F 461 12.13 30.54 15.72
CA GLU F 461 11.33 31.78 15.75
C GLU F 461 9.84 31.42 15.59
N PHE F 462 9.47 30.43 14.79
CA PHE F 462 8.07 30.02 14.73
C PHE F 462 7.62 29.47 16.06
N GLU F 463 8.53 28.79 16.74
CA GLU F 463 8.23 28.25 18.07
C GLU F 463 7.97 29.34 19.11
N LEU F 464 8.78 30.39 18.99
CA LEU F 464 8.75 31.55 19.87
C LEU F 464 7.69 32.61 19.57
N TYR F 465 7.45 32.86 18.30
CA TYR F 465 6.63 33.98 17.85
C TYR F 465 5.42 33.70 16.95
N TYR F 466 5.08 32.47 16.56
CA TYR F 466 3.93 32.27 15.68
C TYR F 466 2.63 32.70 16.35
N SER F 467 2.39 32.39 17.60
CA SER F 467 1.18 32.81 18.28
C SER F 467 1.19 34.22 18.87
N VAL F 468 2.05 35.12 18.36
CA VAL F 468 2.08 36.51 18.76
C VAL F 468 0.78 37.15 18.23
N SER G 1 -35.53 14.58 52.02
CA SER G 1 -36.37 13.57 52.69
C SER G 1 -36.90 12.51 51.72
N ALA G 2 -37.32 11.31 52.17
CA ALA G 2 -37.93 10.31 51.28
C ALA G 2 -39.05 10.88 50.41
N GLU G 3 -39.94 11.59 51.12
CA GLU G 3 -41.08 12.33 50.55
C GLU G 3 -40.76 13.15 49.29
N HIS G 4 -39.67 13.90 49.42
CA HIS G 4 -39.12 14.72 48.34
C HIS G 4 -38.60 13.92 47.16
N VAL G 5 -37.84 12.84 47.42
CA VAL G 5 -37.33 11.99 46.34
C VAL G 5 -38.50 11.42 45.54
N LEU G 6 -39.48 10.91 46.30
CA LEU G 6 -40.69 10.35 45.74
C LEU G 6 -41.50 11.30 44.87
N THR G 7 -41.47 12.62 45.13
CA THR G 7 -42.12 13.55 44.20
C THR G 7 -41.26 13.70 42.96
N MET G 8 -39.93 13.91 43.08
CA MET G 8 -39.02 14.05 41.93
C MET G 8 -39.17 12.95 40.90
N LEU G 9 -39.37 11.75 41.41
CA LEU G 9 -39.65 10.58 40.58
C LEU G 9 -40.82 10.82 39.63
N ASN G 10 -41.95 11.37 40.11
CA ASN G 10 -43.07 11.74 39.21
C ASN G 10 -42.85 13.03 38.44
N GLU G 11 -42.27 14.00 39.15
CA GLU G 11 -41.93 15.34 38.70
C GLU G 11 -40.94 15.39 37.54
N HIS G 12 -40.26 14.27 37.37
CA HIS G 12 -39.28 14.12 36.30
C HIS G 12 -39.43 12.86 35.45
N GLU G 13 -40.48 12.06 35.64
CA GLU G 13 -40.67 10.78 34.95
C GLU G 13 -39.43 9.90 34.88
N VAL G 14 -38.84 9.87 36.09
CA VAL G 14 -37.65 9.13 36.35
C VAL G 14 -37.85 7.64 36.07
N LYS G 15 -37.15 7.03 35.11
CA LYS G 15 -37.28 5.61 34.83
C LYS G 15 -36.41 4.71 35.70
N PHE G 16 -35.29 5.27 36.18
CA PHE G 16 -34.32 4.54 36.99
C PHE G 16 -33.70 5.37 38.11
N VAL G 17 -33.26 4.68 39.15
CA VAL G 17 -32.57 5.31 40.27
C VAL G 17 -31.19 4.65 40.39
N ASP G 18 -30.17 5.48 40.35
CA ASP G 18 -28.80 5.03 40.41
C ASP G 18 -28.18 5.11 41.79
N LEU G 19 -28.02 3.97 42.46
CA LEU G 19 -27.42 3.97 43.78
C LEU G 19 -25.91 4.06 43.69
N ARG G 20 -25.35 5.12 44.23
CA ARG G 20 -23.91 5.30 44.18
C ARG G 20 -23.16 5.33 45.51
N PHE G 21 -21.97 4.80 45.56
CA PHE G 21 -21.12 4.87 46.74
C PHE G 21 -19.63 4.95 46.39
N THR G 22 -18.74 5.32 47.30
CA THR G 22 -17.31 5.42 47.01
C THR G 22 -16.54 4.31 47.68
N ASP G 23 -15.59 3.66 47.05
CA ASP G 23 -14.81 2.61 47.70
C ASP G 23 -13.58 3.15 48.43
N THR G 24 -12.72 2.29 48.96
CA THR G 24 -11.55 2.75 49.72
C THR G 24 -10.59 3.52 48.87
N LYS G 25 -10.35 3.04 47.66
CA LYS G 25 -9.50 3.77 46.73
C LYS G 25 -10.04 5.13 46.29
N GLY G 26 -11.35 5.35 46.40
CA GLY G 26 -11.93 6.63 45.98
C GLY G 26 -12.84 6.60 44.75
N LYS G 27 -12.89 5.47 44.06
CA LYS G 27 -13.71 5.34 42.88
C LYS G 27 -15.16 5.12 43.22
N GLU G 28 -15.98 5.99 42.63
CA GLU G 28 -17.41 5.91 42.70
C GLU G 28 -17.96 4.70 41.95
N GLN G 29 -18.59 3.89 42.76
CA GLN G 29 -19.31 2.69 42.36
C GLN G 29 -20.79 3.00 42.17
N HIS G 30 -21.50 2.16 41.43
CA HIS G 30 -22.93 2.34 41.27
C HIS G 30 -23.69 1.08 40.84
N VAL G 31 -24.94 0.98 41.28
CA VAL G 31 -25.85 -0.08 40.88
C VAL G 31 -27.22 0.57 40.58
N THR G 32 -28.01 0.05 39.62
CA THR G 32 -29.22 0.75 39.17
C THR G 32 -30.49 -0.04 39.45
N ILE G 33 -31.45 0.64 40.05
CA ILE G 33 -32.75 0.12 40.40
C ILE G 33 -33.80 0.75 39.47
N PRO G 34 -34.85 0.09 39.01
CA PRO G 34 -35.97 0.72 38.32
C PRO G 34 -36.69 1.65 39.28
N ALA G 35 -37.15 2.85 38.86
CA ALA G 35 -37.83 3.80 39.77
C ALA G 35 -38.95 3.17 40.60
N HIS G 36 -39.65 2.25 39.94
CA HIS G 36 -40.69 1.48 40.62
C HIS G 36 -40.26 0.56 41.79
N GLN G 37 -39.04 0.64 42.30
CA GLN G 37 -38.60 -0.11 43.48
C GLN G 37 -38.30 0.85 44.62
N VAL G 38 -38.41 2.14 44.33
CA VAL G 38 -38.29 3.17 45.34
C VAL G 38 -39.68 3.38 45.96
N ASN G 39 -39.74 2.98 47.22
CA ASN G 39 -40.91 3.11 48.09
C ASN G 39 -40.48 3.03 49.54
N ALA G 40 -41.25 3.51 50.52
CA ALA G 40 -40.93 3.43 51.96
C ALA G 40 -39.81 2.50 52.45
N GLU G 41 -40.04 1.18 52.28
CA GLU G 41 -39.07 0.09 52.53
C GLU G 41 -37.60 0.42 52.16
N PHE G 42 -37.44 0.97 50.95
CA PHE G 42 -36.16 1.40 50.40
C PHE G 42 -35.47 2.40 51.32
N PHE G 43 -35.98 3.62 51.50
CA PHE G 43 -35.35 4.61 52.39
C PHE G 43 -35.29 4.21 53.86
N GLU G 44 -36.02 3.13 54.19
CA GLU G 44 -36.12 2.62 55.54
C GLU G 44 -35.01 1.62 55.85
N GLU G 45 -35.11 0.48 55.19
CA GLU G 45 -34.16 -0.62 55.36
C GLU G 45 -33.11 -0.89 54.26
N GLY G 46 -32.81 0.15 53.47
CA GLY G 46 -31.87 0.08 52.36
C GLY G 46 -32.01 -1.05 51.33
N LYS G 47 -30.93 -1.32 50.59
CA LYS G 47 -30.86 -2.44 49.66
C LYS G 47 -29.57 -3.26 49.85
N MET G 48 -29.68 -4.58 49.87
CA MET G 48 -28.53 -5.46 50.10
C MET G 48 -27.67 -5.64 48.87
N PHE G 49 -26.36 -5.66 49.01
CA PHE G 49 -25.51 -5.99 47.89
C PHE G 49 -24.32 -6.83 48.33
N ASP G 50 -23.67 -7.53 47.40
CA ASP G 50 -22.46 -8.22 47.80
C ASP G 50 -21.26 -7.28 47.83
N GLY G 51 -21.05 -6.81 49.05
CA GLY G 51 -19.90 -5.96 49.36
C GLY G 51 -18.55 -6.67 49.19
N SER G 52 -18.57 -8.00 49.27
CA SER G 52 -17.36 -8.84 49.13
C SER G 52 -16.43 -8.59 47.96
N SER G 53 -16.96 -8.36 46.75
CA SER G 53 -16.07 -8.09 45.63
C SER G 53 -15.65 -6.62 45.45
N ILE G 54 -15.98 -5.73 46.39
CA ILE G 54 -15.43 -4.38 46.38
C ILE G 54 -14.05 -4.46 47.03
N GLY G 55 -13.05 -3.96 46.33
CA GLY G 55 -11.67 -3.96 46.79
C GLY G 55 -11.40 -3.36 48.17
N GLY G 56 -10.94 -4.22 49.06
CA GLY G 56 -10.60 -3.82 50.42
C GLY G 56 -11.74 -3.96 51.44
N TRP G 57 -12.85 -4.60 51.06
CA TRP G 57 -13.99 -4.76 51.95
C TRP G 57 -14.37 -6.18 52.41
N ASP G 64 -22.27 -10.02 52.14
CA ASP G 64 -23.40 -9.09 52.05
C ASP G 64 -23.47 -7.92 53.03
N MET G 65 -23.80 -6.77 52.44
CA MET G 65 -23.86 -5.48 53.11
C MET G 65 -25.07 -4.67 52.69
N VAL G 66 -25.39 -3.58 53.39
CA VAL G 66 -26.53 -2.78 52.96
C VAL G 66 -26.24 -1.34 52.52
N LEU G 67 -26.75 -1.04 51.33
CA LEU G 67 -26.73 0.30 50.76
C LEU G 67 -27.88 1.11 51.33
N MET G 68 -27.55 2.12 52.11
CA MET G 68 -28.57 2.96 52.72
C MET G 68 -28.70 4.31 52.02
N PRO G 69 -29.76 4.53 51.24
CA PRO G 69 -29.91 5.73 50.44
C PRO G 69 -29.96 7.02 51.24
N ASP G 70 -29.10 8.02 51.04
CA ASP G 70 -29.23 9.30 51.72
C ASP G 70 -30.09 10.25 50.85
N ALA G 71 -31.38 10.33 51.14
CA ALA G 71 -32.31 11.11 50.34
C ALA G 71 -32.05 12.61 50.16
N SER G 72 -31.09 13.13 50.92
CA SER G 72 -30.70 14.54 50.76
C SER G 72 -29.89 14.75 49.48
N THR G 73 -29.19 13.68 49.10
CA THR G 73 -28.33 13.70 47.92
C THR G 73 -28.99 13.50 46.55
N ALA G 74 -30.30 13.44 46.39
CA ALA G 74 -30.90 13.14 45.09
C ALA G 74 -30.66 14.17 43.99
N VAL G 75 -30.02 13.72 42.93
CA VAL G 75 -29.75 14.56 41.77
C VAL G 75 -30.13 13.87 40.47
N ILE G 76 -30.64 14.57 39.46
CA ILE G 76 -30.94 13.91 38.19
C ILE G 76 -29.62 13.79 37.38
N ASP G 77 -29.34 12.63 36.79
CA ASP G 77 -28.11 12.39 36.03
C ASP G 77 -28.09 13.10 34.68
N PRO G 78 -27.20 14.05 34.37
CA PRO G 78 -27.27 14.88 33.16
C PRO G 78 -26.87 14.13 31.89
N PHE G 79 -26.42 12.88 32.04
CA PHE G 79 -25.89 12.11 30.93
C PHE G 79 -26.62 10.83 30.51
N PHE G 80 -27.14 9.99 31.40
CA PHE G 80 -27.76 8.75 30.97
C PHE G 80 -28.95 9.01 30.00
N ALA G 81 -29.18 8.17 29.00
CA ALA G 81 -30.27 8.40 28.06
C ALA G 81 -31.69 8.35 28.60
N ASP G 82 -31.91 7.47 29.57
CA ASP G 82 -33.22 7.33 30.22
C ASP G 82 -33.22 8.12 31.54
N SER G 83 -34.33 8.77 31.89
CA SER G 83 -34.35 9.59 33.10
C SER G 83 -33.97 8.89 34.39
N THR G 84 -32.82 9.31 34.92
CA THR G 84 -32.26 8.67 36.10
C THR G 84 -31.97 9.59 37.28
N LEU G 85 -32.38 9.17 38.45
CA LEU G 85 -32.16 9.97 39.64
C LEU G 85 -31.04 9.29 40.43
N ILE G 86 -29.93 9.97 40.60
CA ILE G 86 -28.80 9.49 41.40
C ILE G 86 -29.09 9.67 42.87
N ILE G 87 -28.86 8.65 43.69
CA ILE G 87 -28.95 8.79 45.14
C ILE G 87 -27.67 8.24 45.76
N ARG G 88 -26.91 9.08 46.45
CA ARG G 88 -25.71 8.63 47.15
C ARG G 88 -26.08 7.71 48.31
N CYS G 89 -25.30 6.71 48.61
CA CYS G 89 -25.61 5.79 49.70
C CYS G 89 -24.53 5.65 50.76
N ASP G 90 -24.88 5.18 51.94
CA ASP G 90 -23.85 4.80 52.90
C ASP G 90 -23.87 3.31 53.03
N ILE G 91 -22.70 2.74 53.24
CA ILE G 91 -22.59 1.31 53.42
C ILE G 91 -22.76 0.99 54.89
N LEU G 92 -23.84 0.30 55.23
CA LEU G 92 -24.06 -0.09 56.59
C LEU G 92 -23.89 -1.57 56.81
N GLU G 93 -23.50 -1.80 58.06
CA GLU G 93 -23.33 -3.16 58.57
C GLU G 93 -24.72 -3.78 58.72
N PRO G 94 -25.06 -4.91 58.10
CA PRO G 94 -26.43 -5.35 57.85
C PRO G 94 -27.25 -5.79 59.07
N GLY G 95 -28.55 -5.49 59.09
CA GLY G 95 -29.43 -5.81 60.23
C GLY G 95 -29.19 -4.85 61.41
N THR G 96 -28.00 -4.98 61.97
CA THR G 96 -27.44 -4.12 63.03
C THR G 96 -27.33 -2.63 62.68
N LEU G 97 -27.27 -2.37 61.35
CA LEU G 97 -27.34 -1.05 60.71
C LEU G 97 -26.54 0.17 61.18
N GLN G 98 -25.25 -0.05 61.38
CA GLN G 98 -24.38 1.01 61.93
C GLN G 98 -23.44 1.70 60.96
N GLY G 99 -22.99 1.03 59.90
CA GLY G 99 -22.11 1.73 58.98
C GLY G 99 -20.70 1.21 59.00
N TYR G 100 -20.36 0.51 57.91
CA TYR G 100 -19.06 -0.14 57.71
C TYR G 100 -17.86 0.70 58.18
N ASP G 101 -16.98 0.30 59.11
CA ASP G 101 -15.92 1.21 59.59
C ASP G 101 -14.70 1.43 58.69
N ARG G 102 -14.96 0.94 57.48
CA ARG G 102 -14.12 0.88 56.31
C ARG G 102 -14.79 1.63 55.12
N ASP G 103 -16.05 2.06 55.28
CA ASP G 103 -16.78 2.86 54.31
C ASP G 103 -16.31 4.30 54.44
N PRO G 104 -15.63 4.89 53.44
CA PRO G 104 -15.09 6.23 53.52
C PRO G 104 -16.13 7.30 53.80
N ARG G 105 -17.37 7.22 53.35
CA ARG G 105 -18.34 8.28 53.67
C ARG G 105 -18.67 8.24 55.15
N SER G 106 -18.93 7.04 55.70
CA SER G 106 -19.12 6.91 57.15
C SER G 106 -17.95 7.49 57.94
N ILE G 107 -16.70 7.11 57.63
CA ILE G 107 -15.54 7.73 58.25
C ILE G 107 -15.58 9.28 58.15
N ALA G 108 -15.97 9.89 57.04
CA ALA G 108 -16.05 11.34 56.96
C ALA G 108 -17.08 11.89 57.92
N LYS G 109 -18.27 11.28 57.94
CA LYS G 109 -19.33 11.69 58.85
C LYS G 109 -18.93 11.58 60.31
N ARG G 110 -18.22 10.50 60.67
CA ARG G 110 -17.66 10.35 62.00
C ARG G 110 -16.68 11.46 62.36
N ALA G 111 -15.75 11.80 61.48
CA ALA G 111 -14.84 12.91 61.74
C ALA G 111 -15.59 14.23 61.97
N GLU G 112 -16.71 14.47 61.29
CA GLU G 112 -17.50 15.67 61.54
C GLU G 112 -18.16 15.64 62.91
N ASP G 113 -18.80 14.53 63.28
CA ASP G 113 -19.36 14.39 64.62
C ASP G 113 -18.32 14.46 65.74
N TYR G 114 -17.17 13.80 65.61
CA TYR G 114 -16.08 13.95 66.57
C TYR G 114 -15.70 15.43 66.75
N LEU G 115 -15.67 16.24 65.70
CA LEU G 115 -15.39 17.67 65.82
C LEU G 115 -16.41 18.34 66.75
N ARG G 116 -17.69 17.99 66.54
CA ARG G 116 -18.77 18.48 67.38
C ARG G 116 -18.65 18.03 68.83
N ALA G 117 -18.38 16.74 69.06
CA ALA G 117 -18.17 16.18 70.39
C ALA G 117 -16.98 16.80 71.14
N THR G 118 -15.95 17.28 70.44
CA THR G 118 -14.85 17.96 71.12
C THR G 118 -15.21 19.40 71.43
N GLY G 119 -16.28 19.94 70.84
CA GLY G 119 -16.70 21.32 71.05
C GLY G 119 -15.72 22.39 70.54
N ILE G 120 -14.65 22.01 69.84
CA ILE G 120 -13.68 22.97 69.32
C ILE G 120 -14.34 23.86 68.25
N ALA G 121 -15.27 23.30 67.48
CA ALA G 121 -16.09 24.05 66.53
C ALA G 121 -17.32 23.25 66.12
N ASP G 122 -18.31 23.88 65.47
CA ASP G 122 -19.50 23.16 65.00
C ASP G 122 -19.33 22.60 63.60
N THR G 123 -18.64 23.36 62.75
CA THR G 123 -18.42 22.93 61.38
C THR G 123 -17.03 23.08 60.77
N VAL G 124 -16.65 22.09 59.95
CA VAL G 124 -15.41 22.16 59.15
C VAL G 124 -15.72 22.56 57.73
N LEU G 125 -15.05 23.58 57.24
CA LEU G 125 -15.22 23.98 55.86
C LEU G 125 -14.00 23.68 54.98
N PHE G 126 -14.26 22.87 53.97
CA PHE G 126 -13.30 22.48 52.95
C PHE G 126 -13.56 23.04 51.57
N GLY G 127 -12.45 23.45 50.96
CA GLY G 127 -12.46 24.01 49.62
C GLY G 127 -11.32 23.43 48.78
N PRO G 128 -11.49 22.27 48.18
CA PRO G 128 -10.51 21.59 47.34
C PRO G 128 -10.31 22.27 46.00
N GLU G 129 -9.11 22.40 45.47
CA GLU G 129 -8.92 23.01 44.14
C GLU G 129 -8.40 21.93 43.16
N PRO G 130 -9.19 20.94 42.70
CA PRO G 130 -8.74 19.82 41.89
C PRO G 130 -8.37 20.22 40.48
N GLU G 131 -7.22 19.78 40.00
CA GLU G 131 -6.88 20.01 38.60
C GLU G 131 -6.93 18.74 37.80
N PHE G 132 -7.14 18.88 36.51
CA PHE G 132 -7.22 17.71 35.66
C PHE G 132 -6.56 17.92 34.31
N PHE G 133 -6.32 16.82 33.63
CA PHE G 133 -5.82 16.88 32.27
C PHE G 133 -6.87 16.39 31.29
N LEU G 134 -6.93 17.01 30.13
CA LEU G 134 -7.92 16.67 29.10
C LEU G 134 -7.18 16.26 27.81
N PHE G 135 -6.92 14.97 27.63
CA PHE G 135 -6.19 14.45 26.47
C PHE G 135 -7.09 13.93 25.34
N ASP G 136 -6.60 13.65 24.12
CA ASP G 136 -7.37 13.02 23.03
C ASP G 136 -7.14 11.53 22.92
N ASP G 137 -5.93 11.12 23.26
CA ASP G 137 -5.53 9.72 23.15
C ASP G 137 -4.55 9.34 24.22
N ILE G 138 -4.84 8.26 24.90
CA ILE G 138 -3.92 7.75 25.91
C ILE G 138 -3.80 6.24 25.71
N ARG G 139 -2.60 5.80 25.38
CA ARG G 139 -2.32 4.40 25.23
C ARG G 139 -1.20 3.99 26.16
N PHE G 140 -1.38 2.84 26.77
CA PHE G 140 -0.32 2.31 27.62
C PHE G 140 -0.39 0.80 27.77
N GLY G 141 0.62 0.18 28.33
CA GLY G 141 0.60 -1.26 28.57
C GLY G 141 1.94 -1.76 29.06
N ALA G 142 1.88 -2.88 29.74
CA ALA G 142 3.05 -3.54 30.31
C ALA G 142 2.84 -5.04 30.06
N SER G 143 3.90 -5.71 29.62
CA SER G 143 3.93 -7.13 29.26
C SER G 143 5.32 -7.67 29.57
N ILE G 144 5.59 -8.98 29.57
CA ILE G 144 6.95 -9.47 29.79
C ILE G 144 7.99 -8.85 28.86
N SER G 145 7.69 -8.64 27.58
CA SER G 145 8.63 -8.11 26.61
C SER G 145 8.78 -6.60 26.60
N GLY G 146 8.13 -5.91 27.53
CA GLY G 146 8.26 -4.45 27.59
C GLY G 146 7.06 -3.69 28.18
N SER G 147 7.13 -2.37 28.07
CA SER G 147 6.06 -1.53 28.58
C SER G 147 6.08 -0.14 27.97
N HIS G 148 4.94 0.56 27.95
CA HIS G 148 4.85 1.87 27.33
C HIS G 148 3.66 2.69 27.78
N VAL G 149 3.80 3.99 27.63
CA VAL G 149 2.67 4.92 27.74
C VAL G 149 2.93 6.01 26.69
N ALA G 150 1.83 6.39 26.05
CA ALA G 150 1.81 7.37 24.98
C ALA G 150 0.63 8.30 25.18
N ILE G 151 0.94 9.57 25.44
CA ILE G 151 -0.05 10.61 25.70
C ILE G 151 -0.19 11.47 24.45
N ASP G 152 -1.43 11.76 24.09
CA ASP G 152 -1.61 12.69 23.01
C ASP G 152 -2.84 13.57 23.10
N ASP G 153 -2.55 14.81 22.78
CA ASP G 153 -3.53 15.86 22.72
C ASP G 153 -3.16 16.95 21.73
N ILE G 154 -4.19 17.51 21.11
CA ILE G 154 -4.05 18.57 20.12
C ILE G 154 -3.26 19.76 20.62
N GLU G 155 -3.36 20.03 21.92
CA GLU G 155 -2.62 21.12 22.55
C GLU G 155 -1.19 20.76 22.98
N GLY G 156 -0.73 19.56 22.68
CA GLY G 156 0.55 19.12 23.18
C GLY G 156 1.60 19.87 22.43
N ALA G 157 2.48 20.62 23.09
CA ALA G 157 3.52 21.36 22.39
C ALA G 157 4.29 20.52 21.38
N TRP G 158 4.41 19.23 21.69
CA TRP G 158 5.03 18.32 20.76
C TRP G 158 4.31 18.18 19.44
N ASN G 159 3.04 18.53 19.25
CA ASN G 159 2.39 18.41 17.95
C ASN G 159 2.63 19.53 16.95
N SER G 160 3.53 20.46 17.32
CA SER G 160 3.91 21.55 16.40
C SER G 160 4.46 21.08 15.05
N SER G 161 5.06 19.88 15.07
CA SER G 161 5.60 19.23 13.89
C SER G 161 4.69 18.28 13.14
N THR G 162 3.57 17.96 13.77
CA THR G 162 2.60 16.98 13.28
C THR G 162 1.80 17.27 12.04
N LYS G 163 1.74 16.33 11.10
CA LYS G 163 0.86 16.49 9.95
C LYS G 163 -0.56 16.08 10.36
N TYR G 164 -1.51 16.98 10.12
CA TYR G 164 -2.88 16.71 10.51
C TYR G 164 -3.96 16.52 9.45
N GLU G 165 -3.79 16.72 8.15
CA GLU G 165 -4.84 16.54 7.11
C GLU G 165 -6.02 17.53 7.12
N GLY G 166 -6.36 18.10 8.27
CA GLY G 166 -7.08 19.36 8.24
C GLY G 166 -6.13 20.54 7.92
N GLY G 167 -4.88 20.35 8.35
CA GLY G 167 -3.85 21.37 8.31
C GLY G 167 -3.32 21.51 9.75
N ASN G 168 -2.18 22.08 10.10
CA ASN G 168 -1.81 22.02 11.51
C ASN G 168 -2.30 23.22 12.31
N LYS G 169 -2.45 24.42 11.80
CA LYS G 169 -2.95 25.57 12.58
C LYS G 169 -2.14 26.11 13.77
N GLY G 170 -1.19 25.36 14.34
CA GLY G 170 -0.13 25.87 15.20
C GLY G 170 -0.35 26.72 16.46
N HIS G 171 -1.55 27.11 16.85
CA HIS G 171 -1.69 27.83 18.10
C HIS G 171 -1.84 26.77 19.18
N ARG G 172 -0.93 26.71 20.13
CA ARG G 172 -0.90 25.61 21.08
C ARG G 172 -0.17 26.06 22.37
N PRO G 173 -0.51 25.71 23.61
CA PRO G 173 0.27 26.11 24.76
C PRO G 173 1.65 25.44 24.78
N GLY G 174 2.74 26.22 24.85
CA GLY G 174 4.08 25.61 24.99
C GLY G 174 4.29 24.82 26.30
N VAL G 175 5.43 24.18 26.70
CA VAL G 175 5.35 23.35 27.91
C VAL G 175 4.94 24.07 29.19
N LYS G 176 5.46 25.19 29.72
CA LYS G 176 4.78 25.75 30.91
C LYS G 176 3.87 26.96 30.62
N GLY G 177 3.38 26.97 29.39
CA GLY G 177 2.64 28.11 28.86
C GLY G 177 1.13 27.98 28.71
N GLY G 178 0.51 27.00 29.36
CA GLY G 178 -0.93 26.87 29.31
C GLY G 178 -1.66 27.89 30.19
N TYR G 179 -0.90 28.57 31.06
CA TYR G 179 -1.46 29.58 31.92
C TYR G 179 -1.72 30.96 31.32
N PHE G 180 -2.99 30.83 30.96
CA PHE G 180 -3.98 31.79 30.51
C PHE G 180 -4.22 32.33 29.12
N PRO G 181 -3.54 31.99 28.03
CA PRO G 181 -3.72 32.66 26.74
C PRO G 181 -5.14 32.49 26.20
N VAL G 182 -5.67 33.49 25.52
CA VAL G 182 -7.02 33.37 24.96
C VAL G 182 -7.10 32.34 23.83
N PRO G 183 -8.26 31.80 23.49
CA PRO G 183 -8.46 31.08 22.23
C PRO G 183 -7.89 31.76 20.99
N PRO G 184 -7.42 31.07 19.94
CA PRO G 184 -7.34 29.62 19.88
C PRO G 184 -6.26 28.86 20.62
N VAL G 185 -5.31 29.47 21.35
CA VAL G 185 -4.27 28.71 22.08
C VAL G 185 -4.93 27.84 23.16
N ASP G 186 -5.94 28.36 23.83
CA ASP G 186 -6.68 27.56 24.79
C ASP G 186 -7.82 26.91 24.04
N SER G 187 -7.67 25.65 23.72
CA SER G 187 -8.73 24.89 23.03
C SER G 187 -9.98 24.58 23.86
N ALA G 188 -9.91 24.63 25.19
CA ALA G 188 -11.00 24.15 26.02
C ALA G 188 -12.04 25.10 26.62
N GLN G 189 -12.19 26.34 26.12
CA GLN G 189 -13.17 27.28 26.68
C GLN G 189 -14.59 26.73 26.73
N ASP G 190 -15.12 26.23 25.61
CA ASP G 190 -16.43 25.59 25.62
C ASP G 190 -16.50 24.32 26.45
N ILE G 191 -15.46 23.46 26.52
CA ILE G 191 -15.53 22.25 27.32
C ILE G 191 -15.56 22.63 28.79
N ARG G 192 -14.72 23.55 29.26
CA ARG G 192 -14.81 23.98 30.66
C ARG G 192 -16.12 24.70 31.00
N SER G 193 -16.64 25.63 30.18
CA SER G 193 -17.93 26.27 30.49
C SER G 193 -19.09 25.28 30.60
N GLU G 194 -19.09 24.29 29.72
CA GLU G 194 -20.06 23.20 29.76
C GLU G 194 -19.96 22.37 31.02
N MET G 195 -18.72 22.10 31.44
CA MET G 195 -18.47 21.41 32.70
C MET G 195 -19.03 22.24 33.85
N CYS G 196 -18.86 23.56 33.80
CA CYS G 196 -19.40 24.43 34.82
C CYS G 196 -20.92 24.37 34.87
N LEU G 197 -21.59 24.49 33.71
CA LEU G 197 -23.04 24.41 33.67
C LEU G 197 -23.54 23.05 34.15
N VAL G 198 -22.99 21.91 33.74
CA VAL G 198 -23.48 20.63 34.24
C VAL G 198 -23.18 20.49 35.74
N MET G 199 -22.07 21.00 36.27
CA MET G 199 -21.81 20.89 37.72
C MET G 199 -22.87 21.61 38.54
N GLU G 200 -23.23 22.81 38.08
CA GLU G 200 -24.27 23.55 38.78
C GLU G 200 -25.62 22.87 38.71
N GLN G 201 -25.96 22.27 37.57
CA GLN G 201 -27.17 21.48 37.41
C GLN G 201 -27.20 20.28 38.37
N MET G 202 -26.03 19.88 38.87
CA MET G 202 -25.90 18.79 39.84
C MET G 202 -25.69 19.29 41.26
N GLY G 203 -25.81 20.59 41.43
CA GLY G 203 -25.79 21.23 42.74
C GLY G 203 -24.48 21.83 43.21
N LEU G 204 -23.52 22.04 42.34
CA LEU G 204 -22.27 22.62 42.79
C LEU G 204 -22.26 24.11 42.47
N VAL G 205 -21.44 24.93 43.14
CA VAL G 205 -21.40 26.31 42.72
C VAL G 205 -20.04 26.67 42.15
N VAL G 206 -20.00 26.89 40.86
CA VAL G 206 -18.75 27.26 40.23
C VAL G 206 -18.39 28.71 40.56
N GLU G 207 -17.10 28.93 40.82
CA GLU G 207 -16.57 30.25 41.08
C GLU G 207 -15.73 30.81 39.93
N ALA G 208 -14.99 29.92 39.27
CA ALA G 208 -14.17 30.26 38.12
C ALA G 208 -13.71 29.06 37.33
N HIS G 209 -13.39 29.17 36.05
CA HIS G 209 -12.77 28.06 35.35
C HIS G 209 -11.69 28.63 34.46
N HIS G 210 -10.57 27.95 34.41
CA HIS G 210 -9.48 28.41 33.55
C HIS G 210 -8.53 27.29 33.17
N HIS G 211 -7.75 27.54 32.12
CA HIS G 211 -6.69 26.63 31.73
C HIS G 211 -5.56 26.67 32.75
N GLU G 212 -4.91 25.55 33.03
CA GLU G 212 -3.78 25.56 33.95
C GLU G 212 -2.42 25.65 33.27
N VAL G 213 -1.31 25.54 34.00
CA VAL G 213 0.03 25.79 33.48
C VAL G 213 0.53 24.87 32.37
N ALA G 214 0.20 23.61 32.46
CA ALA G 214 0.71 22.66 31.48
C ALA G 214 0.20 22.69 30.06
N THR G 215 1.09 22.42 29.11
CA THR G 215 0.72 22.12 27.71
C THR G 215 -0.15 20.88 27.68
N ALA G 216 -0.70 20.42 26.56
CA ALA G 216 -1.50 19.18 26.53
C ALA G 216 -2.70 19.04 27.47
N GLY G 217 -3.40 20.16 27.61
CA GLY G 217 -4.72 20.16 28.25
C GLY G 217 -4.86 20.22 29.78
N GLN G 218 -4.04 20.94 30.55
CA GLN G 218 -4.33 21.01 31.98
C GLN G 218 -5.42 22.04 32.24
N ASN G 219 -6.42 21.72 33.04
CA ASN G 219 -7.55 22.60 33.30
C ASN G 219 -8.02 22.62 34.74
N GLU G 220 -8.79 23.65 35.10
CA GLU G 220 -9.30 23.79 36.45
C GLU G 220 -10.66 24.47 36.49
N VAL G 221 -11.60 23.78 37.13
CA VAL G 221 -12.88 24.38 37.42
C VAL G 221 -12.90 24.59 38.93
N ALA G 222 -12.87 25.84 39.36
CA ALA G 222 -12.89 26.22 40.78
C ALA G 222 -14.31 26.21 41.30
N THR G 223 -14.50 25.62 42.46
CA THR G 223 -15.85 25.40 42.96
C THR G 223 -16.07 25.82 44.43
N ARG G 224 -17.17 26.51 44.80
CA ARG G 224 -17.47 26.98 46.17
C ARG G 224 -17.52 25.87 47.21
N PHE G 225 -16.88 26.26 48.30
CA PHE G 225 -16.66 25.42 49.48
C PHE G 225 -17.90 24.76 50.08
N ASN G 226 -17.61 23.89 51.00
CA ASN G 226 -18.66 23.26 51.75
C ASN G 226 -18.17 22.62 53.03
N THR G 227 -19.11 22.03 53.75
CA THR G 227 -18.74 21.29 54.93
C THR G 227 -18.07 20.02 54.46
N MET G 228 -17.10 19.50 55.21
CA MET G 228 -16.36 18.31 54.83
C MET G 228 -17.09 17.16 54.12
N THR G 229 -17.94 16.31 54.70
CA THR G 229 -18.59 15.23 53.94
C THR G 229 -19.40 15.72 52.75
N LYS G 230 -20.00 16.90 52.77
CA LYS G 230 -20.78 17.34 51.61
C LYS G 230 -19.82 17.69 50.48
N LYS G 231 -18.69 18.32 50.81
CA LYS G 231 -17.68 18.67 49.83
C LYS G 231 -17.00 17.45 49.25
N ALA G 232 -16.73 16.45 50.08
CA ALA G 232 -16.19 15.19 49.60
C ALA G 232 -17.14 14.55 48.58
N ASP G 233 -18.46 14.55 48.79
CA ASP G 233 -19.40 14.12 47.74
C ASP G 233 -19.35 15.06 46.53
N GLU G 234 -19.24 16.38 46.72
CA GLU G 234 -19.11 17.29 45.58
C GLU G 234 -17.86 17.02 44.75
N ILE G 235 -16.77 16.52 45.34
CA ILE G 235 -15.60 16.12 44.58
C ILE G 235 -15.96 14.88 43.76
N GLN G 236 -16.68 13.90 44.29
CA GLN G 236 -17.14 12.76 43.50
C GLN G 236 -18.06 13.20 42.35
N ILE G 237 -18.95 14.16 42.48
CA ILE G 237 -19.73 14.67 41.34
C ILE G 237 -18.83 15.46 40.38
N TYR G 238 -17.92 16.30 40.90
CA TYR G 238 -16.95 17.08 40.11
C TYR G 238 -16.21 16.18 39.14
N LYS G 239 -15.58 15.15 39.71
CA LYS G 239 -14.90 14.16 38.91
C LYS G 239 -15.81 13.47 37.89
N TYR G 240 -17.04 13.13 38.24
CA TYR G 240 -17.98 12.45 37.32
C TYR G 240 -18.34 13.34 36.13
N VAL G 241 -18.64 14.61 36.39
CA VAL G 241 -18.93 15.55 35.32
C VAL G 241 -17.70 15.76 34.45
N VAL G 242 -16.51 16.01 35.01
CA VAL G 242 -15.29 16.17 34.19
C VAL G 242 -15.04 14.94 33.31
N HIS G 243 -15.10 13.73 33.88
CA HIS G 243 -14.95 12.51 33.08
C HIS G 243 -16.00 12.38 31.98
N ASN G 244 -17.29 12.61 32.23
CA ASN G 244 -18.29 12.46 31.18
C ASN G 244 -18.49 13.60 30.20
N VAL G 245 -18.32 14.88 30.55
CA VAL G 245 -18.41 15.96 29.58
C VAL G 245 -17.21 15.84 28.64
N ALA G 246 -16.01 15.57 29.17
CA ALA G 246 -14.84 15.35 28.33
C ALA G 246 -15.10 14.26 27.29
N HIS G 247 -15.71 13.18 27.80
CA HIS G 247 -16.09 12.08 26.95
C HIS G 247 -17.06 12.48 25.85
N ARG G 248 -18.10 13.29 26.15
CA ARG G 248 -19.04 13.77 25.13
C ARG G 248 -18.34 14.61 24.07
N PHE G 249 -17.31 15.33 24.49
CA PHE G 249 -16.49 16.14 23.61
C PHE G 249 -15.39 15.40 22.84
N GLY G 250 -15.28 14.07 23.02
CA GLY G 250 -14.28 13.28 22.32
C GLY G 250 -12.91 13.28 22.99
N LYS G 251 -12.86 13.88 24.17
CA LYS G 251 -11.66 13.89 24.96
C LYS G 251 -11.71 12.81 26.03
N THR G 252 -10.57 12.65 26.69
CA THR G 252 -10.45 11.76 27.84
C THR G 252 -9.82 12.57 28.99
N ALA G 253 -10.47 12.62 30.13
CA ALA G 253 -9.90 13.37 31.24
C ALA G 253 -9.28 12.47 32.26
N THR G 254 -8.24 12.99 32.89
CA THR G 254 -7.60 12.24 33.98
C THR G 254 -7.21 13.08 35.18
N PHE G 255 -7.49 12.50 36.35
CA PHE G 255 -7.07 13.16 37.57
C PHE G 255 -5.75 12.64 38.11
N MET G 256 -4.92 11.88 37.37
CA MET G 256 -3.70 11.35 37.97
C MET G 256 -2.68 12.48 38.14
N PRO G 257 -1.93 12.46 39.25
CA PRO G 257 -1.15 13.61 39.74
C PRO G 257 -0.09 14.11 38.78
N LYS G 258 0.60 13.17 38.15
CA LYS G 258 1.74 13.45 37.29
C LYS G 258 1.79 12.62 35.99
N PRO G 259 1.03 12.92 34.94
CA PRO G 259 1.01 12.12 33.72
C PRO G 259 2.20 12.40 32.82
N MET G 260 2.78 13.60 32.87
CA MET G 260 3.90 13.97 32.01
C MET G 260 5.10 14.46 32.81
N PHE G 261 6.28 13.93 32.56
CA PHE G 261 7.50 14.47 33.14
C PHE G 261 7.89 15.77 32.43
N GLY G 262 8.33 16.81 33.13
CA GLY G 262 8.80 17.99 32.42
C GLY G 262 7.81 19.13 32.26
N ASP G 263 6.65 18.90 32.86
CA ASP G 263 5.63 19.91 32.92
C ASP G 263 4.78 19.73 34.16
N ASN G 264 3.92 20.69 34.46
CA ASN G 264 3.06 20.64 35.62
C ASN G 264 2.26 19.36 35.91
N GLY G 265 2.08 19.16 37.20
CA GLY G 265 1.26 18.08 37.71
C GLY G 265 -0.07 18.64 38.18
N SER G 266 -1.03 17.76 38.33
CA SER G 266 -2.32 18.13 38.83
C SER G 266 -2.38 17.91 40.34
N GLY G 267 -2.46 19.01 41.07
CA GLY G 267 -2.68 18.94 42.50
C GLY G 267 -4.08 19.33 42.93
N MET G 268 -4.52 18.92 44.11
CA MET G 268 -5.82 19.29 44.66
C MET G 268 -5.57 19.97 46.00
N HIS G 269 -5.39 21.29 46.00
CA HIS G 269 -5.12 21.97 47.26
C HIS G 269 -6.36 22.10 48.11
N CYS G 270 -6.24 21.75 49.38
CA CYS G 270 -7.36 21.92 50.27
C CYS G 270 -7.35 23.20 51.10
N HIS G 271 -8.26 24.13 50.82
CA HIS G 271 -8.49 25.24 51.73
C HIS G 271 -9.33 24.76 52.91
N MET G 272 -8.87 25.00 54.11
CA MET G 272 -9.63 24.64 55.29
C MET G 272 -9.87 25.78 56.26
N SER G 273 -11.01 25.62 56.91
CA SER G 273 -11.39 26.53 57.98
C SER G 273 -12.34 25.94 59.00
N LEU G 274 -12.25 26.42 60.23
CA LEU G 274 -13.15 25.96 61.28
C LEU G 274 -14.10 27.02 61.79
N ALA G 275 -15.32 26.60 62.11
CA ALA G 275 -16.30 27.55 62.65
C ALA G 275 -17.18 27.10 63.81
N LYS G 276 -17.23 27.94 64.84
CA LYS G 276 -18.09 27.71 66.00
C LYS G 276 -19.14 28.79 65.97
N ASN G 277 -20.39 28.52 66.33
CA ASN G 277 -21.53 29.44 66.29
C ASN G 277 -21.48 30.63 65.31
N GLY G 278 -21.36 30.26 64.03
CA GLY G 278 -21.31 31.23 62.93
C GLY G 278 -20.05 32.11 62.83
N THR G 279 -19.00 31.77 63.56
CA THR G 279 -17.76 32.54 63.56
C THR G 279 -16.52 31.72 63.24
N ASN G 280 -15.68 32.38 62.45
CA ASN G 280 -14.46 31.77 61.98
C ASN G 280 -13.30 31.71 62.97
N LEU G 281 -13.19 30.57 63.66
CA LEU G 281 -12.09 30.31 64.58
C LEU G 281 -10.68 30.50 64.03
N PHE G 282 -10.50 30.46 62.71
CA PHE G 282 -9.18 30.66 62.16
C PHE G 282 -8.82 32.12 62.06
N SER G 283 -9.80 33.02 62.06
CA SER G 283 -9.48 34.44 62.09
C SER G 283 -9.05 34.87 63.49
N GLY G 284 -8.29 35.95 63.56
CA GLY G 284 -7.79 36.46 64.81
C GLY G 284 -6.64 37.44 64.64
N ASP G 285 -5.86 37.52 65.70
CA ASP G 285 -4.62 38.29 65.71
C ASP G 285 -3.44 37.49 65.12
N LYS G 286 -2.31 37.22 65.79
CA LYS G 286 -1.21 36.38 65.30
C LYS G 286 -0.71 36.49 63.83
N TYR G 287 0.10 35.58 63.27
CA TYR G 287 0.54 35.70 61.87
C TYR G 287 -0.57 35.85 60.82
N ALA G 288 -0.50 36.94 60.06
CA ALA G 288 -1.44 37.21 58.97
C ALA G 288 -2.96 37.01 59.20
N GLY G 289 -3.46 37.55 60.32
CA GLY G 289 -4.89 37.47 60.64
C GLY G 289 -5.30 36.14 61.28
N LEU G 290 -4.34 35.27 61.55
CA LEU G 290 -4.69 33.99 62.10
C LEU G 290 -4.87 33.91 63.61
N SER G 291 -5.76 33.05 64.08
CA SER G 291 -5.83 32.81 65.52
C SER G 291 -4.75 31.84 66.03
N GLU G 292 -4.55 31.79 67.35
CA GLU G 292 -3.64 30.80 67.95
C GLU G 292 -4.18 29.37 67.72
N GLN G 293 -5.51 29.31 67.63
CA GLN G 293 -6.31 28.10 67.35
C GLN G 293 -5.91 27.50 65.99
N ALA G 294 -5.87 28.40 65.01
CA ALA G 294 -5.44 28.09 63.64
C ALA G 294 -3.98 27.64 63.57
N LEU G 295 -3.08 28.33 64.27
CA LEU G 295 -1.69 27.92 64.32
C LEU G 295 -1.51 26.51 64.85
N TYR G 296 -2.25 26.08 65.87
CA TYR G 296 -2.18 24.68 66.31
C TYR G 296 -2.75 23.70 65.29
N TYR G 297 -3.75 24.10 64.51
CA TYR G 297 -4.25 23.29 63.39
C TYR G 297 -3.12 23.05 62.40
N ILE G 298 -2.42 24.10 61.96
CA ILE G 298 -1.22 23.96 61.12
C ILE G 298 -0.19 23.04 61.78
N GLY G 299 0.14 23.24 63.05
CA GLY G 299 1.05 22.38 63.79
C GLY G 299 0.65 20.91 63.78
N GLY G 300 -0.63 20.59 63.86
CA GLY G 300 -1.09 19.20 63.78
C GLY G 300 -0.92 18.63 62.37
N VAL G 301 -1.27 19.40 61.34
CA VAL G 301 -1.07 18.99 59.94
C VAL G 301 0.41 18.71 59.71
N ILE G 302 1.31 19.65 60.03
CA ILE G 302 2.75 19.44 59.90
C ILE G 302 3.25 18.26 60.74
N LYS G 303 2.82 18.12 62.00
CA LYS G 303 3.18 16.98 62.85
C LYS G 303 2.81 15.63 62.20
N HIS G 304 1.68 15.57 61.52
CA HIS G 304 1.25 14.31 60.93
C HIS G 304 1.31 14.22 59.41
N ALA G 305 1.95 15.20 58.75
CA ALA G 305 2.05 15.25 57.30
C ALA G 305 2.36 13.95 56.58
N LYS G 306 3.43 13.23 56.93
CA LYS G 306 3.71 11.96 56.25
C LYS G 306 2.62 10.90 56.38
N ALA G 307 1.84 10.86 57.46
CA ALA G 307 0.74 9.90 57.58
C ALA G 307 -0.43 10.38 56.73
N ILE G 308 -0.66 11.69 56.72
CA ILE G 308 -1.66 12.30 55.84
C ILE G 308 -1.32 11.99 54.38
N ASN G 309 -0.02 12.03 53.97
CA ASN G 309 0.38 11.74 52.60
C ASN G 309 -0.11 10.38 52.10
N ALA G 310 -0.15 9.35 52.94
CA ALA G 310 -0.70 8.05 52.56
C ALA G 310 -2.16 8.07 52.12
N LEU G 311 -2.90 9.12 52.50
CA LEU G 311 -4.29 9.30 52.14
C LEU G 311 -4.52 10.46 51.16
N ALA G 312 -3.76 11.54 51.29
CA ALA G 312 -3.84 12.73 50.43
C ALA G 312 -3.01 12.65 49.13
N ASN G 313 -2.06 11.72 49.10
CA ASN G 313 -1.18 11.43 47.97
C ASN G 313 -1.02 9.91 47.83
N PRO G 314 -2.08 9.15 47.53
CA PRO G 314 -2.12 7.70 47.73
C PRO G 314 -1.59 6.86 46.56
N THR G 315 -1.02 7.51 45.56
CA THR G 315 -0.57 6.77 44.38
C THR G 315 0.93 6.82 44.23
N THR G 316 1.62 5.81 43.69
CA THR G 316 3.08 5.97 43.48
C THR G 316 3.37 7.17 42.60
N ASN G 317 2.51 7.46 41.63
CA ASN G 317 2.62 8.64 40.76
C ASN G 317 2.53 9.97 41.50
N SER G 318 1.88 10.00 42.65
CA SER G 318 1.78 11.23 43.43
C SER G 318 3.11 11.88 43.77
N TYR G 319 4.05 10.98 44.03
CA TYR G 319 5.37 11.41 44.43
C TYR G 319 6.25 11.86 43.26
N LYS G 320 5.85 11.58 42.02
CA LYS G 320 6.51 12.20 40.87
C LYS G 320 6.19 13.68 40.82
N ARG G 321 5.07 14.10 41.41
CA ARG G 321 4.70 15.52 41.54
C ARG G 321 5.40 16.15 42.74
N LEU G 322 5.35 15.45 43.87
CA LEU G 322 6.03 15.91 45.08
C LEU G 322 7.54 15.70 45.13
N VAL G 323 8.22 16.33 44.19
CA VAL G 323 9.68 16.28 44.16
C VAL G 323 10.21 17.69 44.40
N PRO G 324 11.34 17.86 45.09
CA PRO G 324 12.05 19.13 45.28
C PRO G 324 11.94 20.30 44.29
N PRO G 329 5.53 21.60 46.19
CA PRO G 329 5.26 22.02 47.56
C PRO G 329 5.69 20.98 48.59
N VAL G 330 6.98 20.69 48.66
CA VAL G 330 7.49 19.68 49.58
C VAL G 330 7.78 20.10 51.02
N MET G 331 8.06 21.39 51.22
CA MET G 331 8.37 21.96 52.53
C MET G 331 7.22 22.09 53.54
N LEU G 332 7.22 21.32 54.62
CA LEU G 332 6.25 21.49 55.69
C LEU G 332 6.50 22.76 56.51
N ALA G 333 5.93 23.82 55.98
CA ALA G 333 6.06 25.15 56.55
C ALA G 333 4.87 26.01 56.18
N TYR G 334 4.40 26.86 57.09
CA TYR G 334 3.39 27.82 56.72
C TYR G 334 3.96 29.16 56.34
N SER G 335 3.24 29.85 55.47
CA SER G 335 3.62 31.18 55.03
C SER G 335 2.57 31.92 54.22
N ALA G 336 2.51 33.25 54.33
CA ALA G 336 1.67 34.06 53.46
C ALA G 336 2.51 34.41 52.23
N ARG G 337 3.82 34.51 52.45
CA ARG G 337 4.81 34.72 51.38
C ARG G 337 5.37 33.48 50.64
N ASN G 338 6.12 32.56 51.25
CA ASN G 338 6.75 31.43 50.54
C ASN G 338 5.91 30.39 49.75
N ARG G 339 5.58 30.54 48.46
CA ARG G 339 4.93 29.45 47.69
C ARG G 339 6.08 28.53 47.26
N SER G 340 6.30 27.65 48.22
CA SER G 340 7.34 26.61 48.33
C SER G 340 7.06 25.89 49.65
N ALA G 341 6.44 26.67 50.55
CA ALA G 341 5.82 26.18 51.76
C ALA G 341 4.51 25.47 51.38
N SER G 342 4.34 24.25 51.88
CA SER G 342 3.14 23.47 51.62
C SER G 342 1.88 23.94 52.34
N ILE G 343 2.01 24.82 53.33
CA ILE G 343 0.86 25.40 53.99
C ILE G 343 0.86 26.89 53.64
N ARG G 344 -0.01 27.34 52.76
CA ARG G 344 -0.13 28.75 52.42
C ARG G 344 -1.26 29.41 53.22
N ILE G 345 -1.00 30.56 53.82
CA ILE G 345 -2.04 31.31 54.51
C ILE G 345 -2.48 32.33 53.49
N PRO G 346 -3.62 32.13 52.81
CA PRO G 346 -4.07 32.98 51.72
C PRO G 346 -4.32 34.40 52.20
N VAL G 347 -3.84 35.37 51.43
CA VAL G 347 -4.08 36.76 51.80
C VAL G 347 -5.52 37.07 51.42
N VAL G 348 -6.39 36.82 52.41
CA VAL G 348 -7.79 37.08 52.17
C VAL G 348 -8.06 38.58 52.08
N ALA G 349 -7.42 39.41 52.95
CA ALA G 349 -7.56 40.87 53.07
C ALA G 349 -8.94 41.37 53.56
N SER G 350 -9.89 40.69 52.93
CA SER G 350 -11.31 40.58 53.19
C SER G 350 -11.55 40.08 54.65
N PRO G 351 -12.74 39.72 55.15
CA PRO G 351 -12.99 39.79 56.58
C PRO G 351 -12.52 38.72 57.59
N LYS G 352 -13.03 37.55 57.28
CA LYS G 352 -13.11 36.37 58.14
C LYS G 352 -13.45 35.12 57.32
N ALA G 353 -13.30 35.35 56.01
CA ALA G 353 -12.90 34.29 55.10
C ALA G 353 -11.42 33.87 55.38
N ARG G 354 -10.81 34.15 56.55
CA ARG G 354 -9.51 33.67 56.98
C ARG G 354 -9.46 32.16 57.00
N ARG G 355 -8.43 31.59 56.40
CA ARG G 355 -8.33 30.15 56.26
C ARG G 355 -6.91 29.65 56.05
N ILE G 356 -6.64 28.36 56.21
CA ILE G 356 -5.34 27.86 55.77
C ILE G 356 -5.48 27.10 54.46
N GLU G 357 -4.43 27.07 53.64
CA GLU G 357 -4.47 26.27 52.43
C GLU G 357 -3.36 25.22 52.42
N VAL G 358 -3.67 23.93 52.47
CA VAL G 358 -2.64 22.91 52.38
C VAL G 358 -2.44 22.55 50.90
N ARG G 359 -1.31 22.94 50.32
CA ARG G 359 -1.01 22.77 48.90
C ARG G 359 -0.62 21.39 48.42
N PHE G 360 -0.22 20.47 49.28
CA PHE G 360 0.28 19.19 48.82
C PHE G 360 -0.65 18.04 48.41
N PRO G 361 -1.94 17.89 48.71
CA PRO G 361 -2.73 16.74 48.25
C PRO G 361 -2.98 16.72 46.74
N ASP G 362 -3.40 15.63 46.14
CA ASP G 362 -3.70 15.63 44.71
C ASP G 362 -5.00 14.93 44.29
N PRO G 363 -5.60 15.17 43.12
CA PRO G 363 -6.90 14.58 42.74
C PRO G 363 -7.00 13.07 42.92
N ALA G 364 -5.89 12.31 43.03
CA ALA G 364 -5.99 10.87 43.21
C ALA G 364 -6.48 10.45 44.60
N ALA G 365 -6.44 11.40 45.53
CA ALA G 365 -6.86 11.13 46.90
C ALA G 365 -8.34 10.83 47.10
N ASN G 366 -8.67 9.87 47.98
CA ASN G 366 -10.07 9.60 48.28
C ASN G 366 -10.62 10.79 49.06
N PRO G 367 -11.51 11.65 48.55
CA PRO G 367 -11.79 12.94 49.16
C PRO G 367 -12.29 12.77 50.59
N TYR G 368 -13.04 11.68 50.89
CA TYR G 368 -13.50 11.45 52.26
C TYR G 368 -12.31 11.17 53.18
N LEU G 369 -11.54 10.11 52.93
CA LEU G 369 -10.38 9.82 53.78
C LEU G 369 -9.33 10.94 53.82
N CYS G 370 -9.08 11.63 52.70
CA CYS G 370 -8.13 12.73 52.65
C CYS G 370 -8.57 13.88 53.53
N PHE G 371 -9.84 14.30 53.42
CA PHE G 371 -10.35 15.36 54.26
C PHE G 371 -10.47 14.98 55.74
N ALA G 372 -11.03 13.79 56.04
CA ALA G 372 -11.05 13.26 57.39
C ALA G 372 -9.65 13.27 58.02
N ALA G 373 -8.62 12.73 57.39
CA ALA G 373 -7.24 12.82 57.90
C ALA G 373 -6.74 14.26 58.07
N LEU G 374 -6.92 15.21 57.14
CA LEU G 374 -6.51 16.59 57.40
C LEU G 374 -7.20 17.15 58.64
N LEU G 375 -8.50 16.90 58.83
CA LEU G 375 -9.26 17.39 59.98
C LEU G 375 -8.73 16.76 61.26
N MET G 376 -8.72 15.43 61.41
CA MET G 376 -8.15 14.75 62.57
C MET G 376 -6.71 15.21 62.94
N ALA G 377 -5.83 15.46 61.96
CA ALA G 377 -4.50 15.98 62.24
C ALA G 377 -4.56 17.39 62.81
N GLY G 378 -5.36 18.24 62.17
CA GLY G 378 -5.53 19.61 62.60
C GLY G 378 -6.14 19.74 64.00
N LEU G 379 -7.09 18.87 64.36
CA LEU G 379 -7.65 18.86 65.70
C LEU G 379 -6.57 18.43 66.69
N ASP G 380 -5.88 17.30 66.50
CA ASP G 380 -4.77 16.91 67.38
C ASP G 380 -3.75 18.04 67.62
N GLY G 381 -3.56 18.96 66.68
CA GLY G 381 -2.72 20.13 66.91
C GLY G 381 -3.32 21.04 67.97
N ILE G 382 -4.57 21.48 67.74
CA ILE G 382 -5.36 22.29 68.70
C ILE G 382 -5.37 21.64 70.08
N LYS G 383 -5.87 20.41 70.08
CA LYS G 383 -5.98 19.55 71.24
C LYS G 383 -4.72 19.36 72.09
N ASN G 384 -3.53 19.53 71.48
CA ASN G 384 -2.28 19.46 72.21
C ASN G 384 -1.39 20.69 72.05
N LYS G 385 -1.95 21.88 71.75
CA LYS G 385 -1.20 23.14 71.59
C LYS G 385 0.08 23.00 70.73
N ILE G 386 0.08 22.06 69.77
CA ILE G 386 1.23 21.79 68.91
C ILE G 386 1.53 23.02 68.07
N HIS G 387 2.38 23.85 68.63
CA HIS G 387 2.69 25.13 68.02
C HIS G 387 3.56 25.00 66.79
N PRO G 388 3.08 25.46 65.64
CA PRO G 388 3.72 25.28 64.35
C PRO G 388 5.16 25.79 64.29
N GLY G 389 5.42 27.08 64.54
CA GLY G 389 6.79 27.56 64.59
C GLY G 389 6.87 28.98 64.07
N GLU G 390 7.60 29.17 62.98
CA GLU G 390 7.73 30.47 62.35
C GLU G 390 7.65 30.37 60.82
N PRO G 391 7.03 31.33 60.15
CA PRO G 391 6.88 31.33 58.69
C PRO G 391 8.12 31.47 57.84
N MET G 392 8.41 30.47 57.02
CA MET G 392 9.43 30.63 55.98
C MET G 392 8.91 31.67 54.98
N ASP G 393 9.57 32.78 54.70
CA ASP G 393 9.03 33.71 53.72
C ASP G 393 9.90 34.06 52.51
N ILE G 407 14.37 21.98 58.04
CA ILE G 407 12.99 22.20 57.62
C ILE G 407 12.32 20.95 57.01
N PRO G 408 11.32 20.35 57.68
CA PRO G 408 10.78 19.03 57.36
C PRO G 408 9.96 18.93 56.08
N GLN G 409 9.92 17.75 55.45
CA GLN G 409 9.23 17.59 54.19
C GLN G 409 8.19 16.48 54.16
N VAL G 410 7.28 16.57 53.19
CA VAL G 410 6.29 15.51 52.95
C VAL G 410 6.93 14.14 52.67
N ALA G 411 6.22 13.03 52.82
CA ALA G 411 6.79 11.73 52.49
C ALA G 411 7.37 11.71 51.08
N GLY G 412 8.57 11.23 50.91
CA GLY G 412 9.18 11.20 49.57
C GLY G 412 8.77 10.03 48.68
N SER G 413 7.89 9.17 49.16
CA SER G 413 7.39 8.03 48.39
C SER G 413 6.18 7.38 49.03
N LEU G 414 5.38 6.66 48.26
CA LEU G 414 4.22 5.99 48.82
C LEU G 414 4.61 5.02 49.92
N GLU G 415 5.73 4.31 49.78
CA GLU G 415 6.17 3.35 50.82
C GLU G 415 6.46 4.04 52.14
N GLU G 416 7.11 5.21 52.05
CA GLU G 416 7.36 6.04 53.21
C GLU G 416 6.05 6.48 53.84
N ALA G 417 5.18 7.10 53.04
CA ALA G 417 3.85 7.51 53.49
C ALA G 417 3.06 6.37 54.13
N LEU G 418 3.05 5.18 53.58
CA LEU G 418 2.36 4.05 54.16
C LEU G 418 3.00 3.63 55.49
N ASN G 419 4.33 3.56 55.63
CA ASN G 419 4.96 3.27 56.94
C ASN G 419 4.59 4.29 58.01
N ALA G 420 4.64 5.54 57.58
CA ALA G 420 4.24 6.66 58.40
C ALA G 420 2.79 6.58 58.86
N LEU G 421 1.82 6.27 58.00
CA LEU G 421 0.43 6.09 58.42
C LEU G 421 0.35 4.95 59.42
N ASP G 422 0.99 3.82 59.12
CA ASP G 422 1.05 2.67 60.01
C ASP G 422 1.59 2.98 61.41
N LEU G 423 2.57 3.86 61.53
CA LEU G 423 3.10 4.22 62.85
C LEU G 423 2.41 5.40 63.53
N ASP G 424 1.97 6.39 62.77
CA ASP G 424 1.30 7.58 63.30
C ASP G 424 -0.24 7.46 63.27
N ARG G 425 -0.64 6.21 63.45
CA ARG G 425 -2.01 5.72 63.46
C ARG G 425 -2.94 6.32 64.52
N GLU G 426 -2.39 6.77 65.64
CA GLU G 426 -3.20 7.27 66.75
C GLU G 426 -4.17 8.41 66.53
N PHE G 427 -3.71 9.50 65.93
CA PHE G 427 -4.61 10.64 65.70
C PHE G 427 -5.79 10.32 64.79
N LEU G 428 -5.63 9.34 63.90
CA LEU G 428 -6.76 8.93 63.09
C LEU G 428 -7.76 8.14 63.91
N LYS G 429 -7.35 7.31 64.87
CA LYS G 429 -8.29 6.51 65.69
C LYS G 429 -9.12 7.25 66.76
N ALA G 430 -8.75 8.51 67.02
CA ALA G 430 -9.50 9.36 67.94
C ALA G 430 -11.01 9.41 67.69
N GLY G 431 -11.75 9.05 68.74
CA GLY G 431 -13.19 9.00 68.69
C GLY G 431 -13.78 7.95 67.76
N GLY G 432 -13.03 6.94 67.35
CA GLY G 432 -13.61 5.88 66.51
C GLY G 432 -13.68 6.19 65.01
N VAL G 433 -13.26 7.41 64.63
CA VAL G 433 -13.10 7.81 63.23
C VAL G 433 -12.00 6.84 62.76
N PHE G 434 -12.09 5.92 61.79
CA PHE G 434 -10.96 5.02 61.47
C PHE G 434 -10.58 3.98 62.52
N THR G 435 -10.93 2.73 62.25
CA THR G 435 -10.42 1.65 63.09
C THR G 435 -9.05 1.12 62.63
N ASP G 436 -8.36 0.34 63.46
CA ASP G 436 -7.17 -0.38 63.00
C ASP G 436 -7.39 -1.27 61.79
N GLU G 437 -8.50 -2.03 61.72
CA GLU G 437 -8.77 -2.88 60.54
C GLU G 437 -8.86 -2.02 59.28
N ALA G 438 -9.53 -0.87 59.42
CA ALA G 438 -9.67 0.10 58.36
C ALA G 438 -8.31 0.63 57.88
N ILE G 439 -7.45 1.09 58.80
CA ILE G 439 -6.11 1.54 58.44
C ILE G 439 -5.25 0.39 57.89
N ASP G 440 -5.22 -0.78 58.50
CA ASP G 440 -4.51 -1.92 57.96
C ASP G 440 -4.95 -2.38 56.56
N ALA G 441 -6.24 -2.44 56.27
CA ALA G 441 -6.73 -2.84 54.95
C ALA G 441 -6.37 -1.83 53.87
N TYR G 442 -6.40 -0.55 54.25
CA TYR G 442 -5.96 0.53 53.38
C TYR G 442 -4.49 0.37 53.00
N ILE G 443 -3.57 0.26 53.96
CA ILE G 443 -2.16 0.06 53.66
C ILE G 443 -1.95 -1.19 52.82
N ALA G 444 -2.65 -2.29 53.12
CA ALA G 444 -2.62 -3.49 52.28
C ALA G 444 -2.94 -3.24 50.80
N LEU G 445 -3.98 -2.48 50.49
CA LEU G 445 -4.29 -2.12 49.10
C LEU G 445 -3.18 -1.30 48.49
N ARG G 446 -2.80 -0.17 49.10
CA ARG G 446 -1.74 0.66 48.58
C ARG G 446 -0.37 -0.04 48.44
N ARG G 447 -0.10 -1.04 49.25
CA ARG G 447 1.15 -1.77 49.12
C ARG G 447 1.24 -2.64 47.87
N GLU G 448 0.13 -3.32 47.53
CA GLU G 448 0.04 -4.13 46.32
C GLU G 448 0.39 -3.31 45.06
N GLU G 449 -0.08 -2.06 45.08
CA GLU G 449 0.14 -1.11 44.00
C GLU G 449 1.58 -0.68 43.97
N ASP G 450 2.10 -0.30 45.13
CA ASP G 450 3.49 0.08 45.24
C ASP G 450 4.42 -1.02 44.72
N ASP G 451 4.16 -2.27 45.09
CA ASP G 451 4.94 -3.41 44.61
C ASP G 451 4.97 -3.60 43.10
N ARG G 452 3.83 -3.51 42.44
CA ARG G 452 3.78 -3.67 40.98
C ARG G 452 4.66 -2.62 40.30
N VAL G 453 4.56 -1.37 40.78
CA VAL G 453 5.43 -0.32 40.28
C VAL G 453 6.91 -0.58 40.62
N ARG G 454 7.23 -1.12 41.80
CA ARG G 454 8.60 -1.38 42.25
C ARG G 454 9.33 -2.53 41.52
N MET G 455 8.58 -3.58 41.16
CA MET G 455 9.11 -4.77 40.49
C MET G 455 9.13 -4.74 38.95
N THR G 456 8.42 -3.81 38.32
CA THR G 456 8.37 -3.73 36.87
C THR G 456 9.46 -2.83 36.33
N PRO G 457 10.43 -3.24 35.51
CA PRO G 457 11.46 -2.34 35.00
C PRO G 457 10.89 -1.15 34.24
N HIS G 458 11.50 -0.02 34.52
CA HIS G 458 11.09 1.26 33.95
C HIS G 458 11.81 1.54 32.64
N PRO G 459 11.20 2.06 31.58
CA PRO G 459 11.90 2.50 30.38
C PRO G 459 13.15 3.35 30.60
N VAL G 460 13.27 4.41 31.42
CA VAL G 460 14.56 5.12 31.51
C VAL G 460 15.66 4.26 32.12
N GLU G 461 15.34 3.13 32.77
CA GLU G 461 16.40 2.22 33.23
C GLU G 461 17.11 1.62 32.00
N PHE G 462 16.42 1.32 30.90
CA PHE G 462 17.11 0.84 29.71
C PHE G 462 17.99 1.94 29.16
N GLU G 463 17.53 3.16 29.27
CA GLU G 463 18.32 4.32 28.82
C GLU G 463 19.62 4.49 29.62
N LEU G 464 19.49 4.26 30.92
CA LEU G 464 20.56 4.38 31.89
C LEU G 464 21.52 3.19 32.00
N TYR G 465 20.98 1.99 31.91
CA TYR G 465 21.72 0.77 32.21
C TYR G 465 21.82 -0.32 31.12
N TYR G 466 21.24 -0.19 29.92
CA TYR G 466 21.35 -1.27 28.95
C TYR G 466 22.79 -1.53 28.54
N SER G 467 23.60 -0.52 28.29
CA SER G 467 24.99 -0.73 27.93
C SER G 467 25.96 -0.93 29.09
N VAL G 468 25.48 -1.36 30.25
CA VAL G 468 26.32 -1.69 31.39
C VAL G 468 27.11 -2.96 31.01
N SER H 1 -20.06 51.81 33.20
CA SER H 1 -20.24 51.77 34.67
C SER H 1 -20.63 50.38 35.17
N ALA H 2 -20.44 50.02 36.46
CA ALA H 2 -20.90 48.74 37.00
C ALA H 2 -22.37 48.44 36.67
N GLU H 3 -23.18 49.47 36.94
CA GLU H 3 -24.62 49.51 36.66
C GLU H 3 -25.02 49.00 35.27
N HIS H 4 -24.28 49.50 34.28
CA HIS H 4 -24.43 49.12 32.88
C HIS H 4 -24.07 47.67 32.60
N VAL H 5 -22.93 47.20 33.15
CA VAL H 5 -22.52 45.81 32.95
C VAL H 5 -23.61 44.87 33.50
N LEU H 6 -24.05 45.21 34.72
CA LEU H 6 -25.10 44.47 35.40
C LEU H 6 -26.42 44.38 34.65
N THR H 7 -26.77 45.38 33.83
CA THR H 7 -27.96 45.24 32.99
C THR H 7 -27.65 44.31 31.83
N MET H 8 -26.51 44.47 31.12
CA MET H 8 -26.13 43.61 30.00
C MET H 8 -26.20 42.12 30.31
N LEU H 9 -25.78 41.81 31.54
CA LEU H 9 -25.87 40.47 32.07
C LEU H 9 -27.29 39.90 31.96
N ASN H 10 -28.34 40.66 32.33
CA ASN H 10 -29.73 40.22 32.14
C ASN H 10 -30.24 40.38 30.71
N GLU H 11 -29.84 41.50 30.12
CA GLU H 11 -30.17 41.94 28.77
C GLU H 11 -29.67 41.00 27.66
N HIS H 12 -28.72 40.16 28.05
CA HIS H 12 -28.14 39.18 27.16
C HIS H 12 -28.09 37.75 27.68
N GLU H 13 -28.68 37.47 28.85
CA GLU H 13 -28.62 36.15 29.49
C GLU H 13 -27.23 35.50 29.51
N VAL H 14 -26.33 36.43 29.87
CA VAL H 14 -24.92 36.14 29.97
C VAL H 14 -24.66 35.03 30.98
N LYS H 15 -24.14 33.86 30.60
CA LYS H 15 -23.83 32.78 31.52
C LYS H 15 -22.47 32.89 32.20
N PHE H 16 -21.54 33.57 31.53
CA PHE H 16 -20.17 33.74 32.01
C PHE H 16 -19.56 35.09 31.71
N VAL H 17 -18.61 35.50 32.54
CA VAL H 17 -17.87 36.73 32.34
C VAL H 17 -16.39 36.37 32.22
N ASP H 18 -15.79 36.81 31.12
CA ASP H 18 -14.41 36.51 30.84
C ASP H 18 -13.46 37.65 31.21
N LEU H 19 -12.71 37.48 32.29
CA LEU H 19 -11.75 38.50 32.69
C LEU H 19 -10.48 38.42 31.87
N ARG H 20 -10.19 39.47 31.12
CA ARG H 20 -9.00 39.48 30.29
C ARG H 20 -7.95 40.52 30.61
N PHE H 21 -6.68 40.19 30.45
CA PHE H 21 -5.60 41.14 30.61
C PHE H 21 -4.42 40.86 29.67
N THR H 22 -3.48 41.77 29.46
CA THR H 22 -2.34 41.53 28.57
C THR H 22 -1.07 41.37 29.36
N ASP H 23 -0.19 40.43 29.03
CA ASP H 23 1.06 40.28 29.77
C ASP H 23 2.18 41.13 29.17
N THR H 24 3.42 41.01 29.66
CA THR H 24 4.52 41.84 29.17
C THR H 24 4.84 41.59 27.73
N LYS H 25 4.82 40.33 27.32
CA LYS H 25 5.03 40.00 25.92
C LYS H 25 3.94 40.49 24.98
N GLY H 26 2.74 40.78 25.49
CA GLY H 26 1.65 41.23 24.64
C GLY H 26 0.47 40.27 24.45
N LYS H 27 0.61 39.04 24.93
CA LYS H 27 -0.45 38.06 24.78
C LYS H 27 -1.54 38.24 25.81
N GLU H 28 -2.74 38.35 25.26
CA GLU H 28 -3.96 38.41 26.04
C GLU H 28 -4.26 37.11 26.77
N GLN H 29 -4.27 37.28 28.07
CA GLN H 29 -4.61 36.27 29.05
C GLN H 29 -6.07 36.37 29.43
N HIS H 30 -6.64 35.30 29.98
CA HIS H 30 -8.02 35.34 30.43
C HIS H 30 -8.37 34.28 31.48
N VAL H 31 -9.30 34.61 32.36
CA VAL H 31 -9.86 33.69 33.35
C VAL H 31 -11.39 33.89 33.36
N THR H 32 -12.19 32.86 33.61
CA THR H 32 -13.65 32.96 33.45
C THR H 32 -14.41 32.77 34.75
N ILE H 33 -15.30 33.69 35.03
CA ILE H 33 -16.15 33.71 36.21
C ILE H 33 -17.59 33.39 35.76
N PRO H 34 -18.43 32.67 36.48
CA PRO H 34 -19.86 32.55 36.21
C PRO H 34 -20.53 33.90 36.36
N ALA H 35 -21.48 34.32 35.52
CA ALA H 35 -22.13 35.63 35.64
C ALA H 35 -22.64 35.97 37.03
N HIS H 36 -23.14 34.92 37.69
CA HIS H 36 -23.57 35.03 39.08
C HIS H 36 -22.50 35.39 40.13
N GLN H 37 -21.29 35.80 39.77
CA GLN H 37 -20.27 36.26 40.71
C GLN H 37 -19.98 37.73 40.47
N VAL H 38 -20.62 38.29 39.45
CA VAL H 38 -20.56 39.71 39.18
C VAL H 38 -21.66 40.39 40.01
N ASN H 39 -21.18 41.15 40.98
CA ASN H 39 -21.99 41.97 41.88
C ASN H 39 -21.14 43.06 42.49
N ALA H 40 -21.66 44.16 43.02
CA ALA H 40 -20.91 45.25 43.67
C ALA H 40 -19.44 45.02 44.06
N GLU H 41 -19.22 44.10 45.02
CA GLU H 41 -17.91 43.60 45.47
C GLU H 41 -16.85 43.44 44.37
N PHE H 42 -17.28 42.81 43.26
CA PHE H 42 -16.47 42.58 42.08
C PHE H 42 -15.93 43.89 41.51
N PHE H 43 -16.75 44.79 40.97
CA PHE H 43 -16.27 46.07 40.43
C PHE H 43 -15.61 47.00 41.45
N GLU H 44 -15.78 46.64 42.72
CA GLU H 44 -15.25 47.41 43.85
C GLU H 44 -13.82 47.00 44.20
N GLU H 45 -13.72 45.78 44.71
CA GLU H 45 -12.44 45.22 45.14
C GLU H 45 -11.76 44.15 44.27
N GLY H 46 -12.12 44.13 42.98
CA GLY H 46 -11.62 43.17 42.01
C GLY H 46 -11.66 41.67 42.36
N LYS H 47 -10.85 40.87 41.65
CA LYS H 47 -10.68 39.45 41.93
C LYS H 47 -9.20 39.06 42.01
N MET H 48 -8.81 38.28 43.01
CA MET H 48 -7.42 37.89 43.21
C MET H 48 -6.99 36.75 42.30
N PHE H 49 -5.78 36.81 41.77
CA PHE H 49 -5.27 35.68 41.03
C PHE H 49 -3.78 35.46 41.30
N ASP H 50 -3.26 34.27 41.01
CA ASP H 50 -1.82 34.13 41.13
C ASP H 50 -1.08 34.68 39.91
N GLY H 51 -0.67 35.92 40.12
CA GLY H 51 0.13 36.63 39.13
C GLY H 51 1.51 36.01 38.92
N SER H 52 1.99 35.28 39.92
CA SER H 52 3.31 34.61 39.89
C SER H 52 3.68 33.78 38.65
N SER H 53 2.75 32.99 38.10
CA SER H 53 3.09 32.21 36.91
C SER H 53 2.88 32.95 35.59
N ILE H 54 2.56 34.25 35.59
CA ILE H 54 2.57 35.03 34.36
C ILE H 54 4.03 35.45 34.10
N GLY H 55 4.50 35.15 32.90
CA GLY H 55 5.87 35.45 32.49
C GLY H 55 6.33 36.90 32.66
N GLY H 56 7.32 37.08 33.52
CA GLY H 56 7.90 38.39 33.78
C GLY H 56 7.27 39.17 34.94
N TRP H 57 6.40 38.52 35.72
CA TRP H 57 5.72 39.17 36.83
C TRP H 57 6.04 38.69 38.26
N ASP H 64 0.35 36.49 44.59
CA ASP H 64 -1.00 37.02 44.41
C ASP H 64 -1.18 38.51 44.11
N MET H 65 -2.06 38.75 43.15
CA MET H 65 -2.34 40.07 42.60
C MET H 65 -3.84 40.27 42.36
N VAL H 66 -4.29 41.51 42.11
CA VAL H 66 -5.71 41.69 41.85
C VAL H 66 -6.11 42.21 40.46
N LEU H 67 -7.03 41.46 39.86
CA LEU H 67 -7.67 41.81 38.61
C LEU H 67 -8.79 42.80 38.86
N MET H 68 -8.60 44.03 38.39
CA MET H 68 -9.61 45.06 38.57
C MET H 68 -10.42 45.32 37.32
N PRO H 69 -11.67 44.88 37.26
CA PRO H 69 -12.48 44.97 36.06
C PRO H 69 -12.74 46.40 35.57
N ASP H 70 -12.39 46.80 34.35
CA ASP H 70 -12.75 48.12 33.85
C ASP H 70 -14.11 48.03 33.13
N ALA H 71 -15.18 48.38 33.83
CA ALA H 71 -16.53 48.25 33.29
C ALA H 71 -16.88 49.00 32.01
N SER H 72 -15.99 49.88 31.57
CA SER H 72 -16.19 50.59 30.31
C SER H 72 -15.96 49.66 29.11
N THR H 73 -15.09 48.68 29.34
CA THR H 73 -14.70 47.71 28.32
C THR H 73 -15.63 46.55 28.05
N ALA H 74 -16.82 46.42 28.63
CA ALA H 74 -17.65 45.24 28.45
C ALA H 74 -18.16 44.98 27.05
N VAL H 75 -17.75 43.84 26.51
CA VAL H 75 -18.18 43.40 25.17
C VAL H 75 -18.69 41.97 25.18
N ILE H 76 -19.70 41.61 24.40
CA ILE H 76 -20.12 40.22 24.35
C ILE H 76 -19.18 39.44 23.41
N ASP H 77 -18.70 38.26 23.79
CA ASP H 77 -17.78 37.46 22.98
C ASP H 77 -18.42 36.82 21.77
N PRO H 78 -18.07 37.11 20.51
CA PRO H 78 -18.82 36.65 19.33
C PRO H 78 -18.59 35.17 19.01
N PHE H 79 -17.71 34.51 19.77
CA PHE H 79 -17.33 33.15 19.49
C PHE H 79 -17.64 32.06 20.53
N PHE H 80 -17.52 32.30 21.84
CA PHE H 80 -17.77 31.21 22.80
C PHE H 80 -19.21 30.66 22.68
N ALA H 81 -19.43 29.36 22.87
CA ALA H 81 -20.77 28.80 22.71
C ALA H 81 -21.84 29.26 23.71
N ASP H 82 -21.42 29.52 24.95
CA ASP H 82 -22.31 30.00 25.99
C ASP H 82 -22.18 31.51 26.11
N SER H 83 -23.28 32.23 26.35
CA SER H 83 -23.21 33.69 26.41
C SER H 83 -22.22 34.29 27.40
N THR H 84 -21.19 34.90 26.83
CA THR H 84 -20.10 35.45 27.64
C THR H 84 -19.80 36.92 27.44
N LEU H 85 -19.64 37.62 28.56
CA LEU H 85 -19.35 39.03 28.49
C LEU H 85 -17.89 39.21 28.86
N ILE H 86 -17.08 39.71 27.93
CA ILE H 86 -15.67 40.01 28.16
C ILE H 86 -15.52 41.31 28.93
N ILE H 87 -14.70 41.32 29.98
CA ILE H 87 -14.38 42.57 30.68
C ILE H 87 -12.87 42.67 30.78
N ARG H 88 -12.28 43.71 30.19
CA ARG H 88 -10.84 43.94 30.30
C ARG H 88 -10.48 44.32 31.74
N CYS H 89 -9.35 43.92 32.23
CA CYS H 89 -8.95 44.24 33.60
C CYS H 89 -7.62 44.96 33.75
N ASP H 90 -7.38 45.63 34.86
CA ASP H 90 -6.05 46.12 35.14
C ASP H 90 -5.49 45.32 36.29
N ILE H 91 -4.19 45.10 36.24
CA ILE H 91 -3.52 44.37 37.31
C ILE H 91 -3.12 45.35 38.39
N LEU H 92 -3.71 45.25 39.55
CA LEU H 92 -3.35 46.12 40.64
C LEU H 92 -2.59 45.38 41.73
N GLU H 93 -1.77 46.21 42.36
CA GLU H 93 -0.99 45.79 43.51
C GLU H 93 -1.95 45.59 44.69
N PRO H 94 -2.04 44.43 45.34
CA PRO H 94 -3.18 44.03 46.17
C PRO H 94 -3.36 44.76 47.50
N GLY H 95 -4.61 45.01 47.92
CA GLY H 95 -4.91 45.77 49.13
C GLY H 95 -4.67 47.27 48.95
N THR H 96 -3.39 47.59 48.79
CA THR H 96 -2.87 48.92 48.45
C THR H 96 -3.41 49.54 47.15
N LEU H 97 -3.86 48.65 46.25
CA LEU H 97 -4.59 48.94 45.02
C LEU H 97 -4.18 50.01 44.00
N GLN H 98 -2.90 50.00 43.66
CA GLN H 98 -2.34 51.02 42.78
C GLN H 98 -2.05 50.64 41.33
N GLY H 99 -1.75 49.37 41.06
CA GLY H 99 -1.52 49.02 39.66
C GLY H 99 -0.08 48.66 39.39
N TYR H 100 0.13 47.37 39.15
CA TYR H 100 1.43 46.76 38.90
C TYR H 100 2.35 47.59 38.00
N ASP H 101 3.55 48.06 38.34
CA ASP H 101 4.32 48.94 37.44
C ASP H 101 5.03 48.31 36.24
N ARG H 102 4.60 47.06 36.09
CA ARG H 102 4.99 46.07 35.12
C ARG H 102 3.76 45.60 34.29
N ASP H 103 2.55 46.02 34.66
CA ASP H 103 1.32 45.77 33.93
C ASP H 103 1.27 46.73 32.74
N PRO H 104 1.34 46.26 31.49
CA PRO H 104 1.37 47.11 30.32
C PRO H 104 0.17 48.04 30.18
N ARG H 105 -1.05 47.68 30.59
CA ARG H 105 -2.17 48.60 30.46
C ARG H 105 -1.98 49.77 31.41
N SER H 106 -1.62 49.50 32.67
CA SER H 106 -1.28 50.57 33.61
C SER H 106 -0.21 51.51 33.06
N ILE H 107 0.93 50.98 32.58
CA ILE H 107 1.93 51.81 31.90
C ILE H 107 1.32 52.67 30.77
N ALA H 108 0.41 52.16 29.94
CA ALA H 108 -0.20 52.97 28.90
C ALA H 108 -1.01 54.12 29.49
N LYS H 109 -1.83 53.81 30.51
CA LYS H 109 -2.63 54.83 31.18
C LYS H 109 -1.76 55.91 31.82
N ARG H 110 -0.66 55.52 32.45
CA ARG H 110 0.32 56.46 32.98
C ARG H 110 0.89 57.37 31.91
N ALA H 111 1.32 56.84 30.77
CA ALA H 111 1.81 57.68 29.68
C ALA H 111 0.76 58.69 29.22
N GLU H 112 -0.53 58.35 29.22
CA GLU H 112 -1.57 59.29 28.86
C GLU H 112 -1.71 60.41 29.91
N ASP H 113 -1.77 60.05 31.20
CA ASP H 113 -1.79 61.06 32.25
C ASP H 113 -0.56 61.93 32.30
N TYR H 114 0.66 61.40 32.16
CA TYR H 114 1.86 62.21 32.04
C TYR H 114 1.74 63.22 30.90
N LEU H 115 1.15 62.88 29.75
CA LEU H 115 0.93 63.82 28.66
C LEU H 115 0.08 65.00 29.15
N ARG H 116 -0.98 64.69 29.90
CA ARG H 116 -1.85 65.70 30.48
C ARG H 116 -1.12 66.58 31.50
N ALA H 117 -0.37 65.96 32.41
CA ALA H 117 0.44 66.68 33.40
C ALA H 117 1.50 67.60 32.79
N THR H 118 2.02 67.28 31.61
CA THR H 118 2.96 68.20 30.95
C THR H 118 2.23 69.32 30.25
N GLY H 119 0.92 69.23 30.07
CA GLY H 119 0.13 70.25 29.38
C GLY H 119 0.45 70.46 27.90
N ILE H 120 1.30 69.61 27.31
CA ILE H 120 1.66 69.74 25.89
C ILE H 120 0.44 69.45 25.01
N ALA H 121 -0.43 68.55 25.46
CA ALA H 121 -1.71 68.27 24.81
C ALA H 121 -2.66 67.52 25.74
N ASP H 122 -3.96 67.43 25.41
CA ASP H 122 -4.89 66.67 26.26
C ASP H 122 -4.98 65.21 25.85
N THR H 123 -4.90 64.97 24.54
CA THR H 123 -5.00 63.60 24.04
C THR H 123 -4.01 63.15 22.97
N VAL H 124 -3.59 61.88 23.06
CA VAL H 124 -2.78 61.24 22.02
C VAL H 124 -3.64 60.36 21.13
N LEU H 125 -3.56 60.56 19.84
CA LEU H 125 -4.27 59.72 18.92
C LEU H 125 -3.37 58.77 18.11
N PHE H 126 -3.64 57.50 18.28
CA PHE H 126 -2.97 56.40 17.58
C PHE H 126 -3.83 55.65 16.58
N GLY H 127 -3.19 55.38 15.45
CA GLY H 127 -3.81 54.64 14.37
C GLY H 127 -2.87 53.59 13.80
N PRO H 128 -2.81 52.41 14.41
CA PRO H 128 -1.96 51.30 14.00
C PRO H 128 -2.44 50.63 12.72
N GLU H 129 -1.60 50.23 11.78
CA GLU H 129 -2.06 49.54 10.58
C GLU H 129 -1.54 48.08 10.60
N PRO H 130 -2.03 47.16 11.43
CA PRO H 130 -1.49 45.82 11.60
C PRO H 130 -1.75 44.92 10.40
N GLU H 131 -0.73 44.24 9.93
CA GLU H 131 -0.94 43.25 8.87
C GLU H 131 -0.79 41.83 9.41
N PHE H 132 -1.44 40.90 8.73
CA PHE H 132 -1.36 39.51 9.16
C PHE H 132 -1.28 38.55 8.00
N PHE H 133 -0.88 37.33 8.32
CA PHE H 133 -0.91 36.26 7.34
C PHE H 133 -1.96 35.23 7.67
N LEU H 134 -2.60 34.70 6.67
CA LEU H 134 -3.66 33.70 6.83
C LEU H 134 -3.28 32.40 6.11
N PHE H 135 -2.65 31.47 6.82
CA PHE H 135 -2.20 30.19 6.24
C PHE H 135 -3.16 29.03 6.46
N ASP H 136 -3.01 27.86 5.79
CA ASP H 136 -3.81 26.64 6.02
C ASP H 136 -3.11 25.65 6.95
N ASP H 137 -1.79 25.61 6.83
CA ASP H 137 -0.98 24.67 7.58
C ASP H 137 0.36 25.26 7.94
N ILE H 138 0.70 25.16 9.22
CA ILE H 138 2.00 25.62 9.66
C ILE H 138 2.58 24.53 10.58
N ARG H 139 3.69 23.95 10.16
CA ARG H 139 4.39 22.97 10.95
C ARG H 139 5.80 23.42 11.20
N PHE H 140 6.25 23.22 12.42
CA PHE H 140 7.64 23.53 12.74
C PHE H 140 8.15 22.74 13.93
N GLY H 141 9.44 22.76 14.19
CA GLY H 141 10.00 22.10 15.35
C GLY H 141 11.52 22.13 15.33
N ALA H 142 12.08 22.00 16.51
CA ALA H 142 13.51 21.98 16.73
C ALA H 142 13.79 20.89 17.76
N SER H 143 14.81 20.09 17.52
CA SER H 143 15.22 18.96 18.33
C SER H 143 16.75 18.82 18.22
N ILE H 144 17.44 18.01 19.03
CA ILE H 144 18.88 17.83 18.86
C ILE H 144 19.29 17.43 17.44
N SER H 145 18.55 16.56 16.77
CA SER H 145 18.89 16.06 15.44
C SER H 145 18.49 16.96 14.29
N GLY H 146 17.95 18.14 14.59
CA GLY H 146 17.57 19.07 13.52
C GLY H 146 16.44 20.04 13.85
N SER H 147 16.00 20.76 12.81
CA SER H 147 14.91 21.71 12.97
C SER H 147 14.25 22.07 11.66
N HIS H 148 12.99 22.53 11.69
CA HIS H 148 12.26 22.83 10.48
C HIS H 148 11.06 23.73 10.67
N VAL H 149 10.66 24.39 9.61
CA VAL H 149 9.39 25.08 9.52
C VAL H 149 8.90 24.90 8.09
N ALA H 150 7.60 24.67 8.00
CA ALA H 150 6.90 24.40 6.77
C ALA H 150 5.59 25.18 6.75
N ILE H 151 5.50 26.13 5.84
CA ILE H 151 4.34 27.01 5.69
C ILE H 151 3.52 26.54 4.51
N ASP H 152 2.21 26.48 4.69
CA ASP H 152 1.38 26.19 3.55
C ASP H 152 0.02 26.84 3.55
N ASP H 153 -0.27 27.33 2.36
CA ASP H 153 -1.52 27.96 2.05
C ASP H 153 -1.88 27.82 0.57
N ILE H 154 -3.19 27.70 0.33
CA ILE H 154 -3.76 27.55 -0.98
C ILE H 154 -3.32 28.63 -1.96
N GLU H 155 -3.08 29.83 -1.44
CA GLU H 155 -2.63 30.97 -2.23
C GLU H 155 -1.10 31.03 -2.43
N GLY H 156 -0.37 30.05 -1.94
CA GLY H 156 1.08 30.13 -1.97
C GLY H 156 1.50 29.95 -3.40
N ALA H 157 2.22 30.88 -3.99
CA ALA H 157 2.65 30.74 -5.38
C ALA H 157 3.31 29.39 -5.67
N TRP H 158 3.97 28.85 -4.64
CA TRP H 158 4.55 27.53 -4.76
C TRP H 158 3.54 26.43 -5.01
N ASN H 159 2.24 26.54 -4.75
CA ASN H 159 1.30 25.47 -5.04
C ASN H 159 0.81 25.34 -6.48
N SER H 160 1.38 26.15 -7.37
CA SER H 160 1.04 26.06 -8.81
C SER H 160 1.27 24.68 -9.42
N SER H 161 2.22 23.95 -8.84
CA SER H 161 2.56 22.59 -9.25
C SER H 161 1.87 21.46 -8.53
N THR H 162 1.19 21.82 -7.44
CA THR H 162 0.53 20.87 -6.53
C THR H 162 -0.67 20.10 -7.01
N LYS H 163 -0.69 18.78 -6.81
CA LYS H 163 -1.88 18.01 -7.09
C LYS H 163 -2.87 18.14 -5.92
N TYR H 164 -4.10 18.54 -6.24
CA TYR H 164 -5.08 18.73 -5.20
C TYR H 164 -6.30 17.82 -5.11
N GLU H 165 -6.63 16.90 -5.99
CA GLU H 165 -7.82 16.00 -5.91
C GLU H 165 -9.20 16.66 -6.07
N GLY H 166 -9.33 17.93 -5.71
CA GLY H 166 -10.43 18.69 -6.29
C GLY H 166 -10.11 19.12 -7.75
N GLY H 167 -8.81 19.29 -7.97
CA GLY H 167 -8.27 19.83 -9.20
C GLY H 167 -7.41 21.05 -8.81
N ASN H 168 -6.48 21.63 -9.58
CA ASN H 168 -5.70 22.70 -8.98
C ASN H 168 -6.30 24.09 -9.20
N LYS H 169 -7.02 24.40 -10.24
CA LYS H 169 -7.62 25.74 -10.42
C LYS H 169 -6.72 26.98 -10.58
N GLY H 170 -5.45 26.93 -10.18
CA GLY H 170 -4.40 27.89 -10.61
C GLY H 170 -4.52 29.41 -10.46
N HIS H 171 -5.59 30.02 -9.98
CA HIS H 171 -5.58 31.45 -9.77
C HIS H 171 -5.00 31.67 -8.38
N ARG H 172 -3.87 32.35 -8.27
CA ARG H 172 -3.16 32.45 -7.00
C ARG H 172 -2.28 33.71 -7.01
N PRO H 173 -2.06 34.49 -5.96
CA PRO H 173 -1.14 35.62 -6.01
C PRO H 173 0.31 35.18 -6.18
N GLY H 174 1.01 35.65 -7.20
CA GLY H 174 2.46 35.34 -7.33
C GLY H 174 3.33 35.90 -6.19
N VAL H 175 4.69 35.79 -6.05
CA VAL H 175 5.29 36.24 -4.80
C VAL H 175 5.07 37.72 -4.47
N LYS H 176 5.31 38.79 -5.23
CA LYS H 176 4.89 40.11 -4.69
C LYS H 176 3.57 40.65 -5.28
N GLY H 177 2.73 39.70 -5.69
CA GLY H 177 1.52 39.99 -6.44
C GLY H 177 0.19 39.85 -5.71
N GLY H 178 0.20 39.82 -4.38
CA GLY H 178 -1.04 39.75 -3.62
C GLY H 178 -1.77 41.09 -3.56
N TYR H 179 -1.07 42.16 -3.95
CA TYR H 179 -1.65 43.49 -3.96
C TYR H 179 -2.55 43.85 -5.15
N PHE H 180 -3.73 43.54 -4.63
CA PHE H 180 -5.09 43.80 -5.09
C PHE H 180 -5.94 43.03 -6.08
N PRO H 181 -5.56 41.93 -6.73
CA PRO H 181 -6.36 41.32 -7.79
C PRO H 181 -7.72 40.85 -7.27
N VAL H 182 -8.76 40.94 -8.09
CA VAL H 182 -10.08 40.47 -7.65
C VAL H 182 -10.13 38.96 -7.47
N PRO H 183 -11.08 38.40 -6.72
CA PRO H 183 -11.40 36.97 -6.76
C PRO H 183 -11.52 36.37 -8.16
N PRO H 184 -11.19 35.11 -8.43
CA PRO H 184 -10.63 34.17 -7.46
C PRO H 184 -9.17 34.26 -7.05
N VAL H 185 -8.32 35.17 -7.54
CA VAL H 185 -6.90 35.26 -7.13
C VAL H 185 -6.84 35.61 -5.63
N ASP H 186 -7.70 36.50 -5.18
CA ASP H 186 -7.78 36.81 -3.77
C ASP H 186 -8.80 35.86 -3.15
N SER H 187 -8.31 34.83 -2.48
CA SER H 187 -9.20 33.89 -1.81
C SER H 187 -9.91 34.40 -0.56
N ALA H 188 -9.45 35.49 0.06
CA ALA H 188 -10.00 35.90 1.35
C ALA H 188 -11.06 37.00 1.47
N GLN H 189 -11.78 37.35 0.39
CA GLN H 189 -12.80 38.41 0.49
C GLN H 189 -13.84 38.18 1.57
N ASP H 190 -14.48 37.01 1.59
CA ASP H 190 -15.41 36.68 2.67
C ASP H 190 -14.77 36.57 4.04
N ILE H 191 -13.53 36.06 4.20
CA ILE H 191 -12.91 35.98 5.51
C ILE H 191 -12.60 37.38 6.01
N ARG H 192 -12.04 38.28 5.20
CA ARG H 192 -11.84 39.65 5.67
C ARG H 192 -13.14 40.40 5.94
N SER H 193 -14.18 40.34 5.10
CA SER H 193 -15.44 41.03 5.42
C SER H 193 -16.08 40.57 6.71
N GLU H 194 -16.01 39.27 6.97
CA GLU H 194 -16.47 38.67 8.23
C GLU H 194 -15.69 39.17 9.43
N MET H 195 -14.36 39.29 9.25
CA MET H 195 -13.51 39.86 10.28
C MET H 195 -13.93 41.31 10.55
N CYS H 196 -14.27 42.05 9.50
CA CYS H 196 -14.74 43.42 9.66
C CYS H 196 -16.03 43.48 10.45
N LEU H 197 -17.03 42.67 10.08
CA LEU H 197 -18.29 42.65 10.79
C LEU H 197 -18.10 42.22 12.24
N VAL H 198 -17.35 41.19 12.58
CA VAL H 198 -17.17 40.83 13.99
C VAL H 198 -16.38 41.92 14.73
N MET H 199 -15.42 42.61 14.12
CA MET H 199 -14.70 43.69 14.82
C MET H 199 -15.62 44.81 15.24
N GLU H 200 -16.51 45.19 14.32
CA GLU H 200 -17.47 46.24 14.63
C GLU H 200 -18.44 45.82 15.72
N GLN H 201 -18.88 44.57 15.72
CA GLN H 201 -19.71 44.01 16.77
C GLN H 201 -19.03 44.06 18.15
N MET H 202 -17.70 44.16 18.14
CA MET H 202 -16.90 44.27 19.34
C MET H 202 -16.44 45.69 19.63
N GLY H 203 -16.96 46.62 18.84
CA GLY H 203 -16.74 48.04 19.06
C GLY H 203 -15.65 48.73 18.26
N LEU H 204 -15.16 48.13 17.21
CA LEU H 204 -14.13 48.78 16.43
C LEU H 204 -14.73 49.44 15.20
N VAL H 205 -14.10 50.42 14.58
CA VAL H 205 -14.68 50.93 13.35
C VAL H 205 -13.79 50.63 12.17
N VAL H 206 -14.24 49.74 11.32
CA VAL H 206 -13.46 49.40 10.14
C VAL H 206 -13.54 50.53 9.11
N GLU H 207 -12.41 50.82 8.48
CA GLU H 207 -12.32 51.80 7.41
C GLU H 207 -12.15 51.18 6.02
N ALA H 208 -11.38 50.10 5.98
CA ALA H 208 -11.15 49.36 4.74
C ALA H 208 -10.56 47.98 4.98
N HIS H 209 -10.72 47.02 4.08
CA HIS H 209 -10.01 45.76 4.22
C HIS H 209 -9.53 45.35 2.85
N HIS H 210 -8.32 44.85 2.77
CA HIS H 210 -7.79 44.40 1.50
C HIS H 210 -6.67 43.39 1.64
N HIS H 211 -6.42 42.67 0.56
CA HIS H 211 -5.28 41.76 0.50
C HIS H 211 -3.98 42.56 0.48
N GLU H 212 -2.91 42.07 1.11
CA GLU H 212 -1.63 42.77 1.05
C GLU H 212 -0.68 42.23 -0.01
N VAL H 213 0.56 42.69 -0.08
CA VAL H 213 1.49 42.37 -1.15
C VAL H 213 1.91 40.92 -1.31
N ALA H 214 2.09 40.23 -0.20
CA ALA H 214 2.57 38.87 -0.27
C ALA H 214 1.65 37.76 -0.80
N THR H 215 2.25 36.81 -1.51
CA THR H 215 1.58 35.55 -1.85
C THR H 215 1.24 34.81 -0.56
N ALA H 216 0.58 33.65 -0.55
CA ALA H 216 0.30 32.92 0.69
C ALA H 216 -0.42 33.62 1.84
N GLY H 217 -1.39 34.45 1.45
CA GLY H 217 -2.35 35.01 2.39
C GLY H 217 -2.02 36.26 3.21
N GLN H 218 -1.31 37.28 2.71
CA GLN H 218 -1.13 38.47 3.53
C GLN H 218 -2.38 39.34 3.44
N ASN H 219 -2.89 39.83 4.57
CA ASN H 219 -4.12 40.61 4.60
C ASN H 219 -4.09 41.80 5.55
N GLU H 220 -5.01 42.73 5.36
CA GLU H 220 -5.10 43.92 6.21
C GLU H 220 -6.52 44.41 6.39
N VAL H 221 -6.90 44.55 7.64
CA VAL H 221 -8.15 45.18 7.97
C VAL H 221 -7.78 46.51 8.62
N ALA H 222 -8.05 47.62 7.94
CA ALA H 222 -7.75 48.97 8.41
C ALA H 222 -8.85 49.44 9.36
N THR H 223 -8.44 50.02 10.47
CA THR H 223 -9.39 50.33 11.53
C THR H 223 -9.28 51.77 12.08
N ARG H 224 -10.36 52.53 12.30
CA ARG H 224 -10.36 53.91 12.81
C ARG H 224 -9.69 54.07 14.17
N PHE H 225 -8.92 55.15 14.15
CA PHE H 225 -8.07 55.57 15.26
C PHE H 225 -8.73 55.69 16.62
N ASN H 226 -7.87 55.88 17.59
CA ASN H 226 -8.34 56.15 18.93
C ASN H 226 -7.28 56.77 19.82
N THR H 227 -7.68 57.02 21.05
CA THR H 227 -6.72 57.49 22.02
C THR H 227 -5.83 56.32 22.37
N MET H 228 -4.56 56.56 22.66
CA MET H 228 -3.61 55.51 22.97
C MET H 228 -4.07 54.28 23.77
N THR H 229 -4.33 54.27 25.08
CA THR H 229 -4.76 53.04 25.75
C THR H 229 -6.02 52.41 25.18
N LYS H 230 -6.97 53.18 24.63
CA LYS H 230 -8.16 52.56 24.07
C LYS H 230 -7.80 51.82 22.78
N LYS H 231 -6.93 52.42 21.98
CA LYS H 231 -6.46 51.81 20.74
C LYS H 231 -5.62 50.58 21.00
N ALA H 232 -4.76 50.62 22.00
CA ALA H 232 -4.00 49.45 22.41
C ALA H 232 -4.92 48.30 22.78
N ASP H 233 -6.02 48.51 23.51
CA ASP H 233 -7.02 47.45 23.71
C ASP H 233 -7.69 47.06 22.39
N GLU H 234 -8.00 48.01 21.50
CA GLU H 234 -8.57 47.65 20.20
C GLU H 234 -7.63 46.78 19.38
N ILE H 235 -6.31 46.90 19.53
CA ILE H 235 -5.38 45.99 18.87
C ILE H 235 -5.52 44.61 19.49
N GLN H 236 -5.64 44.47 20.81
CA GLN H 236 -5.90 43.17 21.43
C GLN H 236 -7.21 42.56 20.95
N ILE H 237 -8.31 43.29 20.75
CA ILE H 237 -9.53 42.72 20.16
C ILE H 237 -9.31 42.40 18.69
N TYR H 238 -8.64 43.27 17.92
CA TYR H 238 -8.32 43.08 16.50
C TYR H 238 -7.65 41.73 16.29
N LYS H 239 -6.55 41.55 17.02
CA LYS H 239 -5.86 40.28 16.99
C LYS H 239 -6.73 39.09 17.38
N TYR H 240 -7.59 39.20 18.39
CA TYR H 240 -8.46 38.10 18.83
C TYR H 240 -9.48 37.71 17.76
N VAL H 241 -10.10 38.70 17.12
CA VAL H 241 -11.03 38.43 16.04
C VAL H 241 -10.29 37.81 14.86
N VAL H 242 -9.15 38.35 14.41
CA VAL H 242 -8.39 37.76 13.31
C VAL H 242 -8.02 36.30 13.61
N HIS H 243 -7.46 36.01 14.79
CA HIS H 243 -7.15 34.64 15.17
C HIS H 243 -8.37 33.73 15.20
N ASN H 244 -9.51 34.12 15.77
CA ASN H 244 -10.67 33.24 15.81
C ASN H 244 -11.55 33.17 14.57
N VAL H 245 -11.76 34.20 13.76
CA VAL H 245 -12.52 34.09 12.53
C VAL H 245 -11.72 33.23 11.56
N ALA H 246 -10.39 33.43 11.46
CA ALA H 246 -9.54 32.59 10.64
C ALA H 246 -9.71 31.11 10.99
N HIS H 247 -9.71 30.88 12.31
CA HIS H 247 -9.92 29.55 12.85
C HIS H 247 -11.27 28.95 12.45
N ARG H 248 -12.37 29.73 12.51
CA ARG H 248 -13.69 29.25 12.08
C ARG H 248 -13.70 28.88 10.60
N PHE H 249 -12.92 29.61 9.83
CA PHE H 249 -12.76 29.36 8.40
C PHE H 249 -11.78 28.25 8.02
N GLY H 250 -11.16 27.60 9.00
CA GLY H 250 -10.20 26.52 8.74
C GLY H 250 -8.79 27.00 8.44
N LYS H 251 -8.59 28.29 8.60
CA LYS H 251 -7.29 28.89 8.42
C LYS H 251 -6.61 29.09 9.79
N THR H 252 -5.34 29.46 9.70
CA THR H 252 -4.57 29.85 10.88
C THR H 252 -3.93 31.21 10.59
N ALA H 253 -4.16 32.18 11.46
CA ALA H 253 -3.57 33.48 11.23
C ALA H 253 -2.39 33.73 12.11
N THR H 254 -1.46 34.52 11.58
CA THR H 254 -0.29 34.90 12.37
C THR H 254 0.14 36.34 12.21
N PHE H 255 0.46 36.93 13.37
CA PHE H 255 0.98 38.28 13.33
C PHE H 255 2.51 38.34 13.36
N MET H 256 3.26 37.27 13.12
CA MET H 256 4.71 37.38 13.23
C MET H 256 5.27 38.15 12.05
N PRO H 257 6.27 38.99 12.27
CA PRO H 257 6.72 40.04 11.35
C PRO H 257 7.17 39.54 9.99
N LYS H 258 7.92 38.44 10.02
CA LYS H 258 8.55 37.88 8.82
C LYS H 258 8.49 36.34 8.73
N PRO H 259 7.38 35.71 8.32
CA PRO H 259 7.27 34.26 8.27
C PRO H 259 7.93 33.67 7.04
N MET H 260 8.03 34.40 5.94
CA MET H 260 8.62 33.91 4.71
C MET H 260 9.76 34.78 4.20
N PHE H 261 10.90 34.21 3.90
CA PHE H 261 11.97 34.96 3.24
C PHE H 261 11.63 35.15 1.76
N GLY H 262 11.86 36.32 1.18
CA GLY H 262 11.64 36.46 -0.27
C GLY H 262 10.32 37.06 -0.68
N ASP H 263 9.57 37.44 0.33
CA ASP H 263 8.33 38.15 0.12
C ASP H 263 8.04 39.06 1.30
N ASN H 264 7.03 39.91 1.17
CA ASN H 264 6.66 40.84 2.21
C ASN H 264 6.49 40.33 3.65
N GLY H 265 6.81 41.25 4.55
CA GLY H 265 6.62 41.03 5.96
C GLY H 265 5.41 41.80 6.44
N SER H 266 4.93 41.42 7.59
CA SER H 266 3.80 42.09 8.19
C SER H 266 4.31 43.17 9.16
N GLY H 267 4.08 44.42 8.80
CA GLY H 267 4.36 45.52 9.69
C GLY H 267 3.11 46.16 10.29
N MET H 268 3.25 46.87 11.40
CA MET H 268 2.14 47.58 12.03
C MET H 268 2.54 49.04 12.13
N HIS H 269 2.23 49.83 11.11
CA HIS H 269 2.63 51.24 11.14
C HIS H 269 1.77 52.05 12.08
N CYS H 270 2.39 52.83 12.93
CA CYS H 270 1.62 53.70 13.79
C CYS H 270 1.44 55.13 13.30
N HIS H 271 0.22 55.51 12.93
CA HIS H 271 -0.10 56.91 12.72
C HIS H 271 -0.29 57.59 14.05
N MET H 272 0.40 58.68 14.29
CA MET H 272 0.24 59.42 15.52
C MET H 272 -0.07 60.88 15.32
N SER H 273 -0.83 61.37 16.30
CA SER H 273 -1.14 62.79 16.39
C SER H 273 -1.44 63.28 17.79
N LEU H 274 -1.15 64.54 18.04
CA LEU H 274 -1.45 65.14 19.34
C LEU H 274 -2.51 66.22 19.30
N ALA H 275 -3.33 66.28 20.34
CA ALA H 275 -4.35 67.30 20.40
C ALA H 275 -4.61 68.00 21.73
N LYS H 276 -4.63 69.33 21.69
CA LYS H 276 -4.93 70.15 22.86
C LYS H 276 -6.26 70.83 22.56
N ASN H 277 -7.15 71.00 23.55
CA ASN H 277 -8.49 71.57 23.39
C ASN H 277 -9.17 71.51 22.01
N GLY H 278 -9.35 70.26 21.56
CA GLY H 278 -9.99 69.97 20.27
C GLY H 278 -9.22 70.37 19.00
N THR H 279 -7.94 70.70 19.13
CA THR H 279 -7.12 71.11 18.00
C THR H 279 -5.84 70.31 17.83
N ASN H 280 -5.59 70.06 16.55
CA ASN H 280 -4.44 69.26 16.17
C ASN H 280 -3.08 69.96 16.18
N LEU H 281 -2.37 69.82 17.30
CA LEU H 281 -1.02 70.34 17.44
C LEU H 281 -0.02 69.97 16.36
N PHE H 282 -0.26 68.88 15.62
CA PHE H 282 0.67 68.52 14.57
C PHE H 282 0.43 69.31 13.30
N SER H 283 -0.75 69.88 13.12
CA SER H 283 -0.96 70.76 11.97
C SER H 283 -0.30 72.12 12.19
N GLY H 284 0.02 72.78 11.10
CA GLY H 284 0.66 74.07 11.15
C GLY H 284 1.29 74.48 9.82
N ASP H 285 2.28 75.33 9.95
CA ASP H 285 3.10 75.77 8.81
C ASP H 285 4.23 74.76 8.52
N LYS H 286 5.54 75.09 8.53
CA LYS H 286 6.66 74.13 8.36
C LYS H 286 6.59 73.03 7.28
N TYR H 287 7.45 71.99 7.26
CA TYR H 287 7.36 70.92 6.25
C TYR H 287 6.00 70.24 6.12
N ALA H 288 5.44 70.28 4.91
CA ALA H 288 4.17 69.62 4.60
C ALA H 288 2.98 69.74 5.56
N GLY H 289 2.69 70.98 6.00
CA GLY H 289 1.57 71.23 6.91
C GLY H 289 1.86 70.97 8.38
N LEU H 290 3.10 70.61 8.67
CA LEU H 290 3.43 70.30 10.04
C LEU H 290 3.77 71.45 10.98
N SER H 291 3.44 71.35 12.24
CA SER H 291 3.91 72.35 13.20
C SER H 291 5.37 72.13 13.65
N GLU H 292 5.98 73.14 14.28
CA GLU H 292 7.31 72.98 14.86
C GLU H 292 7.28 71.95 16.02
N GLN H 293 6.10 71.89 16.64
CA GLN H 293 5.73 70.97 17.73
C GLN H 293 5.85 69.52 17.27
N ALA H 294 5.27 69.27 16.10
CA ALA H 294 5.33 67.98 15.41
C ALA H 294 6.75 67.60 15.01
N LEU H 295 7.52 68.52 14.46
CA LEU H 295 8.91 68.27 14.12
C LEU H 295 9.73 67.83 15.32
N TYR H 296 9.55 68.41 16.50
CA TYR H 296 10.24 67.92 17.70
C TYR H 296 9.77 66.54 18.13
N TYR H 297 8.49 66.20 17.91
CA TYR H 297 7.99 64.83 18.16
C TYR H 297 8.77 63.85 17.28
N ILE H 298 8.88 64.10 15.97
CA ILE H 298 9.71 63.30 15.07
C ILE H 298 11.16 63.22 15.58
N GLY H 299 11.77 64.36 15.94
CA GLY H 299 13.12 64.37 16.50
C GLY H 299 13.28 63.50 17.74
N GLY H 300 12.28 63.43 18.62
CA GLY H 300 12.34 62.55 19.78
C GLY H 300 12.25 61.07 19.39
N VAL H 301 11.34 60.73 18.46
CA VAL H 301 11.24 59.36 17.94
C VAL H 301 12.56 58.95 17.31
N ILE H 302 13.12 59.73 16.39
CA ILE H 302 14.43 59.44 15.79
C ILE H 302 15.54 59.38 16.84
N LYS H 303 15.62 60.30 17.79
CA LYS H 303 16.60 60.28 18.89
C LYS H 303 16.56 58.97 19.69
N HIS H 304 15.36 58.43 19.90
CA HIS H 304 15.24 57.21 20.70
C HIS H 304 14.85 55.95 19.94
N ALA H 305 14.86 56.00 18.60
CA ALA H 305 14.46 54.87 17.76
C ALA H 305 14.99 53.50 18.18
N LYS H 306 16.29 53.29 18.36
CA LYS H 306 16.78 51.97 18.79
C LYS H 306 16.22 51.48 20.14
N ALA H 307 15.89 52.35 21.09
CA ALA H 307 15.30 51.91 22.35
C ALA H 307 13.83 51.57 22.12
N ILE H 308 13.16 52.36 21.28
CA ILE H 308 11.79 52.08 20.87
C ILE H 308 11.74 50.72 20.16
N ASN H 309 12.74 50.36 19.32
CA ASN H 309 12.77 49.07 18.63
C ASN H 309 12.65 47.88 19.57
N ALA H 310 13.24 47.92 20.76
CA ALA H 310 13.10 46.86 21.75
C ALA H 310 11.67 46.58 22.19
N LEU H 311 10.78 47.55 21.98
CA LEU H 311 9.37 47.43 22.33
C LEU H 311 8.45 47.36 21.09
N ALA H 312 8.78 48.09 20.03
CA ALA H 312 8.02 48.12 18.78
C ALA H 312 8.37 47.01 17.77
N ASN H 313 9.52 46.38 17.97
CA ASN H 313 10.05 45.27 17.18
C ASN H 313 10.68 44.22 18.12
N PRO H 314 9.93 43.58 19.00
CA PRO H 314 10.46 42.86 20.16
C PRO H 314 10.86 41.42 19.91
N THR H 315 10.82 40.97 18.65
CA THR H 315 11.10 39.56 18.37
C THR H 315 12.35 39.42 17.54
N THR H 316 13.16 38.36 17.65
CA THR H 316 14.32 38.21 16.75
C THR H 316 13.87 38.24 15.29
N ASN H 317 12.70 37.67 15.00
CA ASN H 317 12.12 37.68 13.65
C ASN H 317 11.80 39.09 13.12
N SER H 318 11.58 40.05 14.00
CA SER H 318 11.30 41.42 13.58
C SER H 318 12.35 42.01 12.67
N TYR H 319 13.58 41.65 13.00
CA TYR H 319 14.72 42.18 12.27
C TYR H 319 14.97 41.48 10.94
N LYS H 320 14.32 40.34 10.68
CA LYS H 320 14.32 39.76 9.33
C LYS H 320 13.51 40.65 8.39
N ARG H 321 12.55 41.42 8.93
CA ARG H 321 11.77 42.39 8.16
C ARG H 321 12.54 43.69 8.00
N LEU H 322 13.11 44.17 9.11
CA LEU H 322 13.91 45.39 9.09
C LEU H 322 15.33 45.23 8.56
N VAL H 323 15.42 44.84 7.30
CA VAL H 323 16.71 44.72 6.63
C VAL H 323 16.75 45.74 5.51
N PRO H 324 17.91 46.35 5.20
CA PRO H 324 18.13 47.24 4.06
C PRO H 324 17.32 47.17 2.76
N PRO H 329 11.81 49.72 5.84
CA PRO H 329 11.86 51.09 6.37
C PRO H 329 12.93 51.25 7.46
N VAL H 330 14.19 51.08 7.09
CA VAL H 330 15.27 51.18 8.05
C VAL H 330 15.84 52.56 8.36
N MET H 331 15.70 53.50 7.41
CA MET H 331 16.18 54.87 7.53
C MET H 331 15.44 55.80 8.49
N LEU H 332 16.05 56.19 9.61
CA LEU H 332 15.47 57.18 10.50
C LEU H 332 15.50 58.59 9.89
N ALA H 333 14.45 58.83 9.14
CA ALA H 333 14.27 60.08 8.42
C ALA H 333 12.80 60.37 8.18
N TYR H 334 12.38 61.62 8.26
CA TYR H 334 11.03 61.95 7.87
C TYR H 334 10.94 62.44 6.43
N SER H 335 9.79 62.18 5.84
CA SER H 335 9.51 62.63 4.48
C SER H 335 8.07 62.48 4.01
N ALA H 336 7.59 63.36 3.16
CA ALA H 336 6.29 63.20 2.53
C ALA H 336 6.52 62.40 1.24
N ARG H 337 7.71 62.59 0.67
CA ARG H 337 8.17 61.82 -0.50
C ARG H 337 8.88 60.46 -0.26
N ASN H 338 10.06 60.35 0.37
CA ASN H 338 10.78 59.07 0.50
C ASN H 338 10.16 57.86 1.23
N ARG H 339 9.41 56.93 0.61
CA ARG H 339 8.98 55.68 1.29
C ARG H 339 10.19 54.74 1.19
N SER H 340 10.99 54.97 2.21
CA SER H 340 12.31 54.39 2.52
C SER H 340 12.73 55.01 3.85
N ALA H 341 12.19 56.23 4.05
CA ALA H 341 12.19 56.91 5.33
C ALA H 341 11.18 56.23 6.24
N SER H 342 11.60 55.91 7.46
CA SER H 342 10.75 55.26 8.44
C SER H 342 9.70 56.18 9.07
N ILE H 343 9.82 57.49 8.90
CA ILE H 343 8.81 58.43 9.36
C ILE H 343 8.17 59.05 8.12
N ARG H 344 6.97 58.65 7.75
CA ARG H 344 6.26 59.23 6.62
C ARG H 344 5.29 60.32 7.10
N ILE H 345 5.29 61.48 6.46
CA ILE H 345 4.33 62.53 6.78
C ILE H 345 3.25 62.35 5.73
N PRO H 346 2.10 61.74 6.06
CA PRO H 346 1.07 61.40 5.09
C PRO H 346 0.51 62.65 4.45
N VAL H 347 0.33 62.61 3.14
CA VAL H 347 -0.25 63.75 2.44
C VAL H 347 -1.75 63.69 2.71
N VAL H 348 -2.12 64.37 3.80
CA VAL H 348 -3.52 64.39 4.16
C VAL H 348 -4.31 65.24 3.16
N ALA H 349 -3.76 66.40 2.73
CA ALA H 349 -4.37 67.40 1.80
C ALA H 349 -5.62 68.14 2.35
N SER H 350 -6.41 67.27 2.96
CA SER H 350 -7.54 67.47 3.84
C SER H 350 -7.12 68.33 5.07
N PRO H 351 -7.88 68.55 6.14
CA PRO H 351 -7.67 69.76 6.96
C PRO H 351 -6.55 69.89 8.02
N LYS H 352 -6.70 68.97 8.93
CA LYS H 352 -6.09 68.93 10.26
C LYS H 352 -6.20 67.53 10.89
N ALA H 353 -6.55 66.62 9.98
CA ALA H 353 -6.11 65.25 10.07
C ALA H 353 -4.57 65.15 9.82
N ARG H 354 -3.78 66.23 9.93
CA ARG H 354 -2.32 66.22 9.88
C ARG H 354 -1.73 65.32 10.96
N ARG H 355 -0.81 64.46 10.56
CA ARG H 355 -0.26 63.48 11.48
C ARG H 355 1.11 62.95 11.06
N ILE H 356 1.85 62.29 11.93
CA ILE H 356 3.03 61.58 11.44
C ILE H 356 2.76 60.07 11.38
N GLU H 357 3.43 59.36 10.49
CA GLU H 357 3.32 57.92 10.45
C GLU H 357 4.66 57.23 10.67
N VAL H 358 4.85 56.52 11.77
CA VAL H 358 6.10 55.78 11.96
C VAL H 358 5.93 54.38 11.35
N ARG H 359 6.61 54.11 10.23
CA ARG H 359 6.49 52.86 9.48
C ARG H 359 7.17 51.62 10.04
N PHE H 360 8.12 51.74 10.95
CA PHE H 360 8.85 50.58 11.40
C PHE H 360 8.31 49.59 12.44
N PRO H 361 7.33 49.80 13.31
CA PRO H 361 6.90 48.77 14.27
C PRO H 361 6.21 47.57 13.60
N ASP H 362 6.03 46.44 14.28
CA ASP H 362 5.31 45.31 13.68
C ASP H 362 4.29 44.61 14.57
N PRO H 363 3.30 43.85 14.08
CA PRO H 363 2.25 43.24 14.91
C PRO H 363 2.76 42.49 16.13
N ALA H 364 4.04 42.07 16.20
CA ALA H 364 4.52 41.34 17.38
C ALA H 364 4.66 42.21 18.63
N ALA H 365 4.66 43.53 18.42
CA ALA H 365 4.82 44.47 19.51
C ALA H 365 3.69 44.51 20.54
N ASN H 366 4.01 44.64 21.83
CA ASN H 366 2.95 44.77 22.84
C ASN H 366 2.29 46.14 22.65
N PRO H 367 1.05 46.28 22.18
CA PRO H 367 0.55 47.57 21.72
C PRO H 367 0.61 48.62 22.81
N TYR H 368 0.43 48.24 24.09
CA TYR H 368 0.54 49.20 25.19
C TYR H 368 1.96 49.72 25.31
N LEU H 369 2.94 48.85 25.57
CA LEU H 369 4.32 49.29 25.68
C LEU H 369 4.87 49.96 24.40
N CYS H 370 4.50 49.48 23.22
CA CYS H 370 4.93 50.06 21.95
C CYS H 370 4.41 51.48 21.79
N PHE H 371 3.12 51.69 22.04
CA PHE H 371 2.56 53.03 21.94
C PHE H 371 3.05 53.98 23.05
N ALA H 372 3.08 53.52 24.31
CA ALA H 372 3.66 54.28 25.41
C ALA H 372 5.09 54.73 25.06
N ALA H 373 5.99 53.85 24.63
CA ALA H 373 7.32 54.26 24.19
C ALA H 373 7.33 55.24 23.01
N LEU H 374 6.53 55.09 21.94
CA LEU H 374 6.49 56.10 20.89
C LEU H 374 6.07 57.47 21.46
N LEU H 375 5.07 57.51 22.35
CA LEU H 375 4.60 58.75 22.95
C LEU H 375 5.69 59.38 23.82
N MET H 376 6.21 58.69 24.84
CA MET H 376 7.32 59.19 25.65
C MET H 376 8.53 59.68 24.84
N ALA H 377 8.91 59.02 23.75
CA ALA H 377 9.99 59.50 22.89
C ALA H 377 9.62 60.82 22.21
N GLY H 378 8.42 60.86 21.64
CA GLY H 378 7.92 62.04 20.98
C GLY H 378 7.77 63.25 21.89
N LEU H 379 7.35 63.04 23.14
CA LEU H 379 7.29 64.13 24.10
C LEU H 379 8.70 64.61 24.43
N ASP H 380 9.65 63.75 24.81
CA ASP H 380 11.05 64.17 25.02
C ASP H 380 11.62 65.00 23.85
N GLY H 381 11.16 64.80 22.62
CA GLY H 381 11.56 65.66 21.51
C GLY H 381 11.04 67.09 21.69
N ILE H 382 9.72 67.22 21.85
CA ILE H 382 9.04 68.50 22.13
C ILE H 382 9.69 69.20 23.33
N LYS H 383 9.68 68.48 24.44
CA LYS H 383 10.26 68.89 25.70
C LYS H 383 11.71 69.39 25.68
N ASN H 384 12.49 68.97 24.69
CA ASN H 384 13.87 69.45 24.53
C ASN H 384 14.15 70.03 23.14
N LYS H 385 13.14 70.54 22.41
CA LYS H 385 13.32 71.13 21.07
C LYS H 385 14.22 70.32 20.12
N ILE H 386 14.25 68.98 20.29
CA ILE H 386 15.10 68.08 19.50
C ILE H 386 14.65 68.15 18.04
N HIS H 387 15.30 69.07 17.34
CA HIS H 387 14.92 69.34 15.98
C HIS H 387 15.35 68.25 15.01
N PRO H 388 14.39 67.63 14.32
CA PRO H 388 14.61 66.46 13.47
C PRO H 388 15.68 66.67 12.40
N GLY H 389 15.53 67.64 11.49
CA GLY H 389 16.59 67.92 10.53
C GLY H 389 16.00 68.36 9.20
N GLU H 390 16.23 67.57 8.16
CA GLU H 390 15.69 67.85 6.84
C GLU H 390 15.18 66.58 6.16
N PRO H 391 14.07 66.65 5.42
CA PRO H 391 13.49 65.50 4.74
C PRO H 391 14.27 64.86 3.60
N MET H 392 14.61 63.58 3.76
CA MET H 392 15.13 62.82 2.63
C MET H 392 13.99 62.67 1.62
N ASP H 393 14.09 63.09 0.36
CA ASP H 393 12.98 62.89 -0.55
C ASP H 393 13.25 62.10 -1.84
N ILE H 407 23.19 59.01 7.55
CA ILE H 407 21.76 58.87 7.82
C ILE H 407 21.42 57.65 8.71
N PRO H 408 20.96 57.87 9.96
CA PRO H 408 20.86 56.84 10.98
C PRO H 408 19.76 55.79 10.79
N GLN H 409 19.95 54.59 11.32
CA GLN H 409 19.00 53.51 11.11
C GLN H 409 18.46 52.86 12.37
N VAL H 410 17.34 52.18 12.24
CA VAL H 410 16.75 51.39 13.34
C VAL H 410 17.72 50.33 13.87
N ALA H 411 17.52 49.79 15.07
CA ALA H 411 18.39 48.71 15.56
C ALA H 411 18.46 47.56 14.56
N GLY H 412 19.64 47.07 14.26
CA GLY H 412 19.76 45.98 13.30
C GLY H 412 19.54 44.58 13.86
N SER H 413 19.22 44.47 15.15
CA SER H 413 18.94 43.20 15.79
C SER H 413 18.30 43.37 17.15
N LEU H 414 17.60 42.34 17.66
CA LEU H 414 16.99 42.43 18.97
C LEU H 414 18.03 42.70 20.05
N GLU H 415 19.22 42.12 19.95
CA GLU H 415 20.27 42.34 20.96
C GLU H 415 20.71 43.81 21.01
N GLU H 416 20.83 44.40 19.83
CA GLU H 416 21.14 45.82 19.73
C GLU H 416 20.02 46.65 20.35
N ALA H 417 18.78 46.42 19.91
CA ALA H 417 17.60 47.07 20.47
C ALA H 417 17.50 46.95 22.00
N LEU H 418 17.76 45.77 22.56
CA LEU H 418 17.72 45.59 24.00
C LEU H 418 18.85 46.37 24.67
N ASN H 419 20.09 46.38 24.18
CA ASN H 419 21.16 47.21 24.76
C ASN H 419 20.80 48.70 24.77
N ALA H 420 20.28 49.12 23.62
CA ALA H 420 19.79 50.47 23.44
C ALA H 420 18.68 50.83 24.42
N LEU H 421 17.66 50.00 24.66
CA LEU H 421 16.62 50.29 25.65
C LEU H 421 17.29 50.40 27.02
N ASP H 422 18.15 49.45 27.37
CA ASP H 422 18.89 49.47 28.62
C ASP H 422 19.69 50.74 28.88
N LEU H 423 20.28 51.33 27.85
CA LEU H 423 21.04 52.57 28.03
C LEU H 423 20.22 53.85 27.86
N ASP H 424 19.25 53.87 26.96
CA ASP H 424 18.41 55.03 26.71
C ASP H 424 17.09 55.00 27.50
N ARG H 425 17.23 54.40 28.67
CA ARG H 425 16.20 54.17 29.67
C ARG H 425 15.50 55.41 30.23
N GLU H 426 16.18 56.56 30.24
CA GLU H 426 15.65 57.78 30.84
C GLU H 426 14.31 58.34 30.36
N PHE H 427 14.13 58.50 29.05
CA PHE H 427 12.88 59.04 28.55
C PHE H 427 11.66 58.17 28.87
N LEU H 428 11.86 56.86 29.02
CA LEU H 428 10.75 56.01 29.43
C LEU H 428 10.42 56.23 30.89
N LYS H 429 11.37 56.49 31.79
CA LYS H 429 11.09 56.68 33.22
C LYS H 429 10.43 58.01 33.63
N ALA H 430 10.39 58.97 32.71
CA ALA H 430 9.72 60.24 32.92
C ALA H 430 8.29 60.15 33.48
N GLY H 431 8.10 60.79 34.62
CA GLY H 431 6.82 60.78 35.31
C GLY H 431 6.39 59.43 35.86
N GLY H 432 7.27 58.46 36.01
CA GLY H 432 6.87 57.17 36.60
C GLY H 432 6.23 56.18 35.64
N VAL H 433 6.05 56.60 34.37
CA VAL H 433 5.62 55.71 33.28
C VAL H 433 6.78 54.70 33.21
N PHE H 434 6.72 53.38 33.41
CA PHE H 434 7.93 52.53 33.36
C PHE H 434 8.97 52.72 34.47
N THR H 435 9.00 51.77 35.38
CA THR H 435 10.10 51.77 36.35
C THR H 435 11.36 51.03 35.84
N ASP H 436 12.50 51.18 36.50
CA ASP H 436 13.66 50.32 36.22
C ASP H 436 13.40 48.84 36.34
N GLU H 437 12.67 48.37 37.36
CA GLU H 437 12.36 46.94 37.48
C GLU H 437 11.58 46.44 36.25
N ALA H 438 10.63 47.28 35.83
CA ALA H 438 9.83 47.03 34.65
C ALA H 438 10.69 46.91 33.39
N ILE H 439 11.57 47.89 33.13
CA ILE H 439 12.49 47.83 31.99
C ILE H 439 13.47 46.66 32.12
N ASP H 440 14.11 46.43 33.25
CA ASP H 440 14.97 45.27 33.45
C ASP H 440 14.31 43.91 33.27
N ALA H 441 13.09 43.69 33.76
CA ALA H 441 12.39 42.42 33.59
C ALA H 441 12.01 42.16 32.15
N TYR H 442 11.66 43.24 31.45
CA TYR H 442 11.38 43.18 30.01
C TYR H 442 12.62 42.73 29.24
N ILE H 443 13.76 43.38 29.39
CA ILE H 443 14.99 42.97 28.71
C ILE H 443 15.34 41.52 29.07
N ALA H 444 15.22 41.12 30.33
CA ALA H 444 15.41 39.73 30.74
C ALA H 444 14.57 38.73 29.94
N LEU H 445 13.27 38.98 29.73
CA LEU H 445 12.45 38.11 28.90
C LEU H 445 12.95 38.06 27.48
N ARG H 446 13.07 39.22 26.81
CA ARG H 446 13.55 39.27 25.44
C ARG H 446 14.96 38.67 25.22
N ARG H 447 15.81 38.70 26.24
CA ARG H 447 17.13 38.10 26.11
C ARG H 447 17.12 36.58 26.04
N GLU H 448 16.28 35.95 26.86
CA GLU H 448 16.11 34.50 26.86
C GLU H 448 15.73 33.97 25.46
N GLU H 449 14.88 34.77 24.80
CA GLU H 449 14.40 34.47 23.47
C GLU H 449 15.50 34.65 22.46
N ASP H 450 16.18 35.78 22.54
CA ASP H 450 17.32 36.04 21.66
C ASP H 450 18.35 34.93 21.76
N ASP H 451 18.69 34.47 22.96
CA ASP H 451 19.63 33.36 23.16
C ASP H 451 19.25 32.05 22.49
N ARG H 452 18.00 31.63 22.62
CA ARG H 452 17.55 30.38 22.00
C ARG H 452 17.75 30.43 20.49
N VAL H 453 17.37 31.57 19.89
CA VAL H 453 17.60 31.77 18.47
C VAL H 453 19.11 31.82 18.14
N ARG H 454 19.96 32.43 18.98
CA ARG H 454 21.40 32.57 18.76
C ARG H 454 22.20 31.27 18.86
N MET H 455 21.81 30.38 19.77
CA MET H 455 22.48 29.10 20.02
C MET H 455 22.01 27.90 19.20
N THR H 456 20.87 27.98 18.55
CA THR H 456 20.34 26.88 17.76
C THR H 456 20.81 26.96 16.31
N PRO H 457 21.54 26.01 15.73
CA PRO H 457 21.98 26.10 14.34
C PRO H 457 20.82 26.24 13.36
N HIS H 458 21.04 27.13 12.42
CA HIS H 458 20.05 27.47 11.41
C HIS H 458 20.19 26.56 10.18
N PRO H 459 19.11 26.06 9.55
CA PRO H 459 19.21 25.35 8.29
C PRO H 459 20.08 25.98 7.20
N VAL H 460 20.06 27.26 6.81
CA VAL H 460 20.97 27.71 5.75
C VAL H 460 22.44 27.63 6.15
N GLU H 461 22.77 27.48 7.46
CA GLU H 461 24.17 27.25 7.84
C GLU H 461 24.62 25.89 7.29
N PHE H 462 23.77 24.86 7.27
CA PHE H 462 24.17 23.59 6.67
C PHE H 462 24.38 23.77 5.19
N GLU H 463 23.58 24.63 4.58
CA GLU H 463 23.74 24.93 3.15
C GLU H 463 25.06 25.62 2.83
N LEU H 464 25.44 26.52 3.74
CA LEU H 464 26.65 27.31 3.64
C LEU H 464 27.94 26.66 4.10
N TYR H 465 27.86 25.88 5.17
CA TYR H 465 29.05 25.34 5.85
C TYR H 465 29.17 23.82 6.00
N TYR H 466 28.25 22.96 5.57
CA TYR H 466 28.41 21.53 5.79
C TYR H 466 29.65 20.99 5.08
N SER H 467 29.93 21.36 3.85
CA SER H 467 31.11 20.90 3.15
C SER H 467 32.40 21.66 3.44
N VAL H 468 32.50 22.34 4.58
CA VAL H 468 33.71 23.02 5.02
C VAL H 468 34.74 21.91 5.35
N SER I 1 -25.61 58.52 -10.45
CA SER I 1 -25.28 59.68 -9.60
C SER I 1 -24.97 59.26 -8.15
N ALA I 2 -24.29 60.07 -7.33
CA ALA I 2 -24.06 59.75 -5.92
C ALA I 2 -25.35 59.37 -5.18
N GLU I 3 -26.34 60.24 -5.39
CA GLU I 3 -27.71 60.10 -4.89
C GLU I 3 -28.32 58.70 -5.03
N HIS I 4 -28.16 58.18 -6.25
CA HIS I 4 -28.60 56.85 -6.62
C HIS I 4 -27.85 55.73 -5.90
N VAL I 5 -26.51 55.83 -5.83
CA VAL I 5 -25.71 54.83 -5.13
C VAL I 5 -26.16 54.76 -3.66
N LEU I 6 -26.28 55.95 -3.06
CA LEU I 6 -26.74 56.10 -1.69
C LEU I 6 -28.11 55.50 -1.40
N THR I 7 -29.03 55.46 -2.36
CA THR I 7 -30.30 54.75 -2.13
C THR I 7 -30.06 53.25 -2.20
N MET I 8 -29.34 52.74 -3.22
CA MET I 8 -29.04 51.31 -3.36
C MET I 8 -28.47 50.67 -2.10
N LEU I 9 -27.62 51.44 -1.44
CA LEU I 9 -27.05 51.07 -0.16
C LEU I 9 -28.14 50.70 0.86
N ASN I 10 -29.20 51.51 1.00
CA ASN I 10 -30.33 51.14 1.87
C ASN I 10 -31.29 50.12 1.27
N GLU I 11 -31.51 50.31 -0.02
CA GLU I 11 -32.39 49.50 -0.87
C GLU I 11 -31.97 48.03 -1.02
N HIS I 12 -30.71 47.80 -0.65
CA HIS I 12 -30.13 46.47 -0.68
C HIS I 12 -29.42 46.03 0.58
N GLU I 13 -29.47 46.82 1.67
CA GLU I 13 -28.74 46.54 2.91
C GLU I 13 -27.29 46.10 2.73
N VAL I 14 -26.71 46.90 1.83
CA VAL I 14 -25.34 46.75 1.42
C VAL I 14 -24.40 46.88 2.62
N LYS I 15 -23.64 45.85 3.01
CA LYS I 15 -22.70 45.93 4.11
C LYS I 15 -21.32 46.49 3.74
N PHE I 16 -20.96 46.31 2.47
CA PHE I 16 -19.66 46.74 1.95
C PHE I 16 -19.70 47.29 0.53
N VAL I 17 -18.75 48.15 0.22
CA VAL I 17 -18.60 48.69 -1.12
C VAL I 17 -17.20 48.33 -1.62
N ASP I 18 -17.18 47.68 -2.78
CA ASP I 18 -15.94 47.22 -3.37
C ASP I 18 -15.39 48.14 -4.45
N LEU I 19 -14.33 48.88 -4.12
CA LEU I 19 -13.72 49.77 -5.10
C LEU I 19 -12.84 49.01 -6.06
N ARG I 20 -13.19 49.03 -7.33
CA ARG I 20 -12.41 48.32 -8.34
C ARG I 20 -11.75 49.16 -9.41
N PHE I 21 -10.56 48.77 -9.86
CA PHE I 21 -9.89 49.43 -10.96
C PHE I 21 -9.06 48.46 -11.80
N THR I 22 -8.62 48.79 -13.00
CA THR I 22 -7.82 47.88 -13.82
C THR I 22 -6.39 48.36 -13.91
N ASP I 23 -5.38 47.50 -13.81
CA ASP I 23 -3.99 47.94 -13.92
C ASP I 23 -3.50 47.92 -15.38
N THR I 24 -2.22 48.19 -15.62
CA THR I 24 -1.68 48.25 -16.98
C THR I 24 -1.77 46.93 -17.69
N LYS I 25 -1.47 45.85 -16.98
CA LYS I 25 -1.62 44.52 -17.57
C LYS I 25 -3.05 44.11 -17.88
N GLY I 26 -4.04 44.74 -17.26
CA GLY I 26 -5.44 44.38 -17.51
C GLY I 26 -6.19 43.71 -16.36
N LYS I 27 -5.47 43.34 -15.30
CA LYS I 27 -6.09 42.68 -14.17
C LYS I 27 -6.81 43.68 -13.26
N GLU I 28 -8.07 43.34 -13.04
CA GLU I 28 -8.92 44.06 -12.12
C GLU I 28 -8.50 43.87 -10.67
N GLN I 29 -8.15 45.02 -10.13
CA GLN I 29 -7.79 45.21 -8.74
C GLN I 29 -8.99 45.64 -7.92
N HIS I 30 -8.94 45.46 -6.61
CA HIS I 30 -10.02 45.91 -5.75
C HIS I 30 -9.64 46.12 -4.29
N VAL I 31 -10.30 47.07 -3.64
CA VAL I 31 -10.15 47.33 -2.21
C VAL I 31 -11.56 47.53 -1.62
N THR I 32 -11.82 47.14 -0.37
CA THR I 32 -13.20 47.15 0.16
C THR I 32 -13.38 48.10 1.33
N ILE I 33 -14.40 48.91 1.22
CA ILE I 33 -14.80 49.90 2.22
C ILE I 33 -16.08 49.42 2.89
N PRO I 34 -16.34 49.60 4.19
CA PRO I 34 -17.65 49.37 4.80
C PRO I 34 -18.66 50.33 4.22
N ALA I 35 -19.92 49.95 3.96
CA ALA I 35 -20.92 50.86 3.36
C ALA I 35 -21.05 52.20 4.09
N HIS I 36 -20.91 52.12 5.41
CA HIS I 36 -20.89 53.31 6.24
C HIS I 36 -19.74 54.32 6.02
N GLN I 37 -18.94 54.22 4.97
CA GLN I 37 -17.91 55.20 4.64
C GLN I 37 -18.26 55.89 3.33
N VAL I 38 -19.33 55.43 2.70
CA VAL I 38 -19.87 56.07 1.52
C VAL I 38 -20.83 57.19 1.97
N ASN I 39 -20.37 58.40 1.70
CA ASN I 39 -21.08 59.65 1.96
C ASN I 39 -20.52 60.74 1.09
N ALA I 40 -21.22 61.86 0.81
CA ALA I 40 -20.73 62.99 0.01
C ALA I 40 -19.23 63.09 -0.33
N GLU I 41 -18.41 63.31 0.72
CA GLU I 41 -16.94 63.30 0.70
C GLU I 41 -16.30 62.28 -0.25
N PHE I 42 -16.80 61.04 -0.16
CA PHE I 42 -16.38 59.92 -0.99
C PHE I 42 -16.54 60.23 -2.48
N PHE I 43 -17.75 60.37 -3.01
CA PHE I 43 -17.96 60.69 -4.43
C PHE I 43 -17.38 62.03 -4.88
N GLU I 44 -17.00 62.84 -3.90
CA GLU I 44 -16.47 64.17 -4.12
C GLU I 44 -14.96 64.15 -4.33
N GLU I 45 -14.26 63.83 -3.23
CA GLU I 45 -12.81 63.78 -3.21
C GLU I 45 -12.10 62.41 -3.22
N GLY I 46 -12.81 61.38 -3.70
CA GLY I 46 -12.34 60.00 -3.74
C GLY I 46 -11.73 59.39 -2.46
N LYS I 47 -10.95 58.31 -2.64
CA LYS I 47 -10.21 57.68 -1.56
C LYS I 47 -8.75 57.44 -1.93
N MET I 48 -7.82 57.77 -1.04
CA MET I 48 -6.38 57.63 -1.31
C MET I 48 -5.89 56.20 -1.17
N PHE I 49 -5.02 55.75 -2.05
CA PHE I 49 -4.39 54.45 -1.86
C PHE I 49 -2.93 54.49 -2.27
N ASP I 50 -2.14 53.52 -1.82
CA ASP I 50 -0.78 53.46 -2.33
C ASP I 50 -0.70 52.79 -3.69
N GLY I 51 -0.72 53.68 -4.67
CA GLY I 51 -0.57 53.28 -6.07
C GLY I 51 0.79 52.68 -6.38
N SER I 52 1.80 53.01 -5.57
CA SER I 52 3.18 52.53 -5.73
C SER I 52 3.41 51.03 -5.95
N SER I 53 2.71 50.16 -5.21
CA SER I 53 2.89 48.73 -5.43
C SER I 53 2.03 48.12 -6.54
N ILE I 54 1.30 48.90 -7.32
CA ILE I 54 0.64 48.40 -8.52
C ILE I 54 1.70 48.37 -9.64
N GLY I 55 1.84 47.22 -10.26
CA GLY I 55 2.81 47.02 -11.34
C GLY I 55 2.75 47.99 -12.51
N GLY I 56 3.83 48.75 -12.66
CA GLY I 56 3.96 49.72 -13.74
C GLY I 56 3.50 51.13 -13.40
N TRP I 57 3.20 51.41 -12.13
CA TRP I 57 2.73 52.72 -11.71
C TRP I 57 3.62 53.56 -10.79
N ASP I 64 1.38 57.55 -3.28
CA ASP I 64 -0.06 57.78 -3.11
C ASP I 64 -0.83 58.44 -4.25
N MET I 65 -1.99 57.85 -4.50
CA MET I 65 -2.89 58.22 -5.59
C MET I 65 -4.35 58.22 -5.15
N VAL I 66 -5.26 58.77 -5.95
CA VAL I 66 -6.65 58.73 -5.55
C VAL I 66 -7.62 57.95 -6.45
N LEU I 67 -8.37 57.07 -5.77
CA LEU I 67 -9.44 56.31 -6.37
C LEU I 67 -10.71 57.14 -6.43
N MET I 68 -11.12 57.50 -7.63
CA MET I 68 -12.31 58.32 -7.80
C MET I 68 -13.52 57.50 -8.25
N PRO I 69 -14.48 57.24 -7.36
CA PRO I 69 -15.61 56.37 -7.67
C PRO I 69 -16.48 56.85 -8.82
N ASP I 70 -16.70 56.10 -9.90
CA ASP I 70 -17.65 56.50 -10.94
C ASP I 70 -19.04 55.94 -10.61
N ALA I 71 -19.90 56.75 -9.98
CA ALA I 71 -21.20 56.30 -9.53
C ALA I 71 -22.17 55.75 -10.55
N SER I 72 -21.85 55.88 -11.84
CA SER I 72 -22.67 55.30 -12.90
C SER I 72 -22.51 53.79 -12.96
N THR I 73 -21.33 53.34 -12.54
CA THR I 73 -20.96 51.93 -12.55
C THR I 73 -21.45 51.05 -11.41
N ALA I 74 -22.27 51.50 -10.47
CA ALA I 74 -22.65 50.68 -9.32
C ALA I 74 -23.44 49.42 -9.61
N VAL I 75 -22.85 48.29 -9.26
CA VAL I 75 -23.48 46.98 -9.43
C VAL I 75 -23.42 46.14 -8.16
N ILE I 76 -24.43 45.36 -7.82
CA ILE I 76 -24.32 44.50 -6.65
C ILE I 76 -23.52 43.23 -7.02
N ASP I 77 -22.55 42.82 -6.20
CA ASP I 77 -21.71 41.66 -6.48
C ASP I 77 -22.43 40.33 -6.34
N PRO I 78 -22.62 39.48 -7.35
CA PRO I 78 -23.48 38.29 -7.27
C PRO I 78 -22.86 37.14 -6.48
N PHE I 79 -21.62 37.32 -6.04
CA PHE I 79 -20.87 36.26 -5.38
C PHE I 79 -20.45 36.46 -3.92
N PHE I 80 -20.02 37.63 -3.48
CA PHE I 80 -19.54 37.76 -2.09
C PHE I 80 -20.65 37.39 -1.08
N ALA I 81 -20.33 36.78 0.05
CA ALA I 81 -21.35 36.38 1.02
C ALA I 81 -22.15 37.50 1.69
N ASP I 82 -21.48 38.62 1.95
CA ASP I 82 -22.11 39.78 2.56
C ASP I 82 -22.50 40.78 1.47
N SER I 83 -23.64 41.45 1.59
CA SER I 83 -24.08 42.37 0.55
C SER I 83 -23.10 43.47 0.16
N THR I 84 -22.59 43.34 -1.07
CA THR I 84 -21.58 44.26 -1.55
C THR I 84 -21.89 44.98 -2.85
N LEU I 85 -21.65 46.28 -2.86
CA LEU I 85 -21.92 47.07 -4.05
C LEU I 85 -20.58 47.39 -4.67
N ILE I 86 -20.34 46.93 -5.88
CA ILE I 86 -19.12 47.22 -6.65
C ILE I 86 -19.22 48.61 -7.25
N ILE I 87 -18.18 49.42 -7.12
CA ILE I 87 -18.12 50.71 -7.80
C ILE I 87 -16.79 50.79 -8.54
N ARG I 88 -16.82 50.91 -9.86
CA ARG I 88 -15.60 51.08 -10.66
C ARG I 88 -14.97 52.44 -10.36
N CYS I 89 -13.67 52.55 -10.36
CA CYS I 89 -13.00 53.82 -10.07
C CYS I 89 -12.04 54.30 -11.14
N ASP I 90 -11.73 55.59 -11.16
CA ASP I 90 -10.64 56.04 -12.00
C ASP I 90 -9.50 56.45 -11.10
N ILE I 91 -8.29 56.23 -11.58
CA ILE I 91 -7.12 56.62 -10.82
C ILE I 91 -6.76 58.05 -11.18
N LEU I 92 -6.88 58.95 -10.21
CA LEU I 92 -6.53 60.33 -10.45
C LEU I 92 -5.27 60.72 -9.73
N GLU I 93 -4.64 61.69 -10.39
CA GLU I 93 -3.43 62.31 -9.87
C GLU I 93 -3.84 63.18 -8.66
N PRO I 94 -3.30 63.01 -7.47
CA PRO I 94 -3.90 63.48 -6.21
C PRO I 94 -3.91 64.99 -5.97
N GLY I 95 -4.96 65.53 -5.34
CA GLY I 95 -5.10 66.97 -5.12
C GLY I 95 -5.49 67.72 -6.40
N THR I 96 -4.54 67.72 -7.33
CA THR I 96 -4.65 68.22 -8.70
C THR I 96 -5.76 67.59 -9.55
N LEU I 97 -6.12 66.35 -9.16
CA LEU I 97 -7.26 65.56 -9.65
C LEU I 97 -7.59 65.38 -11.14
N GLN I 98 -6.56 65.04 -11.91
CA GLN I 98 -6.71 64.93 -13.36
C GLN I 98 -6.78 63.53 -13.95
N GLY I 99 -6.14 62.54 -13.34
CA GLY I 99 -6.26 61.20 -13.91
C GLY I 99 -4.95 60.71 -14.47
N TYR I 100 -4.38 59.73 -13.76
CA TYR I 100 -3.10 59.12 -14.07
C TYR I 100 -2.87 58.83 -15.56
N ASP I 101 -1.87 59.34 -16.29
CA ASP I 101 -1.79 59.12 -17.74
C ASP I 101 -1.31 57.75 -18.25
N ARG I 102 -1.30 56.91 -17.22
CA ARG I 102 -0.91 55.52 -17.18
C ARG I 102 -2.08 54.62 -16.69
N ASP I 103 -3.18 55.23 -16.24
CA ASP I 103 -4.41 54.55 -15.86
C ASP I 103 -5.16 54.17 -17.12
N PRO I 104 -5.33 52.89 -17.45
CA PRO I 104 -5.98 52.46 -18.68
C PRO I 104 -7.40 52.96 -18.85
N ARG I 105 -8.22 53.12 -17.80
CA ARG I 105 -9.58 53.63 -18.02
C ARG I 105 -9.52 55.08 -18.45
N SER I 106 -8.72 55.90 -17.78
CA SER I 106 -8.50 57.28 -18.24
C SER I 106 -8.07 57.35 -19.69
N ILE I 107 -7.02 56.61 -20.09
CA ILE I 107 -6.65 56.52 -21.51
C ILE I 107 -7.84 56.15 -22.41
N ALA I 108 -8.73 55.23 -22.05
CA ALA I 108 -9.89 54.91 -22.88
C ALA I 108 -10.81 56.11 -23.01
N LYS I 109 -11.11 56.76 -21.90
CA LYS I 109 -11.96 57.95 -21.89
C LYS I 109 -11.39 59.08 -22.74
N ARG I 110 -10.07 59.29 -22.67
CA ARG I 110 -9.38 60.24 -23.53
C ARG I 110 -9.54 59.91 -25.01
N ALA I 111 -9.33 58.66 -25.41
CA ALA I 111 -9.54 58.27 -26.80
C ALA I 111 -10.97 58.55 -27.27
N GLU I 112 -11.98 58.40 -26.41
CA GLU I 112 -13.35 58.73 -26.79
C GLU I 112 -13.54 60.24 -26.97
N ASP I 113 -13.05 61.06 -26.03
CA ASP I 113 -13.10 62.50 -26.20
C ASP I 113 -12.31 63.02 -27.40
N TYR I 114 -11.10 62.52 -27.65
CA TYR I 114 -10.36 62.86 -28.87
C TYR I 114 -11.19 62.57 -30.12
N LEU I 115 -11.95 61.48 -30.18
CA LEU I 115 -12.81 61.17 -31.32
C LEU I 115 -13.83 62.31 -31.52
N ARG I 116 -14.43 62.76 -30.40
CA ARG I 116 -15.35 63.88 -30.42
C ARG I 116 -14.71 65.18 -30.87
N ALA I 117 -13.53 65.51 -30.32
CA ALA I 117 -12.77 66.70 -30.70
C ALA I 117 -12.35 66.72 -32.18
N THR I 118 -12.16 65.55 -32.81
CA THR I 118 -11.86 65.53 -34.23
C THR I 118 -13.13 65.68 -35.07
N GLY I 119 -14.31 65.54 -34.46
CA GLY I 119 -15.57 65.64 -35.18
C GLY I 119 -15.84 64.56 -36.24
N ILE I 120 -14.97 63.55 -36.35
CA ILE I 120 -15.15 62.47 -37.32
C ILE I 120 -16.40 61.65 -36.99
N ALA I 121 -16.70 61.50 -35.71
CA ALA I 121 -17.94 60.88 -35.23
C ALA I 121 -18.20 61.21 -33.77
N ASP I 122 -19.42 60.95 -33.25
CA ASP I 122 -19.70 61.21 -31.83
C ASP I 122 -19.40 60.01 -30.96
N THR I 123 -19.66 58.82 -31.48
CA THR I 123 -19.41 57.60 -30.73
C THR I 123 -18.72 56.44 -31.42
N VAL I 124 -17.86 55.73 -30.65
CA VAL I 124 -17.25 54.47 -31.12
C VAL I 124 -17.97 53.28 -30.54
N LEU I 125 -18.38 52.36 -31.38
CA LEU I 125 -19.01 51.15 -30.90
C LEU I 125 -18.13 49.90 -31.07
N PHE I 126 -17.85 49.28 -29.94
CA PHE I 126 -17.10 48.04 -29.83
C PHE I 126 -17.91 46.83 -29.40
N GLY I 127 -17.60 45.74 -30.07
CA GLY I 127 -18.22 44.45 -29.81
C GLY I 127 -17.20 43.32 -29.80
N PRO I 128 -16.53 43.11 -28.67
CA PRO I 128 -15.52 42.07 -28.48
C PRO I 128 -16.12 40.67 -28.42
N GLU I 129 -15.53 39.65 -29.02
CA GLU I 129 -16.07 38.29 -28.92
C GLU I 129 -15.09 37.41 -28.11
N PRO I 130 -14.92 37.54 -26.79
CA PRO I 130 -13.92 36.84 -25.99
C PRO I 130 -14.20 35.37 -25.84
N GLU I 131 -13.21 34.53 -26.07
CA GLU I 131 -13.38 33.11 -25.80
C GLU I 131 -12.57 32.68 -24.59
N PHE I 132 -13.03 31.60 -23.96
CA PHE I 132 -12.33 31.12 -22.78
C PHE I 132 -12.28 29.62 -22.72
N PHE I 133 -11.41 29.11 -21.87
CA PHE I 133 -11.34 27.69 -21.60
C PHE I 133 -11.81 27.39 -20.19
N LEU I 134 -12.49 26.29 -20.02
CA LEU I 134 -13.03 25.87 -18.72
C LEU I 134 -12.45 24.49 -18.33
N PHE I 135 -11.35 24.47 -17.61
CA PHE I 135 -10.68 23.23 -17.20
C PHE I 135 -11.03 22.74 -15.80
N ASP I 136 -10.70 21.51 -15.37
CA ASP I 136 -10.90 21.01 -14.00
C ASP I 136 -9.65 21.11 -13.15
N ASP I 137 -8.50 20.95 -13.81
CA ASP I 137 -7.22 20.94 -13.13
C ASP I 137 -6.14 21.53 -13.99
N ILE I 138 -5.40 22.47 -13.43
CA ILE I 138 -4.28 23.05 -14.14
C ILE I 138 -3.10 23.10 -13.17
N ARG I 139 -2.05 22.36 -13.49
CA ARG I 139 -0.83 22.38 -12.71
C ARG I 139 0.33 22.79 -13.57
N PHE I 140 1.19 23.62 -13.02
CA PHE I 140 2.39 24.01 -13.73
C PHE I 140 3.50 24.46 -12.80
N GLY I 141 4.70 24.63 -13.29
CA GLY I 141 5.80 25.13 -12.48
C GLY I 141 7.12 25.07 -13.23
N ALA I 142 8.02 25.91 -12.80
CA ALA I 142 9.36 26.01 -13.36
C ALA I 142 10.31 26.17 -12.16
N SER I 143 11.43 25.45 -12.21
CA SER I 143 12.45 25.40 -11.16
C SER I 143 13.81 25.17 -11.85
N ILE I 144 14.96 25.30 -11.18
CA ILE I 144 16.24 24.99 -11.82
C ILE I 144 16.30 23.60 -12.46
N SER I 145 15.74 22.57 -11.82
CA SER I 145 15.80 21.19 -12.30
C SER I 145 14.76 20.84 -13.34
N GLY I 146 13.96 21.80 -13.80
CA GLY I 146 12.96 21.52 -14.82
C GLY I 146 11.72 22.42 -14.82
N SER I 147 10.76 22.03 -15.65
CA SER I 147 9.51 22.79 -15.74
C SER I 147 8.40 21.97 -16.36
N HIS I 148 7.14 22.32 -16.08
CA HIS I 148 6.00 21.58 -16.57
C HIS I 148 4.69 22.33 -16.54
N VAL I 149 3.77 21.88 -17.39
CA VAL I 149 2.37 22.29 -17.32
C VAL I 149 1.56 21.05 -17.69
N ALA I 150 0.47 20.90 -16.96
CA ALA I 150 -0.44 19.78 -17.07
C ALA I 150 -1.88 20.30 -17.01
N ILE I 151 -2.59 20.14 -18.12
CA ILE I 151 -3.96 20.60 -18.28
C ILE I 151 -4.89 19.42 -18.17
N ASP I 152 -5.96 19.57 -17.41
CA ASP I 152 -6.95 18.52 -17.40
C ASP I 152 -8.38 18.98 -17.22
N ASP I 153 -9.18 18.34 -18.05
CA ASP I 153 -10.61 18.51 -18.07
C ASP I 153 -11.34 17.27 -18.54
N ILE I 154 -12.51 17.06 -17.97
CA ILE I 154 -13.38 15.94 -18.27
C ILE I 154 -13.69 15.80 -19.76
N GLU I 155 -13.74 16.92 -20.45
CA GLU I 155 -13.99 16.95 -21.89
C GLU I 155 -12.74 16.76 -22.75
N GLY I 156 -11.58 16.53 -22.14
CA GLY I 156 -10.35 16.49 -22.90
C GLY I 156 -10.37 15.23 -23.70
N ALA I 157 -10.25 15.27 -25.02
CA ALA I 157 -10.26 14.06 -25.83
C ALA I 157 -9.29 13.00 -25.32
N TRP I 158 -8.20 13.46 -24.72
CA TRP I 158 -7.26 12.55 -24.11
C TRP I 158 -7.82 11.73 -22.96
N ASN I 159 -8.93 12.07 -22.30
CA ASN I 159 -9.47 11.23 -21.24
C ASN I 159 -10.30 10.02 -21.65
N SER I 160 -10.37 9.77 -22.96
CA SER I 160 -11.09 8.59 -23.47
C SER I 160 -10.59 7.26 -22.90
N SER I 161 -9.31 7.25 -22.53
CA SER I 161 -8.65 6.09 -21.92
C SER I 161 -8.64 6.02 -20.41
N THR I 162 -9.03 7.13 -19.79
CA THR I 162 -8.98 7.31 -18.34
C THR I 162 -9.91 6.52 -17.46
N LYS I 163 -9.40 5.90 -16.40
CA LYS I 163 -10.26 5.26 -15.43
C LYS I 163 -10.80 6.31 -14.47
N TYR I 164 -12.13 6.35 -14.33
CA TYR I 164 -12.74 7.35 -13.48
C TYR I 164 -13.47 6.93 -12.20
N GLU I 165 -13.71 5.68 -11.83
CA GLU I 165 -14.41 5.26 -10.58
C GLU I 165 -15.90 5.59 -10.49
N GLY I 166 -16.36 6.64 -11.15
CA GLY I 166 -17.78 6.68 -11.48
C GLY I 166 -18.11 5.76 -12.68
N GLY I 167 -17.10 5.62 -13.53
CA GLY I 167 -17.19 4.95 -14.81
C GLY I 167 -16.74 5.95 -15.88
N ASN I 168 -16.38 5.64 -17.13
CA ASN I 168 -15.88 6.73 -17.96
C ASN I 168 -16.97 7.41 -18.78
N LYS I 169 -18.04 6.79 -19.21
CA LYS I 169 -19.11 7.48 -19.97
C LYS I 169 -18.80 8.06 -21.36
N GLY I 170 -17.55 8.29 -21.74
CA GLY I 170 -17.10 8.49 -23.13
C GLY I 170 -17.69 9.52 -24.09
N HIS I 171 -18.70 10.32 -23.77
CA HIS I 171 -19.13 11.34 -24.70
C HIS I 171 -18.27 12.55 -24.42
N ARG I 172 -17.48 13.00 -25.39
CA ARG I 172 -16.49 14.04 -25.15
C ARG I 172 -16.16 14.75 -26.46
N PRO I 173 -15.92 16.05 -26.59
CA PRO I 173 -15.53 16.65 -27.86
C PRO I 173 -14.14 16.20 -28.31
N GLY I 174 -14.02 15.62 -29.51
CA GLY I 174 -12.68 15.27 -30.04
C GLY I 174 -11.74 16.48 -30.26
N VAL I 175 -10.47 16.46 -30.75
CA VAL I 175 -9.70 17.72 -30.73
C VAL I 175 -10.31 18.86 -31.51
N LYS I 176 -10.72 18.89 -32.78
CA LYS I 176 -11.40 20.12 -33.26
C LYS I 176 -12.93 20.04 -33.31
N GLY I 177 -13.46 19.17 -32.45
CA GLY I 177 -14.87 18.82 -32.47
C GLY I 177 -15.76 19.37 -31.37
N GLY I 178 -15.32 20.40 -30.68
CA GLY I 178 -16.15 21.03 -29.65
C GLY I 178 -17.25 21.92 -30.23
N TYR I 179 -17.13 22.22 -31.53
CA TYR I 179 -18.12 23.02 -32.22
C TYR I 179 -19.42 22.35 -32.66
N PHE I 180 -20.19 22.61 -31.61
CA PHE I 180 -21.62 22.47 -31.40
C PHE I 180 -22.40 21.25 -30.96
N PRO I 181 -21.88 20.06 -30.67
CA PRO I 181 -22.70 18.87 -30.41
C PRO I 181 -23.57 19.06 -29.16
N VAL I 182 -24.77 18.50 -29.15
CA VAL I 182 -25.63 18.62 -27.97
C VAL I 182 -25.08 17.87 -26.76
N PRO I 183 -25.48 18.18 -25.54
CA PRO I 183 -25.26 17.31 -24.37
C PRO I 183 -25.60 15.83 -24.60
N PRO I 184 -24.94 14.85 -23.99
CA PRO I 184 -23.82 15.03 -23.09
C PRO I 184 -22.43 15.35 -23.62
N VAL I 185 -22.17 15.47 -24.93
CA VAL I 185 -20.82 15.79 -25.45
C VAL I 185 -20.41 17.20 -24.97
N ASP I 186 -21.36 18.13 -24.96
CA ASP I 186 -21.09 19.45 -24.44
C ASP I 186 -21.45 19.41 -22.96
N SER I 187 -20.44 19.31 -22.11
CA SER I 187 -20.68 19.32 -20.66
C SER I 187 -21.10 20.66 -20.06
N ALA I 188 -20.89 21.79 -20.74
CA ALA I 188 -21.11 23.08 -20.11
C ALA I 188 -22.40 23.89 -20.34
N GLN I 189 -23.50 23.27 -20.81
CA GLN I 189 -24.73 24.02 -21.03
C GLN I 189 -25.24 24.79 -19.82
N ASP I 190 -25.38 24.13 -18.67
CA ASP I 190 -25.74 24.84 -17.44
C ASP I 190 -24.69 25.84 -16.96
N ILE I 191 -23.39 25.61 -17.11
CA ILE I 191 -22.39 26.58 -16.66
C ILE I 191 -22.46 27.81 -17.55
N ARG I 192 -22.55 27.68 -18.88
CA ARG I 192 -22.70 28.87 -19.72
C ARG I 192 -24.03 29.60 -19.51
N SER I 193 -25.18 28.93 -19.40
CA SER I 193 -26.44 29.64 -19.14
C SER I 193 -26.43 30.43 -17.85
N GLU I 194 -25.82 29.85 -16.81
CA GLU I 194 -25.63 30.53 -15.53
C GLU I 194 -24.74 31.76 -15.63
N MET I 195 -23.67 31.63 -16.43
CA MET I 195 -22.79 32.76 -16.73
C MET I 195 -23.60 33.86 -17.43
N CYS I 196 -24.50 33.47 -18.34
CA CYS I 196 -25.33 34.44 -19.01
C CYS I 196 -26.25 35.16 -18.04
N LEU I 197 -26.95 34.42 -17.18
CA LEU I 197 -27.84 35.04 -16.20
C LEU I 197 -27.06 35.94 -15.24
N VAL I 198 -25.92 35.55 -14.68
CA VAL I 198 -25.20 36.45 -13.79
C VAL I 198 -24.66 37.67 -14.56
N MET I 199 -24.25 37.56 -15.83
CA MET I 199 -23.78 38.72 -16.58
C MET I 199 -24.86 39.77 -16.74
N GLU I 200 -26.06 39.30 -17.06
CA GLU I 200 -27.18 40.22 -17.20
C GLU I 200 -27.55 40.89 -15.89
N GLN I 201 -27.49 40.15 -14.78
CA GLN I 201 -27.70 40.70 -13.44
C GLN I 201 -26.67 41.79 -13.10
N MET I 202 -25.54 41.78 -13.80
CA MET I 202 -24.50 42.79 -13.64
C MET I 202 -24.51 43.84 -14.74
N GLY I 203 -25.54 43.80 -15.56
CA GLY I 203 -25.79 44.81 -16.57
C GLY I 203 -25.33 44.53 -17.99
N LEU I 204 -25.01 43.31 -18.33
CA LEU I 204 -24.58 43.04 -19.68
C LEU I 204 -25.72 42.48 -20.49
N VAL I 205 -25.71 42.54 -21.81
CA VAL I 205 -26.80 41.89 -22.53
C VAL I 205 -26.27 40.73 -23.34
N VAL I 206 -26.62 39.53 -22.93
CA VAL I 206 -26.19 38.35 -23.67
C VAL I 206 -26.98 38.22 -24.97
N GLU I 207 -26.29 37.83 -26.02
CA GLU I 207 -26.90 37.56 -27.32
C GLU I 207 -26.96 36.08 -27.67
N ALA I 208 -25.91 35.35 -27.27
CA ALA I 208 -25.83 33.92 -27.48
C ALA I 208 -24.76 33.25 -26.65
N HIS I 209 -24.83 31.97 -26.35
CA HIS I 209 -23.71 31.30 -25.71
C HIS I 209 -23.58 29.94 -26.34
N HIS I 210 -22.36 29.51 -26.60
CA HIS I 210 -22.13 28.20 -27.17
C HIS I 210 -20.75 27.67 -26.90
N HIS I 211 -20.60 26.35 -27.07
CA HIS I 211 -19.30 25.71 -26.98
C HIS I 211 -18.45 26.11 -28.18
N GLU I 212 -17.14 26.28 -28.01
CA GLU I 212 -16.28 26.60 -29.14
C GLU I 212 -15.58 25.39 -29.74
N VAL I 213 -14.67 25.56 -30.70
CA VAL I 213 -14.08 24.46 -31.45
C VAL I 213 -13.24 23.45 -30.70
N ALA I 214 -12.49 23.91 -29.72
CA ALA I 214 -11.61 23.01 -29.01
C ALA I 214 -12.19 21.97 -28.06
N THR I 215 -11.55 20.82 -28.01
CA THR I 215 -11.79 19.81 -26.97
C THR I 215 -11.42 20.41 -25.61
N ALA I 216 -11.60 19.76 -24.47
CA ALA I 216 -11.19 20.32 -23.17
C ALA I 216 -11.72 21.69 -22.75
N GLY I 217 -12.98 21.91 -23.09
CA GLY I 217 -13.73 23.05 -22.55
C GLY I 217 -13.62 24.44 -23.19
N GLN I 218 -13.52 24.62 -24.51
CA GLN I 218 -13.53 25.98 -25.03
C GLN I 218 -14.95 26.49 -25.11
N ASN I 219 -15.24 27.69 -24.64
CA ASN I 219 -16.59 28.25 -24.61
C ASN I 219 -16.68 29.72 -24.99
N GLU I 220 -17.89 30.18 -25.31
CA GLU I 220 -18.11 31.56 -25.69
C GLU I 220 -19.48 32.06 -25.29
N VAL I 221 -19.46 33.16 -24.55
CA VAL I 221 -20.70 33.86 -24.26
C VAL I 221 -20.63 35.16 -25.06
N ALA I 222 -21.49 35.28 -26.07
CA ALA I 222 -21.56 36.46 -26.94
C ALA I 222 -22.38 37.55 -26.28
N THR I 223 -21.88 38.77 -26.30
CA THR I 223 -22.50 39.84 -25.54
C THR I 223 -22.73 41.14 -26.34
N ARG I 224 -23.89 41.82 -26.26
CA ARG I 224 -24.22 43.06 -26.99
C ARG I 224 -23.26 44.20 -26.72
N PHE I 225 -22.97 44.80 -27.87
CA PHE I 225 -22.02 45.91 -28.01
C PHE I 225 -22.22 47.10 -27.09
N ASN I 226 -21.23 47.95 -27.14
CA ASN I 226 -21.31 49.19 -26.41
C ASN I 226 -20.32 50.23 -26.91
N THR I 227 -20.38 51.39 -26.26
CA THR I 227 -19.40 52.40 -26.57
C THR I 227 -18.08 51.94 -25.97
N MET I 228 -16.96 52.27 -26.59
CA MET I 228 -15.65 51.84 -26.12
C MET I 228 -15.37 51.77 -24.61
N THR I 229 -15.18 52.81 -23.82
CA THR I 229 -14.92 52.63 -22.38
C THR I 229 -15.97 51.85 -21.64
N LYS I 230 -17.25 51.91 -22.01
CA LYS I 230 -18.26 51.15 -21.29
C LYS I 230 -18.09 49.66 -21.59
N LYS I 231 -17.78 49.34 -22.85
CA LYS I 231 -17.55 47.97 -23.26
C LYS I 231 -16.29 47.39 -22.65
N ALA I 232 -15.24 48.19 -22.57
CA ALA I 232 -14.02 47.79 -21.89
C ALA I 232 -14.30 47.43 -20.42
N ASP I 233 -15.12 48.19 -19.69
CA ASP I 233 -15.56 47.76 -18.35
C ASP I 233 -16.43 46.49 -18.43
N GLU I 234 -17.31 46.36 -19.42
CA GLU I 234 -18.10 45.14 -19.56
C GLU I 234 -17.22 43.91 -19.80
N ILE I 235 -16.06 44.04 -20.44
CA ILE I 235 -15.12 42.94 -20.57
C ILE I 235 -14.56 42.61 -19.19
N GLN I 236 -14.20 43.60 -18.35
CA GLN I 236 -13.77 43.31 -16.99
C GLN I 236 -14.86 42.62 -16.16
N ILE I 237 -16.14 42.94 -16.27
CA ILE I 237 -17.20 42.19 -15.59
C ILE I 237 -17.37 40.81 -16.22
N TYR I 238 -17.32 40.69 -17.56
CA TYR I 238 -17.41 39.42 -18.30
C TYR I 238 -16.42 38.42 -17.75
N LYS I 239 -15.16 38.85 -17.76
CA LYS I 239 -14.10 38.03 -17.20
C LYS I 239 -14.32 37.66 -15.73
N TYR I 240 -14.81 38.58 -14.89
CA TYR I 240 -15.04 38.31 -13.47
C TYR I 240 -16.13 37.26 -13.27
N VAL I 241 -17.23 37.37 -13.99
CA VAL I 241 -18.30 36.39 -13.92
C VAL I 241 -17.80 35.04 -14.43
N VAL I 242 -17.12 34.95 -15.60
CA VAL I 242 -16.59 33.69 -16.08
C VAL I 242 -15.65 33.04 -15.06
N HIS I 243 -14.69 33.79 -14.52
CA HIS I 243 -13.81 33.25 -13.48
C HIS I 243 -14.56 32.78 -12.23
N ASN I 244 -15.51 33.52 -11.68
CA ASN I 244 -16.21 33.07 -10.49
C ASN I 244 -17.35 32.08 -10.64
N VAL I 245 -18.15 32.07 -11.71
CA VAL I 245 -19.17 31.05 -11.91
C VAL I 245 -18.46 29.72 -12.14
N ALA I 246 -17.40 29.70 -12.97
CA ALA I 246 -16.61 28.50 -13.19
C ALA I 246 -16.12 27.91 -11.86
N HIS I 247 -15.63 28.83 -11.03
CA HIS I 247 -15.18 28.46 -9.71
C HIS I 247 -16.28 27.84 -8.84
N ARG I 248 -17.50 28.41 -8.85
CA ARG I 248 -18.62 27.83 -8.10
C ARG I 248 -18.98 26.43 -8.60
N PHE I 249 -18.79 26.22 -9.88
CA PHE I 249 -19.00 24.92 -10.51
C PHE I 249 -17.86 23.91 -10.37
N GLY I 250 -16.78 24.28 -9.69
CA GLY I 250 -15.64 23.37 -9.50
C GLY I 250 -14.66 23.37 -10.67
N LYS I 251 -14.89 24.26 -11.61
CA LYS I 251 -14.01 24.42 -12.74
C LYS I 251 -13.06 25.60 -12.50
N THR I 252 -12.10 25.70 -13.41
CA THR I 252 -11.18 26.83 -13.46
C THR I 252 -11.20 27.40 -14.88
N ALA I 253 -11.46 28.68 -15.01
CA ALA I 253 -11.49 29.26 -16.36
C ALA I 253 -10.26 30.05 -16.64
N THR I 254 -9.88 30.05 -17.90
CA THR I 254 -8.74 30.87 -18.33
C THR I 254 -8.92 31.59 -19.65
N PHE I 255 -8.49 32.85 -19.63
CA PHE I 255 -8.52 33.62 -20.86
C PHE I 255 -7.19 33.61 -21.61
N MET I 256 -6.22 32.74 -21.33
CA MET I 256 -4.94 32.83 -22.03
C MET I 256 -5.10 32.31 -23.46
N PRO I 257 -4.45 32.96 -24.41
CA PRO I 257 -4.72 32.83 -25.85
C PRO I 257 -4.56 31.42 -26.41
N LYS I 258 -3.51 30.75 -25.95
CA LYS I 258 -3.13 29.44 -26.46
C LYS I 258 -2.68 28.44 -25.37
N PRO I 259 -3.55 27.78 -24.61
CA PRO I 259 -3.16 26.88 -23.54
C PRO I 259 -2.75 25.52 -24.06
N MET I 260 -3.27 25.07 -25.19
CA MET I 260 -2.95 23.76 -25.75
C MET I 260 -2.42 23.83 -27.17
N PHE I 261 -1.31 23.20 -27.47
CA PHE I 261 -0.84 23.07 -28.84
C PHE I 261 -1.68 22.02 -29.58
N GLY I 262 -2.06 22.24 -30.82
CA GLY I 262 -2.76 21.18 -31.56
C GLY I 262 -4.27 21.26 -31.59
N ASP I 263 -4.75 22.34 -30.98
CA ASP I 263 -6.15 22.65 -31.01
C ASP I 263 -6.37 24.16 -30.92
N ASN I 264 -7.59 24.61 -31.12
CA ASN I 264 -7.92 26.01 -31.08
C ASN I 264 -7.44 26.86 -29.90
N GLY I 265 -7.20 28.11 -30.25
CA GLY I 265 -6.84 29.12 -29.28
C GLY I 265 -8.04 30.02 -29.01
N SER I 266 -7.97 30.73 -27.92
CA SER I 266 -9.01 31.66 -27.57
C SER I 266 -8.64 33.06 -28.08
N GLY I 267 -9.40 33.53 -29.06
CA GLY I 267 -9.26 34.89 -29.53
C GLY I 267 -10.40 35.81 -29.07
N MET I 268 -10.18 37.11 -29.09
CA MET I 268 -11.20 38.09 -28.75
C MET I 268 -11.35 39.03 -29.94
N HIS I 269 -12.22 38.70 -30.89
CA HIS I 269 -12.35 39.55 -32.07
C HIS I 269 -13.11 40.82 -31.76
N CYS I 270 -12.57 41.95 -32.17
CA CYS I 270 -13.29 43.19 -31.99
C CYS I 270 -14.12 43.67 -33.19
N HIS I 271 -15.43 43.64 -33.08
CA HIS I 271 -16.28 44.33 -34.03
C HIS I 271 -16.27 45.82 -33.75
N MET I 272 -15.96 46.63 -34.75
CA MET I 272 -15.99 48.06 -34.57
C MET I 272 -16.85 48.79 -35.57
N SER I 273 -17.37 49.90 -35.05
CA SER I 273 -18.13 50.83 -35.88
C SER I 273 -18.13 52.26 -35.36
N LEU I 274 -18.24 53.20 -36.29
CA LEU I 274 -18.31 54.61 -35.92
C LEU I 274 -19.64 55.28 -36.21
N ALA I 275 -20.06 56.17 -35.33
CA ALA I 275 -21.30 56.88 -35.55
C ALA I 275 -21.35 58.37 -35.25
N LYS I 276 -21.86 59.14 -36.21
CA LYS I 276 -22.05 60.59 -36.06
C LYS I 276 -23.56 60.81 -36.07
N ASN I 277 -24.08 61.74 -35.28
CA ASN I 277 -25.52 62.02 -35.12
C ASN I 277 -26.53 60.91 -35.46
N GLY I 278 -26.39 59.80 -34.72
CA GLY I 278 -27.25 58.63 -34.87
C GLY I 278 -27.11 57.82 -36.16
N THR I 279 -26.06 58.06 -36.95
CA THR I 279 -25.85 57.36 -38.21
C THR I 279 -24.48 56.70 -38.33
N ASN I 280 -24.57 55.51 -38.91
CA ASN I 280 -23.40 54.68 -39.08
C ASN I 280 -22.45 55.06 -40.22
N LEU I 281 -21.42 55.82 -39.87
CA LEU I 281 -20.37 56.20 -40.82
C LEU I 281 -19.70 55.06 -41.58
N PHE I 282 -19.75 53.83 -41.06
CA PHE I 282 -19.15 52.73 -41.78
C PHE I 282 -20.03 52.20 -42.88
N SER I 283 -21.33 52.46 -42.83
CA SER I 283 -22.18 52.08 -43.95
C SER I 283 -22.02 53.03 -45.13
N GLY I 284 -22.32 52.55 -46.31
CA GLY I 284 -22.19 53.34 -47.51
C GLY I 284 -22.20 52.49 -48.78
N ASP I 285 -21.60 53.06 -49.80
CA ASP I 285 -21.39 52.37 -51.07
C ASP I 285 -20.12 51.49 -51.03
N LYS I 286 -19.08 51.64 -51.88
CA LYS I 286 -17.81 50.89 -51.82
C LYS I 286 -17.82 49.35 -51.54
N TYR I 287 -16.70 48.68 -51.21
CA TYR I 287 -16.73 47.23 -50.93
C TYR I 287 -17.72 46.77 -49.85
N ALA I 288 -18.60 45.87 -50.23
CA ALA I 288 -19.58 45.28 -49.33
C ALA I 288 -20.38 46.18 -48.36
N GLY I 289 -20.92 47.27 -48.88
CA GLY I 289 -21.72 48.20 -48.09
C GLY I 289 -20.91 49.20 -47.27
N LEU I 290 -19.59 49.18 -47.45
CA LEU I 290 -18.77 50.07 -46.68
C LEU I 290 -18.58 51.49 -47.19
N SER I 291 -18.44 52.46 -46.31
CA SER I 291 -18.08 53.80 -46.76
C SER I 291 -16.58 53.96 -47.05
N GLU I 292 -16.20 55.03 -47.74
CA GLU I 292 -14.78 55.35 -47.96
C GLU I 292 -14.09 55.67 -46.62
N GLN I 293 -14.91 56.18 -45.69
CA GLN I 293 -14.56 56.52 -44.31
C GLN I 293 -14.08 55.27 -43.55
N ALA I 294 -14.88 54.21 -43.71
CA ALA I 294 -14.60 52.88 -43.17
C ALA I 294 -13.32 52.26 -43.76
N LEU I 295 -13.15 52.35 -45.08
CA LEU I 295 -11.94 51.87 -45.73
C LEU I 295 -10.69 52.53 -45.19
N TYR I 296 -10.68 53.83 -44.91
CA TYR I 296 -9.52 54.45 -44.27
C TYR I 296 -9.30 54.00 -42.83
N TYR I 297 -10.37 53.67 -42.09
CA TYR I 297 -10.26 53.07 -40.76
C TYR I 297 -9.49 51.75 -40.87
N ILE I 298 -9.91 50.85 -41.78
CA ILE I 298 -9.17 49.62 -42.05
C ILE I 298 -7.71 49.91 -42.41
N GLY I 299 -7.47 50.85 -43.33
CA GLY I 299 -6.10 51.26 -43.70
C GLY I 299 -5.26 51.72 -42.51
N GLY I 300 -5.84 52.42 -41.54
CA GLY I 300 -5.10 52.81 -40.34
C GLY I 300 -4.79 51.62 -39.44
N VAL I 301 -5.75 50.71 -39.23
CA VAL I 301 -5.53 49.48 -38.48
C VAL I 301 -4.41 48.67 -39.12
N ILE I 302 -4.48 48.38 -40.42
CA ILE I 302 -3.42 47.67 -41.14
C ILE I 302 -2.08 48.43 -41.08
N LYS I 303 -2.06 49.74 -41.30
CA LYS I 303 -0.84 50.55 -41.18
C LYS I 303 -0.15 50.40 -39.82
N HIS I 304 -0.95 50.31 -38.75
CA HIS I 304 -0.38 50.22 -37.42
C HIS I 304 -0.51 48.88 -36.71
N ALA I 305 -0.94 47.83 -37.43
CA ALA I 305 -1.15 46.51 -36.87
C ALA I 305 -0.08 46.00 -35.92
N LYS I 306 1.20 45.96 -36.28
CA LYS I 306 2.24 45.49 -35.35
C LYS I 306 2.35 46.30 -34.05
N ALA I 307 2.05 47.59 -34.04
CA ALA I 307 2.07 48.37 -32.79
C ALA I 307 0.83 48.04 -31.97
N ILE I 308 -0.30 47.87 -32.66
CA ILE I 308 -1.54 47.44 -32.02
C ILE I 308 -1.31 46.05 -31.37
N ASN I 309 -0.58 45.13 -32.02
CA ASN I 309 -0.31 43.80 -31.46
C ASN I 309 0.31 43.83 -30.07
N ALA I 310 1.18 44.79 -29.77
CA ALA I 310 1.76 44.95 -28.43
C ALA I 310 0.74 45.19 -27.33
N LEU I 311 -0.47 45.65 -27.71
CA LEU I 311 -1.56 45.92 -26.79
C LEU I 311 -2.72 44.93 -26.93
N ALA I 312 -3.03 44.50 -28.15
CA ALA I 312 -4.11 43.55 -28.46
C ALA I 312 -3.72 42.07 -28.34
N ASN I 313 -2.42 41.81 -28.34
CA ASN I 313 -1.81 40.48 -28.19
C ASN I 313 -0.59 40.57 -27.26
N PRO I 314 -0.74 40.93 -25.99
CA PRO I 314 0.34 41.40 -25.13
C PRO I 314 1.13 40.31 -24.42
N THR I 315 0.86 39.04 -24.71
CA THR I 315 1.51 37.96 -23.99
C THR I 315 2.41 37.15 -24.90
N THR I 316 3.53 36.57 -24.46
CA THR I 316 4.32 35.72 -25.37
C THR I 316 3.46 34.58 -25.92
N ASN I 317 2.54 34.06 -25.12
CA ASN I 317 1.60 33.02 -25.54
C ASN I 317 0.66 33.45 -26.66
N SER I 318 0.40 34.75 -26.80
CA SER I 318 -0.48 35.24 -27.86
C SER I 318 -0.04 34.82 -29.25
N TYR I 319 1.28 34.82 -29.40
CA TYR I 319 1.86 34.50 -30.69
C TYR I 319 1.91 33.01 -30.99
N LYS I 320 1.66 32.14 -30.00
CA LYS I 320 1.44 30.72 -30.27
C LYS I 320 0.11 30.53 -31.00
N ARG I 321 -0.83 31.46 -30.84
CA ARG I 321 -2.11 31.47 -31.56
C ARG I 321 -1.94 32.09 -32.93
N LEU I 322 -1.27 33.23 -32.97
CA LEU I 322 -0.99 33.91 -34.23
C LEU I 322 0.15 33.34 -35.08
N VAL I 323 -0.04 32.08 -35.47
CA VAL I 323 0.93 31.43 -36.34
C VAL I 323 0.25 31.14 -37.68
N PRO I 324 0.97 31.20 -38.82
CA PRO I 324 0.48 30.82 -40.14
C PRO I 324 -0.61 29.77 -40.37
N PRO I 329 -5.41 34.00 -38.03
CA PRO I 329 -5.68 35.25 -38.76
C PRO I 329 -4.45 36.17 -38.83
N VAL I 330 -3.40 35.71 -39.48
CA VAL I 330 -2.18 36.50 -39.58
C VAL I 330 -2.08 37.55 -40.69
N MET I 331 -2.83 37.35 -41.77
CA MET I 331 -2.85 38.26 -42.92
C MET I 331 -3.53 39.61 -42.75
N LEU I 332 -2.78 40.71 -42.74
CA LEU I 332 -3.37 42.05 -42.72
C LEU I 332 -4.03 42.40 -44.05
N ALA I 333 -5.28 41.99 -44.12
CA ALA I 333 -6.10 42.17 -45.31
C ALA I 333 -7.58 42.22 -44.93
N TYR I 334 -8.36 43.05 -45.59
CA TYR I 334 -9.80 42.99 -45.38
C TYR I 334 -10.51 42.14 -46.44
N SER I 335 -11.61 41.57 -46.02
CA SER I 335 -12.43 40.75 -46.89
C SER I 335 -13.80 40.35 -46.35
N ALA I 336 -14.80 40.22 -47.19
CA ALA I 336 -16.09 39.67 -46.78
C ALA I 336 -16.02 38.16 -46.97
N ARG I 337 -15.20 37.76 -47.96
CA ARG I 337 -14.89 36.35 -48.23
C ARG I 337 -13.72 35.69 -47.46
N ASN I 338 -12.44 36.07 -47.62
CA ASN I 338 -11.31 35.39 -46.98
C ASN I 338 -11.20 35.27 -45.44
N ARG I 339 -11.72 34.24 -44.75
CA ARG I 339 -11.44 34.07 -43.30
C ARG I 339 -10.07 33.37 -43.24
N SER I 340 -9.13 34.29 -43.27
CA SER I 340 -7.67 34.12 -43.31
C SER I 340 -7.10 35.55 -43.27
N ALA I 341 -7.94 36.46 -43.78
CA ALA I 341 -7.79 37.88 -43.63
C ALA I 341 -8.14 38.26 -42.19
N SER I 342 -7.28 39.02 -41.55
CA SER I 342 -7.49 39.45 -40.17
C SER I 342 -8.54 40.55 -40.02
N ILE I 343 -8.96 41.19 -41.10
CA ILE I 343 -10.04 42.17 -41.04
C ILE I 343 -11.20 41.58 -41.84
N ARG I 344 -12.23 41.09 -41.17
CA ARG I 344 -13.43 40.57 -41.82
C ARG I 344 -14.52 41.65 -41.90
N ILE I 345 -15.12 41.84 -43.07
CA ILE I 345 -16.24 42.76 -43.20
C ILE I 345 -17.45 41.87 -43.10
N PRO I 346 -18.15 41.81 -41.95
CA PRO I 346 -19.24 40.88 -41.71
C PRO I 346 -20.38 41.14 -42.68
N VAL I 347 -20.93 40.07 -43.24
CA VAL I 347 -22.07 40.22 -44.13
C VAL I 347 -23.28 40.47 -43.25
N VAL I 348 -23.50 41.76 -43.00
CA VAL I 348 -24.64 42.13 -42.18
C VAL I 348 -25.95 41.87 -42.92
N ALA I 349 -26.02 42.19 -44.23
CA ALA I 349 -27.19 42.08 -45.13
C ALA I 349 -28.38 43.01 -44.79
N SER I 350 -28.58 43.02 -43.48
CA SER I 350 -29.37 43.89 -42.65
C SER I 350 -28.92 45.37 -42.83
N PRO I 351 -29.33 46.39 -42.09
CA PRO I 351 -29.33 47.75 -42.63
C PRO I 351 -28.05 48.64 -42.71
N LYS I 352 -27.56 48.82 -41.50
CA LYS I 352 -26.59 49.84 -41.10
C LYS I 352 -26.00 49.50 -39.71
N ALA I 353 -26.28 48.25 -39.36
CA ALA I 353 -25.36 47.47 -38.53
C ALA I 353 -24.05 47.15 -39.32
N ARG I 354 -23.70 47.85 -40.41
CA ARG I 354 -22.43 47.75 -41.12
C ARG I 354 -21.26 48.03 -40.20
N ARG I 355 -20.27 47.17 -40.23
CA ARG I 355 -19.14 47.28 -39.31
C ARG I 355 -17.88 46.57 -39.79
N ILE I 356 -16.73 46.84 -39.21
CA ILE I 356 -15.58 45.98 -39.51
C ILE I 356 -15.31 45.03 -38.34
N GLU I 357 -14.75 43.87 -38.61
CA GLU I 357 -14.35 42.97 -37.54
C GLU I 357 -12.85 42.68 -37.56
N VAL I 358 -12.09 43.12 -36.58
CA VAL I 358 -10.66 42.77 -36.54
C VAL I 358 -10.51 41.45 -35.77
N ARG I 359 -10.16 40.37 -36.47
CA ARG I 359 -10.06 39.04 -35.89
C ARG I 359 -8.85 38.71 -35.04
N PHE I 360 -7.77 39.46 -35.12
CA PHE I 360 -6.56 39.08 -34.40
C PHE I 360 -6.36 39.35 -32.91
N PRO I 361 -7.02 40.21 -32.14
CA PRO I 361 -6.74 40.39 -30.71
C PRO I 361 -7.13 39.17 -29.85
N ASP I 362 -6.68 39.04 -28.63
CA ASP I 362 -7.09 37.91 -27.78
C ASP I 362 -7.47 38.25 -26.34
N PRO I 363 -8.22 37.45 -25.58
CA PRO I 363 -8.67 37.79 -24.22
C PRO I 363 -7.58 38.29 -23.29
N ALA I 364 -6.29 38.04 -23.56
CA ALA I 364 -5.23 38.52 -22.66
C ALA I 364 -5.01 40.04 -22.71
N ALA I 365 -5.55 40.66 -23.76
CA ALA I 365 -5.41 42.09 -23.96
C ALA I 365 -6.09 42.98 -22.93
N ASN I 366 -5.45 44.08 -22.50
CA ASN I 366 -6.09 45.02 -21.60
C ASN I 366 -7.23 45.71 -22.36
N PRO I 367 -8.51 45.49 -22.11
CA PRO I 367 -9.57 45.89 -23.04
C PRO I 367 -9.54 47.40 -23.26
N TYR I 368 -9.16 48.21 -22.24
CA TYR I 368 -9.06 49.64 -22.41
C TYR I 368 -7.95 49.99 -23.40
N LEU I 369 -6.70 49.65 -23.11
CA LEU I 369 -5.60 49.93 -24.02
C LEU I 369 -5.76 49.29 -25.42
N CYS I 370 -6.30 48.06 -25.50
CA CYS I 370 -6.52 47.38 -26.78
C CYS I 370 -7.52 48.13 -27.63
N PHE I 371 -8.66 48.51 -27.05
CA PHE I 371 -9.66 49.27 -27.78
C PHE I 371 -9.22 50.69 -28.12
N ALA I 372 -8.63 51.43 -27.16
CA ALA I 372 -8.05 52.73 -27.43
C ALA I 372 -7.06 52.67 -28.60
N ALA I 373 -6.09 51.76 -28.63
CA ALA I 373 -5.19 51.59 -29.78
C ALA I 373 -5.92 51.23 -31.07
N LEU I 374 -6.90 50.32 -31.13
CA LEU I 374 -7.62 50.09 -32.38
C LEU I 374 -8.29 51.38 -32.87
N LEU I 375 -8.92 52.17 -31.98
CA LEU I 375 -9.58 53.41 -32.34
C LEU I 375 -8.58 54.43 -32.86
N MET I 376 -7.55 54.81 -32.09
CA MET I 376 -6.49 55.71 -32.55
C MET I 376 -5.86 55.31 -33.90
N ALA I 377 -5.62 54.02 -34.16
CA ALA I 377 -5.11 53.58 -35.45
C ALA I 377 -6.12 53.83 -36.57
N GLY I 378 -7.37 53.46 -36.32
CA GLY I 378 -8.45 53.65 -37.27
C GLY I 378 -8.72 55.12 -37.60
N LEU I 379 -8.62 56.01 -36.61
CA LEU I 379 -8.75 57.44 -36.88
C LEU I 379 -7.58 57.92 -37.72
N ASP I 380 -6.32 57.67 -37.36
CA ASP I 380 -5.17 58.02 -38.21
C ASP I 380 -5.34 57.56 -39.67
N GLY I 381 -6.06 56.48 -39.95
CA GLY I 381 -6.36 56.09 -41.32
C GLY I 381 -7.26 57.12 -42.00
N ILE I 382 -8.43 57.38 -41.39
CA ILE I 382 -9.39 58.40 -41.84
C ILE I 382 -8.69 59.76 -42.05
N LYS I 383 -8.09 60.21 -40.95
CA LYS I 383 -7.33 61.44 -40.88
C LYS I 383 -6.24 61.67 -41.92
N ASN I 384 -5.71 60.58 -42.50
CA ASN I 384 -4.72 60.68 -43.58
C ASN I 384 -5.11 59.91 -44.84
N LYS I 385 -6.42 59.66 -45.10
CA LYS I 385 -6.90 58.94 -46.29
C LYS I 385 -6.11 57.66 -46.63
N ILE I 386 -5.55 57.00 -45.59
CA ILE I 386 -4.75 55.78 -45.75
C ILE I 386 -5.61 54.69 -46.34
N HIS I 387 -5.59 54.64 -47.66
CA HIS I 387 -6.45 53.73 -48.38
C HIS I 387 -5.98 52.29 -48.29
N PRO I 388 -6.82 51.41 -47.75
CA PRO I 388 -6.49 50.02 -47.46
C PRO I 388 -5.95 49.24 -48.65
N GLY I 389 -6.71 49.10 -49.75
CA GLY I 389 -6.18 48.45 -50.94
C GLY I 389 -7.28 47.68 -51.66
N GLU I 390 -7.12 46.38 -51.73
CA GLU I 390 -8.11 45.51 -52.35
C GLU I 390 -8.33 44.23 -51.54
N PRO I 391 -9.55 43.71 -51.45
CA PRO I 391 -9.87 42.51 -50.70
C PRO I 391 -9.32 41.19 -51.19
N MET I 392 -8.51 40.53 -50.36
CA MET I 392 -8.14 39.14 -50.63
C MET I 392 -9.41 38.30 -50.50
N ASP I 393 -9.87 37.54 -51.50
CA ASP I 393 -11.07 36.74 -51.30
C ASP I 393 -10.95 35.22 -51.52
N ILE I 407 1.85 40.44 -49.19
CA ILE I 407 0.72 40.63 -48.27
C ILE I 407 1.14 40.64 -46.78
N PRO I 408 1.06 41.79 -46.08
CA PRO I 408 1.65 41.99 -44.77
C PRO I 408 0.99 41.25 -43.61
N GLN I 409 1.76 40.95 -42.56
CA GLN I 409 1.23 40.17 -41.44
C GLN I 409 1.39 40.82 -40.08
N VAL I 410 0.59 40.35 -39.11
CA VAL I 410 0.71 40.78 -37.71
C VAL I 410 2.10 40.52 -37.13
N ALA I 411 2.51 41.18 -36.05
CA ALA I 411 3.80 40.89 -35.43
C ALA I 411 3.96 39.39 -35.14
N GLY I 412 5.07 38.81 -35.51
CA GLY I 412 5.27 37.38 -35.28
C GLY I 412 5.75 37.00 -33.87
N SER I 413 5.91 37.98 -32.99
CA SER I 413 6.32 37.74 -31.62
C SER I 413 6.13 38.96 -30.74
N LEU I 414 6.03 38.77 -29.42
CA LEU I 414 5.87 39.91 -28.52
C LEU I 414 7.02 40.89 -28.65
N GLU I 415 8.25 40.41 -28.85
CA GLU I 415 9.41 41.30 -28.99
C GLU I 415 9.30 42.21 -30.21
N GLU I 416 8.82 41.61 -31.31
CA GLU I 416 8.55 42.37 -32.52
C GLU I 416 7.46 43.40 -32.27
N ALA I 417 6.32 42.97 -31.73
CA ALA I 417 5.23 43.86 -31.37
C ALA I 417 5.68 45.00 -30.45
N LEU I 418 6.48 44.74 -29.44
CA LEU I 418 6.97 45.78 -28.55
C LEU I 418 7.90 46.75 -29.29
N ASN I 419 8.83 46.30 -30.15
CA ASN I 419 9.67 47.22 -30.95
C ASN I 419 8.83 48.13 -31.84
N ALA I 420 7.86 47.49 -32.49
CA ALA I 420 6.89 48.17 -33.31
C ALA I 420 6.09 49.23 -32.55
N LEU I 421 5.56 48.96 -31.36
CA LEU I 421 4.86 49.97 -30.56
C LEU I 421 5.83 51.10 -30.26
N ASP I 422 7.04 50.78 -29.79
CA ASP I 422 8.08 51.76 -29.51
C ASP I 422 8.41 52.69 -30.68
N LEU I 423 8.41 52.19 -31.91
CA LEU I 423 8.68 53.05 -33.07
C LEU I 423 7.46 53.71 -33.68
N ASP I 424 6.31 53.05 -33.70
CA ASP I 424 5.07 53.59 -34.26
C ASP I 424 4.17 54.26 -33.21
N ARG I 425 4.88 54.82 -32.24
CA ARG I 425 4.37 55.53 -31.08
C ARG I 425 3.49 56.75 -31.36
N GLU I 426 3.67 57.41 -32.49
CA GLU I 426 2.97 58.65 -32.81
C GLU I 426 1.44 58.67 -32.83
N PHE I 427 0.82 57.72 -33.53
CA PHE I 427 -0.63 57.70 -33.58
C PHE I 427 -1.30 57.49 -32.22
N LEU I 428 -0.61 56.81 -31.30
CA LEU I 428 -1.15 56.67 -29.97
C LEU I 428 -1.07 57.99 -29.21
N LYS I 429 -0.03 58.82 -29.38
CA LYS I 429 0.09 60.09 -28.66
C LYS I 429 -0.83 61.25 -29.08
N ALA I 430 -1.49 61.08 -30.23
CA ALA I 430 -2.47 62.05 -30.72
C ALA I 430 -3.52 62.49 -29.69
N GLY I 431 -3.56 63.80 -29.48
CA GLY I 431 -4.46 64.40 -28.51
C GLY I 431 -4.19 64.04 -27.05
N GLY I 432 -3.02 63.56 -26.69
CA GLY I 432 -2.73 63.28 -25.29
C GLY I 432 -3.25 61.93 -24.77
N VAL I 433 -3.94 61.19 -25.62
CA VAL I 433 -4.35 59.80 -25.35
C VAL I 433 -3.00 59.09 -25.21
N PHE I 434 -2.52 58.46 -24.13
CA PHE I 434 -1.17 57.85 -24.12
C PHE I 434 0.02 58.81 -24.18
N THR I 435 0.68 58.96 -23.04
CA THR I 435 1.96 59.69 -23.06
C THR I 435 3.16 58.79 -23.38
N ASP I 436 4.32 59.36 -23.69
CA ASP I 436 5.57 58.58 -23.77
C ASP I 436 5.90 57.78 -22.53
N GLU I 437 5.74 58.35 -21.32
CA GLU I 437 6.01 57.60 -20.08
C GLU I 437 5.12 56.36 -20.00
N ALA I 438 3.85 56.56 -20.36
CA ALA I 438 2.85 55.50 -20.40
C ALA I 438 3.26 54.40 -21.38
N ILE I 439 3.61 54.73 -22.63
CA ILE I 439 4.09 53.74 -23.59
C ILE I 439 5.40 53.11 -23.15
N ASP I 440 6.39 53.84 -22.71
CA ASP I 440 7.64 53.28 -22.19
C ASP I 440 7.48 52.33 -20.99
N ALA I 441 6.64 52.65 -20.00
CA ALA I 441 6.42 51.79 -18.84
C ALA I 441 5.73 50.49 -19.22
N TYR I 442 4.80 50.59 -20.19
CA TYR I 442 4.14 49.42 -20.75
C TYR I 442 5.15 48.47 -21.40
N ILE I 443 5.97 48.95 -22.34
CA ILE I 443 6.98 48.10 -22.97
C ILE I 443 7.92 47.51 -21.92
N ALA I 444 8.35 48.28 -20.92
CA ALA I 444 9.14 47.77 -19.80
C ALA I 444 8.51 46.56 -19.09
N LEU I 445 7.21 46.60 -18.77
CA LEU I 445 6.52 45.46 -18.18
C LEU I 445 6.53 44.26 -19.12
N ARG I 446 6.02 44.42 -20.35
CA ARG I 446 6.00 43.33 -21.31
C ARG I 446 7.39 42.74 -21.66
N ARG I 447 8.44 43.53 -21.56
CA ARG I 447 9.78 43.01 -21.82
C ARG I 447 10.29 42.04 -20.77
N GLU I 448 10.03 42.36 -19.49
CA GLU I 448 10.39 41.50 -18.37
C GLU I 448 9.81 40.08 -18.54
N GLU I 449 8.56 40.06 -19.03
CA GLU I 449 7.83 38.84 -19.28
C GLU I 449 8.42 38.09 -20.44
N ASP I 450 8.65 38.81 -21.54
CA ASP I 450 9.28 38.21 -22.71
C ASP I 450 10.61 37.57 -22.35
N ASP I 451 11.45 38.25 -21.56
CA ASP I 451 12.73 37.70 -21.12
C ASP I 451 12.65 36.41 -20.33
N ARG I 452 11.74 36.30 -19.38
CA ARG I 452 11.61 35.08 -18.59
C ARG I 452 11.27 33.89 -19.49
N VAL I 453 10.35 34.12 -20.43
CA VAL I 453 10.04 33.08 -21.42
C VAL I 453 11.24 32.79 -22.34
N ARG I 454 12.04 33.80 -22.73
CA ARG I 454 13.19 33.64 -23.64
C ARG I 454 14.39 32.89 -23.04
N MET I 455 14.65 33.12 -21.74
CA MET I 455 15.78 32.51 -21.01
C MET I 455 15.53 31.17 -20.34
N THR I 456 14.28 30.73 -20.20
CA THR I 456 13.96 29.47 -19.56
C THR I 456 13.90 28.34 -20.58
N PRO I 457 14.69 27.27 -20.55
CA PRO I 457 14.61 26.20 -21.52
C PRO I 457 13.23 25.56 -21.58
N HIS I 458 12.82 25.32 -22.81
CA HIS I 458 11.50 24.76 -23.10
C HIS I 458 11.55 23.22 -23.14
N PRO I 459 10.59 22.48 -22.60
CA PRO I 459 10.53 21.03 -22.77
C PRO I 459 10.73 20.50 -24.20
N VAL I 460 10.13 20.96 -25.31
CA VAL I 460 10.45 20.34 -26.61
C VAL I 460 11.90 20.55 -27.03
N GLU I 461 12.65 21.49 -26.42
CA GLU I 461 14.08 21.59 -26.71
C GLU I 461 14.79 20.32 -26.23
N PHE I 462 14.41 19.73 -25.10
CA PHE I 462 15.02 18.48 -24.69
C PHE I 462 14.67 17.38 -25.68
N GLU I 463 13.47 17.45 -26.23
CA GLU I 463 13.05 16.48 -27.24
C GLU I 463 13.88 16.58 -28.53
N LEU I 464 14.18 17.82 -28.89
CA LEU I 464 14.92 18.17 -30.08
C LEU I 464 16.44 18.09 -29.99
N TYR I 465 16.99 18.48 -28.84
CA TYR I 465 18.43 18.64 -28.67
C TYR I 465 19.12 17.87 -27.56
N TYR I 466 18.48 17.03 -26.73
CA TYR I 466 19.21 16.34 -25.67
C TYR I 466 20.26 15.40 -26.22
N SER I 467 19.99 14.63 -27.26
CA SER I 467 20.98 13.74 -27.84
C SER I 467 21.94 14.37 -28.85
N VAL I 468 22.13 15.69 -28.80
CA VAL I 468 23.10 16.39 -29.63
C VAL I 468 24.50 15.95 -29.16
N SER J 1 -46.57 27.94 -35.13
CA SER J 1 -46.44 29.31 -35.65
C SER J 1 -45.58 30.19 -34.76
N ALA J 2 -44.98 31.31 -35.23
CA ALA J 2 -44.23 32.24 -34.39
C ALA J 2 -45.01 32.65 -33.13
N GLU J 3 -46.26 33.05 -33.39
CA GLU J 3 -47.26 33.41 -32.38
C GLU J 3 -47.35 32.48 -31.17
N HIS J 4 -47.39 31.19 -31.51
CA HIS J 4 -47.42 30.10 -30.54
C HIS J 4 -46.14 29.98 -29.72
N VAL J 5 -44.98 30.05 -30.38
CA VAL J 5 -43.70 29.98 -29.68
C VAL J 5 -43.61 31.11 -28.65
N LEU J 6 -43.95 32.31 -29.15
CA LEU J 6 -43.98 33.51 -28.33
C LEU J 6 -44.88 33.44 -27.10
N THR J 7 -45.98 32.68 -27.13
CA THR J 7 -46.77 32.50 -25.92
C THR J 7 -46.05 31.53 -24.99
N MET J 8 -45.55 30.38 -25.49
CA MET J 8 -44.82 29.40 -24.69
C MET J 8 -43.71 29.99 -23.85
N LEU J 9 -43.02 30.94 -24.46
CA LEU J 9 -41.98 31.72 -23.80
C LEU J 9 -42.49 32.35 -22.49
N ASN J 10 -43.67 32.98 -22.50
CA ASN J 10 -44.26 33.51 -21.26
C ASN J 10 -44.93 32.45 -20.39
N GLU J 11 -45.61 31.55 -21.07
CA GLU J 11 -46.36 30.42 -20.53
C GLU J 11 -45.51 29.41 -19.75
N HIS J 12 -44.21 29.50 -19.99
CA HIS J 12 -43.23 28.65 -19.32
C HIS J 12 -42.05 29.37 -18.70
N GLU J 13 -42.03 30.70 -18.68
CA GLU J 13 -40.91 31.50 -18.18
C GLU J 13 -39.53 31.03 -18.65
N VAL J 14 -39.58 30.78 -19.96
CA VAL J 14 -38.44 30.30 -20.70
C VAL J 14 -37.29 31.30 -20.62
N LYS J 15 -36.14 30.96 -20.04
CA LYS J 15 -34.99 31.85 -19.98
C LYS J 15 -34.10 31.83 -21.22
N PHE J 16 -34.11 30.69 -21.92
CA PHE J 16 -33.28 30.49 -23.10
C PHE J 16 -33.95 29.69 -24.21
N VAL J 17 -33.51 29.92 -25.43
CA VAL J 17 -34.00 29.18 -26.59
C VAL J 17 -32.79 28.49 -27.24
N ASP J 18 -32.90 27.18 -27.39
CA ASP J 18 -31.83 26.39 -27.94
C ASP J 18 -32.02 26.07 -29.42
N LEU J 19 -31.25 26.72 -30.29
CA LEU J 19 -31.33 26.46 -31.71
C LEU J 19 -30.59 25.20 -32.07
N ARG J 20 -31.30 24.21 -32.59
CA ARG J 20 -30.67 22.96 -32.96
C ARG J 20 -30.72 22.57 -34.43
N PHE J 21 -29.68 21.95 -34.94
CA PHE J 21 -29.67 21.43 -36.30
C PHE J 21 -28.84 20.14 -36.43
N THR J 22 -28.95 19.36 -37.50
CA THR J 22 -28.18 18.13 -37.65
C THR J 22 -27.13 18.30 -38.71
N ASP J 23 -25.90 17.81 -38.52
CA ASP J 23 -24.88 17.93 -39.55
C ASP J 23 -24.88 16.74 -40.52
N THR J 24 -23.93 16.66 -41.44
CA THR J 24 -23.91 15.59 -42.44
C THR J 24 -23.74 14.23 -41.82
N LYS J 25 -22.87 14.12 -40.83
CA LYS J 25 -22.71 12.88 -40.12
C LYS J 25 -23.91 12.43 -39.31
N GLY J 26 -24.82 13.36 -38.96
CA GLY J 26 -26.00 12.99 -38.19
C GLY J 26 -26.06 13.52 -36.75
N LYS J 27 -24.97 14.12 -36.28
CA LYS J 27 -24.94 14.65 -34.93
C LYS J 27 -25.63 15.99 -34.83
N GLU J 28 -26.55 16.03 -33.89
CA GLU J 28 -27.27 17.23 -33.51
C GLU J 28 -26.37 18.26 -32.83
N GLN J 29 -26.30 19.36 -33.54
CA GLN J 29 -25.63 20.57 -33.13
C GLN J 29 -26.58 21.52 -32.44
N HIS J 30 -26.06 22.47 -31.66
CA HIS J 30 -26.90 23.46 -31.03
C HIS J 30 -26.18 24.74 -30.61
N VAL J 31 -26.89 25.86 -30.64
CA VAL J 31 -26.41 27.15 -30.16
C VAL J 31 -27.54 27.80 -29.33
N THR J 32 -27.25 28.57 -28.28
CA THR J 32 -28.29 29.05 -27.37
C THR J 32 -28.43 30.56 -27.36
N ILE J 33 -29.65 31.01 -27.51
CA ILE J 33 -30.03 32.41 -27.52
C ILE J 33 -30.79 32.71 -26.21
N PRO J 34 -30.67 33.86 -25.56
CA PRO J 34 -31.54 34.27 -24.46
C PRO J 34 -32.96 34.43 -24.97
N ALA J 35 -34.02 34.03 -24.24
CA ALA J 35 -35.41 34.15 -24.72
C ALA J 35 -35.77 35.54 -25.25
N HIS J 36 -35.21 36.54 -24.57
CA HIS J 36 -35.34 37.92 -25.01
C HIS J 36 -34.77 38.30 -26.38
N GLN J 37 -34.35 37.38 -27.23
CA GLN J 37 -33.89 37.67 -28.59
C GLN J 37 -34.86 37.05 -29.60
N VAL J 38 -35.84 36.31 -29.08
CA VAL J 38 -36.91 35.78 -29.89
C VAL J 38 -38.00 36.86 -30.00
N ASN J 39 -38.11 37.34 -31.23
CA ASN J 39 -39.11 38.33 -31.65
C ASN J 39 -39.28 38.28 -33.15
N ALA J 40 -40.37 38.76 -33.76
CA ALA J 40 -40.60 38.78 -35.22
C ALA J 40 -39.42 38.52 -36.17
N GLU J 41 -38.44 39.45 -36.15
CA GLU J 41 -37.16 39.37 -36.87
C GLU J 41 -36.53 37.97 -36.94
N PHE J 42 -36.49 37.31 -35.76
CA PHE J 42 -35.99 35.95 -35.58
C PHE J 42 -36.71 34.96 -36.49
N PHE J 43 -37.99 34.68 -36.30
CA PHE J 43 -38.72 33.75 -37.17
C PHE J 43 -38.85 34.17 -38.63
N GLU J 44 -38.48 35.43 -38.89
CA GLU J 44 -38.55 36.03 -40.20
C GLU J 44 -37.28 35.79 -41.01
N GLU J 45 -36.21 36.43 -40.54
CA GLU J 45 -34.90 36.36 -41.18
C GLU J 45 -33.80 35.51 -40.53
N GLY J 46 -34.21 34.55 -39.71
CA GLY J 46 -33.31 33.66 -38.98
C GLY J 46 -32.16 34.28 -38.16
N LYS J 47 -31.16 33.45 -37.85
CA LYS J 47 -29.94 33.90 -37.18
C LYS J 47 -28.68 33.41 -37.90
N MET J 48 -27.69 34.27 -38.11
CA MET J 48 -26.47 33.92 -38.83
C MET J 48 -25.48 33.15 -37.97
N PHE J 49 -24.82 32.14 -38.52
CA PHE J 49 -23.76 31.48 -37.78
C PHE J 49 -22.61 31.12 -38.70
N ASP J 50 -21.42 30.86 -38.16
CA ASP J 50 -20.37 30.37 -39.02
C ASP J 50 -20.49 28.87 -39.28
N GLY J 51 -21.14 28.63 -40.41
CA GLY J 51 -21.30 27.27 -40.92
C GLY J 51 -19.99 26.60 -41.29
N SER J 52 -18.97 27.41 -41.59
CA SER J 52 -17.62 26.93 -41.98
C SER J 52 -16.96 25.86 -41.13
N SER J 53 -17.03 25.94 -39.79
CA SER J 53 -16.43 24.89 -38.97
C SER J 53 -17.31 23.68 -38.71
N ILE J 54 -18.48 23.56 -39.33
CA ILE J 54 -19.27 22.32 -39.27
C ILE J 54 -18.67 21.38 -40.33
N GLY J 55 -18.33 20.18 -39.89
CA GLY J 55 -17.74 19.17 -40.76
C GLY J 55 -18.51 18.81 -42.04
N GLY J 56 -17.87 19.11 -43.16
CA GLY J 56 -18.44 18.82 -44.48
C GLY J 56 -19.26 19.97 -45.10
N TRP J 57 -19.20 21.16 -44.50
CA TRP J 57 -19.96 22.30 -44.99
C TRP J 57 -19.18 23.51 -45.54
N ASP J 64 -20.22 31.99 -43.44
CA ASP J 64 -21.51 32.31 -42.85
C ASP J 64 -22.78 31.84 -43.55
N MET J 65 -23.68 31.33 -42.71
CA MET J 65 -24.94 30.72 -43.11
C MET J 65 -26.09 31.13 -42.19
N VAL J 66 -27.34 30.86 -42.57
CA VAL J 66 -28.43 31.21 -41.68
C VAL J 66 -29.29 30.07 -41.13
N LEU J 67 -29.41 30.10 -39.80
CA LEU J 67 -30.28 29.21 -39.05
C LEU J 67 -31.71 29.72 -39.09
N MET J 68 -32.57 29.00 -39.77
CA MET J 68 -33.97 29.40 -39.88
C MET J 68 -34.89 28.60 -38.95
N PRO J 69 -35.36 29.18 -37.86
CA PRO J 69 -36.14 28.46 -36.87
C PRO J 69 -37.44 27.88 -37.39
N ASP J 70 -37.71 26.57 -37.30
CA ASP J 70 -39.01 26.03 -37.68
C ASP J 70 -39.94 26.00 -36.44
N ALA J 71 -40.77 27.02 -36.31
CA ALA J 71 -41.62 27.16 -35.13
C ALA J 71 -42.61 26.06 -34.81
N SER J 72 -42.76 25.09 -35.72
CA SER J 72 -43.62 23.94 -35.46
C SER J 72 -42.96 22.98 -34.49
N THR J 73 -41.62 22.99 -34.52
CA THR J 73 -40.81 22.11 -33.69
C THR J 73 -40.57 22.51 -32.24
N ALA J 74 -41.16 23.57 -31.69
CA ALA J 74 -40.83 24.01 -30.33
C ALA J 74 -41.18 23.04 -29.20
N VAL J 75 -40.14 22.61 -28.49
CA VAL J 75 -40.30 21.72 -27.35
C VAL J 75 -39.54 22.22 -26.12
N ILE J 76 -40.06 22.06 -24.91
CA ILE J 76 -39.28 22.47 -23.75
C ILE J 76 -38.24 21.38 -23.41
N ASP J 77 -36.99 21.74 -23.15
CA ASP J 77 -35.92 20.78 -22.85
C ASP J 77 -36.04 20.14 -21.48
N PRO J 78 -36.23 18.82 -21.32
CA PRO J 78 -36.54 18.20 -20.02
C PRO J 78 -35.33 18.11 -19.09
N PHE J 79 -34.16 18.52 -19.58
CA PHE J 79 -32.93 18.38 -18.83
C PHE J 79 -32.16 19.63 -18.41
N PHE J 80 -32.05 20.68 -19.23
CA PHE J 80 -31.25 21.85 -18.83
C PHE J 80 -31.78 22.47 -17.52
N ALA J 81 -30.92 22.99 -16.65
CA ALA J 81 -31.38 23.57 -15.38
C ALA J 81 -32.27 24.81 -15.45
N ASP J 82 -31.99 25.66 -16.44
CA ASP J 82 -32.77 26.88 -16.66
C ASP J 82 -33.81 26.63 -17.75
N SER J 83 -35.02 27.18 -17.62
CA SER J 83 -36.06 26.91 -18.62
C SER J 83 -35.71 27.22 -20.07
N THR J 84 -35.60 26.16 -20.84
CA THR J 84 -35.18 26.28 -22.24
C THR J 84 -36.13 25.70 -23.27
N LEU J 85 -36.38 26.46 -24.31
CA LEU J 85 -37.27 25.99 -25.37
C LEU J 85 -36.39 25.64 -26.55
N ILE J 86 -36.39 24.39 -26.95
CA ILE J 86 -35.67 23.91 -28.14
C ILE J 86 -36.45 24.27 -29.40
N ILE J 87 -35.77 24.82 -30.40
CA ILE J 87 -36.38 25.05 -31.70
C ILE J 87 -35.47 24.46 -32.77
N ARG J 88 -35.97 23.47 -33.52
CA ARG J 88 -35.20 22.90 -34.63
C ARG J 88 -35.03 23.93 -35.74
N CYS J 89 -33.92 23.94 -36.44
CA CYS J 89 -33.70 24.90 -37.50
C CYS J 89 -33.36 24.31 -38.86
N ASP J 90 -33.53 25.05 -39.94
CA ASP J 90 -33.00 24.62 -41.22
C ASP J 90 -31.87 25.53 -41.58
N ILE J 91 -30.87 24.97 -42.24
CA ILE J 91 -29.73 25.76 -42.68
C ILE J 91 -30.04 26.32 -44.05
N LEU J 92 -30.16 27.63 -44.13
CA LEU J 92 -30.42 28.26 -45.41
C LEU J 92 -29.21 29.03 -45.92
N GLU J 93 -29.22 29.06 -47.25
CA GLU J 93 -28.22 29.81 -47.99
C GLU J 93 -28.51 31.30 -47.80
N PRO J 94 -27.59 32.14 -47.31
CA PRO J 94 -27.89 33.44 -46.71
C PRO J 94 -28.36 34.54 -47.66
N GLY J 95 -29.28 35.41 -47.22
CA GLY J 95 -29.85 36.47 -48.07
C GLY J 95 -30.86 35.90 -49.09
N THR J 96 -30.30 35.13 -50.01
CA THR J 96 -31.02 34.35 -51.03
C THR J 96 -32.03 33.32 -50.49
N LEU J 97 -31.79 32.91 -49.24
CA LEU J 97 -32.67 32.09 -48.39
C LEU J 97 -33.36 30.80 -48.88
N GLN J 98 -32.58 29.95 -49.52
CA GLN J 98 -33.13 28.74 -50.12
C GLN J 98 -32.87 27.41 -49.38
N GLY J 99 -31.77 27.29 -48.66
CA GLY J 99 -31.57 26.03 -47.95
C GLY J 99 -30.42 25.22 -48.50
N TYR J 100 -29.35 25.18 -47.70
CA TYR J 100 -28.10 24.51 -48.03
C TYR J 100 -28.27 23.16 -48.71
N ASP J 101 -27.80 22.83 -49.92
CA ASP J 101 -28.10 21.53 -50.55
C ASP J 101 -27.35 20.29 -50.05
N ARG J 102 -26.72 20.59 -48.93
CA ARG J 102 -25.86 19.78 -48.10
C ARG J 102 -26.43 19.68 -46.66
N ASP J 103 -27.48 20.45 -46.34
CA ASP J 103 -28.19 20.39 -45.07
C ASP J 103 -29.12 19.19 -45.10
N PRO J 104 -28.92 18.15 -44.28
CA PRO J 104 -29.72 16.94 -44.30
C PRO J 104 -31.20 17.16 -44.07
N ARG J 105 -31.65 18.14 -43.26
CA ARG J 105 -33.09 18.32 -43.09
C ARG J 105 -33.70 18.84 -44.37
N SER J 106 -33.07 19.85 -45.01
CA SER J 106 -33.51 20.30 -46.33
C SER J 106 -33.61 19.17 -47.33
N ILE J 107 -32.55 18.36 -47.50
CA ILE J 107 -32.63 17.17 -48.34
C ILE J 107 -33.84 16.27 -47.98
N ALA J 108 -34.18 16.04 -46.71
CA ALA J 108 -35.34 15.23 -46.38
C ALA J 108 -36.64 15.88 -46.87
N LYS J 109 -36.77 17.19 -46.62
CA LYS J 109 -37.95 17.94 -47.06
C LYS J 109 -38.11 17.91 -48.58
N ARG J 110 -37.00 18.05 -49.31
CA ARG J 110 -36.99 17.90 -50.76
C ARG J 110 -37.47 16.53 -51.21
N ALA J 111 -36.98 15.45 -50.63
CA ALA J 111 -37.46 14.12 -50.96
C ALA J 111 -38.97 13.97 -50.74
N GLU J 112 -39.53 14.61 -49.70
CA GLU J 112 -40.97 14.57 -49.49
C GLU J 112 -41.73 15.33 -50.57
N ASP J 113 -41.30 16.55 -50.90
CA ASP J 113 -41.91 17.30 -52.01
C ASP J 113 -41.77 16.61 -53.36
N TYR J 114 -40.61 16.06 -53.71
CA TYR J 114 -40.46 15.27 -54.93
C TYR J 114 -41.48 14.13 -54.97
N LEU J 115 -41.78 13.46 -53.86
CA LEU J 115 -42.79 12.40 -53.83
C LEU J 115 -44.15 12.97 -54.26
N ARG J 116 -44.48 14.15 -53.73
CA ARG J 116 -45.71 14.85 -54.09
C ARG J 116 -45.75 15.25 -55.57
N ALA J 117 -44.65 15.84 -56.07
CA ALA J 117 -44.52 16.22 -57.47
C ALA J 117 -44.62 15.04 -58.45
N THR J 118 -44.23 13.83 -58.04
CA THR J 118 -44.42 12.67 -58.90
C THR J 118 -45.84 12.14 -58.84
N GLY J 119 -46.64 12.58 -57.87
CA GLY J 119 -48.02 12.13 -57.71
C GLY J 119 -48.19 10.65 -57.37
N ILE J 120 -47.10 9.91 -57.10
CA ILE J 120 -47.19 8.49 -56.76
C ILE J 120 -47.89 8.32 -55.42
N ALA J 121 -47.70 9.26 -54.50
CA ALA J 121 -48.42 9.31 -53.23
C ALA J 121 -48.32 10.69 -52.58
N ASP J 122 -49.13 10.99 -51.56
CA ASP J 122 -49.04 12.29 -50.87
C ASP J 122 -48.06 12.25 -49.71
N THR J 123 -48.03 11.12 -49.00
CA THR J 123 -47.15 10.99 -47.86
C THR J 123 -46.34 9.71 -47.71
N VAL J 124 -45.10 9.85 -47.21
CA VAL J 124 -44.25 8.71 -46.85
C VAL J 124 -44.28 8.48 -45.36
N LEU J 125 -44.58 7.28 -44.94
CA LEU J 125 -44.55 6.94 -43.54
C LEU J 125 -43.39 6.01 -43.14
N PHE J 126 -42.57 6.54 -42.24
CA PHE J 126 -41.43 5.85 -41.66
C PHE J 126 -41.58 5.49 -40.19
N GLY J 127 -41.13 4.28 -39.90
CA GLY J 127 -41.15 3.75 -38.55
C GLY J 127 -39.84 3.03 -38.22
N PRO J 128 -38.82 3.78 -37.80
CA PRO J 128 -37.50 3.26 -37.43
C PRO J 128 -37.52 2.48 -36.13
N GLU J 129 -36.81 1.37 -35.98
CA GLU J 129 -36.78 0.65 -34.70
C GLU J 129 -35.35 0.72 -34.13
N PRO J 130 -34.84 1.85 -33.61
CA PRO J 130 -33.46 2.02 -33.17
C PRO J 130 -33.14 1.26 -31.91
N GLU J 131 -32.04 0.54 -31.90
CA GLU J 131 -31.59 -0.10 -30.66
C GLU J 131 -30.36 0.58 -30.10
N PHE J 132 -30.18 0.45 -28.80
CA PHE J 132 -29.02 1.06 -28.17
C PHE J 132 -28.42 0.21 -27.10
N PHE J 133 -27.20 0.55 -26.71
CA PHE J 133 -26.57 -0.10 -25.58
C PHE J 133 -26.42 0.87 -24.41
N LEU J 134 -26.58 0.36 -23.21
CA LEU J 134 -26.50 1.17 -22.00
C LEU J 134 -25.38 0.63 -21.08
N PHE J 135 -24.17 1.16 -21.22
CA PHE J 135 -23.01 0.70 -20.44
C PHE J 135 -22.72 1.54 -19.19
N ASP J 136 -21.85 1.11 -18.25
CA ASP J 136 -21.42 1.92 -17.09
C ASP J 136 -20.09 2.61 -17.31
N ASP J 137 -19.23 1.93 -18.07
CA ASP J 137 -17.88 2.42 -18.32
C ASP J 137 -17.41 2.05 -19.69
N ILE J 138 -16.91 3.03 -20.43
CA ILE J 138 -16.35 2.77 -21.73
C ILE J 138 -15.03 3.52 -21.83
N ARG J 139 -13.95 2.78 -21.97
CA ARG J 139 -12.63 3.37 -22.15
C ARG J 139 -12.03 2.88 -23.44
N PHE J 140 -11.40 3.79 -24.14
CA PHE J 140 -10.70 3.40 -25.35
C PHE J 140 -9.59 4.37 -25.73
N GLY J 141 -8.74 4.03 -26.68
CA GLY J 141 -7.70 4.93 -27.12
C GLY J 141 -6.75 4.25 -28.09
N ALA J 142 -6.11 5.07 -28.89
CA ALA J 142 -5.14 4.62 -29.88
C ALA J 142 -3.99 5.62 -29.83
N SER J 143 -2.77 5.12 -29.87
CA SER J 143 -1.52 5.88 -29.78
C SER J 143 -0.46 5.14 -30.59
N ILE J 144 0.72 5.71 -30.89
CA ILE J 144 1.76 4.96 -31.60
C ILE J 144 2.11 3.60 -30.97
N SER J 145 2.18 3.52 -29.64
CA SER J 145 2.57 2.30 -28.93
C SER J 145 1.45 1.29 -28.73
N GLY J 146 0.27 1.56 -29.28
CA GLY J 146 -0.84 0.61 -29.13
C GLY J 146 -2.26 1.20 -29.19
N SER J 147 -3.22 0.34 -28.89
CA SER J 147 -4.61 0.78 -28.89
C SER J 147 -5.51 -0.15 -28.09
N HIS J 148 -6.65 0.33 -27.61
CA HIS J 148 -7.54 -0.48 -26.79
C HIS J 148 -8.95 0.06 -26.70
N VAL J 149 -9.87 -0.84 -26.38
CA VAL J 149 -11.22 -0.49 -25.98
C VAL J 149 -11.63 -1.50 -24.89
N ALA J 150 -12.30 -0.96 -23.90
CA ALA J 150 -12.74 -1.69 -22.73
C ALA J 150 -14.17 -1.28 -22.40
N ILE J 151 -15.08 -2.23 -22.52
CA ILE J 151 -16.51 -2.02 -22.28
C ILE J 151 -16.87 -2.61 -20.93
N ASP J 152 -17.63 -1.88 -20.15
CA ASP J 152 -18.13 -2.45 -18.93
C ASP J 152 -19.49 -1.97 -18.48
N ASP J 153 -20.23 -2.99 -18.08
CA ASP J 153 -21.55 -2.84 -17.54
C ASP J 153 -21.90 -3.94 -16.55
N ILE J 154 -22.68 -3.56 -15.56
CA ILE J 154 -23.14 -4.44 -14.49
C ILE J 154 -23.82 -5.70 -15.02
N GLU J 155 -24.49 -5.58 -16.16
CA GLU J 155 -25.17 -6.69 -16.80
C GLU J 155 -24.27 -7.55 -17.71
N GLY J 156 -22.98 -7.24 -17.78
CA GLY J 156 -22.12 -7.93 -18.71
C GLY J 156 -21.93 -9.32 -18.22
N ALA J 157 -22.26 -10.35 -18.99
CA ALA J 157 -22.08 -11.72 -18.54
C ALA J 157 -20.70 -12.00 -17.97
N TRP J 158 -19.71 -11.28 -18.50
CA TRP J 158 -18.38 -11.38 -17.98
C TRP J 158 -18.23 -10.95 -16.54
N ASN J 159 -19.11 -10.16 -15.92
CA ASN J 159 -18.95 -9.80 -14.51
C ASN J 159 -19.39 -10.82 -13.47
N SER J 160 -19.77 -12.01 -13.94
CA SER J 160 -20.14 -13.11 -13.02
C SER J 160 -19.05 -13.48 -12.00
N SER J 161 -17.80 -13.23 -12.41
CA SER J 161 -16.63 -13.48 -11.58
C SER J 161 -16.12 -12.32 -10.75
N THR J 162 -16.65 -11.14 -11.05
CA THR J 162 -16.23 -9.88 -10.45
C THR J 162 -16.49 -9.62 -8.99
N LYS J 163 -15.48 -9.17 -8.25
CA LYS J 163 -15.72 -8.74 -6.87
C LYS J 163 -16.26 -7.32 -6.87
N TYR J 164 -17.40 -7.13 -6.21
CA TYR J 164 -18.03 -5.83 -6.19
C TYR J 164 -18.12 -5.03 -4.88
N GLU J 165 -17.77 -5.49 -3.69
CA GLU J 165 -17.85 -4.71 -2.42
C GLU J 165 -19.25 -4.38 -1.89
N GLY J 166 -20.24 -4.26 -2.77
CA GLY J 166 -21.61 -4.43 -2.30
C GLY J 166 -21.94 -5.94 -2.11
N GLY J 167 -21.27 -6.73 -2.93
CA GLY J 167 -21.51 -8.16 -3.06
C GLY J 167 -21.81 -8.42 -4.54
N ASN J 168 -21.78 -9.62 -5.14
CA ASN J 168 -21.98 -9.65 -6.58
C ASN J 168 -23.43 -9.84 -6.98
N LYS J 169 -24.30 -10.51 -6.25
CA LYS J 169 -25.73 -10.66 -6.63
C LYS J 169 -26.08 -11.44 -7.91
N GLY J 170 -25.18 -11.64 -8.86
CA GLY J 170 -25.29 -12.66 -9.92
C GLY J 170 -26.49 -12.78 -10.89
N HIS J 171 -27.55 -12.00 -10.81
CA HIS J 171 -28.58 -12.11 -11.83
C HIS J 171 -28.17 -11.19 -12.95
N ARG J 172 -27.93 -11.72 -14.14
CA ARG J 172 -27.36 -10.94 -15.23
C ARG J 172 -27.73 -11.57 -16.57
N PRO J 173 -28.02 -10.91 -17.68
CA PRO J 173 -28.29 -11.58 -18.95
C PRO J 173 -27.05 -12.26 -19.50
N GLY J 174 -27.11 -13.57 -19.78
CA GLY J 174 -25.97 -14.25 -20.44
C GLY J 174 -25.65 -13.74 -21.86
N VAL J 175 -24.67 -14.20 -22.69
CA VAL J 175 -24.44 -13.45 -23.94
C VAL J 175 -25.63 -13.35 -24.88
N LYS J 176 -26.40 -14.33 -25.36
CA LYS J 176 -27.58 -13.94 -26.16
C LYS J 176 -28.92 -13.97 -25.41
N GLY J 177 -28.80 -13.79 -24.11
CA GLY J 177 -29.92 -13.97 -23.19
C GLY J 177 -30.56 -12.73 -22.59
N GLY J 178 -30.32 -11.55 -23.18
CA GLY J 178 -30.96 -10.33 -22.71
C GLY J 178 -32.42 -10.22 -23.12
N TYR J 179 -32.83 -11.08 -24.06
CA TYR J 179 -34.21 -11.10 -24.53
C TYR J 179 -35.24 -11.81 -23.65
N PHE J 180 -35.68 -10.79 -22.95
CA PHE J 180 -36.82 -10.64 -22.05
C PHE J 180 -36.94 -10.99 -20.59
N PRO J 181 -35.97 -11.50 -19.83
CA PRO J 181 -36.19 -11.97 -18.46
C PRO J 181 -36.63 -10.83 -17.55
N VAL J 182 -37.48 -11.11 -16.58
CA VAL J 182 -37.92 -10.06 -15.65
C VAL J 182 -36.80 -9.57 -14.74
N PRO J 183 -36.87 -8.40 -14.15
CA PRO J 183 -36.01 -8.00 -13.03
C PRO J 183 -35.85 -9.06 -11.93
N PRO J 184 -34.73 -9.20 -11.22
CA PRO J 184 -33.53 -8.40 -11.41
C PRO J 184 -32.59 -8.70 -12.57
N VAL J 185 -32.80 -9.69 -13.46
CA VAL J 185 -31.89 -9.96 -14.59
C VAL J 185 -31.88 -8.74 -15.54
N ASP J 186 -33.04 -8.14 -15.77
CA ASP J 186 -33.11 -6.93 -16.55
C ASP J 186 -32.96 -5.77 -15.60
N SER J 187 -31.77 -5.18 -15.56
CA SER J 187 -31.52 -4.01 -14.71
C SER J 187 -32.18 -2.71 -15.16
N ALA J 188 -32.60 -2.58 -16.41
CA ALA J 188 -33.06 -1.30 -16.91
C ALA J 188 -34.54 -0.94 -16.99
N GLN J 189 -35.45 -1.64 -16.28
CA GLN J 189 -36.88 -1.31 -16.34
C GLN J 189 -37.22 0.14 -16.04
N ASP J 190 -36.75 0.67 -14.90
CA ASP J 190 -36.93 2.08 -14.61
C ASP J 190 -36.22 3.02 -15.56
N ILE J 191 -35.02 2.72 -16.09
CA ILE J 191 -34.35 3.62 -17.02
C ILE J 191 -35.14 3.65 -18.33
N ARG J 192 -35.57 2.52 -18.89
CA ARG J 192 -36.39 2.56 -20.09
C ARG J 192 -37.75 3.23 -19.88
N SER J 193 -38.50 2.96 -18.80
CA SER J 193 -39.78 3.65 -18.58
C SER J 193 -39.65 5.16 -18.49
N GLU J 194 -38.59 5.61 -17.82
CA GLU J 194 -38.25 7.03 -17.73
C GLU J 194 -37.94 7.65 -19.08
N MET J 195 -37.20 6.89 -19.91
CA MET J 195 -36.93 7.30 -21.28
C MET J 195 -38.24 7.44 -22.05
N CYS J 196 -39.17 6.52 -21.82
CA CYS J 196 -40.48 6.60 -22.46
C CYS J 196 -41.24 7.85 -22.05
N LEU J 197 -41.32 8.11 -20.74
CA LEU J 197 -42.01 9.30 -20.26
C LEU J 197 -41.34 10.58 -20.77
N VAL J 198 -40.03 10.75 -20.74
CA VAL J 198 -39.43 11.97 -21.27
C VAL J 198 -39.64 12.06 -22.79
N MET J 199 -39.63 10.97 -23.55
CA MET J 199 -39.85 11.06 -25.00
C MET J 199 -41.24 11.60 -25.33
N GLU J 200 -42.23 11.11 -24.58
CA GLU J 200 -43.58 11.60 -24.79
C GLU J 200 -43.73 13.07 -24.41
N GLN J 201 -43.07 13.50 -23.34
CA GLN J 201 -43.03 14.90 -22.94
C GLN J 201 -42.40 15.79 -24.04
N MET J 202 -41.63 15.19 -24.93
CA MET J 202 -41.02 15.87 -26.05
C MET J 202 -41.75 15.64 -27.36
N GLY J 203 -42.90 14.99 -27.27
CA GLY J 203 -43.79 14.82 -28.40
C GLY J 203 -43.73 13.51 -29.15
N LEU J 204 -43.12 12.47 -28.60
CA LEU J 204 -43.07 11.22 -29.32
C LEU J 204 -44.13 10.28 -28.79
N VAL J 205 -44.56 9.26 -29.52
CA VAL J 205 -45.51 8.34 -28.91
C VAL J 205 -44.90 6.97 -28.75
N VAL J 206 -44.64 6.59 -27.53
CA VAL J 206 -44.08 5.29 -27.26
C VAL J 206 -45.13 4.20 -27.46
N GLU J 207 -44.71 3.10 -28.05
CA GLU J 207 -45.56 1.92 -28.25
C GLU J 207 -45.19 0.75 -27.34
N ALA J 208 -43.89 0.59 -27.11
CA ALA J 208 -43.37 -0.45 -26.22
C ALA J 208 -41.93 -0.23 -25.84
N HIS J 209 -41.45 -0.75 -24.73
CA HIS J 209 -40.02 -0.70 -24.44
C HIS J 209 -39.63 -2.03 -23.86
N HIS J 210 -38.48 -2.53 -24.26
CA HIS J 210 -38.00 -3.80 -23.73
C HIS J 210 -36.49 -3.96 -23.86
N HIS J 211 -35.96 -4.89 -23.08
CA HIS J 211 -34.55 -5.26 -23.19
C HIS J 211 -34.32 -6.00 -24.50
N GLU J 212 -33.18 -5.82 -25.15
CA GLU J 212 -32.88 -6.57 -26.37
C GLU J 212 -32.02 -7.81 -26.14
N VAL J 213 -31.59 -8.50 -27.18
CA VAL J 213 -30.92 -9.79 -27.07
C VAL J 213 -29.58 -9.83 -26.35
N ALA J 214 -28.78 -8.80 -26.53
CA ALA J 214 -27.46 -8.81 -25.93
C ALA J 214 -27.31 -8.65 -24.43
N THR J 215 -26.30 -9.33 -23.88
CA THR J 215 -25.84 -9.11 -22.51
C THR J 215 -25.30 -7.67 -22.41
N ALA J 216 -24.87 -7.15 -21.26
CA ALA J 216 -24.30 -5.80 -21.19
C ALA J 216 -25.12 -4.62 -21.71
N GLY J 217 -26.43 -4.70 -21.45
CA GLY J 217 -27.32 -3.55 -21.63
C GLY J 217 -27.91 -3.23 -23.00
N GLN J 218 -28.30 -4.18 -23.86
CA GLN J 218 -28.95 -3.78 -25.09
C GLN J 218 -30.42 -3.46 -24.83
N ASN J 219 -30.95 -2.35 -25.31
CA ASN J 219 -32.33 -1.94 -25.06
C ASN J 219 -33.04 -1.35 -26.26
N GLU J 220 -34.37 -1.29 -26.18
CA GLU J 220 -35.18 -0.75 -27.26
C GLU J 220 -36.44 -0.07 -26.76
N VAL J 221 -36.58 1.18 -27.18
CA VAL J 221 -37.82 1.89 -26.94
C VAL J 221 -38.48 2.04 -28.32
N ALA J 222 -39.59 1.33 -28.53
CA ALA J 222 -40.35 1.35 -29.78
C ALA J 222 -41.25 2.57 -29.83
N THR J 223 -41.25 3.26 -30.95
CA THR J 223 -41.93 4.54 -31.04
C THR J 223 -42.85 4.69 -32.27
N ARG J 224 -44.09 5.22 -32.16
CA ARG J 224 -45.04 5.39 -33.27
C ARG J 224 -44.52 6.26 -34.40
N PHE J 225 -44.84 5.69 -35.57
CA PHE J 225 -44.44 6.21 -36.87
C PHE J 225 -44.75 7.67 -37.15
N ASN J 226 -44.20 8.10 -38.25
CA ASN J 226 -44.49 9.43 -38.73
C ASN J 226 -44.14 9.63 -40.19
N THR J 227 -44.39 10.84 -40.66
CA THR J 227 -43.99 11.17 -42.01
C THR J 227 -42.46 11.31 -41.98
N MET J 228 -41.79 10.97 -43.07
CA MET J 228 -40.35 11.02 -43.14
C MET J 228 -39.59 12.17 -42.43
N THR J 229 -39.56 13.43 -42.86
CA THR J 229 -38.80 14.46 -42.12
C THR J 229 -39.24 14.62 -40.68
N LYS J 230 -40.50 14.41 -40.31
CA LYS J 230 -40.90 14.57 -38.91
C LYS J 230 -40.31 13.42 -38.09
N LYS J 231 -40.32 12.22 -38.65
CA LYS J 231 -39.75 11.06 -37.99
C LYS J 231 -38.24 11.15 -37.86
N ALA J 232 -37.57 11.65 -38.89
CA ALA J 232 -36.14 11.89 -38.82
C ALA J 232 -35.81 12.85 -37.67
N ASP J 233 -36.56 13.94 -37.45
CA ASP J 233 -36.39 14.75 -36.24
C ASP J 233 -36.73 13.97 -34.97
N GLU J 234 -37.77 13.14 -34.98
CA GLU J 234 -38.07 12.32 -33.80
C GLU J 234 -36.93 11.35 -33.47
N ILE J 235 -36.15 10.88 -34.44
CA ILE J 235 -34.98 10.07 -34.16
C ILE J 235 -33.93 10.95 -33.48
N GLN J 236 -33.70 12.19 -33.91
CA GLN J 236 -32.80 13.10 -33.21
C GLN J 236 -33.26 13.37 -31.78
N ILE J 237 -34.54 13.54 -31.46
CA ILE J 237 -34.99 13.67 -30.06
C ILE J 237 -34.84 12.33 -29.33
N TYR J 238 -35.18 11.20 -29.95
CA TYR J 238 -35.05 9.86 -29.39
C TYR J 238 -33.64 9.64 -28.86
N LYS J 239 -32.67 9.84 -29.77
CA LYS J 239 -31.28 9.75 -29.40
C LYS J 239 -30.90 10.71 -28.27
N TYR J 240 -31.37 11.96 -28.26
CA TYR J 240 -31.04 12.94 -27.22
C TYR J 240 -31.57 12.52 -25.85
N VAL J 241 -32.80 12.04 -25.79
CA VAL J 241 -33.36 11.55 -24.55
C VAL J 241 -32.62 10.31 -24.08
N VAL J 242 -32.35 9.31 -24.94
CA VAL J 242 -31.59 8.13 -24.53
C VAL J 242 -30.21 8.51 -23.98
N HIS J 243 -29.46 9.36 -24.69
CA HIS J 243 -28.17 9.83 -24.20
C HIS J 243 -28.27 10.57 -22.86
N ASN J 244 -29.20 11.49 -22.65
CA ASN J 244 -29.28 12.20 -21.39
C ASN J 244 -29.98 11.51 -20.22
N VAL J 245 -31.01 10.70 -20.39
CA VAL J 245 -31.61 9.97 -19.28
C VAL J 245 -30.59 8.95 -18.79
N ALA J 246 -29.91 8.23 -19.70
CA ALA J 246 -28.85 7.31 -19.32
C ALA J 246 -27.81 7.99 -18.46
N HIS J 247 -27.43 9.18 -18.92
CA HIS J 247 -26.49 10.01 -18.18
C HIS J 247 -26.97 10.36 -16.77
N ARG J 248 -28.24 10.75 -16.60
CA ARG J 248 -28.80 11.05 -15.27
C ARG J 248 -28.76 9.82 -14.37
N PHE J 249 -28.93 8.66 -14.96
CA PHE J 249 -28.85 7.39 -14.26
C PHE J 249 -27.45 6.84 -14.00
N GLY J 250 -26.40 7.56 -14.42
CA GLY J 250 -25.02 7.12 -14.22
C GLY J 250 -24.52 6.14 -15.28
N LYS J 251 -25.33 5.94 -16.29
CA LYS J 251 -24.98 5.11 -17.41
C LYS J 251 -24.48 5.96 -18.57
N THR J 252 -23.95 5.26 -19.57
CA THR J 252 -23.57 5.87 -20.84
C THR J 252 -24.23 5.08 -21.96
N ALA J 253 -24.96 5.75 -22.83
CA ALA J 253 -25.60 5.03 -23.92
C ALA J 253 -24.89 5.24 -25.21
N THR J 254 -24.95 4.22 -26.05
CA THR J 254 -24.37 4.32 -27.39
C THR J 254 -25.21 3.71 -28.50
N PHE J 255 -25.26 4.47 -29.59
CA PHE J 255 -25.95 3.95 -30.76
C PHE J 255 -25.01 3.29 -31.77
N MET J 256 -23.75 2.96 -31.46
CA MET J 256 -22.88 2.40 -32.49
C MET J 256 -23.29 0.96 -32.78
N PRO J 257 -23.23 0.56 -34.05
CA PRO J 257 -23.88 -0.65 -34.57
C PRO J 257 -23.42 -1.95 -33.92
N LYS J 258 -22.12 -2.04 -33.71
CA LYS J 258 -21.47 -3.25 -33.21
C LYS J 258 -20.37 -3.01 -32.15
N PRO J 259 -20.67 -2.76 -30.87
CA PRO J 259 -19.67 -2.46 -29.86
C PRO J 259 -18.99 -3.71 -29.35
N MET J 260 -19.64 -4.86 -29.37
CA MET J 260 -19.08 -6.11 -28.88
C MET J 260 -19.08 -7.23 -29.91
N PHE J 261 -17.96 -7.88 -30.13
CA PHE J 261 -17.94 -9.07 -30.97
C PHE J 261 -18.53 -10.27 -30.21
N GLY J 262 -19.34 -11.10 -30.83
CA GLY J 262 -19.81 -12.30 -30.12
C GLY J 262 -21.18 -12.21 -29.48
N ASP J 263 -21.79 -11.06 -29.71
CA ASP J 263 -23.15 -10.84 -29.29
C ASP J 263 -23.85 -9.86 -30.21
N ASN J 264 -25.15 -9.69 -30.06
CA ASN J 264 -25.93 -8.80 -30.88
C ASN J 264 -25.42 -7.37 -31.11
N GLY J 265 -25.77 -6.91 -32.30
CA GLY J 265 -25.51 -5.53 -32.69
C GLY J 265 -26.80 -4.73 -32.63
N SER J 266 -26.64 -3.43 -32.61
CA SER J 266 -27.79 -2.55 -32.60
C SER J 266 -28.12 -2.14 -34.04
N GLY J 267 -29.25 -2.60 -34.52
CA GLY J 267 -29.76 -2.15 -35.80
C GLY J 267 -30.94 -1.20 -35.69
N MET J 268 -31.23 -0.43 -36.73
CA MET J 268 -32.37 0.47 -36.77
C MET J 268 -33.21 0.09 -37.98
N HIS J 269 -34.15 -0.83 -37.83
CA HIS J 269 -34.94 -1.25 -38.98
C HIS J 269 -35.96 -0.20 -39.37
N CYS J 270 -36.02 0.11 -40.64
CA CYS J 270 -37.03 1.04 -41.11
C CYS J 270 -38.30 0.41 -41.67
N HIS J 271 -39.42 0.55 -40.98
CA HIS J 271 -40.71 0.23 -41.57
C HIS J 271 -41.15 1.36 -42.48
N MET J 272 -41.47 1.03 -43.71
CA MET J 272 -41.95 2.03 -44.64
C MET J 272 -43.29 1.71 -45.28
N SER J 273 -43.98 2.81 -45.55
CA SER J 273 -45.23 2.75 -46.29
C SER J 273 -45.58 4.02 -47.04
N LEU J 274 -46.29 3.85 -48.14
CA LEU J 274 -46.74 5.00 -48.92
C LEU J 274 -48.24 5.23 -48.92
N ALA J 275 -48.65 6.48 -48.92
CA ALA J 275 -50.07 6.79 -48.95
C ALA J 275 -50.55 7.93 -49.83
N LYS J 276 -51.57 7.64 -50.64
CA LYS J 276 -52.21 8.64 -51.51
C LYS J 276 -53.61 8.83 -50.95
N ASN J 277 -54.16 10.04 -50.96
CA ASN J 277 -55.47 10.39 -50.40
C ASN J 277 -56.08 9.50 -49.31
N GLY J 278 -55.32 9.41 -48.21
CA GLY J 278 -55.71 8.62 -47.03
C GLY J 278 -55.71 7.09 -47.20
N THR J 279 -55.12 6.58 -48.27
CA THR J 279 -55.07 5.15 -48.52
C THR J 279 -53.67 4.59 -48.75
N ASN J 280 -53.51 3.41 -48.16
CA ASN J 280 -52.23 2.73 -48.20
C ASN J 280 -51.90 2.01 -49.52
N LEU J 281 -51.16 2.70 -50.37
CA LEU J 281 -50.65 2.13 -51.62
C LEU J 281 -49.89 0.82 -51.51
N PHE J 282 -49.35 0.49 -50.34
CA PHE J 282 -48.64 -0.76 -50.21
C PHE J 282 -49.58 -1.93 -49.99
N SER J 283 -50.80 -1.69 -49.53
CA SER J 283 -51.77 -2.77 -49.44
C SER J 283 -52.33 -3.13 -50.80
N GLY J 284 -52.79 -4.36 -50.93
CA GLY J 284 -53.34 -4.85 -52.17
C GLY J 284 -53.44 -6.37 -52.21
N ASP J 285 -53.43 -6.87 -53.43
CA ASP J 285 -53.39 -8.30 -53.70
C ASP J 285 -51.95 -8.85 -53.65
N LYS J 286 -51.36 -9.47 -54.67
CA LYS J 286 -49.96 -9.93 -54.70
C LYS J 286 -49.33 -10.64 -53.47
N TYR J 287 -48.00 -10.82 -53.34
CA TYR J 287 -47.43 -11.47 -52.16
C TYR J 287 -47.80 -10.86 -50.80
N ALA J 288 -48.38 -11.67 -49.93
CA ALA J 288 -48.74 -11.26 -48.58
C ALA J 288 -49.47 -9.91 -48.35
N GLY J 289 -50.50 -9.65 -49.15
CA GLY J 289 -51.28 -8.41 -49.01
C GLY J 289 -50.66 -7.20 -49.70
N LEU J 290 -49.55 -7.41 -50.39
CA LEU J 290 -48.90 -6.28 -51.02
C LEU J 290 -49.40 -5.85 -52.39
N SER J 291 -49.35 -4.57 -52.70
CA SER J 291 -49.64 -4.14 -54.05
C SER J 291 -48.47 -4.34 -55.03
N GLU J 292 -48.73 -4.25 -56.33
CA GLU J 292 -47.67 -4.29 -57.34
C GLU J 292 -46.74 -3.06 -57.19
N GLN J 293 -47.36 -1.98 -56.70
CA GLN J 293 -46.75 -0.69 -56.39
C GLN J 293 -45.64 -0.86 -55.33
N ALA J 294 -46.01 -1.59 -54.28
CA ALA J 294 -45.13 -1.97 -53.19
C ALA J 294 -43.97 -2.86 -53.66
N LEU J 295 -44.26 -3.87 -54.47
CA LEU J 295 -43.22 -4.73 -55.03
C LEU J 295 -42.19 -3.95 -55.81
N TYR J 296 -42.56 -2.94 -56.61
CA TYR J 296 -41.55 -2.10 -57.27
C TYR J 296 -40.76 -1.24 -56.31
N TYR J 297 -41.35 -0.81 -55.18
CA TYR J 297 -40.62 -0.11 -54.12
C TYR J 297 -39.51 -1.02 -53.59
N ILE J 298 -39.83 -2.27 -53.22
CA ILE J 298 -38.84 -3.26 -52.83
C ILE J 298 -37.78 -3.44 -53.93
N GLY J 299 -38.17 -3.62 -55.18
CA GLY J 299 -37.24 -3.71 -56.29
C GLY J 299 -36.28 -2.52 -56.41
N GLY J 300 -36.74 -1.30 -56.14
CA GLY J 300 -35.85 -0.14 -56.15
C GLY J 300 -34.87 -0.15 -54.98
N VAL J 301 -35.33 -0.50 -53.77
CA VAL J 301 -34.47 -0.64 -52.60
C VAL J 301 -33.39 -1.69 -52.89
N ILE J 302 -33.76 -2.90 -53.32
CA ILE J 302 -32.80 -3.95 -53.68
C ILE J 302 -31.87 -3.49 -54.82
N LYS J 303 -32.38 -2.88 -55.89
CA LYS J 303 -31.56 -2.35 -56.98
C LYS J 303 -30.47 -1.37 -56.50
N HIS J 304 -30.81 -0.55 -55.49
CA HIS J 304 -29.85 0.44 -55.02
C HIS J 304 -29.27 0.20 -53.63
N ALA J 305 -29.50 -0.99 -53.06
CA ALA J 305 -29.04 -1.33 -51.71
C ALA J 305 -27.62 -0.93 -51.37
N LYS J 306 -26.59 -1.30 -52.14
CA LYS J 306 -25.23 -0.88 -51.81
C LYS J 306 -25.00 0.64 -51.76
N ALA J 307 -25.72 1.46 -52.54
CA ALA J 307 -25.59 2.91 -52.46
C ALA J 307 -26.31 3.42 -51.22
N ILE J 308 -27.46 2.82 -50.92
CA ILE J 308 -28.19 3.11 -49.69
C ILE J 308 -27.31 2.78 -48.48
N ASN J 309 -26.53 1.68 -48.49
CA ASN J 309 -25.65 1.31 -47.38
C ASN J 309 -24.68 2.41 -46.98
N ALA J 310 -24.15 3.19 -47.93
CA ALA J 310 -23.29 4.33 -47.61
C ALA J 310 -23.94 5.39 -46.74
N LEU J 311 -25.28 5.42 -46.69
CA LEU J 311 -26.04 6.37 -45.90
C LEU J 311 -26.76 5.70 -44.71
N ALA J 312 -27.26 4.48 -44.89
CA ALA J 312 -27.96 3.70 -43.86
C ALA J 312 -27.06 2.89 -42.93
N ASN J 313 -25.82 2.68 -43.35
CA ASN J 313 -24.77 1.97 -42.61
C ASN J 313 -23.43 2.72 -42.78
N PRO J 314 -23.30 3.96 -42.30
CA PRO J 314 -22.25 4.89 -42.71
C PRO J 314 -20.93 4.77 -41.94
N THR J 315 -20.82 3.78 -41.05
CA THR J 315 -19.63 3.67 -40.21
C THR J 315 -18.84 2.43 -40.53
N THR J 316 -17.51 2.38 -40.43
CA THR J 316 -16.80 1.12 -40.66
C THR J 316 -17.32 0.02 -39.72
N ASN J 317 -17.69 0.38 -38.49
CA ASN J 317 -18.29 -0.54 -37.52
C ASN J 317 -19.62 -1.14 -37.97
N SER J 318 -20.35 -0.45 -38.84
CA SER J 318 -21.63 -0.97 -39.33
C SER J 318 -21.54 -2.36 -39.96
N TYR J 319 -20.42 -2.53 -40.65
CA TYR J 319 -20.21 -3.77 -41.37
C TYR J 319 -19.72 -4.91 -40.47
N LYS J 320 -19.32 -4.63 -39.23
CA LYS J 320 -19.09 -5.70 -38.26
C LYS J 320 -20.42 -6.34 -37.87
N ARG J 321 -21.53 -5.61 -38.01
CA ARG J 321 -22.89 -6.13 -37.78
C ARG J 321 -23.39 -6.86 -39.01
N LEU J 322 -23.21 -6.23 -40.17
CA LEU J 322 -23.61 -6.84 -41.43
C LEU J 322 -22.66 -7.90 -41.99
N VAL J 323 -22.51 -8.97 -41.22
CA VAL J 323 -21.69 -10.08 -41.66
C VAL J 323 -22.61 -11.29 -41.82
N PRO J 324 -22.36 -12.19 -42.79
CA PRO J 324 -23.06 -13.46 -42.98
C PRO J 324 -23.72 -14.23 -41.82
N PRO J 329 -28.72 -9.62 -41.38
CA PRO J 329 -29.63 -9.44 -42.51
C PRO J 329 -28.90 -8.99 -43.78
N VAL J 330 -28.02 -9.84 -44.30
CA VAL J 330 -27.24 -9.48 -45.48
C VAL J 330 -27.87 -9.73 -46.85
N MET J 331 -28.81 -10.69 -46.91
CA MET J 331 -29.51 -11.06 -48.14
C MET J 331 -30.54 -10.07 -48.70
N LEU J 332 -30.26 -9.44 -49.83
CA LEU J 332 -31.25 -8.59 -50.51
C LEU J 332 -32.37 -9.42 -51.13
N ALA J 333 -33.35 -9.67 -50.29
CA ALA J 333 -34.51 -10.47 -50.64
C ALA J 333 -35.70 -10.09 -49.79
N TYR J 334 -36.90 -10.08 -50.34
CA TYR J 334 -38.09 -9.90 -49.52
C TYR J 334 -38.73 -11.21 -49.13
N SER J 335 -39.37 -11.18 -47.98
CA SER J 335 -40.08 -12.34 -47.46
C SER J 335 -40.96 -12.08 -46.26
N ALA J 336 -42.07 -12.80 -46.12
CA ALA J 336 -42.88 -12.75 -44.91
C ALA J 336 -42.34 -13.82 -43.96
N ARG J 337 -41.80 -14.89 -44.57
CA ARG J 337 -41.10 -15.95 -43.84
C ARG J 337 -39.59 -15.79 -43.53
N ASN J 338 -38.66 -15.74 -44.49
CA ASN J 338 -37.21 -15.68 -44.20
C ASN J 338 -36.59 -14.53 -43.38
N ARG J 339 -36.47 -14.58 -42.04
CA ARG J 339 -35.71 -13.54 -41.29
C ARG J 339 -34.24 -13.98 -41.41
N SER J 340 -33.74 -13.48 -42.53
CA SER J 340 -32.40 -13.68 -43.13
C SER J 340 -32.40 -12.79 -44.39
N ALA J 341 -33.62 -12.63 -44.91
CA ALA J 341 -33.94 -11.64 -45.92
C ALA J 341 -33.94 -10.26 -45.26
N SER J 342 -33.24 -9.33 -45.90
CA SER J 342 -33.16 -7.96 -45.39
C SER J 342 -34.43 -7.13 -45.60
N ILE J 343 -35.36 -7.59 -46.42
CA ILE J 343 -36.64 -6.92 -46.59
C ILE J 343 -37.70 -7.86 -46.02
N ARG J 344 -38.24 -7.58 -44.84
CA ARG J 344 -39.31 -8.36 -44.26
C ARG J 344 -40.67 -7.73 -44.54
N ILE J 345 -41.65 -8.52 -44.99
CA ILE J 345 -43.00 -8.02 -45.20
C ILE J 345 -43.71 -8.44 -43.92
N PRO J 346 -43.94 -7.53 -42.97
CA PRO J 346 -44.50 -7.85 -41.66
C PRO J 346 -45.90 -8.41 -41.81
N VAL J 347 -46.18 -9.49 -41.07
CA VAL J 347 -47.51 -10.07 -41.11
C VAL J 347 -48.39 -9.16 -40.26
N VAL J 348 -48.97 -8.18 -40.94
CA VAL J 348 -49.84 -7.26 -40.25
C VAL J 348 -51.13 -7.95 -39.83
N ALA J 349 -51.72 -8.80 -40.71
CA ALA J 349 -53.01 -9.53 -40.54
C ALA J 349 -54.27 -8.65 -40.48
N SER J 350 -54.04 -7.60 -39.70
CA SER J 350 -54.79 -6.37 -39.52
C SER J 350 -54.97 -5.65 -40.89
N PRO J 351 -55.46 -4.42 -41.05
CA PRO J 351 -56.11 -4.03 -42.30
C PRO J 351 -55.33 -3.62 -43.57
N LYS J 352 -54.58 -2.57 -43.31
CA LYS J 352 -53.96 -1.67 -44.28
C LYS J 352 -52.89 -0.80 -43.61
N ALA J 353 -52.58 -1.25 -42.41
CA ALA J 353 -51.24 -1.10 -41.85
C ALA J 353 -50.22 -1.97 -42.64
N ARG J 354 -50.50 -2.44 -43.87
CA ARG J 354 -49.56 -3.12 -44.77
C ARG J 354 -48.34 -2.25 -45.04
N ARG J 355 -47.16 -2.85 -44.90
CA ARG J 355 -45.93 -2.08 -45.05
C ARG J 355 -44.73 -2.94 -45.38
N ILE J 356 -43.62 -2.37 -45.83
CA ILE J 356 -42.41 -3.18 -45.90
C ILE J 356 -41.46 -2.82 -44.75
N GLU J 357 -40.63 -3.76 -44.32
CA GLU J 357 -39.62 -3.47 -43.31
C GLU J 357 -38.22 -3.72 -43.82
N VAL J 358 -37.38 -2.70 -43.98
CA VAL J 358 -35.99 -2.95 -44.39
C VAL J 358 -35.14 -3.12 -43.13
N ARG J 359 -34.67 -4.35 -42.87
CA ARG J 359 -33.94 -4.70 -41.67
C ARG J 359 -32.48 -4.27 -41.57
N PHE J 360 -31.82 -3.92 -42.66
CA PHE J 360 -30.41 -3.62 -42.58
C PHE J 360 -29.86 -2.28 -42.10
N PRO J 361 -30.51 -1.12 -42.01
CA PRO J 361 -29.86 0.12 -41.52
C PRO J 361 -29.51 0.07 -40.03
N ASP J 362 -28.68 0.96 -39.51
CA ASP J 362 -28.38 0.97 -38.08
C ASP J 362 -28.38 2.34 -37.40
N PRO J 363 -28.52 2.49 -36.08
CA PRO J 363 -28.61 3.79 -35.41
C PRO J 363 -27.53 4.80 -35.81
N ALA J 364 -26.39 4.38 -36.37
CA ALA J 364 -25.35 5.34 -36.75
C ALA J 364 -25.72 6.21 -37.96
N ALA J 365 -26.74 5.77 -38.70
CA ALA J 365 -27.18 6.47 -39.89
C ALA J 365 -27.78 7.85 -39.67
N ASN J 366 -27.47 8.83 -40.53
CA ASN J 366 -28.09 10.14 -40.42
C ASN J 366 -29.57 10.00 -40.79
N PRO J 367 -30.55 10.11 -39.89
CA PRO J 367 -31.91 9.66 -40.17
C PRO J 367 -32.49 10.40 -41.37
N TYR J 368 -32.12 11.68 -41.59
CA TYR J 368 -32.60 12.40 -42.76
C TYR J 368 -32.05 11.78 -44.04
N LEU J 369 -30.74 11.75 -44.23
CA LEU J 369 -30.16 11.15 -45.43
C LEU J 369 -30.51 9.66 -45.61
N CYS J 370 -30.57 8.88 -44.54
CA CYS J 370 -30.93 7.46 -44.60
C CYS J 370 -32.35 7.27 -45.10
N PHE J 371 -33.30 8.01 -44.53
CA PHE J 371 -34.68 7.91 -44.98
C PHE J 371 -34.90 8.48 -46.39
N ALA J 372 -34.35 9.66 -46.69
CA ALA J 372 -34.37 10.22 -48.04
C ALA J 372 -33.85 9.20 -49.06
N ALA J 373 -32.68 8.60 -48.88
CA ALA J 373 -32.19 7.55 -49.77
C ALA J 373 -33.10 6.33 -49.85
N LEU J 374 -33.66 5.77 -48.78
CA LEU J 374 -34.61 4.66 -48.91
C LEU J 374 -35.82 5.08 -49.77
N LEU J 375 -36.36 6.28 -49.58
CA LEU J 375 -37.51 6.78 -50.34
C LEU J 375 -37.14 6.94 -51.80
N MET J 376 -36.13 7.74 -52.16
CA MET J 376 -35.67 7.87 -53.54
C MET J 376 -35.38 6.54 -54.25
N ALA J 377 -34.80 5.54 -53.57
CA ALA J 377 -34.61 4.22 -54.17
C ALA J 377 -35.93 3.52 -54.46
N GLY J 378 -36.82 3.55 -53.47
CA GLY J 378 -38.14 2.95 -53.59
C GLY J 378 -39.00 3.58 -54.69
N LEU J 379 -38.92 4.90 -54.86
CA LEU J 379 -39.63 5.55 -55.95
C LEU J 379 -39.03 5.13 -57.28
N ASP J 380 -37.72 5.21 -57.51
CA ASP J 380 -37.10 4.71 -58.74
C ASP J 380 -37.54 3.27 -59.10
N GLY J 381 -37.87 2.42 -58.13
CA GLY J 381 -38.43 1.11 -58.42
C GLY J 381 -39.80 1.22 -59.06
N ILE J 382 -40.73 1.91 -58.40
CA ILE J 382 -42.08 2.21 -58.91
C ILE J 382 -42.01 2.84 -60.30
N LYS J 383 -41.30 3.95 -60.35
CA LYS J 383 -41.04 4.72 -61.54
C LYS J 383 -40.50 3.98 -62.76
N ASN J 384 -39.82 2.85 -62.53
CA ASN J 384 -39.33 2.01 -63.62
C ASN J 384 -39.80 0.55 -63.54
N LYS J 385 -40.94 0.25 -62.89
CA LYS J 385 -41.48 -1.12 -62.77
C LYS J 385 -40.42 -2.18 -62.39
N ILE J 386 -39.37 -1.78 -61.64
CA ILE J 386 -38.28 -2.68 -61.24
C ILE J 386 -38.84 -3.78 -60.35
N HIS J 387 -39.22 -4.85 -61.01
CA HIS J 387 -39.88 -5.93 -60.33
C HIS J 387 -38.93 -6.75 -59.47
N PRO J 388 -39.19 -6.82 -58.17
CA PRO J 388 -38.30 -7.44 -57.19
C PRO J 388 -37.93 -8.89 -57.50
N GLY J 389 -38.89 -9.80 -57.60
CA GLY J 389 -38.57 -11.17 -58.00
C GLY J 389 -39.49 -12.16 -57.31
N GLU J 390 -38.92 -13.01 -56.48
CA GLU J 390 -39.67 -13.99 -55.71
C GLU J 390 -39.15 -14.11 -54.28
N PRO J 391 -40.02 -14.30 -53.30
CA PRO J 391 -39.64 -14.41 -51.90
C PRO J 391 -38.84 -15.63 -51.46
N MET J 392 -37.63 -15.39 -50.94
CA MET J 392 -36.90 -16.46 -50.28
C MET J 392 -37.67 -16.81 -49.00
N ASP J 393 -38.12 -18.04 -48.76
CA ASP J 393 -38.84 -18.33 -47.52
C ASP J 393 -38.26 -19.41 -46.60
N ILE J 407 -28.11 -14.93 -55.16
CA ILE J 407 -28.87 -14.03 -54.30
C ILE J 407 -28.05 -12.86 -53.73
N PRO J 408 -28.32 -11.61 -54.15
CA PRO J 408 -27.45 -10.46 -53.89
C PRO J 408 -27.41 -9.95 -52.45
N GLN J 409 -26.29 -9.33 -52.06
CA GLN J 409 -26.13 -8.88 -50.68
C GLN J 409 -25.79 -7.42 -50.51
N VAL J 410 -26.02 -6.91 -49.30
CA VAL J 410 -25.64 -5.54 -48.94
C VAL J 410 -24.14 -5.28 -49.11
N ALA J 411 -23.67 -4.04 -49.21
CA ALA J 411 -22.24 -3.78 -49.29
C ALA J 411 -21.48 -4.45 -48.15
N GLY J 412 -20.40 -5.14 -48.45
CA GLY J 412 -19.65 -5.83 -47.40
C GLY J 412 -18.65 -4.95 -46.63
N SER J 413 -18.58 -3.67 -46.95
CA SER J 413 -17.71 -2.73 -46.26
C SER J 413 -18.04 -1.29 -46.59
N LEU J 414 -17.64 -0.35 -45.72
CA LEU J 414 -17.91 1.06 -46.00
C LEU J 414 -17.27 1.50 -47.32
N GLU J 415 -16.08 1.00 -47.66
CA GLU J 415 -15.42 1.39 -48.91
C GLU J 415 -16.23 0.96 -50.13
N GLU J 416 -16.79 -0.25 -50.05
CA GLU J 416 -17.66 -0.76 -51.09
C GLU J 416 -18.91 0.11 -51.19
N ALA J 417 -19.60 0.33 -50.06
CA ALA J 417 -20.76 1.20 -50.00
C ALA J 417 -20.49 2.60 -50.55
N LEU J 418 -19.37 3.21 -50.22
CA LEU J 418 -19.03 4.53 -50.74
C LEU J 418 -18.79 4.48 -52.25
N ASN J 419 -18.07 3.49 -52.81
CA ASN J 419 -17.92 3.38 -54.27
C ASN J 419 -19.26 3.25 -54.98
N ALA J 420 -20.08 2.39 -54.40
CA ALA J 420 -21.44 2.18 -54.86
C ALA J 420 -22.28 3.45 -54.84
N LEU J 421 -22.28 4.26 -53.78
CA LEU J 421 -23.00 5.55 -53.77
C LEU J 421 -22.45 6.43 -54.87
N ASP J 422 -21.14 6.55 -54.98
CA ASP J 422 -20.48 7.32 -56.02
C ASP J 422 -20.87 6.94 -57.45
N LEU J 423 -21.09 5.66 -57.73
CA LEU J 423 -21.51 5.24 -59.06
C LEU J 423 -23.02 5.20 -59.28
N ASP J 424 -23.80 4.84 -58.27
CA ASP J 424 -25.26 4.76 -58.37
C ASP J 424 -25.96 6.04 -57.88
N ARG J 425 -25.23 7.12 -58.11
CA ARG J 425 -25.58 8.49 -57.78
C ARG J 425 -26.87 9.05 -58.38
N GLU J 426 -27.30 8.53 -59.53
CA GLU J 426 -28.46 9.06 -60.23
C GLU J 426 -29.81 9.12 -59.54
N PHE J 427 -30.24 8.00 -58.93
CA PHE J 427 -31.54 8.01 -58.26
C PHE J 427 -31.61 8.99 -57.09
N LEU J 428 -30.48 9.29 -56.45
CA LEU J 428 -30.50 10.30 -55.41
C LEU J 428 -30.65 11.69 -56.00
N LYS J 429 -30.08 12.01 -57.17
CA LYS J 429 -30.20 13.35 -57.78
C LYS J 429 -31.56 13.74 -58.39
N ALA J 430 -32.44 12.75 -58.55
CA ALA J 430 -33.80 12.99 -59.02
C ALA J 430 -34.56 14.12 -58.31
N GLY J 431 -34.99 15.08 -59.13
CA GLY J 431 -35.70 16.25 -58.63
C GLY J 431 -34.89 17.19 -57.75
N GLY J 432 -33.56 17.12 -57.76
CA GLY J 432 -32.76 18.06 -56.98
C GLY J 432 -32.58 17.69 -55.50
N VAL J 433 -33.19 16.59 -55.07
CA VAL J 433 -32.98 16.00 -53.75
C VAL J 433 -31.48 15.62 -53.82
N PHE J 434 -30.51 16.08 -53.03
CA PHE J 434 -29.10 15.67 -53.23
C PHE J 434 -28.40 16.15 -54.50
N THR J 435 -27.52 17.13 -54.34
CA THR J 435 -26.66 17.49 -55.47
C THR J 435 -25.38 16.65 -55.57
N ASP J 436 -24.66 16.70 -56.68
CA ASP J 436 -23.32 16.11 -56.75
C ASP J 436 -22.35 16.61 -55.69
N GLU J 437 -22.31 17.92 -55.39
CA GLU J 437 -21.41 18.45 -54.35
C GLU J 437 -21.74 17.80 -53.00
N ALA J 438 -23.04 17.68 -52.74
CA ALA J 438 -23.55 17.05 -51.54
C ALA J 438 -23.10 15.59 -51.44
N ILE J 439 -23.31 14.78 -52.48
CA ILE J 439 -22.84 13.40 -52.50
C ILE J 439 -21.32 13.31 -52.43
N ASP J 440 -20.57 14.07 -53.21
CA ASP J 440 -19.11 14.09 -53.12
C ASP J 440 -18.54 14.48 -51.75
N ALA J 441 -19.09 15.50 -51.07
CA ALA J 441 -18.61 15.91 -49.75
C ALA J 441 -18.87 14.85 -48.69
N TYR J 442 -20.03 14.18 -48.83
CA TYR J 442 -20.37 13.06 -47.97
C TYR J 442 -19.36 11.93 -48.11
N ILE J 443 -19.09 11.43 -49.31
CA ILE J 443 -18.10 10.38 -49.52
C ILE J 443 -16.73 10.82 -48.99
N ALA J 444 -16.32 12.07 -49.23
CA ALA J 444 -15.09 12.61 -48.65
C ALA J 444 -14.99 12.48 -47.13
N LEU J 445 -16.04 12.80 -46.38
CA LEU J 445 -16.06 12.62 -44.94
C LEU J 445 -15.92 11.15 -44.58
N ARG J 446 -16.81 10.28 -45.08
CA ARG J 446 -16.74 8.87 -44.78
C ARG J 446 -15.43 8.17 -45.19
N ARG J 447 -14.74 8.69 -46.21
CA ARG J 447 -13.47 8.11 -46.60
C ARG J 447 -12.34 8.35 -45.60
N GLU J 448 -12.28 9.57 -45.05
CA GLU J 448 -11.31 9.93 -44.03
C GLU J 448 -11.38 8.96 -42.82
N GLU J 449 -12.62 8.61 -42.48
CA GLU J 449 -12.91 7.70 -41.39
C GLU J 449 -12.48 6.29 -41.74
N ASP J 450 -12.88 5.84 -42.92
CA ASP J 450 -12.48 4.53 -43.40
C ASP J 450 -10.96 4.38 -43.39
N ASP J 451 -10.22 5.37 -43.86
CA ASP J 451 -8.77 5.35 -43.84
C ASP J 451 -8.12 5.19 -42.46
N ARG J 452 -8.59 5.94 -41.47
CA ARG J 452 -8.02 5.83 -40.12
C ARG J 452 -8.18 4.42 -39.58
N VAL J 453 -9.37 3.83 -39.80
CA VAL J 453 -9.59 2.44 -39.42
C VAL J 453 -8.70 1.49 -40.25
N ARG J 454 -8.48 1.74 -41.56
CA ARG J 454 -7.70 0.88 -42.46
C ARG J 454 -6.18 0.86 -42.18
N MET J 455 -5.63 2.01 -41.78
CA MET J 455 -4.20 2.19 -41.51
C MET J 455 -3.73 1.92 -40.08
N THR J 456 -4.63 1.82 -39.12
CA THR J 456 -4.26 1.58 -37.73
C THR J 456 -4.23 0.09 -37.42
N PRO J 457 -3.14 -0.56 -37.02
CA PRO J 457 -3.16 -1.98 -36.71
C PRO J 457 -4.15 -2.35 -35.63
N HIS J 458 -4.82 -3.46 -35.90
CA HIS J 458 -5.86 -3.98 -35.03
C HIS J 458 -5.29 -4.94 -33.99
N PRO J 459 -5.69 -4.92 -32.72
CA PRO J 459 -5.30 -5.93 -31.74
C PRO J 459 -5.37 -7.39 -32.20
N VAL J 460 -6.41 -7.98 -32.82
CA VAL J 460 -6.33 -9.39 -33.20
C VAL J 460 -5.26 -9.66 -34.24
N GLU J 461 -4.74 -8.64 -34.96
CA GLU J 461 -3.60 -8.88 -35.86
C GLU J 461 -2.37 -9.28 -35.03
N PHE J 462 -2.14 -8.72 -33.84
CA PHE J 462 -1.04 -9.17 -33.03
C PHE J 462 -1.26 -10.61 -32.59
N GLU J 463 -2.51 -10.96 -32.36
CA GLU J 463 -2.86 -12.33 -31.99
C GLU J 463 -2.57 -13.34 -33.11
N LEU J 464 -2.87 -12.88 -34.33
CA LEU J 464 -2.70 -13.65 -35.55
C LEU J 464 -1.30 -13.69 -36.15
N TYR J 465 -0.60 -12.57 -36.09
CA TYR J 465 0.66 -12.39 -36.81
C TYR J 465 1.91 -11.99 -36.00
N TYR J 466 1.89 -11.81 -34.68
CA TYR J 466 3.10 -11.41 -33.98
C TYR J 466 4.20 -12.46 -34.10
N SER J 467 3.90 -13.74 -33.94
CA SER J 467 4.91 -14.77 -34.08
C SER J 467 5.21 -15.25 -35.50
N VAL J 468 4.94 -14.42 -36.51
CA VAL J 468 5.27 -14.70 -37.90
C VAL J 468 6.82 -14.64 -38.00
N SER K 1 -61.94 -9.27 -16.33
CA SER K 1 -62.45 -8.87 -17.64
C SER K 1 -61.73 -7.65 -18.22
N ALA K 2 -61.75 -7.38 -19.53
CA ALA K 2 -61.15 -6.16 -20.10
C ALA K 2 -61.59 -4.88 -19.38
N GLU K 3 -62.91 -4.81 -19.22
CA GLU K 3 -63.62 -3.75 -18.48
C GLU K 3 -62.99 -3.35 -17.15
N HIS K 4 -62.69 -4.41 -16.38
CA HIS K 4 -62.03 -4.29 -15.08
C HIS K 4 -60.59 -3.76 -15.17
N VAL K 5 -59.79 -4.28 -16.10
CA VAL K 5 -58.42 -3.82 -16.28
C VAL K 5 -58.43 -2.32 -16.60
N LEU K 6 -59.31 -1.97 -17.55
CA LEU K 6 -59.50 -0.59 -17.97
C LEU K 6 -59.89 0.38 -16.86
N THR K 7 -60.61 -0.08 -15.82
CA THR K 7 -60.86 0.81 -14.68
C THR K 7 -59.60 0.93 -13.85
N MET K 8 -58.91 -0.18 -13.51
CA MET K 8 -57.66 -0.16 -12.74
C MET K 8 -56.63 0.82 -13.24
N LEU K 9 -56.55 0.89 -14.57
CA LEU K 9 -55.70 1.84 -15.26
C LEU K 9 -55.97 3.29 -14.79
N ASN K 10 -57.24 3.72 -14.69
CA ASN K 10 -57.57 5.04 -14.14
C ASN K 10 -57.52 5.11 -12.62
N GLU K 11 -58.00 4.04 -12.01
CA GLU K 11 -58.09 3.82 -10.58
C GLU K 11 -56.75 3.79 -9.84
N HIS K 12 -55.70 3.61 -10.64
CA HIS K 12 -54.34 3.58 -10.15
C HIS K 12 -53.36 4.49 -10.88
N GLU K 13 -53.81 5.31 -11.84
CA GLU K 13 -52.94 6.15 -12.67
C GLU K 13 -51.70 5.44 -13.22
N VAL K 14 -52.06 4.25 -13.70
CA VAL K 14 -51.12 3.32 -14.28
C VAL K 14 -50.43 3.94 -15.49
N LYS K 15 -49.12 4.16 -15.48
CA LYS K 15 -48.39 4.71 -16.62
C LYS K 15 -47.98 3.68 -17.67
N PHE K 16 -47.81 2.44 -17.23
CA PHE K 16 -47.37 1.34 -18.08
C PHE K 16 -48.02 0.01 -17.78
N VAL K 17 -48.10 -0.85 -18.78
CA VAL K 17 -48.61 -2.19 -18.63
C VAL K 17 -47.52 -3.17 -19.05
N ASP K 18 -47.19 -4.08 -18.15
CA ASP K 18 -46.14 -5.05 -18.37
C ASP K 18 -46.65 -6.41 -18.82
N LEU K 19 -46.46 -6.72 -20.10
CA LEU K 19 -46.89 -8.01 -20.61
C LEU K 19 -45.90 -9.09 -20.26
N ARG K 20 -46.34 -10.08 -19.49
CA ARG K 20 -45.46 -11.16 -19.09
C ARG K 20 -45.82 -12.55 -19.55
N PHE K 21 -44.84 -13.37 -19.86
CA PHE K 21 -45.06 -14.77 -20.21
C PHE K 21 -43.93 -15.68 -19.75
N THR K 22 -44.08 -17.00 -19.69
CA THR K 22 -43.01 -17.90 -19.26
C THR K 22 -42.46 -18.68 -20.42
N ASP K 23 -41.16 -18.86 -20.55
CA ASP K 23 -40.60 -19.64 -21.65
C ASP K 23 -40.50 -21.14 -21.31
N THR K 24 -39.89 -21.95 -22.18
CA THR K 24 -39.81 -23.40 -21.95
C THR K 24 -39.00 -23.74 -20.72
N LYS K 25 -37.88 -23.04 -20.55
CA LYS K 25 -37.07 -23.23 -19.36
C LYS K 25 -37.74 -22.82 -18.06
N GLY K 26 -38.76 -21.96 -18.11
CA GLY K 26 -39.44 -21.51 -16.89
C GLY K 26 -39.23 -20.05 -16.49
N LYS K 27 -38.34 -19.35 -17.18
CA LYS K 27 -38.07 -17.96 -16.88
C LYS K 27 -39.13 -17.04 -17.46
N GLU K 28 -39.67 -16.24 -16.56
CA GLU K 28 -40.61 -15.18 -16.87
C GLU K 28 -39.96 -14.06 -17.68
N GLN K 29 -40.52 -13.95 -18.86
CA GLN K 29 -40.21 -12.91 -19.83
C GLN K 29 -41.18 -11.76 -19.70
N HIS K 30 -40.81 -10.59 -20.22
CA HIS K 30 -41.71 -9.45 -20.20
C HIS K 30 -41.39 -8.37 -21.23
N VAL K 31 -42.43 -7.68 -21.71
CA VAL K 31 -42.30 -6.54 -22.60
C VAL K 31 -43.27 -5.45 -22.10
N THR K 32 -42.97 -4.16 -22.24
CA THR K 32 -43.76 -3.10 -21.62
C THR K 32 -44.43 -2.17 -22.63
N ILE K 33 -45.71 -1.97 -22.45
CA ILE K 33 -46.54 -1.11 -23.28
C ILE K 33 -46.91 0.12 -22.45
N PRO K 34 -47.01 1.34 -22.99
CA PRO K 34 -47.58 2.49 -22.30
C PRO K 34 -49.05 2.23 -22.01
N ALA K 35 -49.62 2.60 -20.86
CA ALA K 35 -51.04 2.35 -20.55
C ALA K 35 -52.00 2.78 -21.64
N HIS K 36 -51.65 3.91 -22.26
CA HIS K 36 -52.40 4.40 -23.41
C HIS K 36 -52.46 3.53 -24.67
N GLN K 37 -52.02 2.28 -24.65
CA GLN K 37 -52.14 1.36 -25.77
C GLN K 37 -53.09 0.21 -25.41
N VAL K 38 -53.53 0.22 -24.16
CA VAL K 38 -54.54 -0.72 -23.71
C VAL K 38 -55.92 -0.11 -24.02
N ASN K 39 -56.58 -0.79 -24.96
CA ASN K 39 -57.92 -0.49 -25.41
C ASN K 39 -58.53 -1.70 -26.08
N ALA K 40 -59.84 -1.85 -26.23
CA ALA K 40 -60.50 -2.99 -26.90
C ALA K 40 -59.66 -3.95 -27.77
N GLU K 41 -59.13 -3.41 -28.88
CA GLU K 41 -58.18 -4.08 -29.79
C GLU K 41 -57.15 -5.00 -29.12
N PHE K 42 -56.53 -4.47 -28.06
CA PHE K 42 -55.56 -5.17 -27.24
C PHE K 42 -56.11 -6.46 -26.67
N PHE K 43 -57.09 -6.43 -25.76
CA PHE K 43 -57.67 -7.67 -25.21
C PHE K 43 -58.38 -8.56 -26.22
N GLU K 44 -58.59 -8.01 -27.42
CA GLU K 44 -59.28 -8.70 -28.51
C GLU K 44 -58.31 -9.52 -29.35
N GLU K 45 -57.45 -8.81 -30.06
CA GLU K 45 -56.47 -9.39 -30.96
C GLU K 45 -54.99 -9.44 -30.53
N GLY K 46 -54.76 -9.37 -29.22
CA GLY K 46 -53.43 -9.35 -28.62
C GLY K 46 -52.38 -8.37 -29.17
N LYS K 47 -51.10 -8.66 -28.90
CA LYS K 47 -49.97 -7.89 -29.44
C LYS K 47 -48.91 -8.81 -30.04
N MET K 48 -48.41 -8.49 -31.24
CA MET K 48 -47.43 -9.33 -31.93
C MET K 48 -46.02 -9.14 -31.40
N PHE K 49 -45.25 -10.22 -31.27
CA PHE K 49 -43.85 -10.07 -30.92
C PHE K 49 -42.99 -11.06 -31.68
N ASP K 50 -41.69 -10.83 -31.76
CA ASP K 50 -40.85 -11.85 -32.35
C ASP K 50 -40.51 -12.95 -31.37
N GLY K 51 -41.33 -13.98 -31.48
CA GLY K 51 -41.15 -15.20 -30.70
C GLY K 51 -39.87 -15.96 -31.03
N SER K 52 -39.35 -15.73 -32.25
CA SER K 52 -38.13 -16.38 -32.73
C SER K 52 -36.89 -16.38 -31.83
N SER K 53 -36.58 -15.27 -31.16
CA SER K 53 -35.42 -15.28 -30.27
C SER K 53 -35.69 -15.77 -28.84
N ILE K 54 -36.88 -16.29 -28.54
CA ILE K 54 -37.12 -16.96 -27.27
C ILE K 54 -36.59 -18.41 -27.42
N GLY K 55 -35.73 -18.79 -26.50
CA GLY K 55 -35.12 -20.11 -26.50
C GLY K 55 -36.07 -21.31 -26.56
N GLY K 56 -35.96 -22.06 -27.66
CA GLY K 56 -36.76 -23.25 -27.87
C GLY K 56 -38.07 -23.02 -28.64
N TRP K 57 -38.26 -21.82 -29.19
CA TRP K 57 -39.48 -21.49 -29.92
C TRP K 57 -39.39 -21.23 -31.43
N ASP K 64 -42.66 -14.39 -35.89
CA ASP K 64 -43.72 -13.67 -35.21
C ASP K 64 -44.91 -14.47 -34.64
N MET K 65 -45.25 -14.08 -33.42
CA MET K 65 -46.27 -14.72 -32.61
C MET K 65 -47.15 -13.70 -31.87
N VAL K 66 -48.28 -14.12 -31.30
CA VAL K 66 -49.09 -13.16 -30.58
C VAL K 66 -49.27 -13.38 -29.07
N LEU K 67 -48.98 -12.30 -28.35
CA LEU K 67 -49.20 -12.21 -26.91
C LEU K 67 -50.65 -11.88 -26.63
N MET K 68 -51.37 -12.84 -26.05
CA MET K 68 -52.78 -12.61 -25.75
C MET K 68 -53.02 -12.34 -24.27
N PRO K 69 -53.30 -11.10 -23.89
CA PRO K 69 -53.44 -10.72 -22.49
C PRO K 69 -54.54 -11.44 -21.73
N ASP K 70 -54.29 -12.16 -20.63
CA ASP K 70 -55.37 -12.74 -19.84
C ASP K 70 -55.80 -11.74 -18.74
N ALA K 71 -56.84 -10.97 -19.01
CA ALA K 71 -57.29 -9.93 -18.10
C ALA K 71 -57.66 -10.31 -16.68
N SER K 72 -57.75 -11.61 -16.40
CA SER K 72 -58.01 -12.08 -15.04
C SER K 72 -56.79 -11.92 -14.15
N THR K 73 -55.62 -11.97 -14.80
CA THR K 73 -54.33 -11.87 -14.12
C THR K 73 -53.82 -10.49 -13.76
N ALA K 74 -54.54 -9.39 -13.94
CA ALA K 74 -53.99 -8.06 -13.71
C ALA K 74 -53.60 -7.73 -12.27
N VAL K 75 -52.32 -7.47 -12.08
CA VAL K 75 -51.79 -7.10 -10.77
C VAL K 75 -50.92 -5.85 -10.84
N ILE K 76 -50.93 -4.96 -9.85
CA ILE K 76 -50.04 -3.81 -9.90
C ILE K 76 -48.63 -4.24 -9.43
N ASP K 77 -47.57 -3.86 -10.14
CA ASP K 77 -46.19 -4.25 -9.80
C ASP K 77 -45.66 -3.55 -8.57
N PRO K 78 -45.30 -4.21 -7.46
CA PRO K 78 -44.96 -3.54 -6.19
C PRO K 78 -43.57 -2.90 -6.20
N PHE K 79 -42.83 -3.07 -7.30
CA PHE K 79 -41.47 -2.62 -7.39
C PHE K 79 -41.10 -1.56 -8.42
N PHE K 80 -41.63 -1.57 -9.65
CA PHE K 80 -41.21 -0.57 -10.64
C PHE K 80 -41.49 0.86 -10.16
N ALA K 81 -40.64 1.84 -10.48
CA ALA K 81 -40.86 3.21 -10.00
C ALA K 81 -42.10 3.94 -10.51
N ASP K 82 -42.47 3.67 -11.77
CA ASP K 82 -43.65 4.25 -12.38
C ASP K 82 -44.82 3.27 -12.29
N SER K 83 -46.04 3.75 -12.04
CA SER K 83 -47.17 2.84 -11.89
C SER K 83 -47.42 1.86 -13.03
N THR K 84 -47.19 0.59 -12.73
CA THR K 84 -47.30 -0.45 -13.74
C THR K 84 -48.24 -1.59 -13.43
N LEU K 85 -49.06 -1.95 -14.40
CA LEU K 85 -50.00 -3.04 -14.20
C LEU K 85 -49.48 -4.22 -14.98
N ILE K 86 -49.15 -5.30 -14.29
CA ILE K 86 -48.72 -6.56 -14.90
C ILE K 86 -49.91 -7.32 -15.46
N ILE K 87 -49.82 -7.81 -16.69
CA ILE K 87 -50.85 -8.67 -17.26
C ILE K 87 -50.16 -9.92 -17.81
N ARG K 88 -50.48 -11.09 -17.27
CA ARG K 88 -49.95 -12.34 -17.81
C ARG K 88 -50.51 -12.62 -19.19
N CYS K 89 -49.75 -13.20 -20.09
CA CYS K 89 -50.22 -13.47 -21.44
C CYS K 89 -50.13 -14.92 -21.88
N ASP K 90 -50.89 -15.33 -22.88
CA ASP K 90 -50.65 -16.62 -23.50
C ASP K 90 -50.08 -16.40 -24.87
N ILE K 91 -49.22 -17.30 -25.28
CA ILE K 91 -48.62 -17.21 -26.60
C ILE K 91 -49.52 -17.94 -27.57
N LEU K 92 -50.12 -17.22 -28.50
CA LEU K 92 -50.96 -17.84 -29.49
C LEU K 92 -50.32 -17.82 -30.87
N GLU K 93 -50.75 -18.85 -31.58
CA GLU K 93 -50.35 -19.03 -32.97
C GLU K 93 -51.08 -17.96 -33.80
N PRO K 94 -50.41 -17.10 -34.57
CA PRO K 94 -50.95 -15.82 -35.05
C PRO K 94 -52.05 -15.89 -36.11
N GLY K 95 -53.03 -14.99 -36.07
CA GLY K 95 -54.18 -15.01 -36.99
C GLY K 95 -55.17 -16.12 -36.65
N THR K 96 -54.70 -17.34 -36.85
CA THR K 96 -55.37 -18.59 -36.48
C THR K 96 -55.74 -18.75 -35.00
N LEU K 97 -55.00 -18.01 -34.16
CA LEU K 97 -55.21 -17.81 -32.72
C LEU K 97 -55.52 -18.93 -31.74
N GLN K 98 -54.73 -20.00 -31.83
CA GLN K 98 -54.97 -21.20 -31.02
C GLN K 98 -54.06 -21.43 -29.82
N GLY K 99 -52.81 -20.97 -29.86
CA GLY K 99 -51.98 -21.17 -28.68
C GLY K 99 -50.84 -22.13 -28.94
N TYR K 100 -49.64 -21.57 -28.99
CA TYR K 100 -48.39 -22.27 -29.27
C TYR K 100 -48.28 -23.63 -28.57
N ASP K 101 -48.12 -24.81 -29.21
CA ASP K 101 -48.12 -26.08 -28.46
C ASP K 101 -46.87 -26.47 -27.67
N ARG K 102 -46.07 -25.41 -27.60
CA ARG K 102 -44.78 -25.28 -26.98
C ARG K 102 -44.79 -24.17 -25.88
N ASP K 103 -45.89 -23.42 -25.78
CA ASP K 103 -46.11 -22.42 -24.75
C ASP K 103 -46.51 -23.14 -23.46
N PRO K 104 -45.71 -23.13 -22.40
CA PRO K 104 -46.00 -23.84 -21.17
C PRO K 104 -47.32 -23.47 -20.51
N ARG K 105 -47.81 -22.23 -20.57
CA ARG K 105 -49.09 -21.92 -19.95
C ARG K 105 -50.22 -22.61 -20.71
N SER K 106 -50.21 -22.52 -22.04
CA SER K 106 -51.17 -23.27 -22.85
C SER K 106 -51.16 -24.76 -22.52
N ILE K 107 -50.00 -25.42 -22.53
CA ILE K 107 -49.92 -26.81 -22.07
C ILE K 107 -50.55 -27.02 -20.69
N ALA K 108 -50.37 -26.14 -19.70
CA ALA K 108 -51.01 -26.32 -18.40
C ALA K 108 -52.53 -26.28 -18.52
N LYS K 109 -53.04 -25.28 -19.26
CA LYS K 109 -54.47 -25.13 -19.47
C LYS K 109 -55.07 -26.35 -20.17
N ARG K 110 -54.37 -26.89 -21.17
CA ARG K 110 -54.76 -28.12 -21.83
C ARG K 110 -54.85 -29.29 -20.86
N ALA K 111 -53.85 -29.50 -20.02
CA ALA K 111 -53.91 -30.57 -19.02
C ALA K 111 -55.11 -30.43 -18.09
N GLU K 112 -55.52 -29.20 -17.74
CA GLU K 112 -56.71 -29.00 -16.92
C GLU K 112 -57.99 -29.37 -17.67
N ASP K 113 -58.14 -28.91 -18.92
CA ASP K 113 -59.28 -29.31 -19.74
C ASP K 113 -59.33 -30.81 -20.03
N TYR K 114 -58.22 -31.45 -20.36
CA TYR K 114 -58.18 -32.90 -20.51
C TYR K 114 -58.70 -33.61 -19.24
N LEU K 115 -58.38 -33.12 -18.04
CA LEU K 115 -58.89 -33.70 -16.80
C LEU K 115 -60.43 -33.64 -16.79
N ARG K 116 -60.97 -32.49 -17.21
CA ARG K 116 -62.42 -32.31 -17.33
C ARG K 116 -63.05 -33.24 -18.35
N ALA K 117 -62.45 -33.32 -19.55
CA ALA K 117 -62.90 -34.22 -20.61
C ALA K 117 -62.87 -35.70 -20.24
N THR K 118 -61.98 -36.12 -19.34
CA THR K 118 -61.99 -37.51 -18.88
C THR K 118 -63.04 -37.72 -17.81
N GLY K 119 -63.60 -36.65 -17.24
CA GLY K 119 -64.61 -36.75 -16.19
C GLY K 119 -64.14 -37.37 -14.87
N ILE K 120 -62.84 -37.64 -14.72
CA ILE K 120 -62.30 -38.23 -13.49
C ILE K 120 -62.45 -37.24 -12.33
N ALA K 121 -62.33 -35.95 -12.61
CA ALA K 121 -62.59 -34.88 -11.65
C ALA K 121 -62.79 -33.53 -12.34
N ASP K 122 -63.30 -32.51 -11.64
CA ASP K 122 -63.46 -31.19 -12.25
C ASP K 122 -62.23 -30.32 -12.07
N THR K 123 -61.59 -30.44 -10.91
CA THR K 123 -60.40 -29.65 -10.63
C THR K 123 -59.18 -30.33 -10.02
N VAL K 124 -57.99 -29.89 -10.45
CA VAL K 124 -56.73 -30.32 -9.83
C VAL K 124 -56.20 -29.28 -8.87
N LEU K 125 -55.92 -29.67 -7.66
CA LEU K 125 -55.34 -28.76 -6.70
C LEU K 125 -53.87 -29.04 -6.38
N PHE K 126 -53.05 -28.04 -6.66
CA PHE K 126 -51.62 -28.04 -6.40
C PHE K 126 -51.17 -27.09 -5.31
N GLY K 127 -50.26 -27.60 -4.50
CA GLY K 127 -49.66 -26.87 -3.41
C GLY K 127 -48.15 -27.07 -3.34
N PRO K 128 -47.39 -26.33 -4.12
CA PRO K 128 -45.94 -26.40 -4.19
C PRO K 128 -45.27 -25.83 -2.95
N GLU K 129 -44.21 -26.41 -2.40
CA GLU K 129 -43.52 -25.84 -1.24
C GLU K 129 -42.11 -25.39 -1.66
N PRO K 130 -41.90 -24.31 -2.44
CA PRO K 130 -40.61 -23.91 -2.96
C PRO K 130 -39.66 -23.37 -1.92
N GLU K 131 -38.43 -23.84 -1.91
CA GLU K 131 -37.44 -23.26 -1.01
C GLU K 131 -36.40 -22.46 -1.78
N PHE K 132 -35.81 -21.51 -1.10
CA PHE K 132 -34.80 -20.68 -1.75
C PHE K 132 -33.63 -20.36 -0.85
N PHE K 133 -32.57 -19.89 -1.46
CA PHE K 133 -31.42 -19.40 -0.70
C PHE K 133 -31.28 -17.91 -0.86
N LEU K 134 -30.86 -17.25 0.20
CA LEU K 134 -30.70 -15.80 0.22
C LEU K 134 -29.24 -15.44 0.57
N PHE K 135 -28.40 -15.27 -0.44
CA PHE K 135 -26.97 -14.98 -0.25
C PHE K 135 -26.62 -13.48 -0.34
N ASP K 136 -25.41 -13.03 0.04
CA ASP K 136 -24.96 -11.63 -0.11
C ASP K 136 -24.09 -11.44 -1.34
N ASP K 137 -23.33 -12.48 -1.68
CA ASP K 137 -22.39 -12.42 -2.78
C ASP K 137 -22.27 -13.77 -3.45
N ILE K 138 -22.40 -13.77 -4.76
CA ILE K 138 -22.22 -14.99 -5.53
C ILE K 138 -21.35 -14.66 -6.74
N ARG K 139 -20.17 -15.25 -6.79
CA ARG K 139 -19.28 -15.10 -7.91
C ARG K 139 -18.96 -16.43 -8.51
N PHE K 140 -18.95 -16.47 -9.82
CA PHE K 140 -18.57 -17.69 -10.50
C PHE K 140 -18.05 -17.44 -11.92
N GLY K 141 -17.47 -18.42 -12.57
CA GLY K 141 -17.00 -18.27 -13.93
C GLY K 141 -16.22 -19.49 -14.39
N ALA K 142 -16.20 -19.66 -15.69
CA ALA K 142 -15.50 -20.75 -16.34
C ALA K 142 -14.81 -20.14 -17.58
N SER K 143 -13.57 -20.52 -17.80
CA SER K 143 -12.71 -20.03 -18.87
C SER K 143 -11.76 -21.16 -19.27
N ILE K 144 -11.01 -21.11 -20.38
CA ILE K 144 -10.06 -22.16 -20.71
C ILE K 144 -9.07 -22.48 -19.57
N SER K 145 -8.57 -21.49 -18.85
CA SER K 145 -7.58 -21.68 -17.80
C SER K 145 -8.14 -22.08 -16.45
N GLY K 146 -9.45 -22.32 -16.37
CA GLY K 146 -10.04 -22.74 -15.10
C GLY K 146 -11.53 -22.37 -14.89
N SER K 147 -11.98 -22.62 -13.67
CA SER K 147 -13.37 -22.31 -13.33
C SER K 147 -13.58 -22.21 -11.83
N HIS K 148 -14.61 -21.49 -11.39
CA HIS K 148 -14.86 -21.28 -9.97
C HIS K 148 -16.26 -20.84 -9.63
N VAL K 149 -16.65 -21.10 -8.41
CA VAL K 149 -17.85 -20.52 -7.81
C VAL K 149 -17.52 -20.27 -6.34
N ALA K 150 -17.99 -19.12 -5.89
CA ALA K 150 -17.75 -18.61 -4.55
C ALA K 150 -19.06 -18.04 -4.01
N ILE K 151 -19.58 -18.68 -2.96
CA ILE K 151 -20.83 -18.32 -2.32
C ILE K 151 -20.54 -17.60 -1.03
N ASP K 152 -21.23 -16.50 -0.79
CA ASP K 152 -21.08 -15.86 0.49
C ASP K 152 -22.32 -15.17 1.02
N ASP K 153 -22.48 -15.43 2.31
CA ASP K 153 -23.54 -14.87 3.10
C ASP K 153 -23.15 -14.74 4.57
N ILE K 154 -23.67 -13.68 5.17
CA ILE K 154 -23.43 -13.36 6.58
C ILE K 154 -23.76 -14.51 7.52
N GLU K 155 -24.74 -15.31 7.15
CA GLU K 155 -25.14 -16.48 7.93
C GLU K 155 -24.33 -17.76 7.63
N GLY K 156 -23.32 -17.67 6.78
CA GLY K 156 -22.61 -18.86 6.37
C GLY K 156 -21.80 -19.32 7.55
N ALA K 157 -21.97 -20.54 8.03
CA ALA K 157 -21.19 -21.02 9.16
C ALA K 157 -19.69 -20.78 9.01
N TRP K 158 -19.23 -20.82 7.75
CA TRP K 158 -17.85 -20.52 7.47
C TRP K 158 -17.43 -19.11 7.84
N ASN K 159 -18.29 -18.11 8.03
CA ASN K 159 -17.85 -16.78 8.43
C ASN K 159 -17.55 -16.55 9.90
N SER K 160 -17.62 -17.63 10.69
CA SER K 160 -17.27 -17.55 12.12
C SER K 160 -15.87 -17.01 12.41
N SER K 161 -14.97 -17.23 11.44
CA SER K 161 -13.59 -16.76 11.50
C SER K 161 -13.29 -15.41 10.86
N THR K 162 -14.27 -14.91 10.13
CA THR K 162 -14.17 -13.69 9.33
C THR K 162 -14.03 -12.36 10.03
N LYS K 163 -13.07 -11.54 9.63
CA LYS K 163 -13.00 -10.18 10.15
C LYS K 163 -13.99 -9.29 9.40
N TYR K 164 -14.85 -8.62 10.14
CA TYR K 164 -15.86 -7.78 9.51
C TYR K 164 -15.82 -6.26 9.67
N GLU K 165 -14.98 -5.60 10.46
CA GLU K 165 -14.93 -4.12 10.61
C GLU K 165 -16.12 -3.45 11.29
N GLY K 166 -17.31 -4.04 11.21
CA GLY K 166 -18.31 -3.72 12.22
C GLY K 166 -18.02 -4.47 13.55
N GLY K 167 -17.39 -5.63 13.38
CA GLY K 167 -17.15 -6.58 14.44
C GLY K 167 -17.77 -7.91 13.99
N ASN K 168 -17.50 -9.12 14.52
CA ASN K 168 -18.13 -10.27 13.88
C ASN K 168 -19.46 -10.65 14.49
N LYS K 169 -19.77 -10.45 15.76
CA LYS K 169 -21.09 -10.80 16.33
C LYS K 169 -21.54 -12.26 16.38
N GLY K 170 -20.96 -13.18 15.61
CA GLY K 170 -21.03 -14.64 15.83
C GLY K 170 -22.33 -15.43 15.97
N HIS K 171 -23.53 -14.86 15.95
CA HIS K 171 -24.72 -15.69 15.98
C HIS K 171 -25.02 -16.05 14.54
N ARG K 172 -25.00 -17.32 14.19
CA ARG K 172 -25.10 -17.73 12.79
C ARG K 172 -25.62 -19.17 12.73
N PRO K 173 -26.46 -19.63 11.80
CA PRO K 173 -26.84 -21.03 11.74
C PRO K 173 -25.68 -21.94 11.36
N GLY K 174 -25.36 -22.95 12.17
CA GLY K 174 -24.31 -23.93 11.78
C GLY K 174 -24.65 -24.76 10.53
N VAL K 175 -23.89 -25.73 9.97
CA VAL K 175 -24.33 -26.28 8.67
C VAL K 175 -25.70 -26.92 8.66
N LYS K 176 -26.18 -27.87 9.47
CA LYS K 176 -27.61 -28.23 9.33
C LYS K 176 -28.55 -27.61 10.37
N GLY K 177 -28.11 -26.45 10.87
CA GLY K 177 -28.76 -25.80 12.00
C GLY K 177 -29.57 -24.55 11.71
N GLY K 178 -29.95 -24.31 10.47
CA GLY K 178 -30.80 -23.17 10.14
C GLY K 178 -32.27 -23.38 10.52
N TYR K 179 -32.61 -24.64 10.84
CA TYR K 179 -33.96 -24.96 11.25
C TYR K 179 -34.36 -24.67 12.70
N PHE K 180 -34.89 -23.46 12.54
CA PHE K 180 -35.67 -22.63 13.43
C PHE K 180 -35.20 -21.67 14.51
N PRO K 181 -33.93 -21.42 14.82
CA PRO K 181 -33.54 -20.60 15.97
C PRO K 181 -34.04 -19.17 15.85
N VAL K 182 -34.39 -18.53 16.95
CA VAL K 182 -34.86 -17.15 16.88
C VAL K 182 -33.76 -16.17 16.48
N PRO K 183 -34.06 -14.97 16.00
CA PRO K 183 -33.09 -13.89 15.90
C PRO K 183 -32.23 -13.66 17.15
N PRO K 184 -30.98 -13.22 17.09
CA PRO K 184 -30.26 -12.94 15.87
C PRO K 184 -29.68 -14.07 15.03
N VAL K 185 -29.80 -15.36 15.38
CA VAL K 185 -29.25 -16.46 14.55
C VAL K 185 -29.97 -16.47 13.18
N ASP K 186 -31.26 -16.25 13.18
CA ASP K 186 -31.99 -16.14 11.94
C ASP K 186 -31.98 -14.68 11.53
N SER K 187 -31.12 -14.34 10.58
CA SER K 187 -31.06 -12.97 10.08
C SER K 187 -32.23 -12.50 9.23
N ALA K 188 -33.04 -13.41 8.68
CA ALA K 188 -34.05 -13.01 7.71
C ALA K 188 -35.52 -12.80 8.11
N GLN K 189 -35.85 -12.63 9.39
CA GLN K 189 -37.25 -12.44 9.80
C GLN K 189 -37.96 -11.29 9.09
N ASP K 190 -37.37 -10.10 9.08
CA ASP K 190 -37.95 -8.99 8.32
C ASP K 190 -37.95 -9.21 6.81
N ILE K 191 -36.95 -9.86 6.19
CA ILE K 191 -36.96 -10.08 4.75
C ILE K 191 -38.07 -11.07 4.41
N ARG K 192 -38.23 -12.18 5.13
CA ARG K 192 -39.33 -13.08 4.86
C ARG K 192 -40.71 -12.45 5.13
N SER K 193 -40.95 -11.74 6.23
CA SER K 193 -42.26 -11.10 6.46
C SER K 193 -42.64 -10.11 5.36
N GLU K 194 -41.65 -9.35 4.90
CA GLU K 194 -41.83 -8.43 3.77
C GLU K 194 -42.19 -9.14 2.48
N MET K 195 -41.52 -10.28 2.25
CA MET K 195 -41.85 -11.13 1.10
C MET K 195 -43.29 -11.61 1.22
N CYS K 196 -43.73 -11.95 2.44
CA CYS K 196 -45.10 -12.37 2.64
C CYS K 196 -46.08 -11.26 2.33
N LEU K 197 -45.85 -10.05 2.86
CA LEU K 197 -46.73 -8.93 2.59
C LEU K 197 -46.75 -8.58 1.10
N VAL K 198 -45.63 -8.51 0.38
CA VAL K 198 -45.70 -8.20 -1.05
C VAL K 198 -46.38 -9.35 -1.82
N MET K 199 -46.23 -10.63 -1.44
CA MET K 199 -46.92 -11.71 -2.15
C MET K 199 -48.43 -11.59 -2.06
N GLU K 200 -48.91 -11.26 -0.87
CA GLU K 200 -50.33 -11.08 -0.68
C GLU K 200 -50.86 -9.88 -1.46
N GLN K 201 -50.10 -8.79 -1.51
CA GLN K 201 -50.43 -7.63 -2.32
C GLN K 201 -50.54 -7.97 -3.82
N MET K 202 -49.91 -9.08 -4.22
CA MET K 202 -49.96 -9.58 -5.59
C MET K 202 -50.93 -10.74 -5.77
N GLY K 203 -51.69 -11.01 -4.72
CA GLY K 203 -52.76 -11.98 -4.76
C GLY K 203 -52.48 -13.39 -4.25
N LEU K 204 -51.41 -13.59 -3.51
CA LEU K 204 -51.14 -14.92 -3.01
C LEU K 204 -51.59 -15.03 -1.58
N VAL K 205 -51.83 -16.21 -1.04
CA VAL K 205 -52.16 -16.26 0.38
C VAL K 205 -51.08 -16.98 1.16
N VAL K 206 -50.34 -16.24 1.95
CA VAL K 206 -49.30 -16.85 2.76
C VAL K 206 -49.91 -17.62 3.93
N GLU K 207 -49.34 -18.79 4.20
CA GLU K 207 -49.73 -19.62 5.34
C GLU K 207 -48.71 -19.62 6.47
N ALA K 208 -47.45 -19.59 6.10
CA ALA K 208 -46.35 -19.53 7.06
C ALA K 208 -45.03 -19.14 6.43
N HIS K 209 -44.07 -18.59 7.16
CA HIS K 209 -42.74 -18.38 6.61
C HIS K 209 -41.74 -18.74 7.68
N HIS K 210 -40.68 -19.41 7.29
CA HIS K 210 -39.64 -19.77 8.23
C HIS K 210 -38.29 -20.02 7.59
N HIS K 211 -37.25 -19.98 8.40
CA HIS K 211 -35.92 -20.35 7.94
C HIS K 211 -35.85 -21.85 7.69
N GLU K 212 -35.11 -22.30 6.69
CA GLU K 212 -34.96 -23.73 6.45
C GLU K 212 -33.70 -24.33 7.04
N VAL K 213 -33.38 -25.59 6.79
CA VAL K 213 -32.31 -26.31 7.45
C VAL K 213 -30.90 -25.81 7.23
N ALA K 214 -30.60 -25.36 6.03
CA ALA K 214 -29.25 -24.95 5.72
C ALA K 214 -28.70 -23.65 6.33
N THR K 215 -27.41 -23.67 6.64
CA THR K 215 -26.65 -22.46 6.97
C THR K 215 -26.65 -21.53 5.76
N ALA K 216 -26.11 -20.32 5.78
CA ALA K 216 -26.05 -19.46 4.58
C ALA K 216 -27.35 -19.13 3.84
N GLY K 217 -28.39 -18.92 4.67
CA GLY K 217 -29.64 -18.33 4.16
C GLY K 217 -30.71 -19.21 3.50
N GLN K 218 -30.99 -20.46 3.90
CA GLN K 218 -32.08 -21.17 3.28
C GLN K 218 -33.40 -20.72 3.88
N ASN K 219 -34.42 -20.41 3.08
CA ASN K 219 -35.69 -19.91 3.57
C ASN K 219 -36.90 -20.48 2.86
N GLU K 220 -38.07 -20.33 3.48
CA GLU K 220 -39.32 -20.82 2.90
C GLU K 220 -40.52 -19.98 3.27
N VAL K 221 -41.21 -19.54 2.23
CA VAL K 221 -42.49 -18.88 2.42
C VAL K 221 -43.54 -19.87 1.91
N ALA K 222 -44.33 -20.41 2.81
CA ALA K 222 -45.40 -21.38 2.50
C ALA K 222 -46.65 -20.64 2.03
N THR K 223 -47.23 -21.12 0.95
CA THR K 223 -48.32 -20.38 0.32
C THR K 223 -49.56 -21.23 -0.01
N ARG K 224 -50.81 -20.78 0.25
CA ARG K 224 -52.05 -21.53 0.00
C ARG K 224 -52.25 -21.92 -1.46
N PHE K 225 -52.70 -23.18 -1.51
CA PHE K 225 -52.93 -23.90 -2.75
C PHE K 225 -53.80 -23.23 -3.79
N ASN K 226 -53.80 -23.87 -4.93
CA ASN K 226 -54.68 -23.43 -6.00
C ASN K 226 -54.89 -24.48 -7.07
N THR K 227 -55.68 -24.12 -8.05
CA THR K 227 -55.86 -25.01 -9.18
C THR K 227 -54.56 -24.95 -9.98
N MET K 228 -54.19 -26.04 -10.62
CA MET K 228 -52.95 -26.12 -11.38
C MET K 228 -52.47 -24.90 -12.18
N THR K 229 -53.01 -24.47 -13.31
CA THR K 229 -52.48 -23.28 -14.01
C THR K 229 -52.47 -22.03 -13.16
N LYS K 230 -53.40 -21.82 -12.24
CA LYS K 230 -53.37 -20.60 -11.44
C LYS K 230 -52.19 -20.66 -10.47
N LYS K 231 -51.95 -21.83 -9.89
CA LYS K 231 -50.84 -22.04 -8.98
C LYS K 231 -49.50 -21.93 -9.69
N ALA K 232 -49.39 -22.47 -10.90
CA ALA K 232 -48.20 -22.31 -11.70
C ALA K 232 -47.89 -20.83 -11.95
N ASP K 233 -48.87 -19.98 -12.24
CA ASP K 233 -48.63 -18.53 -12.28
C ASP K 233 -48.26 -17.98 -10.90
N GLU K 234 -48.88 -18.44 -9.83
CA GLU K 234 -48.50 -18.00 -8.48
C GLU K 234 -47.05 -18.37 -8.14
N ILE K 235 -46.50 -19.45 -8.68
CA ILE K 235 -45.09 -19.76 -8.51
C ILE K 235 -44.27 -18.72 -9.27
N GLN K 236 -44.64 -18.32 -10.50
CA GLN K 236 -43.93 -17.25 -11.19
C GLN K 236 -44.00 -15.93 -10.42
N ILE K 237 -45.09 -15.53 -9.78
CA ILE K 237 -45.11 -14.33 -8.93
C ILE K 237 -44.27 -14.56 -7.67
N TYR K 238 -44.36 -15.72 -7.03
CA TYR K 238 -43.60 -16.11 -5.84
C TYR K 238 -42.12 -15.86 -6.07
N LYS K 239 -41.62 -16.50 -7.12
CA LYS K 239 -40.24 -16.30 -7.52
C LYS K 239 -39.89 -14.84 -7.81
N TYR K 240 -40.75 -14.06 -8.46
CA TYR K 240 -40.47 -12.65 -8.77
C TYR K 240 -40.36 -11.81 -7.50
N VAL K 241 -41.27 -11.99 -6.56
CA VAL K 241 -41.21 -11.28 -5.30
C VAL K 241 -39.97 -11.70 -4.52
N VAL K 242 -39.64 -13.00 -4.37
CA VAL K 242 -38.43 -13.41 -3.68
C VAL K 242 -37.18 -12.79 -4.31
N HIS K 243 -37.03 -12.87 -5.64
CA HIS K 243 -35.91 -12.23 -6.31
C HIS K 243 -35.84 -10.73 -6.11
N ASN K 244 -36.93 -9.96 -6.22
CA ASN K 244 -36.86 -8.52 -6.02
C ASN K 244 -36.87 -7.98 -4.60
N VAL K 245 -37.55 -8.58 -3.61
CA VAL K 245 -37.47 -8.12 -2.23
C VAL K 245 -36.06 -8.39 -1.73
N ALA K 246 -35.50 -9.57 -2.02
CA ALA K 246 -34.12 -9.88 -1.65
C ALA K 246 -33.17 -8.80 -2.18
N HIS K 247 -33.40 -8.45 -3.44
CA HIS K 247 -32.63 -7.41 -4.09
C HIS K 247 -32.74 -6.06 -3.38
N ARG K 248 -33.95 -5.65 -2.97
CA ARG K 248 -34.13 -4.39 -2.23
C ARG K 248 -33.39 -4.41 -0.89
N PHE K 249 -33.31 -5.58 -0.30
CA PHE K 249 -32.58 -5.80 0.93
C PHE K 249 -31.06 -5.98 0.81
N GLY K 250 -30.52 -5.92 -0.42
CA GLY K 250 -29.09 -6.07 -0.63
C GLY K 250 -28.63 -7.52 -0.73
N LYS K 251 -29.59 -8.42 -0.73
CA LYS K 251 -29.33 -9.82 -0.89
C LYS K 251 -29.54 -10.25 -2.34
N THR K 252 -29.15 -11.49 -2.61
CA THR K 252 -29.41 -12.13 -3.90
C THR K 252 -30.06 -13.48 -3.61
N ALA K 253 -31.21 -13.74 -4.19
CA ALA K 253 -31.87 -15.02 -3.95
C ALA K 253 -31.71 -15.95 -5.11
N THR K 254 -31.67 -17.23 -4.79
CA THR K 254 -31.60 -18.25 -5.82
C THR K 254 -32.47 -19.47 -5.59
N PHE K 255 -33.12 -19.88 -6.67
CA PHE K 255 -33.91 -21.10 -6.59
C PHE K 255 -33.16 -22.34 -7.09
N MET K 256 -31.83 -22.33 -7.27
CA MET K 256 -31.18 -23.52 -7.82
C MET K 256 -31.13 -24.61 -6.76
N PRO K 257 -31.33 -25.87 -7.17
CA PRO K 257 -31.63 -26.99 -6.27
C PRO K 257 -30.57 -27.28 -5.22
N LYS K 258 -29.32 -27.20 -5.65
CA LYS K 258 -28.17 -27.57 -4.84
C LYS K 258 -26.96 -26.62 -4.96
N PRO K 259 -26.92 -25.44 -4.34
CA PRO K 259 -25.82 -24.49 -4.49
C PRO K 259 -24.62 -24.87 -3.65
N MET K 260 -24.80 -25.56 -2.53
CA MET K 260 -23.70 -25.94 -1.65
C MET K 260 -23.63 -27.45 -1.39
N PHE K 261 -22.48 -28.06 -1.57
CA PHE K 261 -22.30 -29.45 -1.16
C PHE K 261 -22.17 -29.54 0.36
N GLY K 262 -22.78 -30.51 1.01
CA GLY K 262 -22.55 -30.66 2.46
C GLY K 262 -23.59 -30.04 3.37
N ASP K 263 -24.62 -29.52 2.72
CA ASP K 263 -25.76 -28.99 3.42
C ASP K 263 -27.00 -29.10 2.56
N ASN K 264 -28.17 -28.84 3.13
CA ASN K 264 -29.42 -28.93 2.42
C ASN K 264 -29.57 -28.26 1.05
N GLY K 265 -30.40 -28.90 0.26
CA GLY K 265 -30.77 -28.39 -1.04
C GLY K 265 -32.18 -27.81 -0.98
N SER K 266 -32.49 -27.01 -1.97
CA SER K 266 -33.81 -26.43 -2.06
C SER K 266 -34.68 -27.31 -2.96
N GLY K 267 -35.68 -27.93 -2.34
CA GLY K 267 -36.68 -28.66 -3.09
C GLY K 267 -38.03 -27.95 -3.16
N MET K 268 -38.87 -28.30 -4.13
CA MET K 268 -40.20 -27.75 -4.25
C MET K 268 -41.19 -28.91 -4.22
N HIS K 269 -41.65 -29.31 -3.04
CA HIS K 269 -42.56 -30.44 -2.98
C HIS K 269 -43.95 -30.09 -3.46
N CYS K 270 -44.51 -30.90 -4.32
CA CYS K 270 -45.87 -30.68 -4.74
C CYS K 270 -46.94 -31.46 -4.00
N HIS K 271 -47.76 -30.79 -3.20
CA HIS K 271 -48.97 -31.41 -2.68
C HIS K 271 -50.03 -31.43 -3.76
N MET K 272 -50.59 -32.60 -4.02
CA MET K 272 -51.66 -32.70 -5.00
C MET K 272 -52.92 -33.36 -4.48
N SER K 273 -54.00 -32.88 -5.08
CA SER K 273 -55.31 -33.46 -4.84
C SER K 273 -56.30 -33.28 -5.97
N LEU K 274 -57.22 -34.22 -6.09
CA LEU K 274 -58.25 -34.13 -7.11
C LEU K 274 -59.66 -33.95 -6.57
N ALA K 275 -60.46 -33.16 -7.27
CA ALA K 275 -61.84 -32.96 -6.83
C ALA K 275 -62.94 -32.94 -7.89
N LYS K 276 -63.98 -33.72 -7.64
CA LYS K 276 -65.17 -33.78 -8.50
C LYS K 276 -66.31 -33.18 -7.70
N ASN K 277 -67.21 -32.43 -8.30
CA ASN K 277 -68.33 -31.73 -7.64
C ASN K 277 -68.20 -31.38 -6.15
N GLY K 278 -67.17 -30.58 -5.87
CA GLY K 278 -66.87 -30.12 -4.51
C GLY K 278 -66.38 -31.17 -3.50
N THR K 279 -66.00 -32.35 -3.97
CA THR K 279 -65.54 -33.43 -3.11
C THR K 279 -64.18 -34.00 -3.48
N ASN K 280 -63.44 -34.25 -2.41
CA ASN K 280 -62.09 -34.75 -2.55
C ASN K 280 -61.94 -36.23 -2.87
N LEU K 281 -61.80 -36.51 -4.17
CA LEU K 281 -61.54 -37.87 -4.65
C LEU K 281 -60.37 -38.62 -4.01
N PHE K 282 -59.41 -37.90 -3.42
CA PHE K 282 -58.31 -38.58 -2.79
C PHE K 282 -58.66 -39.08 -1.41
N SER K 283 -59.67 -38.53 -0.77
CA SER K 283 -60.11 -39.07 0.51
C SER K 283 -60.90 -40.35 0.32
N GLY K 284 -60.92 -41.18 1.35
CA GLY K 284 -61.61 -42.45 1.30
C GLY K 284 -61.18 -43.39 2.41
N ASP K 285 -61.38 -44.67 2.12
CA ASP K 285 -60.93 -45.75 2.99
C ASP K 285 -59.43 -46.10 2.74
N LYS K 286 -59.01 -47.32 2.37
CA LYS K 286 -57.62 -47.67 2.02
C LYS K 286 -56.44 -47.13 2.88
N TYR K 287 -55.16 -47.20 2.45
CA TYR K 287 -54.06 -46.66 3.26
C TYR K 287 -54.18 -45.20 3.70
N ALA K 288 -54.13 -44.99 5.01
CA ALA K 288 -54.19 -43.64 5.60
C ALA K 288 -55.23 -42.62 5.10
N GLY K 289 -56.48 -43.06 4.98
CA GLY K 289 -57.57 -42.17 4.53
C GLY K 289 -57.66 -42.01 3.02
N LEU K 290 -56.82 -42.73 2.29
CA LEU K 290 -56.83 -42.56 0.85
C LEU K 290 -57.85 -43.37 0.06
N SER K 291 -58.35 -42.84 -1.03
CA SER K 291 -59.18 -43.65 -1.92
C SER K 291 -58.38 -44.59 -2.83
N GLU K 292 -59.05 -45.56 -3.45
CA GLU K 292 -58.40 -46.42 -4.44
C GLU K 292 -57.98 -45.59 -5.69
N GLN K 293 -58.75 -44.52 -5.90
CA GLN K 293 -58.56 -43.51 -6.95
C GLN K 293 -57.20 -42.82 -6.80
N ALA K 294 -56.95 -42.42 -5.56
CA ALA K 294 -55.69 -41.80 -5.13
C ALA K 294 -54.51 -42.76 -5.27
N LEU K 295 -54.66 -44.02 -4.85
CA LEU K 295 -53.62 -45.01 -5.02
C LEU K 295 -53.21 -45.20 -6.47
N TYR K 296 -54.14 -45.21 -7.41
CA TYR K 296 -53.75 -45.27 -8.84
C TYR K 296 -53.05 -44.00 -9.32
N TYR K 297 -53.39 -42.83 -8.76
CA TYR K 297 -52.66 -41.59 -9.05
C TYR K 297 -51.20 -41.76 -8.64
N ILE K 298 -50.93 -42.22 -7.40
CA ILE K 298 -49.58 -42.54 -6.95
C ILE K 298 -48.91 -43.54 -7.90
N GLY K 299 -49.58 -44.64 -8.25
CA GLY K 299 -49.07 -45.63 -9.20
C GLY K 299 -48.69 -45.03 -10.55
N GLY K 300 -49.43 -44.06 -11.07
CA GLY K 300 -49.07 -43.39 -12.31
C GLY K 300 -47.83 -42.50 -12.15
N VAL K 301 -47.74 -41.74 -11.06
CA VAL K 301 -46.56 -40.93 -10.75
C VAL K 301 -45.34 -41.83 -10.65
N ILE K 302 -45.37 -42.89 -9.84
CA ILE K 302 -44.26 -43.85 -9.74
C ILE K 302 -43.94 -44.51 -11.09
N LYS K 303 -44.95 -44.96 -11.85
CA LYS K 303 -44.74 -45.55 -13.18
C LYS K 303 -43.99 -44.60 -14.13
N HIS K 304 -44.26 -43.31 -14.03
CA HIS K 304 -43.62 -42.35 -14.94
C HIS K 304 -42.59 -41.42 -14.32
N ALA K 305 -42.20 -41.69 -13.06
CA ALA K 305 -41.26 -40.84 -12.33
C ALA K 305 -40.04 -40.36 -13.11
N LYS K 306 -39.24 -41.24 -13.73
CA LYS K 306 -38.08 -40.77 -14.48
C LYS K 306 -38.40 -39.83 -15.65
N ALA K 307 -39.56 -39.93 -16.30
CA ALA K 307 -39.93 -38.98 -17.36
C ALA K 307 -40.37 -37.66 -16.73
N ILE K 308 -41.07 -37.74 -15.61
CA ILE K 308 -41.45 -36.56 -14.83
C ILE K 308 -40.18 -35.84 -14.38
N ASN K 309 -39.10 -36.54 -13.97
CA ASN K 309 -37.85 -35.91 -13.54
C ASN K 309 -37.26 -34.97 -14.56
N ALA K 310 -37.36 -35.27 -15.87
CA ALA K 310 -36.90 -34.36 -16.91
C ALA K 310 -37.58 -32.99 -16.92
N LEU K 311 -38.76 -32.89 -16.28
CA LEU K 311 -39.52 -31.65 -16.18
C LEU K 311 -39.55 -31.09 -14.75
N ALA K 312 -39.62 -31.96 -13.74
CA ALA K 312 -39.65 -31.59 -12.33
C ALA K 312 -38.28 -31.36 -11.67
N ASN K 313 -37.24 -31.87 -12.33
CA ASN K 313 -35.84 -31.76 -11.94
C ASN K 313 -34.97 -31.48 -13.18
N PRO K 314 -35.13 -30.36 -13.87
CA PRO K 314 -34.66 -30.16 -15.23
C PRO K 314 -33.22 -29.66 -15.35
N THR K 315 -32.49 -29.57 -14.24
CA THR K 315 -31.15 -29.00 -14.29
C THR K 315 -30.11 -30.04 -13.93
N THR K 316 -28.88 -30.03 -14.47
CA THR K 316 -27.88 -31.01 -14.02
C THR K 316 -27.67 -30.90 -12.51
N ASN K 317 -27.75 -29.70 -11.95
CA ASN K 317 -27.65 -29.47 -10.51
C ASN K 317 -28.75 -30.14 -9.69
N SER K 318 -29.91 -30.39 -10.29
CA SER K 318 -31.00 -31.05 -9.58
C SER K 318 -30.63 -32.38 -8.97
N TYR K 319 -29.79 -33.08 -9.73
CA TYR K 319 -29.39 -34.41 -9.32
C TYR K 319 -28.28 -34.42 -8.27
N LYS K 320 -27.64 -33.27 -8.01
CA LYS K 320 -26.76 -33.15 -6.84
C LYS K 320 -27.60 -33.18 -5.55
N ARG K 321 -28.88 -32.81 -5.63
CA ARG K 321 -29.81 -32.89 -4.50
C ARG K 321 -30.39 -34.29 -4.40
N LEU K 322 -30.81 -34.84 -5.53
CA LEU K 322 -31.34 -36.20 -5.58
C LEU K 322 -30.30 -37.32 -5.55
N VAL K 323 -29.56 -37.36 -4.46
CA VAL K 323 -28.57 -38.41 -4.27
C VAL K 323 -29.00 -39.25 -3.07
N PRO K 324 -28.76 -40.56 -3.05
CA PRO K 324 -28.99 -41.46 -1.91
C PRO K 324 -28.95 -40.98 -0.45
N PRO K 329 -34.86 -37.66 -1.18
CA PRO K 329 -36.07 -38.42 -1.47
C PRO K 329 -35.98 -39.18 -2.79
N VAL K 330 -35.06 -40.13 -2.87
CA VAL K 330 -34.87 -40.89 -4.10
C VAL K 330 -35.76 -42.11 -4.34
N MET K 331 -36.27 -42.70 -3.26
CA MET K 331 -37.13 -43.87 -3.31
C MET K 331 -38.56 -43.69 -3.82
N LEU K 332 -38.90 -44.20 -5.00
CA LEU K 332 -40.28 -44.19 -5.49
C LEU K 332 -41.17 -45.15 -4.70
N ALA K 333 -41.68 -44.61 -3.62
CA ALA K 333 -42.54 -45.32 -2.70
C ALA K 333 -43.46 -44.37 -1.97
N TYR K 334 -44.69 -44.77 -1.71
CA TYR K 334 -45.55 -43.96 -0.86
C TYR K 334 -45.53 -44.41 0.59
N SER K 335 -45.75 -43.46 1.47
CA SER K 335 -45.80 -43.73 2.90
C SER K 335 -46.31 -42.58 3.76
N ALA K 336 -46.99 -42.86 4.85
CA ALA K 336 -47.35 -41.84 5.83
C ALA K 336 -46.20 -41.76 6.84
N ARG K 337 -45.53 -42.92 7.03
CA ARG K 337 -44.32 -43.01 7.85
C ARG K 337 -42.96 -42.72 7.19
N ASN K 338 -42.43 -43.48 6.21
CA ASN K 338 -41.09 -43.27 5.65
C ASN K 338 -40.70 -41.94 4.97
N ARG K 339 -40.16 -40.90 5.64
CA ARG K 339 -39.62 -39.71 4.94
C ARG K 339 -38.20 -40.12 4.49
N SER K 340 -38.28 -40.72 3.32
CA SER K 340 -37.22 -41.37 2.53
C SER K 340 -37.92 -41.84 1.24
N ALA K 341 -39.22 -42.11 1.42
CA ALA K 341 -40.16 -42.31 0.34
C ALA K 341 -40.44 -40.95 -0.30
N SER K 342 -40.35 -40.90 -1.62
CA SER K 342 -40.60 -39.68 -2.38
C SER K 342 -42.08 -39.30 -2.48
N ILE K 343 -42.99 -40.20 -2.15
CA ILE K 343 -44.41 -39.87 -2.12
C ILE K 343 -44.85 -39.95 -0.65
N ARG K 344 -45.05 -38.83 0.01
CA ARG K 344 -45.53 -38.79 1.39
C ARG K 344 -47.06 -38.59 1.41
N ILE K 345 -47.77 -39.40 2.19
CA ILE K 345 -49.20 -39.21 2.37
C ILE K 345 -49.30 -38.43 3.66
N PRO K 346 -49.53 -37.10 3.63
CA PRO K 346 -49.50 -36.24 4.80
C PRO K 346 -50.58 -36.65 5.78
N VAL K 347 -50.22 -36.70 7.05
CA VAL K 347 -51.21 -37.04 8.07
C VAL K 347 -52.05 -35.78 8.29
N VAL K 348 -53.12 -35.70 7.50
CA VAL K 348 -53.99 -34.56 7.60
C VAL K 348 -54.76 -34.61 8.93
N ALA K 349 -55.26 -35.79 9.35
CA ALA K 349 -56.07 -36.06 10.57
C ALA K 349 -57.48 -35.43 10.55
N SER K 350 -57.40 -34.18 10.10
CA SER K 350 -58.44 -33.27 9.67
C SER K 350 -59.28 -33.91 8.53
N PRO K 351 -60.20 -33.27 7.80
CA PRO K 351 -61.30 -34.01 7.17
C PRO K 351 -61.15 -34.79 5.85
N LYS K 352 -60.78 -33.97 4.89
CA LYS K 352 -60.85 -34.22 3.45
C LYS K 352 -60.00 -33.20 2.68
N ALA K 353 -59.19 -32.53 3.49
CA ALA K 353 -57.89 -32.05 3.04
C ALA K 353 -56.92 -33.25 2.78
N ARG K 354 -57.39 -34.49 2.58
CA ARG K 354 -56.61 -35.65 2.17
C ARG K 354 -55.91 -35.40 0.83
N ARG K 355 -54.63 -35.68 0.78
CA ARG K 355 -53.85 -35.39 -0.41
C ARG K 355 -52.58 -36.21 -0.54
N ILE K 356 -51.94 -36.26 -1.70
CA ILE K 356 -50.61 -36.85 -1.73
C ILE K 356 -49.54 -35.76 -1.82
N GLU K 357 -48.35 -36.01 -1.31
CA GLU K 357 -47.25 -35.06 -1.47
C GLU K 357 -46.07 -35.68 -2.21
N VAL K 358 -45.75 -35.23 -3.42
CA VAL K 358 -44.57 -35.75 -4.10
C VAL K 358 -43.36 -34.88 -3.71
N ARG K 359 -42.44 -35.44 -2.93
CA ARG K 359 -41.28 -34.72 -2.40
C ARG K 359 -40.12 -34.43 -3.33
N PHE K 360 -40.00 -35.10 -4.46
CA PHE K 360 -38.83 -34.92 -5.30
C PHE K 360 -38.67 -33.74 -6.25
N PRO K 361 -39.63 -32.94 -6.73
CA PRO K 361 -39.34 -31.83 -7.65
C PRO K 361 -38.55 -30.69 -7.00
N ASP K 362 -37.97 -29.77 -7.77
CA ASP K 362 -37.27 -28.63 -7.16
C ASP K 362 -37.55 -27.26 -7.77
N PRO K 363 -37.31 -26.12 -7.13
CA PRO K 363 -37.64 -24.79 -7.67
C PRO K 363 -37.17 -24.53 -9.09
N ALA K 364 -36.19 -25.28 -9.62
CA ALA K 364 -35.73 -25.04 -10.99
C ALA K 364 -36.72 -25.46 -12.07
N ALA K 365 -37.70 -26.27 -11.67
CA ALA K 365 -38.70 -26.78 -12.59
C ALA K 365 -39.66 -25.74 -13.17
N ASN K 366 -39.99 -25.85 -14.47
CA ASN K 366 -40.97 -24.94 -15.05
C ASN K 366 -42.34 -25.26 -14.45
N PRO K 367 -42.97 -24.45 -13.61
CA PRO K 367 -44.09 -24.89 -12.79
C PRO K 367 -45.24 -25.38 -13.67
N TYR K 368 -45.43 -24.79 -14.87
CA TYR K 368 -46.47 -25.28 -15.78
C TYR K 368 -46.17 -26.68 -16.25
N LEU K 369 -45.05 -26.90 -16.96
CA LEU K 369 -44.70 -28.24 -17.42
C LEU K 369 -44.55 -29.27 -16.29
N CYS K 370 -43.99 -28.89 -15.14
CA CYS K 370 -43.82 -29.79 -14.00
C CYS K 370 -45.15 -30.25 -13.46
N PHE K 371 -46.08 -29.31 -13.25
CA PHE K 371 -47.41 -29.68 -12.77
C PHE K 371 -48.23 -30.44 -13.80
N ALA K 372 -48.26 -29.98 -15.06
CA ALA K 372 -48.90 -30.72 -16.16
C ALA K 372 -48.40 -32.16 -16.21
N ALA K 373 -47.09 -32.43 -16.23
CA ALA K 373 -46.56 -33.80 -16.18
C ALA K 373 -46.97 -34.57 -14.92
N LEU K 374 -46.93 -34.02 -13.69
CA LEU K 374 -47.43 -34.78 -12.53
C LEU K 374 -48.91 -35.16 -12.71
N LEU K 375 -49.74 -34.25 -13.22
CA LEU K 375 -51.17 -34.51 -13.43
C LEU K 375 -51.36 -35.60 -14.49
N MET K 376 -50.86 -35.43 -15.72
CA MET K 376 -50.92 -36.47 -16.76
C MET K 376 -50.42 -37.85 -16.30
N ALA K 377 -49.35 -37.94 -15.50
CA ALA K 377 -48.89 -39.22 -14.97
C ALA K 377 -49.90 -39.82 -14.00
N GLY K 378 -50.39 -38.99 -13.09
CA GLY K 378 -51.38 -39.40 -12.11
C GLY K 378 -52.70 -39.86 -12.73
N LEU K 379 -53.16 -39.20 -13.80
CA LEU K 379 -54.34 -39.64 -14.50
C LEU K 379 -54.07 -40.98 -15.17
N ASP K 380 -53.02 -41.16 -15.97
CA ASP K 380 -52.68 -42.47 -16.53
C ASP K 380 -52.67 -43.60 -15.50
N GLY K 381 -52.36 -43.33 -14.23
CA GLY K 381 -52.47 -44.34 -13.18
C GLY K 381 -53.94 -44.74 -12.96
N ILE K 382 -54.79 -43.75 -12.66
CA ILE K 382 -56.25 -43.93 -12.52
C ILE K 382 -56.84 -44.67 -13.72
N LYS K 383 -56.62 -44.04 -14.87
CA LYS K 383 -57.03 -44.54 -16.17
C LYS K 383 -56.66 -45.98 -16.53
N ASN K 384 -55.59 -46.51 -15.92
CA ASN K 384 -55.21 -47.90 -16.12
C ASN K 384 -55.08 -48.70 -14.82
N LYS K 385 -55.77 -48.33 -13.74
CA LYS K 385 -55.74 -49.03 -12.44
C LYS K 385 -54.31 -49.43 -11.97
N ILE K 386 -53.30 -48.62 -12.36
CA ILE K 386 -51.89 -48.89 -12.03
C ILE K 386 -51.72 -48.83 -10.52
N HIS K 387 -51.88 -49.98 -9.92
CA HIS K 387 -51.87 -50.07 -8.48
C HIS K 387 -50.48 -49.92 -7.89
N PRO K 388 -50.28 -48.92 -7.04
CA PRO K 388 -48.98 -48.54 -6.50
C PRO K 388 -48.24 -49.68 -5.81
N GLY K 389 -48.79 -50.29 -4.75
CA GLY K 389 -48.15 -51.44 -4.14
C GLY K 389 -48.39 -51.46 -2.65
N GLU K 390 -47.33 -51.34 -1.88
CA GLU K 390 -47.41 -51.30 -0.43
C GLU K 390 -46.48 -50.26 0.17
N PRO K 391 -46.87 -49.56 1.22
CA PRO K 391 -46.06 -48.53 1.86
C PRO K 391 -44.79 -48.94 2.57
N MET K 392 -43.66 -48.43 2.11
CA MET K 392 -42.41 -48.58 2.88
C MET K 392 -42.59 -47.75 4.16
N ASP K 393 -42.47 -48.28 5.38
CA ASP K 393 -42.62 -47.44 6.56
C ASP K 393 -41.45 -47.40 7.54
N ILE K 407 -36.71 -51.86 -4.87
CA ILE K 407 -37.44 -50.59 -4.70
C ILE K 407 -36.94 -49.45 -5.62
N PRO K 408 -37.74 -49.03 -6.61
CA PRO K 408 -37.31 -48.16 -7.70
C PRO K 408 -37.00 -46.71 -7.34
N GLN K 409 -36.11 -46.06 -8.09
CA GLN K 409 -35.70 -44.70 -7.77
C GLN K 409 -35.87 -43.68 -8.88
N VAL K 410 -35.88 -42.41 -8.50
CA VAL K 410 -35.90 -41.30 -9.48
C VAL K 410 -34.72 -41.34 -10.45
N ALA K 411 -34.78 -40.68 -11.60
CA ALA K 411 -33.64 -40.64 -12.51
C ALA K 411 -32.37 -40.17 -11.78
N GLY K 412 -31.28 -40.87 -11.95
CA GLY K 412 -30.04 -40.48 -11.27
C GLY K 412 -29.23 -39.37 -11.95
N SER K 413 -29.72 -38.85 -13.06
CA SER K 413 -29.07 -37.76 -13.78
C SER K 413 -29.97 -37.14 -14.83
N LEU K 414 -29.69 -35.90 -15.24
CA LEU K 414 -30.50 -35.25 -16.26
C LEU K 414 -30.50 -36.05 -17.56
N GLU K 415 -29.38 -36.67 -17.93
CA GLU K 415 -29.32 -37.46 -19.17
C GLU K 415 -30.26 -38.66 -19.13
N GLU K 416 -30.30 -39.30 -17.96
CA GLU K 416 -31.22 -40.40 -17.73
C GLU K 416 -32.67 -39.91 -17.82
N ALA K 417 -32.99 -38.86 -17.06
CA ALA K 417 -34.31 -38.24 -17.11
C ALA K 417 -34.73 -37.83 -18.52
N LEU K 418 -33.85 -37.24 -19.31
CA LEU K 418 -34.17 -36.87 -20.68
C LEU K 418 -34.41 -38.10 -21.55
N ASN K 419 -33.61 -39.18 -21.48
CA ASN K 419 -33.88 -40.42 -22.22
C ASN K 419 -35.24 -41.01 -21.88
N ALA K 420 -35.49 -41.04 -20.57
CA ALA K 420 -36.75 -41.49 -20.03
C ALA K 420 -37.94 -40.67 -20.54
N LEU K 421 -37.90 -39.33 -20.56
CA LEU K 421 -38.98 -38.53 -21.13
C LEU K 421 -39.15 -38.89 -22.59
N ASP K 422 -38.06 -38.94 -23.35
CA ASP K 422 -38.07 -39.32 -24.76
C ASP K 422 -38.74 -40.68 -25.04
N LEU K 423 -38.56 -41.66 -24.18
CA LEU K 423 -39.20 -42.96 -24.38
C LEU K 423 -40.58 -43.11 -23.75
N ASP K 424 -40.83 -42.50 -22.61
CA ASP K 424 -42.12 -42.56 -21.91
C ASP K 424 -43.04 -41.38 -22.25
N ARG K 425 -42.85 -40.94 -23.49
CA ARG K 425 -43.54 -39.83 -24.12
C ARG K 425 -45.06 -39.92 -24.23
N GLU K 426 -45.61 -41.14 -24.26
CA GLU K 426 -47.04 -41.33 -24.47
C GLU K 426 -48.04 -40.70 -23.50
N PHE K 427 -47.84 -40.87 -22.19
CA PHE K 427 -48.78 -40.29 -21.24
C PHE K 427 -48.83 -38.76 -21.30
N LEU K 428 -47.74 -38.11 -21.71
CA LEU K 428 -47.78 -36.68 -21.87
C LEU K 428 -48.59 -36.29 -23.11
N LYS K 429 -48.58 -37.05 -24.20
CA LYS K 429 -49.34 -36.71 -25.42
C LYS K 429 -50.85 -36.91 -25.39
N ALA K 430 -51.34 -37.60 -24.35
CA ALA K 430 -52.77 -37.78 -24.13
C ALA K 430 -53.62 -36.51 -24.22
N GLY K 431 -54.59 -36.56 -25.12
CA GLY K 431 -55.47 -35.43 -25.37
C GLY K 431 -54.81 -34.19 -25.96
N GLY K 432 -53.62 -34.29 -26.54
CA GLY K 432 -53.01 -33.12 -27.16
C GLY K 432 -52.26 -32.18 -26.22
N VAL K 433 -52.28 -32.49 -24.92
CA VAL K 433 -51.48 -31.81 -23.91
C VAL K 433 -50.05 -32.13 -24.37
N PHE K 434 -49.10 -31.27 -24.75
CA PHE K 434 -47.77 -31.73 -25.21
C PHE K 434 -47.72 -32.48 -26.55
N THR K 435 -47.23 -31.79 -27.57
CA THR K 435 -46.95 -32.50 -28.83
C THR K 435 -45.55 -33.13 -28.88
N ASP K 436 -45.28 -34.01 -29.83
CA ASP K 436 -43.91 -34.47 -30.06
C ASP K 436 -42.90 -33.36 -30.32
N GLU K 437 -43.24 -32.33 -31.13
CA GLU K 437 -42.31 -31.22 -31.38
C GLU K 437 -41.95 -30.52 -30.06
N ALA K 438 -42.98 -30.34 -29.22
CA ALA K 438 -42.83 -29.75 -27.91
C ALA K 438 -41.90 -30.57 -27.02
N ILE K 439 -42.11 -31.89 -26.90
CA ILE K 439 -41.22 -32.75 -26.14
C ILE K 439 -39.82 -32.81 -26.75
N ASP K 440 -39.66 -33.00 -28.05
CA ASP K 440 -38.36 -32.95 -28.71
C ASP K 440 -37.56 -31.65 -28.53
N ALA K 441 -38.19 -30.48 -28.65
CA ALA K 441 -37.52 -29.20 -28.48
C ALA K 441 -37.05 -28.99 -27.04
N TYR K 442 -37.87 -29.47 -26.10
CA TYR K 442 -37.52 -29.46 -24.69
C TYR K 442 -36.25 -30.28 -24.43
N ILE K 443 -36.23 -31.55 -24.83
CA ILE K 443 -35.03 -32.39 -24.65
C ILE K 443 -33.83 -31.75 -25.32
N ALA K 444 -33.97 -31.20 -26.53
CA ALA K 444 -32.90 -30.46 -27.20
C ALA K 444 -32.30 -29.34 -26.35
N LEU K 445 -33.12 -28.50 -25.70
CA LEU K 445 -32.61 -27.46 -24.80
C LEU K 445 -31.86 -28.07 -23.64
N ARG K 446 -32.50 -28.97 -22.87
CA ARG K 446 -31.85 -29.59 -21.73
C ARG K 446 -30.57 -30.38 -22.07
N ARG K 447 -30.46 -30.90 -23.28
CA ARG K 447 -29.25 -31.61 -23.67
C ARG K 447 -28.04 -30.72 -23.85
N GLU K 448 -28.24 -29.55 -24.46
CA GLU K 448 -27.18 -28.55 -24.63
C GLU K 448 -26.54 -28.17 -23.28
N GLU K 449 -27.40 -28.07 -22.27
CA GLU K 449 -27.00 -27.74 -20.91
C GLU K 449 -26.23 -28.89 -20.30
N ASP K 450 -26.79 -30.09 -20.41
CA ASP K 450 -26.13 -31.27 -19.91
C ASP K 450 -24.73 -31.41 -20.50
N ASP K 451 -24.57 -31.21 -21.81
CA ASP K 451 -23.26 -31.27 -22.46
C ASP K 451 -22.22 -30.29 -21.94
N ARG K 452 -22.58 -29.03 -21.72
CA ARG K 452 -21.64 -28.05 -21.21
C ARG K 452 -21.10 -28.47 -19.84
N VAL K 453 -22.02 -28.94 -18.98
CA VAL K 453 -21.60 -29.49 -17.70
C VAL K 453 -20.75 -30.76 -17.86
N ARG K 454 -21.04 -31.65 -18.82
CA ARG K 454 -20.32 -32.91 -19.04
C ARG K 454 -18.90 -32.76 -19.59
N MET K 455 -18.69 -31.77 -20.47
CA MET K 455 -17.41 -31.50 -21.13
C MET K 455 -16.46 -30.55 -20.40
N THR K 456 -16.92 -29.80 -19.41
CA THR K 456 -16.07 -28.86 -18.68
C THR K 456 -15.43 -29.52 -17.47
N PRO K 457 -14.11 -29.64 -17.31
CA PRO K 457 -13.52 -30.25 -16.13
C PRO K 457 -13.94 -29.58 -14.84
N HIS K 458 -14.22 -30.44 -13.88
CA HIS K 458 -14.69 -30.03 -12.56
C HIS K 458 -13.52 -29.80 -11.60
N PRO K 459 -13.50 -28.76 -10.75
CA PRO K 459 -12.49 -28.62 -9.72
C PRO K 459 -12.18 -29.86 -8.88
N VAL K 460 -13.09 -30.67 -8.31
CA VAL K 460 -12.63 -31.83 -7.52
C VAL K 460 -11.91 -32.87 -8.39
N GLU K 461 -12.03 -32.83 -9.73
CA GLU K 461 -11.23 -33.73 -10.56
C GLU K 461 -9.74 -33.36 -10.42
N PHE K 462 -9.37 -32.09 -10.30
CA PHE K 462 -7.97 -31.75 -10.06
C PHE K 462 -7.54 -32.28 -8.71
N GLU K 463 -8.44 -32.26 -7.76
CA GLU K 463 -8.15 -32.79 -6.42
C GLU K 463 -7.89 -34.29 -6.44
N LEU K 464 -8.68 -34.97 -7.25
CA LEU K 464 -8.65 -36.41 -7.42
C LEU K 464 -7.58 -36.97 -8.37
N TYR K 465 -7.34 -36.27 -9.45
CA TYR K 465 -6.53 -36.77 -10.55
C TYR K 465 -5.30 -35.94 -10.99
N TYR K 466 -4.97 -34.78 -10.42
CA TYR K 466 -3.82 -34.02 -10.90
C TYR K 466 -2.53 -34.79 -10.73
N SER K 467 -2.29 -35.43 -9.60
CA SER K 467 -1.08 -36.21 -9.41
C SER K 467 -1.08 -37.63 -9.97
N VAL K 468 -1.93 -37.92 -10.94
CA VAL K 468 -1.96 -39.20 -11.62
C VAL K 468 -0.65 -39.30 -12.44
N SER L 1 -56.45 -16.06 27.30
CA SER L 1 -57.46 -16.85 26.59
C SER L 1 -57.42 -16.61 25.08
N ALA L 2 -57.95 -17.50 24.22
CA ALA L 2 -58.04 -17.26 22.77
C ALA L 2 -58.64 -15.89 22.42
N GLU L 3 -59.79 -15.66 23.08
CA GLU L 3 -60.56 -14.42 23.02
C GLU L 3 -59.73 -13.13 23.12
N HIS L 4 -58.84 -13.16 24.13
CA HIS L 4 -57.90 -12.08 24.40
C HIS L 4 -56.86 -11.89 23.30
N VAL L 5 -56.26 -12.98 22.83
CA VAL L 5 -55.26 -12.91 21.76
C VAL L 5 -55.91 -12.28 20.52
N LEU L 6 -57.09 -12.78 20.19
CA LEU L 6 -57.88 -12.29 19.08
C LEU L 6 -58.22 -10.81 19.13
N THR L 7 -58.37 -10.22 20.33
CA THR L 7 -58.56 -8.76 20.39
C THR L 7 -57.22 -8.08 20.14
N MET L 8 -56.12 -8.51 20.78
CA MET L 8 -54.78 -7.93 20.58
C MET L 8 -54.38 -7.79 19.13
N LEU L 9 -54.74 -8.81 18.36
CA LEU L 9 -54.56 -8.82 16.93
C LEU L 9 -55.15 -7.58 16.26
N ASN L 10 -56.39 -7.19 16.59
CA ASN L 10 -56.97 -5.95 16.07
C ASN L 10 -56.47 -4.68 16.77
N GLU L 11 -56.34 -4.82 18.08
CA GLU L 11 -55.89 -3.80 19.02
C GLU L 11 -54.47 -3.29 18.79
N HIS L 12 -53.74 -4.09 18.01
CA HIS L 12 -52.37 -3.76 17.64
C HIS L 12 -52.05 -3.86 16.16
N GLU L 13 -53.03 -4.11 15.29
CA GLU L 13 -52.83 -4.30 13.85
C GLU L 13 -51.65 -5.23 13.51
N VAL L 14 -51.70 -6.30 14.29
CA VAL L 14 -50.73 -7.37 14.21
C VAL L 14 -50.72 -8.00 12.82
N LYS L 15 -49.63 -7.92 12.05
CA LYS L 15 -49.54 -8.53 10.73
C LYS L 15 -49.15 -10.01 10.74
N PHE L 16 -48.41 -10.40 11.79
CA PHE L 16 -47.90 -11.76 11.92
C PHE L 16 -47.90 -12.28 13.36
N VAL L 17 -47.99 -13.60 13.49
CA VAL L 17 -47.92 -14.26 14.77
C VAL L 17 -46.74 -15.23 14.75
N ASP L 18 -45.85 -15.06 15.72
CA ASP L 18 -44.65 -15.86 15.81
C ASP L 18 -44.77 -17.02 16.79
N LEU L 19 -44.88 -18.23 16.28
CA LEU L 19 -44.97 -19.40 17.14
C LEU L 19 -43.60 -19.80 17.64
N ARG L 20 -43.40 -19.75 18.95
CA ARG L 20 -42.11 -20.11 19.51
C ARG L 20 -42.08 -21.30 20.45
N PHE L 21 -41.02 -22.09 20.43
CA PHE L 21 -40.84 -23.19 21.36
C PHE L 21 -39.36 -23.40 21.72
N THR L 22 -39.02 -24.15 22.76
CA THR L 22 -37.63 -24.39 23.14
C THR L 22 -37.22 -25.80 22.85
N ASP L 23 -36.05 -26.07 22.30
CA ASP L 23 -35.63 -27.45 22.03
C ASP L 23 -34.91 -28.07 23.24
N THR L 24 -34.35 -29.28 23.10
CA THR L 24 -33.70 -29.96 24.22
C THR L 24 -32.49 -29.22 24.70
N LYS L 25 -31.69 -28.71 23.77
CA LYS L 25 -30.53 -27.91 24.14
C LYS L 25 -30.86 -26.59 24.82
N GLY L 26 -32.08 -26.08 24.65
CA GLY L 26 -32.45 -24.80 25.26
C GLY L 26 -32.67 -23.62 24.32
N LYS L 27 -32.34 -23.79 23.05
CA LYS L 27 -32.50 -22.73 22.07
C LYS L 27 -33.95 -22.60 21.61
N GLU L 28 -34.42 -21.37 21.75
CA GLU L 28 -35.72 -20.96 21.27
C GLU L 28 -35.80 -20.95 19.75
N GLN L 29 -36.70 -21.82 19.32
CA GLN L 29 -37.09 -21.98 17.94
C GLN L 29 -38.32 -21.15 17.62
N HIS L 30 -38.57 -20.89 16.35
CA HIS L 30 -39.76 -20.15 15.96
C HIS L 30 -40.18 -20.34 14.50
N VAL L 31 -41.48 -20.27 14.26
CA VAL L 31 -42.05 -20.30 12.92
C VAL L 31 -43.14 -19.21 12.84
N THR L 32 -43.37 -18.57 11.70
CA THR L 32 -44.26 -17.40 11.63
C THR L 32 -45.48 -17.63 10.75
N ILE L 33 -46.63 -17.32 11.30
CA ILE L 33 -47.93 -17.43 10.66
C ILE L 33 -48.43 -16.02 10.35
N PRO L 34 -49.12 -15.71 9.26
CA PRO L 34 -49.82 -14.44 9.05
C PRO L 34 -50.94 -14.30 10.07
N ALA L 35 -51.20 -13.13 10.66
CA ALA L 35 -52.26 -12.98 11.67
C ALA L 35 -53.61 -13.54 11.25
N HIS L 36 -53.89 -13.38 9.96
CA HIS L 36 -55.09 -13.97 9.36
C HIS L 36 -55.22 -15.50 9.37
N GLN L 37 -54.40 -16.26 10.08
CA GLN L 37 -54.51 -17.71 10.23
C GLN L 37 -54.82 -18.05 11.68
N VAL L 38 -54.84 -17.03 12.53
CA VAL L 38 -55.25 -17.18 13.90
C VAL L 38 -56.78 -17.01 13.96
N ASN L 39 -57.41 -18.14 14.27
CA ASN L 39 -58.85 -18.25 14.46
C ASN L 39 -59.15 -19.49 15.27
N ALA L 40 -60.31 -19.65 15.93
CA ALA L 40 -60.70 -20.84 16.71
C ALA L 40 -59.90 -22.13 16.56
N GLU L 41 -59.96 -22.73 15.36
CA GLU L 41 -59.18 -23.91 14.92
C GLU L 41 -57.73 -23.96 15.45
N PHE L 42 -57.05 -22.82 15.31
CA PHE L 42 -55.68 -22.62 15.78
C PHE L 42 -55.54 -22.92 17.27
N PHE L 43 -56.12 -22.13 18.17
CA PHE L 43 -56.03 -22.40 19.61
C PHE L 43 -56.66 -23.71 20.07
N GLU L 44 -57.40 -24.33 19.15
CA GLU L 44 -58.10 -25.58 19.42
C GLU L 44 -57.22 -26.79 19.13
N GLU L 45 -56.94 -26.97 17.84
CA GLU L 45 -56.15 -28.09 17.35
C GLU L 45 -54.69 -27.83 16.91
N GLY L 46 -54.10 -26.75 17.42
CA GLY L 46 -52.75 -26.31 17.09
C GLY L 46 -52.34 -26.23 15.60
N LYS L 47 -51.03 -26.23 15.35
CA LYS L 47 -50.48 -26.26 14.00
C LYS L 47 -49.40 -27.34 13.85
N MET L 48 -49.44 -28.12 12.77
CA MET L 48 -48.50 -29.21 12.55
C MET L 48 -47.16 -28.74 12.04
N PHE L 49 -46.07 -29.31 12.52
CA PHE L 49 -44.77 -29.01 11.94
C PHE L 49 -43.90 -30.25 11.86
N ASP L 50 -42.86 -30.23 11.03
CA ASP L 50 -41.95 -31.36 11.07
C ASP L 50 -40.95 -31.24 12.22
N GLY L 51 -41.35 -31.91 13.28
CA GLY L 51 -40.51 -32.01 14.47
C GLY L 51 -39.22 -32.79 14.24
N SER L 52 -39.22 -33.65 13.22
CA SER L 52 -38.05 -34.49 12.86
C SER L 52 -36.69 -33.81 12.75
N SER L 53 -36.59 -32.63 12.15
CA SER L 53 -35.30 -31.97 12.06
C SER L 53 -34.91 -31.11 13.26
N ILE L 54 -35.68 -31.13 14.35
CA ILE L 54 -35.25 -30.50 15.60
C ILE L 54 -34.33 -31.51 16.31
N GLY L 55 -33.14 -31.03 16.65
CA GLY L 55 -32.14 -31.85 17.32
C GLY L 55 -32.57 -32.58 18.60
N GLY L 56 -32.55 -33.90 18.52
CA GLY L 56 -32.90 -34.75 19.66
C GLY L 56 -34.38 -35.16 19.71
N TRP L 57 -35.16 -34.90 18.65
CA TRP L 57 -36.57 -35.22 18.62
C TRP L 57 -37.05 -36.27 17.61
N ASP L 64 -43.74 -35.62 11.94
CA ASP L 64 -44.72 -34.60 12.27
C ASP L 64 -45.30 -34.57 13.69
N MET L 65 -45.36 -33.34 14.19
CA MET L 65 -45.79 -33.03 15.55
C MET L 65 -46.69 -31.80 15.61
N VAL L 66 -47.36 -31.55 16.73
CA VAL L 66 -48.19 -30.35 16.78
C VAL L 66 -47.80 -29.26 17.80
N LEU L 67 -47.70 -28.06 17.27
CA LEU L 67 -47.48 -26.85 18.04
C LEU L 67 -48.79 -26.36 18.62
N MET L 68 -48.92 -26.44 19.94
CA MET L 68 -50.13 -26.00 20.60
C MET L 68 -49.97 -24.64 21.27
N PRO L 69 -50.54 -23.58 20.71
CA PRO L 69 -50.36 -22.23 21.21
C PRO L 69 -50.85 -22.00 22.63
N ASP L 70 -50.03 -21.56 23.60
CA ASP L 70 -50.52 -21.22 24.92
C ASP L 70 -50.91 -19.73 24.96
N ALA L 71 -52.19 -19.44 24.78
CA ALA L 71 -52.67 -18.07 24.69
C ALA L 71 -52.43 -17.14 25.87
N SER L 72 -51.95 -17.69 26.99
CA SER L 72 -51.60 -16.87 28.14
C SER L 72 -50.30 -16.11 27.90
N THR L 73 -49.45 -16.72 27.08
CA THR L 73 -48.13 -16.18 26.74
C THR L 73 -48.05 -15.08 25.69
N ALA L 74 -49.14 -14.55 25.13
CA ALA L 74 -49.06 -13.58 24.04
C ALA L 74 -48.38 -12.26 24.36
N VAL L 75 -47.28 -11.99 23.67
CA VAL L 75 -46.53 -10.75 23.82
C VAL L 75 -46.24 -10.09 22.48
N ILE L 76 -46.26 -8.78 22.34
CA ILE L 76 -45.88 -8.16 21.08
C ILE L 76 -44.35 -8.12 20.97
N ASP L 77 -43.76 -8.50 19.83
CA ASP L 77 -42.32 -8.52 19.63
C ASP L 77 -41.69 -7.14 19.51
N PRO L 78 -40.81 -6.65 20.39
CA PRO L 78 -40.34 -5.26 20.39
C PRO L 78 -39.35 -4.94 19.27
N PHE L 79 -38.98 -5.97 18.50
CA PHE L 79 -37.95 -5.81 17.48
C PHE L 79 -38.33 -6.02 16.01
N PHE L 80 -39.18 -6.99 15.64
CA PHE L 80 -39.47 -7.21 14.23
C PHE L 80 -40.08 -5.95 13.56
N ALA L 81 -39.78 -5.66 12.30
CA ALA L 81 -40.31 -4.46 11.66
C ALA L 81 -41.82 -4.37 11.46
N ASP L 82 -42.43 -5.53 11.19
CA ASP L 82 -43.87 -5.62 11.00
C ASP L 82 -44.53 -6.08 12.31
N SER L 83 -45.70 -5.55 12.66
CA SER L 83 -46.32 -5.92 13.93
C SER L 83 -46.57 -7.40 14.16
N THR L 84 -45.81 -7.93 15.12
CA THR L 84 -45.86 -9.36 15.41
C THR L 84 -46.18 -9.75 16.84
N LEU L 85 -47.08 -10.70 16.98
CA LEU L 85 -47.46 -11.15 18.31
C LEU L 85 -46.83 -12.51 18.51
N ILE L 86 -45.95 -12.62 19.50
CA ILE L 86 -45.31 -13.88 19.88
C ILE L 86 -46.27 -14.72 20.71
N ILE L 87 -46.40 -16.01 20.38
CA ILE L 87 -47.17 -16.92 21.20
C ILE L 87 -46.31 -18.15 21.49
N ARG L 88 -46.00 -18.40 22.76
CA ARG L 88 -45.25 -19.59 23.14
C ARG L 88 -46.08 -20.85 22.89
N CYS L 89 -45.49 -21.95 22.50
CA CYS L 89 -46.23 -23.17 22.23
C CYS L 89 -45.77 -24.40 22.99
N ASP L 90 -46.61 -25.41 23.13
CA ASP L 90 -46.14 -26.68 23.64
C ASP L 90 -46.14 -27.67 22.51
N ILE L 91 -45.18 -28.57 22.54
CA ILE L 91 -45.11 -29.61 21.52
C ILE L 91 -45.95 -30.79 21.97
N LEU L 92 -47.02 -31.06 21.25
CA LEU L 92 -47.84 -32.19 21.59
C LEU L 92 -47.72 -33.31 20.57
N GLU L 93 -47.95 -34.48 21.15
CA GLU L 93 -47.97 -35.72 20.39
C GLU L 93 -49.25 -35.71 19.54
N PRO L 94 -49.21 -35.84 18.20
CA PRO L 94 -50.29 -35.44 17.30
C PRO L 94 -51.56 -36.29 17.33
N GLY L 95 -52.73 -35.66 17.15
CA GLY L 95 -54.03 -36.37 17.23
C GLY L 95 -54.41 -36.71 18.68
N THR L 96 -53.62 -37.62 19.23
CA THR L 96 -53.66 -38.06 20.63
C THR L 96 -53.45 -36.94 21.68
N LEU L 97 -52.80 -35.86 21.22
CA LEU L 97 -52.61 -34.58 21.92
C LEU L 97 -52.18 -34.45 23.38
N GLN L 98 -51.13 -35.19 23.72
CA GLN L 98 -50.67 -35.25 25.11
C GLN L 98 -49.41 -34.46 25.46
N GLY L 99 -48.48 -34.27 24.53
CA GLY L 99 -47.32 -33.49 24.88
C GLY L 99 -46.05 -34.32 24.91
N TYR L 100 -45.21 -34.08 23.91
CA TYR L 100 -43.94 -34.78 23.70
C TYR L 100 -43.14 -35.04 24.97
N ASP L 101 -42.79 -36.25 25.42
CA ASP L 101 -42.11 -36.42 26.72
C ASP L 101 -40.63 -36.07 26.82
N ARG L 102 -40.26 -35.41 25.72
CA ARG L 102 -38.97 -34.89 25.34
C ARG L 102 -39.04 -33.36 25.10
N ASP L 103 -40.24 -32.78 25.13
CA ASP L 103 -40.46 -31.35 25.04
C ASP L 103 -40.17 -30.72 26.40
N PRO L 104 -39.13 -29.89 26.56
CA PRO L 104 -38.75 -29.33 27.84
C PRO L 104 -39.85 -28.53 28.52
N ARG L 105 -40.73 -27.81 27.83
CA ARG L 105 -41.78 -27.07 28.53
C ARG L 105 -42.76 -28.03 29.17
N SER L 106 -43.20 -29.06 28.42
CA SER L 106 -44.03 -30.11 29.00
C SER L 106 -43.40 -30.74 30.23
N ILE L 107 -42.15 -31.18 30.16
CA ILE L 107 -41.43 -31.66 31.35
C ILE L 107 -41.49 -30.65 32.52
N ALA L 108 -41.34 -29.35 32.31
CA ALA L 108 -41.43 -28.39 33.39
C ALA L 108 -42.82 -28.37 34.01
N LYS L 109 -43.85 -28.35 33.15
CA LYS L 109 -45.24 -28.37 33.62
C LYS L 109 -45.56 -29.63 34.41
N ARG L 110 -45.06 -30.78 33.97
CA ARG L 110 -45.17 -32.03 34.71
C ARG L 110 -44.53 -31.95 36.08
N ALA L 111 -43.30 -31.44 36.20
CA ALA L 111 -42.68 -31.28 37.49
C ALA L 111 -43.50 -30.39 38.43
N GLU L 112 -44.19 -29.36 37.91
CA GLU L 112 -45.05 -28.54 38.75
C GLU L 112 -46.28 -29.31 39.23
N ASP L 113 -46.96 -30.03 38.33
CA ASP L 113 -48.09 -30.87 38.74
C ASP L 113 -47.70 -31.99 39.69
N TYR L 114 -46.59 -32.70 39.47
CA TYR L 114 -46.08 -33.68 40.43
C TYR L 114 -45.89 -33.06 41.82
N LEU L 115 -45.41 -31.82 41.93
CA LEU L 115 -45.27 -31.15 43.22
C LEU L 115 -46.64 -31.05 43.91
N ARG L 116 -47.66 -30.66 43.13
CA ARG L 116 -49.03 -30.59 43.62
C ARG L 116 -49.58 -31.94 44.05
N ALA L 117 -49.40 -32.98 43.22
CA ALA L 117 -49.81 -34.34 43.53
C ALA L 117 -49.14 -34.92 44.78
N THR L 118 -47.92 -34.50 45.11
CA THR L 118 -47.31 -34.96 46.36
C THR L 118 -47.83 -34.18 47.56
N GLY L 119 -48.52 -33.07 47.34
CA GLY L 119 -49.05 -32.24 48.42
C GLY L 119 -48.00 -31.57 49.32
N ILE L 120 -46.71 -31.67 48.99
CA ILE L 120 -45.64 -31.06 49.78
C ILE L 120 -45.76 -29.53 49.73
N ALA L 121 -46.20 -28.99 48.60
CA ALA L 121 -46.51 -27.56 48.45
C ALA L 121 -47.37 -27.31 47.22
N ASP L 122 -47.96 -26.12 47.07
CA ASP L 122 -48.77 -25.81 45.88
C ASP L 122 -47.93 -25.21 44.76
N THR L 123 -46.96 -24.38 45.15
CA THR L 123 -46.10 -23.73 44.17
C THR L 123 -44.61 -23.70 44.40
N VAL L 124 -43.84 -23.83 43.31
CA VAL L 124 -42.38 -23.65 43.34
C VAL L 124 -41.99 -22.29 42.83
N LEU L 125 -41.23 -21.56 43.60
CA LEU L 125 -40.73 -20.27 43.16
C LEU L 125 -39.23 -20.25 42.84
N PHE L 126 -38.96 -19.92 41.59
CA PHE L 126 -37.62 -19.76 41.05
C PHE L 126 -37.22 -18.34 40.71
N GLY L 127 -35.98 -18.05 41.07
CA GLY L 127 -35.37 -16.75 40.81
C GLY L 127 -33.95 -16.89 40.29
N PRO L 128 -33.78 -17.11 39.00
CA PRO L 128 -32.49 -17.27 38.34
C PRO L 128 -31.71 -15.95 38.24
N GLU L 129 -30.41 -15.91 38.44
CA GLU L 129 -29.64 -14.67 38.30
C GLU L 129 -28.69 -14.79 37.10
N PRO L 130 -29.12 -14.79 35.83
CA PRO L 130 -28.30 -15.03 34.66
C PRO L 130 -27.32 -13.92 34.37
N GLU L 131 -26.07 -14.24 34.13
CA GLU L 131 -25.12 -13.22 33.70
C GLU L 131 -24.74 -13.39 32.25
N PHE L 132 -24.32 -12.31 31.63
CA PHE L 132 -23.94 -12.38 30.24
C PHE L 132 -22.74 -11.52 29.91
N PHE L 133 -22.16 -11.77 28.76
CA PHE L 133 -21.08 -10.93 28.26
C PHE L 133 -21.53 -10.16 27.04
N LEU L 134 -21.07 -8.94 26.91
CA LEU L 134 -21.43 -8.06 25.80
C LEU L 134 -20.17 -7.64 25.04
N PHE L 135 -19.80 -8.38 24.00
CA PHE L 135 -18.59 -8.12 23.21
C PHE L 135 -18.83 -7.31 21.93
N ASP L 136 -17.81 -6.78 21.23
CA ASP L 136 -17.95 -6.09 19.93
C ASP L 136 -17.65 -7.01 18.76
N ASP L 137 -16.70 -7.92 18.98
CA ASP L 137 -16.24 -8.82 17.94
C ASP L 137 -15.86 -10.16 18.50
N ILE L 138 -16.39 -11.21 17.90
CA ILE L 138 -16.03 -12.56 18.30
C ILE L 138 -15.76 -13.37 17.03
N ARG L 139 -14.52 -13.82 16.89
CA ARG L 139 -14.14 -14.65 15.77
C ARG L 139 -13.59 -15.95 16.28
N PHE L 140 -13.97 -17.03 15.63
CA PHE L 140 -13.41 -18.32 15.97
C PHE L 140 -13.48 -19.32 14.84
N GLY L 141 -12.83 -20.45 14.94
CA GLY L 141 -12.89 -21.47 13.91
C GLY L 141 -11.92 -22.60 14.19
N ALA L 142 -12.25 -23.75 13.63
CA ALA L 142 -11.44 -24.95 13.76
C ALA L 142 -11.44 -25.61 12.37
N SER L 143 -10.28 -26.07 11.94
CA SER L 143 -10.03 -26.68 10.64
C SER L 143 -8.91 -27.71 10.81
N ILE L 144 -8.62 -28.60 9.85
CA ILE L 144 -7.50 -29.53 9.98
C ILE L 144 -6.17 -28.86 10.34
N SER L 145 -5.85 -27.70 9.75
CA SER L 145 -4.58 -27.02 9.96
C SER L 145 -4.52 -26.16 11.21
N GLY L 146 -5.56 -26.18 12.04
CA GLY L 146 -5.55 -25.39 13.27
C GLY L 146 -6.91 -24.94 13.81
N SER L 147 -6.85 -24.08 14.82
CA SER L 147 -8.07 -23.57 15.42
C SER L 147 -7.83 -22.30 16.22
N HIS L 148 -8.85 -21.47 16.40
CA HIS L 148 -8.70 -20.20 17.10
C HIS L 148 -9.99 -19.61 17.61
N VAL L 149 -9.86 -18.76 18.61
CA VAL L 149 -10.94 -17.89 19.06
C VAL L 149 -10.28 -16.56 19.47
N ALA L 150 -10.96 -15.50 19.10
CA ALA L 150 -10.52 -14.14 19.31
C ALA L 150 -11.70 -13.31 19.80
N ILE L 151 -11.60 -12.83 21.03
CA ILE L 151 -12.64 -12.04 21.69
C ILE L 151 -12.22 -10.58 21.68
N ASP L 152 -13.14 -9.71 21.34
CA ASP L 152 -12.84 -8.30 21.46
C ASP L 152 -14.01 -7.42 21.82
N ASP L 153 -13.66 -6.54 22.74
CA ASP L 153 -14.54 -5.53 23.24
C ASP L 153 -13.79 -4.28 23.71
N ILE L 154 -14.43 -3.14 23.51
CA ILE L 154 -13.90 -1.84 23.88
C ILE L 154 -13.49 -1.76 25.35
N GLU L 155 -14.19 -2.49 26.19
CA GLU L 155 -13.89 -2.55 27.62
C GLU L 155 -12.82 -3.58 28.00
N GLY L 156 -12.22 -4.25 27.04
CA GLY L 156 -11.29 -5.32 27.36
C GLY L 156 -10.05 -4.70 27.90
N ALA L 157 -9.62 -5.03 29.11
CA ALA L 157 -8.41 -4.45 29.67
C ALA L 157 -7.22 -4.50 28.72
N TRP L 158 -7.20 -5.53 27.89
CA TRP L 158 -6.18 -5.64 26.86
C TRP L 158 -6.18 -4.52 25.85
N ASN L 159 -7.24 -3.74 25.63
CA ASN L 159 -7.20 -2.65 24.67
C ASN L 159 -6.55 -1.34 25.12
N SER L 160 -5.98 -1.35 26.32
CA SER L 160 -5.26 -0.17 26.83
C SER L 160 -4.12 0.32 25.93
N SER L 161 -3.56 -0.62 25.18
CA SER L 161 -2.48 -0.36 24.22
C SER L 161 -2.90 -0.07 22.79
N THR L 162 -4.18 -0.32 22.51
CA THR L 162 -4.75 -0.23 21.17
C THR L 162 -4.89 1.11 20.51
N LYS L 163 -4.46 1.24 19.26
CA LYS L 163 -4.71 2.47 18.52
C LYS L 163 -6.13 2.43 17.96
N TYR L 164 -6.91 3.48 18.26
CA TYR L 164 -8.29 3.51 17.80
C TYR L 164 -8.73 4.55 16.77
N GLU L 165 -7.98 5.52 16.32
CA GLU L 165 -8.41 6.54 15.30
C GLU L 165 -9.49 7.54 15.73
N GLY L 166 -10.35 7.18 16.67
CA GLY L 166 -11.03 8.22 17.42
C GLY L 166 -10.10 8.82 18.50
N GLY L 167 -9.20 7.96 18.96
CA GLY L 167 -8.31 8.23 20.08
C GLY L 167 -8.52 7.11 21.09
N ASN L 168 -7.71 6.79 22.10
CA ASN L 168 -8.04 5.62 22.90
C ASN L 168 -8.89 5.94 24.11
N LYS L 169 -8.84 7.09 24.76
CA LYS L 169 -9.71 7.40 25.92
C LYS L 169 -9.56 6.59 27.21
N GLY L 170 -8.96 5.40 27.21
CA GLY L 170 -8.45 4.71 28.40
C GLY L 170 -9.27 4.40 29.65
N HIS L 171 -10.53 4.78 29.80
CA HIS L 171 -11.27 4.36 30.97
C HIS L 171 -11.87 3.01 30.63
N ARG L 172 -11.50 1.97 31.36
CA ARG L 172 -11.88 0.61 30.98
C ARG L 172 -11.86 -0.29 32.23
N PRO L 173 -12.72 -1.27 32.49
CA PRO L 173 -12.58 -2.13 33.65
C PRO L 173 -11.36 -3.04 33.56
N GLY L 174 -10.46 -3.00 34.55
CA GLY L 174 -9.32 -3.94 34.57
C GLY L 174 -9.71 -5.43 34.68
N VAL L 175 -8.87 -6.49 34.73
CA VAL L 175 -9.47 -7.84 34.66
C VAL L 175 -10.46 -8.17 35.78
N LYS L 176 -10.29 -8.06 37.10
CA LYS L 176 -11.47 -8.33 37.95
C LYS L 176 -12.20 -7.08 38.49
N GLY L 177 -12.06 -6.02 37.70
CA GLY L 177 -12.51 -4.69 38.11
C GLY L 177 -13.76 -4.14 37.45
N GLY L 178 -14.57 -4.98 36.82
CA GLY L 178 -15.82 -4.53 36.23
C GLY L 178 -16.92 -4.28 37.26
N TYR L 179 -16.68 -4.76 38.48
CA TYR L 179 -17.63 -4.57 39.57
C TYR L 179 -17.63 -3.21 40.28
N PHE L 180 -18.57 -2.59 39.58
CA PHE L 180 -19.28 -1.34 39.81
C PHE L 180 -18.87 0.07 39.45
N PRO L 181 -17.74 0.41 38.83
CA PRO L 181 -17.32 1.80 38.64
C PRO L 181 -18.31 2.58 37.78
N VAL L 182 -18.51 3.86 38.05
CA VAL L 182 -19.43 4.66 37.25
C VAL L 182 -18.93 4.87 35.82
N PRO L 183 -19.77 5.21 34.86
CA PRO L 183 -19.33 5.73 33.56
C PRO L 183 -18.26 6.84 33.64
N PRO L 184 -17.33 7.00 32.70
CA PRO L 184 -17.17 6.16 31.53
C PRO L 184 -16.53 4.78 31.65
N VAL L 185 -16.07 4.29 32.81
CA VAL L 185 -15.45 2.94 32.92
C VAL L 185 -16.50 1.88 32.57
N ASP L 186 -17.73 2.06 33.01
CA ASP L 186 -18.79 1.16 32.64
C ASP L 186 -19.43 1.71 31.37
N SER L 187 -19.08 1.12 30.24
CA SER L 187 -19.67 1.54 28.96
C SER L 187 -21.14 1.18 28.75
N ALA L 188 -21.70 0.23 29.51
CA ALA L 188 -23.04 -0.26 29.20
C ALA L 188 -24.28 0.24 29.94
N GLN L 189 -24.23 1.40 30.62
CA GLN L 189 -25.41 1.90 31.36
C GLN L 189 -26.65 2.04 30.50
N ASP L 190 -26.57 2.73 29.35
CA ASP L 190 -27.70 2.80 28.44
C ASP L 190 -28.10 1.46 27.83
N ILE L 191 -27.18 0.53 27.52
CA ILE L 191 -27.57 -0.75 26.94
C ILE L 191 -28.30 -1.56 27.99
N ARG L 192 -27.82 -1.64 29.24
CA ARG L 192 -28.57 -2.35 30.26
C ARG L 192 -29.91 -1.70 30.60
N SER L 193 -30.03 -0.37 30.76
CA SER L 193 -31.34 0.24 31.02
C SER L 193 -32.36 -0.03 29.94
N GLU L 194 -31.91 0.01 28.68
CA GLU L 194 -32.75 -0.34 27.53
C GLU L 194 -33.21 -1.78 27.56
N MET L 195 -32.29 -2.68 27.95
CA MET L 195 -32.64 -4.09 28.13
C MET L 195 -33.71 -4.22 29.21
N CYS L 196 -33.60 -3.43 30.28
CA CYS L 196 -34.59 -3.45 31.33
C CYS L 196 -35.95 -2.99 30.84
N LEU L 197 -36.00 -1.86 30.13
CA LEU L 197 -37.26 -1.36 29.59
C LEU L 197 -37.86 -2.35 28.59
N VAL L 198 -37.14 -2.94 27.64
CA VAL L 198 -37.75 -3.89 26.73
C VAL L 198 -38.18 -5.16 27.48
N MET L 199 -37.47 -5.62 28.52
CA MET L 199 -37.91 -6.81 29.25
C MET L 199 -39.27 -6.60 29.93
N GLU L 200 -39.43 -5.42 30.52
CA GLU L 200 -40.70 -5.11 31.16
C GLU L 200 -41.83 -4.99 30.14
N GLN L 201 -41.56 -4.42 28.97
CA GLN L 201 -42.53 -4.36 27.88
C GLN L 201 -42.95 -5.77 27.41
N MET L 202 -42.14 -6.77 27.71
CA MET L 202 -42.43 -8.17 27.39
C MET L 202 -42.93 -8.96 28.59
N GLY L 203 -43.17 -8.24 29.68
CA GLY L 203 -43.79 -8.82 30.86
C GLY L 203 -42.89 -9.25 32.01
N LEU L 204 -41.64 -8.83 32.02
CA LEU L 204 -40.78 -9.23 33.12
C LEU L 204 -40.68 -8.13 34.14
N VAL L 205 -40.31 -8.39 35.39
CA VAL L 205 -40.14 -7.27 36.30
C VAL L 205 -38.69 -7.13 36.69
N VAL L 206 -38.06 -6.09 36.23
CA VAL L 206 -36.67 -5.84 36.58
C VAL L 206 -36.57 -5.35 38.03
N GLU L 207 -35.57 -5.84 38.74
CA GLU L 207 -35.27 -5.42 40.10
C GLU L 207 -34.02 -4.55 40.20
N ALA L 208 -33.02 -4.89 39.39
CA ALA L 208 -31.78 -4.14 39.33
C ALA L 208 -30.94 -4.46 38.10
N HIS L 209 -30.07 -3.59 37.63
CA HIS L 209 -29.15 -3.97 36.57
C HIS L 209 -27.80 -3.37 36.91
N HIS L 210 -26.75 -4.13 36.70
CA HIS L 210 -25.41 -3.62 36.96
C HIS L 210 -24.35 -4.35 36.18
N HIS L 211 -23.18 -3.73 36.08
CA HIS L 211 -22.01 -4.36 35.47
C HIS L 211 -21.50 -5.47 36.40
N GLU L 212 -21.01 -6.58 35.86
CA GLU L 212 -20.44 -7.63 36.69
C GLU L 212 -18.94 -7.57 36.84
N VAL L 213 -18.29 -8.54 37.47
CA VAL L 213 -16.87 -8.49 37.82
C VAL L 213 -15.88 -8.42 36.68
N ALA L 214 -16.15 -9.14 35.61
CA ALA L 214 -15.20 -9.18 34.52
C ALA L 214 -14.99 -7.95 33.64
N THR L 215 -13.74 -7.77 33.20
CA THR L 215 -13.40 -6.82 32.15
C THR L 215 -14.11 -7.23 30.85
N ALA L 216 -14.04 -6.52 29.74
CA ALA L 216 -14.67 -6.96 28.49
C ALA L 216 -16.17 -7.29 28.48
N GLY L 217 -16.91 -6.48 29.23
CA GLY L 217 -18.37 -6.47 29.15
C GLY L 217 -19.21 -7.48 29.94
N GLN L 218 -18.88 -7.89 31.17
CA GLN L 218 -19.80 -8.76 31.88
C GLN L 218 -20.93 -7.94 32.48
N ASN L 219 -22.18 -8.37 32.33
CA ASN L 219 -23.34 -7.62 32.82
C ASN L 219 -24.43 -8.48 33.43
N GLU L 220 -25.32 -7.85 34.18
CA GLU L 220 -26.42 -8.55 34.83
C GLU L 220 -27.66 -7.69 34.97
N VAL L 221 -28.75 -8.23 34.46
CA VAL L 221 -30.05 -7.63 34.68
C VAL L 221 -30.79 -8.58 35.62
N ALA L 222 -31.02 -8.15 36.86
CA ALA L 222 -31.71 -8.93 37.89
C ALA L 222 -33.21 -8.81 37.70
N THR L 223 -33.91 -9.93 37.76
CA THR L 223 -35.32 -9.95 37.42
C THR L 223 -36.22 -10.66 38.45
N ARG L 224 -37.39 -10.13 38.84
CA ARG L 224 -38.30 -10.73 39.83
C ARG L 224 -38.80 -12.12 39.47
N PHE L 225 -38.76 -12.89 40.55
CA PHE L 225 -39.09 -14.32 40.56
C PHE L 225 -40.42 -14.71 39.95
N ASN L 226 -40.56 -16.00 39.83
CA ASN L 226 -41.81 -16.55 39.38
C ASN L 226 -41.96 -18.02 39.69
N THR L 227 -43.10 -18.57 39.29
CA THR L 227 -43.29 -19.99 39.44
C THR L 227 -42.41 -20.66 38.38
N MET L 228 -41.89 -21.84 38.67
CA MET L 228 -41.02 -22.55 37.75
C MET L 228 -41.29 -22.47 36.23
N THR L 229 -42.26 -23.11 35.60
CA THR L 229 -42.42 -22.98 34.14
C THR L 229 -42.61 -21.55 33.66
N LYS L 230 -43.21 -20.64 34.42
CA LYS L 230 -43.36 -19.28 33.94
C LYS L 230 -42.00 -18.58 33.92
N LYS L 231 -41.20 -18.84 34.95
CA LYS L 231 -39.86 -18.28 35.04
C LYS L 231 -38.93 -18.84 33.97
N ALA L 232 -39.03 -20.13 33.70
CA ALA L 232 -38.28 -20.74 32.61
C ALA L 232 -38.60 -20.06 31.27
N ASP L 233 -39.87 -19.75 30.97
CA ASP L 233 -40.18 -18.92 29.79
C ASP L 233 -39.61 -17.51 29.94
N GLU L 234 -39.67 -16.89 31.12
CA GLU L 234 -39.06 -15.58 31.29
C GLU L 234 -37.55 -15.58 31.04
N ILE L 235 -36.84 -16.69 31.29
CA ILE L 235 -35.45 -16.79 30.94
C ILE L 235 -35.32 -16.82 29.42
N GLN L 236 -36.17 -17.54 28.68
CA GLN L 236 -36.15 -17.49 27.22
C GLN L 236 -36.44 -16.09 26.70
N ILE L 237 -37.33 -15.29 27.25
CA ILE L 237 -37.50 -13.89 26.83
C ILE L 237 -36.30 -13.05 27.24
N TYR L 238 -35.78 -13.23 28.45
CA TYR L 238 -34.59 -12.53 28.98
C TYR L 238 -33.44 -12.63 27.99
N LYS L 239 -33.11 -13.89 27.67
CA LYS L 239 -32.09 -14.15 26.68
C LYS L 239 -32.38 -13.52 25.32
N TYR L 240 -33.61 -13.54 24.83
CA TYR L 240 -33.97 -12.96 23.54
C TYR L 240 -33.78 -11.44 23.51
N VAL L 241 -34.21 -10.76 24.56
CA VAL L 241 -34.02 -9.32 24.67
C VAL L 241 -32.54 -9.01 24.77
N VAL L 242 -31.75 -9.68 25.63
CA VAL L 242 -30.30 -9.42 25.72
C VAL L 242 -29.63 -9.62 24.35
N HIS L 243 -29.88 -10.73 23.67
CA HIS L 243 -29.32 -10.94 22.34
C HIS L 243 -29.74 -9.87 21.33
N ASN L 244 -31.00 -9.46 21.23
CA ASN L 244 -31.38 -8.45 20.26
C ASN L 244 -31.14 -6.98 20.62
N VAL L 245 -31.22 -6.54 21.86
CA VAL L 245 -30.89 -5.15 22.20
C VAL L 245 -29.39 -4.97 21.99
N ALA L 246 -28.57 -5.92 22.43
CA ALA L 246 -27.13 -5.88 22.18
C ALA L 246 -26.82 -5.70 20.69
N HIS L 247 -27.55 -6.50 19.91
CA HIS L 247 -27.44 -6.41 18.47
C HIS L 247 -27.80 -5.05 17.90
N ARG L 248 -28.89 -4.41 18.39
CA ARG L 248 -29.26 -3.06 17.94
C ARG L 248 -28.18 -2.04 18.29
N PHE L 249 -27.51 -2.27 19.41
CA PHE L 249 -26.40 -1.44 19.84
C PHE L 249 -25.04 -1.71 19.21
N GLY L 250 -24.98 -2.68 18.27
CA GLY L 250 -23.72 -3.02 17.60
C GLY L 250 -22.83 -3.98 18.38
N LYS L 251 -23.37 -4.48 19.48
CA LYS L 251 -22.68 -5.45 20.28
C LYS L 251 -23.17 -6.86 19.95
N THR L 252 -22.48 -7.83 20.52
CA THR L 252 -22.87 -9.23 20.45
C THR L 252 -22.88 -9.78 21.88
N ALA L 253 -23.99 -10.35 22.30
CA ALA L 253 -24.04 -10.89 23.65
C ALA L 253 -23.93 -12.38 23.66
N THR L 254 -23.35 -12.89 24.72
CA THR L 254 -23.25 -14.33 24.90
C THR L 254 -23.50 -14.83 26.30
N PHE L 255 -24.27 -15.92 26.35
CA PHE L 255 -24.51 -16.55 27.64
C PHE L 255 -23.57 -17.71 27.93
N MET L 256 -22.46 -17.92 27.20
CA MET L 256 -21.64 -19.10 27.48
C MET L 256 -20.88 -18.90 28.78
N PRO L 257 -20.73 -19.96 29.57
CA PRO L 257 -20.32 -19.90 30.98
C PRO L 257 -18.96 -19.29 31.23
N LYS L 258 -18.01 -19.65 30.36
CA LYS L 258 -16.61 -19.25 30.49
C LYS L 258 -15.93 -18.85 29.18
N PRO L 259 -16.10 -17.64 28.63
CA PRO L 259 -15.53 -17.25 27.36
C PRO L 259 -14.07 -16.85 27.50
N MET L 260 -13.63 -16.36 28.66
CA MET L 260 -12.25 -15.93 28.87
C MET L 260 -11.59 -16.62 30.04
N PHE L 261 -10.40 -17.18 29.86
CA PHE L 261 -9.64 -17.69 30.97
C PHE L 261 -9.00 -16.54 31.76
N GLY L 262 -8.99 -16.57 33.08
CA GLY L 262 -8.29 -15.51 33.81
C GLY L 262 -9.14 -14.36 34.33
N ASP L 263 -10.44 -14.52 34.09
CA ASP L 263 -11.41 -13.60 34.62
C ASP L 263 -12.74 -14.30 34.84
N ASN L 264 -13.68 -13.64 35.48
CA ASN L 264 -14.98 -14.20 35.78
C ASN L 264 -15.76 -14.89 34.66
N GLY L 265 -16.52 -15.88 35.12
CA GLY L 265 -17.44 -16.60 34.25
C GLY L 265 -18.86 -16.13 34.53
N SER L 266 -19.73 -16.43 33.60
CA SER L 266 -21.12 -16.11 33.74
C SER L 266 -21.87 -17.31 34.33
N GLY L 267 -22.33 -17.14 35.56
CA GLY L 267 -23.19 -18.14 36.18
C GLY L 267 -24.65 -17.71 36.27
N MET L 268 -25.56 -18.66 36.42
CA MET L 268 -26.98 -18.37 36.58
C MET L 268 -27.43 -19.00 37.90
N HIS L 269 -27.33 -18.28 39.00
CA HIS L 269 -27.71 -18.86 40.28
C HIS L 269 -29.21 -18.96 40.43
N CYS L 270 -29.68 -20.12 40.84
CA CYS L 270 -31.09 -20.26 41.10
C CYS L 270 -31.53 -20.08 42.55
N HIS L 271 -32.24 -19.02 42.86
CA HIS L 271 -32.92 -18.91 44.13
C HIS L 271 -34.19 -19.74 44.10
N MET L 272 -34.36 -20.62 45.07
CA MET L 272 -35.56 -21.43 45.15
C MET L 272 -36.28 -21.34 46.47
N SER L 273 -37.59 -21.50 46.33
CA SER L 273 -38.47 -21.59 47.48
C SER L 273 -39.76 -22.34 47.24
N LEU L 274 -40.27 -22.97 48.29
CA LEU L 274 -41.53 -23.68 48.18
C LEU L 274 -42.67 -23.08 48.99
N ALA L 275 -43.88 -23.14 48.44
CA ALA L 275 -45.03 -22.60 49.17
C ALA L 275 -46.33 -23.39 49.14
N LYS L 276 -46.90 -23.61 50.31
CA LYS L 276 -48.19 -24.28 50.48
C LYS L 276 -49.15 -23.23 50.98
N ASN L 277 -50.41 -23.22 50.56
CA ASN L 277 -51.44 -22.23 50.92
C ASN L 277 -50.98 -20.83 51.37
N GLY L 278 -50.26 -20.18 50.45
CA GLY L 278 -49.74 -18.82 50.67
C GLY L 278 -48.62 -18.67 51.71
N THR L 279 -48.02 -19.77 52.15
CA THR L 279 -46.96 -19.73 53.16
C THR L 279 -45.68 -20.43 52.73
N ASN L 280 -44.61 -19.76 53.11
CA ASN L 280 -43.28 -20.22 52.76
C ASN L 280 -42.72 -21.38 53.60
N LEU L 281 -42.90 -22.59 53.08
CA LEU L 281 -42.34 -23.80 53.69
C LEU L 281 -40.85 -23.78 53.99
N PHE L 282 -40.06 -22.93 53.33
CA PHE L 282 -38.65 -22.87 53.62
C PHE L 282 -38.35 -22.05 54.85
N SER L 283 -39.25 -21.15 55.26
CA SER L 283 -39.04 -20.44 56.52
C SER L 283 -39.35 -21.33 57.72
N GLY L 284 -38.75 -21.00 58.84
CA GLY L 284 -38.93 -21.76 60.05
C GLY L 284 -37.87 -21.46 61.10
N ASP L 285 -37.68 -22.44 61.96
CA ASP L 285 -36.63 -22.41 62.97
C ASP L 285 -35.27 -22.88 62.39
N LYS L 286 -34.58 -23.94 62.88
CA LYS L 286 -33.34 -24.48 62.30
C LYS L 286 -32.22 -23.52 61.80
N TYR L 287 -31.20 -23.95 61.03
CA TYR L 287 -30.17 -23.04 60.54
C TYR L 287 -30.65 -21.81 59.77
N ALA L 288 -30.28 -20.63 60.27
CA ALA L 288 -30.62 -19.36 59.62
C ALA L 288 -32.05 -19.10 59.11
N GLY L 289 -33.04 -19.41 59.96
CA GLY L 289 -34.45 -19.19 59.61
C GLY L 289 -35.06 -20.29 58.75
N LEU L 290 -34.29 -21.35 58.51
CA LEU L 290 -34.81 -22.40 57.66
C LEU L 290 -35.67 -23.47 58.31
N SER L 291 -36.64 -24.01 57.61
CA SER L 291 -37.36 -25.16 58.13
C SER L 291 -36.61 -26.49 57.97
N GLU L 292 -37.05 -27.54 58.65
CA GLU L 292 -36.49 -28.88 58.47
C GLU L 292 -36.80 -29.39 57.04
N GLN L 293 -37.92 -28.90 56.52
CA GLN L 293 -38.44 -29.14 55.17
C GLN L 293 -37.43 -28.66 54.11
N ALA L 294 -36.96 -27.44 54.34
CA ALA L 294 -35.95 -26.79 53.53
C ALA L 294 -34.60 -27.53 53.58
N LEU L 295 -34.16 -27.93 54.77
CA LEU L 295 -32.94 -28.70 54.92
C LEU L 295 -32.97 -29.99 54.12
N TYR L 296 -34.08 -30.72 54.07
CA TYR L 296 -34.17 -31.91 53.22
C TYR L 296 -34.15 -31.57 51.72
N TYR L 297 -34.68 -30.41 51.32
CA TYR L 297 -34.57 -29.93 49.94
C TYR L 297 -33.09 -29.77 49.58
N ILE L 298 -32.31 -29.06 50.41
CA ILE L 298 -30.86 -28.96 50.25
C ILE L 298 -30.21 -30.35 50.17
N GLY L 299 -30.53 -31.24 51.10
CA GLY L 299 -30.03 -32.62 51.08
C GLY L 299 -30.31 -33.36 49.78
N GLY L 300 -31.47 -33.16 49.17
CA GLY L 300 -31.77 -33.78 47.88
C GLY L 300 -30.95 -33.18 46.74
N VAL L 301 -30.80 -31.84 46.71
CA VAL L 301 -29.96 -31.16 45.73
C VAL L 301 -28.52 -31.68 45.85
N ILE L 302 -27.93 -31.66 47.05
CA ILE L 302 -26.58 -32.21 47.26
C ILE L 302 -26.49 -33.70 46.91
N LYS L 303 -27.44 -34.54 47.31
CA LYS L 303 -27.48 -35.95 46.95
C LYS L 303 -27.44 -36.17 45.44
N HIS L 304 -28.12 -35.32 44.68
CA HIS L 304 -28.16 -35.50 43.23
C HIS L 304 -27.39 -34.49 42.40
N ALA L 305 -26.56 -33.66 43.04
CA ALA L 305 -25.80 -32.61 42.36
C ALA L 305 -25.13 -33.00 41.06
N LYS L 306 -24.32 -34.05 41.00
CA LYS L 306 -23.69 -34.44 39.73
C LYS L 306 -24.68 -34.79 38.59
N ALA L 307 -25.88 -35.31 38.89
CA ALA L 307 -26.85 -35.59 37.84
C ALA L 307 -27.51 -34.28 37.41
N ILE L 308 -27.75 -33.40 38.38
CA ILE L 308 -28.26 -32.06 38.10
C ILE L 308 -27.25 -31.32 37.21
N ASN L 309 -25.93 -31.45 37.43
CA ASN L 309 -24.92 -30.79 36.61
C ASN L 309 -25.05 -31.06 35.12
N ALA L 310 -25.45 -32.28 34.72
CA ALA L 310 -25.69 -32.60 33.31
C ALA L 310 -26.77 -31.76 32.65
N LEU L 311 -27.63 -31.14 33.45
CA LEU L 311 -28.72 -30.29 32.97
C LEU L 311 -28.51 -28.80 33.31
N ALA L 312 -27.94 -28.51 34.49
CA ALA L 312 -27.66 -27.15 34.96
C ALA L 312 -26.32 -26.55 34.48
N ASN L 313 -25.43 -27.43 34.03
CA ASN L 313 -24.11 -27.11 33.49
C ASN L 313 -23.83 -27.98 32.25
N PRO L 314 -24.59 -27.86 31.16
CA PRO L 314 -24.67 -28.85 30.10
C PRO L 314 -23.61 -28.71 29.00
N THR L 315 -22.66 -27.79 29.16
CA THR L 315 -21.69 -27.55 28.10
C THR L 315 -20.30 -27.94 28.54
N THR L 316 -19.38 -28.41 27.69
CA THR L 316 -18.01 -28.68 28.15
C THR L 316 -17.38 -27.42 28.74
N ASN L 317 -17.71 -26.25 28.20
CA ASN L 317 -17.25 -24.96 28.73
C ASN L 317 -17.73 -24.65 30.15
N SER L 318 -18.86 -25.24 30.56
CA SER L 318 -19.36 -25.02 31.91
C SER L 318 -18.37 -25.33 33.01
N TYR L 319 -17.62 -26.39 32.73
CA TYR L 319 -16.67 -26.88 33.71
C TYR L 319 -15.37 -26.09 33.73
N LYS L 320 -15.12 -25.22 32.74
CA LYS L 320 -14.03 -24.25 32.84
C LYS L 320 -14.36 -23.21 33.90
N ARG L 321 -15.64 -22.99 34.20
CA ARG L 321 -16.08 -22.09 35.27
C ARG L 321 -16.06 -22.83 36.61
N LEU L 322 -16.59 -24.04 36.62
CA LEU L 322 -16.59 -24.87 37.82
C LEU L 322 -15.27 -25.56 38.16
N VAL L 323 -14.25 -24.74 38.39
CA VAL L 323 -12.95 -25.26 38.78
C VAL L 323 -12.66 -24.78 40.21
N PRO L 324 -11.99 -25.56 41.05
CA PRO L 324 -11.51 -25.17 42.38
C PRO L 324 -11.20 -23.72 42.78
N PRO L 329 -17.80 -22.05 42.78
CA PRO L 329 -18.69 -22.69 43.74
C PRO L 329 -18.76 -24.21 43.57
N VAL L 330 -17.63 -24.88 43.79
CA VAL L 330 -17.58 -26.33 43.61
C VAL L 330 -18.01 -27.21 44.78
N MET L 331 -17.92 -26.68 46.01
CA MET L 331 -18.28 -27.38 47.23
C MET L 331 -19.76 -27.62 47.50
N LEU L 332 -20.25 -28.85 47.43
CA LEU L 332 -21.61 -29.18 47.82
C LEU L 332 -21.82 -29.08 49.33
N ALA L 333 -22.13 -27.86 49.73
CA ALA L 333 -22.34 -27.51 51.12
C ALA L 333 -23.26 -26.32 51.23
N TYR L 334 -24.13 -26.30 52.24
CA TYR L 334 -24.90 -25.09 52.49
C TYR L 334 -24.28 -24.21 53.56
N SER L 335 -24.53 -22.93 53.42
CA SER L 335 -24.04 -21.94 54.36
C SER L 335 -24.62 -20.54 54.22
N ALA L 336 -24.78 -19.81 55.31
CA ALA L 336 -25.15 -18.39 55.25
C ALA L 336 -23.85 -17.59 55.16
N ARG L 337 -22.79 -18.16 55.76
CA ARG L 337 -21.44 -17.61 55.69
C ARG L 337 -20.54 -18.02 54.49
N ASN L 338 -20.12 -19.29 54.30
CA ASN L 338 -19.18 -19.67 53.23
C ASN L 338 -19.52 -19.44 51.74
N ARG L 339 -19.20 -18.30 51.08
CA ARG L 339 -19.37 -18.18 49.61
C ARG L 339 -18.11 -18.84 49.02
N SER L 340 -18.32 -20.13 48.89
CA SER L 340 -17.42 -21.20 48.44
C SER L 340 -18.26 -22.49 48.46
N ALA L 341 -19.26 -22.44 49.36
CA ALA L 341 -20.35 -23.39 49.39
C ALA L 341 -21.29 -23.08 48.21
N SER L 342 -21.63 -24.11 47.46
CA SER L 342 -22.53 -23.97 46.31
C SER L 342 -24.00 -23.77 46.67
N ILE L 343 -24.39 -23.99 47.93
CA ILE L 343 -25.74 -23.71 48.38
C ILE L 343 -25.64 -22.56 49.39
N ARG L 344 -26.01 -21.36 49.00
CA ARG L 344 -26.02 -20.22 49.91
C ARG L 344 -27.41 -20.00 50.50
N ILE L 345 -27.52 -19.83 51.81
CA ILE L 345 -28.80 -19.51 52.44
C ILE L 345 -28.76 -18.00 52.58
N PRO L 346 -29.43 -17.23 51.72
CA PRO L 346 -29.35 -15.78 51.68
C PRO L 346 -29.86 -15.20 52.98
N VAL L 347 -29.12 -14.22 53.51
CA VAL L 347 -29.56 -13.56 54.74
C VAL L 347 -30.67 -12.60 54.33
N VAL L 348 -31.89 -13.14 54.38
CA VAL L 348 -33.03 -12.33 54.02
C VAL L 348 -33.28 -11.27 55.08
N ALA L 349 -33.16 -11.62 56.39
CA ALA L 349 -33.42 -10.77 57.59
C ALA L 349 -34.88 -10.33 57.78
N SER L 350 -35.40 -9.96 56.63
CA SER L 350 -36.77 -9.71 56.23
C SER L 350 -37.64 -10.97 56.51
N PRO L 351 -38.90 -11.14 56.11
CA PRO L 351 -39.80 -12.03 56.83
C PRO L 351 -39.81 -13.56 56.64
N LYS L 352 -40.07 -13.87 55.39
CA LYS L 352 -40.49 -15.16 54.87
C LYS L 352 -40.34 -15.22 53.35
N ALA L 353 -39.62 -14.20 52.90
CA ALA L 353 -38.78 -14.33 51.71
C ALA L 353 -37.58 -15.30 51.98
N ARG L 354 -37.62 -16.17 53.00
CA ARG L 354 -36.65 -17.22 53.25
C ARG L 354 -36.54 -18.17 52.06
N ARG L 355 -35.32 -18.45 51.64
CA ARG L 355 -35.12 -19.25 50.45
C ARG L 355 -33.74 -19.91 50.38
N ILE L 356 -33.52 -20.89 49.52
CA ILE L 356 -32.15 -21.33 49.31
C ILE L 356 -31.62 -20.79 47.97
N GLU L 357 -30.32 -20.60 47.86
CA GLU L 357 -29.74 -20.20 46.58
C GLU L 357 -28.72 -21.21 46.08
N VAL L 358 -28.97 -21.92 44.99
CA VAL L 358 -27.95 -22.83 44.46
C VAL L 358 -27.07 -22.05 43.47
N ARG L 359 -25.82 -21.80 43.84
CA ARG L 359 -24.89 -20.99 43.05
C ARG L 359 -24.26 -21.62 41.83
N PHE L 360 -24.26 -22.93 41.67
CA PHE L 360 -23.56 -23.54 40.56
C PHE L 360 -24.14 -23.61 39.15
N PRO L 361 -25.40 -23.47 38.77
CA PRO L 361 -25.84 -23.57 37.38
C PRO L 361 -25.35 -22.40 36.51
N ASP L 362 -25.40 -22.48 35.19
CA ASP L 362 -24.99 -21.36 34.35
C ASP L 362 -25.90 -21.02 33.18
N PRO L 363 -25.91 -19.82 32.57
CA PRO L 363 -26.83 -19.45 31.50
C PRO L 363 -26.95 -20.46 30.36
N ALA L 364 -25.99 -21.37 30.17
CA ALA L 364 -26.10 -22.35 29.08
C ALA L 364 -27.16 -23.42 29.30
N ALA L 365 -27.61 -23.54 30.55
CA ALA L 365 -28.60 -24.53 30.92
C ALA L 365 -29.98 -24.34 30.31
N ASN L 366 -30.65 -25.43 29.89
CA ASN L 366 -32.02 -25.32 29.40
C ASN L 366 -32.92 -24.96 30.58
N PRO L 367 -33.51 -23.77 30.72
CA PRO L 367 -34.08 -23.33 31.98
C PRO L 367 -35.20 -24.28 32.42
N TYR L 368 -35.96 -24.88 31.48
CA TYR L 368 -36.98 -25.84 31.85
C TYR L 368 -36.36 -27.09 32.47
N LEU L 369 -35.52 -27.82 31.75
CA LEU L 369 -34.88 -29.01 32.32
C LEU L 369 -34.02 -28.73 33.56
N CYS L 370 -33.31 -27.61 33.61
CA CYS L 370 -32.49 -27.23 34.76
C CYS L 370 -33.34 -27.02 35.99
N PHE L 371 -34.43 -26.25 35.87
CA PHE L 371 -35.32 -26.02 36.99
C PHE L 371 -36.09 -27.27 37.41
N ALA L 372 -36.67 -28.01 36.45
CA ALA L 372 -37.31 -29.30 36.72
C ALA L 372 -36.37 -30.22 37.49
N ALA L 373 -35.14 -30.46 37.06
CA ALA L 373 -34.17 -31.25 37.82
C ALA L 373 -33.86 -30.69 39.21
N LEU L 374 -33.64 -29.38 39.43
CA LEU L 374 -33.45 -28.88 40.80
C LEU L 374 -34.67 -29.19 41.68
N LEU L 375 -35.89 -29.02 41.15
CA LEU L 375 -37.13 -29.29 41.90
C LEU L 375 -37.23 -30.77 42.23
N MET L 376 -37.24 -31.67 41.26
CA MET L 376 -37.25 -33.12 41.49
C MET L 376 -36.17 -33.61 42.49
N ALA L 377 -34.95 -33.07 42.46
CA ALA L 377 -33.92 -33.42 43.44
C ALA L 377 -34.30 -32.96 44.84
N GLY L 378 -34.75 -31.71 44.93
CA GLY L 378 -35.16 -31.13 46.20
C GLY L 378 -36.37 -31.84 46.83
N LEU L 379 -37.33 -32.28 46.02
CA LEU L 379 -38.44 -33.06 46.54
C LEU L 379 -37.94 -34.41 47.03
N ASP L 380 -37.19 -35.20 46.26
CA ASP L 380 -36.60 -36.45 46.76
C ASP L 380 -35.87 -36.30 48.10
N GLY L 381 -35.31 -35.13 48.41
CA GLY L 381 -34.72 -34.89 49.72
C GLY L 381 -35.79 -34.89 50.82
N ILE L 382 -36.81 -34.03 50.65
CA ILE L 382 -37.98 -33.94 51.53
C ILE L 382 -38.62 -35.33 51.73
N LYS L 383 -39.00 -35.89 50.59
CA LYS L 383 -39.60 -37.20 50.48
C LYS L 383 -38.88 -38.37 51.15
N ASN L 384 -37.56 -38.24 51.35
CA ASN L 384 -36.78 -39.26 52.06
C ASN L 384 -35.98 -38.70 53.25
N LYS L 385 -36.39 -37.56 53.85
CA LYS L 385 -35.71 -36.96 55.01
C LYS L 385 -34.16 -36.88 54.86
N ILE L 386 -33.67 -36.76 53.61
CA ILE L 386 -32.24 -36.70 53.30
C ILE L 386 -31.64 -35.47 53.95
N HIS L 387 -31.19 -35.68 55.17
CA HIS L 387 -30.69 -34.58 55.97
C HIS L 387 -29.33 -34.08 55.50
N PRO L 388 -29.25 -32.80 55.13
CA PRO L 388 -28.06 -32.20 54.52
C PRO L 388 -26.79 -32.37 55.34
N GLY L 389 -26.74 -31.86 56.59
CA GLY L 389 -25.57 -32.08 57.42
C GLY L 389 -25.31 -30.88 58.32
N GLU L 390 -24.17 -30.24 58.13
CA GLU L 390 -23.82 -29.06 58.88
C GLU L 390 -23.17 -27.99 57.98
N PRO L 391 -23.44 -26.71 58.20
CA PRO L 391 -22.90 -25.63 57.41
C PRO L 391 -21.40 -25.36 57.47
N MET L 392 -20.72 -25.47 56.34
CA MET L 392 -19.35 -25.00 56.25
C MET L 392 -19.38 -23.47 56.39
N ASP L 393 -18.71 -22.82 57.34
CA ASP L 393 -18.77 -21.37 57.42
C ASP L 393 -17.44 -20.60 57.33
N ILE L 407 -15.57 -33.42 51.98
CA ILE L 407 -16.59 -32.49 51.49
C ILE L 407 -16.85 -32.58 49.97
N PRO L 408 -18.03 -33.08 49.53
CA PRO L 408 -18.28 -33.45 48.15
C PRO L 408 -18.41 -32.30 47.15
N GLN L 409 -18.09 -32.56 45.88
CA GLN L 409 -18.11 -31.50 44.86
C GLN L 409 -18.97 -31.79 43.65
N VAL L 410 -19.31 -30.72 42.93
CA VAL L 410 -20.03 -30.84 41.65
C VAL L 410 -19.28 -31.69 40.63
N ALA L 411 -19.92 -32.21 39.59
CA ALA L 411 -19.21 -32.96 38.56
C ALA L 411 -18.03 -32.15 38.00
N GLY L 412 -16.88 -32.76 37.90
CA GLY L 412 -15.71 -32.03 37.38
C GLY L 412 -15.60 -31.96 35.86
N SER L 413 -16.56 -32.52 35.15
CA SER L 413 -16.59 -32.47 33.68
C SER L 413 -17.93 -32.90 33.12
N LEU L 414 -18.25 -32.49 31.88
CA LEU L 414 -19.52 -32.89 31.29
C LEU L 414 -19.64 -34.40 31.20
N GLU L 415 -18.55 -35.13 30.93
CA GLU L 415 -18.61 -36.59 30.83
C GLU L 415 -19.00 -37.23 32.15
N GLU L 416 -18.44 -36.68 33.23
CA GLU L 416 -18.78 -37.11 34.58
C GLU L 416 -20.26 -36.82 34.86
N ALA L 417 -20.68 -35.58 34.65
CA ALA L 417 -22.08 -35.19 34.78
C ALA L 417 -23.04 -36.06 33.97
N LEU L 418 -22.72 -36.38 32.73
CA LEU L 418 -23.57 -37.24 31.92
C LEU L 418 -23.60 -38.66 32.47
N ASN L 419 -22.49 -39.28 32.91
CA ASN L 419 -22.53 -40.60 33.54
C ASN L 419 -23.42 -40.63 34.79
N ALA L 420 -23.21 -39.58 35.59
CA ALA L 420 -24.01 -39.36 36.79
C ALA L 420 -25.50 -39.23 36.49
N LEU L 421 -25.95 -38.45 35.50
CA LEU L 421 -27.35 -38.38 35.14
C LEU L 421 -27.84 -39.76 34.72
N ASP L 422 -27.09 -40.44 33.87
CA ASP L 422 -27.40 -41.79 33.44
C ASP L 422 -27.60 -42.81 34.56
N LEU L 423 -26.82 -42.71 35.64
CA LEU L 423 -26.99 -43.61 36.78
C LEU L 423 -27.97 -43.15 37.85
N ASP L 424 -28.05 -41.85 38.11
CA ASP L 424 -28.94 -41.27 39.12
C ASP L 424 -30.27 -40.79 38.53
N ARG L 425 -30.65 -41.53 37.49
CA ARG L 425 -31.85 -41.35 36.68
C ARG L 425 -33.19 -41.42 37.41
N GLU L 426 -33.26 -42.15 38.52
CA GLU L 426 -34.51 -42.37 39.24
C GLU L 426 -35.31 -41.18 39.74
N PHE L 427 -34.68 -40.24 40.43
CA PHE L 427 -35.41 -39.09 40.95
C PHE L 427 -36.01 -38.22 39.85
N LEU L 428 -35.41 -38.21 38.66
CA LEU L 428 -36.01 -37.48 37.56
C LEU L 428 -37.24 -38.20 37.03
N LYS L 429 -37.30 -39.54 37.00
CA LYS L 429 -38.46 -40.27 36.50
C LYS L 429 -39.74 -40.30 37.37
N ALA L 430 -39.59 -39.86 38.62
CA ALA L 430 -40.71 -39.74 39.54
C ALA L 430 -41.94 -39.01 38.98
N GLY L 431 -43.06 -39.71 39.01
CA GLY L 431 -44.32 -39.19 38.48
C GLY L 431 -44.35 -38.96 36.98
N GLY L 432 -43.46 -39.54 36.20
CA GLY L 432 -43.52 -39.37 34.74
C GLY L 432 -42.90 -38.08 34.20
N VAL L 433 -42.40 -37.22 35.10
CA VAL L 433 -41.61 -36.04 34.75
C VAL L 433 -40.39 -36.67 34.07
N PHE L 434 -39.98 -36.50 32.82
CA PHE L 434 -38.78 -37.21 32.29
C PHE L 434 -38.90 -38.71 32.11
N THR L 435 -39.03 -39.15 30.87
CA THR L 435 -38.92 -40.59 30.61
C THR L 435 -37.48 -41.07 30.39
N ASP L 436 -37.22 -42.37 30.40
CA ASP L 436 -35.93 -42.90 29.96
C ASP L 436 -35.51 -42.48 28.56
N GLU L 437 -36.42 -42.50 27.57
CA GLU L 437 -36.08 -42.07 26.20
C GLU L 437 -35.59 -40.61 26.21
N ALA L 438 -36.30 -39.79 26.98
CA ALA L 438 -35.97 -38.39 27.17
C ALA L 438 -34.58 -38.22 27.76
N ILE L 439 -34.27 -38.89 28.88
CA ILE L 439 -32.93 -38.84 29.46
C ILE L 439 -31.87 -39.43 28.54
N ASP L 440 -32.08 -40.59 27.94
CA ASP L 440 -31.14 -41.14 26.96
C ASP L 440 -30.85 -40.27 25.75
N ALA L 441 -31.86 -39.63 25.14
CA ALA L 441 -31.65 -38.76 23.98
C ALA L 441 -30.86 -37.50 24.34
N TYR L 442 -31.13 -37.00 25.55
CA TYR L 442 -30.39 -35.87 26.10
C TYR L 442 -28.90 -36.22 26.24
N ILE L 443 -28.55 -37.30 26.94
CA ILE L 443 -27.15 -37.70 27.07
C ILE L 443 -26.51 -37.92 25.69
N ALA L 444 -27.22 -38.55 24.75
CA ALA L 444 -26.75 -38.68 23.37
C ALA L 444 -26.34 -37.36 22.72
N LEU L 445 -27.15 -36.30 22.83
CA LEU L 445 -26.80 -34.99 22.31
C LEU L 445 -25.55 -34.45 22.99
N ARG L 446 -25.57 -34.34 24.32
CA ARG L 446 -24.41 -33.84 25.05
C ARG L 446 -23.12 -34.64 24.85
N ARG L 447 -23.21 -35.92 24.54
CA ARG L 447 -22.01 -36.71 24.29
C ARG L 447 -21.31 -36.37 22.98
N GLU L 448 -22.09 -36.15 21.93
CA GLU L 448 -21.58 -35.74 20.62
C GLU L 448 -20.71 -34.47 20.74
N GLU L 449 -21.19 -33.56 21.59
CA GLU L 449 -20.53 -32.29 21.86
C GLU L 449 -19.27 -32.51 22.64
N ASP L 450 -19.37 -33.29 23.71
CA ASP L 450 -18.20 -33.63 24.50
C ASP L 450 -17.11 -34.25 23.64
N ASP L 451 -17.45 -35.18 22.76
CA ASP L 451 -16.48 -35.79 21.85
C ASP L 451 -15.74 -34.84 20.93
N ARG L 452 -16.44 -33.90 20.30
CA ARG L 452 -15.80 -32.94 19.41
C ARG L 452 -14.75 -32.12 20.17
N VAL L 453 -15.11 -31.68 21.37
CA VAL L 453 -14.16 -30.99 22.22
C VAL L 453 -13.00 -31.92 22.66
N ARG L 454 -13.25 -33.21 22.94
CA ARG L 454 -12.24 -34.17 23.40
C ARG L 454 -11.20 -34.58 22.34
N MET L 455 -11.64 -34.70 21.08
CA MET L 455 -10.82 -35.12 19.95
C MET L 455 -10.08 -34.02 19.18
N THR L 456 -10.45 -32.75 19.37
CA THR L 456 -9.81 -31.65 18.67
C THR L 456 -8.64 -31.09 19.46
N PRO L 457 -7.38 -31.09 19.01
CA PRO L 457 -6.28 -30.55 19.78
C PRO L 457 -6.47 -29.09 20.15
N HIS L 458 -6.12 -28.82 21.40
CA HIS L 458 -6.27 -27.50 22.00
C HIS L 458 -5.02 -26.65 21.77
N PRO L 459 -5.10 -25.36 21.44
CA PRO L 459 -3.93 -24.48 21.40
C PRO L 459 -2.97 -24.56 22.58
N VAL L 460 -3.30 -24.55 23.89
CA VAL L 460 -2.24 -24.64 24.89
C VAL L 460 -1.50 -25.98 24.86
N GLU L 461 -2.05 -27.02 24.21
CA GLU L 461 -1.28 -28.26 24.05
C GLU L 461 -0.05 -27.99 23.17
N PHE L 462 -0.14 -27.15 22.13
CA PHE L 462 1.05 -26.83 21.36
C PHE L 462 2.03 -26.08 22.21
N GLU L 463 1.52 -25.25 23.12
CA GLU L 463 2.38 -24.52 24.04
C GLU L 463 3.15 -25.44 25.00
N LEU L 464 2.43 -26.46 25.45
CA LEU L 464 2.92 -27.46 26.38
C LEU L 464 3.76 -28.59 25.79
N TYR L 465 3.38 -29.07 24.62
CA TYR L 465 3.94 -30.28 24.04
C TYR L 465 4.59 -30.18 22.64
N TYR L 466 4.65 -29.05 21.94
CA TYR L 466 5.24 -29.04 20.61
C TYR L 466 6.71 -29.41 20.64
N SER L 467 7.51 -28.90 21.57
CA SER L 467 8.91 -29.26 21.66
C SER L 467 9.23 -30.55 22.40
N VAL L 468 8.28 -31.47 22.51
CA VAL L 468 8.49 -32.78 23.10
C VAL L 468 9.43 -33.56 22.14
MN MN M . 23.78 -18.78 36.80
MN MN N . 26.16 -19.84 42.22
N GLU O . 20.09 -15.73 37.69
CA GLU O . 19.96 -15.73 39.15
C GLU O . 20.09 -14.34 39.78
O GLU O . 19.21 -13.50 39.45
CB GLU O . 21.01 -16.65 39.70
CG GLU O . 20.75 -18.08 39.24
CD GLU O . 21.45 -19.20 40.00
OE1 GLU O . 21.44 -19.22 41.24
OE2 GLU O . 21.97 -20.07 39.30
OXT GLU O . 20.97 -14.11 40.60
MN MN P . 4.45 -46.06 11.49
MN MN Q . 4.05 -51.43 14.19
N GLU R . 0.65 -43.57 13.23
CA GLU R . -0.16 -44.57 13.93
C GLU R . -0.40 -44.22 15.41
O GLU R . -1.04 -43.17 15.64
CB GLU R . 0.56 -45.88 13.82
CG GLU R . 0.60 -46.32 12.35
CD GLU R . 0.91 -47.79 12.07
OE1 GLU R . 0.32 -48.69 12.70
OE2 GLU R . 1.74 -48.00 11.19
OXT GLU R . 0.00 -44.99 16.30
MN MN S . 0.46 -37.50 -29.37
MN MN T . -0.93 -42.52 -32.39
N GLU U . -3.80 -35.91 -27.68
CA GLU U . -4.80 -36.71 -28.37
C GLU U . -5.73 -37.49 -27.41
O GLU U . -6.45 -36.78 -26.66
CB GLU U . -4.06 -37.69 -29.25
CG GLU U . -3.32 -36.91 -30.33
CD GLU U . -2.85 -37.71 -31.56
OE1 GLU U . -3.62 -38.47 -32.13
OE2 GLU U . -1.69 -37.49 -31.92
OXT GLU U . -5.78 -38.72 -27.44
MN MN V . 15.80 -1.74 -44.91
MN MN W . 16.20 -2.12 -50.90
N GLU X . 11.18 -0.48 -44.10
CA GLU X . 10.66 -0.13 -45.41
C GLU X . 9.42 -0.95 -45.82
O GLU X . 8.40 -0.82 -45.10
CB GLU X . 11.76 -0.35 -46.41
CG GLU X . 12.90 0.64 -46.13
CD GLU X . 13.92 0.86 -47.24
OE1 GLU X . 13.54 1.09 -48.39
OE2 GLU X . 15.09 0.86 -46.90
OXT GLU X . 9.45 -1.67 -46.83
MN MN Y . 35.13 25.51 -19.63
MN MN Z . 38.31 29.43 -22.91
N GLU AA . 30.62 27.32 -19.67
CA GLU AA . 30.75 28.66 -20.23
C GLU AA . 29.89 28.90 -21.48
O GLU AA . 28.66 28.81 -21.32
CB GLU AA . 32.22 28.85 -20.57
CG GLU AA . 33.04 28.85 -19.28
CD GLU AA . 34.45 29.41 -19.35
OE1 GLU AA . 34.65 30.51 -19.90
OE2 GLU AA . 35.33 28.75 -18.82
OXT GLU AA . 30.42 29.17 -22.56
MN MN BA . 39.19 17.04 21.25
MN MN CA . 43.39 20.61 23.68
N GLU DA . 35.16 19.75 21.26
CA GLU DA . 35.49 20.92 22.08
C GLU DA . 35.32 22.26 21.35
O GLU DA . 34.15 22.53 20.99
CB GLU DA . 36.93 20.76 22.51
CG GLU DA . 37.05 19.53 23.43
CD GLU DA . 38.30 19.43 24.29
OE1 GLU DA . 38.69 20.41 24.95
OE2 GLU DA . 38.84 18.33 24.31
OXT GLU DA . 36.28 23.01 21.19
MN MN EA . -4.52 25.45 40.01
MN MN FA . -4.14 27.49 45.66
N GLU GA . -0.73 22.45 39.57
CA GLU GA . 0.08 22.68 40.75
C GLU GA . 0.32 21.41 41.60
O GLU GA . 0.96 20.50 41.04
CB GLU GA . -0.64 23.72 41.59
CG GLU GA . -0.67 25.03 40.83
CD GLU GA . -0.99 26.29 41.63
OE1 GLU GA . -0.40 26.51 42.70
OE2 GLU GA . -1.81 27.06 41.13
OXT GLU GA . -0.08 21.35 42.77
MN MN HA . -0.35 47.55 4.61
MN MN IA . 1.04 53.26 5.92
N GLU JA . 3.92 45.22 4.74
CA GLU JA . 4.91 46.28 4.82
C GLU JA . 5.83 46.18 6.05
O GLU JA . 6.56 45.15 6.12
CB GLU JA . 4.18 47.60 4.85
CG GLU JA . 3.44 47.79 3.52
CD GLU JA . 2.97 49.20 3.19
OE1 GLU JA . 3.75 50.17 3.31
OE2 GLU JA . 1.82 49.30 2.77
OXT GLU JA . 5.88 47.08 6.88
MN MN KA . -15.72 32.26 -31.35
MN MN LA . -16.11 36.66 -35.45
N GLU MA . -11.09 30.78 -31.63
CA GLU MA . -10.57 31.43 -32.83
C GLU MA . -9.34 32.31 -32.55
O GLU MA . -8.32 31.72 -32.13
CB GLU MA . -11.68 32.27 -33.41
CG GLU MA . -12.82 31.36 -33.88
CD GLU MA . -13.83 31.97 -34.84
OE1 GLU MA . -13.45 32.60 -35.84
OE2 GLU MA . -15.01 31.74 -34.58
OXT GLU MA . -9.37 33.52 -32.80
MN MN NA . -35.09 -4.95 -31.81
MN MN OA . -38.28 -5.53 -36.89
N GLU PA . -30.58 -6.23 -33.08
CA GLU PA . -30.73 -6.82 -34.41
C GLU PA . -29.87 -6.12 -35.48
O GLU PA . -28.62 -6.18 -35.32
CB GLU PA . -32.18 -6.72 -34.79
CG GLU PA . -33.01 -7.60 -33.85
CD GLU PA . -34.42 -7.97 -34.30
OE1 GLU PA . -34.62 -8.39 -35.44
OE2 GLU PA . -35.30 -7.85 -33.45
OXT GLU PA . -30.40 -5.59 -36.46
MN MN QA . -39.17 -26.99 3.47
MN MN RA . -43.35 -31.27 2.73
N GLU SA . -35.12 -28.95 1.62
CA GLU SA . -35.46 -30.35 1.41
C GLU SA . -35.27 -30.81 -0.05
O GLU SA . -34.11 -30.76 -0.50
CB GLU SA . -36.90 -30.54 1.83
CG GLU SA . -37.02 -30.30 3.33
CD GLU SA . -38.27 -30.82 4.01
OE1 GLU SA . -38.66 -31.98 3.82
OE2 GLU SA . -38.83 -30.04 4.79
OXT GLU SA . -36.23 -31.25 -0.69
MN MN TA . -23.93 -11.78 39.50
MN MN UA . -26.34 -14.74 44.16
N GLU VA . -20.24 -14.60 38.06
CA GLU VA . -20.11 -15.59 39.12
C GLU VA . -20.23 -17.05 38.62
O GLU VA . -19.37 -17.43 37.80
CB GLU VA . -21.18 -15.31 40.15
CG GLU VA . -20.91 -13.96 40.80
CD GLU VA . -21.61 -13.66 42.12
OE1 GLU VA . -21.61 -14.50 43.03
OE2 GLU VA . -22.14 -12.56 42.21
OXT GLU VA . -21.14 -17.78 39.05
#